data_9EM8
#
_entry.id   9EM8
#
_cell.length_a   1.00
_cell.length_b   1.00
_cell.length_c   1.00
_cell.angle_alpha   90.00
_cell.angle_beta   90.00
_cell.angle_gamma   90.00
#
_symmetry.space_group_name_H-M   'P 1'
#
_entity_poly.entity_id   1
_entity_poly.type   'polypeptide(L)'
_entity_poly.pdbx_seq_one_letter_code
;MSKIAPQCQNLREQVNQLIELLRQEPTLRSQQDTSIVETALGKALSPRFEIVFAGAFSAGKSMLINALLERELLYSAEGH
ATGTECHIEYANANEERVVLTFLSEAEIRQQALILAKYLNVNVGDLNINQPEAVKVVSQYCQKIIAEEGGENKSERAKQA
NALHLLLIGFEQNRERINTVQNSTYSMDQLNFSSLAEAAGYARRGANSAVLKRLDYFCNHSLLKDGNVLVDLPGIDAPVK
EDAERAYRKIESPDTSAVICVLKPAAAGDMSAEETQLLERISKNHGIRDRVFYVFNRIDDTWYNTQLRQRLEGLIQSQFR
DNSRVYKTSGLLGFYGSQVKQTNSSTRFGLDSIFATTIKGFDGEEETPQFVSEFNNYCANSGKLLSTAFRVSVNGYETSN
ENYVRILSEWGIPLVDQLIHDSGIESFRSGIGLYLAEEKYPELFATLANDLQPLCIALRQFYLENYRQLDSQPREIAAMK
AQELTLLNQEMQNLGIEFKKYMSAQINDVVIGNDREFDQDFTKLKARMVARLDELLKTFSVMNAYKRATESHPRNSTAPF
IAVLVEALYYLANELEDAFIEAIHELVKNFFQRLGDRLRKVDCYHQVYRLVGNDGGIEQLLRRAEEDITKALVNEARTEC
DRYVRESPRFYDEGTFSIYQFRQTLQQTSQGYDAQAIVEAEPAIKELLKLDFEPKVFNTVRKNFRQTVNNTLKTHLLPMA
EEQAQIILEQYDVARKYREQTLEQDAEEKIARNSRLQSEIKQKIDLYQTSIVSINECLKAMQIFEQLPVITESDITKQAE
IVADADFVEIVELEHHHHHH
;
_entity_poly.pdbx_strand_id   A,B,C,D,E,F,G,H
#
# COMPACT_ATOMS: atom_id res chain seq x y z
N SER A 2 99.88 8.78 -33.17
CA SER A 2 101.04 8.39 -32.31
C SER A 2 100.57 7.62 -31.08
N LYS A 3 99.38 7.98 -30.59
CA LYS A 3 98.79 7.35 -29.42
C LYS A 3 97.83 6.23 -29.78
N ILE A 4 97.75 5.86 -31.07
CA ILE A 4 96.87 4.77 -31.47
C ILE A 4 97.20 3.53 -30.65
N ALA A 5 96.17 2.88 -30.12
CA ALA A 5 96.34 1.74 -29.24
C ALA A 5 95.48 0.58 -29.72
N PRO A 6 95.85 -0.66 -29.39
CA PRO A 6 95.03 -1.81 -29.81
C PRO A 6 93.61 -1.74 -29.29
N GLN A 7 93.39 -1.14 -28.12
CA GLN A 7 92.04 -1.05 -27.58
C GLN A 7 91.17 -0.11 -28.40
N CYS A 8 91.78 0.89 -29.05
CA CYS A 8 91.03 1.86 -29.84
C CYS A 8 90.47 1.27 -31.12
N GLN A 9 90.97 0.12 -31.57
CA GLN A 9 90.48 -0.46 -32.82
C GLN A 9 89.01 -0.82 -32.71
N ASN A 10 88.60 -1.38 -31.58
CA ASN A 10 87.21 -1.79 -31.36
C ASN A 10 86.43 -0.79 -30.51
N LEU A 11 87.07 0.29 -30.07
CA LEU A 11 86.38 1.25 -29.20
C LEU A 11 85.19 1.89 -29.91
N ARG A 12 85.38 2.31 -31.16
CA ARG A 12 84.31 3.00 -31.88
C ARG A 12 83.14 2.07 -32.14
N GLU A 13 83.41 0.81 -32.47
CA GLU A 13 82.32 -0.14 -32.69
C GLU A 13 81.48 -0.33 -31.44
N GLN A 14 82.06 -0.11 -30.25
CA GLN A 14 81.29 -0.29 -29.02
C GLN A 14 80.23 0.79 -28.86
N VAL A 15 80.62 2.06 -29.05
CA VAL A 15 79.65 3.15 -28.90
C VAL A 15 78.53 3.02 -29.92
N ASN A 16 78.83 2.43 -31.09
CA ASN A 16 77.76 2.15 -32.05
C ASN A 16 76.67 1.31 -31.41
N GLN A 17 77.07 0.36 -30.56
CA GLN A 17 76.08 -0.41 -29.80
C GLN A 17 75.29 0.50 -28.86
N LEU A 18 75.99 1.43 -28.19
CA LEU A 18 75.30 2.33 -27.27
C LEU A 18 74.24 3.15 -28.00
N ILE A 19 74.57 3.64 -29.20
CA ILE A 19 73.56 4.35 -29.99
C ILE A 19 72.40 3.43 -30.32
N GLU A 20 72.71 2.15 -30.59
CA GLU A 20 71.64 1.19 -30.90
C GLU A 20 70.70 1.02 -29.71
N LEU A 21 71.25 0.89 -28.50
CA LEU A 21 70.41 0.73 -27.32
C LEU A 21 69.53 1.96 -27.10
N LEU A 22 70.10 3.15 -27.28
CA LEU A 22 69.33 4.37 -27.09
C LEU A 22 68.17 4.44 -28.06
N ARG A 23 68.39 4.06 -29.32
CA ARG A 23 67.34 4.16 -30.32
C ARG A 23 66.22 3.15 -30.07
N GLN A 24 66.55 1.98 -29.51
CA GLN A 24 65.54 0.95 -29.30
C GLN A 24 64.46 1.43 -28.35
N GLU A 25 64.85 2.09 -27.26
CA GLU A 25 63.87 2.54 -26.27
C GLU A 25 63.02 3.65 -26.86
N PRO A 26 61.68 3.54 -26.88
CA PRO A 26 60.87 4.57 -27.53
C PRO A 26 60.98 5.94 -26.86
N THR A 27 60.71 6.00 -25.56
CA THR A 27 60.66 7.28 -24.87
C THR A 27 62.03 7.95 -24.78
N LEU A 28 63.11 7.19 -24.93
CA LEU A 28 64.45 7.79 -24.87
C LEU A 28 64.75 8.61 -26.11
N ARG A 29 64.20 8.23 -27.27
CA ARG A 29 64.48 8.96 -28.50
C ARG A 29 63.97 10.39 -28.45
N SER A 30 63.08 10.71 -27.52
CA SER A 30 62.45 12.03 -27.52
C SER A 30 63.42 13.11 -27.07
N GLN A 31 64.17 12.86 -26.00
CA GLN A 31 64.98 13.87 -25.35
C GLN A 31 66.44 13.46 -25.28
N GLN A 32 66.98 12.92 -26.39
CA GLN A 32 68.38 12.54 -26.47
C GLN A 32 68.85 12.80 -27.89
N ASP A 33 69.66 13.85 -28.06
CA ASP A 33 70.19 14.23 -29.37
C ASP A 33 71.63 13.76 -29.48
N THR A 34 71.93 13.03 -30.55
CA THR A 34 73.27 12.53 -30.80
C THR A 34 74.14 13.52 -31.58
N SER A 35 73.67 14.76 -31.75
CA SER A 35 74.43 15.74 -32.52
C SER A 35 75.80 16.01 -31.91
N ILE A 36 75.95 15.81 -30.60
CA ILE A 36 77.25 16.05 -29.97
C ILE A 36 78.24 14.96 -30.35
N VAL A 37 77.87 13.70 -30.13
CA VAL A 37 78.70 12.59 -30.58
C VAL A 37 78.77 12.53 -32.10
N GLU A 38 77.81 13.15 -32.78
CA GLU A 38 77.80 13.13 -34.25
C GLU A 38 79.05 13.75 -34.84
N THR A 39 79.76 14.58 -34.09
CA THR A 39 80.97 15.26 -34.58
C THR A 39 82.11 15.16 -33.58
N ALA A 40 82.15 14.08 -32.80
CA ALA A 40 83.15 13.92 -31.74
C ALA A 40 84.06 12.74 -31.98
N LEU A 41 83.52 11.53 -32.17
CA LEU A 41 84.35 10.33 -32.24
C LEU A 41 85.35 10.42 -33.39
N GLY A 42 84.84 10.49 -34.62
CA GLY A 42 85.73 10.54 -35.77
C GLY A 42 86.65 11.74 -35.75
N LYS A 43 86.22 12.83 -35.12
CA LYS A 43 87.12 13.95 -34.93
C LYS A 43 88.28 13.56 -34.01
N ALA A 44 88.08 12.56 -33.16
CA ALA A 44 89.13 12.06 -32.29
C ALA A 44 89.91 10.91 -32.96
N LEU A 45 89.22 9.82 -33.28
CA LEU A 45 89.85 8.72 -34.01
C LEU A 45 90.07 9.13 -35.45
N SER A 46 91.28 8.90 -35.97
CA SER A 46 91.68 9.51 -37.23
C SER A 46 91.55 11.02 -37.04
N PRO A 47 92.27 11.59 -36.08
CA PRO A 47 92.00 12.98 -35.69
C PRO A 47 92.28 13.97 -36.81
N ARG A 48 91.52 15.07 -36.78
CA ARG A 48 91.67 16.17 -37.71
C ARG A 48 92.10 17.41 -36.93
N PHE A 49 93.33 17.84 -37.12
CA PHE A 49 93.86 19.04 -36.48
C PHE A 49 94.13 20.10 -37.53
N GLU A 50 93.86 21.35 -37.16
CA GLU A 50 93.98 22.49 -38.06
C GLU A 50 94.93 23.52 -37.46
N ILE A 51 95.87 23.99 -38.26
CA ILE A 51 96.83 25.01 -37.86
C ILE A 51 96.62 26.21 -38.78
N VAL A 52 96.42 27.39 -38.19
CA VAL A 52 96.12 28.60 -38.94
C VAL A 52 97.33 29.52 -38.89
N PHE A 53 97.80 29.93 -40.06
CA PHE A 53 98.89 30.88 -40.20
C PHE A 53 98.32 32.21 -40.69
N ALA A 54 98.24 33.18 -39.79
CA ALA A 54 97.69 34.49 -40.08
C ALA A 54 98.82 35.50 -40.22
N GLY A 55 98.85 36.21 -41.34
CA GLY A 55 99.89 37.20 -41.58
C GLY A 55 99.39 38.28 -42.51
N ALA A 56 100.00 39.45 -42.38
CA ALA A 56 99.64 40.58 -43.22
C ALA A 56 100.02 40.32 -44.67
N PHE A 57 99.31 40.97 -45.58
CA PHE A 57 99.55 40.77 -47.01
C PHE A 57 100.95 41.23 -47.36
N SER A 58 101.64 40.41 -48.16
CA SER A 58 103.01 40.69 -48.60
C SER A 58 103.99 40.78 -47.43
N ALA A 59 103.64 40.19 -46.29
CA ALA A 59 104.51 40.19 -45.12
C ALA A 59 105.37 38.94 -45.02
N GLY A 60 105.38 38.11 -46.07
CA GLY A 60 106.11 36.86 -46.04
C GLY A 60 105.29 35.64 -45.70
N LYS A 61 103.96 35.77 -45.63
CA LYS A 61 103.11 34.63 -45.30
C LYS A 61 103.32 33.50 -46.30
N SER A 62 103.34 33.83 -47.60
CA SER A 62 103.62 32.82 -48.60
C SER A 62 105.04 32.30 -48.47
N MET A 63 106.00 33.19 -48.21
CA MET A 63 107.39 32.77 -48.08
C MET A 63 107.59 31.91 -46.85
N LEU A 64 106.97 32.27 -45.74
CA LEU A 64 107.14 31.50 -44.51
C LEU A 64 106.58 30.09 -44.65
N ILE A 65 105.43 29.96 -45.31
CA ILE A 65 104.82 28.64 -45.49
C ILE A 65 105.76 27.74 -46.27
N ASN A 66 106.34 28.26 -47.36
CA ASN A 66 107.35 27.48 -48.08
C ASN A 66 108.56 27.22 -47.20
N ALA A 67 108.98 28.22 -46.42
CA ALA A 67 110.10 28.03 -45.50
C ALA A 67 109.78 26.95 -44.47
N LEU A 68 108.58 26.98 -43.91
CA LEU A 68 108.21 26.03 -42.87
C LEU A 68 108.24 24.60 -43.40
N LEU A 69 107.69 24.38 -44.60
CA LEU A 69 107.63 23.04 -45.18
C LEU A 69 108.93 22.65 -45.88
N GLU A 70 109.85 23.59 -46.09
CA GLU A 70 111.10 23.32 -46.81
C GLU A 70 110.85 22.95 -48.27
N ARG A 71 109.65 23.23 -48.78
CA ARG A 71 109.30 22.97 -50.16
C ARG A 71 108.62 24.21 -50.74
N GLU A 72 108.83 24.42 -52.04
CA GLU A 72 108.28 25.59 -52.73
C GLU A 72 106.95 25.21 -53.39
N LEU A 73 105.97 24.89 -52.55
CA LEU A 73 104.62 24.61 -53.03
C LEU A 73 103.89 25.91 -53.36
N LEU A 74 103.73 26.77 -52.37
CA LEU A 74 103.16 28.09 -52.61
C LEU A 74 104.13 28.93 -53.44
N TYR A 75 103.61 29.59 -54.45
CA TYR A 75 104.41 30.50 -55.27
C TYR A 75 104.69 31.75 -54.47
N SER A 76 105.98 32.01 -54.20
CA SER A 76 106.39 33.09 -53.30
C SER A 76 106.51 34.43 -54.01
N ALA A 77 105.86 34.59 -55.15
CA ALA A 77 105.85 35.87 -55.87
C ALA A 77 105.01 36.85 -55.04
N GLU A 78 105.69 37.76 -54.35
CA GLU A 78 105.02 38.67 -53.44
C GLU A 78 103.94 39.47 -54.18
N GLY A 79 102.75 39.53 -53.57
CA GLY A 79 101.64 40.26 -54.14
C GLY A 79 100.74 39.43 -55.05
N HIS A 80 101.11 38.19 -55.35
CA HIS A 80 100.34 37.33 -56.25
C HIS A 80 99.55 36.26 -55.50
N ALA A 81 99.74 36.13 -54.19
CA ALA A 81 99.10 35.09 -53.39
C ALA A 81 97.75 35.52 -52.84
N THR A 82 97.08 36.48 -53.48
CA THR A 82 95.80 36.96 -52.98
C THR A 82 94.78 35.82 -52.97
N GLY A 83 94.12 35.65 -51.83
CA GLY A 83 93.07 34.65 -51.72
C GLY A 83 93.52 33.24 -52.02
N THR A 84 94.69 32.85 -51.52
CA THR A 84 95.25 31.53 -51.73
C THR A 84 95.30 30.79 -50.40
N GLU A 85 94.67 29.62 -50.35
CA GLU A 85 94.69 28.76 -49.17
C GLU A 85 95.06 27.35 -49.60
N CYS A 86 96.03 26.76 -48.92
CA CYS A 86 96.49 25.41 -49.22
C CYS A 86 96.43 24.58 -47.95
N HIS A 87 95.83 23.40 -48.07
CA HIS A 87 95.75 22.43 -46.97
C HIS A 87 96.63 21.25 -47.31
N ILE A 88 97.61 20.98 -46.44
CA ILE A 88 98.56 19.90 -46.64
C ILE A 88 98.37 18.89 -45.52
N GLU A 89 98.19 17.63 -45.90
CA GLU A 89 97.93 16.56 -44.94
C GLU A 89 98.73 15.33 -45.35
N TYR A 90 98.89 14.42 -44.41
CA TYR A 90 99.66 13.20 -44.66
C TYR A 90 98.99 12.34 -45.71
N ALA A 91 99.82 11.72 -46.55
CA ALA A 91 99.34 10.82 -47.59
C ALA A 91 100.54 10.07 -48.14
N ASN A 92 100.26 9.00 -48.87
CA ASN A 92 101.32 8.22 -49.49
C ASN A 92 102.02 9.05 -50.55
N ALA A 93 103.29 8.71 -50.81
CA ALA A 93 104.07 9.46 -51.80
C ALA A 93 103.44 9.43 -53.17
N ASN A 94 102.64 8.40 -53.47
CA ASN A 94 101.99 8.28 -54.77
C ASN A 94 100.58 8.88 -54.79
N GLU A 95 100.14 9.49 -53.68
CA GLU A 95 98.79 10.01 -53.57
C GLU A 95 98.77 11.54 -53.53
N GLU A 96 99.84 12.19 -54.00
CA GLU A 96 99.86 13.65 -54.03
C GLU A 96 98.79 14.15 -55.00
N ARG A 97 97.99 15.12 -54.56
CA ARG A 97 96.87 15.62 -55.33
C ARG A 97 96.62 17.08 -54.98
N VAL A 98 95.91 17.76 -55.88
CA VAL A 98 95.60 19.18 -55.69
C VAL A 98 94.33 19.49 -56.47
N VAL A 99 93.60 20.51 -56.00
CA VAL A 99 92.40 20.99 -56.64
C VAL A 99 92.58 22.47 -56.94
N LEU A 100 91.96 22.93 -58.02
CA LEU A 100 92.11 24.29 -58.50
C LEU A 100 90.76 24.99 -58.54
N THR A 101 90.77 26.27 -58.14
CA THR A 101 89.60 27.13 -58.22
C THR A 101 90.02 28.47 -58.80
N PHE A 102 89.06 29.17 -59.42
CA PHE A 102 89.34 30.40 -60.14
C PHE A 102 88.35 31.48 -59.76
N LEU A 103 88.79 32.73 -59.92
CA LEU A 103 87.95 33.89 -59.66
C LEU A 103 86.92 34.05 -60.77
N SER A 104 85.79 34.67 -60.42
CA SER A 104 84.74 34.92 -61.40
C SER A 104 85.04 36.18 -62.19
N GLU A 105 84.35 36.33 -63.32
CA GLU A 105 84.56 37.50 -64.17
C GLU A 105 84.24 38.79 -63.43
N ALA A 106 83.15 38.80 -62.67
CA ALA A 106 82.80 39.99 -61.89
C ALA A 106 83.88 40.33 -60.88
N GLU A 107 84.69 39.35 -60.49
CA GLU A 107 85.78 39.61 -59.55
C GLU A 107 87.03 40.08 -60.29
N ILE A 108 87.31 39.54 -61.47
CA ILE A 108 88.48 39.98 -62.23
C ILE A 108 88.34 41.45 -62.59
N ARG A 109 87.17 41.86 -63.06
CA ARG A 109 86.93 43.27 -63.33
C ARG A 109 87.01 44.08 -62.04
N GLN A 110 86.45 43.55 -60.95
CA GLN A 110 86.53 44.25 -59.66
C GLN A 110 87.98 44.40 -59.24
N GLN A 111 88.77 43.33 -59.33
CA GLN A 111 90.19 43.43 -59.03
C GLN A 111 90.91 44.30 -60.06
N ALA A 112 90.61 44.10 -61.34
CA ALA A 112 91.28 44.88 -62.38
C ALA A 112 91.00 46.36 -62.21
N LEU A 113 89.74 46.72 -61.91
CA LEU A 113 89.41 48.12 -61.65
C LEU A 113 90.18 48.63 -60.44
N ILE A 114 90.26 47.83 -59.38
CA ILE A 114 91.03 48.22 -58.20
C ILE A 114 92.50 48.38 -58.55
N LEU A 115 93.05 47.43 -59.33
CA LEU A 115 94.43 47.56 -59.77
C LEU A 115 94.60 48.79 -60.66
N ALA A 116 93.66 49.01 -61.59
CA ALA A 116 93.76 50.16 -62.48
C ALA A 116 93.44 51.45 -61.74
N LYS A 117 92.58 51.38 -60.71
CA LYS A 117 92.21 52.59 -59.98
C LYS A 117 93.44 53.25 -59.35
N TYR A 118 94.30 52.46 -58.71
CA TYR A 118 95.51 53.00 -58.12
C TYR A 118 96.57 53.34 -59.16
N LEU A 119 96.40 52.88 -60.39
CA LEU A 119 97.36 53.12 -61.46
C LEU A 119 97.09 54.39 -62.25
N ASN A 120 95.97 55.07 -61.99
CA ASN A 120 95.55 56.21 -62.81
C ASN A 120 95.29 55.79 -64.26
N VAL A 121 95.10 54.49 -64.48
CA VAL A 121 94.83 53.96 -65.80
C VAL A 121 93.39 53.47 -65.85
N ASN A 122 92.57 53.97 -64.92
CA ASN A 122 91.15 53.63 -64.88
C ASN A 122 90.35 54.36 -65.96
N VAL A 123 91.01 55.12 -66.82
CA VAL A 123 90.37 55.81 -67.93
C VAL A 123 90.68 55.06 -69.21
N GLY A 124 89.81 55.22 -70.20
CA GLY A 124 89.95 54.47 -71.44
C GLY A 124 89.82 52.97 -71.25
N ASP A 125 88.97 52.55 -70.33
CA ASP A 125 88.79 51.12 -70.05
C ASP A 125 87.33 50.89 -69.68
N LEU A 126 86.54 50.45 -70.64
CA LEU A 126 85.10 50.26 -70.43
C LEU A 126 84.76 48.87 -69.94
N ASN A 127 85.55 47.86 -70.29
CA ASN A 127 85.29 46.50 -69.85
C ASN A 127 86.49 45.64 -70.20
N ILE A 128 86.82 44.70 -69.31
CA ILE A 128 87.91 43.77 -69.57
C ILE A 128 87.51 42.67 -70.53
N ASN A 129 86.24 42.59 -70.92
CA ASN A 129 85.83 41.60 -71.91
C ASN A 129 86.24 42.00 -73.32
N GLN A 130 86.23 43.29 -73.63
CA GLN A 130 86.59 43.77 -74.96
C GLN A 130 88.10 43.74 -75.11
N PRO A 131 88.65 43.04 -76.11
CA PRO A 131 90.11 43.08 -76.29
C PRO A 131 90.64 44.49 -76.48
N GLU A 132 89.92 45.35 -77.19
CA GLU A 132 90.37 46.72 -77.36
C GLU A 132 90.41 47.47 -76.04
N ALA A 133 89.34 47.39 -75.26
CA ALA A 133 89.36 47.99 -73.93
C ALA A 133 90.43 47.32 -73.06
N VAL A 134 90.74 46.07 -73.32
CA VAL A 134 91.87 45.41 -72.68
C VAL A 134 93.19 45.82 -73.31
N LYS A 135 93.21 46.02 -74.64
CA LYS A 135 94.42 46.43 -75.33
C LYS A 135 94.73 47.90 -75.13
N VAL A 136 93.70 48.75 -75.04
CA VAL A 136 93.93 50.15 -74.72
C VAL A 136 94.54 50.29 -73.33
N VAL A 137 94.35 49.28 -72.47
CA VAL A 137 95.00 49.27 -71.17
C VAL A 137 96.17 48.28 -71.13
N SER A 138 96.14 47.22 -71.92
CA SER A 138 97.25 46.27 -71.92
C SER A 138 98.48 46.89 -72.57
N GLN A 139 98.36 47.31 -73.83
CA GLN A 139 99.45 48.05 -74.45
C GLN A 139 99.81 49.27 -73.63
N TYR A 140 98.81 49.90 -73.01
CA TYR A 140 99.09 50.96 -72.04
C TYR A 140 99.73 50.38 -70.79
N CYS A 141 99.29 49.20 -70.36
CA CYS A 141 99.94 48.53 -69.24
C CYS A 141 101.37 48.17 -69.60
N GLN A 142 101.58 47.62 -70.80
CA GLN A 142 102.94 47.45 -71.31
C GLN A 142 103.64 48.79 -71.40
N LYS A 143 102.90 49.86 -71.69
CA LYS A 143 103.45 51.20 -71.58
C LYS A 143 103.68 51.59 -70.12
N ILE A 144 102.77 51.19 -69.23
CA ILE A 144 102.99 51.42 -67.80
C ILE A 144 104.27 50.75 -67.35
N ILE A 145 104.55 49.55 -67.87
CA ILE A 145 105.85 48.92 -67.63
C ILE A 145 106.96 49.84 -68.10
N ALA A 146 106.76 50.48 -69.26
CA ALA A 146 107.75 51.44 -69.76
C ALA A 146 107.72 52.72 -68.93
N GLU A 147 106.53 53.21 -68.60
CA GLU A 147 106.43 54.43 -67.79
C GLU A 147 107.06 54.23 -66.43
N GLU A 148 106.70 53.14 -65.73
CA GLU A 148 107.24 52.85 -64.42
C GLU A 148 108.67 52.34 -64.47
N GLY A 149 109.14 51.90 -65.63
CA GLY A 149 110.47 51.33 -65.73
C GLY A 149 110.65 50.04 -64.96
N GLY A 150 109.55 49.36 -64.62
CA GLY A 150 109.62 48.14 -63.83
C GLY A 150 108.27 47.76 -63.26
N GLU A 151 108.07 46.46 -63.00
CA GLU A 151 106.76 46.00 -62.54
C GLU A 151 106.61 46.13 -61.03
N ASN A 152 107.68 45.85 -60.27
CA ASN A 152 107.63 45.84 -58.81
C ASN A 152 108.48 46.95 -58.21
N LYS A 153 108.46 48.13 -58.81
CA LYS A 153 109.25 49.26 -58.34
C LYS A 153 108.47 50.18 -57.41
N SER A 154 107.20 49.91 -57.15
CA SER A 154 106.38 50.75 -56.27
C SER A 154 105.01 50.10 -56.13
N GLU A 155 104.23 50.64 -55.19
CA GLU A 155 102.87 50.16 -55.02
C GLU A 155 102.04 50.39 -56.28
N ARG A 156 102.20 51.57 -56.89
CA ARG A 156 101.52 51.82 -58.17
C ARG A 156 101.99 50.83 -59.22
N ALA A 157 103.31 50.63 -59.33
CA ALA A 157 103.83 49.63 -60.26
C ALA A 157 103.35 48.23 -59.90
N LYS A 158 103.29 47.93 -58.60
CA LYS A 158 102.80 46.62 -58.16
C LYS A 158 101.42 46.35 -58.74
N GLN A 159 100.51 47.32 -58.63
CA GLN A 159 99.18 47.14 -59.19
C GLN A 159 99.25 46.85 -60.69
N ALA A 160 100.20 47.49 -61.39
CA ALA A 160 100.42 47.16 -62.80
C ALA A 160 100.99 45.75 -62.94
N ASN A 161 101.89 45.36 -62.03
CA ASN A 161 102.47 44.03 -62.08
C ASN A 161 101.39 42.96 -61.95
N ALA A 162 100.55 43.08 -60.92
CA ALA A 162 99.45 42.14 -60.77
C ALA A 162 98.48 42.24 -61.96
N LEU A 163 98.14 43.46 -62.34
CA LEU A 163 97.25 43.65 -63.49
C LEU A 163 97.90 43.13 -64.76
N HIS A 164 99.19 43.41 -64.95
CA HIS A 164 99.89 42.91 -66.13
C HIS A 164 99.90 41.38 -66.17
N LEU A 165 100.18 40.75 -65.03
CA LEU A 165 100.18 39.30 -64.95
C LEU A 165 98.78 38.72 -64.81
N LEU A 166 97.86 39.43 -64.15
CA LEU A 166 96.49 38.95 -64.07
C LEU A 166 95.81 39.01 -65.43
N LEU A 167 95.98 40.11 -66.15
CA LEU A 167 95.46 40.19 -67.52
C LEU A 167 96.15 39.16 -68.42
N ILE A 168 97.47 39.03 -68.29
CA ILE A 168 98.18 37.98 -69.01
C ILE A 168 97.69 36.61 -68.53
N GLY A 169 97.54 36.44 -67.22
CA GLY A 169 96.99 35.19 -66.72
C GLY A 169 95.56 34.97 -67.15
N PHE A 170 94.75 36.03 -67.15
CA PHE A 170 93.36 35.90 -67.55
C PHE A 170 93.24 35.44 -69.00
N GLU A 171 94.04 36.03 -69.90
CA GLU A 171 93.96 35.67 -71.30
C GLU A 171 94.64 34.33 -71.60
N GLN A 172 95.74 34.02 -70.91
CA GLN A 172 96.46 32.79 -71.18
C GLN A 172 95.61 31.56 -70.87
N ASN A 173 94.91 31.58 -69.73
CA ASN A 173 94.15 30.43 -69.25
C ASN A 173 92.66 30.72 -69.20
N ARG A 174 92.15 31.44 -70.19
CA ARG A 174 90.71 31.74 -70.22
C ARG A 174 89.89 30.49 -70.53
N GLU A 175 90.48 29.51 -71.22
CA GLU A 175 89.74 28.30 -71.57
C GLU A 175 89.53 27.37 -70.37
N ARG A 176 90.31 27.55 -69.30
CA ARG A 176 90.16 26.76 -68.09
C ARG A 176 89.29 27.43 -67.05
N ILE A 177 88.69 28.58 -67.36
CA ILE A 177 87.94 29.37 -66.40
C ILE A 177 86.51 29.51 -66.90
N ASN A 178 85.55 29.24 -66.03
CA ASN A 178 84.15 29.44 -66.33
C ASN A 178 83.73 30.86 -65.95
N THR A 179 82.46 31.18 -66.24
CA THR A 179 81.97 32.54 -66.03
C THR A 179 81.68 32.79 -64.56
N VAL A 180 80.74 32.04 -63.98
CA VAL A 180 80.29 32.26 -62.60
C VAL A 180 80.68 31.10 -61.70
N GLN A 181 80.21 29.89 -62.00
CA GLN A 181 80.49 28.75 -61.14
C GLN A 181 81.99 28.54 -60.98
N ASN A 182 82.41 28.28 -59.75
CA ASN A 182 83.83 28.06 -59.45
C ASN A 182 84.24 26.71 -60.01
N SER A 183 84.91 26.72 -61.15
CA SER A 183 85.29 25.49 -61.82
C SER A 183 86.22 24.66 -60.92
N THR A 184 85.97 23.35 -60.88
CA THR A 184 86.79 22.41 -60.14
C THR A 184 87.43 21.46 -61.14
N TYR A 185 88.76 21.33 -61.07
CA TYR A 185 89.49 20.44 -61.97
C TYR A 185 90.47 19.58 -61.18
N SER A 186 91.30 18.83 -61.89
CA SER A 186 92.21 17.89 -61.23
C SER A 186 93.36 17.55 -62.19
N MET A 187 94.33 16.82 -61.66
CA MET A 187 95.47 16.40 -62.48
C MET A 187 94.99 15.56 -63.66
N ASP A 188 94.11 14.59 -63.41
CA ASP A 188 93.55 13.80 -64.50
C ASP A 188 92.71 14.67 -65.43
N GLN A 189 91.92 15.59 -64.86
CA GLN A 189 91.10 16.49 -65.66
C GLN A 189 91.90 17.60 -66.32
N LEU A 190 93.14 17.84 -65.86
CA LEU A 190 94.01 18.84 -66.44
C LEU A 190 95.27 18.25 -67.05
N ASN A 191 95.46 16.93 -66.97
CA ASN A 191 96.59 16.25 -67.59
C ASN A 191 97.90 16.67 -66.94
N PHE A 192 97.96 16.54 -65.61
CA PHE A 192 99.19 16.74 -64.85
C PHE A 192 99.74 15.38 -64.43
N SER A 193 101.00 15.13 -64.75
CA SER A 193 101.62 13.85 -64.45
C SER A 193 102.23 13.79 -63.05
N SER A 194 102.61 14.93 -62.48
CA SER A 194 103.24 14.95 -61.17
C SER A 194 103.02 16.32 -60.55
N LEU A 195 103.28 16.39 -59.24
CA LEU A 195 103.15 17.67 -58.54
C LEU A 195 104.13 18.70 -59.09
N ALA A 196 105.34 18.26 -59.44
CA ALA A 196 106.32 19.18 -60.00
C ALA A 196 105.81 19.80 -61.30
N GLU A 197 105.24 18.97 -62.18
CA GLU A 197 104.64 19.49 -63.40
C GLU A 197 103.46 20.40 -63.08
N ALA A 198 102.60 19.98 -62.15
CA ALA A 198 101.49 20.84 -61.75
C ALA A 198 102.00 22.10 -61.06
N ALA A 199 103.02 21.96 -60.21
CA ALA A 199 103.59 23.14 -59.56
C ALA A 199 104.19 24.09 -60.58
N GLY A 200 105.00 23.57 -61.50
CA GLY A 200 105.59 24.41 -62.52
C GLY A 200 104.54 25.16 -63.32
N TYR A 201 103.46 24.47 -63.70
CA TYR A 201 102.34 25.16 -64.31
C TYR A 201 101.69 26.12 -63.32
N ALA A 202 101.60 25.72 -62.05
CA ALA A 202 101.04 26.58 -61.01
C ALA A 202 102.01 27.64 -60.53
N ARG A 203 103.31 27.49 -60.79
CA ARG A 203 104.27 28.51 -60.41
C ARG A 203 104.22 29.72 -61.33
N ARG A 204 103.64 29.57 -62.52
CA ARG A 204 103.61 30.66 -63.48
C ARG A 204 102.74 31.80 -62.94
N GLY A 205 103.20 33.04 -63.15
CA GLY A 205 102.41 34.18 -62.74
C GLY A 205 101.05 34.22 -63.40
N ALA A 206 100.93 33.67 -64.60
CA ALA A 206 99.66 33.60 -65.31
C ALA A 206 98.64 32.77 -64.54
N ASN A 207 98.94 31.49 -64.35
CA ASN A 207 98.00 30.60 -63.67
C ASN A 207 97.94 30.88 -62.18
N SER A 208 99.09 31.17 -61.56
CA SER A 208 99.12 31.36 -60.12
C SER A 208 98.20 32.48 -59.68
N ALA A 209 98.09 33.54 -60.48
CA ALA A 209 97.26 34.68 -60.11
C ALA A 209 95.80 34.29 -59.96
N VAL A 210 95.29 33.46 -60.88
CA VAL A 210 93.86 33.15 -60.88
C VAL A 210 93.49 32.06 -59.88
N LEU A 211 94.45 31.24 -59.46
CA LEU A 211 94.13 30.16 -58.53
C LEU A 211 93.65 30.72 -57.20
N LYS A 212 92.65 30.07 -56.61
CA LYS A 212 92.05 30.52 -55.37
C LYS A 212 92.23 29.53 -54.23
N ARG A 213 91.85 28.27 -54.42
CA ARG A 213 91.91 27.26 -53.37
C ARG A 213 92.65 26.03 -53.86
N LEU A 214 93.54 25.52 -53.01
CA LEU A 214 94.30 24.32 -53.30
C LEU A 214 94.25 23.39 -52.09
N ASP A 215 94.31 22.09 -52.37
CA ASP A 215 94.31 21.06 -51.32
C ASP A 215 95.42 20.07 -51.64
N TYR A 216 96.58 20.26 -51.01
CA TYR A 216 97.76 19.46 -51.30
C TYR A 216 97.80 18.22 -50.40
N PHE A 217 98.27 17.11 -50.96
CA PHE A 217 98.56 15.90 -50.22
C PHE A 217 100.04 15.56 -50.40
N CYS A 218 100.71 15.24 -49.31
CA CYS A 218 102.14 14.92 -49.38
C CYS A 218 102.51 14.01 -48.21
N ASN A 219 103.67 13.38 -48.34
CA ASN A 219 104.22 12.49 -47.32
C ASN A 219 105.32 13.24 -46.59
N HIS A 220 105.05 13.67 -45.36
CA HIS A 220 106.01 14.41 -44.57
C HIS A 220 105.89 13.98 -43.11
N SER A 221 107.02 13.88 -42.43
CA SER A 221 107.02 13.43 -41.04
C SER A 221 106.26 14.41 -40.15
N LEU A 222 106.44 15.71 -40.35
CA LEU A 222 105.78 16.69 -39.51
C LEU A 222 104.26 16.59 -39.63
N LEU A 223 103.76 16.40 -40.85
CA LEU A 223 102.32 16.30 -41.08
C LEU A 223 101.78 14.90 -40.88
N LYS A 224 102.63 13.93 -40.55
CA LYS A 224 102.18 12.56 -40.38
C LYS A 224 101.18 12.40 -39.24
N ASP A 225 101.14 13.37 -38.32
CA ASP A 225 100.22 13.32 -37.19
C ASP A 225 98.89 14.00 -37.47
N GLY A 226 98.51 14.14 -38.74
CA GLY A 226 97.26 14.78 -39.09
C GLY A 226 97.29 16.28 -39.09
N ASN A 227 98.45 16.90 -38.88
CA ASN A 227 98.53 18.35 -38.85
C ASN A 227 98.15 18.92 -40.22
N VAL A 228 97.36 20.00 -40.19
CA VAL A 228 96.89 20.67 -41.40
C VAL A 228 97.31 22.13 -41.33
N LEU A 229 97.91 22.62 -42.41
CA LEU A 229 98.39 23.99 -42.50
C LEU A 229 97.43 24.81 -43.34
N VAL A 230 97.09 26.00 -42.87
CA VAL A 230 96.12 26.87 -43.52
C VAL A 230 96.78 28.20 -43.83
N ASP A 231 96.58 28.69 -45.05
CA ASP A 231 97.12 29.96 -45.52
C ASP A 231 95.94 30.90 -45.76
N LEU A 232 95.54 31.62 -44.73
CA LEU A 232 94.42 32.55 -44.86
C LEU A 232 94.83 33.77 -45.68
N PRO A 233 93.89 34.39 -46.38
CA PRO A 233 94.21 35.61 -47.12
C PRO A 233 94.57 36.77 -46.19
N GLY A 234 95.31 37.73 -46.74
CA GLY A 234 95.69 38.90 -45.99
C GLY A 234 94.51 39.65 -45.43
N ILE A 235 94.60 40.03 -44.15
CA ILE A 235 93.48 40.70 -43.49
C ILE A 235 93.22 42.07 -44.13
N ASP A 236 94.27 42.75 -44.56
CA ASP A 236 94.15 44.09 -45.12
C ASP A 236 93.83 44.08 -46.62
N ALA A 237 93.33 42.97 -47.14
CA ALA A 237 93.00 42.91 -48.55
C ALA A 237 91.82 43.83 -48.86
N PRO A 238 91.74 44.35 -50.09
CA PRO A 238 90.61 45.23 -50.43
C PRO A 238 89.25 44.57 -50.26
N VAL A 239 89.16 43.26 -50.52
CA VAL A 239 87.89 42.54 -50.40
C VAL A 239 87.63 42.33 -48.92
N LYS A 240 86.78 43.17 -48.33
CA LYS A 240 86.53 43.10 -46.90
C LYS A 240 85.77 41.82 -46.52
N GLU A 241 84.82 41.41 -47.36
CA GLU A 241 84.03 40.22 -47.04
C GLU A 241 84.92 38.99 -46.92
N ASP A 242 85.90 38.85 -47.82
CA ASP A 242 86.85 37.75 -47.69
C ASP A 242 87.67 37.90 -46.41
N ALA A 243 88.11 39.12 -46.10
CA ALA A 243 88.83 39.34 -44.86
C ALA A 243 87.95 39.06 -43.65
N GLU A 244 86.71 39.56 -43.67
CA GLU A 244 85.79 39.28 -42.57
C GLU A 244 85.56 37.79 -42.41
N ARG A 245 85.58 37.04 -43.51
CA ARG A 245 85.49 35.59 -43.42
C ARG A 245 86.67 35.03 -42.64
N ALA A 246 87.87 35.58 -42.85
CA ALA A 246 89.04 35.14 -42.09
C ALA A 246 88.84 35.40 -40.61
N TYR A 247 88.28 36.56 -40.25
CA TYR A 247 87.95 36.82 -38.86
C TYR A 247 86.96 35.79 -38.33
N ARG A 248 85.92 35.50 -39.12
CA ARG A 248 84.98 34.45 -38.74
C ARG A 248 85.66 33.08 -38.72
N LYS A 249 86.54 32.82 -39.69
CA LYS A 249 87.24 31.55 -39.74
C LYS A 249 88.11 31.36 -38.50
N ILE A 250 88.91 32.36 -38.17
CA ILE A 250 89.82 32.24 -37.02
C ILE A 250 89.02 32.25 -35.72
N GLU A 251 88.02 33.14 -35.62
CA GLU A 251 87.21 33.21 -34.41
C GLU A 251 86.34 31.99 -34.22
N SER A 252 86.16 31.17 -35.26
CA SER A 252 85.32 29.99 -35.14
C SER A 252 85.95 29.00 -34.16
N PRO A 253 85.14 28.29 -33.37
CA PRO A 253 85.72 27.31 -32.44
C PRO A 253 86.47 26.19 -33.12
N ASP A 254 86.22 25.95 -34.41
CA ASP A 254 86.85 24.84 -35.13
C ASP A 254 88.35 25.03 -35.34
N THR A 255 88.96 26.11 -34.85
CA THR A 255 90.39 26.34 -35.00
C THR A 255 91.10 25.91 -33.71
N SER A 256 92.16 25.12 -33.85
CA SER A 256 92.88 24.57 -32.71
C SER A 256 93.95 25.53 -32.21
N ALA A 257 94.77 26.05 -33.12
CA ALA A 257 95.88 26.93 -32.75
C ALA A 257 95.89 28.15 -33.66
N VAL A 258 96.46 29.23 -33.15
CA VAL A 258 96.54 30.50 -33.87
C VAL A 258 98.00 30.91 -33.95
N ILE A 259 98.45 31.25 -35.14
CA ILE A 259 99.79 31.77 -35.38
C ILE A 259 99.65 33.23 -35.79
N CYS A 260 100.21 34.13 -34.99
CA CYS A 260 100.08 35.56 -35.20
C CYS A 260 101.40 36.09 -35.74
N VAL A 261 101.45 36.35 -37.05
CA VAL A 261 102.62 36.93 -37.70
C VAL A 261 102.49 38.45 -37.63
N LEU A 262 103.53 39.10 -37.10
CA LEU A 262 103.50 40.53 -36.86
C LEU A 262 104.67 41.21 -37.58
N LYS A 263 104.41 42.37 -38.15
CA LYS A 263 105.39 43.15 -38.90
C LYS A 263 106.40 43.92 -38.05
N PRO A 264 106.04 44.43 -36.86
CA PRO A 264 106.83 45.52 -36.27
C PRO A 264 108.32 45.21 -36.11
N ALA A 265 108.70 43.95 -36.31
CA ALA A 265 110.12 43.64 -36.40
C ALA A 265 110.80 44.47 -37.48
N ALA A 266 110.06 44.80 -38.54
CA ALA A 266 110.52 45.70 -39.59
C ALA A 266 109.66 46.95 -39.74
N ALA A 267 108.36 46.86 -39.45
CA ALA A 267 107.48 48.02 -39.55
C ALA A 267 107.53 48.92 -38.32
N GLY A 268 108.11 48.45 -37.23
CA GLY A 268 108.25 49.24 -36.00
C GLY A 268 107.11 49.08 -35.01
N ASP A 269 105.87 49.19 -35.48
CA ASP A 269 104.72 49.09 -34.60
C ASP A 269 103.56 48.42 -35.34
N MET A 270 102.62 47.89 -34.57
CA MET A 270 101.46 47.22 -35.14
C MET A 270 100.56 48.21 -35.85
N SER A 271 99.83 47.72 -36.84
CA SER A 271 98.88 48.53 -37.60
C SER A 271 97.51 48.45 -36.95
N ALA A 272 96.56 49.22 -37.50
CA ALA A 272 95.20 49.22 -36.99
C ALA A 272 94.57 47.84 -37.13
N GLU A 273 94.76 47.20 -38.28
CA GLU A 273 94.22 45.86 -38.47
C GLU A 273 94.84 44.87 -37.49
N GLU A 274 96.16 44.96 -37.29
CA GLU A 274 96.81 44.10 -36.30
C GLU A 274 96.36 44.45 -34.89
N THR A 275 96.18 45.74 -34.61
CA THR A 275 95.80 46.16 -33.27
C THR A 275 94.45 45.55 -32.86
N GLN A 276 93.47 45.58 -33.77
CA GLN A 276 92.17 45.00 -33.44
C GLN A 276 92.27 43.48 -33.26
N LEU A 277 93.16 42.83 -34.01
CA LEU A 277 93.33 41.39 -33.85
C LEU A 277 93.75 41.05 -32.42
N LEU A 278 94.75 41.76 -31.89
CA LEU A 278 95.16 41.54 -30.51
C LEU A 278 94.03 41.89 -29.55
N GLU A 279 93.33 43.00 -29.81
CA GLU A 279 92.19 43.36 -28.98
C GLU A 279 91.11 42.29 -29.05
N ARG A 280 90.81 41.79 -30.24
CA ARG A 280 89.85 40.69 -30.36
C ARG A 280 90.36 39.45 -29.63
N ILE A 281 91.63 39.12 -29.81
CA ILE A 281 92.18 37.93 -29.17
C ILE A 281 92.28 38.13 -27.67
N SER A 282 92.79 39.29 -27.23
CA SER A 282 92.97 39.53 -25.81
C SER A 282 91.64 39.53 -25.07
N LYS A 283 90.62 40.16 -25.66
CA LYS A 283 89.32 40.25 -25.01
C LYS A 283 88.60 38.91 -24.96
N ASN A 284 88.98 37.96 -25.82
CA ASN A 284 88.37 36.63 -25.87
C ASN A 284 89.29 35.67 -25.14
N HIS A 285 88.95 35.33 -23.91
CA HIS A 285 89.79 34.44 -23.12
C HIS A 285 89.85 33.04 -23.72
N GLY A 286 88.72 32.55 -24.26
CA GLY A 286 88.70 31.19 -24.79
C GLY A 286 89.72 30.97 -25.87
N ILE A 287 89.81 31.92 -26.82
CA ILE A 287 90.79 31.79 -27.89
C ILE A 287 92.17 32.23 -27.42
N ARG A 288 92.23 33.15 -26.45
CA ARG A 288 93.51 33.72 -26.04
C ARG A 288 94.46 32.63 -25.53
N ASP A 289 93.93 31.64 -24.81
CA ASP A 289 94.76 30.60 -24.22
C ASP A 289 95.32 29.64 -25.26
N ARG A 290 95.03 29.82 -26.54
CA ARG A 290 95.49 28.94 -27.61
C ARG A 290 96.04 29.75 -28.77
N VAL A 291 96.90 30.72 -28.47
CA VAL A 291 97.44 31.63 -29.47
C VAL A 291 98.97 31.61 -29.39
N PHE A 292 99.61 31.59 -30.56
CA PHE A 292 101.05 31.72 -30.68
C PHE A 292 101.39 33.03 -31.38
N TYR A 293 102.43 33.70 -30.90
CA TYR A 293 102.91 34.95 -31.47
C TYR A 293 104.27 34.73 -32.10
N VAL A 294 104.42 35.16 -33.35
CA VAL A 294 105.66 35.00 -34.08
C VAL A 294 105.99 36.31 -34.80
N PHE A 295 107.28 36.49 -35.09
CA PHE A 295 107.77 37.67 -35.80
C PHE A 295 108.66 37.21 -36.94
N ASN A 296 108.67 38.01 -38.01
CA ASN A 296 109.33 37.65 -39.26
C ASN A 296 110.31 38.73 -39.68
N ARG A 297 111.29 38.33 -40.49
CA ARG A 297 112.29 39.23 -41.04
C ARG A 297 113.10 39.90 -39.93
N ILE A 298 113.53 39.09 -38.97
CA ILE A 298 114.42 39.58 -37.92
C ILE A 298 115.82 39.90 -38.43
N ASP A 299 116.13 39.50 -39.67
CA ASP A 299 117.44 39.82 -40.23
C ASP A 299 117.66 41.32 -40.30
N ASP A 300 116.59 42.11 -40.37
CA ASP A 300 116.74 43.56 -40.40
C ASP A 300 117.42 44.06 -39.13
N THR A 301 117.02 43.52 -37.97
CA THR A 301 117.63 43.92 -36.71
C THR A 301 119.09 43.47 -36.62
N TRP A 302 119.49 42.46 -37.38
CA TRP A 302 120.87 41.99 -37.33
C TRP A 302 121.84 43.02 -37.88
N TYR A 303 121.35 44.03 -38.61
CA TYR A 303 122.19 45.07 -39.19
C TYR A 303 121.95 46.45 -38.60
N ASN A 304 120.78 46.71 -38.03
CA ASN A 304 120.45 48.00 -37.45
C ASN A 304 120.26 47.84 -35.94
N THR A 305 120.99 48.62 -35.16
CA THR A 305 120.87 48.54 -33.71
C THR A 305 119.57 49.18 -33.22
N GLN A 306 119.19 50.32 -33.79
CA GLN A 306 117.98 51.01 -33.34
C GLN A 306 116.76 50.14 -33.54
N LEU A 307 116.66 49.46 -34.69
CA LEU A 307 115.55 48.54 -34.90
C LEU A 307 115.59 47.39 -33.92
N ARG A 308 116.78 46.87 -33.63
CA ARG A 308 116.90 45.87 -32.58
C ARG A 308 116.50 46.45 -31.22
N GLN A 309 116.94 47.67 -30.92
CA GLN A 309 116.53 48.31 -29.68
C GLN A 309 115.03 48.56 -29.66
N ARG A 310 114.45 48.98 -30.80
CA ARG A 310 113.01 49.13 -30.89
C ARG A 310 112.30 47.79 -30.77
N LEU A 311 112.85 46.74 -31.39
CA LEU A 311 112.26 45.42 -31.26
C LEU A 311 112.36 44.91 -29.83
N GLU A 312 113.51 45.09 -29.19
CA GLU A 312 113.68 44.61 -27.82
C GLU A 312 112.72 45.30 -26.87
N GLY A 313 112.56 46.60 -27.01
CA GLY A 313 111.64 47.34 -26.15
C GLY A 313 110.19 46.96 -26.38
N LEU A 314 109.81 46.82 -27.66
CA LEU A 314 108.44 46.47 -27.98
C LEU A 314 108.08 45.09 -27.45
N ILE A 315 108.98 44.12 -27.63
CA ILE A 315 108.68 42.75 -27.19
C ILE A 315 108.49 42.70 -25.69
N GLN A 316 109.41 43.33 -24.94
CA GLN A 316 109.31 43.33 -23.49
C GLN A 316 108.20 44.22 -22.97
N SER A 317 107.76 45.20 -23.78
CA SER A 317 106.77 46.15 -23.30
C SER A 317 105.40 45.50 -23.11
N GLN A 318 104.99 44.65 -24.05
CA GLN A 318 103.63 44.12 -24.09
C GLN A 318 103.54 42.64 -23.76
N PHE A 319 104.30 41.80 -24.46
CA PHE A 319 104.13 40.36 -24.32
C PHE A 319 104.60 39.89 -22.95
N ARG A 320 103.72 39.18 -22.25
CA ARG A 320 104.04 38.60 -20.94
C ARG A 320 104.28 37.09 -21.04
N ASP A 321 103.33 36.36 -21.62
CA ASP A 321 103.49 34.92 -21.82
C ASP A 321 104.40 34.71 -23.02
N ASN A 322 105.69 34.91 -22.78
CA ASN A 322 106.69 34.87 -23.86
C ASN A 322 107.06 33.45 -24.26
N SER A 323 106.59 32.44 -23.54
CA SER A 323 106.88 31.06 -23.93
C SER A 323 106.34 30.73 -25.32
N ARG A 324 105.32 31.47 -25.78
CA ARG A 324 104.73 31.27 -27.10
C ARG A 324 105.12 32.38 -28.07
N VAL A 325 106.15 33.15 -27.74
CA VAL A 325 106.64 34.22 -28.61
C VAL A 325 107.85 33.69 -29.36
N TYR A 326 107.81 33.78 -30.69
CA TYR A 326 108.85 33.22 -31.54
C TYR A 326 109.35 34.29 -32.52
N LYS A 327 110.53 34.05 -33.06
CA LYS A 327 111.12 34.93 -34.06
C LYS A 327 111.82 34.07 -35.11
N THR A 328 111.89 34.59 -36.33
CA THR A 328 112.50 33.86 -37.44
C THR A 328 112.61 34.81 -38.63
N SER A 329 113.15 34.30 -39.73
CA SER A 329 113.30 35.05 -40.98
C SER A 329 112.96 34.10 -42.13
N GLY A 330 111.74 34.22 -42.65
CA GLY A 330 111.32 33.31 -43.70
C GLY A 330 112.15 33.42 -44.96
N LEU A 331 112.49 34.65 -45.35
CA LEU A 331 113.26 34.85 -46.58
C LEU A 331 114.57 34.09 -46.54
N LEU A 332 115.31 34.22 -45.43
CA LEU A 332 116.57 33.49 -45.29
C LEU A 332 116.32 32.02 -44.98
N GLY A 333 115.29 31.72 -44.18
CA GLY A 333 115.04 30.34 -43.80
C GLY A 333 114.69 29.46 -44.99
N PHE A 334 113.87 29.98 -45.90
CA PHE A 334 113.42 29.17 -47.04
C PHE A 334 114.60 28.73 -47.89
N TYR A 335 115.30 29.69 -48.50
CA TYR A 335 116.37 29.34 -49.42
C TYR A 335 117.49 28.57 -48.73
N GLY A 336 117.67 28.77 -47.42
CA GLY A 336 118.70 28.05 -46.71
C GLY A 336 118.55 26.54 -46.82
N SER A 337 117.33 26.05 -46.62
CA SER A 337 117.08 24.62 -46.75
C SER A 337 117.23 24.16 -48.18
N GLN A 338 116.79 24.98 -49.15
CA GLN A 338 116.84 24.58 -50.55
C GLN A 338 118.28 24.39 -51.03
N VAL A 339 119.21 25.20 -50.54
CA VAL A 339 120.59 25.11 -50.99
C VAL A 339 121.17 23.74 -50.67
N LYS A 340 120.66 23.07 -49.63
CA LYS A 340 121.16 21.75 -49.28
C LYS A 340 121.00 20.75 -50.43
N GLN A 341 120.05 20.99 -51.33
CA GLN A 341 119.84 20.12 -52.48
C GLN A 341 120.64 20.55 -53.70
N THR A 342 121.72 21.31 -53.49
CA THR A 342 122.59 21.75 -54.57
C THR A 342 124.03 21.55 -54.16
N ASN A 343 124.90 21.40 -55.17
CA ASN A 343 126.32 21.15 -54.95
C ASN A 343 127.12 22.05 -55.89
N SER A 344 128.44 21.85 -55.88
CA SER A 344 129.32 22.67 -56.71
C SER A 344 129.05 22.48 -58.20
N SER A 345 128.49 21.35 -58.60
CA SER A 345 128.19 21.14 -60.02
C SER A 345 127.23 22.19 -60.54
N THR A 346 126.19 22.51 -59.77
CA THR A 346 125.24 23.56 -60.11
C THR A 346 125.62 24.90 -59.47
N ARG A 347 126.87 25.07 -59.07
CA ARG A 347 127.32 26.30 -58.42
C ARG A 347 126.50 26.59 -57.17
N PHE A 348 126.15 25.53 -56.44
CA PHE A 348 125.36 25.66 -55.21
C PHE A 348 124.07 26.42 -55.48
N GLY A 349 123.42 26.11 -56.60
CA GLY A 349 122.13 26.67 -56.94
C GLY A 349 122.16 27.79 -57.95
N LEU A 350 123.33 28.40 -58.20
CA LEU A 350 123.38 29.48 -59.19
C LEU A 350 123.02 28.97 -60.57
N ASP A 351 123.24 27.68 -60.84
CA ASP A 351 122.85 27.06 -62.10
C ASP A 351 121.48 26.40 -62.04
N SER A 352 120.84 26.37 -60.87
CA SER A 352 119.53 25.73 -60.72
C SER A 352 118.82 26.33 -59.52
N ILE A 353 117.56 26.72 -59.72
CA ILE A 353 116.75 27.40 -58.71
C ILE A 353 117.11 28.89 -58.70
N PHE A 354 118.38 29.19 -58.50
CA PHE A 354 118.85 30.58 -58.52
C PHE A 354 119.30 31.02 -59.91
N ALA A 355 119.25 30.14 -60.91
CA ALA A 355 119.63 30.53 -62.26
C ALA A 355 118.71 31.62 -62.80
N THR A 356 117.42 31.57 -62.45
CA THR A 356 116.48 32.60 -62.89
C THR A 356 116.77 33.94 -62.22
N THR A 357 117.27 33.93 -60.99
CA THR A 357 117.53 35.15 -60.25
C THR A 357 118.90 35.74 -60.52
N ILE A 358 119.89 34.92 -60.89
CA ILE A 358 121.24 35.42 -61.11
C ILE A 358 121.37 36.19 -62.41
N LYS A 359 120.42 36.04 -63.34
CA LYS A 359 120.49 36.73 -64.63
C LYS A 359 120.01 38.17 -64.43
N GLY A 360 120.93 39.13 -64.61
CA GLY A 360 120.61 40.52 -64.41
C GLY A 360 120.02 41.19 -65.64
N PHE A 361 119.48 42.39 -65.44
CA PHE A 361 118.92 43.16 -66.55
C PHE A 361 120.01 43.80 -67.40
N ASP A 362 121.09 44.26 -66.77
CA ASP A 362 122.17 44.93 -67.48
C ASP A 362 123.18 43.96 -68.09
N GLY A 363 123.00 42.65 -67.88
CA GLY A 363 123.94 41.67 -68.40
C GLY A 363 124.81 41.09 -67.31
N GLU A 364 125.26 41.94 -66.39
CA GLU A 364 126.05 41.46 -65.27
C GLU A 364 125.20 40.60 -64.35
N GLU A 365 125.82 39.55 -63.81
CA GLU A 365 125.09 38.63 -62.94
C GLU A 365 124.62 39.37 -61.69
N GLU A 366 123.31 39.52 -61.55
CA GLU A 366 122.76 40.15 -60.36
C GLU A 366 122.92 39.24 -59.15
N THR A 367 122.91 39.86 -57.97
CA THR A 367 123.06 39.13 -56.72
C THR A 367 121.69 38.71 -56.20
N PRO A 368 121.39 37.42 -56.09
CA PRO A 368 120.10 37.02 -55.51
C PRO A 368 119.96 37.52 -54.08
N GLN A 369 118.72 37.81 -53.69
CA GLN A 369 118.47 38.30 -52.34
C GLN A 369 119.07 37.39 -51.30
N PHE A 370 118.94 36.07 -51.47
CA PHE A 370 119.57 35.14 -50.54
C PHE A 370 121.08 35.30 -50.56
N VAL A 371 121.67 35.42 -51.75
CA VAL A 371 123.12 35.61 -51.84
C VAL A 371 123.51 36.97 -51.30
N SER A 372 122.74 38.01 -51.63
CA SER A 372 123.06 39.35 -51.15
C SER A 372 123.03 39.40 -49.63
N GLU A 373 121.99 38.83 -49.02
CA GLU A 373 121.93 38.77 -47.57
C GLU A 373 122.92 37.77 -47.00
N PHE A 374 123.27 36.74 -47.77
CA PHE A 374 124.28 35.78 -47.31
C PHE A 374 125.61 36.46 -47.08
N ASN A 375 126.04 37.31 -48.02
CA ASN A 375 127.28 38.07 -47.82
C ASN A 375 127.14 39.02 -46.64
N ASN A 376 126.00 39.71 -46.54
CA ASN A 376 125.77 40.58 -45.41
C ASN A 376 125.69 39.79 -44.11
N TYR A 377 125.02 38.63 -44.14
CA TYR A 377 124.90 37.81 -42.94
C TYR A 377 126.26 37.37 -42.44
N CYS A 378 127.15 36.95 -43.36
CA CYS A 378 128.46 36.47 -42.93
C CYS A 378 129.29 37.58 -42.29
N ALA A 379 129.23 38.79 -42.85
CA ALA A 379 130.07 39.88 -42.38
C ALA A 379 129.36 40.77 -41.35
N ASN A 380 128.22 41.35 -41.72
CA ASN A 380 127.57 42.32 -40.85
C ASN A 380 127.05 41.67 -39.58
N SER A 381 126.33 40.56 -39.70
CA SER A 381 125.74 39.92 -38.53
C SER A 381 126.82 39.32 -37.63
N GLY A 382 127.59 38.38 -38.18
CA GLY A 382 128.65 37.75 -37.41
C GLY A 382 128.24 36.57 -36.57
N LYS A 383 127.11 35.92 -36.89
CA LYS A 383 126.74 34.72 -36.16
C LYS A 383 127.80 33.64 -36.27
N LEU A 384 128.57 33.64 -37.36
CA LEU A 384 129.69 32.71 -37.50
C LEU A 384 130.83 33.03 -36.54
N LEU A 385 130.82 34.21 -35.91
CA LEU A 385 131.94 34.62 -35.09
C LEU A 385 132.17 33.64 -33.93
N SER A 386 131.10 33.20 -33.29
CA SER A 386 131.19 32.26 -32.19
C SER A 386 131.26 30.81 -32.64
N THR A 387 131.17 30.56 -33.95
CA THR A 387 131.20 29.22 -34.49
C THR A 387 132.62 28.84 -34.88
N ALA A 388 132.78 27.67 -35.50
CA ALA A 388 134.08 27.18 -35.92
C ALA A 388 134.42 27.55 -37.37
N PHE A 389 133.97 28.72 -37.82
CA PHE A 389 134.20 29.18 -39.18
C PHE A 389 134.88 30.54 -39.17
N ARG A 390 135.71 30.78 -40.18
CA ARG A 390 136.45 32.03 -40.34
C ARG A 390 136.12 32.67 -41.67
N VAL A 391 134.84 32.69 -42.05
CA VAL A 391 134.40 33.24 -43.32
C VAL A 391 134.87 34.68 -43.45
N SER A 392 135.62 34.96 -44.51
CA SER A 392 136.14 36.29 -44.79
C SER A 392 135.47 36.82 -46.06
N VAL A 393 134.83 37.99 -45.96
CA VAL A 393 134.18 38.63 -47.09
C VAL A 393 135.10 39.71 -47.63
N ASN A 394 135.37 39.67 -48.93
CA ASN A 394 136.31 40.59 -49.56
C ASN A 394 135.71 41.11 -50.86
N GLY A 395 136.19 42.28 -51.29
CA GLY A 395 135.80 42.86 -52.55
C GLY A 395 136.54 42.31 -53.75
N TYR A 396 137.45 41.36 -53.53
CA TYR A 396 138.17 40.74 -54.64
C TYR A 396 137.24 40.06 -55.62
N GLU A 397 136.04 39.68 -55.18
CA GLU A 397 135.10 38.95 -56.03
C GLU A 397 133.71 39.51 -55.81
N THR A 398 132.84 39.31 -56.80
CA THR A 398 131.46 39.75 -56.69
C THR A 398 130.73 38.94 -55.63
N SER A 399 129.49 39.36 -55.34
CA SER A 399 128.69 38.64 -54.35
C SER A 399 128.45 37.20 -54.77
N ASN A 400 128.10 36.98 -56.04
CA ASN A 400 127.92 35.63 -56.53
C ASN A 400 129.23 34.86 -56.52
N GLU A 401 130.31 35.52 -56.97
CA GLU A 401 131.62 34.85 -56.96
C GLU A 401 132.07 34.54 -55.54
N ASN A 402 131.87 35.49 -54.61
CA ASN A 402 132.14 35.19 -53.21
C ASN A 402 131.22 34.09 -52.71
N TYR A 403 129.95 34.12 -53.12
CA TYR A 403 129.03 33.05 -52.77
C TYR A 403 129.56 31.70 -53.24
N VAL A 404 130.12 31.66 -54.45
CA VAL A 404 130.75 30.43 -54.94
C VAL A 404 132.02 30.13 -54.15
N ARG A 405 132.85 31.14 -53.94
CA ARG A 405 134.12 30.92 -53.26
C ARG A 405 133.90 30.57 -51.79
N ILE A 406 133.04 31.32 -51.10
CA ILE A 406 132.84 31.10 -49.67
C ILE A 406 132.30 29.70 -49.42
N LEU A 407 131.28 29.29 -50.20
CA LEU A 407 130.72 27.96 -50.04
C LEU A 407 131.74 26.88 -50.39
N SER A 408 132.50 27.10 -51.47
CA SER A 408 133.52 26.13 -51.86
C SER A 408 134.58 25.98 -50.79
N GLU A 409 134.87 27.06 -50.05
CA GLU A 409 135.91 27.01 -49.03
C GLU A 409 135.50 26.14 -47.86
N TRP A 410 134.26 26.30 -47.38
CA TRP A 410 133.78 25.59 -46.20
C TRP A 410 132.81 24.46 -46.56
N GLY A 411 131.75 24.76 -47.28
CA GLY A 411 130.83 23.76 -47.76
C GLY A 411 129.52 23.72 -46.99
N ILE A 412 128.86 22.56 -47.06
CA ILE A 412 127.54 22.42 -46.45
C ILE A 412 127.59 22.65 -44.94
N PRO A 413 128.55 22.11 -44.19
CA PRO A 413 128.49 22.27 -42.72
C PRO A 413 128.24 23.69 -42.26
N LEU A 414 128.69 24.69 -43.02
CA LEU A 414 128.36 26.07 -42.69
C LEU A 414 126.86 26.32 -42.79
N VAL A 415 126.22 25.73 -43.80
CA VAL A 415 124.78 25.92 -43.98
C VAL A 415 124.01 25.33 -42.81
N ASP A 416 124.49 24.23 -42.24
CA ASP A 416 123.79 23.62 -41.11
C ASP A 416 123.63 24.63 -39.96
N GLN A 417 124.70 25.38 -39.67
CA GLN A 417 124.60 26.43 -38.66
C GLN A 417 123.63 27.51 -39.10
N LEU A 418 123.63 27.86 -40.39
CA LEU A 418 122.74 28.90 -40.89
C LEU A 418 121.28 28.53 -40.64
N ILE A 419 120.90 27.31 -40.98
CA ILE A 419 119.51 26.88 -40.79
C ILE A 419 119.21 26.77 -39.29
N HIS A 420 120.16 26.29 -38.50
CA HIS A 420 119.94 26.19 -37.06
C HIS A 420 119.70 27.57 -36.45
N ASP A 421 120.47 28.57 -36.88
CA ASP A 421 120.28 29.92 -36.36
C ASP A 421 118.96 30.53 -36.83
N SER A 422 118.42 30.03 -37.94
CA SER A 422 117.16 30.57 -38.45
C SER A 422 116.03 30.35 -37.45
N GLY A 423 116.06 29.26 -36.69
CA GLY A 423 115.04 28.97 -35.71
C GLY A 423 113.79 28.33 -36.27
N ILE A 424 113.73 28.05 -37.57
CA ILE A 424 112.54 27.44 -38.15
C ILE A 424 112.34 26.04 -37.59
N GLU A 425 113.41 25.27 -37.45
CA GLU A 425 113.29 23.91 -36.92
C GLU A 425 112.72 23.92 -35.52
N SER A 426 113.16 24.87 -34.68
CA SER A 426 112.61 24.96 -33.33
C SER A 426 111.12 25.29 -33.37
N PHE A 427 110.70 26.12 -34.33
CA PHE A 427 109.29 26.46 -34.46
C PHE A 427 108.45 25.22 -34.71
N ARG A 428 108.91 24.33 -35.60
CA ARG A 428 108.16 23.11 -35.88
C ARG A 428 108.02 22.25 -34.63
N SER A 429 109.10 22.09 -33.87
CA SER A 429 109.03 21.32 -32.63
C SER A 429 108.12 22.00 -31.63
N GLY A 430 108.20 23.32 -31.52
CA GLY A 430 107.38 24.07 -30.58
C GLY A 430 105.90 23.86 -30.78
N ILE A 431 105.41 24.18 -31.99
CA ILE A 431 103.99 24.00 -32.26
C ILE A 431 103.62 22.52 -32.23
N GLY A 432 104.47 21.66 -32.80
CA GLY A 432 104.20 20.23 -32.76
C GLY A 432 104.10 19.70 -31.36
N LEU A 433 104.98 20.15 -30.47
CA LEU A 433 104.92 19.73 -29.08
C LEU A 433 103.60 20.15 -28.44
N TYR A 434 103.17 21.38 -28.70
CA TYR A 434 101.93 21.88 -28.11
C TYR A 434 100.73 21.06 -28.58
N LEU A 435 100.62 20.85 -29.90
CA LEU A 435 99.47 20.12 -30.43
C LEU A 435 99.56 18.63 -30.10
N ALA A 436 100.73 18.03 -30.26
CA ALA A 436 100.88 16.60 -30.02
C ALA A 436 100.69 16.26 -28.55
N GLU A 437 101.17 17.13 -27.65
CA GLU A 437 101.17 16.84 -26.22
C GLU A 437 99.94 17.38 -25.50
N GLU A 438 99.54 18.62 -25.77
CA GLU A 438 98.46 19.25 -25.02
C GLU A 438 97.12 19.09 -25.74
N LYS A 439 97.01 19.59 -26.97
CA LYS A 439 95.73 19.58 -27.67
C LYS A 439 95.27 18.16 -27.97
N TYR A 440 96.19 17.29 -28.37
CA TYR A 440 95.80 15.94 -28.80
C TYR A 440 95.05 15.18 -27.71
N PRO A 441 95.60 15.02 -26.50
CA PRO A 441 94.84 14.31 -25.47
C PRO A 441 93.53 14.99 -25.11
N GLU A 442 93.49 16.33 -25.16
CA GLU A 442 92.25 17.03 -24.85
C GLU A 442 91.12 16.61 -25.78
N LEU A 443 91.45 16.28 -27.03
CA LEU A 443 90.42 15.88 -27.98
C LEU A 443 89.71 14.61 -27.50
N PHE A 444 90.48 13.62 -27.02
CA PHE A 444 89.86 12.45 -26.41
C PHE A 444 89.11 12.83 -25.15
N ALA A 445 89.66 13.75 -24.36
CA ALA A 445 88.98 14.17 -23.13
C ALA A 445 87.63 14.80 -23.44
N THR A 446 87.55 15.60 -24.50
CA THR A 446 86.27 16.21 -24.87
C THR A 446 85.24 15.14 -25.20
N LEU A 447 85.66 14.04 -25.84
CA LEU A 447 84.73 13.00 -26.22
C LEU A 447 84.04 12.41 -24.99
N ALA A 448 84.79 12.13 -23.93
CA ALA A 448 84.21 11.54 -22.75
C ALA A 448 83.15 12.45 -22.14
N ASN A 449 83.48 13.73 -21.96
CA ASN A 449 82.50 14.68 -21.47
C ASN A 449 81.40 14.93 -22.49
N ASP A 450 81.69 14.76 -23.77
CA ASP A 450 80.68 14.92 -24.81
C ASP A 450 79.81 13.69 -25.00
N LEU A 451 80.22 12.55 -24.45
CA LEU A 451 79.45 11.31 -24.56
C LEU A 451 78.61 11.02 -23.33
N GLN A 452 78.97 11.59 -22.18
CA GLN A 452 78.19 11.35 -20.96
C GLN A 452 76.72 11.70 -21.11
N PRO A 453 76.34 12.81 -21.77
CA PRO A 453 74.92 13.21 -21.78
C PRO A 453 73.96 12.15 -22.28
N LEU A 454 74.45 11.07 -22.88
CA LEU A 454 73.60 9.97 -23.31
C LEU A 454 73.52 8.85 -22.28
N CYS A 455 74.63 8.50 -21.65
CA CYS A 455 74.61 7.51 -20.58
C CYS A 455 73.94 8.03 -19.32
N ILE A 456 73.68 9.34 -19.25
CA ILE A 456 73.05 9.93 -18.07
C ILE A 456 71.66 9.35 -17.84
N ALA A 457 70.92 9.09 -18.92
CA ALA A 457 69.52 8.70 -18.83
C ALA A 457 69.28 7.21 -18.97
N LEU A 458 70.14 6.50 -19.73
CA LEU A 458 69.89 5.08 -19.96
C LEU A 458 69.86 4.29 -18.65
N ARG A 459 70.82 4.54 -17.76
CA ARG A 459 70.82 3.85 -16.48
C ARG A 459 69.61 4.24 -15.65
N GLN A 460 69.23 5.53 -15.69
CA GLN A 460 68.08 5.98 -14.92
C GLN A 460 66.80 5.26 -15.36
N PHE A 461 66.54 5.24 -16.67
CA PHE A 461 65.32 4.61 -17.16
C PHE A 461 65.30 3.12 -16.85
N TYR A 462 66.42 2.43 -17.09
CA TYR A 462 66.48 1.01 -16.80
C TYR A 462 66.35 0.75 -15.30
N LEU A 463 67.01 1.57 -14.47
CA LEU A 463 66.95 1.37 -13.03
C LEU A 463 65.57 1.65 -12.47
N GLU A 464 64.73 2.42 -13.17
CA GLU A 464 63.39 2.69 -12.68
C GLU A 464 62.44 1.55 -13.03
N ASN A 465 62.38 1.17 -14.30
CA ASN A 465 61.49 0.08 -14.70
C ASN A 465 61.89 -1.23 -14.02
N TYR A 466 63.19 -1.52 -13.97
CA TYR A 466 63.63 -2.75 -13.32
C TYR A 466 63.25 -2.77 -11.86
N ARG A 467 63.47 -1.65 -11.16
CA ARG A 467 63.10 -1.58 -9.75
C ARG A 467 61.58 -1.48 -9.58
N GLN A 468 60.91 -0.78 -10.49
CA GLN A 468 59.46 -0.66 -10.41
C GLN A 468 58.78 -2.02 -10.56
N LEU A 469 59.25 -2.83 -11.51
CA LEU A 469 58.63 -4.14 -11.73
C LEU A 469 58.84 -5.06 -10.53
N ASP A 470 59.96 -4.91 -9.82
CA ASP A 470 60.23 -5.77 -8.67
C ASP A 470 59.27 -5.53 -7.52
N SER A 471 58.56 -4.41 -7.51
CA SER A 471 57.63 -4.13 -6.42
C SER A 471 56.47 -5.13 -6.40
N GLN A 472 56.00 -5.55 -7.57
CA GLN A 472 54.86 -6.45 -7.64
C GLN A 472 55.22 -7.81 -7.05
N PRO A 473 54.26 -8.53 -6.48
CA PRO A 473 54.54 -9.87 -5.96
C PRO A 473 54.91 -10.83 -7.08
N ARG A 474 55.37 -12.02 -6.67
CA ARG A 474 55.77 -13.04 -7.61
C ARG A 474 55.07 -14.36 -7.31
N GLU A 475 54.86 -14.66 -6.04
CA GLU A 475 54.22 -15.90 -5.65
C GLU A 475 52.77 -15.94 -6.12
N ILE A 476 52.32 -17.13 -6.54
CA ILE A 476 50.94 -17.28 -6.99
C ILE A 476 49.98 -16.99 -5.84
N ALA A 477 50.25 -17.54 -4.66
CA ALA A 477 49.36 -17.35 -3.52
C ALA A 477 49.22 -15.87 -3.19
N ALA A 478 50.35 -15.17 -3.04
CA ALA A 478 50.29 -13.74 -2.78
C ALA A 478 49.70 -12.97 -3.96
N MET A 479 50.09 -13.33 -5.17
CA MET A 479 49.57 -12.64 -6.35
C MET A 479 48.06 -12.85 -6.48
N LYS A 480 47.60 -14.09 -6.28
CA LYS A 480 46.17 -14.35 -6.37
C LYS A 480 45.41 -13.62 -5.28
N ALA A 481 45.96 -13.57 -4.07
CA ALA A 481 45.32 -12.83 -2.99
C ALA A 481 45.11 -11.37 -3.36
N GLN A 482 46.03 -10.80 -4.13
CA GLN A 482 45.86 -9.41 -4.57
C GLN A 482 44.62 -9.27 -5.43
N GLU A 483 44.37 -10.23 -6.33
CA GLU A 483 43.16 -10.19 -7.15
C GLU A 483 41.92 -10.25 -6.28
N LEU A 484 41.91 -11.13 -5.28
CA LEU A 484 40.83 -11.14 -4.31
C LEU A 484 40.77 -9.84 -3.52
N THR A 485 41.93 -9.27 -3.21
CA THR A 485 41.99 -7.99 -2.52
C THR A 485 41.46 -6.84 -3.38
N LEU A 486 41.29 -7.06 -4.68
CA LEU A 486 40.75 -6.04 -5.57
C LEU A 486 39.36 -6.37 -6.10
N LEU A 487 38.93 -7.63 -5.99
CA LEU A 487 37.62 -8.01 -6.51
C LEU A 487 36.50 -7.25 -5.80
N ASN A 488 36.57 -7.18 -4.47
CA ASN A 488 35.51 -6.53 -3.72
C ASN A 488 35.47 -5.03 -3.92
N GLN A 489 36.61 -4.40 -4.25
CA GLN A 489 36.60 -2.97 -4.52
C GLN A 489 35.69 -2.64 -5.70
N GLU A 490 35.75 -3.45 -6.75
CA GLU A 490 34.81 -3.27 -7.86
C GLU A 490 33.38 -3.47 -7.41
N MET A 491 33.15 -4.45 -6.53
CA MET A 491 31.80 -4.69 -6.03
C MET A 491 31.27 -3.49 -5.27
N GLN A 492 32.10 -2.88 -4.42
CA GLN A 492 31.65 -1.73 -3.64
C GLN A 492 31.30 -0.57 -4.55
N ASN A 493 32.12 -0.29 -5.56
CA ASN A 493 31.81 0.78 -6.51
C ASN A 493 30.53 0.48 -7.27
N LEU A 494 30.26 -0.80 -7.53
CA LEU A 494 29.04 -1.17 -8.24
C LEU A 494 27.81 -0.74 -7.45
N GLY A 495 27.81 -0.97 -6.14
CA GLY A 495 26.69 -0.53 -5.32
C GLY A 495 26.56 0.98 -5.30
N ILE A 496 27.67 1.69 -5.12
CA ILE A 496 27.65 3.14 -5.13
C ILE A 496 27.19 3.65 -6.49
N GLU A 497 27.74 3.08 -7.56
CA GLU A 497 27.38 3.54 -8.90
C GLU A 497 25.92 3.20 -9.23
N PHE A 498 25.42 2.07 -8.72
CA PHE A 498 24.05 1.68 -9.03
C PHE A 498 23.05 2.72 -8.51
N LYS A 499 23.24 3.20 -7.28
CA LYS A 499 22.35 4.23 -6.75
C LYS A 499 22.43 5.50 -7.56
N LYS A 500 23.60 5.81 -8.12
CA LYS A 500 23.75 7.04 -8.89
C LYS A 500 22.82 7.05 -10.10
N TYR A 501 22.81 5.96 -10.87
CA TYR A 501 21.96 5.89 -12.05
C TYR A 501 20.48 5.94 -11.66
N MET A 502 20.10 5.21 -10.61
CA MET A 502 18.72 5.22 -10.18
C MET A 502 18.28 6.61 -9.72
N SER A 503 19.16 7.31 -9.01
CA SER A 503 18.84 8.67 -8.57
C SER A 503 18.72 9.63 -9.75
N ALA A 504 19.53 9.43 -10.79
CA ALA A 504 19.47 10.29 -11.96
C ALA A 504 18.17 10.09 -12.73
N GLN A 505 17.79 8.84 -12.95
CA GLN A 505 16.57 8.55 -13.71
C GLN A 505 15.34 9.08 -12.99
N ILE A 506 15.26 8.86 -11.69
CA ILE A 506 14.08 9.30 -10.94
C ILE A 506 14.00 10.82 -10.89
N ASN A 507 15.15 11.49 -10.77
CA ASN A 507 15.14 12.95 -10.71
C ASN A 507 14.54 13.56 -11.97
N ASP A 508 14.88 12.99 -13.14
CA ASP A 508 14.34 13.50 -14.39
C ASP A 508 12.82 13.46 -14.44
N VAL A 509 12.20 12.52 -13.72
CA VAL A 509 10.75 12.42 -13.75
C VAL A 509 10.11 13.53 -12.94
N VAL A 510 10.68 13.87 -11.78
CA VAL A 510 10.08 14.86 -10.90
C VAL A 510 9.99 16.22 -11.58
N ILE A 511 10.86 16.51 -12.54
CA ILE A 511 10.91 17.83 -13.17
C ILE A 511 10.44 17.79 -14.61
N GLY A 512 10.28 16.62 -15.21
CA GLY A 512 9.80 16.52 -16.57
C GLY A 512 10.87 16.40 -17.63
N ASN A 513 12.13 16.16 -17.24
CA ASN A 513 13.18 16.00 -18.23
C ASN A 513 12.92 14.81 -19.13
N ASP A 514 12.41 13.71 -18.56
CA ASP A 514 12.07 12.52 -19.35
C ASP A 514 10.86 12.86 -20.21
N ARG A 515 11.10 13.13 -21.49
CA ARG A 515 10.02 13.56 -22.38
C ARG A 515 8.96 12.48 -22.52
N GLU A 516 9.34 11.21 -22.45
CA GLU A 516 8.37 10.14 -22.61
C GLU A 516 7.32 10.17 -21.51
N PHE A 517 7.74 10.41 -20.26
CA PHE A 517 6.79 10.43 -19.16
C PHE A 517 5.77 11.55 -19.33
N ASP A 518 6.23 12.73 -19.78
CA ASP A 518 5.31 13.86 -19.92
C ASP A 518 4.22 13.57 -20.95
N GLN A 519 4.58 12.93 -22.06
CA GLN A 519 3.58 12.63 -23.08
C GLN A 519 2.48 11.74 -22.53
N ASP A 520 2.85 10.71 -21.76
CA ASP A 520 1.84 9.86 -21.14
C ASP A 520 1.04 10.62 -20.10
N PHE A 521 1.70 11.49 -19.33
CA PHE A 521 1.01 12.21 -18.26
C PHE A 521 -0.06 13.14 -18.82
N THR A 522 0.26 13.88 -19.87
CA THR A 522 -0.72 14.78 -20.47
C THR A 522 -1.89 14.00 -21.05
N LYS A 523 -1.65 12.78 -21.54
CA LYS A 523 -2.74 11.93 -22.00
C LYS A 523 -3.70 11.62 -20.85
N LEU A 524 -3.16 11.36 -19.67
CA LEU A 524 -4.00 11.04 -18.52
C LEU A 524 -4.93 12.20 -18.18
N LYS A 525 -4.40 13.42 -18.17
CA LYS A 525 -5.22 14.58 -17.82
C LYS A 525 -6.31 14.80 -18.85
N ALA A 526 -6.00 14.66 -20.13
CA ALA A 526 -6.97 14.94 -21.18
C ALA A 526 -8.16 13.98 -21.08
N ARG A 527 -7.90 12.70 -20.83
CA ARG A 527 -8.98 11.72 -20.78
C ARG A 527 -9.97 12.06 -19.67
N MET A 528 -9.46 12.40 -18.48
CA MET A 528 -10.34 12.68 -17.35
C MET A 528 -11.19 13.91 -17.61
N VAL A 529 -10.59 14.99 -18.12
CA VAL A 529 -11.35 16.20 -18.40
C VAL A 529 -12.39 15.92 -19.47
N ALA A 530 -11.99 15.21 -20.54
CA ALA A 530 -12.95 14.83 -21.57
C ALA A 530 -14.00 13.88 -21.00
N ARG A 531 -13.59 12.97 -20.13
CA ARG A 531 -14.54 12.02 -19.54
C ARG A 531 -15.61 12.75 -18.75
N LEU A 532 -15.22 13.74 -17.94
CA LEU A 532 -16.20 14.47 -17.14
C LEU A 532 -17.20 15.20 -18.03
N ASP A 533 -16.71 15.91 -19.05
CA ASP A 533 -17.60 16.64 -19.93
C ASP A 533 -18.56 15.71 -20.65
N GLU A 534 -18.05 14.59 -21.16
CA GLU A 534 -18.91 13.62 -21.83
C GLU A 534 -19.85 12.96 -20.83
N LEU A 535 -19.37 12.66 -19.63
CA LEU A 535 -20.18 11.93 -18.66
C LEU A 535 -21.38 12.75 -18.20
N LEU A 536 -21.16 14.01 -17.83
CA LEU A 536 -22.26 14.83 -17.34
C LEU A 536 -23.16 15.29 -18.48
N LYS A 537 -22.61 15.41 -19.69
CA LYS A 537 -23.43 15.84 -20.83
C LYS A 537 -24.52 14.81 -21.13
N THR A 538 -24.19 13.53 -21.04
CA THR A 538 -25.14 12.46 -21.32
C THR A 538 -25.97 12.10 -20.09
N PHE A 539 -25.73 12.75 -18.95
CA PHE A 539 -26.51 12.47 -17.76
C PHE A 539 -28.00 12.69 -18.02
N SER A 540 -28.81 11.75 -17.57
CA SER A 540 -30.26 11.79 -17.77
C SER A 540 -30.96 11.41 -16.49
N VAL A 541 -32.13 12.01 -16.27
CA VAL A 541 -32.94 11.66 -15.11
C VAL A 541 -33.40 10.21 -15.17
N MET A 542 -33.45 9.63 -16.37
CA MET A 542 -33.84 8.24 -16.56
C MET A 542 -32.66 7.28 -16.42
N ASN A 543 -31.57 7.72 -15.78
CA ASN A 543 -30.45 6.85 -15.46
C ASN A 543 -30.14 6.83 -13.98
N ALA A 544 -30.25 7.97 -13.30
CA ALA A 544 -30.08 7.99 -11.85
C ALA A 544 -31.27 7.35 -11.13
N TYR A 545 -32.48 7.66 -11.57
CA TYR A 545 -33.66 7.06 -10.97
C TYR A 545 -33.69 5.55 -11.16
N LYS A 546 -32.99 5.05 -12.19
CA LYS A 546 -32.87 3.60 -12.36
C LYS A 546 -32.16 2.98 -11.15
N ARG A 547 -31.09 3.62 -10.68
CA ARG A 547 -30.31 3.09 -9.58
C ARG A 547 -31.01 3.24 -8.23
N ALA A 548 -31.89 4.23 -8.09
CA ALA A 548 -32.55 4.45 -6.80
C ALA A 548 -33.38 3.23 -6.40
N THR A 549 -34.12 2.66 -7.35
CA THR A 549 -34.89 1.45 -7.05
C THR A 549 -33.97 0.29 -6.71
N GLU A 550 -32.86 0.15 -7.43
CA GLU A 550 -31.94 -0.95 -7.17
C GLU A 550 -31.35 -0.88 -5.76
N SER A 551 -31.01 0.33 -5.31
CA SER A 551 -30.34 0.47 -4.02
C SER A 551 -31.20 -0.05 -2.88
N HIS A 552 -32.52 0.00 -3.02
CA HIS A 552 -33.44 -0.38 -1.96
C HIS A 552 -34.26 -1.59 -2.40
N PRO A 553 -33.87 -2.81 -2.00
CA PRO A 553 -34.60 -3.99 -2.47
C PRO A 553 -36.07 -4.02 -2.09
N ARG A 554 -36.44 -3.47 -0.93
CA ARG A 554 -37.82 -3.57 -0.46
C ARG A 554 -38.70 -2.47 -1.05
N ASN A 555 -38.35 -1.21 -0.81
CA ASN A 555 -39.18 -0.11 -1.29
C ASN A 555 -39.15 -0.04 -2.80
N SER A 556 -40.31 0.31 -3.39
CA SER A 556 -40.48 0.39 -4.83
C SER A 556 -40.96 1.78 -5.24
N THR A 557 -40.69 2.79 -4.42
CA THR A 557 -41.14 4.16 -4.70
C THR A 557 -40.14 5.11 -4.05
N ALA A 558 -39.34 5.78 -4.87
CA ALA A 558 -38.32 6.68 -4.35
C ALA A 558 -38.85 8.12 -4.34
N PRO A 559 -38.48 8.92 -3.34
CA PRO A 559 -38.89 10.32 -3.32
C PRO A 559 -38.22 11.12 -4.43
N PHE A 560 -38.85 12.25 -4.77
CA PHE A 560 -38.28 13.14 -5.77
C PHE A 560 -36.89 13.61 -5.36
N ILE A 561 -36.65 13.78 -4.06
CA ILE A 561 -35.36 14.27 -3.60
C ILE A 561 -34.25 13.25 -3.80
N ALA A 562 -34.59 11.97 -3.91
CA ALA A 562 -33.58 10.92 -4.06
C ALA A 562 -32.84 11.02 -5.39
N VAL A 563 -33.37 11.76 -6.36
CA VAL A 563 -32.70 11.89 -7.65
C VAL A 563 -31.32 12.53 -7.47
N LEU A 564 -31.25 13.59 -6.68
CA LEU A 564 -29.98 14.29 -6.50
C LEU A 564 -28.95 13.39 -5.82
N VAL A 565 -29.37 12.68 -4.78
CA VAL A 565 -28.41 11.88 -4.01
C VAL A 565 -27.77 10.81 -4.90
N GLU A 566 -28.60 10.11 -5.68
CA GLU A 566 -28.05 9.10 -6.58
C GLU A 566 -27.18 9.73 -7.66
N ALA A 567 -27.46 10.97 -8.04
CA ALA A 567 -26.64 11.63 -9.06
C ALA A 567 -25.21 11.80 -8.59
N LEU A 568 -25.02 12.19 -7.33
CA LEU A 568 -23.66 12.39 -6.82
C LEU A 568 -22.86 11.10 -6.90
N TYR A 569 -23.43 10.00 -6.38
CA TYR A 569 -22.72 8.74 -6.37
C TYR A 569 -22.52 8.18 -7.78
N TYR A 570 -23.56 8.28 -8.62
CA TYR A 570 -23.41 7.82 -10.00
C TYR A 570 -22.36 8.64 -10.74
N LEU A 571 -22.36 9.95 -10.54
CA LEU A 571 -21.39 10.81 -11.19
C LEU A 571 -20.03 10.81 -10.52
N ALA A 572 -19.93 10.25 -9.31
CA ALA A 572 -18.67 10.17 -8.59
C ALA A 572 -18.02 8.79 -8.71
N ASN A 573 -18.79 7.73 -8.47
CA ASN A 573 -18.23 6.38 -8.58
C ASN A 573 -17.75 6.10 -9.99
N GLU A 574 -18.51 6.51 -10.99
CA GLU A 574 -18.08 6.34 -12.38
C GLU A 574 -16.79 7.11 -12.64
N LEU A 575 -16.70 8.34 -12.12
CA LEU A 575 -15.48 9.13 -12.27
C LEU A 575 -14.30 8.45 -11.57
N GLU A 576 -14.56 7.85 -10.42
CA GLU A 576 -13.48 7.20 -9.68
C GLU A 576 -12.85 6.07 -10.49
N ASP A 577 -13.68 5.27 -11.16
CA ASP A 577 -13.14 4.16 -11.94
C ASP A 577 -12.20 4.65 -13.04
N ALA A 578 -12.42 5.87 -13.53
CA ALA A 578 -11.57 6.38 -14.60
C ALA A 578 -10.11 6.50 -14.15
N PHE A 579 -9.89 7.01 -12.94
CA PHE A 579 -8.53 7.11 -12.43
C PHE A 579 -7.89 5.73 -12.28
N ILE A 580 -8.63 4.78 -11.71
CA ILE A 580 -8.06 3.47 -11.44
C ILE A 580 -7.65 2.79 -12.73
N GLU A 581 -8.51 2.84 -13.75
CA GLU A 581 -8.18 2.22 -15.03
C GLU A 581 -6.97 2.90 -15.67
N ALA A 582 -6.94 4.23 -15.64
CA ALA A 582 -5.86 4.95 -16.29
C ALA A 582 -4.57 4.89 -15.47
N ILE A 583 -4.69 4.88 -14.14
CA ILE A 583 -3.49 4.84 -13.29
C ILE A 583 -2.72 3.56 -13.53
N HIS A 584 -3.43 2.43 -13.64
CA HIS A 584 -2.76 1.17 -13.95
C HIS A 584 -2.04 1.26 -15.29
N GLU A 585 -2.68 1.89 -16.29
CA GLU A 585 -2.05 2.05 -17.59
C GLU A 585 -0.79 2.91 -17.52
N LEU A 586 -0.69 3.78 -16.52
CA LEU A 586 0.46 4.68 -16.40
C LEU A 586 1.63 4.00 -15.70
N VAL A 587 1.40 3.40 -14.53
CA VAL A 587 2.48 2.80 -13.77
C VAL A 587 3.11 1.65 -14.55
N LYS A 588 2.28 0.81 -15.16
CA LYS A 588 2.82 -0.34 -15.89
C LYS A 588 3.72 0.10 -17.03
N ASN A 589 3.30 1.13 -17.78
CA ASN A 589 4.11 1.59 -18.91
C ASN A 589 5.44 2.17 -18.43
N PHE A 590 5.44 2.85 -17.28
CA PHE A 590 6.67 3.46 -16.79
C PHE A 590 7.73 2.40 -16.49
N PHE A 591 7.33 1.32 -15.81
CA PHE A 591 8.31 0.32 -15.39
C PHE A 591 8.97 -0.35 -16.58
N GLN A 592 8.19 -0.69 -17.62
CA GLN A 592 8.79 -1.28 -18.81
C GLN A 592 9.74 -0.30 -19.47
N ARG A 593 9.40 0.99 -19.47
CA ARG A 593 10.32 1.99 -19.98
C ARG A 593 11.62 2.04 -19.18
N LEU A 594 11.56 1.70 -17.89
CA LEU A 594 12.73 1.74 -17.03
C LEU A 594 13.54 0.45 -17.12
N GLY A 595 12.90 -0.70 -16.93
CA GLY A 595 13.62 -1.96 -17.02
C GLY A 595 14.23 -2.18 -18.39
N ASP A 596 13.51 -1.80 -19.44
CA ASP A 596 14.03 -1.99 -20.80
C ASP A 596 15.31 -1.18 -21.01
N ARG A 597 15.33 0.07 -20.54
CA ARG A 597 16.51 0.92 -20.71
C ARG A 597 17.56 0.65 -19.64
N LEU A 598 17.19 -0.02 -18.54
CA LEU A 598 18.14 -0.26 -17.46
C LEU A 598 19.16 -1.32 -17.83
N ARG A 599 18.77 -2.30 -18.64
CA ARG A 599 19.69 -3.39 -18.98
C ARG A 599 20.76 -2.93 -19.97
N LYS A 600 20.41 -2.01 -20.88
CA LYS A 600 21.39 -1.59 -21.89
C LYS A 600 22.59 -0.89 -21.25
N VAL A 601 22.34 -0.04 -20.25
CA VAL A 601 23.43 0.73 -19.66
C VAL A 601 24.41 -0.21 -18.97
N ASP A 602 25.68 0.21 -18.94
CA ASP A 602 26.74 -0.63 -18.41
C ASP A 602 26.60 -0.90 -16.91
N CYS A 603 25.86 -0.06 -16.19
CA CYS A 603 25.68 -0.27 -14.75
C CYS A 603 25.14 -1.65 -14.46
N TYR A 604 23.93 -1.93 -14.95
CA TYR A 604 23.32 -3.24 -14.77
C TYR A 604 23.97 -4.32 -15.64
N HIS A 605 24.70 -3.91 -16.69
CA HIS A 605 25.33 -4.89 -17.57
C HIS A 605 26.53 -5.55 -16.88
N GLN A 606 27.36 -4.76 -16.20
CA GLN A 606 28.56 -5.29 -15.57
C GLN A 606 28.26 -6.23 -14.41
N VAL A 607 27.03 -6.22 -13.89
CA VAL A 607 26.71 -7.05 -12.74
C VAL A 607 26.86 -8.53 -13.09
N TYR A 608 26.37 -8.93 -14.27
CA TYR A 608 26.30 -10.34 -14.63
C TYR A 608 27.63 -10.92 -15.08
N ARG A 609 28.63 -10.08 -15.34
CA ARG A 609 29.96 -10.58 -15.64
C ARG A 609 30.70 -11.04 -14.39
N LEU A 610 30.30 -10.59 -13.21
CA LEU A 610 30.95 -10.92 -11.96
C LEU A 610 30.03 -11.65 -11.00
N VAL A 611 28.83 -11.11 -10.75
CA VAL A 611 27.94 -11.70 -9.76
C VAL A 611 27.45 -13.06 -10.24
N GLY A 612 26.97 -13.13 -11.49
CA GLY A 612 26.49 -14.35 -12.09
C GLY A 612 25.00 -14.35 -12.39
N ASN A 613 24.23 -13.55 -11.67
CA ASN A 613 22.78 -13.53 -11.85
C ASN A 613 22.25 -12.16 -11.42
N ASP A 614 20.92 -12.02 -11.44
CA ASP A 614 20.31 -10.74 -11.09
C ASP A 614 20.57 -10.37 -9.64
N GLY A 615 20.49 -11.34 -8.73
CA GLY A 615 20.57 -11.02 -7.32
C GLY A 615 19.30 -10.44 -6.75
N GLY A 616 18.17 -10.61 -7.43
CA GLY A 616 16.91 -10.09 -6.97
C GLY A 616 16.52 -8.73 -7.53
N ILE A 617 17.33 -8.17 -8.43
CA ILE A 617 17.03 -6.85 -8.99
C ILE A 617 15.67 -6.88 -9.68
N GLU A 618 15.48 -7.86 -10.58
CA GLU A 618 14.19 -7.99 -11.25
C GLU A 618 13.09 -8.36 -10.26
N GLN A 619 13.39 -9.24 -9.32
CA GLN A 619 12.38 -9.64 -8.33
C GLN A 619 11.93 -8.45 -7.50
N LEU A 620 12.88 -7.65 -7.01
CA LEU A 620 12.52 -6.47 -6.24
C LEU A 620 11.76 -5.46 -7.10
N LEU A 621 12.21 -5.27 -8.34
CA LEU A 621 11.54 -4.31 -9.22
C LEU A 621 10.08 -4.70 -9.43
N ARG A 622 9.83 -5.97 -9.76
CA ARG A 622 8.45 -6.43 -9.91
C ARG A 622 7.71 -6.36 -8.58
N ARG A 623 8.36 -6.73 -7.48
CA ARG A 623 7.72 -6.65 -6.18
C ARG A 623 7.37 -5.21 -5.82
N ALA A 624 8.29 -4.28 -6.06
CA ALA A 624 8.04 -2.88 -5.76
C ALA A 624 6.91 -2.33 -6.60
N GLU A 625 6.85 -2.71 -7.87
CA GLU A 625 5.81 -2.21 -8.77
C GLU A 625 4.43 -2.49 -8.20
N GLU A 626 4.24 -3.68 -7.61
CA GLU A 626 2.96 -4.01 -7.01
C GLU A 626 2.63 -3.05 -5.87
N ASP A 627 3.62 -2.74 -5.02
CA ASP A 627 3.39 -1.84 -3.91
C ASP A 627 3.00 -0.45 -4.38
N ILE A 628 3.67 0.04 -5.43
CA ILE A 628 3.38 1.39 -5.93
C ILE A 628 1.94 1.48 -6.41
N THR A 629 1.47 0.46 -7.14
CA THR A 629 0.11 0.48 -7.66
C THR A 629 -0.90 0.54 -6.52
N LYS A 630 -0.69 -0.24 -5.46
CA LYS A 630 -1.62 -0.24 -4.34
C LYS A 630 -1.68 1.13 -3.67
N ALA A 631 -0.52 1.76 -3.46
CA ALA A 631 -0.49 3.03 -2.76
C ALA A 631 -1.25 4.11 -3.52
N LEU A 632 -1.01 4.22 -4.83
CA LEU A 632 -1.68 5.23 -5.63
C LEU A 632 -3.17 4.98 -5.70
N VAL A 633 -3.57 3.72 -5.84
CA VAL A 633 -4.99 3.38 -5.94
C VAL A 633 -5.73 3.82 -4.67
N ASN A 634 -5.14 3.51 -3.51
CA ASN A 634 -5.76 3.93 -2.26
C ASN A 634 -5.83 5.45 -2.15
N GLU A 635 -4.74 6.13 -2.51
CA GLU A 635 -4.74 7.59 -2.44
C GLU A 635 -5.76 8.20 -3.40
N ALA A 636 -5.84 7.66 -4.61
CA ALA A 636 -6.80 8.19 -5.58
C ALA A 636 -8.23 8.00 -5.10
N ARG A 637 -8.54 6.84 -4.54
CA ARG A 637 -9.90 6.59 -4.05
C ARG A 637 -10.25 7.53 -2.91
N THR A 638 -9.28 7.80 -2.02
CA THR A 638 -9.55 8.67 -0.88
C THR A 638 -10.00 10.06 -1.35
N GLU A 639 -9.29 10.62 -2.34
CA GLU A 639 -9.70 11.92 -2.88
C GLU A 639 -11.05 11.81 -3.57
N CYS A 640 -11.29 10.72 -4.29
CA CYS A 640 -12.58 10.54 -4.98
C CYS A 640 -13.75 10.50 -4.01
N ASP A 641 -13.50 10.21 -2.73
CA ASP A 641 -14.57 10.18 -1.75
C ASP A 641 -14.97 11.55 -1.26
N ARG A 642 -14.22 12.60 -1.59
CA ARG A 642 -14.53 13.94 -1.12
C ARG A 642 -15.47 14.70 -2.05
N TYR A 643 -15.57 14.30 -3.33
CA TYR A 643 -16.45 14.99 -4.25
C TYR A 643 -17.91 14.81 -3.85
N VAL A 644 -18.27 13.69 -3.24
CA VAL A 644 -19.68 13.40 -2.96
C VAL A 644 -20.27 14.46 -2.04
N ARG A 645 -19.52 14.86 -1.00
CA ARG A 645 -20.04 15.86 -0.08
C ARG A 645 -20.32 17.16 -0.83
N GLU A 646 -21.47 17.75 -0.55
CA GLU A 646 -21.91 18.94 -1.28
C GLU A 646 -21.20 20.18 -0.73
N SER A 647 -20.63 20.97 -1.63
CA SER A 647 -20.03 22.24 -1.28
C SER A 647 -21.09 23.33 -1.29
N PRO A 648 -20.80 24.49 -0.71
CA PRO A 648 -21.78 25.59 -0.75
C PRO A 648 -22.19 25.97 -2.16
N ARG A 649 -21.28 25.83 -3.14
CA ARG A 649 -21.63 26.12 -4.52
C ARG A 649 -22.71 25.17 -5.04
N PHE A 650 -22.84 23.99 -4.43
CA PHE A 650 -23.82 23.02 -4.90
C PHE A 650 -25.23 23.60 -4.88
N TYR A 651 -25.53 24.48 -3.93
CA TYR A 651 -26.84 25.12 -3.82
C TYR A 651 -26.74 26.56 -4.29
N ASP A 652 -27.70 26.98 -5.11
CA ASP A 652 -27.75 28.35 -5.61
C ASP A 652 -29.20 28.64 -6.02
N GLU A 653 -29.79 29.67 -5.40
CA GLU A 653 -31.19 29.97 -5.65
C GLU A 653 -31.45 30.22 -7.13
N GLY A 654 -30.64 31.08 -7.75
CA GLY A 654 -30.86 31.42 -9.15
C GLY A 654 -30.62 30.24 -10.07
N THR A 655 -29.54 29.49 -9.85
CA THR A 655 -29.20 28.39 -10.75
C THR A 655 -30.27 27.31 -10.73
N PHE A 656 -30.77 26.96 -9.55
CA PHE A 656 -31.75 25.89 -9.43
C PHE A 656 -32.37 25.96 -8.04
N SER A 657 -33.67 25.68 -7.97
CA SER A 657 -34.41 25.70 -6.72
C SER A 657 -34.93 24.29 -6.44
N ILE A 658 -34.69 23.80 -5.23
CA ILE A 658 -35.20 22.49 -4.83
C ILE A 658 -36.71 22.47 -4.67
N TYR A 659 -37.32 23.64 -4.55
CA TYR A 659 -38.75 23.75 -4.28
C TYR A 659 -39.60 23.78 -5.54
N GLN A 660 -38.99 23.74 -6.72
CA GLN A 660 -39.77 23.65 -7.95
C GLN A 660 -40.47 22.31 -8.08
N PHE A 661 -40.07 21.31 -7.29
CA PHE A 661 -40.76 20.03 -7.31
C PHE A 661 -42.22 20.20 -6.87
N ARG A 662 -42.47 21.13 -5.94
CA ARG A 662 -43.84 21.40 -5.53
C ARG A 662 -44.72 21.71 -6.73
N GLN A 663 -44.20 22.47 -7.70
CA GLN A 663 -44.95 22.73 -8.91
C GLN A 663 -45.29 21.43 -9.64
N THR A 664 -44.43 20.42 -9.54
CA THR A 664 -44.71 19.11 -10.08
C THR A 664 -45.49 18.22 -9.12
N LEU A 665 -45.66 18.65 -7.87
CA LEU A 665 -46.43 17.90 -6.88
C LEU A 665 -47.79 18.52 -6.59
N GLN A 666 -47.95 19.82 -6.80
CA GLN A 666 -49.22 20.51 -6.53
C GLN A 666 -50.20 20.18 -7.65
N GLN A 667 -50.77 18.97 -7.56
CA GLN A 667 -51.77 18.51 -8.52
C GLN A 667 -51.23 18.55 -9.95
N THR A 668 -49.95 18.21 -10.10
CA THR A 668 -49.31 18.14 -11.41
C THR A 668 -48.89 16.73 -11.75
N SER A 669 -48.12 16.07 -10.88
CA SER A 669 -47.73 14.67 -11.07
C SER A 669 -48.83 13.80 -10.48
N GLN A 670 -49.77 13.38 -11.33
CA GLN A 670 -50.93 12.64 -10.86
C GLN A 670 -50.52 11.26 -10.35
N GLY A 671 -49.93 10.44 -11.22
CA GLY A 671 -49.53 9.11 -10.82
C GLY A 671 -48.22 9.09 -10.06
N TYR A 672 -47.96 7.95 -9.42
CA TYR A 672 -46.71 7.72 -8.70
C TYR A 672 -45.63 7.28 -9.68
N ASP A 673 -45.27 8.21 -10.57
CA ASP A 673 -44.25 7.98 -11.59
C ASP A 673 -43.23 9.10 -11.51
N ALA A 674 -42.25 9.04 -12.41
CA ALA A 674 -41.17 10.03 -12.49
C ALA A 674 -40.97 10.47 -13.93
N GLN A 675 -42.07 10.75 -14.63
CA GLN A 675 -42.02 11.18 -16.01
C GLN A 675 -42.05 12.71 -16.15
N ALA A 676 -42.90 13.38 -15.37
CA ALA A 676 -42.98 14.83 -15.45
C ALA A 676 -41.69 15.49 -15.01
N ILE A 677 -40.94 14.85 -14.11
CA ILE A 677 -39.68 15.41 -13.62
C ILE A 677 -38.67 15.56 -14.74
N VAL A 678 -38.83 14.80 -15.83
CA VAL A 678 -37.87 14.86 -16.93
C VAL A 678 -37.78 16.27 -17.50
N GLU A 679 -38.84 17.06 -17.34
CA GLU A 679 -38.83 18.42 -17.87
C GLU A 679 -37.73 19.26 -17.22
N ALA A 680 -37.35 18.93 -15.99
CA ALA A 680 -36.33 19.68 -15.27
C ALA A 680 -34.92 19.18 -15.52
N GLU A 681 -34.75 18.20 -16.41
CA GLU A 681 -33.41 17.68 -16.67
C GLU A 681 -32.43 18.75 -17.13
N PRO A 682 -32.79 19.68 -18.03
CA PRO A 682 -31.80 20.68 -18.46
C PRO A 682 -31.25 21.52 -17.32
N ALA A 683 -32.08 21.84 -16.33
CA ALA A 683 -31.63 22.72 -15.25
C ALA A 683 -30.63 22.03 -14.33
N ILE A 684 -30.91 20.77 -13.96
CA ILE A 684 -30.04 20.07 -13.03
C ILE A 684 -28.64 19.86 -13.62
N LYS A 685 -28.56 19.65 -14.94
CA LYS A 685 -27.26 19.42 -15.55
C LYS A 685 -26.33 20.61 -15.33
N GLU A 686 -26.84 21.83 -15.48
CA GLU A 686 -26.02 23.01 -15.24
C GLU A 686 -25.58 23.08 -13.79
N LEU A 687 -26.47 22.74 -12.85
CA LEU A 687 -26.14 22.82 -11.44
C LEU A 687 -24.98 21.89 -11.09
N LEU A 688 -25.01 20.65 -11.59
CA LEU A 688 -23.94 19.72 -11.31
C LEU A 688 -22.62 20.21 -11.90
N LYS A 689 -22.68 20.80 -13.09
CA LYS A 689 -21.47 21.35 -13.70
C LYS A 689 -20.82 22.39 -12.78
N LEU A 690 -21.64 23.28 -12.21
CA LEU A 690 -21.10 24.31 -11.33
C LEU A 690 -20.45 23.70 -10.10
N ASP A 691 -21.07 22.68 -9.52
CA ASP A 691 -20.55 22.10 -8.28
C ASP A 691 -19.24 21.35 -8.53
N PHE A 692 -19.23 20.48 -9.54
CA PHE A 692 -18.09 19.58 -9.73
C PHE A 692 -16.94 20.23 -10.50
N GLU A 693 -17.24 21.13 -11.44
CA GLU A 693 -16.19 21.68 -12.29
C GLU A 693 -15.04 22.29 -11.47
N PRO A 694 -15.28 23.07 -10.43
CA PRO A 694 -14.14 23.58 -9.65
C PRO A 694 -13.41 22.50 -8.89
N LYS A 695 -14.13 21.54 -8.30
CA LYS A 695 -13.49 20.52 -7.48
C LYS A 695 -12.60 19.62 -8.33
N VAL A 696 -13.13 19.10 -9.45
CA VAL A 696 -12.36 18.17 -10.27
C VAL A 696 -11.14 18.87 -10.86
N PHE A 697 -11.31 20.10 -11.35
CA PHE A 697 -10.17 20.83 -11.90
C PHE A 697 -9.12 21.09 -10.82
N ASN A 698 -9.56 21.36 -9.59
CA ASN A 698 -8.62 21.62 -8.51
C ASN A 698 -7.74 20.41 -8.24
N THR A 699 -8.32 19.21 -8.25
CA THR A 699 -7.58 18.02 -7.88
C THR A 699 -6.56 17.64 -8.95
N VAL A 700 -7.04 17.41 -10.18
CA VAL A 700 -6.16 16.92 -11.23
C VAL A 700 -5.05 17.93 -11.53
N ARG A 701 -5.41 19.21 -11.59
CA ARG A 701 -4.44 20.23 -12.01
C ARG A 701 -3.38 20.46 -10.93
N LYS A 702 -3.78 20.54 -9.66
CA LYS A 702 -2.88 20.85 -8.56
C LYS A 702 -2.45 19.63 -7.77
N ASN A 703 -3.41 18.89 -7.21
CA ASN A 703 -3.09 17.90 -6.18
C ASN A 703 -2.51 16.62 -6.77
N PHE A 704 -3.04 16.15 -7.90
CA PHE A 704 -2.67 14.84 -8.41
C PHE A 704 -1.18 14.78 -8.75
N ARG A 705 -0.64 15.85 -9.33
CA ARG A 705 0.76 15.82 -9.77
C ARG A 705 1.70 15.58 -8.61
N GLN A 706 1.47 16.26 -7.48
CA GLN A 706 2.39 16.15 -6.35
C GLN A 706 2.44 14.72 -5.81
N THR A 707 1.28 14.06 -5.70
CA THR A 707 1.24 12.75 -5.08
C THR A 707 2.06 11.74 -5.88
N VAL A 708 1.95 11.76 -7.21
CA VAL A 708 2.65 10.78 -8.03
C VAL A 708 4.16 10.95 -7.88
N ASN A 709 4.64 12.20 -7.95
CA ASN A 709 6.08 12.44 -7.90
C ASN A 709 6.66 11.99 -6.56
N ASN A 710 6.06 12.42 -5.46
CA ASN A 710 6.57 12.04 -4.14
C ASN A 710 6.45 10.54 -3.91
N THR A 711 5.33 9.94 -4.32
CA THR A 711 5.12 8.53 -4.06
C THR A 711 6.18 7.66 -4.75
N LEU A 712 6.51 7.99 -6.00
CA LEU A 712 7.51 7.20 -6.72
C LEU A 712 8.87 7.30 -6.05
N LYS A 713 9.27 8.51 -5.64
CA LYS A 713 10.59 8.69 -5.06
C LYS A 713 10.68 8.13 -3.65
N THR A 714 9.62 8.30 -2.86
CA THR A 714 9.65 7.86 -1.47
C THR A 714 9.77 6.35 -1.34
N HIS A 715 9.35 5.59 -2.36
CA HIS A 715 9.39 4.13 -2.32
C HIS A 715 10.53 3.56 -3.15
N LEU A 716 10.85 4.17 -4.30
CA LEU A 716 11.86 3.60 -5.17
C LEU A 716 13.25 3.68 -4.55
N LEU A 717 13.62 4.84 -4.01
CA LEU A 717 14.95 5.02 -3.46
C LEU A 717 15.24 4.05 -2.32
N PRO A 718 14.41 3.93 -1.29
CA PRO A 718 14.72 2.97 -0.22
C PRO A 718 14.87 1.55 -0.74
N MET A 719 14.08 1.17 -1.74
CA MET A 719 14.25 -0.13 -2.37
C MET A 719 15.62 -0.23 -3.03
N ALA A 720 16.02 0.82 -3.76
CA ALA A 720 17.32 0.80 -4.41
C ALA A 720 18.45 0.73 -3.39
N GLU A 721 18.33 1.48 -2.29
CA GLU A 721 19.35 1.41 -1.26
C GLU A 721 19.44 0.01 -0.66
N GLU A 722 18.28 -0.62 -0.43
CA GLU A 722 18.28 -1.99 0.04
C GLU A 722 18.94 -2.92 -0.98
N GLN A 723 18.81 -2.60 -2.27
CA GLN A 723 19.45 -3.42 -3.29
C GLN A 723 20.97 -3.41 -3.14
N ALA A 724 21.53 -2.29 -2.67
CA ALA A 724 22.96 -2.22 -2.45
C ALA A 724 23.42 -3.08 -1.28
N GLN A 725 22.52 -3.37 -0.34
CA GLN A 725 22.84 -4.19 0.81
C GLN A 725 22.70 -5.68 0.54
N ILE A 726 22.19 -6.06 -0.63
CA ILE A 726 22.00 -7.47 -0.97
C ILE A 726 22.90 -7.83 -2.13
N ILE A 727 23.23 -6.85 -2.98
CA ILE A 727 24.14 -7.11 -4.09
C ILE A 727 25.52 -7.49 -3.55
N LEU A 728 26.03 -6.74 -2.56
CA LEU A 728 27.29 -7.07 -1.93
C LEU A 728 27.14 -8.16 -0.87
N GLU A 729 25.90 -8.49 -0.48
CA GLU A 729 25.70 -9.53 0.51
C GLU A 729 26.19 -10.87 0.03
N GLN A 730 26.16 -11.11 -1.29
CA GLN A 730 26.54 -12.39 -1.88
C GLN A 730 27.92 -12.34 -2.49
N TYR A 731 28.85 -11.62 -1.84
CA TYR A 731 30.23 -11.62 -2.30
C TYR A 731 30.86 -13.00 -2.20
N ASP A 732 30.38 -13.84 -1.29
CA ASP A 732 30.98 -15.15 -1.08
C ASP A 732 30.76 -16.06 -2.29
N VAL A 733 29.52 -16.15 -2.76
CA VAL A 733 29.21 -17.08 -3.84
C VAL A 733 29.98 -16.69 -5.11
N ALA A 734 30.03 -15.40 -5.41
CA ALA A 734 30.73 -14.96 -6.61
C ALA A 734 32.20 -15.37 -6.60
N ARG A 735 32.80 -15.45 -5.40
CA ARG A 735 34.20 -15.85 -5.31
C ARG A 735 34.39 -17.29 -5.80
N LYS A 736 33.47 -18.19 -5.41
CA LYS A 736 33.58 -19.58 -5.87
C LYS A 736 33.42 -19.66 -7.39
N TYR A 737 32.47 -18.91 -7.94
CA TYR A 737 32.30 -18.88 -9.39
C TYR A 737 33.56 -18.34 -10.07
N ARG A 738 34.13 -17.27 -9.53
CA ARG A 738 35.34 -16.69 -10.10
C ARG A 738 36.55 -17.56 -9.86
N GLU A 739 36.53 -18.42 -8.84
CA GLU A 739 37.70 -19.23 -8.51
C GLU A 739 38.13 -20.11 -9.67
N GLN A 740 37.20 -20.43 -10.58
CA GLN A 740 37.53 -21.30 -11.70
C GLN A 740 38.58 -20.66 -12.61
N THR A 741 38.46 -19.36 -12.86
CA THR A 741 39.30 -18.68 -13.84
C THR A 741 40.47 -17.92 -13.24
N LEU A 742 40.49 -17.71 -11.92
CA LEU A 742 41.54 -16.89 -11.32
C LEU A 742 42.91 -17.54 -11.43
N GLU A 743 42.99 -18.87 -11.54
CA GLU A 743 44.29 -19.52 -11.60
C GLU A 743 45.04 -19.12 -12.86
N GLN A 744 44.35 -19.08 -14.00
CA GLN A 744 45.02 -18.76 -15.26
C GLN A 744 45.56 -17.34 -15.25
N ASP A 745 44.79 -16.39 -14.73
CA ASP A 745 45.22 -15.00 -14.74
C ASP A 745 46.47 -14.81 -13.89
N ALA A 746 46.52 -15.44 -12.72
CA ALA A 746 47.67 -15.27 -11.83
C ALA A 746 48.94 -15.77 -12.49
N GLU A 747 48.94 -17.00 -12.98
CA GLU A 747 50.13 -17.56 -13.62
C GLU A 747 50.46 -16.81 -14.91
N GLU A 748 49.44 -16.45 -15.69
CA GLU A 748 49.69 -15.74 -16.94
C GLU A 748 50.29 -14.37 -16.68
N LYS A 749 49.78 -13.65 -15.69
CA LYS A 749 50.24 -12.30 -15.43
C LYS A 749 51.70 -12.29 -15.00
N ILE A 750 52.08 -13.18 -14.09
CA ILE A 750 53.47 -13.23 -13.63
C ILE A 750 54.39 -13.63 -14.77
N ALA A 751 53.94 -14.53 -15.64
CA ALA A 751 54.75 -14.92 -16.79
C ALA A 751 55.06 -13.71 -17.66
N ARG A 752 54.06 -12.86 -17.91
CA ARG A 752 54.32 -11.62 -18.62
C ARG A 752 55.26 -10.73 -17.83
N ASN A 753 55.05 -10.62 -16.52
CA ASN A 753 55.94 -9.81 -15.69
C ASN A 753 57.36 -10.34 -15.73
N SER A 754 57.52 -11.66 -15.62
CA SER A 754 58.85 -12.26 -15.67
C SER A 754 59.48 -12.06 -17.04
N ARG A 755 58.70 -12.22 -18.12
CA ARG A 755 59.27 -12.10 -19.46
C ARG A 755 59.84 -10.71 -19.69
N LEU A 756 59.11 -9.67 -19.29
CA LEU A 756 59.60 -8.31 -19.45
C LEU A 756 60.71 -8.01 -18.45
N GLN A 757 60.57 -8.51 -17.21
CA GLN A 757 61.61 -8.31 -16.22
C GLN A 757 62.92 -8.98 -16.65
N SER A 758 62.82 -10.19 -17.21
CA SER A 758 64.01 -10.85 -17.73
C SER A 758 64.50 -10.19 -19.01
N GLU A 759 63.59 -9.72 -19.85
CA GLU A 759 63.99 -9.08 -21.10
C GLU A 759 64.84 -7.85 -20.85
N ILE A 760 64.41 -7.00 -19.91
CA ILE A 760 65.18 -5.81 -19.60
C ILE A 760 66.52 -6.18 -18.97
N LYS A 761 66.52 -7.24 -18.16
CA LYS A 761 67.77 -7.70 -17.55
C LYS A 761 68.82 -8.03 -18.61
N GLN A 762 68.38 -8.51 -19.78
CA GLN A 762 69.33 -8.82 -20.84
C GLN A 762 69.96 -7.55 -21.40
N LYS A 763 69.18 -6.48 -21.53
CA LYS A 763 69.70 -5.25 -22.16
C LYS A 763 70.81 -4.63 -21.33
N ILE A 764 70.64 -4.58 -20.00
CA ILE A 764 71.63 -3.92 -19.16
C ILE A 764 72.95 -4.67 -19.22
N ASP A 765 72.91 -6.00 -19.32
CA ASP A 765 74.14 -6.77 -19.44
C ASP A 765 74.93 -6.35 -20.68
N LEU A 766 74.25 -6.18 -21.81
CA LEU A 766 74.91 -5.68 -23.00
C LEU A 766 75.47 -4.27 -22.77
N TYR A 767 74.69 -3.41 -22.12
CA TYR A 767 75.15 -2.06 -21.81
C TYR A 767 76.36 -2.09 -20.90
N GLN A 768 76.35 -2.95 -19.88
CA GLN A 768 77.44 -2.97 -18.92
C GLN A 768 78.75 -3.37 -19.57
N THR A 769 78.72 -4.36 -20.46
CA THR A 769 79.95 -4.82 -21.10
C THR A 769 80.59 -3.73 -21.94
N SER A 770 79.78 -3.02 -22.72
CA SER A 770 80.33 -2.00 -23.63
C SER A 770 80.99 -0.87 -22.86
N ILE A 771 80.33 -0.40 -21.79
CA ILE A 771 80.85 0.76 -21.07
C ILE A 771 82.16 0.41 -20.37
N VAL A 772 82.27 -0.80 -19.84
CA VAL A 772 83.49 -1.22 -19.16
C VAL A 772 84.67 -1.14 -20.13
N SER A 773 84.48 -1.63 -21.36
CA SER A 773 85.55 -1.55 -22.35
C SER A 773 85.88 -0.11 -22.70
N ILE A 774 84.86 0.74 -22.78
CA ILE A 774 85.10 2.15 -23.13
C ILE A 774 86.00 2.80 -22.10
N ASN A 775 85.68 2.62 -20.82
CA ASN A 775 86.50 3.20 -19.76
C ASN A 775 87.89 2.57 -19.74
N GLU A 776 87.98 1.27 -20.02
CA GLU A 776 89.28 0.61 -20.00
C GLU A 776 90.22 1.21 -21.04
N CYS A 777 89.72 1.46 -22.24
CA CYS A 777 90.55 2.04 -23.29
C CYS A 777 90.90 3.49 -22.98
N LEU A 778 89.90 4.28 -22.57
CA LEU A 778 90.14 5.68 -22.24
C LEU A 778 90.97 5.83 -20.99
N LYS A 779 91.01 4.81 -20.13
CA LYS A 779 91.83 4.87 -18.92
C LYS A 779 93.31 5.06 -19.25
N ALA A 780 93.74 4.71 -20.45
CA ALA A 780 95.15 4.78 -20.79
C ALA A 780 95.65 6.22 -20.87
N MET A 781 94.76 7.20 -21.05
CA MET A 781 95.17 8.59 -21.19
C MET A 781 94.42 9.58 -20.31
N GLN A 782 93.21 9.25 -19.85
CA GLN A 782 92.42 10.22 -19.09
C GLN A 782 91.63 9.47 -18.02
N ILE A 783 91.23 10.22 -16.99
CA ILE A 783 90.54 9.66 -15.83
C ILE A 783 89.05 10.01 -15.85
N PHE A 784 88.54 10.46 -16.99
CA PHE A 784 87.12 10.81 -17.13
C PHE A 784 86.37 9.54 -17.48
N GLU A 785 85.80 8.90 -16.47
CA GLU A 785 85.14 7.61 -16.61
C GLU A 785 83.64 7.74 -16.39
N GLN A 786 82.89 6.83 -17.01
CA GLN A 786 81.44 6.82 -16.92
C GLN A 786 81.01 5.95 -15.74
N LEU A 787 79.69 5.67 -15.62
CA LEU A 787 79.16 4.96 -14.46
C LEU A 787 79.00 3.47 -14.75
N PRO A 788 79.27 2.60 -13.77
CA PRO A 788 78.89 1.19 -13.91
C PRO A 788 77.48 0.93 -13.39
N VAL A 789 77.01 -0.31 -13.55
CA VAL A 789 75.70 -0.73 -13.05
C VAL A 789 75.93 -2.05 -12.31
N ILE A 790 75.71 -2.03 -11.00
CA ILE A 790 75.98 -3.20 -10.15
C ILE A 790 75.18 -3.06 -8.87
N THR A 791 74.91 -4.20 -8.23
CA THR A 791 74.15 -4.28 -6.99
C THR A 791 72.93 -3.37 -7.02
N GLU A 792 72.18 -3.46 -8.12
CA GLU A 792 70.94 -2.71 -8.23
C GLU A 792 69.96 -3.06 -7.12
N SER A 793 69.95 -4.32 -6.70
CA SER A 793 69.06 -4.76 -5.63
C SER A 793 67.60 -4.47 -5.97
N SER B 2 47.27 -14.46 -36.78
CA SER B 2 48.39 -14.98 -35.96
C SER B 2 47.86 -15.72 -34.74
N LYS B 3 46.73 -15.26 -34.21
CA LYS B 3 46.10 -15.87 -33.04
C LYS B 3 45.03 -16.88 -33.42
N ILE B 4 44.90 -17.22 -34.70
CA ILE B 4 43.91 -18.21 -35.12
C ILE B 4 44.14 -19.49 -34.33
N ALA B 5 43.06 -20.06 -33.80
CA ALA B 5 43.13 -21.22 -32.94
C ALA B 5 42.16 -22.28 -33.44
N PRO B 6 42.43 -23.56 -33.14
CA PRO B 6 41.50 -24.61 -33.57
C PRO B 6 40.09 -24.43 -33.03
N GLN B 7 39.94 -23.85 -31.83
CA GLN B 7 38.62 -23.64 -31.27
C GLN B 7 37.83 -22.60 -32.06
N CYS B 8 38.53 -21.64 -32.69
CA CYS B 8 37.85 -20.59 -33.45
C CYS B 8 37.22 -21.10 -34.74
N GLN B 9 37.60 -22.28 -35.22
CA GLN B 9 37.04 -22.79 -36.47
C GLN B 9 35.54 -23.01 -36.35
N ASN B 10 35.10 -23.56 -35.22
CA ASN B 10 33.69 -23.84 -34.97
C ASN B 10 33.02 -22.79 -34.10
N LEU B 11 33.76 -21.78 -33.64
CA LEU B 11 33.17 -20.79 -32.75
C LEU B 11 32.04 -20.03 -33.42
N ARG B 12 32.26 -19.59 -34.67
CA ARG B 12 31.24 -18.79 -35.35
C ARG B 12 29.98 -19.60 -35.61
N GLU B 13 30.13 -20.88 -35.97
CA GLU B 13 28.96 -21.72 -36.19
C GLU B 13 28.12 -21.86 -34.93
N GLN B 14 28.73 -21.72 -33.75
CA GLN B 14 27.98 -21.85 -32.51
C GLN B 14 27.03 -20.68 -32.31
N VAL B 15 27.51 -19.46 -32.48
CA VAL B 15 26.66 -18.29 -32.28
C VAL B 15 25.52 -18.29 -33.29
N ASN B 16 25.74 -18.87 -34.48
CA ASN B 16 24.64 -19.02 -35.42
C ASN B 16 23.49 -19.78 -34.78
N GLN B 17 23.79 -20.78 -33.96
CA GLN B 17 22.75 -21.47 -33.21
C GLN B 17 22.08 -20.51 -32.23
N LEU B 18 22.86 -19.67 -31.55
CA LEU B 18 22.28 -18.72 -30.61
C LEU B 18 21.29 -17.80 -31.30
N ILE B 19 21.63 -17.31 -32.49
CA ILE B 19 20.70 -16.50 -33.25
C ILE B 19 19.45 -17.30 -33.58
N GLU B 20 19.63 -18.59 -33.88
CA GLU B 20 18.48 -19.44 -34.19
C GLU B 20 17.54 -19.55 -32.99
N LEU B 21 18.10 -19.77 -31.80
CA LEU B 21 17.26 -19.86 -30.60
C LEU B 21 16.50 -18.57 -30.34
N LEU B 22 17.18 -17.43 -30.51
CA LEU B 22 16.53 -16.15 -30.28
C LEU B 22 15.35 -15.94 -31.22
N ARG B 23 15.53 -16.31 -32.49
CA ARG B 23 14.48 -16.11 -33.48
C ARG B 23 13.28 -17.01 -33.22
N GLN B 24 13.51 -18.22 -32.70
CA GLN B 24 12.40 -19.15 -32.49
C GLN B 24 11.38 -18.59 -31.50
N GLU B 25 11.84 -18.00 -30.41
CA GLU B 25 10.93 -17.48 -29.41
C GLU B 25 10.17 -16.28 -29.95
N PRO B 26 8.84 -16.28 -29.96
CA PRO B 26 8.11 -15.15 -30.56
C PRO B 26 8.36 -13.82 -29.87
N THR B 27 8.12 -13.76 -28.56
CA THR B 27 8.20 -12.49 -27.85
C THR B 27 9.63 -11.97 -27.76
N LEU B 28 10.64 -12.81 -27.95
CA LEU B 28 12.02 -12.34 -27.89
C LEU B 28 12.38 -11.52 -29.13
N ARG B 29 11.78 -11.83 -30.27
CA ARG B 29 12.11 -11.10 -31.50
C ARG B 29 11.73 -9.62 -31.41
N SER B 30 10.88 -9.25 -30.46
CA SER B 30 10.38 -7.88 -30.42
C SER B 30 11.45 -6.90 -29.97
N GLN B 31 12.19 -7.24 -28.92
CA GLN B 31 13.11 -6.32 -28.26
C GLN B 31 14.53 -6.86 -28.23
N GLN B 32 14.99 -7.43 -29.35
CA GLN B 32 16.35 -7.94 -29.46
C GLN B 32 16.83 -7.69 -30.89
N ASP B 33 17.73 -6.72 -31.06
CA ASP B 33 18.27 -6.36 -32.36
C ASP B 33 19.66 -6.95 -32.50
N THR B 34 19.88 -7.69 -33.60
CA THR B 34 21.17 -8.30 -33.87
C THR B 34 22.10 -7.39 -34.66
N SER B 35 21.75 -6.10 -34.79
CA SER B 35 22.58 -5.17 -35.55
C SER B 35 23.97 -5.05 -34.96
N ILE B 36 24.13 -5.30 -33.65
CA ILE B 36 25.45 -5.18 -33.04
C ILE B 36 26.34 -6.35 -33.47
N VAL B 37 25.85 -7.58 -33.26
CA VAL B 37 26.57 -8.75 -33.75
C VAL B 37 26.61 -8.79 -35.26
N GLU B 38 25.71 -8.07 -35.93
CA GLU B 38 25.66 -8.06 -37.39
C GLU B 38 26.97 -7.54 -37.99
N THR B 39 27.76 -6.80 -37.22
CA THR B 39 29.01 -6.22 -37.73
C THR B 39 30.15 -6.45 -36.74
N ALA B 40 30.11 -7.55 -35.99
CA ALA B 40 31.10 -7.81 -34.96
C ALA B 40 31.90 -9.08 -35.25
N LEU B 41 31.25 -10.22 -35.45
CA LEU B 41 31.96 -11.48 -35.55
C LEU B 41 32.94 -11.47 -36.72
N GLY B 42 32.42 -11.32 -37.94
CA GLY B 42 33.29 -11.34 -39.11
C GLY B 42 34.32 -10.22 -39.08
N LYS B 43 34.00 -9.11 -38.42
CA LYS B 43 35.02 -8.08 -38.21
C LYS B 43 36.14 -8.59 -37.33
N ALA B 44 35.86 -9.60 -36.50
CA ALA B 44 36.88 -10.22 -35.66
C ALA B 44 37.53 -11.40 -36.35
N LEU B 45 36.75 -12.43 -36.69
CA LEU B 45 37.27 -13.56 -37.45
C LEU B 45 37.49 -13.14 -38.89
N SER B 46 38.66 -13.47 -39.43
CA SER B 46 39.09 -12.87 -40.68
C SER B 46 39.12 -11.36 -40.47
N PRO B 47 39.91 -10.88 -39.51
CA PRO B 47 39.78 -9.49 -39.07
C PRO B 47 40.11 -8.50 -40.18
N ARG B 48 39.47 -7.34 -40.11
CA ARG B 48 39.71 -6.23 -41.03
C ARG B 48 40.25 -5.06 -40.23
N PHE B 49 41.53 -4.74 -40.43
CA PHE B 49 42.17 -3.61 -39.77
C PHE B 49 42.52 -2.55 -40.81
N GLU B 50 42.38 -1.28 -40.40
CA GLU B 50 42.58 -0.15 -41.28
C GLU B 50 43.63 0.77 -40.67
N ILE B 51 44.61 1.17 -41.49
CA ILE B 51 45.66 2.10 -41.08
C ILE B 51 45.56 3.32 -41.97
N VAL B 52 45.48 4.50 -41.36
CA VAL B 52 45.27 5.76 -42.07
C VAL B 52 46.57 6.55 -42.02
N PHE B 53 47.06 6.95 -43.19
CA PHE B 53 48.23 7.80 -43.33
C PHE B 53 47.77 9.17 -43.77
N ALA B 54 47.80 10.14 -42.85
CA ALA B 54 47.38 11.50 -43.11
C ALA B 54 48.60 12.40 -43.25
N GLY B 55 48.67 13.13 -44.36
CA GLY B 55 49.79 14.02 -44.59
C GLY B 55 49.38 15.17 -45.49
N ALA B 56 50.10 16.27 -45.34
CA ALA B 56 49.82 17.45 -46.15
C ALA B 56 50.17 17.19 -47.61
N PHE B 57 49.49 17.92 -48.50
CA PHE B 57 49.70 17.74 -49.92
C PHE B 57 51.14 18.07 -50.30
N SER B 58 51.74 17.21 -51.12
CA SER B 58 53.12 17.36 -51.59
C SER B 58 54.11 17.34 -50.44
N ALA B 59 53.73 16.76 -49.30
CA ALA B 59 54.61 16.66 -48.14
C ALA B 59 55.35 15.32 -48.09
N GLY B 60 55.27 14.52 -49.14
CA GLY B 60 55.88 13.21 -49.16
C GLY B 60 54.96 12.07 -48.83
N LYS B 61 53.65 12.32 -48.74
CA LYS B 61 52.71 11.25 -48.41
C LYS B 61 52.78 10.14 -49.44
N SER B 62 52.81 10.49 -50.73
CA SER B 62 52.99 9.48 -51.77
C SER B 62 54.35 8.82 -51.67
N MET B 63 55.39 9.62 -51.41
CA MET B 63 56.74 9.07 -51.32
C MET B 63 56.89 8.16 -50.10
N LEU B 64 56.31 8.56 -48.97
CA LEU B 64 56.43 7.75 -47.77
C LEU B 64 55.73 6.40 -47.93
N ILE B 65 54.57 6.39 -48.57
CA ILE B 65 53.84 5.14 -48.77
C ILE B 65 54.68 4.17 -49.59
N ASN B 66 55.28 4.65 -50.67
CA ASN B 66 56.22 3.81 -51.42
C ASN B 66 57.41 3.42 -50.57
N ALA B 67 57.93 4.35 -49.77
CA ALA B 67 59.04 4.04 -48.88
C ALA B 67 58.65 2.97 -47.87
N LEU B 68 57.45 3.10 -47.29
CA LEU B 68 57.02 2.15 -46.26
C LEU B 68 56.90 0.74 -46.82
N LEU B 69 56.32 0.61 -48.02
CA LEU B 69 56.12 -0.70 -48.63
C LEU B 69 57.37 -1.21 -49.35
N GLU B 70 58.37 -0.35 -49.57
CA GLU B 70 59.58 -0.70 -50.31
C GLU B 70 59.27 -1.02 -51.77
N ARG B 71 58.09 -0.62 -52.25
CA ARG B 71 57.69 -0.82 -53.63
C ARG B 71 57.12 0.49 -54.18
N GLU B 72 57.34 0.71 -55.47
CA GLU B 72 56.89 1.94 -56.12
C GLU B 72 55.53 1.70 -56.77
N LEU B 73 54.54 1.46 -55.91
CA LEU B 73 53.16 1.32 -56.39
C LEU B 73 52.54 2.68 -56.67
N LEU B 74 52.48 3.54 -55.66
CA LEU B 74 52.03 4.90 -55.87
C LEU B 74 53.06 5.66 -56.69
N TYR B 75 52.58 6.41 -57.69
CA TYR B 75 53.46 7.24 -58.50
C TYR B 75 53.86 8.46 -57.67
N SER B 76 55.17 8.58 -57.42
CA SER B 76 55.70 9.60 -56.51
C SER B 76 55.93 10.93 -57.19
N ALA B 77 55.29 11.18 -58.32
CA ALA B 77 55.38 12.47 -59.00
C ALA B 77 54.66 13.51 -58.14
N GLU B 78 55.43 14.34 -57.45
CA GLU B 78 54.85 15.29 -56.50
C GLU B 78 53.84 16.19 -57.20
N GLY B 79 52.67 16.36 -56.58
CA GLY B 79 51.62 17.19 -57.12
C GLY B 79 50.64 16.48 -58.03
N HIS B 80 50.88 15.21 -58.36
CA HIS B 80 50.02 14.45 -59.25
C HIS B 80 49.15 13.43 -58.52
N ALA B 81 49.35 13.26 -57.22
CA ALA B 81 48.63 12.26 -56.44
C ALA B 81 47.32 12.80 -55.84
N THR B 82 46.75 13.84 -56.44
CA THR B 82 45.52 14.43 -55.92
C THR B 82 44.40 13.38 -55.91
N GLY B 83 43.74 13.25 -54.77
CA GLY B 83 42.61 12.35 -54.66
C GLY B 83 42.92 10.92 -55.00
N THR B 84 44.06 10.41 -54.52
CA THR B 84 44.48 9.04 -54.78
C THR B 84 44.49 8.27 -53.46
N GLU B 85 43.75 7.17 -53.42
CA GLU B 85 43.71 6.28 -52.27
C GLU B 85 43.94 4.85 -52.74
N CYS B 86 44.86 4.16 -52.08
CA CYS B 86 45.19 2.78 -52.41
C CYS B 86 45.07 1.93 -51.17
N HIS B 87 44.36 0.80 -51.30
CA HIS B 87 44.20 -0.16 -50.22
C HIS B 87 44.97 -1.42 -50.60
N ILE B 88 45.93 -1.80 -49.76
CA ILE B 88 46.79 -2.95 -49.99
C ILE B 88 46.52 -3.96 -48.90
N GLU B 89 46.20 -5.21 -49.29
CA GLU B 89 45.87 -6.26 -48.35
C GLU B 89 46.53 -7.55 -48.80
N TYR B 90 46.63 -8.50 -47.88
CA TYR B 90 47.28 -9.77 -48.17
C TYR B 90 46.51 -10.55 -49.23
N ALA B 91 47.26 -11.21 -50.10
CA ALA B 91 46.69 -12.04 -51.15
C ALA B 91 47.81 -12.89 -51.74
N ASN B 92 47.42 -13.92 -52.48
CA ASN B 92 48.39 -14.78 -53.13
C ASN B 92 49.15 -13.99 -54.20
N ALA B 93 50.38 -14.44 -54.48
CA ALA B 93 51.21 -13.74 -55.46
C ALA B 93 50.56 -13.69 -56.83
N ASN B 94 49.67 -14.63 -57.14
CA ASN B 94 48.98 -14.66 -58.42
C ASN B 94 47.65 -13.93 -58.40
N GLU B 95 47.28 -13.30 -57.28
CA GLU B 95 45.98 -12.66 -57.13
C GLU B 95 46.10 -11.14 -57.06
N GLU B 96 47.21 -10.58 -57.54
CA GLU B 96 47.37 -9.13 -57.54
C GLU B 96 46.34 -8.51 -58.48
N ARG B 97 45.65 -7.48 -58.00
CA ARG B 97 44.56 -6.87 -58.75
C ARG B 97 44.46 -5.40 -58.35
N VAL B 98 43.80 -4.63 -59.23
CA VAL B 98 43.62 -3.19 -59.01
C VAL B 98 42.38 -2.74 -59.75
N VAL B 99 41.76 -1.68 -59.24
CA VAL B 99 40.59 -1.07 -59.86
C VAL B 99 40.90 0.39 -60.13
N LEU B 100 40.32 0.93 -61.20
CA LEU B 100 40.59 2.28 -61.65
C LEU B 100 39.31 3.11 -61.65
N THR B 101 39.43 4.37 -61.23
CA THR B 101 38.35 5.33 -61.26
C THR B 101 38.88 6.65 -61.81
N PHE B 102 37.99 7.43 -62.41
CA PHE B 102 38.38 8.65 -63.10
C PHE B 102 37.50 9.82 -62.68
N LEU B 103 38.04 11.02 -62.82
CA LEU B 103 37.31 12.24 -62.53
C LEU B 103 36.29 12.54 -63.62
N SER B 104 35.23 13.24 -63.24
CA SER B 104 34.20 13.62 -64.18
C SER B 104 34.61 14.86 -64.96
N GLU B 105 33.91 15.10 -66.08
CA GLU B 105 34.21 16.26 -66.91
C GLU B 105 34.03 17.56 -66.12
N ALA B 106 32.95 17.65 -65.34
CA ALA B 106 32.72 18.85 -64.54
C ALA B 106 33.85 19.07 -63.53
N GLU B 107 34.58 18.00 -63.19
CA GLU B 107 35.70 18.14 -62.27
C GLU B 107 36.98 18.52 -63.01
N ILE B 108 37.18 17.98 -64.21
CA ILE B 108 38.37 18.32 -64.98
C ILE B 108 38.38 19.81 -65.30
N ARG B 109 37.23 20.33 -65.75
CA ARG B 109 37.12 21.77 -65.98
C ARG B 109 37.30 22.54 -64.67
N GLN B 110 36.70 22.04 -63.58
CA GLN B 110 36.87 22.70 -62.29
C GLN B 110 38.33 22.70 -61.88
N GLN B 111 39.01 21.57 -62.02
CA GLN B 111 40.44 21.51 -61.74
C GLN B 111 41.23 22.34 -62.76
N ALA B 112 40.89 22.20 -64.04
CA ALA B 112 41.61 22.95 -65.07
C ALA B 112 41.47 24.45 -64.87
N LEU B 113 40.26 24.90 -64.54
CA LEU B 113 40.08 26.33 -64.24
C LEU B 113 40.90 26.73 -63.03
N ILE B 114 40.93 25.90 -61.98
CA ILE B 114 41.75 26.20 -60.82
C ILE B 114 43.23 26.23 -61.20
N LEU B 115 43.66 25.25 -61.99
CA LEU B 115 45.05 25.26 -62.46
C LEU B 115 45.31 26.49 -63.33
N ALA B 116 44.39 26.81 -64.23
CA ALA B 116 44.57 27.97 -65.10
C ALA B 116 44.39 29.27 -64.33
N LYS B 117 43.55 29.26 -63.29
CA LYS B 117 43.30 30.48 -62.53
C LYS B 117 44.58 31.01 -61.91
N TYR B 118 45.38 30.13 -61.30
CA TYR B 118 46.65 30.54 -60.71
C TYR B 118 47.72 30.80 -61.76
N LEU B 119 47.49 30.38 -63.00
CA LEU B 119 48.46 30.56 -64.08
C LEU B 119 48.28 31.87 -64.84
N ASN B 120 47.25 32.64 -64.55
CA ASN B 120 46.92 33.84 -65.33
C ASN B 120 46.60 33.48 -66.78
N VAL B 121 46.28 32.20 -67.03
CA VAL B 121 45.94 31.72 -68.36
C VAL B 121 44.46 31.38 -68.39
N ASN B 122 43.71 31.93 -67.44
CA ASN B 122 42.26 31.73 -67.38
C ASN B 122 41.52 32.54 -68.42
N VAL B 123 42.23 33.26 -69.29
CA VAL B 123 41.64 34.03 -70.36
C VAL B 123 41.87 33.28 -71.67
N GLY B 124 41.00 33.55 -72.65
CA GLY B 124 41.05 32.82 -73.90
C GLY B 124 40.78 31.35 -73.74
N ASP B 125 39.91 30.96 -72.81
CA ASP B 125 39.60 29.56 -72.56
C ASP B 125 38.13 29.46 -72.16
N LEU B 126 37.28 29.12 -73.13
CA LEU B 126 35.85 29.07 -72.90
C LEU B 126 35.39 27.70 -72.42
N ASN B 127 36.07 26.63 -72.82
CA ASN B 127 35.69 25.29 -72.39
C ASN B 127 36.80 24.32 -72.79
N ILE B 128 37.05 23.34 -71.93
CA ILE B 128 38.05 22.31 -72.23
C ILE B 128 37.53 21.27 -73.20
N ASN B 129 36.25 21.32 -73.57
CA ASN B 129 35.74 20.40 -74.57
C ASN B 129 36.17 20.79 -75.98
N GLN B 130 36.27 22.09 -76.25
CA GLN B 130 36.65 22.56 -77.59
C GLN B 130 38.15 22.40 -77.77
N PRO B 131 38.62 21.67 -78.79
CA PRO B 131 40.07 21.58 -78.99
C PRO B 131 40.73 22.94 -79.16
N GLU B 132 40.07 23.88 -79.84
CA GLU B 132 40.65 25.20 -80.00
C GLU B 132 40.79 25.92 -78.66
N ALA B 133 39.72 25.91 -77.85
CA ALA B 133 39.82 26.48 -76.52
C ALA B 133 40.83 25.70 -75.67
N VAL B 134 41.02 24.42 -75.98
CA VAL B 134 42.09 23.65 -75.36
C VAL B 134 43.44 23.95 -76.01
N LYS B 135 43.45 24.17 -77.33
CA LYS B 135 44.70 24.49 -78.03
C LYS B 135 45.14 25.92 -77.81
N VAL B 136 44.19 26.86 -77.69
CA VAL B 136 44.56 28.23 -77.33
C VAL B 136 45.19 28.27 -75.96
N VAL B 137 44.92 27.27 -75.12
CA VAL B 137 45.60 27.16 -73.83
C VAL B 137 46.66 26.08 -73.82
N SER B 138 46.52 25.03 -74.64
CA SER B 138 47.54 23.99 -74.68
C SER B 138 48.82 24.51 -75.33
N GLN B 139 48.72 24.96 -76.58
CA GLN B 139 49.86 25.61 -77.21
C GLN B 139 50.35 26.79 -76.37
N TYR B 140 49.41 27.49 -75.72
CA TYR B 140 49.81 28.49 -74.74
C TYR B 140 50.42 27.82 -73.50
N CYS B 141 49.87 26.68 -73.09
CA CYS B 141 50.48 25.93 -72.00
C CYS B 141 51.86 25.45 -72.39
N GLN B 142 52.00 24.90 -73.61
CA GLN B 142 53.33 24.62 -74.14
C GLN B 142 54.15 25.90 -74.21
N LYS B 143 53.50 27.04 -74.47
CA LYS B 143 54.19 28.32 -74.34
C LYS B 143 54.48 28.64 -72.88
N ILE B 144 53.54 28.31 -71.97
CA ILE B 144 53.80 28.50 -70.56
C ILE B 144 55.02 27.69 -70.13
N ILE B 145 55.18 26.48 -70.68
CA ILE B 145 56.41 25.74 -70.47
C ILE B 145 57.60 26.56 -70.96
N ALA B 146 57.46 27.23 -72.10
CA ALA B 146 58.51 28.11 -72.60
C ALA B 146 58.61 29.37 -71.74
N GLU B 147 57.47 29.97 -71.37
CA GLU B 147 57.51 31.16 -70.53
C GLU B 147 58.14 30.88 -69.19
N GLU B 148 57.69 29.82 -68.52
CA GLU B 148 58.23 29.45 -67.21
C GLU B 148 59.60 28.80 -67.30
N GLY B 149 60.00 28.34 -68.48
CA GLY B 149 61.28 27.66 -68.61
C GLY B 149 61.34 26.34 -67.87
N GLY B 150 60.20 25.76 -67.52
CA GLY B 150 60.15 24.52 -66.78
C GLY B 150 58.79 24.26 -66.19
N GLU B 151 58.47 22.97 -65.95
CA GLU B 151 57.14 22.63 -65.48
C GLU B 151 57.02 22.73 -63.96
N ASN B 152 58.06 22.34 -63.23
CA ASN B 152 58.04 22.30 -61.77
C ASN B 152 59.00 23.31 -61.15
N LYS B 153 59.08 24.50 -61.73
CA LYS B 153 59.98 25.54 -61.25
C LYS B 153 59.30 26.52 -60.28
N SER B 154 58.01 26.36 -60.01
CA SER B 154 57.30 27.24 -59.09
C SER B 154 55.87 26.73 -58.95
N GLU B 155 55.15 27.31 -57.98
CA GLU B 155 53.75 26.95 -57.80
C GLU B 155 52.94 27.29 -59.04
N ARG B 156 53.19 28.45 -59.63
CA ARG B 156 52.53 28.80 -60.89
C ARG B 156 52.88 27.80 -61.98
N ALA B 157 54.17 27.48 -62.10
CA ALA B 157 54.59 26.47 -63.07
C ALA B 157 53.99 25.11 -62.72
N LYS B 158 53.92 24.78 -61.43
CA LYS B 158 53.31 23.52 -61.02
C LYS B 158 51.91 23.38 -61.57
N GLN B 159 51.09 24.42 -61.43
CA GLN B 159 49.74 24.39 -61.98
C GLN B 159 49.77 24.14 -63.48
N ALA B 160 50.76 24.70 -64.19
CA ALA B 160 50.92 24.36 -65.60
C ALA B 160 51.36 22.92 -65.77
N ASN B 161 52.23 22.43 -64.88
CA ASN B 161 52.69 21.06 -64.98
C ASN B 161 51.51 20.09 -64.86
N ALA B 162 50.70 20.25 -63.81
CA ALA B 162 49.51 19.42 -63.66
C ALA B 162 48.55 19.64 -64.82
N LEU B 163 48.31 20.90 -65.18
CA LEU B 163 47.43 21.18 -66.31
C LEU B 163 48.01 20.63 -67.61
N HIS B 164 49.33 20.80 -67.81
CA HIS B 164 49.95 20.26 -69.01
C HIS B 164 49.81 18.75 -69.08
N LEU B 165 50.05 18.06 -67.96
CA LEU B 165 49.91 16.62 -67.91
C LEU B 165 48.47 16.16 -67.76
N LEU B 166 47.64 16.94 -67.07
CA LEU B 166 46.22 16.60 -66.98
C LEU B 166 45.53 16.74 -68.33
N LEU B 167 45.79 17.85 -69.02
CA LEU B 167 45.26 18.00 -70.38
C LEU B 167 45.83 16.94 -71.31
N ILE B 168 47.15 16.68 -71.20
CA ILE B 168 47.73 15.58 -71.95
C ILE B 168 47.14 14.25 -71.50
N GLY B 169 46.98 14.07 -70.19
CA GLY B 169 46.33 12.87 -69.71
C GLY B 169 44.88 12.79 -70.12
N PHE B 170 44.17 13.92 -70.08
CA PHE B 170 42.77 13.94 -70.47
C PHE B 170 42.58 13.52 -71.91
N GLU B 171 43.42 14.05 -72.81
CA GLU B 171 43.29 13.73 -74.23
C GLU B 171 43.84 12.34 -74.57
N GLN B 172 44.91 11.92 -73.90
CA GLN B 172 45.51 10.62 -74.22
C GLN B 172 44.55 9.47 -73.91
N ASN B 173 43.87 9.53 -72.77
CA ASN B 173 43.03 8.45 -72.29
C ASN B 173 41.57 8.87 -72.20
N ARG B 174 41.11 9.66 -73.18
CA ARG B 174 39.71 10.09 -73.18
C ARG B 174 38.78 8.94 -73.49
N GLU B 175 39.25 7.92 -74.22
CA GLU B 175 38.39 6.79 -74.58
C GLU B 175 38.13 5.87 -73.40
N ARG B 176 38.93 5.94 -72.34
CA ARG B 176 38.73 5.14 -71.15
C ARG B 176 37.93 5.86 -70.07
N ILE B 177 37.44 7.06 -70.35
CA ILE B 177 36.79 7.91 -69.36
C ILE B 177 35.37 8.20 -69.84
N ASN B 178 34.40 7.98 -68.95
CA ASN B 178 33.01 8.32 -69.22
C ASN B 178 32.73 9.77 -68.81
N THR B 179 31.51 10.21 -69.07
CA THR B 179 31.15 11.60 -68.82
C THR B 179 30.91 11.85 -67.33
N VAL B 180 29.91 11.18 -66.75
CA VAL B 180 29.49 11.41 -65.37
C VAL B 180 29.80 10.20 -64.49
N GLN B 181 29.21 9.04 -64.81
CA GLN B 181 29.38 7.87 -63.98
C GLN B 181 30.87 7.51 -63.86
N ASN B 182 31.28 7.18 -62.65
CA ASN B 182 32.68 6.83 -62.37
C ASN B 182 32.96 5.46 -62.97
N SER B 183 33.61 5.44 -64.12
CA SER B 183 33.86 4.18 -64.82
C SER B 183 34.71 3.25 -63.96
N THR B 184 34.34 1.97 -63.94
CA THR B 184 35.09 0.94 -63.24
C THR B 184 35.62 -0.05 -64.26
N TYR B 185 36.94 -0.30 -64.22
CA TYR B 185 37.56 -1.22 -65.15
C TYR B 185 38.46 -2.19 -64.39
N SER B 186 39.23 -3.01 -65.13
CA SER B 186 40.05 -4.04 -64.52
C SER B 186 41.13 -4.45 -65.49
N MET B 187 42.06 -5.29 -65.00
CA MET B 187 43.12 -5.79 -65.85
C MET B 187 42.56 -6.56 -67.04
N ASP B 188 41.59 -7.44 -66.80
CA ASP B 188 40.95 -8.15 -67.89
C ASP B 188 40.17 -7.19 -68.79
N GLN B 189 39.49 -6.22 -68.18
CA GLN B 189 38.74 -5.23 -68.95
C GLN B 189 39.64 -4.18 -69.59
N LEU B 190 40.89 -4.07 -69.15
CA LEU B 190 41.84 -3.13 -69.73
C LEU B 190 43.04 -3.83 -70.36
N ASN B 191 43.09 -5.16 -70.33
CA ASN B 191 44.15 -5.93 -70.98
C ASN B 191 45.52 -5.64 -70.34
N PHE B 192 45.58 -5.81 -69.02
CA PHE B 192 46.83 -5.75 -68.28
C PHE B 192 47.25 -7.16 -67.89
N SER B 193 48.48 -7.52 -68.24
CA SER B 193 48.99 -8.86 -67.97
C SER B 193 49.60 -9.01 -66.59
N SER B 194 50.09 -7.93 -66.00
CA SER B 194 50.75 -7.99 -64.71
C SER B 194 50.68 -6.62 -64.05
N LEU B 195 50.95 -6.60 -62.74
CA LEU B 195 50.95 -5.33 -62.02
C LEU B 195 52.01 -4.38 -62.56
N ALA B 196 53.18 -4.92 -62.94
CA ALA B 196 54.23 -4.08 -63.50
C ALA B 196 53.76 -3.40 -64.77
N GLU B 197 53.09 -4.15 -65.65
CA GLU B 197 52.53 -3.55 -66.86
C GLU B 197 51.45 -2.54 -66.50
N ALA B 198 50.56 -2.89 -65.57
CA ALA B 198 49.55 -1.95 -65.12
C ALA B 198 50.18 -0.76 -64.42
N ALA B 199 51.20 -1.00 -63.59
CA ALA B 199 51.89 0.08 -62.92
C ALA B 199 52.55 1.01 -63.93
N GLY B 200 53.30 0.43 -64.88
CA GLY B 200 53.96 1.25 -65.89
C GLY B 200 52.97 2.11 -66.66
N TYR B 201 51.83 1.53 -67.03
CA TYR B 201 50.75 2.33 -67.60
C TYR B 201 50.22 3.33 -66.59
N ALA B 202 50.11 2.91 -65.33
CA ALA B 202 49.64 3.79 -64.26
C ALA B 202 50.72 4.75 -63.77
N ARG B 203 51.99 4.48 -64.05
CA ARG B 203 53.06 5.40 -63.67
C ARG B 203 53.10 6.62 -64.57
N ARG B 204 52.49 6.56 -65.75
CA ARG B 204 52.54 7.68 -66.68
C ARG B 204 51.79 8.87 -66.11
N GLY B 205 52.37 10.06 -66.30
CA GLY B 205 51.70 11.26 -65.86
C GLY B 205 50.33 11.44 -66.48
N ALA B 206 50.15 10.94 -67.69
CA ALA B 206 48.86 11.01 -68.38
C ALA B 206 47.79 10.26 -67.60
N ASN B 207 47.97 8.95 -67.46
CA ASN B 207 46.95 8.14 -66.79
C ASN B 207 46.94 8.38 -65.29
N SER B 208 48.12 8.55 -64.68
CA SER B 208 48.20 8.71 -63.23
C SER B 208 47.39 9.90 -62.75
N ALA B 209 47.36 10.98 -63.54
CA ALA B 209 46.65 12.18 -63.11
C ALA B 209 45.17 11.92 -62.95
N VAL B 210 44.56 11.18 -63.88
CA VAL B 210 43.11 10.99 -63.87
C VAL B 210 42.66 9.92 -62.89
N LEU B 211 43.54 9.00 -62.49
CA LEU B 211 43.14 7.93 -61.59
C LEU B 211 42.74 8.51 -60.24
N LYS B 212 41.69 7.94 -59.64
CA LYS B 212 41.14 8.42 -58.37
C LYS B 212 41.26 7.38 -57.27
N ARG B 213 40.75 6.17 -57.48
CA ARG B 213 40.73 5.15 -56.44
C ARG B 213 41.35 3.86 -56.97
N LEU B 214 42.21 3.26 -56.16
CA LEU B 214 42.83 1.99 -56.48
C LEU B 214 42.73 1.04 -55.30
N ASP B 215 42.67 -0.26 -55.59
CA ASP B 215 42.58 -1.30 -54.58
C ASP B 215 43.59 -2.38 -54.94
N TYR B 216 44.77 -2.32 -54.32
CA TYR B 216 45.87 -3.22 -54.64
C TYR B 216 45.81 -4.48 -53.77
N PHE B 217 46.16 -5.60 -54.37
CA PHE B 217 46.36 -6.87 -53.65
C PHE B 217 47.78 -7.33 -53.88
N CYS B 218 48.45 -7.74 -52.80
CA CYS B 218 49.83 -8.19 -52.89
C CYS B 218 50.14 -9.15 -51.76
N ASN B 219 51.23 -9.89 -51.92
CA ASN B 219 51.71 -10.84 -50.93
C ASN B 219 52.89 -10.21 -50.20
N HIS B 220 52.67 -9.79 -48.96
CA HIS B 220 53.72 -9.17 -48.16
C HIS B 220 53.56 -9.62 -46.72
N SER B 221 54.70 -9.83 -46.05
CA SER B 221 54.69 -10.30 -44.67
C SER B 221 54.03 -9.29 -43.75
N LEU B 222 54.34 -8.00 -43.93
CA LEU B 222 53.77 -6.98 -43.06
C LEU B 222 52.25 -6.94 -43.15
N LEU B 223 51.71 -7.06 -44.37
CA LEU B 223 50.28 -7.01 -44.57
C LEU B 223 49.61 -8.36 -44.40
N LYS B 224 50.37 -9.42 -44.10
CA LYS B 224 49.79 -10.74 -43.96
C LYS B 224 48.80 -10.83 -42.80
N ASP B 225 48.86 -9.89 -41.86
CA ASP B 225 47.96 -9.88 -40.71
C ASP B 225 46.70 -9.07 -40.96
N GLY B 226 46.32 -8.87 -42.22
CA GLY B 226 45.12 -8.11 -42.54
C GLY B 226 45.29 -6.61 -42.50
N ASN B 227 46.50 -6.12 -42.30
CA ASN B 227 46.72 -4.68 -42.24
C ASN B 227 46.37 -4.04 -43.58
N VAL B 228 45.69 -2.89 -43.52
CA VAL B 228 45.27 -2.15 -44.71
C VAL B 228 45.83 -0.75 -44.61
N LEU B 229 46.45 -0.28 -45.69
CA LEU B 229 47.05 1.04 -45.76
C LEU B 229 46.16 1.96 -46.58
N VAL B 230 45.93 3.16 -46.07
CA VAL B 230 45.03 4.13 -46.69
C VAL B 230 45.81 5.41 -46.98
N ASP B 231 45.64 5.94 -48.19
CA ASP B 231 46.30 7.17 -48.64
C ASP B 231 45.21 8.22 -48.84
N LEU B 232 44.90 8.96 -47.77
CA LEU B 232 43.87 9.97 -47.87
C LEU B 232 44.37 11.17 -48.67
N PRO B 233 43.48 11.90 -49.34
CA PRO B 233 43.91 13.10 -50.07
C PRO B 233 44.38 14.19 -49.11
N GLY B 234 45.20 15.09 -49.66
CA GLY B 234 45.70 16.21 -48.89
C GLY B 234 44.60 17.05 -48.29
N ILE B 235 44.74 17.39 -47.00
CA ILE B 235 43.71 18.15 -46.31
C ILE B 235 43.56 19.54 -46.91
N ASP B 236 44.67 20.15 -47.35
CA ASP B 236 44.66 21.50 -47.89
C ASP B 236 44.33 21.55 -49.37
N ALA B 237 43.71 20.50 -49.91
CA ALA B 237 43.35 20.51 -51.32
C ALA B 237 42.26 21.53 -51.59
N PRO B 238 42.21 22.10 -52.81
CA PRO B 238 41.16 23.08 -53.10
C PRO B 238 39.75 22.54 -52.92
N VAL B 239 39.53 21.26 -53.21
CA VAL B 239 38.20 20.65 -53.09
C VAL B 239 37.95 20.43 -51.60
N LYS B 240 37.19 21.34 -50.98
CA LYS B 240 36.97 21.25 -49.54
C LYS B 240 36.09 20.06 -49.19
N GLU B 241 35.10 19.74 -50.02
CA GLU B 241 34.20 18.64 -49.71
C GLU B 241 34.97 17.32 -49.64
N ASP B 242 35.92 17.11 -50.55
CA ASP B 242 36.77 15.93 -50.46
C ASP B 242 37.61 15.97 -49.19
N ALA B 243 38.17 17.13 -48.87
CA ALA B 243 38.94 17.26 -47.63
C ALA B 243 38.05 17.04 -46.42
N GLU B 244 36.86 17.64 -46.40
CA GLU B 244 35.93 17.43 -45.30
C GLU B 244 35.56 15.96 -45.16
N ARG B 245 35.50 15.24 -46.28
CA ARG B 245 35.28 13.80 -46.21
C ARG B 245 36.41 13.11 -45.47
N ALA B 246 37.66 13.56 -45.70
CA ALA B 246 38.78 13.01 -44.96
C ALA B 246 38.63 13.23 -43.46
N TYR B 247 38.19 14.44 -43.08
CA TYR B 247 37.91 14.69 -41.66
C TYR B 247 36.83 13.75 -41.15
N ARG B 248 35.76 13.57 -41.92
CA ARG B 248 34.73 12.61 -41.55
C ARG B 248 35.28 11.19 -41.57
N LYS B 249 36.11 10.87 -42.56
CA LYS B 249 36.70 9.54 -42.65
C LYS B 249 37.56 9.23 -41.43
N ILE B 250 38.47 10.15 -41.10
CA ILE B 250 39.36 9.92 -39.96
C ILE B 250 38.59 9.98 -38.65
N GLU B 251 37.69 10.95 -38.52
CA GLU B 251 36.91 11.07 -37.29
C GLU B 251 35.92 9.92 -37.12
N SER B 252 35.65 9.16 -38.17
CA SER B 252 34.71 8.06 -38.05
C SER B 252 35.26 6.99 -37.11
N PRO B 253 34.40 6.34 -36.32
CA PRO B 253 34.91 5.29 -35.42
C PRO B 253 35.53 4.11 -36.13
N ASP B 254 35.25 3.93 -37.42
CA ASP B 254 35.75 2.79 -38.18
C ASP B 254 37.26 2.85 -38.41
N THR B 255 37.97 3.85 -37.91
CA THR B 255 39.42 3.94 -38.07
C THR B 255 40.10 3.43 -36.81
N SER B 256 41.08 2.54 -36.99
CA SER B 256 41.77 1.91 -35.87
C SER B 256 42.94 2.74 -35.36
N ALA B 257 43.79 3.21 -36.27
CA ALA B 257 44.97 3.97 -35.91
C ALA B 257 45.07 5.20 -36.80
N VAL B 258 45.76 6.22 -36.28
CA VAL B 258 45.95 7.50 -36.96
C VAL B 258 47.44 7.78 -37.05
N ILE B 259 47.90 8.09 -38.26
CA ILE B 259 49.29 8.48 -38.51
C ILE B 259 49.26 9.96 -38.88
N CYS B 260 49.93 10.78 -38.07
CA CYS B 260 49.92 12.23 -38.25
C CYS B 260 51.29 12.65 -38.81
N VAL B 261 51.33 12.93 -40.10
CA VAL B 261 52.53 13.42 -40.77
C VAL B 261 52.55 14.93 -40.65
N LEU B 262 53.65 15.48 -40.13
CA LEU B 262 53.77 16.91 -39.87
C LEU B 262 54.99 17.48 -40.58
N LYS B 263 54.83 18.68 -41.13
CA LYS B 263 55.86 19.38 -41.88
C LYS B 263 56.95 20.03 -41.03
N PRO B 264 56.66 20.54 -39.82
CA PRO B 264 57.56 21.55 -39.22
C PRO B 264 59.00 21.09 -39.10
N ALA B 265 59.28 19.80 -39.32
CA ALA B 265 60.67 19.37 -39.45
C ALA B 265 61.38 20.16 -40.53
N ALA B 266 60.67 20.58 -41.57
CA ALA B 266 61.19 21.46 -42.60
C ALA B 266 60.46 22.79 -42.70
N ALA B 267 59.16 22.81 -42.41
CA ALA B 267 58.38 24.04 -42.46
C ALA B 267 58.54 24.90 -41.22
N GLY B 268 59.09 24.36 -40.14
CA GLY B 268 59.32 25.10 -38.91
C GLY B 268 58.18 25.04 -37.89
N ASP B 269 56.95 25.26 -38.34
CA ASP B 269 55.81 25.26 -37.45
C ASP B 269 54.59 24.71 -38.18
N MET B 270 53.61 24.25 -37.40
CA MET B 270 52.39 23.70 -37.96
C MET B 270 51.58 24.80 -38.64
N SER B 271 50.79 24.39 -39.63
CA SER B 271 49.91 25.31 -40.35
C SER B 271 48.53 25.35 -39.69
N ALA B 272 47.66 26.22 -40.21
CA ALA B 272 46.31 26.32 -39.66
C ALA B 272 45.55 25.01 -39.82
N GLU B 273 45.66 24.37 -40.98
CA GLU B 273 45.00 23.10 -41.19
C GLU B 273 45.53 22.03 -40.25
N GLU B 274 46.86 22.00 -40.07
CA GLU B 274 47.45 21.06 -39.12
C GLU B 274 47.05 21.42 -37.69
N THR B 275 47.00 22.72 -37.37
CA THR B 275 46.68 23.13 -36.02
C THR B 275 45.30 22.64 -35.60
N GLN B 276 44.30 22.78 -36.48
CA GLN B 276 42.96 22.32 -36.16
C GLN B 276 42.92 20.80 -36.00
N LEU B 277 43.73 20.08 -36.79
CA LEU B 277 43.77 18.63 -36.66
C LEU B 277 44.17 18.22 -35.24
N LEU B 278 45.25 18.82 -34.72
CA LEU B 278 45.65 18.53 -33.35
C LEU B 278 44.58 18.97 -32.37
N GLU B 279 43.99 20.14 -32.59
CA GLU B 279 42.89 20.59 -31.73
C GLU B 279 41.71 19.62 -31.79
N ARG B 280 41.35 19.18 -33.00
CA ARG B 280 40.29 18.19 -33.13
C ARG B 280 40.68 16.89 -32.44
N ILE B 281 41.92 16.43 -32.64
CA ILE B 281 42.37 15.18 -32.04
C ILE B 281 42.52 15.34 -30.53
N SER B 282 43.13 16.44 -30.09
CA SER B 282 43.36 16.63 -28.65
C SER B 282 42.04 16.74 -27.89
N LYS B 283 41.07 17.47 -28.45
CA LYS B 283 39.80 17.66 -27.78
C LYS B 283 38.96 16.39 -27.74
N ASN B 284 39.24 15.44 -28.63
CA ASN B 284 38.49 14.18 -28.69
C ASN B 284 39.34 13.11 -28.02
N HIS B 285 38.99 12.77 -26.77
CA HIS B 285 39.76 11.80 -26.02
C HIS B 285 39.68 10.41 -26.66
N GLY B 286 38.50 10.04 -27.17
CA GLY B 286 38.34 8.71 -27.73
C GLY B 286 39.33 8.41 -28.84
N ILE B 287 39.48 9.36 -29.77
CA ILE B 287 40.43 9.16 -30.86
C ILE B 287 41.86 9.48 -30.41
N ARG B 288 42.02 10.36 -29.42
CA ARG B 288 43.35 10.80 -29.02
C ARG B 288 44.20 9.61 -28.55
N ASP B 289 43.59 8.67 -27.83
CA ASP B 289 44.33 7.54 -27.29
C ASP B 289 44.79 6.55 -28.36
N ARG B 290 44.50 6.79 -29.63
CA ARG B 290 44.86 5.89 -30.72
C ARG B 290 45.46 6.67 -31.88
N VAL B 291 46.41 7.56 -31.57
CA VAL B 291 47.02 8.43 -32.57
C VAL B 291 48.53 8.26 -32.51
N PHE B 292 49.16 8.22 -33.69
CA PHE B 292 50.60 8.22 -33.83
C PHE B 292 51.05 9.51 -34.51
N TYR B 293 52.15 10.06 -34.03
CA TYR B 293 52.73 11.28 -34.59
C TYR B 293 54.07 10.94 -35.24
N VAL B 294 54.24 11.39 -36.49
CA VAL B 294 55.45 11.13 -37.25
C VAL B 294 55.89 12.42 -37.93
N PHE B 295 57.18 12.49 -38.24
CA PHE B 295 57.77 13.62 -38.94
C PHE B 295 58.59 13.12 -40.10
N ASN B 296 58.66 13.93 -41.16
CA ASN B 296 59.26 13.54 -42.42
C ASN B 296 60.34 14.54 -42.83
N ARG B 297 61.26 14.06 -43.67
CA ARG B 297 62.32 14.89 -44.22
C ARG B 297 63.22 15.44 -43.11
N ILE B 298 63.59 14.59 -42.17
CA ILE B 298 64.54 14.97 -41.13
C ILE B 298 65.94 15.16 -41.66
N ASP B 299 66.20 14.76 -42.91
CA ASP B 299 67.52 14.97 -43.50
C ASP B 299 67.89 16.45 -43.53
N ASP B 300 66.89 17.33 -43.57
CA ASP B 300 67.17 18.76 -43.56
C ASP B 300 67.91 19.17 -42.30
N THR B 301 67.49 18.64 -41.15
CA THR B 301 68.16 18.95 -39.89
C THR B 301 69.56 18.37 -39.83
N TRP B 302 69.86 17.34 -40.63
CA TRP B 302 71.19 16.75 -40.60
C TRP B 302 72.24 17.70 -41.15
N TYR B 303 71.83 18.76 -41.85
CA TYR B 303 72.77 19.72 -42.41
C TYR B 303 72.66 21.11 -41.80
N ASN B 304 71.52 21.47 -41.20
CA ASN B 304 71.33 22.77 -40.58
C ASN B 304 71.14 22.59 -39.08
N THR B 305 71.96 23.29 -38.30
CA THR B 305 71.85 23.19 -36.84
C THR B 305 70.63 23.92 -36.32
N GLN B 306 70.35 25.12 -36.86
CA GLN B 306 69.21 25.90 -36.37
C GLN B 306 67.90 25.16 -36.58
N LEU B 307 67.74 24.52 -37.73
CA LEU B 307 66.54 23.71 -37.96
C LEU B 307 66.49 22.54 -36.98
N ARG B 308 67.63 21.90 -36.72
CA ARG B 308 67.68 20.87 -35.69
C ARG B 308 67.35 21.45 -34.32
N GLN B 309 67.91 22.62 -34.01
CA GLN B 309 67.57 23.28 -32.75
C GLN B 309 66.10 23.66 -32.69
N ARG B 310 65.55 24.15 -33.81
CA ARG B 310 64.13 24.44 -33.87
C ARG B 310 63.29 23.16 -33.77
N LEU B 311 63.73 22.09 -34.43
CA LEU B 311 63.04 20.82 -34.31
C LEU B 311 63.11 20.27 -32.90
N GLU B 312 64.29 20.33 -32.27
CA GLU B 312 64.42 19.80 -30.92
C GLU B 312 63.54 20.56 -29.93
N GLY B 313 63.49 21.88 -30.04
CA GLY B 313 62.67 22.68 -29.16
C GLY B 313 61.19 22.45 -29.37
N LEU B 314 60.78 22.36 -30.64
CA LEU B 314 59.36 22.15 -30.95
C LEU B 314 58.89 20.79 -30.44
N ILE B 315 59.69 19.74 -30.66
CA ILE B 315 59.27 18.40 -30.25
C ILE B 315 59.11 18.33 -28.73
N GLN B 316 60.09 18.87 -27.99
CA GLN B 316 60.02 18.83 -26.54
C GLN B 316 59.00 19.82 -25.99
N SER B 317 58.64 20.85 -26.76
CA SER B 317 57.74 21.88 -26.24
C SER B 317 56.33 21.35 -26.05
N GLN B 318 55.82 20.57 -27.00
CA GLN B 318 54.41 20.17 -27.03
C GLN B 318 54.21 18.69 -26.72
N PHE B 319 54.86 17.80 -27.46
CA PHE B 319 54.57 16.38 -27.35
C PHE B 319 55.01 15.84 -25.99
N ARG B 320 54.08 15.19 -25.29
CA ARG B 320 54.37 14.56 -24.01
C ARG B 320 54.47 13.05 -24.14
N ASP B 321 53.44 12.41 -24.72
CA ASP B 321 53.45 10.97 -24.95
C ASP B 321 54.33 10.71 -26.18
N ASN B 322 55.64 10.77 -25.95
CA ASN B 322 56.61 10.67 -27.04
C ASN B 322 56.85 9.23 -27.49
N SER B 323 56.29 8.25 -26.77
CA SER B 323 56.44 6.85 -27.20
C SER B 323 55.85 6.62 -28.58
N ARG B 324 54.90 7.45 -29.01
CA ARG B 324 54.28 7.34 -30.31
C ARG B 324 54.75 8.43 -31.27
N VAL B 325 55.85 9.10 -30.95
CA VAL B 325 56.43 10.13 -31.81
C VAL B 325 57.58 9.51 -32.58
N TYR B 326 57.53 9.64 -33.91
CA TYR B 326 58.49 9.01 -34.80
C TYR B 326 59.07 10.05 -35.76
N LYS B 327 60.22 9.71 -36.32
CA LYS B 327 60.88 10.55 -37.32
C LYS B 327 61.48 9.65 -38.40
N THR B 328 61.58 10.19 -39.61
CA THR B 328 62.10 9.44 -40.75
C THR B 328 62.27 10.40 -41.91
N SER B 329 62.76 9.86 -43.03
CA SER B 329 62.94 10.63 -44.26
C SER B 329 62.51 9.74 -45.42
N GLY B 330 61.30 9.99 -45.93
CA GLY B 330 60.77 9.14 -46.99
C GLY B 330 61.59 9.20 -48.27
N LEU B 331 62.04 10.42 -48.64
CA LEU B 331 62.80 10.56 -49.87
C LEU B 331 64.04 9.67 -49.87
N LEU B 332 64.80 9.71 -48.77
CA LEU B 332 65.99 8.87 -48.67
C LEU B 332 65.62 7.42 -48.38
N GLY B 333 64.58 7.21 -47.57
CA GLY B 333 64.19 5.85 -47.22
C GLY B 333 63.76 5.03 -48.42
N PHE B 334 62.97 5.63 -49.31
CA PHE B 334 62.43 4.90 -50.45
C PHE B 334 63.55 4.37 -51.34
N TYR B 335 64.32 5.27 -51.94
CA TYR B 335 65.35 4.85 -52.88
C TYR B 335 66.39 3.96 -52.23
N GLY B 336 66.61 4.12 -50.91
CA GLY B 336 67.59 3.29 -50.24
C GLY B 336 67.29 1.81 -50.38
N SER B 337 66.03 1.42 -50.17
CA SER B 337 65.64 0.03 -50.32
C SER B 337 65.73 -0.41 -51.77
N GLN B 338 65.35 0.46 -52.70
CA GLN B 338 65.35 0.10 -54.11
C GLN B 338 66.75 -0.22 -54.63
N VAL B 339 67.77 0.50 -54.13
CA VAL B 339 69.13 0.29 -54.60
C VAL B 339 69.58 -1.14 -54.33
N LYS B 340 69.02 -1.78 -53.29
CA LYS B 340 69.41 -3.16 -52.98
C LYS B 340 69.14 -4.10 -54.14
N GLN B 341 68.20 -3.76 -55.04
CA GLN B 341 67.88 -4.58 -56.19
C GLN B 341 68.71 -4.20 -57.41
N THR B 342 69.86 -3.55 -57.21
CA THR B 342 70.74 -3.16 -58.30
C THR B 342 72.18 -3.51 -57.92
N ASN B 343 73.00 -3.72 -58.94
CA ASN B 343 74.40 -4.09 -58.75
C ASN B 343 75.27 -3.27 -59.69
N SER B 344 76.56 -3.57 -59.71
CA SER B 344 77.50 -2.82 -60.53
C SER B 344 77.20 -2.95 -62.02
N SER B 345 76.52 -4.02 -62.44
CA SER B 345 76.19 -4.17 -63.85
C SER B 345 75.32 -3.02 -64.34
N THR B 346 74.33 -2.63 -63.54
CA THR B 346 73.48 -1.48 -63.84
C THR B 346 73.98 -0.20 -63.19
N ARG B 347 75.26 -0.16 -62.80
CA ARG B 347 75.83 1.01 -62.14
C ARG B 347 75.05 1.35 -60.86
N PHE B 348 74.62 0.31 -60.14
CA PHE B 348 73.87 0.49 -58.90
C PHE B 348 72.64 1.37 -59.13
N GLY B 349 71.95 1.14 -60.25
CA GLY B 349 70.72 1.83 -60.56
C GLY B 349 70.84 2.96 -61.54
N LEU B 350 72.05 3.48 -61.80
CA LEU B 350 72.19 4.55 -62.76
C LEU B 350 71.76 4.11 -64.15
N ASP B 351 71.86 2.82 -64.45
CA ASP B 351 71.39 2.27 -65.71
C ASP B 351 69.97 1.73 -65.64
N SER B 352 69.34 1.74 -64.47
CA SER B 352 67.99 1.22 -64.31
C SER B 352 67.35 1.86 -63.09
N ILE B 353 66.13 2.36 -63.25
CA ILE B 353 65.40 3.09 -62.22
C ILE B 353 65.89 4.53 -62.18
N PHE B 354 67.19 4.72 -61.99
CA PHE B 354 67.79 6.06 -61.99
C PHE B 354 68.26 6.49 -63.37
N ALA B 355 68.12 5.64 -64.39
CA ALA B 355 68.50 6.03 -65.74
C ALA B 355 67.68 7.21 -66.25
N THR B 356 66.40 7.27 -65.88
CA THR B 356 65.56 8.39 -66.27
C THR B 356 65.98 9.68 -65.58
N THR B 357 66.49 9.59 -64.36
CA THR B 357 66.88 10.77 -63.59
C THR B 357 68.30 11.24 -63.88
N ILE B 358 69.19 10.34 -64.28
CA ILE B 358 70.58 10.72 -64.52
C ILE B 358 70.77 11.50 -65.81
N LYS B 359 69.79 11.46 -66.72
CA LYS B 359 69.90 12.18 -67.99
C LYS B 359 69.57 13.65 -67.76
N GLY B 360 70.55 14.52 -67.94
CA GLY B 360 70.37 15.94 -67.70
C GLY B 360 69.84 16.67 -68.91
N PHE B 361 69.41 17.92 -68.67
CA PHE B 361 68.91 18.76 -69.74
C PHE B 361 70.03 19.31 -70.61
N ASP B 362 71.17 19.66 -69.99
CA ASP B 362 72.29 20.24 -70.71
C ASP B 362 73.20 19.19 -71.34
N GLY B 363 72.91 17.90 -71.17
CA GLY B 363 73.73 16.86 -71.72
C GLY B 363 74.57 16.17 -70.65
N GLU B 364 75.11 16.95 -69.73
CA GLU B 364 75.87 16.39 -68.63
C GLU B 364 74.96 15.58 -67.71
N GLU B 365 75.48 14.46 -67.22
CA GLU B 365 74.69 13.60 -66.34
C GLU B 365 74.31 14.34 -65.07
N GLU B 366 73.02 14.62 -64.90
CA GLU B 366 72.55 15.27 -63.70
C GLU B 366 72.63 14.32 -62.50
N THR B 367 72.70 14.91 -61.31
CA THR B 367 72.81 14.13 -60.09
C THR B 367 71.41 13.84 -59.55
N PRO B 368 71.00 12.59 -59.47
CA PRO B 368 69.69 12.29 -58.86
C PRO B 368 69.61 12.76 -57.43
N GLN B 369 68.41 13.16 -57.02
CA GLN B 369 68.21 13.64 -55.65
C GLN B 369 68.76 12.65 -54.63
N PHE B 370 68.50 11.36 -54.83
CA PHE B 370 69.05 10.35 -53.93
C PHE B 370 70.58 10.37 -53.97
N VAL B 371 71.16 10.45 -55.17
CA VAL B 371 72.61 10.52 -55.29
C VAL B 371 73.13 11.82 -54.72
N SER B 372 72.46 12.94 -55.01
CA SER B 372 72.91 14.24 -54.51
C SER B 372 72.91 14.26 -52.99
N GLU B 373 71.83 13.76 -52.37
CA GLU B 373 71.78 13.68 -50.92
C GLU B 373 72.69 12.58 -50.39
N PHE B 374 72.93 11.53 -51.20
CA PHE B 374 73.84 10.48 -50.77
C PHE B 374 75.24 11.03 -50.55
N ASN B 375 75.73 11.85 -51.48
CA ASN B 375 77.04 12.49 -51.28
C ASN B 375 77.01 13.42 -50.08
N ASN B 376 75.94 14.21 -49.95
CA ASN B 376 75.81 15.08 -48.79
C ASN B 376 75.67 14.27 -47.51
N TYR B 377 74.91 13.18 -47.55
CA TYR B 377 74.72 12.34 -46.38
C TYR B 377 76.05 11.76 -45.91
N CYS B 378 76.88 11.29 -46.83
CA CYS B 378 78.15 10.68 -46.45
C CYS B 378 79.08 11.69 -45.80
N ALA B 379 79.13 12.91 -46.33
CA ALA B 379 80.08 13.91 -45.85
C ALA B 379 79.47 14.83 -44.79
N ASN B 380 78.38 15.52 -45.13
CA ASN B 380 77.84 16.53 -44.23
C ASN B 380 77.28 15.91 -42.96
N SER B 381 76.46 14.88 -43.10
CA SER B 381 75.82 14.27 -41.93
C SER B 381 76.86 13.55 -41.07
N GLY B 382 77.53 12.55 -41.63
CA GLY B 382 78.54 11.82 -40.91
C GLY B 382 78.04 10.65 -40.09
N LYS B 383 76.85 10.12 -40.40
CA LYS B 383 76.37 8.94 -39.69
C LYS B 383 77.33 7.77 -39.83
N LEU B 384 78.08 7.72 -40.94
CA LEU B 384 79.09 6.70 -41.12
C LEU B 384 80.28 6.88 -40.17
N LEU B 385 80.39 8.04 -39.53
CA LEU B 385 81.57 8.33 -38.71
C LEU B 385 81.71 7.31 -37.58
N SER B 386 80.61 6.96 -36.93
CA SER B 386 80.64 5.99 -35.84
C SER B 386 80.56 4.56 -36.33
N THR B 387 80.44 4.34 -37.65
CA THR B 387 80.32 3.02 -38.21
C THR B 387 81.70 2.51 -38.63
N ALA B 388 81.74 1.35 -39.30
CA ALA B 388 82.97 0.74 -39.74
C ALA B 388 83.33 1.12 -41.18
N PHE B 389 82.99 2.33 -41.60
CA PHE B 389 83.24 2.80 -42.96
C PHE B 389 84.04 4.09 -42.92
N ARG B 390 84.86 4.28 -43.95
CA ARG B 390 85.72 5.45 -44.09
C ARG B 390 85.44 6.16 -45.41
N VAL B 391 84.16 6.30 -45.75
CA VAL B 391 83.76 6.91 -47.02
C VAL B 391 84.36 8.31 -47.12
N SER B 392 85.11 8.55 -48.19
CA SER B 392 85.73 9.84 -48.45
C SER B 392 85.11 10.45 -49.70
N VAL B 393 84.59 11.66 -49.56
CA VAL B 393 83.98 12.39 -50.66
C VAL B 393 84.99 13.40 -51.19
N ASN B 394 85.23 13.36 -52.49
CA ASN B 394 86.24 14.20 -53.13
C ASN B 394 85.68 14.80 -54.41
N GLY B 395 86.25 15.93 -54.81
CA GLY B 395 85.91 16.57 -56.05
C GLY B 395 86.57 15.99 -57.27
N TYR B 396 87.39 14.95 -57.09
CA TYR B 396 88.03 14.29 -58.23
C TYR B 396 87.02 13.72 -59.21
N GLU B 397 85.80 13.44 -58.76
CA GLU B 397 84.78 12.83 -59.60
C GLU B 397 83.45 13.51 -59.35
N THR B 398 82.56 13.42 -60.33
CA THR B 398 81.23 13.98 -60.19
C THR B 398 80.44 13.21 -59.13
N SER B 399 79.25 13.74 -58.81
CA SER B 399 78.41 13.08 -57.82
C SER B 399 78.03 11.68 -58.27
N ASN B 400 77.63 11.53 -59.54
CA ASN B 400 77.31 10.20 -60.05
C ASN B 400 78.56 9.32 -60.10
N GLU B 401 79.69 9.87 -60.54
CA GLU B 401 80.92 9.10 -60.56
C GLU B 401 81.37 8.71 -59.16
N ASN B 402 81.27 9.65 -58.21
CA ASN B 402 81.52 9.30 -56.82
C ASN B 402 80.52 8.27 -56.32
N TYR B 403 79.25 8.43 -56.71
CA TYR B 403 78.25 7.44 -56.37
C TYR B 403 78.64 6.06 -56.87
N VAL B 404 79.17 5.99 -58.10
CA VAL B 404 79.68 4.72 -58.63
C VAL B 404 80.92 4.28 -57.86
N ARG B 405 81.85 5.21 -57.65
CA ARG B 405 83.10 4.86 -56.98
C ARG B 405 82.87 4.49 -55.52
N ILE B 406 82.10 5.30 -54.80
CA ILE B 406 81.90 5.07 -53.38
C ILE B 406 81.23 3.72 -53.15
N LEU B 407 80.17 3.44 -53.91
CA LEU B 407 79.49 2.16 -53.77
C LEU B 407 80.40 1.00 -54.17
N SER B 408 81.16 1.17 -55.26
CA SER B 408 82.07 0.12 -55.68
C SER B 408 83.14 -0.14 -54.62
N GLU B 409 83.54 0.89 -53.88
CA GLU B 409 84.59 0.70 -52.88
C GLU B 409 84.11 -0.15 -51.72
N TRP B 410 82.90 0.11 -51.21
CA TRP B 410 82.37 -0.58 -50.04
C TRP B 410 81.30 -1.60 -50.40
N GLY B 411 80.26 -1.18 -51.11
CA GLY B 411 79.24 -2.09 -51.59
C GLY B 411 77.95 -2.02 -50.79
N ILE B 412 77.18 -3.12 -50.89
CA ILE B 412 75.86 -3.15 -50.25
C ILE B 412 75.95 -2.95 -48.73
N PRO B 413 76.87 -3.58 -48.01
CA PRO B 413 76.85 -3.47 -46.54
C PRO B 413 76.75 -2.04 -46.05
N LEU B 414 77.27 -1.07 -46.79
CA LEU B 414 77.08 0.33 -46.43
C LEU B 414 75.61 0.72 -46.50
N VAL B 415 74.90 0.21 -47.51
CA VAL B 415 73.48 0.54 -47.66
C VAL B 415 72.68 0.00 -46.49
N ASP B 416 73.06 -1.16 -45.96
CA ASP B 416 72.32 -1.71 -44.82
C ASP B 416 72.28 -0.73 -43.66
N GLN B 417 73.41 -0.08 -43.37
CA GLN B 417 73.43 0.94 -42.33
C GLN B 417 72.56 2.12 -42.72
N LEU B 418 72.58 2.49 -44.02
CA LEU B 418 71.77 3.63 -44.47
C LEU B 418 70.29 3.39 -44.20
N ILE B 419 69.79 2.21 -44.57
CA ILE B 419 68.38 1.91 -44.35
C ILE B 419 68.08 1.81 -42.87
N HIS B 420 68.99 1.22 -42.10
CA HIS B 420 68.79 1.10 -40.66
C HIS B 420 68.69 2.48 -40.02
N ASP B 421 69.55 3.42 -40.43
CA ASP B 421 69.50 4.77 -39.88
C ASP B 421 68.23 5.50 -40.31
N SER B 422 67.63 5.08 -41.43
CA SER B 422 66.41 5.74 -41.90
C SER B 422 65.28 5.61 -40.89
N GLY B 423 65.23 4.50 -40.15
CA GLY B 423 64.20 4.28 -39.17
C GLY B 423 62.88 3.78 -39.71
N ILE B 424 62.78 3.54 -41.02
CA ILE B 424 61.53 3.06 -41.58
C ILE B 424 61.20 1.67 -41.06
N GLU B 425 62.21 0.80 -40.95
CA GLU B 425 61.96 -0.55 -40.45
C GLU B 425 61.42 -0.53 -39.03
N SER B 426 61.96 0.36 -38.18
CA SER B 426 61.44 0.47 -36.82
C SER B 426 59.98 0.94 -36.83
N PHE B 427 59.63 1.82 -37.77
CA PHE B 427 58.26 2.29 -37.86
C PHE B 427 57.30 1.14 -38.13
N ARG B 428 57.66 0.24 -39.04
CA ARG B 428 56.80 -0.89 -39.33
C ARG B 428 56.60 -1.77 -38.10
N SER B 429 57.67 -2.05 -37.37
CA SER B 429 57.54 -2.83 -36.14
C SER B 429 56.72 -2.10 -35.10
N GLY B 430 56.93 -0.78 -34.97
CA GLY B 430 56.19 0.01 -34.00
C GLY B 430 54.70 -0.06 -34.18
N ILE B 431 54.22 0.33 -35.37
CA ILE B 431 52.78 0.29 -35.64
C ILE B 431 52.28 -1.15 -35.62
N GLY B 432 53.03 -2.07 -36.22
CA GLY B 432 52.63 -3.46 -36.21
C GLY B 432 52.50 -4.02 -34.82
N LEU B 433 53.44 -3.68 -33.93
CA LEU B 433 53.36 -4.12 -32.55
C LEU B 433 52.09 -3.59 -31.88
N TYR B 434 51.77 -2.32 -32.11
CA TYR B 434 50.59 -1.73 -31.49
C TYR B 434 49.32 -2.41 -31.95
N LEU B 435 49.17 -2.59 -33.27
CA LEU B 435 47.95 -3.20 -33.80
C LEU B 435 47.91 -4.69 -33.50
N ALA B 436 49.02 -5.38 -33.70
CA ALA B 436 49.03 -6.83 -33.49
C ALA B 436 48.84 -7.19 -32.02
N GLU B 437 49.41 -6.40 -31.11
CA GLU B 437 49.40 -6.71 -29.69
C GLU B 437 48.25 -6.08 -28.94
N GLU B 438 47.96 -4.80 -29.16
CA GLU B 438 46.94 -4.09 -28.39
C GLU B 438 45.58 -4.11 -29.09
N LYS B 439 45.51 -3.58 -30.30
CA LYS B 439 44.22 -3.45 -30.98
C LYS B 439 43.62 -4.81 -31.31
N TYR B 440 44.46 -5.75 -31.74
CA TYR B 440 43.93 -7.05 -32.19
C TYR B 440 43.14 -7.76 -31.11
N PRO B 441 43.67 -8.00 -29.92
CA PRO B 441 42.87 -8.66 -28.88
C PRO B 441 41.64 -7.86 -28.49
N GLU B 442 41.72 -6.54 -28.51
CA GLU B 442 40.56 -5.72 -28.17
C GLU B 442 39.38 -6.01 -29.09
N LEU B 443 39.66 -6.34 -30.34
CA LEU B 443 38.58 -6.63 -31.29
C LEU B 443 37.77 -7.83 -30.82
N PHE B 444 38.45 -8.89 -30.38
CA PHE B 444 37.74 -10.02 -29.78
C PHE B 444 37.04 -9.61 -28.49
N ALA B 445 37.68 -8.76 -27.70
CA ALA B 445 37.06 -8.31 -26.44
C ALA B 445 35.76 -7.55 -26.72
N THR B 446 35.74 -6.71 -27.76
CA THR B 446 34.53 -5.99 -28.11
C THR B 446 33.40 -6.95 -28.43
N LEU B 447 33.71 -8.06 -29.10
CA LEU B 447 32.67 -9.01 -29.49
C LEU B 447 31.95 -9.56 -28.26
N ALA B 448 32.70 -9.93 -27.22
CA ALA B 448 32.08 -10.50 -26.04
C ALA B 448 31.11 -9.50 -25.39
N ASN B 449 31.57 -8.26 -25.19
CA ASN B 449 30.69 -7.22 -24.66
C ASN B 449 29.60 -6.85 -25.66
N ASP B 450 29.84 -7.03 -26.95
CA ASP B 450 28.85 -6.74 -27.98
C ASP B 450 27.87 -7.89 -28.17
N LEU B 451 28.17 -9.08 -27.65
CA LEU B 451 27.30 -10.23 -27.77
C LEU B 451 26.45 -10.48 -26.53
N GLN B 452 26.87 -9.97 -25.37
CA GLN B 452 26.10 -10.17 -24.16
C GLN B 452 24.67 -9.67 -24.27
N PRO B 453 24.37 -8.52 -24.90
CA PRO B 453 23.00 -7.98 -24.88
C PRO B 453 21.92 -8.94 -25.39
N LEU B 454 22.32 -10.05 -26.02
CA LEU B 454 21.35 -11.05 -26.46
C LEU B 454 21.19 -12.19 -25.45
N CYS B 455 22.28 -12.65 -24.84
CA CYS B 455 22.18 -13.66 -23.79
C CYS B 455 21.58 -13.11 -22.52
N ILE B 456 21.44 -11.78 -22.40
CA ILE B 456 20.89 -11.17 -21.20
C ILE B 456 19.46 -11.62 -20.97
N ALA B 457 18.68 -11.79 -22.03
CA ALA B 457 17.25 -12.04 -21.93
C ALA B 457 16.87 -13.51 -22.11
N LEU B 458 17.64 -14.28 -22.88
CA LEU B 458 17.26 -15.66 -23.14
C LEU B 458 17.18 -16.46 -21.85
N ARG B 459 18.17 -16.33 -20.98
CA ARG B 459 18.13 -17.04 -19.71
C ARG B 459 16.97 -16.56 -18.85
N GLN B 460 16.71 -15.25 -18.86
CA GLN B 460 15.61 -14.70 -18.06
C GLN B 460 14.28 -15.29 -18.49
N PHE B 461 13.99 -15.26 -19.79
CA PHE B 461 12.71 -15.76 -20.27
C PHE B 461 12.56 -17.25 -20.00
N TYR B 462 13.61 -18.03 -20.27
CA TYR B 462 13.54 -19.46 -20.00
C TYR B 462 13.40 -19.73 -18.51
N LEU B 463 14.15 -19.00 -17.68
CA LEU B 463 14.10 -19.22 -16.25
C LEU B 463 12.75 -18.85 -15.65
N GLU B 464 11.98 -17.99 -16.32
CA GLU B 464 10.67 -17.59 -15.80
C GLU B 464 9.61 -18.62 -16.15
N ASN B 465 9.50 -18.97 -17.44
CA ASN B 465 8.51 -19.96 -17.85
C ASN B 465 8.79 -21.32 -17.20
N TYR B 466 10.05 -21.74 -17.17
CA TYR B 466 10.40 -23.02 -16.57
C TYR B 466 10.04 -23.03 -15.09
N ARG B 467 10.38 -21.96 -14.37
CA ARG B 467 10.03 -21.88 -12.96
C ARG B 467 8.54 -21.66 -12.77
N GLN B 468 7.92 -20.88 -13.65
CA GLN B 468 6.48 -20.62 -13.53
C GLN B 468 5.68 -21.90 -13.71
N LEU B 469 6.06 -22.74 -14.67
CA LEU B 469 5.32 -23.97 -14.91
C LEU B 469 5.46 -24.94 -13.74
N ASP B 470 6.59 -24.91 -13.04
CA ASP B 470 6.81 -25.81 -11.92
C ASP B 470 5.89 -25.52 -10.75
N SER B 471 5.28 -24.33 -10.69
CA SER B 471 4.40 -23.99 -9.59
C SER B 471 3.15 -24.88 -9.58
N GLN B 472 2.63 -25.23 -10.75
CA GLN B 472 1.41 -26.02 -10.81
C GLN B 472 1.65 -27.42 -10.26
N PRO B 473 0.63 -28.05 -9.69
CA PRO B 473 0.80 -29.43 -9.19
C PRO B 473 1.06 -30.39 -10.34
N ARG B 474 1.41 -31.62 -9.97
CA ARG B 474 1.71 -32.66 -10.95
C ARG B 474 0.89 -33.92 -10.66
N GLU B 475 0.67 -34.22 -9.38
CA GLU B 475 -0.07 -35.42 -9.02
C GLU B 475 -1.54 -35.30 -9.46
N ILE B 476 -2.10 -36.43 -9.89
CA ILE B 476 -3.50 -36.44 -10.32
C ILE B 476 -4.41 -36.10 -9.16
N ALA B 477 -4.16 -36.70 -8.00
CA ALA B 477 -5.01 -36.45 -6.83
C ALA B 477 -5.01 -34.97 -6.47
N ALA B 478 -3.82 -34.38 -6.32
CA ALA B 478 -3.74 -32.96 -6.02
C ALA B 478 -4.28 -32.12 -7.18
N MET B 479 -3.93 -32.48 -8.41
CA MET B 479 -4.41 -31.72 -9.56
C MET B 479 -5.93 -31.78 -9.67
N LYS B 480 -6.50 -32.97 -9.49
CA LYS B 480 -7.96 -33.11 -9.56
C LYS B 480 -8.63 -32.33 -8.44
N ALA B 481 -8.05 -32.35 -7.24
CA ALA B 481 -8.62 -31.59 -6.13
C ALA B 481 -8.69 -30.11 -6.47
N GLN B 482 -7.73 -29.60 -7.24
CA GLN B 482 -7.78 -28.20 -7.65
C GLN B 482 -9.02 -27.92 -8.49
N GLU B 483 -9.37 -28.83 -9.40
CA GLU B 483 -10.57 -28.65 -10.20
C GLU B 483 -11.80 -28.63 -9.31
N LEU B 484 -11.88 -29.53 -8.33
CA LEU B 484 -12.95 -29.47 -7.34
C LEU B 484 -12.87 -28.17 -6.53
N THR B 485 -11.65 -27.73 -6.22
CA THR B 485 -11.47 -26.47 -5.50
C THR B 485 -11.90 -25.26 -6.32
N LEU B 486 -12.11 -25.43 -7.63
CA LEU B 486 -12.57 -24.35 -8.49
C LEU B 486 -13.98 -24.53 -9.00
N LEU B 487 -14.53 -25.75 -8.91
CA LEU B 487 -15.88 -25.99 -9.42
C LEU B 487 -16.92 -25.16 -8.67
N ASN B 488 -16.81 -25.11 -7.34
CA ASN B 488 -17.80 -24.39 -6.55
C ASN B 488 -17.70 -22.88 -6.73
N GLN B 489 -16.51 -22.37 -7.06
CA GLN B 489 -16.39 -20.92 -7.31
C GLN B 489 -17.29 -20.49 -8.45
N GLU B 490 -17.33 -21.28 -9.53
CA GLU B 490 -18.25 -20.98 -10.62
C GLU B 490 -19.70 -21.06 -10.14
N MET B 491 -20.00 -22.03 -9.28
CA MET B 491 -21.36 -22.17 -8.77
C MET B 491 -21.76 -20.93 -7.97
N GLN B 492 -20.87 -20.43 -7.12
CA GLN B 492 -21.20 -19.25 -6.32
C GLN B 492 -21.46 -18.04 -7.20
N ASN B 493 -20.61 -17.82 -8.21
CA ASN B 493 -20.85 -16.71 -9.12
C ASN B 493 -22.16 -16.87 -9.87
N LEU B 494 -22.55 -18.11 -10.17
CA LEU B 494 -23.82 -18.34 -10.86
C LEU B 494 -24.99 -17.82 -10.04
N GLY B 495 -24.98 -18.08 -8.73
CA GLY B 495 -26.05 -17.56 -7.88
C GLY B 495 -26.04 -16.05 -7.82
N ILE B 496 -24.86 -15.45 -7.65
CA ILE B 496 -24.75 -13.99 -7.62
C ILE B 496 -25.17 -13.41 -8.96
N GLU B 497 -24.71 -14.01 -10.06
CA GLU B 497 -25.04 -13.50 -11.38
C GLU B 497 -26.51 -13.69 -11.70
N PHE B 498 -27.12 -14.77 -11.20
CA PHE B 498 -28.52 -15.03 -11.49
C PHE B 498 -29.41 -13.92 -10.94
N LYS B 499 -29.16 -13.48 -9.70
CA LYS B 499 -29.94 -12.40 -9.13
C LYS B 499 -29.76 -11.10 -9.92
N LYS B 500 -28.58 -10.90 -10.49
CA LYS B 500 -28.32 -9.67 -11.25
C LYS B 500 -29.26 -9.54 -12.44
N TYR B 501 -29.38 -10.62 -13.22
CA TYR B 501 -30.26 -10.58 -14.39
C TYR B 501 -31.72 -10.39 -13.97
N MET B 502 -32.15 -11.11 -12.93
CA MET B 502 -33.53 -10.99 -12.48
C MET B 502 -33.82 -9.57 -11.99
N SER B 503 -32.87 -8.97 -11.27
CA SER B 503 -33.06 -7.61 -10.80
C SER B 503 -33.10 -6.61 -11.96
N ALA B 504 -32.32 -6.86 -13.01
CA ALA B 504 -32.33 -5.96 -14.16
C ALA B 504 -33.66 -6.04 -14.91
N GLN B 505 -34.15 -7.24 -15.15
CA GLN B 505 -35.40 -7.39 -15.90
C GLN B 505 -36.57 -6.77 -15.15
N ILE B 506 -36.65 -7.00 -13.84
CA ILE B 506 -37.77 -6.48 -13.07
C ILE B 506 -37.71 -4.96 -12.99
N ASN B 507 -36.50 -4.40 -12.88
CA ASN B 507 -36.36 -2.95 -12.78
C ASN B 507 -36.93 -2.26 -14.02
N ASP B 508 -36.66 -2.83 -15.20
CA ASP B 508 -37.16 -2.24 -16.44
C ASP B 508 -38.69 -2.13 -16.45
N VAL B 509 -39.38 -3.03 -15.75
CA VAL B 509 -40.84 -3.00 -15.75
C VAL B 509 -41.36 -1.85 -14.92
N VAL B 510 -40.74 -1.60 -13.76
CA VAL B 510 -41.22 -0.57 -12.85
C VAL B 510 -41.22 0.81 -13.49
N ILE B 511 -40.32 1.04 -14.45
CA ILE B 511 -40.17 2.35 -15.06
C ILE B 511 -40.66 2.40 -16.49
N GLY B 512 -40.93 1.26 -17.12
CA GLY B 512 -41.44 1.23 -18.47
C GLY B 512 -40.40 1.04 -19.55
N ASN B 513 -39.17 0.68 -19.18
CA ASN B 513 -38.15 0.44 -20.20
C ASN B 513 -38.54 -0.71 -21.12
N ASP B 514 -39.14 -1.76 -20.58
CA ASP B 514 -39.60 -2.88 -21.38
C ASP B 514 -40.79 -2.43 -22.20
N ARG B 515 -40.54 -2.14 -23.48
CA ARG B 515 -41.59 -1.59 -24.34
C ARG B 515 -42.75 -2.57 -24.49
N GLU B 516 -42.49 -3.87 -24.44
CA GLU B 516 -43.56 -4.85 -24.61
C GLU B 516 -44.58 -4.74 -23.49
N PHE B 517 -44.12 -4.57 -22.26
CA PHE B 517 -45.05 -4.48 -21.13
C PHE B 517 -45.96 -3.26 -21.26
N ASP B 518 -45.41 -2.14 -21.70
CA ASP B 518 -46.20 -0.91 -21.80
C ASP B 518 -47.34 -1.08 -22.81
N GLN B 519 -47.07 -1.72 -23.94
CA GLN B 519 -48.10 -1.91 -24.96
C GLN B 519 -49.27 -2.71 -24.41
N ASP B 520 -48.98 -3.78 -23.66
CA ASP B 520 -50.05 -4.56 -23.04
C ASP B 520 -50.77 -3.74 -21.97
N PHE B 521 -50.01 -2.96 -21.19
CA PHE B 521 -50.62 -2.21 -20.10
C PHE B 521 -51.61 -1.17 -20.62
N THR B 522 -51.23 -0.43 -21.67
CA THR B 522 -52.14 0.57 -22.22
C THR B 522 -53.39 -0.09 -22.80
N LYS B 523 -53.27 -1.31 -23.32
CA LYS B 523 -54.44 -2.04 -23.78
C LYS B 523 -55.41 -2.29 -22.62
N LEU B 524 -54.87 -2.63 -21.45
CA LEU B 524 -55.72 -2.90 -20.30
C LEU B 524 -56.54 -1.66 -19.92
N LYS B 525 -55.89 -0.50 -19.89
CA LYS B 525 -56.59 0.73 -19.50
C LYS B 525 -57.68 1.08 -20.51
N ALA B 526 -57.39 0.94 -21.80
CA ALA B 526 -58.37 1.32 -22.82
C ALA B 526 -59.63 0.49 -22.72
N ARG B 527 -59.49 -0.82 -22.50
CA ARG B 527 -60.65 -1.70 -22.46
C ARG B 527 -61.58 -1.31 -21.32
N MET B 528 -61.03 -1.03 -20.14
CA MET B 528 -61.87 -0.70 -18.98
C MET B 528 -62.61 0.62 -19.20
N VAL B 529 -61.90 1.64 -19.69
CA VAL B 529 -62.55 2.92 -19.95
C VAL B 529 -63.64 2.76 -21.01
N ALA B 530 -63.32 2.05 -22.09
CA ALA B 530 -64.33 1.77 -23.10
C ALA B 530 -65.45 0.93 -22.55
N ARG B 531 -65.12 -0.06 -21.70
CA ARG B 531 -66.14 -0.92 -21.12
C ARG B 531 -67.13 -0.11 -20.29
N LEU B 532 -66.63 0.82 -19.47
CA LEU B 532 -67.52 1.62 -18.63
C LEU B 532 -68.46 2.47 -19.48
N ASP B 533 -67.93 3.13 -20.50
CA ASP B 533 -68.76 3.98 -21.34
C ASP B 533 -69.81 3.16 -22.07
N GLU B 534 -69.42 2.01 -22.63
CA GLU B 534 -70.38 1.13 -23.29
C GLU B 534 -71.37 0.55 -22.30
N LEU B 535 -70.89 0.17 -21.10
CA LEU B 535 -71.75 -0.50 -20.14
C LEU B 535 -72.86 0.42 -19.65
N LEU B 536 -72.52 1.64 -19.24
CA LEU B 536 -73.53 2.54 -18.73
C LEU B 536 -74.40 3.12 -19.84
N LYS B 537 -73.86 3.22 -21.05
CA LYS B 537 -74.65 3.74 -22.17
C LYS B 537 -75.84 2.83 -22.47
N THR B 538 -75.62 1.51 -22.42
CA THR B 538 -76.67 0.54 -22.69
C THR B 538 -77.52 0.24 -21.47
N PHE B 539 -77.21 0.84 -20.32
CA PHE B 539 -78.00 0.59 -19.12
C PHE B 539 -79.45 0.97 -19.34
N SER B 540 -80.35 0.08 -18.90
CA SER B 540 -81.77 0.27 -19.09
C SER B 540 -82.50 -0.08 -17.79
N VAL B 541 -83.60 0.63 -17.54
CA VAL B 541 -84.43 0.34 -16.37
C VAL B 541 -85.01 -1.07 -16.47
N MET B 542 -85.14 -1.61 -17.67
CA MET B 542 -85.66 -2.95 -17.89
C MET B 542 -84.58 -4.02 -17.77
N ASN B 543 -83.44 -3.71 -17.16
CA ASN B 543 -82.40 -4.68 -16.87
C ASN B 543 -82.07 -4.76 -15.39
N ALA B 544 -82.06 -3.63 -14.68
CA ALA B 544 -81.86 -3.66 -13.24
C ALA B 544 -83.10 -4.21 -12.52
N TYR B 545 -84.29 -3.77 -12.93
CA TYR B 545 -85.51 -4.28 -12.32
C TYR B 545 -85.68 -5.77 -12.55
N LYS B 546 -85.04 -6.32 -13.59
CA LYS B 546 -85.06 -7.76 -13.79
C LYS B 546 -84.40 -8.48 -12.62
N ARG B 547 -83.27 -7.94 -12.15
CA ARG B 547 -82.52 -8.58 -11.06
C ARG B 547 -83.18 -8.38 -9.71
N ALA B 548 -83.96 -7.31 -9.53
CA ALA B 548 -84.58 -7.07 -8.22
C ALA B 548 -85.51 -8.22 -7.84
N THR B 549 -86.32 -8.69 -8.79
CA THR B 549 -87.19 -9.82 -8.50
C THR B 549 -86.38 -11.08 -8.19
N GLU B 550 -85.30 -11.30 -8.93
CA GLU B 550 -84.48 -12.50 -8.72
C GLU B 550 -83.87 -12.51 -7.32
N SER B 551 -83.41 -11.35 -6.85
CA SER B 551 -82.70 -11.30 -5.58
C SER B 551 -83.59 -11.76 -4.42
N HIS B 552 -84.91 -11.59 -4.55
CA HIS B 552 -85.85 -11.91 -3.48
C HIS B 552 -86.78 -13.02 -3.93
N PRO B 553 -86.50 -14.28 -3.56
CA PRO B 553 -87.35 -15.38 -4.05
C PRO B 553 -88.80 -15.28 -3.64
N ARG B 554 -89.11 -14.72 -2.46
CA ARG B 554 -90.47 -14.70 -1.96
C ARG B 554 -91.26 -13.52 -2.51
N ASN B 555 -90.79 -12.30 -2.26
CA ASN B 555 -91.52 -11.12 -2.70
C ASN B 555 -91.51 -11.01 -4.22
N SER B 556 -92.63 -10.56 -4.77
CA SER B 556 -92.82 -10.41 -6.20
C SER B 556 -93.18 -8.98 -6.58
N THR B 557 -92.80 -8.02 -5.74
CA THR B 557 -93.12 -6.61 -5.98
C THR B 557 -92.04 -5.76 -5.33
N ALA B 558 -91.18 -5.16 -6.16
CA ALA B 558 -90.09 -4.36 -5.63
C ALA B 558 -90.46 -2.88 -5.57
N PRO B 559 -90.01 -2.15 -4.56
CA PRO B 559 -90.29 -0.72 -4.52
C PRO B 559 -89.57 0.05 -5.62
N PHE B 560 -90.10 1.23 -5.93
CA PHE B 560 -89.46 2.09 -6.91
C PHE B 560 -88.03 2.42 -6.52
N ILE B 561 -87.75 2.54 -5.22
CA ILE B 561 -86.41 2.90 -4.78
C ILE B 561 -85.40 1.78 -5.01
N ALA B 562 -85.86 0.53 -5.13
CA ALA B 562 -84.96 -0.59 -5.34
C ALA B 562 -84.24 -0.54 -6.68
N VAL B 563 -84.70 0.28 -7.62
CA VAL B 563 -84.05 0.37 -8.92
C VAL B 563 -82.61 0.87 -8.75
N LEU B 564 -82.43 1.91 -7.94
CA LEU B 564 -81.10 2.48 -7.75
C LEU B 564 -80.15 1.48 -7.13
N VAL B 565 -80.61 0.77 -6.09
CA VAL B 565 -79.73 -0.13 -5.36
C VAL B 565 -79.20 -1.23 -6.28
N GLU B 566 -80.10 -1.83 -7.06
CA GLU B 566 -79.68 -2.86 -7.99
C GLU B 566 -78.76 -2.30 -9.07
N ALA B 567 -78.92 -1.03 -9.42
CA ALA B 567 -78.07 -0.42 -10.44
C ALA B 567 -76.61 -0.39 -9.99
N LEU B 568 -76.37 -0.04 -8.73
CA LEU B 568 -74.99 0.01 -8.24
C LEU B 568 -74.31 -1.35 -8.34
N TYR B 569 -74.99 -2.39 -7.85
CA TYR B 569 -74.39 -3.72 -7.87
C TYR B 569 -74.27 -4.25 -9.29
N TYR B 570 -75.30 -4.05 -10.12
CA TYR B 570 -75.22 -4.49 -11.51
C TYR B 570 -74.11 -3.76 -12.25
N LEU B 571 -73.98 -2.46 -12.02
CA LEU B 571 -72.95 -1.67 -12.68
C LEU B 571 -71.58 -1.82 -12.02
N ALA B 572 -71.51 -2.41 -10.83
CA ALA B 572 -70.25 -2.63 -10.14
C ALA B 572 -69.74 -4.05 -10.30
N ASN B 573 -70.59 -5.05 -10.07
CA ASN B 573 -70.16 -6.44 -10.21
C ASN B 573 -69.73 -6.74 -11.64
N GLU B 574 -70.48 -6.23 -12.62
CA GLU B 574 -70.07 -6.41 -14.01
C GLU B 574 -68.73 -5.74 -14.28
N LEU B 575 -68.52 -4.54 -13.74
CA LEU B 575 -67.24 -3.88 -13.89
C LEU B 575 -66.12 -4.67 -13.24
N GLU B 576 -66.40 -5.27 -12.08
CA GLU B 576 -65.38 -6.03 -11.37
C GLU B 576 -64.87 -7.19 -12.22
N ASP B 577 -65.78 -7.91 -12.90
CA ASP B 577 -65.36 -9.05 -13.71
C ASP B 577 -64.41 -8.62 -14.81
N ALA B 578 -64.51 -7.38 -15.28
CA ALA B 578 -63.63 -6.91 -16.35
C ALA B 578 -62.17 -6.94 -15.92
N PHE B 579 -61.88 -6.49 -14.70
CA PHE B 579 -60.51 -6.52 -14.21
C PHE B 579 -60.00 -7.95 -14.11
N ILE B 580 -60.81 -8.84 -13.54
CA ILE B 580 -60.36 -10.22 -13.31
C ILE B 580 -60.03 -10.90 -14.63
N GLU B 581 -60.91 -10.76 -15.63
CA GLU B 581 -60.65 -11.37 -16.92
C GLU B 581 -59.40 -10.79 -17.58
N ALA B 582 -59.25 -9.46 -17.51
CA ALA B 582 -58.09 -8.83 -18.16
C ALA B 582 -56.82 -9.04 -17.36
N ILE B 583 -56.91 -9.05 -16.03
CA ILE B 583 -55.72 -9.22 -15.21
C ILE B 583 -55.07 -10.58 -15.49
N HIS B 584 -55.88 -11.63 -15.61
CA HIS B 584 -55.34 -12.94 -15.96
C HIS B 584 -54.63 -12.89 -17.31
N GLU B 585 -55.23 -12.18 -18.27
CA GLU B 585 -54.60 -12.04 -19.59
C GLU B 585 -53.27 -11.30 -19.53
N LEU B 586 -53.07 -10.47 -18.50
CA LEU B 586 -51.85 -9.69 -18.39
C LEU B 586 -50.72 -10.48 -17.72
N VAL B 587 -51.00 -11.09 -16.56
CA VAL B 587 -49.97 -11.81 -15.83
C VAL B 587 -49.45 -12.99 -16.66
N LYS B 588 -50.37 -13.75 -17.27
CA LYS B 588 -49.96 -14.92 -18.02
C LYS B 588 -49.03 -14.53 -19.18
N ASN B 589 -49.37 -13.45 -19.90
CA ASN B 589 -48.54 -13.05 -21.02
C ASN B 589 -47.15 -12.61 -20.57
N PHE B 590 -47.07 -11.95 -19.40
CA PHE B 590 -45.78 -11.47 -18.92
C PHE B 590 -44.83 -12.63 -18.65
N PHE B 591 -45.31 -13.68 -17.99
CA PHE B 591 -44.42 -14.78 -17.61
C PHE B 591 -43.85 -15.49 -18.83
N GLN B 592 -44.67 -15.72 -19.85
CA GLN B 592 -44.15 -16.34 -21.06
C GLN B 592 -43.11 -15.44 -21.73
N ARG B 593 -43.33 -14.12 -21.69
CA ARG B 593 -42.33 -13.19 -22.20
C ARG B 593 -41.03 -13.29 -21.42
N LEU B 594 -41.10 -13.65 -20.13
CA LEU B 594 -39.92 -13.74 -19.29
C LEU B 594 -39.23 -15.09 -19.42
N GLY B 595 -39.97 -16.18 -19.26
CA GLY B 595 -39.38 -17.50 -19.39
C GLY B 595 -38.80 -17.75 -20.76
N ASP B 596 -39.50 -17.28 -21.80
CA ASP B 596 -39.02 -17.48 -23.16
C ASP B 596 -37.68 -16.79 -23.38
N ARG B 597 -37.53 -15.56 -22.89
CA ARG B 597 -36.28 -14.83 -23.05
C ARG B 597 -35.25 -15.21 -22.00
N LEU B 598 -35.66 -15.87 -20.92
CA LEU B 598 -34.72 -16.22 -19.86
C LEU B 598 -33.80 -17.36 -20.27
N ARG B 599 -34.30 -18.29 -21.10
CA ARG B 599 -33.49 -19.44 -21.48
C ARG B 599 -32.40 -19.06 -22.48
N LYS B 600 -32.67 -18.10 -23.36
CA LYS B 600 -31.68 -17.74 -24.38
C LYS B 600 -30.41 -17.18 -23.74
N VAL B 601 -30.56 -16.34 -22.73
CA VAL B 601 -29.40 -15.68 -22.13
C VAL B 601 -28.49 -16.71 -21.48
N ASP B 602 -27.19 -16.42 -21.45
CA ASP B 602 -26.20 -17.36 -20.96
C ASP B 602 -26.35 -17.66 -19.47
N CYS B 603 -26.99 -16.76 -18.72
CA CYS B 603 -27.17 -16.99 -17.28
C CYS B 603 -27.84 -18.32 -17.01
N TYR B 604 -29.07 -18.48 -17.49
CA TYR B 604 -29.80 -19.73 -17.34
C TYR B 604 -29.27 -20.84 -18.23
N HIS B 605 -28.52 -20.48 -19.27
CA HIS B 605 -27.99 -21.49 -20.19
C HIS B 605 -26.85 -22.28 -19.54
N GLN B 606 -25.94 -21.59 -18.86
CA GLN B 606 -24.78 -22.25 -18.26
C GLN B 606 -25.15 -23.17 -17.11
N VAL B 607 -26.37 -23.06 -16.57
CA VAL B 607 -26.75 -23.89 -15.44
C VAL B 607 -26.74 -25.36 -15.82
N TYR B 608 -27.28 -25.68 -17.00
CA TYR B 608 -27.49 -27.07 -17.39
C TYR B 608 -26.23 -27.76 -17.88
N ARG B 609 -25.16 -27.02 -18.12
CA ARG B 609 -23.88 -27.63 -18.46
C ARG B 609 -23.17 -28.20 -17.25
N LEU B 610 -23.52 -27.73 -16.05
CA LEU B 610 -22.87 -28.15 -14.81
C LEU B 610 -23.85 -28.80 -13.84
N VAL B 611 -24.98 -28.16 -13.57
CA VAL B 611 -25.91 -28.69 -12.58
C VAL B 611 -26.55 -29.99 -13.09
N GLY B 612 -27.04 -29.99 -14.32
CA GLY B 612 -27.64 -31.15 -14.94
C GLY B 612 -29.13 -31.01 -15.21
N ASN B 613 -29.81 -30.15 -14.46
CA ASN B 613 -31.26 -29.99 -14.61
C ASN B 613 -31.64 -28.59 -14.14
N ASP B 614 -32.95 -28.33 -14.13
CA ASP B 614 -33.45 -27.00 -13.75
C ASP B 614 -33.13 -26.68 -12.30
N GLY B 615 -33.28 -27.67 -11.41
CA GLY B 615 -33.15 -27.40 -9.99
C GLY B 615 -34.35 -26.71 -9.39
N GLY B 616 -35.50 -26.76 -10.05
CA GLY B 616 -36.70 -26.12 -9.56
C GLY B 616 -36.96 -24.73 -10.09
N ILE B 617 -36.12 -24.23 -10.99
CA ILE B 617 -36.31 -22.88 -11.51
C ILE B 617 -37.67 -22.76 -12.19
N GLU B 618 -37.98 -23.70 -13.10
CA GLU B 618 -39.28 -23.69 -13.74
C GLU B 618 -40.39 -23.98 -12.76
N GLN B 619 -40.17 -24.91 -11.82
CA GLN B 619 -41.18 -25.23 -10.83
C GLN B 619 -41.51 -24.02 -9.97
N LEU B 620 -40.48 -23.33 -9.48
CA LEU B 620 -40.71 -22.14 -8.68
C LEU B 620 -41.40 -21.05 -9.50
N LEU B 621 -40.95 -20.86 -10.75
CA LEU B 621 -41.54 -19.83 -11.60
C LEU B 621 -43.03 -20.07 -11.79
N ARG B 622 -43.40 -21.31 -12.13
CA ARG B 622 -44.82 -21.64 -12.27
C ARG B 622 -45.54 -21.52 -10.93
N ARG B 623 -44.90 -21.98 -9.85
CA ARG B 623 -45.52 -21.88 -8.54
C ARG B 623 -45.73 -20.42 -8.15
N ALA B 624 -44.72 -19.58 -8.39
CA ALA B 624 -44.84 -18.16 -8.03
C ALA B 624 -45.93 -17.49 -8.85
N GLU B 625 -46.03 -17.84 -10.14
CA GLU B 625 -47.04 -17.22 -11.00
C GLU B 625 -48.44 -17.38 -10.42
N GLU B 626 -48.72 -18.56 -9.85
CA GLU B 626 -50.02 -18.78 -9.23
C GLU B 626 -50.25 -17.83 -8.06
N ASP B 627 -49.21 -17.63 -7.24
CA ASP B 627 -49.34 -16.73 -6.09
C ASP B 627 -49.60 -15.30 -6.53
N ILE B 628 -48.91 -14.85 -7.59
CA ILE B 628 -49.08 -13.47 -8.04
C ILE B 628 -50.52 -13.24 -8.50
N THR B 629 -51.08 -14.20 -9.24
CA THR B 629 -52.45 -14.04 -9.73
C THR B 629 -53.44 -13.90 -8.58
N LYS B 630 -53.27 -14.73 -7.54
CA LYS B 630 -54.19 -14.66 -6.41
C LYS B 630 -54.11 -13.32 -5.71
N ALA B 631 -52.90 -12.80 -5.51
CA ALA B 631 -52.73 -11.55 -4.77
C ALA B 631 -53.40 -10.40 -5.50
N LEU B 632 -53.16 -10.28 -6.81
CA LEU B 632 -53.76 -9.18 -7.57
C LEU B 632 -55.27 -9.30 -7.63
N VAL B 633 -55.79 -10.51 -7.79
CA VAL B 633 -57.23 -10.70 -7.87
C VAL B 633 -57.90 -10.24 -6.58
N ASN B 634 -57.34 -10.62 -5.43
CA ASN B 634 -57.89 -10.17 -4.16
C ASN B 634 -57.81 -8.66 -4.03
N GLU B 635 -56.68 -8.07 -4.38
CA GLU B 635 -56.53 -6.62 -4.28
C GLU B 635 -57.51 -5.91 -5.21
N ALA B 636 -57.66 -6.40 -6.43
CA ALA B 636 -58.58 -5.77 -7.37
C ALA B 636 -60.01 -5.83 -6.86
N ARG B 637 -60.42 -6.98 -6.33
CA ARG B 637 -61.79 -7.11 -5.82
C ARG B 637 -62.02 -6.16 -4.66
N THR B 638 -61.03 -6.00 -3.79
CA THR B 638 -61.20 -5.13 -2.63
C THR B 638 -61.51 -3.70 -3.05
N GLU B 639 -60.78 -3.19 -4.04
CA GLU B 639 -61.07 -1.86 -4.55
C GLU B 639 -62.45 -1.81 -5.22
N CYS B 640 -62.80 -2.86 -5.95
CA CYS B 640 -64.09 -2.90 -6.63
C CYS B 640 -65.25 -2.86 -5.64
N ASP B 641 -65.02 -3.19 -4.38
CA ASP B 641 -66.07 -3.16 -3.37
C ASP B 641 -66.34 -1.75 -2.84
N ARG B 642 -65.50 -0.78 -3.16
CA ARG B 642 -65.67 0.58 -2.67
C ARG B 642 -66.55 1.44 -3.56
N TYR B 643 -66.70 1.07 -4.83
CA TYR B 643 -67.54 1.87 -5.74
C TYR B 643 -69.00 1.82 -5.32
N VAL B 644 -69.44 0.72 -4.72
CA VAL B 644 -70.87 0.55 -4.42
C VAL B 644 -71.35 1.64 -3.47
N ARG B 645 -70.56 1.95 -2.44
CA ARG B 645 -70.96 2.98 -1.49
C ARG B 645 -71.13 4.31 -2.20
N GLU B 646 -72.22 5.00 -1.90
CA GLU B 646 -72.55 6.24 -2.58
C GLU B 646 -71.73 7.39 -2.02
N SER B 647 -71.10 8.14 -2.92
CA SER B 647 -70.38 9.36 -2.55
C SER B 647 -71.33 10.54 -2.51
N PRO B 648 -70.92 11.66 -1.92
CA PRO B 648 -71.80 12.84 -1.92
C PRO B 648 -72.19 13.28 -3.32
N ARG B 649 -71.31 13.08 -4.30
CA ARG B 649 -71.65 13.43 -5.67
C ARG B 649 -72.82 12.60 -6.20
N PHE B 650 -73.05 11.43 -5.61
CA PHE B 650 -74.13 10.56 -6.08
C PHE B 650 -75.48 11.27 -6.03
N TYR B 651 -75.68 12.15 -5.05
CA TYR B 651 -76.92 12.90 -4.91
C TYR B 651 -76.70 14.35 -5.35
N ASP B 652 -77.62 14.87 -6.14
CA ASP B 652 -77.56 16.25 -6.62
C ASP B 652 -78.98 16.67 -6.99
N GLU B 653 -79.46 17.74 -6.34
CA GLU B 653 -80.83 18.18 -6.56
C GLU B 653 -81.08 18.49 -8.03
N GLY B 654 -80.21 19.28 -8.64
CA GLY B 654 -80.41 19.66 -10.02
C GLY B 654 -80.31 18.50 -10.99
N THR B 655 -79.29 17.65 -10.80
CA THR B 655 -79.07 16.54 -11.72
C THR B 655 -80.24 15.57 -11.71
N PHE B 656 -80.74 15.23 -10.53
CA PHE B 656 -81.82 14.27 -10.41
C PHE B 656 -82.41 14.36 -9.01
N SER B 657 -83.73 14.20 -8.93
CA SER B 657 -84.45 14.24 -7.66
C SER B 657 -85.10 12.89 -7.40
N ILE B 658 -84.88 12.35 -6.21
CA ILE B 658 -85.50 11.09 -5.82
C ILE B 658 -87.00 11.21 -5.64
N TYR B 659 -87.51 12.42 -5.49
CA TYR B 659 -88.92 12.65 -5.19
C TYR B 659 -89.78 12.80 -6.43
N GLN B 660 -89.19 12.74 -7.63
CA GLN B 660 -89.99 12.74 -8.84
C GLN B 660 -90.82 11.48 -8.99
N PHE B 661 -90.50 10.42 -8.23
CA PHE B 661 -91.32 9.22 -8.26
C PHE B 661 -92.73 9.51 -7.79
N ARG B 662 -92.89 10.44 -6.85
CA ARG B 662 -94.22 10.82 -6.40
C ARG B 662 -95.09 11.23 -7.58
N GLN B 663 -94.51 11.96 -8.54
CA GLN B 663 -95.25 12.32 -9.74
C GLN B 663 -95.73 11.08 -10.48
N THR B 664 -94.96 9.99 -10.41
CA THR B 664 -95.37 8.73 -10.99
C THR B 664 -96.21 7.89 -10.03
N LEU B 665 -96.33 8.31 -8.77
CA LEU B 665 -97.15 7.61 -7.78
C LEU B 665 -98.44 8.34 -7.45
N GLN B 666 -98.48 9.66 -7.64
CA GLN B 666 -99.66 10.45 -7.33
C GLN B 666 -100.70 10.24 -8.43
N GLN B 667 -101.38 9.10 -8.36
CA GLN B 667 -102.43 8.75 -9.31
C GLN B 667 -101.91 8.77 -10.74
N THR B 668 -100.67 8.32 -10.93
CA THR B 668 -100.06 8.22 -12.24
C THR B 668 -99.77 6.78 -12.64
N SER B 669 -99.06 6.03 -11.79
CA SER B 669 -98.81 4.61 -12.02
C SER B 669 -99.98 3.84 -11.43
N GLN B 670 -100.95 3.52 -12.27
CA GLN B 670 -102.18 2.87 -11.79
C GLN B 670 -101.89 1.45 -11.32
N GLY B 671 -101.39 0.60 -12.22
CA GLY B 671 -101.11 -0.77 -11.86
C GLY B 671 -99.80 -0.92 -11.11
N TYR B 672 -99.64 -2.11 -10.51
CA TYR B 672 -98.40 -2.45 -9.81
C TYR B 672 -97.39 -2.97 -10.83
N ASP B 673 -96.95 -2.06 -11.69
CA ASP B 673 -95.97 -2.36 -12.73
C ASP B 673 -94.85 -1.35 -12.66
N ALA B 674 -93.89 -1.47 -13.57
CA ALA B 674 -92.73 -0.58 -13.65
C ALA B 674 -92.51 -0.14 -15.09
N GLN B 675 -93.59 0.26 -15.75
CA GLN B 675 -93.52 0.72 -17.13
C GLN B 675 -93.42 2.24 -17.23
N ALA B 676 -94.18 2.97 -16.42
CA ALA B 676 -94.13 4.43 -16.48
C ALA B 676 -92.77 4.96 -16.04
N ILE B 677 -92.07 4.22 -15.17
CA ILE B 677 -90.77 4.67 -14.69
C ILE B 677 -89.75 4.73 -15.82
N VAL B 678 -90.00 4.02 -16.93
CA VAL B 678 -89.05 4.02 -18.03
C VAL B 678 -88.84 5.42 -18.58
N GLU B 679 -89.83 6.31 -18.39
CA GLU B 679 -89.70 7.67 -18.89
C GLU B 679 -88.52 8.40 -18.25
N ALA B 680 -88.15 8.00 -17.03
CA ALA B 680 -87.05 8.64 -16.30
C ALA B 680 -85.70 8.02 -16.59
N GLU B 681 -85.63 7.04 -17.50
CA GLU B 681 -84.35 6.41 -17.80
C GLU B 681 -83.29 7.39 -18.25
N PRO B 682 -83.57 8.36 -19.13
CA PRO B 682 -82.49 9.28 -19.55
C PRO B 682 -81.86 10.04 -18.40
N ALA B 683 -82.63 10.41 -17.39
CA ALA B 683 -82.10 11.23 -16.31
C ALA B 683 -81.14 10.42 -15.42
N ILE B 684 -81.53 9.19 -15.08
CA ILE B 684 -80.71 8.39 -14.16
C ILE B 684 -79.36 8.07 -14.78
N LYS B 685 -79.32 7.87 -16.11
CA LYS B 685 -78.06 7.54 -16.75
C LYS B 685 -77.01 8.63 -16.52
N GLU B 686 -77.41 9.89 -16.64
CA GLU B 686 -76.48 10.98 -16.39
C GLU B 686 -76.01 10.99 -14.93
N LEU B 687 -76.92 10.71 -13.99
CA LEU B 687 -76.56 10.73 -12.58
C LEU B 687 -75.48 9.68 -12.28
N LEU B 688 -75.64 8.47 -12.81
CA LEU B 688 -74.65 7.43 -12.56
C LEU B 688 -73.31 7.81 -13.16
N LYS B 689 -73.32 8.44 -14.35
CA LYS B 689 -72.07 8.88 -14.95
C LYS B 689 -71.32 9.84 -14.03
N LEU B 690 -72.04 10.78 -13.43
CA LEU B 690 -71.40 11.74 -12.54
C LEU B 690 -70.78 11.04 -11.32
N ASP B 691 -71.49 10.07 -10.75
CA ASP B 691 -71.01 9.43 -9.54
C ASP B 691 -69.79 8.56 -9.83
N PHE B 692 -69.87 7.72 -10.86
CA PHE B 692 -68.82 6.71 -11.09
C PHE B 692 -67.63 7.27 -11.86
N GLU B 693 -67.85 8.21 -12.78
CA GLU B 693 -66.77 8.69 -13.63
C GLU B 693 -65.56 9.17 -12.82
N PRO B 694 -65.71 9.95 -11.76
CA PRO B 694 -64.51 10.33 -10.99
C PRO B 694 -63.87 9.17 -10.26
N LYS B 695 -64.68 8.27 -9.69
CA LYS B 695 -64.12 7.17 -8.90
C LYS B 695 -63.33 6.21 -9.78
N VAL B 696 -63.92 5.78 -10.90
CA VAL B 696 -63.26 4.80 -11.76
C VAL B 696 -61.99 5.39 -12.34
N PHE B 697 -62.05 6.64 -12.81
CA PHE B 697 -60.86 7.28 -13.36
C PHE B 697 -59.78 7.41 -12.30
N ASN B 698 -60.15 7.69 -11.06
CA ASN B 698 -59.18 7.85 -9.99
C ASN B 698 -58.41 6.56 -9.75
N THR B 699 -59.11 5.41 -9.79
CA THR B 699 -58.47 4.14 -9.46
C THR B 699 -57.52 3.69 -10.55
N VAL B 700 -58.02 3.54 -11.78
CA VAL B 700 -57.21 3.00 -12.85
C VAL B 700 -56.02 3.90 -13.15
N ARG B 701 -56.25 5.22 -13.18
CA ARG B 701 -55.20 6.15 -13.58
C ARG B 701 -54.11 6.26 -12.52
N LYS B 702 -54.50 6.33 -11.24
CA LYS B 702 -53.54 6.55 -10.16
C LYS B 702 -53.21 5.26 -9.40
N ASN B 703 -54.22 4.61 -8.83
CA ASN B 703 -53.98 3.57 -7.83
C ASN B 703 -53.54 2.26 -8.46
N PHE B 704 -54.12 1.87 -9.59
CA PHE B 704 -53.89 0.53 -10.13
C PHE B 704 -52.42 0.34 -10.50
N ARG B 705 -51.79 1.36 -11.07
CA ARG B 705 -50.41 1.23 -11.54
C ARG B 705 -49.46 0.87 -10.39
N GLN B 706 -49.62 1.54 -9.24
CA GLN B 706 -48.70 1.32 -8.14
C GLN B 706 -48.78 -0.11 -7.63
N THR B 707 -49.99 -0.66 -7.50
CA THR B 707 -50.14 -1.99 -6.92
C THR B 707 -49.43 -3.05 -7.75
N VAL B 708 -49.57 -2.98 -9.08
CA VAL B 708 -48.96 -4.01 -9.93
C VAL B 708 -47.44 -3.98 -9.81
N ASN B 709 -46.86 -2.78 -9.86
CA ASN B 709 -45.39 -2.68 -9.83
C ASN B 709 -44.84 -3.21 -8.52
N ASN B 710 -45.38 -2.76 -7.38
CA ASN B 710 -44.89 -3.20 -6.09
C ASN B 710 -45.14 -4.70 -5.89
N THR B 711 -46.32 -5.18 -6.29
CA THR B 711 -46.66 -6.58 -6.06
C THR B 711 -45.69 -7.51 -6.78
N LEU B 712 -45.35 -7.20 -8.03
CA LEU B 712 -44.44 -8.05 -8.79
C LEU B 712 -43.07 -8.09 -8.13
N LYS B 713 -42.55 -6.93 -7.71
CA LYS B 713 -41.21 -6.88 -7.15
C LYS B 713 -41.15 -7.49 -5.75
N THR B 714 -42.17 -7.24 -4.94
CA THR B 714 -42.16 -7.72 -3.56
C THR B 714 -42.20 -9.23 -3.46
N HIS B 715 -42.70 -9.92 -4.49
CA HIS B 715 -42.79 -11.38 -4.49
C HIS B 715 -41.72 -12.04 -5.34
N LEU B 716 -41.36 -11.44 -6.48
CA LEU B 716 -40.42 -12.07 -7.40
C LEU B 716 -39.02 -12.14 -6.79
N LEU B 717 -38.54 -11.02 -6.23
CA LEU B 717 -37.19 -10.99 -5.70
C LEU B 717 -36.97 -12.00 -4.59
N PRO B 718 -37.80 -12.07 -3.55
CA PRO B 718 -37.56 -13.09 -2.51
C PRO B 718 -37.55 -14.50 -3.05
N MET B 719 -38.39 -14.78 -4.05
CA MET B 719 -38.34 -16.08 -4.70
C MET B 719 -37.00 -16.29 -5.39
N ALA B 720 -36.52 -15.26 -6.10
CA ALA B 720 -35.24 -15.38 -6.78
C ALA B 720 -34.11 -15.60 -5.78
N GLU B 721 -34.13 -14.85 -4.67
CA GLU B 721 -33.10 -15.04 -3.64
C GLU B 721 -33.15 -16.45 -3.08
N GLU B 722 -34.35 -16.98 -2.85
CA GLU B 722 -34.47 -18.36 -2.41
C GLU B 722 -33.92 -19.32 -3.46
N GLN B 723 -34.04 -18.96 -4.74
CA GLN B 723 -33.49 -19.81 -5.79
C GLN B 723 -31.97 -19.95 -5.66
N ALA B 724 -31.31 -18.89 -5.18
CA ALA B 724 -29.86 -18.96 -4.99
C ALA B 724 -29.48 -19.88 -3.84
N GLN B 725 -30.39 -20.11 -2.89
CA GLN B 725 -30.12 -20.98 -1.76
C GLN B 725 -30.41 -22.45 -2.06
N ILE B 726 -30.97 -22.76 -3.23
CA ILE B 726 -31.30 -24.13 -3.59
C ILE B 726 -30.44 -24.56 -4.78
N ILE B 727 -30.04 -23.58 -5.61
CA ILE B 727 -29.17 -23.91 -6.74
C ILE B 727 -27.83 -24.42 -6.23
N LEU B 728 -27.25 -23.75 -5.25
CA LEU B 728 -26.01 -24.20 -4.63
C LEU B 728 -26.24 -25.30 -3.61
N GLU B 729 -27.50 -25.51 -3.19
CA GLU B 729 -27.79 -26.56 -2.22
C GLU B 729 -27.43 -27.95 -2.74
N GLN B 730 -27.50 -28.14 -4.06
CA GLN B 730 -27.25 -29.44 -4.68
C GLN B 730 -25.87 -29.50 -5.32
N TYR B 731 -24.88 -28.89 -4.67
CA TYR B 731 -23.51 -29.00 -5.15
C TYR B 731 -23.01 -30.44 -5.10
N ASP B 732 -23.55 -31.24 -4.19
CA ASP B 732 -23.06 -32.61 -4.03
C ASP B 732 -23.39 -33.47 -5.25
N VAL B 733 -24.64 -33.43 -5.70
CA VAL B 733 -25.06 -34.30 -6.80
C VAL B 733 -24.28 -33.96 -8.07
N ALA B 734 -24.11 -32.66 -8.34
CA ALA B 734 -23.38 -32.27 -9.55
C ALA B 734 -21.97 -32.82 -9.56
N ARG B 735 -21.36 -32.97 -8.38
CA ARG B 735 -20.00 -33.51 -8.33
C ARG B 735 -19.96 -34.95 -8.85
N LYS B 736 -20.94 -35.77 -8.46
CA LYS B 736 -20.97 -37.15 -8.96
C LYS B 736 -21.16 -37.18 -10.47
N TYR B 737 -22.05 -36.34 -10.99
CA TYR B 737 -22.23 -36.26 -12.44
C TYR B 737 -20.94 -35.82 -13.13
N ARG B 738 -20.27 -34.82 -12.56
CA ARG B 738 -19.02 -34.34 -13.15
C ARG B 738 -17.88 -35.33 -12.94
N GLU B 739 -17.97 -36.20 -11.95
CA GLU B 739 -16.87 -37.12 -11.66
C GLU B 739 -16.55 -38.01 -12.84
N GLN B 740 -17.52 -38.23 -13.75
CA GLN B 740 -17.29 -39.09 -14.89
C GLN B 740 -16.19 -38.54 -15.80
N THR B 741 -16.19 -37.23 -16.02
CA THR B 741 -15.31 -36.61 -17.00
C THR B 741 -14.07 -35.98 -16.40
N LEU B 742 -14.01 -35.78 -15.08
CA LEU B 742 -12.88 -35.09 -14.48
C LEU B 742 -11.57 -35.86 -14.62
N GLU B 743 -11.63 -37.18 -14.76
CA GLU B 743 -10.39 -37.95 -14.87
C GLU B 743 -9.62 -37.60 -16.13
N GLN B 744 -10.33 -37.46 -17.26
CA GLN B 744 -9.65 -37.19 -18.52
C GLN B 744 -8.98 -35.82 -18.49
N ASP B 745 -9.65 -34.81 -17.94
CA ASP B 745 -9.10 -33.47 -17.92
C ASP B 745 -7.81 -33.42 -17.10
N ALA B 746 -7.81 -34.08 -15.93
CA ALA B 746 -6.63 -34.03 -15.07
C ALA B 746 -5.42 -34.63 -15.75
N GLU B 747 -5.56 -35.86 -16.27
CA GLU B 747 -4.42 -36.50 -16.95
C GLU B 747 -4.04 -35.75 -18.22
N GLU B 748 -5.03 -35.29 -18.98
CA GLU B 748 -4.74 -34.58 -20.21
C GLU B 748 -4.01 -33.27 -19.94
N LYS B 749 -4.45 -32.53 -18.92
CA LYS B 749 -3.85 -31.23 -18.65
C LYS B 749 -2.39 -31.37 -18.24
N ILE B 750 -2.08 -32.32 -17.36
CA ILE B 750 -0.70 -32.49 -16.92
C ILE B 750 0.17 -32.96 -18.07
N ALA B 751 -0.38 -33.79 -18.96
CA ALA B 751 0.37 -34.23 -20.12
C ALA B 751 0.78 -33.03 -20.98
N ARG B 752 -0.13 -32.09 -21.20
CA ARG B 752 0.22 -30.86 -21.89
C ARG B 752 1.26 -30.08 -21.09
N ASN B 753 1.08 -29.98 -19.78
CA ASN B 753 2.05 -29.28 -18.95
C ASN B 753 3.41 -29.94 -19.03
N SER B 754 3.45 -31.27 -18.94
CA SER B 754 4.72 -31.98 -19.04
C SER B 754 5.35 -31.82 -20.40
N ARG B 755 4.54 -31.88 -21.47
CA ARG B 755 5.09 -31.78 -22.82
C ARG B 755 5.79 -30.45 -23.03
N LEU B 756 5.16 -29.35 -22.60
CA LEU B 756 5.78 -28.04 -22.74
C LEU B 756 6.93 -27.87 -21.74
N GLN B 757 6.76 -28.38 -20.52
CA GLN B 757 7.84 -28.30 -19.54
C GLN B 757 9.06 -29.07 -20.01
N SER B 758 8.84 -30.25 -20.60
CA SER B 758 9.96 -31.01 -21.15
C SER B 758 10.49 -30.39 -22.43
N GLU B 759 9.61 -29.79 -23.24
CA GLU B 759 10.05 -29.18 -24.48
C GLU B 759 11.01 -28.04 -24.22
N ILE B 760 10.68 -27.16 -23.26
CA ILE B 760 11.56 -26.06 -22.93
C ILE B 760 12.87 -26.57 -22.32
N LYS B 761 12.78 -27.65 -21.54
CA LYS B 761 14.00 -28.24 -20.97
C LYS B 761 14.99 -28.64 -22.05
N GLN B 762 14.49 -29.05 -23.22
CA GLN B 762 15.39 -29.42 -24.31
C GLN B 762 16.13 -28.19 -24.85
N LYS B 763 15.45 -27.05 -24.96
CA LYS B 763 16.07 -25.88 -25.56
C LYS B 763 17.25 -25.38 -24.73
N ILE B 764 17.10 -25.33 -23.40
CA ILE B 764 18.17 -24.79 -22.57
C ILE B 764 19.41 -25.67 -22.66
N ASP B 765 19.24 -26.99 -22.80
CA ASP B 765 20.40 -27.86 -22.95
C ASP B 765 21.20 -27.49 -24.18
N LEU B 766 20.52 -27.22 -25.31
CA LEU B 766 21.21 -26.76 -26.49
C LEU B 766 21.89 -25.41 -26.25
N TYR B 767 21.20 -24.50 -25.55
CA TYR B 767 21.80 -23.21 -25.24
C TYR B 767 23.02 -23.37 -24.34
N GLN B 768 22.94 -24.25 -23.34
CA GLN B 768 24.04 -24.39 -22.39
C GLN B 768 25.30 -24.90 -23.09
N THR B 769 25.16 -25.86 -24.01
CA THR B 769 26.33 -26.42 -24.66
C THR B 769 27.06 -25.37 -25.49
N SER B 770 26.31 -24.57 -26.25
CA SER B 770 26.94 -23.59 -27.14
C SER B 770 27.71 -22.55 -26.35
N ILE B 771 27.12 -22.03 -25.28
CA ILE B 771 27.76 -20.94 -24.53
C ILE B 771 29.04 -21.43 -23.87
N VAL B 772 29.03 -22.67 -23.36
CA VAL B 772 30.23 -23.20 -22.71
C VAL B 772 31.40 -23.21 -23.70
N SER B 773 31.14 -23.66 -24.93
CA SER B 773 32.19 -23.66 -25.95
C SER B 773 32.66 -22.24 -26.26
N ILE B 774 31.72 -21.29 -26.32
CA ILE B 774 32.07 -19.92 -26.64
C ILE B 774 33.05 -19.37 -25.61
N ASN B 775 32.73 -19.55 -24.32
CA ASN B 775 33.63 -19.08 -23.27
C ASN B 775 34.95 -19.83 -23.28
N GLU B 776 34.92 -21.13 -23.59
CA GLU B 776 36.15 -21.91 -23.61
C GLU B 776 37.12 -21.37 -24.65
N CYS B 777 36.63 -21.05 -25.85
CA CYS B 777 37.50 -20.52 -26.89
C CYS B 777 37.98 -19.12 -26.55
N LEU B 778 37.06 -18.25 -26.13
CA LEU B 778 37.44 -16.88 -25.76
C LEU B 778 38.31 -16.84 -24.52
N LYS B 779 38.26 -17.88 -23.68
CA LYS B 779 39.09 -17.93 -22.49
C LYS B 779 40.58 -17.86 -22.83
N ALA B 780 40.96 -18.24 -24.04
CA ALA B 780 42.37 -18.27 -24.42
C ALA B 780 43.00 -16.89 -24.48
N MET B 781 42.20 -15.83 -24.62
CA MET B 781 42.74 -14.47 -24.74
C MET B 781 42.09 -13.45 -23.81
N GLN B 782 40.87 -13.66 -23.35
CA GLN B 782 40.18 -12.66 -22.55
C GLN B 782 39.34 -13.34 -21.48
N ILE B 783 39.03 -12.59 -20.43
CA ILE B 783 38.31 -13.11 -19.27
C ILE B 783 36.86 -12.62 -19.26
N PHE B 784 36.38 -12.10 -20.39
CA PHE B 784 35.00 -11.61 -20.49
C PHE B 784 34.12 -12.81 -20.85
N GLU B 785 33.50 -13.41 -19.84
CA GLU B 785 32.73 -14.63 -20.00
C GLU B 785 31.25 -14.37 -19.76
N GLN B 786 30.41 -15.19 -20.39
CA GLN B 786 28.96 -15.06 -20.27
C GLN B 786 28.48 -15.92 -19.09
N LEU B 787 27.13 -16.08 -18.96
CA LEU B 787 26.56 -16.76 -17.81
C LEU B 787 26.25 -18.22 -18.12
N PRO B 788 26.45 -19.13 -17.16
CA PRO B 788 25.95 -20.50 -17.33
C PRO B 788 24.54 -20.64 -16.79
N VAL B 789 23.94 -21.82 -16.98
CA VAL B 789 22.62 -22.14 -16.45
C VAL B 789 22.72 -23.48 -15.75
N ILE B 790 22.54 -23.49 -14.43
CA ILE B 790 22.69 -24.69 -13.62
C ILE B 790 21.93 -24.51 -12.32
N THR B 791 21.57 -25.62 -11.71
CA THR B 791 20.83 -25.66 -10.44
C THR B 791 19.69 -24.64 -10.44
N GLU B 792 18.92 -24.65 -11.53
CA GLU B 792 17.76 -23.77 -11.60
C GLU B 792 16.76 -24.05 -10.48
N SER B 793 16.64 -25.32 -10.08
CA SER B 793 15.73 -25.70 -9.01
C SER B 793 14.30 -25.26 -9.32
N SER C 2 -8.07 -31.33 -40.62
CA SER C 2 -6.99 -32.00 -39.84
C SER C 2 -7.55 -32.75 -38.65
N LYS C 3 -8.64 -32.22 -38.08
CA LYS C 3 -9.31 -32.82 -36.94
C LYS C 3 -10.48 -33.72 -37.34
N ILE C 4 -10.66 -33.96 -38.64
CA ILE C 4 -11.74 -34.83 -39.09
C ILE C 4 -11.63 -36.17 -38.38
N ALA C 5 -12.75 -36.65 -37.86
CA ALA C 5 -12.78 -37.88 -37.06
C ALA C 5 -13.86 -38.80 -37.59
N PRO C 6 -13.72 -40.11 -37.37
CA PRO C 6 -14.75 -41.05 -37.84
C PRO C 6 -16.13 -40.77 -37.25
N GLN C 7 -16.19 -40.24 -36.04
CA GLN C 7 -17.49 -39.93 -35.43
C GLN C 7 -18.18 -38.78 -36.15
N CYS C 8 -17.41 -37.86 -36.74
CA CYS C 8 -17.99 -36.71 -37.42
C CYS C 8 -18.68 -37.08 -38.73
N GLN C 9 -18.42 -38.27 -39.29
CA GLN C 9 -19.04 -38.64 -40.55
C GLN C 9 -20.56 -38.73 -40.41
N ASN C 10 -21.04 -39.29 -39.30
CA ASN C 10 -22.46 -39.45 -39.05
C ASN C 10 -23.02 -38.39 -38.11
N LEU C 11 -22.18 -37.48 -37.61
CA LEU C 11 -22.65 -36.49 -36.65
C LEU C 11 -23.71 -35.59 -37.26
N ARG C 12 -23.47 -35.10 -38.48
CA ARG C 12 -24.42 -34.18 -39.10
C ARG C 12 -25.75 -34.84 -39.39
N GLU C 13 -25.74 -36.10 -39.82
CA GLU C 13 -26.98 -36.81 -40.06
C GLU C 13 -27.82 -36.94 -38.79
N GLN C 14 -27.18 -36.93 -37.61
CA GLN C 14 -27.92 -37.06 -36.36
C GLN C 14 -28.75 -35.81 -36.09
N VAL C 15 -28.15 -34.63 -36.21
CA VAL C 15 -28.89 -33.39 -35.94
C VAL C 15 -30.03 -33.23 -36.92
N ASN C 16 -29.88 -33.77 -38.12
CA ASN C 16 -31.01 -33.76 -39.06
C ASN C 16 -32.22 -34.44 -38.44
N GLN C 17 -32.00 -35.51 -37.67
CA GLN C 17 -33.09 -36.13 -36.95
C GLN C 17 -33.66 -35.18 -35.90
N LEU C 18 -32.79 -34.44 -35.20
CA LEU C 18 -33.25 -33.50 -34.19
C LEU C 18 -34.17 -32.45 -34.82
N ILE C 19 -33.79 -31.93 -35.98
CA ILE C 19 -34.65 -30.99 -36.68
C ILE C 19 -35.98 -31.65 -37.04
N GLU C 20 -35.94 -32.94 -37.40
CA GLU C 20 -37.16 -33.65 -37.73
C GLU C 20 -38.09 -33.73 -36.52
N LEU C 21 -37.54 -34.06 -35.35
CA LEU C 21 -38.37 -34.15 -34.15
C LEU C 21 -38.99 -32.81 -33.81
N LEU C 22 -38.20 -31.73 -33.93
CA LEU C 22 -38.72 -30.40 -33.61
C LEU C 22 -39.89 -30.04 -34.53
N ARG C 23 -39.77 -30.36 -35.82
CA ARG C 23 -40.82 -29.99 -36.77
C ARG C 23 -42.08 -30.78 -36.54
N GLN C 24 -41.97 -32.03 -36.09
CA GLN C 24 -43.16 -32.86 -35.91
C GLN C 24 -44.11 -32.27 -34.88
N GLU C 25 -43.57 -31.78 -33.76
CA GLU C 25 -44.42 -31.24 -32.70
C GLU C 25 -45.05 -29.94 -33.18
N PRO C 26 -46.39 -29.81 -33.15
CA PRO C 26 -47.01 -28.59 -33.69
C PRO C 26 -46.62 -27.33 -32.93
N THR C 27 -46.84 -27.32 -31.61
CA THR C 27 -46.63 -26.11 -30.83
C THR C 27 -45.15 -25.72 -30.75
N LEU C 28 -44.23 -26.65 -31.00
CA LEU C 28 -42.82 -26.32 -30.95
C LEU C 28 -42.39 -25.47 -32.14
N ARG C 29 -43.04 -25.65 -33.30
CA ARG C 29 -42.66 -24.90 -34.48
C ARG C 29 -42.88 -23.40 -34.31
N SER C 30 -43.68 -22.99 -33.32
CA SER C 30 -44.04 -21.59 -33.19
C SER C 30 -42.87 -20.73 -32.72
N GLN C 31 -42.15 -21.21 -31.70
CA GLN C 31 -41.14 -20.42 -31.01
C GLN C 31 -39.78 -21.11 -31.04
N GLN C 32 -39.40 -21.65 -32.19
CA GLN C 32 -38.09 -22.27 -32.37
C GLN C 32 -37.62 -21.99 -33.78
N ASP C 33 -36.63 -21.11 -33.92
CA ASP C 33 -36.07 -20.73 -35.20
C ASP C 33 -34.75 -21.45 -35.41
N THR C 34 -34.62 -22.14 -36.54
CA THR C 34 -33.40 -22.86 -36.88
C THR C 34 -32.39 -21.99 -37.62
N SER C 35 -32.62 -20.68 -37.69
CA SER C 35 -31.71 -19.80 -38.41
C SER C 35 -30.30 -19.83 -37.83
N ILE C 36 -30.15 -20.16 -36.56
CA ILE C 36 -28.82 -20.22 -35.96
C ILE C 36 -28.06 -21.44 -36.47
N VAL C 37 -28.66 -22.63 -36.33
CA VAL C 37 -28.06 -23.83 -36.88
C VAL C 37 -28.05 -23.79 -38.40
N GLU C 38 -28.89 -22.95 -39.01
CA GLU C 38 -28.95 -22.85 -40.45
C GLU C 38 -27.61 -22.43 -41.06
N THR C 39 -26.74 -21.81 -40.28
CA THR C 39 -25.44 -21.33 -40.77
C THR C 39 -24.31 -21.72 -39.82
N ALA C 40 -24.46 -22.85 -39.12
CA ALA C 40 -23.48 -23.27 -38.13
C ALA C 40 -22.80 -24.59 -38.50
N LEU C 41 -23.58 -25.65 -38.74
CA LEU C 41 -22.99 -26.97 -38.93
C LEU C 41 -22.03 -26.99 -40.12
N GLY C 42 -22.54 -26.72 -41.31
CA GLY C 42 -21.70 -26.75 -42.50
C GLY C 42 -20.57 -25.75 -42.43
N LYS C 43 -20.76 -24.65 -41.70
CA LYS C 43 -19.65 -23.73 -41.46
C LYS C 43 -18.57 -24.40 -40.64
N ALA C 44 -18.94 -25.42 -39.85
CA ALA C 44 -17.97 -26.18 -39.05
C ALA C 44 -17.44 -27.39 -39.84
N LEU C 45 -18.33 -28.31 -40.21
CA LEU C 45 -17.95 -29.44 -41.04
C LEU C 45 -17.69 -28.96 -42.46
N SER C 46 -16.57 -29.38 -43.04
CA SER C 46 -16.09 -28.75 -44.26
C SER C 46 -15.92 -27.26 -43.98
N PRO C 47 -15.08 -26.92 -43.00
CA PRO C 47 -15.07 -25.54 -42.49
C PRO C 47 -14.65 -24.53 -43.55
N ARG C 48 -15.18 -23.32 -43.40
CA ARG C 48 -14.84 -22.20 -44.28
C ARG C 48 -14.18 -21.12 -43.41
N PHE C 49 -12.88 -20.92 -43.62
CA PHE C 49 -12.12 -19.90 -42.92
C PHE C 49 -11.68 -18.82 -43.90
N GLU C 50 -11.69 -17.58 -43.43
CA GLU C 50 -11.39 -16.42 -44.25
C GLU C 50 -10.26 -15.64 -43.62
N ILE C 51 -9.25 -15.30 -44.43
CA ILE C 51 -8.12 -14.50 -43.99
C ILE C 51 -8.11 -13.21 -44.82
N VAL C 52 -8.05 -12.07 -44.13
CA VAL C 52 -8.15 -10.76 -44.77
C VAL C 52 -6.78 -10.10 -44.70
N PHE C 53 -6.28 -9.69 -45.86
CA PHE C 53 -5.02 -8.95 -45.98
C PHE C 53 -5.36 -7.51 -46.34
N ALA C 54 -5.22 -6.61 -45.38
CA ALA C 54 -5.52 -5.20 -45.55
C ALA C 54 -4.21 -4.42 -45.66
N GLY C 55 -4.08 -3.64 -46.73
CA GLY C 55 -2.89 -2.85 -46.94
C GLY C 55 -3.20 -1.61 -47.77
N ALA C 56 -2.37 -0.59 -47.58
CA ALA C 56 -2.54 0.65 -48.32
C ALA C 56 -2.25 0.43 -49.80
N PHE C 57 -2.86 1.27 -50.63
CA PHE C 57 -2.69 1.15 -52.07
C PHE C 57 -1.24 1.36 -52.45
N SER C 58 -0.73 0.49 -53.33
CA SER C 58 0.65 0.54 -53.81
C SER C 58 1.66 0.35 -52.68
N ALA C 59 1.24 -0.25 -51.57
CA ALA C 59 2.12 -0.50 -50.43
C ALA C 59 2.73 -1.90 -50.47
N GLY C 60 2.55 -2.63 -51.57
CA GLY C 60 3.04 -3.99 -51.66
C GLY C 60 2.00 -5.05 -51.38
N LYS C 61 0.73 -4.67 -51.25
CA LYS C 61 -0.31 -5.67 -50.96
C LYS C 61 -0.35 -6.73 -52.05
N SER C 62 -0.31 -6.31 -53.32
CA SER C 62 -0.25 -7.27 -54.41
C SER C 62 1.05 -8.06 -54.37
N MET C 63 2.17 -7.39 -54.09
CA MET C 63 3.46 -8.06 -54.06
C MET C 63 3.53 -9.05 -52.90
N LEU C 64 3.01 -8.67 -51.73
CA LEU C 64 3.06 -9.55 -50.56
C LEU C 64 2.24 -10.81 -50.79
N ILE C 65 1.07 -10.67 -51.42
CA ILE C 65 0.22 -11.83 -51.66
C ILE C 65 0.95 -12.83 -52.54
N ASN C 66 1.59 -12.36 -53.61
CA ASN C 66 2.41 -13.24 -54.43
C ASN C 66 3.57 -13.80 -53.62
N ALA C 67 4.20 -12.96 -52.79
CA ALA C 67 5.29 -13.43 -51.94
C ALA C 67 4.80 -14.50 -50.96
N LEU C 68 3.63 -14.29 -50.35
CA LEU C 68 3.12 -15.24 -49.38
C LEU C 68 2.87 -16.60 -50.01
N LEU C 69 2.25 -16.62 -51.19
CA LEU C 69 1.93 -17.87 -51.87
C LEU C 69 3.11 -18.45 -52.64
N GLU C 70 4.18 -17.68 -52.84
CA GLU C 70 5.33 -18.11 -53.62
C GLU C 70 4.98 -18.32 -55.08
N ARG C 71 3.84 -17.78 -55.52
CA ARG C 71 3.41 -17.86 -56.91
C ARG C 71 2.96 -16.48 -57.37
N GLU C 72 3.18 -16.21 -58.66
CA GLU C 72 2.84 -14.90 -59.24
C GLU C 72 1.45 -14.97 -59.87
N LEU C 73 0.45 -15.17 -59.01
CA LEU C 73 -0.93 -15.15 -59.46
C LEU C 73 -1.42 -13.72 -59.66
N LEU C 74 -1.39 -12.92 -58.60
CA LEU C 74 -1.70 -11.51 -58.73
C LEU C 74 -0.62 -10.80 -59.53
N TYR C 75 -1.04 -9.96 -60.47
CA TYR C 75 -0.10 -9.17 -61.25
C TYR C 75 0.45 -8.05 -60.37
N SER C 76 1.77 -8.06 -60.14
CA SER C 76 2.40 -7.16 -59.18
C SER C 76 2.74 -5.81 -59.80
N ALA C 77 2.11 -5.44 -60.90
CA ALA C 77 2.32 -4.13 -61.51
C ALA C 77 1.71 -3.08 -60.59
N GLU C 78 2.57 -2.37 -59.87
CA GLU C 78 2.10 -1.43 -58.86
C GLU C 78 1.18 -0.39 -59.49
N GLY C 79 0.04 -0.15 -58.84
CA GLY C 79 -0.93 0.81 -59.31
C GLY C 79 -1.99 0.25 -60.24
N HIS C 80 -1.87 -1.01 -60.64
CA HIS C 80 -2.81 -1.64 -61.56
C HIS C 80 -3.77 -2.60 -60.86
N ALA C 81 -3.58 -2.86 -59.58
CA ALA C 81 -4.39 -3.82 -58.84
C ALA C 81 -5.61 -3.19 -58.19
N THR C 82 -6.10 -2.08 -58.72
CA THR C 82 -7.26 -1.41 -58.15
C THR C 82 -8.46 -2.34 -58.18
N GLY C 83 -9.13 -2.46 -57.02
CA GLY C 83 -10.34 -3.26 -56.95
C GLY C 83 -10.17 -4.70 -57.36
N THR C 84 -9.08 -5.34 -56.94
CA THR C 84 -8.79 -6.73 -57.28
C THR C 84 -8.85 -7.56 -56.00
N GLU C 85 -9.69 -8.59 -56.01
CA GLU C 85 -9.80 -9.52 -54.90
C GLU C 85 -9.71 -10.94 -55.45
N CYS C 86 -8.86 -11.76 -54.85
CA CYS C 86 -8.67 -13.14 -55.26
C CYS C 86 -8.85 -14.05 -54.06
N HIS C 87 -9.68 -15.09 -54.24
CA HIS C 87 -9.91 -16.10 -53.21
C HIS C 87 -9.26 -17.39 -53.67
N ILE C 88 -8.35 -17.92 -52.87
CA ILE C 88 -7.61 -19.13 -53.18
C ILE C 88 -7.96 -20.17 -52.13
N GLU C 89 -8.40 -21.35 -52.59
CA GLU C 89 -8.81 -22.42 -51.70
C GLU C 89 -8.29 -23.75 -52.23
N TYR C 90 -8.28 -24.74 -51.36
CA TYR C 90 -7.76 -26.05 -51.73
C TYR C 90 -8.61 -26.69 -52.82
N ALA C 91 -7.94 -27.37 -53.73
CA ALA C 91 -8.61 -28.08 -54.82
C ALA C 91 -7.59 -29.01 -55.47
N ASN C 92 -8.09 -29.95 -56.26
CA ASN C 92 -7.20 -30.86 -56.98
C ASN C 92 -6.39 -30.10 -58.02
N ALA C 93 -5.22 -30.64 -58.34
CA ALA C 93 -4.33 -29.98 -59.30
C ALA C 93 -4.99 -29.79 -60.66
N ASN C 94 -5.97 -30.61 -60.99
CA ASN C 94 -6.69 -30.51 -62.27
C ASN C 94 -7.94 -29.65 -62.18
N GLU C 95 -8.23 -29.06 -61.02
CA GLU C 95 -9.46 -28.31 -60.81
C GLU C 95 -9.18 -26.81 -60.66
N GLU C 96 -8.03 -26.34 -61.12
CA GLU C 96 -7.73 -24.91 -61.06
C GLU C 96 -8.71 -24.14 -61.94
N ARG C 97 -9.29 -23.08 -61.39
CA ARG C 97 -10.32 -22.32 -62.09
C ARG C 97 -10.28 -20.87 -61.62
N VAL C 98 -10.87 -20.00 -62.43
CA VAL C 98 -10.90 -18.57 -62.13
C VAL C 98 -12.11 -17.95 -62.83
N VAL C 99 -12.61 -16.88 -62.25
CA VAL C 99 -13.73 -16.12 -62.81
C VAL C 99 -13.28 -14.68 -63.01
N LEU C 100 -13.83 -14.03 -64.04
CA LEU C 100 -13.42 -12.68 -64.42
C LEU C 100 -14.62 -11.74 -64.34
N THR C 101 -14.37 -10.53 -63.86
CA THR C 101 -15.35 -9.47 -63.83
C THR C 101 -14.70 -8.18 -64.32
N PHE C 102 -15.52 -7.27 -64.84
CA PHE C 102 -15.03 -6.07 -65.50
C PHE C 102 -15.79 -4.84 -65.00
N LEU C 103 -15.12 -3.69 -65.08
CA LEU C 103 -15.73 -2.43 -64.70
C LEU C 103 -16.74 -1.98 -65.76
N SER C 104 -17.71 -1.19 -65.31
CA SER C 104 -18.72 -0.67 -66.22
C SER C 104 -18.19 0.57 -66.94
N GLU C 105 -18.89 0.94 -68.03
CA GLU C 105 -18.48 2.10 -68.80
C GLU C 105 -18.53 3.37 -67.95
N ALA C 106 -19.59 3.52 -67.14
CA ALA C 106 -19.69 4.69 -66.27
C ALA C 106 -18.53 4.74 -65.28
N GLU C 107 -17.90 3.60 -65.00
CA GLU C 107 -16.76 3.57 -64.10
C GLU C 107 -15.46 3.87 -64.84
N ILE C 108 -15.32 3.38 -66.07
CA ILE C 108 -14.12 3.65 -66.85
C ILE C 108 -13.97 5.14 -67.08
N ARG C 109 -15.07 5.80 -67.48
CA ARG C 109 -15.04 7.25 -67.63
C ARG C 109 -14.77 7.92 -66.29
N GLN C 110 -15.39 7.43 -65.22
CA GLN C 110 -15.14 8.00 -63.90
C GLN C 110 -13.68 7.84 -63.51
N GLN C 111 -13.12 6.65 -63.73
CA GLN C 111 -11.69 6.45 -63.48
C GLN C 111 -10.86 7.25 -64.47
N ALA C 112 -11.22 7.22 -65.75
CA ALA C 112 -10.44 7.94 -66.75
C ALA C 112 -10.44 9.43 -66.47
N LEU C 113 -11.58 9.98 -66.08
CA LEU C 113 -11.63 11.39 -65.71
C LEU C 113 -10.75 11.66 -64.49
N ILE C 114 -10.79 10.77 -63.50
CA ILE C 114 -9.93 10.92 -62.33
C ILE C 114 -8.48 10.84 -62.74
N LEU C 115 -8.13 9.86 -63.59
CA LEU C 115 -6.76 9.77 -64.09
C LEU C 115 -6.39 10.99 -64.90
N ALA C 116 -7.30 11.47 -65.76
CA ALA C 116 -7.00 12.65 -66.57
C ALA C 116 -7.05 13.91 -65.73
N LYS C 117 -7.88 13.93 -64.68
CA LYS C 117 -7.99 15.12 -63.84
C LYS C 117 -6.66 15.49 -63.22
N TYR C 118 -5.94 14.50 -62.67
CA TYR C 118 -4.63 14.76 -62.09
C TYR C 118 -3.56 14.97 -63.15
N LEU C 119 -3.84 14.64 -64.41
CA LEU C 119 -2.88 14.79 -65.49
C LEU C 119 -2.92 16.14 -66.18
N ASN C 120 -3.88 17.01 -65.83
CA ASN C 120 -4.11 18.26 -66.53
C ASN C 120 -4.48 18.01 -68.00
N VAL C 121 -4.92 16.79 -68.31
CA VAL C 121 -5.33 16.42 -69.66
C VAL C 121 -6.83 16.23 -69.66
N ASN C 122 -7.51 16.79 -68.68
CA ASN C 122 -8.97 16.73 -68.60
C ASN C 122 -9.65 17.67 -69.59
N VAL C 123 -8.87 18.36 -70.42
CA VAL C 123 -9.41 19.24 -71.45
C VAL C 123 -9.27 18.55 -72.80
N GLY C 124 -10.12 18.96 -73.73
CA GLY C 124 -10.17 18.30 -75.03
C GLY C 124 -10.56 16.84 -74.95
N ASP C 125 -11.47 16.50 -74.02
CA ASP C 125 -11.90 15.11 -73.84
C ASP C 125 -13.37 15.13 -73.42
N LEU C 126 -14.25 14.93 -74.39
CA LEU C 126 -15.69 15.00 -74.13
C LEU C 126 -16.29 13.66 -73.72
N ASN C 127 -15.71 12.55 -74.18
CA ASN C 127 -16.21 11.24 -73.83
C ASN C 127 -15.20 10.19 -74.29
N ILE C 128 -15.04 9.14 -73.49
CA ILE C 128 -14.16 8.04 -73.86
C ILE C 128 -14.77 7.11 -74.89
N ASN C 129 -16.05 7.30 -75.22
CA ASN C 129 -16.68 6.49 -76.26
C ASN C 129 -16.22 6.93 -77.65
N GLN C 130 -16.00 8.22 -77.86
CA GLN C 130 -15.60 8.72 -79.17
C GLN C 130 -14.12 8.43 -79.40
N PRO C 131 -13.74 7.71 -80.46
CA PRO C 131 -12.30 7.49 -80.70
C PRO C 131 -11.51 8.78 -80.80
N GLU C 132 -12.09 9.82 -81.42
CA GLU C 132 -11.38 11.10 -81.52
C GLU C 132 -11.16 11.71 -80.14
N ALA C 133 -12.22 11.78 -79.32
CA ALA C 133 -12.04 12.24 -77.95
C ALA C 133 -11.10 11.33 -77.17
N VAL C 134 -11.04 10.05 -77.55
CA VAL C 134 -10.05 9.15 -77.00
C VAL C 134 -8.69 9.36 -77.66
N LYS C 135 -8.66 9.65 -78.96
CA LYS C 135 -7.41 9.87 -79.67
C LYS C 135 -6.82 11.25 -79.38
N VAL C 136 -7.67 12.26 -79.19
CA VAL C 136 -7.17 13.58 -78.78
C VAL C 136 -6.51 13.49 -77.41
N VAL C 137 -6.87 12.46 -76.62
CA VAL C 137 -6.19 12.23 -75.35
C VAL C 137 -5.23 11.04 -75.43
N SER C 138 -5.49 10.06 -76.29
CA SER C 138 -4.57 8.93 -76.41
C SER C 138 -3.26 9.35 -77.06
N GLN C 139 -3.34 9.89 -78.28
CA GLN C 139 -2.14 10.46 -78.89
C GLN C 139 -1.54 11.53 -78.00
N TYR C 140 -2.38 12.29 -77.29
CA TYR C 140 -1.88 13.18 -76.27
C TYR C 140 -1.32 12.40 -75.08
N CYS C 141 -1.97 11.29 -74.72
CA CYS C 141 -1.42 10.43 -73.68
C CYS C 141 -0.10 9.84 -74.12
N GLN C 142 -0.03 9.35 -75.37
CA GLN C 142 1.26 8.98 -75.94
C GLN C 142 2.20 10.16 -75.97
N LYS C 143 1.66 11.37 -76.15
CA LYS C 143 2.47 12.57 -75.96
C LYS C 143 2.80 12.79 -74.50
N ILE C 144 1.86 12.50 -73.59
CA ILE C 144 2.15 12.57 -72.16
C ILE C 144 3.30 11.64 -71.82
N ILE C 145 3.33 10.45 -72.43
CA ILE C 145 4.48 9.59 -72.29
C ILE C 145 5.74 10.31 -72.74
N ALA C 146 5.64 11.05 -73.85
CA ALA C 146 6.76 11.85 -74.31
C ALA C 146 7.00 13.05 -73.40
N GLU C 147 5.94 13.72 -72.97
CA GLU C 147 6.09 14.87 -72.07
C GLU C 147 6.72 14.45 -70.76
N GLU C 148 6.18 13.41 -70.13
CA GLU C 148 6.70 12.91 -68.87
C GLU C 148 8.00 12.14 -69.01
N GLY C 149 8.35 11.71 -70.22
CA GLY C 149 9.54 10.91 -70.42
C GLY C 149 9.48 9.55 -69.75
N GLY C 150 8.29 9.07 -69.41
CA GLY C 150 8.15 7.81 -68.73
C GLY C 150 6.76 7.63 -68.13
N GLU C 151 6.33 6.40 -67.95
CA GLU C 151 4.97 6.14 -67.48
C GLU C 151 4.89 6.18 -65.96
N ASN C 152 5.89 5.65 -65.27
CA ASN C 152 5.88 5.53 -63.81
C ASN C 152 6.95 6.40 -63.15
N LYS C 153 7.14 7.61 -63.67
CA LYS C 153 8.14 8.54 -63.15
C LYS C 153 7.58 9.51 -62.12
N SER C 154 6.28 9.46 -61.83
CA SER C 154 5.67 10.36 -60.86
C SER C 154 4.20 9.98 -60.70
N GLU C 155 3.56 10.58 -59.71
CA GLU C 155 2.14 10.35 -59.51
C GLU C 155 1.34 10.83 -60.72
N ARG C 156 1.69 12.00 -61.25
CA ARG C 156 1.04 12.48 -62.48
C ARG C 156 1.29 11.50 -63.62
N ALA C 157 2.54 11.06 -63.79
CA ALA C 157 2.84 10.07 -64.81
C ALA C 157 2.12 8.76 -64.53
N LYS C 158 2.03 8.38 -63.26
CA LYS C 158 1.31 7.15 -62.90
C LYS C 158 -0.11 7.18 -63.43
N GLN C 159 -0.81 8.30 -63.21
CA GLN C 159 -2.17 8.41 -63.74
C GLN C 159 -2.19 8.24 -65.25
N ALA C 160 -1.17 8.75 -65.95
CA ALA C 160 -1.06 8.48 -67.38
C ALA C 160 -0.76 7.01 -67.64
N ASN C 161 0.08 6.39 -66.80
CA ASN C 161 0.39 4.98 -66.97
C ASN C 161 -0.87 4.13 -66.88
N ALA C 162 -1.64 4.32 -65.81
CA ALA C 162 -2.90 3.59 -65.68
C ALA C 162 -3.86 3.97 -66.82
N LEU C 163 -3.98 5.27 -67.10
CA LEU C 163 -4.84 5.69 -68.20
C LEU C 163 -4.34 5.16 -69.52
N HIS C 164 -3.02 5.21 -69.75
CA HIS C 164 -2.46 4.68 -70.99
C HIS C 164 -2.75 3.20 -71.14
N LEU C 165 -2.57 2.43 -70.05
CA LEU C 165 -2.84 1.00 -70.09
C LEU C 165 -4.31 0.68 -69.94
N LEU C 166 -5.06 1.50 -69.19
CA LEU C 166 -6.49 1.29 -69.08
C LEU C 166 -7.20 1.58 -70.41
N LEU C 167 -6.84 2.68 -71.05
CA LEU C 167 -7.37 2.96 -72.39
C LEU C 167 -6.92 1.90 -73.38
N ILE C 168 -5.64 1.51 -73.32
CA ILE C 168 -5.17 0.40 -74.13
C ILE C 168 -5.88 -0.88 -73.75
N GLY C 169 -6.04 -1.12 -72.45
CA GLY C 169 -6.79 -2.28 -72.00
C GLY C 169 -8.25 -2.19 -72.40
N PHE C 170 -8.84 -1.00 -72.29
CA PHE C 170 -10.25 -0.84 -72.64
C PHE C 170 -10.49 -1.15 -74.12
N GLU C 171 -9.61 -0.65 -74.99
CA GLU C 171 -9.80 -0.89 -76.42
C GLU C 171 -9.39 -2.29 -76.84
N GLN C 172 -8.35 -2.86 -76.22
CA GLN C 172 -7.90 -4.19 -76.62
C GLN C 172 -8.95 -5.25 -76.34
N ASN C 173 -9.61 -5.18 -75.20
CA ASN C 173 -10.55 -6.21 -74.76
C ASN C 173 -11.96 -5.64 -74.62
N ARG C 174 -12.35 -4.78 -75.55
CA ARG C 174 -13.70 -4.21 -75.50
C ARG C 174 -14.76 -5.25 -75.86
N GLU C 175 -14.38 -6.26 -76.64
CA GLU C 175 -15.35 -7.28 -77.05
C GLU C 175 -15.69 -8.24 -75.92
N ARG C 176 -14.87 -8.31 -74.87
CA ARG C 176 -15.14 -9.15 -73.71
C ARG C 176 -15.84 -8.41 -72.58
N ILE C 177 -16.21 -7.15 -72.79
CA ILE C 177 -16.77 -6.30 -71.75
C ILE C 177 -18.16 -5.86 -72.18
N ASN C 178 -19.13 -6.02 -71.28
CA ASN C 178 -20.48 -5.53 -71.51
C ASN C 178 -20.61 -4.10 -71.02
N THR C 179 -21.80 -3.52 -71.22
CA THR C 179 -22.01 -2.12 -70.89
C THR C 179 -22.21 -1.93 -69.39
N VAL C 180 -23.26 -2.54 -68.84
CA VAL C 180 -23.63 -2.34 -67.44
C VAL C 180 -23.43 -3.62 -66.63
N GLN C 181 -24.13 -4.70 -67.00
CA GLN C 181 -24.06 -5.93 -66.23
C GLN C 181 -22.63 -6.43 -66.16
N ASN C 182 -22.22 -6.87 -64.97
CA ASN C 182 -20.87 -7.36 -64.75
C ASN C 182 -20.74 -8.73 -65.42
N SER C 183 -20.10 -8.74 -66.58
CA SER C 183 -19.98 -9.98 -67.35
C SER C 183 -19.21 -11.03 -66.56
N THR C 184 -19.70 -12.27 -66.60
CA THR C 184 -19.06 -13.40 -65.96
C THR C 184 -18.63 -14.38 -67.06
N TYR C 185 -17.35 -14.75 -67.05
CA TYR C 185 -16.83 -15.69 -68.04
C TYR C 185 -16.01 -16.77 -67.36
N SER C 186 -15.35 -17.62 -68.15
CA SER C 186 -14.62 -18.76 -67.60
C SER C 186 -13.59 -19.22 -68.63
N MET C 187 -12.76 -20.16 -68.19
CA MET C 187 -11.75 -20.73 -69.09
C MET C 187 -12.40 -21.37 -70.31
N ASP C 188 -13.45 -22.17 -70.09
CA ASP C 188 -14.18 -22.75 -71.22
C ASP C 188 -14.87 -21.67 -72.04
N GLN C 189 -15.44 -20.66 -71.37
CA GLN C 189 -16.11 -19.57 -72.08
C GLN C 189 -15.12 -18.58 -72.67
N LEU C 190 -13.85 -18.61 -72.25
CA LEU C 190 -12.82 -17.76 -72.80
C LEU C 190 -11.71 -18.52 -73.50
N ASN C 191 -11.78 -19.85 -73.53
CA ASN C 191 -10.81 -20.67 -74.24
C ASN C 191 -9.42 -20.57 -73.61
N PHE C 192 -9.36 -20.81 -72.30
CA PHE C 192 -8.09 -20.90 -71.58
C PHE C 192 -7.81 -22.37 -71.28
N SER C 193 -6.62 -22.84 -71.67
CA SER C 193 -6.24 -24.23 -71.49
C SER C 193 -5.62 -24.50 -70.13
N SER C 194 -5.02 -23.51 -69.49
CA SER C 194 -4.36 -23.71 -68.21
C SER C 194 -4.29 -22.38 -67.48
N LEU C 195 -3.99 -22.44 -66.18
CA LEU C 195 -3.86 -21.23 -65.38
C LEU C 195 -2.72 -20.37 -65.90
N ALA C 196 -1.62 -20.99 -66.33
CA ALA C 196 -0.49 -20.23 -66.86
C ALA C 196 -0.92 -19.43 -68.09
N GLU C 197 -1.66 -20.07 -69.00
CA GLU C 197 -2.18 -19.35 -70.16
C GLU C 197 -3.15 -18.26 -69.73
N ALA C 198 -4.06 -18.58 -68.80
CA ALA C 198 -4.97 -17.57 -68.29
C ALA C 198 -4.21 -16.48 -67.53
N ALA C 199 -3.22 -16.87 -66.73
CA ALA C 199 -2.41 -15.88 -66.03
C ALA C 199 -1.67 -14.99 -67.00
N GLY C 200 -1.00 -15.58 -67.99
CA GLY C 200 -0.28 -14.77 -68.97
C GLY C 200 -1.19 -13.78 -69.67
N TYR C 201 -2.39 -14.22 -70.04
CA TYR C 201 -3.39 -13.29 -70.56
C TYR C 201 -3.80 -12.31 -69.48
N ALA C 202 -3.94 -12.78 -68.24
CA ALA C 202 -4.30 -11.92 -67.12
C ALA C 202 -3.13 -11.10 -66.59
N ARG C 203 -1.89 -11.48 -66.92
CA ARG C 203 -0.74 -10.69 -66.50
C ARG C 203 -0.60 -9.42 -67.34
N ARG C 204 -1.22 -9.36 -68.52
CA ARG C 204 -1.07 -8.21 -69.39
C ARG C 204 -1.69 -6.98 -68.74
N GLY C 205 -1.01 -5.84 -68.87
CA GLY C 205 -1.56 -4.60 -68.35
C GLY C 205 -2.91 -4.26 -68.94
N ALA C 206 -3.15 -4.68 -70.18
CA ALA C 206 -4.43 -4.44 -70.83
C ALA C 206 -5.56 -5.13 -70.08
N ASN C 207 -5.52 -6.46 -70.00
CA ASN C 207 -6.59 -7.20 -69.36
C ASN C 207 -6.56 -7.03 -67.84
N SER C 208 -5.36 -7.01 -67.25
CA SER C 208 -5.25 -6.95 -65.80
C SER C 208 -5.94 -5.72 -65.25
N ALA C 209 -5.86 -4.60 -65.96
CA ALA C 209 -6.45 -3.36 -65.48
C ALA C 209 -7.96 -3.48 -65.30
N VAL C 210 -8.64 -4.12 -66.25
CA VAL C 210 -10.09 -4.16 -66.22
C VAL C 210 -10.64 -5.23 -65.29
N LEU C 211 -9.85 -6.25 -64.96
CA LEU C 211 -10.34 -7.32 -64.10
C LEU C 211 -10.66 -6.78 -62.71
N LYS C 212 -11.76 -7.28 -62.13
CA LYS C 212 -12.23 -6.82 -60.83
C LYS C 212 -12.21 -7.91 -59.78
N ARG C 213 -12.82 -9.07 -60.04
CA ARG C 213 -12.93 -10.14 -59.07
C ARG C 213 -12.46 -11.44 -59.68
N LEU C 214 -11.65 -12.18 -58.92
CA LEU C 214 -11.14 -13.48 -59.32
C LEU C 214 -11.33 -14.48 -58.18
N ASP C 215 -11.52 -15.74 -58.55
CA ASP C 215 -11.70 -16.83 -57.59
C ASP C 215 -10.80 -17.99 -58.02
N TYR C 216 -9.61 -18.07 -57.42
CA TYR C 216 -8.61 -19.05 -57.82
C TYR C 216 -8.78 -20.34 -57.01
N PHE C 217 -8.54 -21.46 -57.69
CA PHE C 217 -8.47 -22.78 -57.04
C PHE C 217 -7.09 -23.36 -57.31
N CYS C 218 -6.46 -23.90 -56.27
CA CYS C 218 -5.12 -24.47 -56.41
C CYS C 218 -4.90 -25.52 -55.34
N ASN C 219 -3.89 -26.34 -55.56
CA ASN C 219 -3.49 -27.40 -54.63
C ASN C 219 -2.24 -26.92 -53.90
N HIS C 220 -2.40 -26.55 -52.62
CA HIS C 220 -1.29 -26.08 -51.82
C HIS C 220 -1.46 -26.58 -50.39
N SER C 221 -0.34 -26.95 -49.77
CA SER C 221 -0.38 -27.49 -48.42
C SER C 221 -0.93 -26.47 -47.42
N LEU C 222 -0.51 -25.21 -47.55
CA LEU C 222 -0.95 -24.18 -46.61
C LEU C 222 -2.45 -23.99 -46.67
N LEU C 223 -3.03 -23.99 -47.87
CA LEU C 223 -4.46 -23.80 -48.06
C LEU C 223 -5.25 -25.08 -47.94
N LYS C 224 -4.58 -26.22 -47.71
CA LYS C 224 -5.29 -27.50 -47.63
C LYS C 224 -6.26 -27.54 -46.45
N ASP C 225 -6.11 -26.67 -45.47
CA ASP C 225 -6.98 -26.64 -44.31
C ASP C 225 -8.17 -25.70 -44.49
N GLY C 226 -8.54 -25.39 -45.72
CA GLY C 226 -9.66 -24.51 -45.98
C GLY C 226 -9.34 -23.03 -45.87
N ASN C 227 -8.08 -22.67 -45.66
CA ASN C 227 -7.73 -21.25 -45.53
C ASN C 227 -8.03 -20.51 -46.82
N VAL C 228 -8.60 -19.32 -46.70
CA VAL C 228 -8.97 -18.48 -47.83
C VAL C 228 -8.27 -17.14 -47.66
N LEU C 229 -7.62 -16.68 -48.73
CA LEU C 229 -6.89 -15.42 -48.75
C LEU C 229 -7.71 -14.38 -49.50
N VAL C 230 -7.81 -13.18 -48.92
CA VAL C 230 -8.62 -12.10 -49.47
C VAL C 230 -7.71 -10.89 -49.71
N ASP C 231 -7.85 -10.28 -50.88
CA ASP C 231 -7.09 -9.10 -51.27
C ASP C 231 -8.07 -7.94 -51.40
N LEU C 232 -8.30 -7.23 -50.29
CA LEU C 232 -9.23 -6.12 -50.32
C LEU C 232 -8.61 -4.93 -51.06
N PRO C 233 -9.44 -4.09 -51.67
CA PRO C 233 -8.91 -2.90 -52.34
C PRO C 233 -8.32 -1.91 -51.35
N GLY C 234 -7.43 -1.06 -51.86
CA GLY C 234 -6.80 -0.05 -51.04
C GLY C 234 -7.80 0.87 -50.37
N ILE C 235 -7.61 1.12 -49.07
CA ILE C 235 -8.56 1.94 -48.33
C ILE C 235 -8.58 3.37 -48.84
N ASP C 236 -7.42 3.88 -49.27
CA ASP C 236 -7.31 5.25 -49.73
C ASP C 236 -7.66 5.43 -51.20
N ALA C 237 -8.38 4.47 -51.79
CA ALA C 237 -8.76 4.59 -53.19
C ALA C 237 -9.75 5.74 -53.39
N PRO C 238 -9.76 6.37 -54.56
CA PRO C 238 -10.72 7.46 -54.80
C PRO C 238 -12.16 7.05 -54.61
N VAL C 239 -12.51 5.81 -54.96
CA VAL C 239 -13.88 5.32 -54.85
C VAL C 239 -14.15 5.05 -53.37
N LYS C 240 -14.80 6.00 -52.69
CA LYS C 240 -15.02 5.85 -51.25
C LYS C 240 -15.99 4.72 -50.94
N GLU C 241 -17.03 4.56 -51.77
CA GLU C 241 -18.02 3.52 -51.51
C GLU C 241 -17.38 2.14 -51.51
N ASP C 242 -16.48 1.89 -52.46
CA ASP C 242 -15.74 0.63 -52.45
C ASP C 242 -14.88 0.52 -51.20
N ALA C 243 -14.21 1.60 -50.81
CA ALA C 243 -13.42 1.60 -49.58
C ALA C 243 -14.31 1.38 -48.37
N GLU C 244 -15.42 2.10 -48.30
CA GLU C 244 -16.36 1.92 -47.19
C GLU C 244 -16.86 0.48 -47.13
N ARG C 245 -17.01 -0.16 -48.28
CA ARG C 245 -17.37 -1.58 -48.29
C ARG C 245 -16.30 -2.41 -47.61
N ALA C 246 -15.03 -2.07 -47.83
CA ALA C 246 -13.95 -2.78 -47.15
C ALA C 246 -14.05 -2.62 -45.65
N TYR C 247 -14.37 -1.40 -45.18
CA TYR C 247 -14.60 -1.20 -43.75
C TYR C 247 -15.76 -2.05 -43.27
N ARG C 248 -16.86 -2.08 -44.02
CA ARG C 248 -17.97 -2.96 -43.68
C ARG C 248 -17.56 -4.43 -43.79
N LYS C 249 -16.77 -4.77 -44.82
CA LYS C 249 -16.33 -6.15 -44.99
C LYS C 249 -15.47 -6.59 -43.80
N ILE C 250 -14.47 -5.79 -43.44
CA ILE C 250 -13.60 -6.17 -42.33
C ILE C 250 -14.34 -6.11 -41.01
N GLU C 251 -15.14 -5.06 -40.80
CA GLU C 251 -15.89 -4.94 -39.56
C GLU C 251 -16.98 -5.99 -39.43
N SER C 252 -17.34 -6.66 -40.51
CA SER C 252 -18.38 -7.68 -40.44
C SER C 252 -17.92 -8.84 -39.57
N PRO C 253 -18.83 -9.45 -38.79
CA PRO C 253 -18.42 -10.59 -37.96
C PRO C 253 -17.92 -11.78 -38.76
N ASP C 254 -18.25 -11.86 -40.04
CA ASP C 254 -17.86 -13.01 -40.86
C ASP C 254 -16.36 -13.08 -41.12
N THR C 255 -15.55 -12.18 -40.59
CA THR C 255 -14.10 -12.22 -40.77
C THR C 255 -13.45 -12.87 -39.55
N SER C 256 -12.57 -13.83 -39.80
CA SER C 256 -11.93 -14.59 -38.72
C SER C 256 -10.68 -13.90 -38.20
N ALA C 257 -9.80 -13.47 -39.10
CA ALA C 257 -8.53 -12.84 -38.71
C ALA C 257 -8.32 -11.58 -39.54
N VAL C 258 -7.54 -10.67 -38.97
CA VAL C 258 -7.24 -9.38 -39.60
C VAL C 258 -5.73 -9.24 -39.71
N ILE C 259 -5.25 -8.91 -40.91
CA ILE C 259 -3.84 -8.63 -41.15
C ILE C 259 -3.73 -7.14 -41.45
N CYS C 260 -2.98 -6.43 -40.60
CA CYS C 260 -2.84 -4.98 -40.71
C CYS C 260 -1.45 -4.67 -41.26
N VAL C 261 -1.41 -4.33 -42.55
CA VAL C 261 -0.16 -3.92 -43.20
C VAL C 261 0.00 -2.42 -43.00
N LEU C 262 1.16 -2.02 -42.49
CA LEU C 262 1.41 -0.62 -42.15
C LEU C 262 2.67 -0.14 -42.85
N LYS C 263 2.62 1.11 -43.33
CA LYS C 263 3.70 1.74 -44.07
C LYS C 263 4.87 2.23 -43.21
N PRO C 264 4.65 2.72 -41.96
CA PRO C 264 5.66 3.59 -41.33
C PRO C 264 7.05 2.98 -41.25
N ALA C 265 7.19 1.69 -41.56
CA ALA C 265 8.52 1.13 -41.73
C ALA C 265 9.31 1.91 -42.79
N ALA C 266 8.62 2.46 -43.78
CA ALA C 266 9.22 3.34 -44.77
C ALA C 266 8.61 4.72 -44.80
N ALA C 267 7.32 4.87 -44.47
CA ALA C 267 6.67 6.17 -44.44
C ALA C 267 6.93 6.94 -43.16
N GLY C 268 7.44 6.29 -42.11
CA GLY C 268 7.75 6.94 -40.86
C GLY C 268 6.63 6.92 -39.84
N ASP C 269 5.43 7.29 -40.24
CA ASP C 269 4.30 7.35 -39.32
C ASP C 269 3.02 6.96 -40.06
N MET C 270 2.02 6.56 -39.29
CA MET C 270 0.73 6.16 -39.86
C MET C 270 0.02 7.37 -40.46
N SER C 271 -0.82 7.10 -41.46
CA SER C 271 -1.61 8.12 -42.10
C SER C 271 -2.97 8.26 -41.42
N ALA C 272 -3.75 9.24 -41.87
CA ALA C 272 -5.07 9.44 -41.29
C ALA C 272 -5.97 8.22 -41.50
N GLU C 273 -5.93 7.65 -42.71
CA GLU C 273 -6.73 6.45 -42.97
C GLU C 273 -6.28 5.28 -42.10
N GLU C 274 -4.97 5.12 -41.95
CA GLU C 274 -4.46 4.08 -41.05
C GLU C 274 -4.80 4.39 -39.60
N THR C 275 -4.72 5.67 -39.22
CA THR C 275 -4.98 6.04 -37.83
C THR C 275 -6.40 5.67 -37.42
N GLN C 276 -7.39 5.95 -38.27
CA GLN C 276 -8.76 5.59 -37.95
C GLN C 276 -8.95 4.08 -37.87
N LEU C 277 -8.22 3.33 -38.71
CA LEU C 277 -8.32 1.88 -38.65
C LEU C 277 -7.94 1.36 -37.27
N LEU C 278 -6.80 1.82 -36.74
CA LEU C 278 -6.40 1.42 -35.39
C LEU C 278 -7.42 1.90 -34.37
N GLU C 279 -7.90 3.14 -34.52
CA GLU C 279 -8.93 3.64 -33.62
C GLU C 279 -10.20 2.80 -33.71
N ARG C 280 -10.62 2.46 -34.93
CA ARG C 280 -11.77 1.57 -35.09
C ARG C 280 -11.50 0.21 -34.47
N ILE C 281 -10.32 -0.34 -34.73
CA ILE C 281 -9.98 -1.66 -34.20
C ILE C 281 -9.80 -1.60 -32.69
N SER C 282 -9.07 -0.60 -32.20
CA SER C 282 -8.82 -0.51 -30.77
C SER C 282 -10.10 -0.32 -29.98
N LYS C 283 -11.00 0.54 -30.48
CA LYS C 283 -12.24 0.81 -29.76
C LYS C 283 -13.19 -0.38 -29.78
N ASN C 284 -13.03 -1.30 -30.73
CA ASN C 284 -13.88 -2.47 -30.84
C ASN C 284 -13.14 -3.66 -30.24
N HIS C 285 -13.51 -4.02 -29.01
CA HIS C 285 -12.83 -5.11 -28.32
C HIS C 285 -13.06 -6.44 -29.03
N GLY C 286 -14.27 -6.67 -29.55
CA GLY C 286 -14.56 -7.94 -30.17
C GLY C 286 -13.63 -8.28 -31.32
N ILE C 287 -13.39 -7.30 -32.19
CA ILE C 287 -12.47 -7.52 -33.31
C ILE C 287 -11.02 -7.38 -32.87
N ARG C 288 -10.76 -6.56 -31.84
CA ARG C 288 -9.39 -6.29 -31.44
C ARG C 288 -8.65 -7.57 -31.05
N ASP C 289 -9.34 -8.49 -30.38
CA ASP C 289 -8.71 -9.71 -29.91
C ASP C 289 -8.37 -10.69 -31.03
N ARG C 290 -8.65 -10.34 -32.28
CA ARG C 290 -8.40 -11.21 -33.43
C ARG C 290 -7.74 -10.42 -34.55
N VAL C 291 -6.70 -9.66 -34.23
CA VAL C 291 -6.01 -8.79 -35.18
C VAL C 291 -4.54 -9.11 -35.17
N PHE C 292 -3.94 -9.15 -36.35
CA PHE C 292 -2.49 -9.28 -36.52
C PHE C 292 -1.93 -8.01 -37.13
N TYR C 293 -0.77 -7.59 -36.66
CA TYR C 293 -0.09 -6.41 -37.15
C TYR C 293 1.20 -6.84 -37.85
N VAL C 294 1.40 -6.34 -39.07
CA VAL C 294 2.57 -6.67 -39.87
C VAL C 294 3.11 -5.40 -40.49
N PHE C 295 4.41 -5.43 -40.83
CA PHE C 295 5.09 -4.32 -41.46
C PHE C 295 5.85 -4.84 -42.68
N ASN C 296 5.98 -3.97 -43.69
CA ASN C 296 6.52 -4.36 -44.98
C ASN C 296 7.68 -3.44 -45.36
N ARG C 297 8.54 -3.96 -46.24
CA ARG C 297 9.67 -3.21 -46.77
C ARG C 297 10.64 -2.81 -45.65
N ILE C 298 10.93 -3.75 -44.75
CA ILE C 298 11.93 -3.52 -43.72
C ILE C 298 13.34 -3.43 -44.26
N ASP C 299 13.54 -3.79 -45.54
CA ASP C 299 14.87 -3.68 -46.13
C ASP C 299 15.38 -2.24 -46.09
N ASP C 300 14.46 -1.26 -46.07
CA ASP C 300 14.89 0.14 -46.00
C ASP C 300 15.68 0.40 -44.72
N THR C 301 15.22 -0.15 -43.60
CA THR C 301 15.93 0.03 -42.33
C THR C 301 17.28 -0.69 -42.33
N TRP C 302 17.46 -1.70 -43.19
CA TRP C 302 18.72 -2.42 -43.23
C TRP C 302 19.86 -1.55 -43.74
N TYR C 303 19.55 -0.41 -44.38
CA TYR C 303 20.57 0.48 -44.90
C TYR C 303 20.61 1.85 -44.21
N ASN C 304 19.52 2.27 -43.58
CA ASN C 304 19.45 3.55 -42.89
C ASN C 304 19.26 3.31 -41.40
N THR C 305 20.16 3.88 -40.59
CA THR C 305 20.06 3.71 -39.14
C THR C 305 18.92 4.53 -38.56
N GLN C 306 18.77 5.77 -39.02
CA GLN C 306 17.72 6.63 -38.47
C GLN C 306 16.34 6.03 -38.69
N LEU C 307 16.09 5.47 -39.88
CA LEU C 307 14.82 4.80 -40.11
C LEU C 307 14.66 3.59 -39.21
N ARG C 308 15.74 2.83 -39.00
CA ARG C 308 15.70 1.74 -38.04
C ARG C 308 15.45 2.28 -36.63
N GLN C 309 16.13 3.37 -36.26
CA GLN C 309 15.87 3.98 -34.96
C GLN C 309 14.45 4.51 -34.86
N ARG C 310 13.93 5.11 -35.94
CA ARG C 310 12.54 5.53 -35.95
C ARG C 310 11.60 4.34 -35.91
N LEU C 311 11.92 3.27 -36.63
CA LEU C 311 11.10 2.07 -36.57
C LEU C 311 11.13 1.44 -35.19
N GLU C 312 12.31 1.36 -34.58
CA GLU C 312 12.43 0.74 -33.26
C GLU C 312 11.64 1.52 -32.21
N GLY C 313 11.72 2.84 -32.26
CA GLY C 313 10.99 3.67 -31.31
C GLY C 313 9.49 3.58 -31.52
N LEU C 314 9.06 3.61 -32.78
CA LEU C 314 7.63 3.56 -33.07
C LEU C 314 7.03 2.23 -32.63
N ILE C 315 7.72 1.12 -32.91
CA ILE C 315 7.19 -0.20 -32.56
C ILE C 315 7.03 -0.33 -31.05
N GLN C 316 8.07 0.07 -30.31
CA GLN C 316 8.01 -0.04 -28.86
C GLN C 316 7.10 1.01 -28.23
N SER C 317 6.83 2.11 -28.94
CA SER C 317 6.05 3.19 -28.35
C SER C 317 4.59 2.79 -28.16
N GLN C 318 4.00 2.10 -29.15
CA GLN C 318 2.56 1.86 -29.16
C GLN C 318 2.22 0.40 -28.94
N PHE C 319 2.78 -0.51 -29.73
CA PHE C 319 2.34 -1.91 -29.69
C PHE C 319 2.75 -2.55 -28.38
N ARG C 320 1.77 -3.15 -27.69
CA ARG C 320 2.00 -3.88 -26.44
C ARG C 320 1.96 -5.39 -26.67
N ASP C 321 0.87 -5.89 -27.24
CA ASP C 321 0.74 -7.31 -27.56
C ASP C 321 1.57 -7.58 -28.82
N ASN C 322 2.88 -7.66 -28.62
CA ASN C 322 3.81 -7.80 -29.72
C ASN C 322 3.91 -9.22 -30.25
N SER C 323 3.28 -10.19 -29.58
CA SER C 323 3.28 -11.56 -30.09
C SER C 323 2.65 -11.67 -31.46
N ARG C 324 1.78 -10.72 -31.83
CA ARG C 324 1.12 -10.70 -33.14
C ARG C 324 1.69 -9.62 -34.05
N VAL C 325 2.86 -9.08 -33.70
CA VAL C 325 3.52 -8.05 -34.51
C VAL C 325 4.59 -8.74 -35.34
N TYR C 326 4.53 -8.54 -36.66
CA TYR C 326 5.43 -9.20 -37.59
C TYR C 326 6.08 -8.18 -38.51
N LYS C 327 7.19 -8.59 -39.12
CA LYS C 327 7.91 -7.77 -40.08
C LYS C 327 8.41 -8.66 -41.21
N THR C 328 8.53 -8.07 -42.39
CA THR C 328 8.97 -8.81 -43.58
C THR C 328 9.22 -7.80 -44.70
N SER C 329 9.63 -8.32 -45.85
CA SER C 329 9.88 -7.50 -47.05
C SER C 329 9.34 -8.29 -48.24
N GLY C 330 8.15 -7.89 -48.72
CA GLY C 330 7.53 -8.63 -49.81
C GLY C 330 8.33 -8.57 -51.10
N LEU C 331 8.89 -7.39 -51.41
CA LEU C 331 9.65 -7.25 -52.65
C LEU C 331 10.80 -8.25 -52.71
N LEU C 332 11.57 -8.35 -51.63
CA LEU C 332 12.68 -9.31 -51.60
C LEU C 332 12.16 -10.72 -51.38
N GLY C 333 11.12 -10.88 -50.57
CA GLY C 333 10.62 -12.22 -50.28
C GLY C 333 10.07 -12.92 -51.51
N PHE C 334 9.34 -12.20 -52.35
CA PHE C 334 8.72 -12.81 -53.52
C PHE C 334 9.77 -13.40 -54.45
N TYR C 335 10.63 -12.54 -55.02
CA TYR C 335 11.59 -13.01 -56.00
C TYR C 335 12.55 -14.03 -55.41
N GLY C 336 12.79 -13.97 -54.11
CA GLY C 336 13.71 -14.92 -53.50
C GLY C 336 13.26 -16.36 -53.71
N SER C 337 11.98 -16.63 -53.49
CA SER C 337 11.45 -17.97 -53.71
C SER C 337 11.47 -18.34 -55.19
N GLN C 338 11.17 -17.37 -56.06
CA GLN C 338 11.11 -17.66 -57.49
C GLN C 338 12.46 -18.09 -58.04
N VAL C 339 13.55 -17.50 -57.52
CA VAL C 339 14.88 -17.82 -58.05
C VAL C 339 15.20 -19.29 -57.85
N LYS C 340 14.59 -19.93 -56.84
CA LYS C 340 14.84 -21.34 -56.61
C LYS C 340 14.46 -22.20 -57.82
N GLN C 341 13.55 -21.72 -58.66
CA GLN C 341 13.15 -22.44 -59.87
C GLN C 341 13.99 -22.07 -61.08
N THR C 342 15.19 -21.55 -60.86
CA THR C 342 16.10 -21.19 -61.95
C THR C 342 17.49 -21.70 -61.61
N ASN C 343 18.28 -21.93 -62.66
CA ASN C 343 19.63 -22.45 -62.51
C ASN C 343 20.57 -21.65 -63.43
N SER C 344 21.83 -22.09 -63.49
CA SER C 344 22.83 -21.39 -64.28
C SER C 344 22.49 -21.40 -65.77
N SER C 345 21.70 -22.37 -66.23
CA SER C 345 21.34 -22.42 -67.64
C SER C 345 20.58 -21.17 -68.06
N THR C 346 19.64 -20.72 -67.22
CA THR C 346 18.91 -19.49 -67.44
C THR C 346 19.54 -18.30 -66.73
N ARG C 347 20.82 -18.40 -66.37
CA ARG C 347 21.52 -17.33 -65.65
C ARG C 347 20.79 -16.99 -64.34
N PHE C 348 20.27 -18.01 -63.68
CA PHE C 348 19.55 -17.84 -62.41
C PHE C 348 18.41 -16.83 -62.57
N GLY C 349 17.70 -16.92 -63.68
CA GLY C 349 16.53 -16.11 -63.93
C GLY C 349 16.75 -14.94 -64.86
N LEU C 350 18.00 -14.54 -65.11
CA LEU C 350 18.23 -13.42 -66.01
C LEU C 350 17.73 -13.74 -67.42
N ASP C 351 17.70 -15.02 -67.79
CA ASP C 351 17.17 -15.45 -69.07
C ASP C 351 15.70 -15.85 -69.00
N SER C 352 15.10 -15.85 -67.82
CA SER C 352 13.70 -16.24 -67.66
C SER C 352 13.15 -15.61 -66.39
N ILE C 353 11.97 -14.98 -66.50
CA ILE C 353 11.33 -14.24 -65.41
C ILE C 353 11.97 -12.86 -65.32
N PHE C 354 13.29 -12.81 -65.14
CA PHE C 354 14.00 -11.54 -65.08
C PHE C 354 14.50 -11.08 -66.45
N ALA C 355 14.25 -11.86 -67.51
CA ALA C 355 14.66 -11.43 -68.85
C ALA C 355 13.95 -10.15 -69.27
N THR C 356 12.68 -9.99 -68.87
CA THR C 356 11.95 -8.77 -69.19
C THR C 356 12.51 -7.56 -68.45
N THR C 357 13.02 -7.78 -67.23
CA THR C 357 13.53 -6.68 -66.41
C THR C 357 14.98 -6.33 -66.70
N ILE C 358 15.79 -7.30 -67.17
CA ILE C 358 17.20 -7.04 -67.42
C ILE C 358 17.45 -6.21 -68.67
N LYS C 359 16.46 -6.10 -69.56
CA LYS C 359 16.62 -5.34 -70.78
C LYS C 359 16.43 -3.85 -70.47
N GLY C 360 17.51 -3.07 -70.62
CA GLY C 360 17.46 -1.67 -70.31
C GLY C 360 16.98 -0.81 -71.47
N PHE C 361 16.68 0.45 -71.15
CA PHE C 361 16.24 1.40 -72.17
C PHE C 361 17.41 1.89 -73.02
N ASP C 362 18.58 2.08 -72.41
CA ASP C 362 19.75 2.59 -73.11
C ASP C 362 20.54 1.50 -73.82
N GLY C 363 20.12 0.25 -73.71
CA GLY C 363 20.83 -0.85 -74.34
C GLY C 363 21.61 -1.67 -73.33
N GLU C 364 22.24 -0.99 -72.37
CA GLU C 364 22.96 -1.70 -71.32
C GLU C 364 21.98 -2.46 -70.43
N GLU C 365 22.39 -3.64 -70.00
CA GLU C 365 21.54 -4.47 -69.16
C GLU C 365 21.26 -3.77 -67.83
N GLU C 366 20.00 -3.38 -67.64
CA GLU C 366 19.61 -2.75 -66.39
C GLU C 366 19.62 -3.77 -65.24
N THR C 367 19.77 -3.26 -64.03
CA THR C 367 19.82 -4.11 -62.85
C THR C 367 18.41 -4.29 -62.30
N PRO C 368 17.86 -5.51 -62.28
CA PRO C 368 16.55 -5.70 -61.67
C PRO C 368 16.54 -5.30 -60.20
N GLN C 369 15.39 -4.82 -59.74
CA GLN C 369 15.26 -4.39 -58.36
C GLN C 369 15.72 -5.49 -57.39
N PHE C 370 15.32 -6.74 -57.66
CA PHE C 370 15.80 -7.85 -56.84
C PHE C 370 17.31 -7.97 -56.90
N VAL C 371 17.88 -7.88 -58.11
CA VAL C 371 19.33 -7.94 -58.25
C VAL C 371 19.99 -6.72 -57.61
N SER C 372 19.42 -5.54 -57.84
CA SER C 372 20.00 -4.32 -57.27
C SER C 372 20.02 -4.39 -55.76
N GLU C 373 18.92 -4.80 -55.15
CA GLU C 373 18.88 -4.96 -53.70
C GLU C 373 19.68 -6.18 -53.25
N PHE C 374 19.81 -7.19 -54.11
CA PHE C 374 20.62 -8.35 -53.76
C PHE C 374 22.07 -7.96 -53.53
N ASN C 375 22.62 -7.13 -54.43
CA ASN C 375 23.98 -6.64 -54.23
C ASN C 375 24.06 -5.77 -52.98
N ASN C 376 23.08 -4.89 -52.78
CA ASN C 376 23.05 -4.08 -51.58
C ASN C 376 22.85 -4.94 -50.33
N TYR C 377 21.98 -5.94 -50.42
CA TYR C 377 21.74 -6.82 -49.29
C TYR C 377 23.00 -7.56 -48.88
N CYS C 378 23.77 -8.06 -49.85
CA CYS C 378 24.97 -8.80 -49.52
C CYS C 378 26.01 -7.92 -48.84
N ALA C 379 26.18 -6.69 -49.30
CA ALA C 379 27.22 -5.80 -48.79
C ALA C 379 26.72 -4.89 -47.67
N ASN C 380 25.70 -4.08 -47.95
CA ASN C 380 25.27 -3.07 -46.99
C ASN C 380 24.67 -3.71 -45.74
N SER C 381 23.75 -4.66 -45.92
CA SER C 381 23.08 -5.27 -44.77
C SER C 381 24.05 -6.12 -43.97
N GLY C 382 24.61 -7.15 -44.60
CA GLY C 382 25.56 -8.02 -43.93
C GLY C 382 24.95 -9.17 -43.17
N LYS C 383 23.72 -9.57 -43.49
CA LYS C 383 23.14 -10.73 -42.82
C LYS C 383 23.98 -11.98 -43.05
N LEU C 384 24.70 -12.04 -44.18
CA LEU C 384 25.62 -13.14 -44.43
C LEU C 384 26.82 -13.13 -43.51
N LEU C 385 27.05 -12.01 -42.79
CA LEU C 385 28.26 -11.89 -41.99
C LEU C 385 28.32 -12.98 -40.91
N SER C 386 27.21 -13.26 -40.25
CA SER C 386 27.15 -14.29 -39.23
C SER C 386 26.93 -15.68 -39.80
N THR C 387 26.76 -15.80 -41.11
CA THR C 387 26.51 -17.09 -41.75
C THR C 387 27.83 -17.69 -42.22
N ALA C 388 27.74 -18.81 -42.94
CA ALA C 388 28.91 -19.51 -43.45
C ALA C 388 29.28 -19.09 -44.87
N PHE C 389 29.05 -17.83 -45.22
CA PHE C 389 29.33 -17.32 -46.56
C PHE C 389 30.25 -16.12 -46.47
N ARG C 390 31.07 -15.95 -47.49
CA ARG C 390 32.04 -14.86 -47.59
C ARG C 390 31.81 -14.06 -48.86
N VAL C 391 30.55 -13.77 -49.17
CA VAL C 391 30.19 -13.06 -50.40
C VAL C 391 30.91 -11.73 -50.44
N SER C 392 31.68 -11.50 -51.50
CA SER C 392 32.43 -10.26 -51.70
C SER C 392 31.84 -9.53 -52.90
N VAL C 393 31.44 -8.28 -52.69
CA VAL C 393 30.89 -7.43 -53.75
C VAL C 393 31.98 -6.50 -54.24
N ASN C 394 32.21 -6.49 -55.55
CA ASN C 394 33.29 -5.72 -56.16
C ASN C 394 32.76 -5.00 -57.39
N GLY C 395 33.44 -3.90 -57.74
CA GLY C 395 33.14 -3.16 -58.94
C GLY C 395 33.73 -3.74 -60.20
N TYR C 396 34.44 -4.86 -60.09
CA TYR C 396 35.01 -5.52 -61.27
C TYR C 396 33.93 -5.94 -62.27
N GLU C 397 32.70 -6.12 -61.82
CA GLU C 397 31.62 -6.58 -62.66
C GLU C 397 30.35 -5.79 -62.34
N THR C 398 29.44 -5.75 -63.32
CA THR C 398 28.18 -5.06 -63.13
C THR C 398 27.33 -5.81 -62.09
N SER C 399 26.20 -5.19 -61.72
CA SER C 399 25.31 -5.82 -60.75
C SER C 399 24.79 -7.15 -61.26
N ASN C 400 24.36 -7.19 -62.53
CA ASN C 400 23.91 -8.45 -63.11
C ASN C 400 25.06 -9.45 -63.22
N GLU C 401 26.24 -8.99 -63.66
CA GLU C 401 27.38 -9.87 -63.75
C GLU C 401 27.81 -10.37 -62.37
N ASN C 402 27.82 -9.49 -61.37
CA ASN C 402 28.07 -9.93 -60.00
C ASN C 402 26.97 -10.88 -59.54
N TYR C 403 25.72 -10.58 -59.90
CA TYR C 403 24.62 -11.49 -59.60
C TYR C 403 24.87 -12.87 -60.19
N VAL C 404 25.38 -12.92 -61.42
CA VAL C 404 25.75 -14.20 -62.03
C VAL C 404 26.96 -14.80 -61.31
N ARG C 405 27.98 -13.97 -61.06
CA ARG C 405 29.20 -14.48 -60.45
C ARG C 405 28.95 -14.91 -59.00
N ILE C 406 28.28 -14.06 -58.22
CA ILE C 406 28.07 -14.35 -56.81
C ILE C 406 27.27 -15.65 -56.65
N LEU C 407 26.18 -15.78 -57.40
CA LEU C 407 25.38 -16.99 -57.32
C LEU C 407 26.17 -18.21 -57.79
N SER C 408 26.93 -18.06 -58.88
CA SER C 408 27.73 -19.17 -59.38
C SER C 408 28.78 -19.60 -58.36
N GLU C 409 29.29 -18.65 -57.57
CA GLU C 409 30.33 -18.98 -56.59
C GLU C 409 29.78 -19.85 -55.47
N TRP C 410 28.61 -19.50 -54.94
CA TRP C 410 28.04 -20.20 -53.79
C TRP C 410 26.87 -21.10 -54.18
N GLY C 411 25.86 -20.54 -54.85
CA GLY C 411 24.75 -21.32 -55.36
C GLY C 411 23.49 -21.17 -54.53
N ILE C 412 22.62 -22.18 -54.66
CA ILE C 412 21.30 -22.12 -54.01
C ILE C 412 21.44 -22.01 -52.49
N PRO C 413 22.30 -22.77 -51.81
CA PRO C 413 22.31 -22.73 -50.34
C PRO C 413 22.36 -21.33 -49.76
N LEU C 414 22.96 -20.37 -50.47
CA LEU C 414 22.91 -18.98 -50.02
C LEU C 414 21.49 -18.45 -50.06
N VAL C 415 20.72 -18.83 -51.07
CA VAL C 415 19.33 -18.36 -51.18
C VAL C 415 18.49 -18.88 -50.02
N ASP C 416 18.77 -20.10 -49.56
CA ASP C 416 18.00 -20.65 -48.44
C ASP C 416 18.07 -19.74 -47.23
N GLN C 417 19.27 -19.21 -46.92
CA GLN C 417 19.40 -18.25 -45.83
C GLN C 417 18.63 -16.97 -46.15
N LEU C 418 18.67 -16.53 -47.41
CA LEU C 418 17.98 -15.30 -47.80
C LEU C 418 16.48 -15.41 -47.51
N ILE C 419 15.86 -16.51 -47.94
CA ILE C 419 14.43 -16.69 -47.70
C ILE C 419 14.15 -16.84 -46.22
N HIS C 420 15.02 -17.56 -45.50
CA HIS C 420 14.82 -17.73 -44.06
C HIS C 420 14.86 -16.39 -43.34
N ASP C 421 15.80 -15.52 -43.73
CA ASP C 421 15.88 -14.20 -43.11
C ASP C 421 14.70 -13.33 -43.48
N SER C 422 14.04 -13.62 -44.60
CA SER C 422 12.88 -12.82 -45.02
C SER C 422 11.76 -12.90 -43.99
N GLY C 423 11.61 -14.04 -43.31
CA GLY C 423 10.58 -14.21 -42.32
C GLY C 423 9.20 -14.55 -42.86
N ILE C 424 9.07 -14.72 -44.18
CA ILE C 424 7.77 -15.05 -44.75
C ILE C 424 7.31 -16.42 -44.29
N GLU C 425 8.23 -17.39 -44.24
CA GLU C 425 7.86 -18.73 -43.81
C GLU C 425 7.34 -18.73 -42.38
N SER C 426 7.98 -17.95 -41.50
CA SER C 426 7.49 -17.86 -40.13
C SER C 426 6.09 -17.25 -40.09
N PHE C 427 5.81 -16.29 -40.97
CA PHE C 427 4.49 -15.68 -41.00
C PHE C 427 3.42 -16.72 -41.31
N ARG C 428 3.68 -17.61 -42.28
CA ARG C 428 2.71 -18.64 -42.62
C ARG C 428 2.43 -19.54 -41.43
N SER C 429 3.49 -19.97 -40.74
CA SER C 429 3.31 -20.81 -39.55
C SER C 429 2.56 -20.05 -38.46
N GLY C 430 2.91 -18.78 -38.27
CA GLY C 430 2.27 -17.97 -37.24
C GLY C 430 0.77 -17.88 -37.40
N ILE C 431 0.31 -17.39 -38.55
CA ILE C 431 -1.13 -17.27 -38.78
C ILE C 431 -1.76 -18.65 -38.83
N GLY C 432 -1.11 -19.61 -39.51
CA GLY C 432 -1.65 -20.96 -39.56
C GLY C 432 -1.82 -21.58 -38.19
N LEU C 433 -0.83 -21.37 -37.31
CA LEU C 433 -0.93 -21.88 -35.95
C LEU C 433 -2.13 -21.27 -35.22
N TYR C 434 -2.33 -19.96 -35.39
CA TYR C 434 -3.44 -19.29 -34.71
C TYR C 434 -4.78 -19.83 -35.19
N LEU C 435 -4.97 -19.92 -36.51
CA LEU C 435 -6.24 -20.37 -37.04
C LEU C 435 -6.43 -21.87 -36.83
N ALA C 436 -5.40 -22.67 -37.08
CA ALA C 436 -5.52 -24.11 -36.95
C ALA C 436 -5.73 -24.52 -35.50
N GLU C 437 -5.07 -23.83 -34.57
CA GLU C 437 -5.09 -24.23 -33.16
C GLU C 437 -6.17 -23.53 -32.36
N GLU C 438 -6.33 -22.22 -32.51
CA GLU C 438 -7.26 -21.47 -31.68
C GLU C 438 -8.62 -21.31 -32.35
N LYS C 439 -8.66 -20.70 -33.53
CA LYS C 439 -9.94 -20.41 -34.17
C LYS C 439 -10.67 -21.69 -34.57
N TYR C 440 -9.95 -22.70 -35.07
CA TYR C 440 -10.61 -23.89 -35.57
C TYR C 440 -11.45 -24.59 -34.52
N PRO C 441 -10.91 -24.95 -33.35
CA PRO C 441 -11.77 -25.58 -32.33
C PRO C 441 -12.91 -24.69 -31.87
N GLU C 442 -12.70 -23.38 -31.82
CA GLU C 442 -13.77 -22.48 -31.41
C GLU C 442 -14.98 -22.60 -32.32
N LEU C 443 -14.75 -22.88 -33.61
CA LEU C 443 -15.87 -23.02 -34.54
C LEU C 443 -16.79 -24.16 -34.13
N PHE C 444 -16.21 -25.31 -33.75
CA PHE C 444 -17.02 -26.39 -33.20
C PHE C 444 -17.66 -25.98 -31.88
N ALA C 445 -16.92 -25.24 -31.05
CA ALA C 445 -17.47 -24.79 -29.77
C ALA C 445 -18.69 -23.91 -29.98
N THR C 446 -18.65 -23.03 -30.97
CA THR C 446 -19.79 -22.17 -31.24
C THR C 446 -21.02 -23.00 -31.61
N LEU C 447 -20.82 -24.09 -32.33
CA LEU C 447 -21.95 -24.92 -32.76
C LEU C 447 -22.71 -25.45 -31.55
N ALA C 448 -21.99 -25.96 -30.55
CA ALA C 448 -22.65 -26.52 -29.38
C ALA C 448 -23.50 -25.47 -28.66
N ASN C 449 -22.92 -24.30 -28.41
CA ASN C 449 -23.69 -23.22 -27.81
C ASN C 449 -24.75 -22.68 -28.76
N ASP C 450 -24.54 -22.80 -30.07
CA ASP C 450 -25.53 -22.37 -31.05
C ASP C 450 -26.61 -23.41 -31.29
N LEU C 451 -26.41 -24.65 -30.84
CA LEU C 451 -27.40 -25.70 -31.01
C LEU C 451 -28.25 -25.93 -29.77
N GLN C 452 -27.76 -25.53 -28.59
CA GLN C 452 -28.54 -25.72 -27.37
C GLN C 452 -29.92 -25.08 -27.43
N PRO C 453 -30.11 -23.87 -27.99
CA PRO C 453 -31.42 -23.21 -27.91
C PRO C 453 -32.59 -24.03 -28.45
N LEU C 454 -32.30 -25.14 -29.14
CA LEU C 454 -33.37 -26.02 -29.62
C LEU C 454 -33.63 -27.18 -28.68
N CYS C 455 -32.59 -27.78 -28.11
CA CYS C 455 -32.77 -28.83 -27.11
C CYS C 455 -33.30 -28.30 -25.79
N ILE C 456 -33.30 -26.97 -25.62
CA ILE C 456 -33.78 -26.37 -24.37
C ILE C 456 -35.24 -26.70 -24.13
N ALA C 457 -36.05 -26.73 -25.20
CA ALA C 457 -37.49 -26.85 -25.08
C ALA C 457 -38.01 -28.26 -25.32
N LEU C 458 -37.34 -29.06 -26.15
CA LEU C 458 -37.86 -30.38 -26.48
C LEU C 458 -38.00 -31.24 -25.23
N ARG C 459 -36.98 -31.25 -24.37
CA ARG C 459 -37.08 -32.03 -23.14
C ARG C 459 -38.17 -31.48 -22.24
N GLN C 460 -38.30 -30.15 -22.17
CA GLN C 460 -39.32 -29.55 -21.33
C GLN C 460 -40.72 -29.99 -21.75
N PHE C 461 -41.02 -29.85 -23.05
CA PHE C 461 -42.36 -30.20 -23.53
C PHE C 461 -42.64 -31.68 -23.33
N TYR C 462 -41.68 -32.55 -23.67
CA TYR C 462 -41.88 -33.98 -23.48
C TYR C 462 -42.03 -34.32 -22.01
N LEU C 463 -41.20 -33.71 -21.15
CA LEU C 463 -41.25 -34.00 -19.73
C LEU C 463 -42.55 -33.52 -19.08
N GLU C 464 -43.23 -32.55 -19.70
CA GLU C 464 -44.48 -32.07 -19.13
C GLU C 464 -45.66 -32.98 -19.51
N ASN C 465 -45.82 -33.24 -20.81
CA ASN C 465 -46.90 -34.11 -21.25
C ASN C 465 -46.75 -35.51 -20.68
N TYR C 466 -45.53 -36.06 -20.71
CA TYR C 466 -45.30 -37.39 -20.18
C TYR C 466 -45.64 -37.46 -18.69
N ARG C 467 -45.19 -36.46 -17.93
CA ARG C 467 -45.51 -36.43 -16.50
C ARG C 467 -46.97 -36.07 -16.27
N GLN C 468 -47.53 -35.18 -17.10
CA GLN C 468 -48.93 -34.80 -16.94
C GLN C 468 -49.86 -35.99 -17.17
N LEU C 469 -49.57 -36.80 -18.19
CA LEU C 469 -50.43 -37.95 -18.47
C LEU C 469 -50.36 -38.98 -17.37
N ASP C 470 -49.22 -39.10 -16.69
CA ASP C 470 -49.08 -40.09 -15.62
C ASP C 470 -49.95 -39.76 -14.41
N SER C 471 -50.44 -38.53 -14.28
CA SER C 471 -51.28 -38.17 -13.15
C SER C 471 -52.60 -38.93 -13.16
N GLN C 472 -53.17 -39.15 -14.34
CA GLN C 472 -54.46 -39.82 -14.42
C GLN C 472 -54.35 -41.27 -13.95
N PRO C 473 -55.41 -41.83 -13.39
CA PRO C 473 -55.38 -43.24 -12.97
C PRO C 473 -55.23 -44.17 -14.17
N ARG C 474 -54.99 -45.44 -13.88
CA ARG C 474 -54.82 -46.45 -14.91
C ARG C 474 -55.74 -47.63 -14.68
N GLU C 475 -55.98 -47.98 -13.42
CA GLU C 475 -56.83 -49.12 -13.10
C GLU C 475 -58.28 -48.84 -13.51
N ILE C 476 -58.95 -49.88 -14.00
CA ILE C 476 -60.35 -49.74 -14.38
C ILE C 476 -61.21 -49.37 -13.19
N ALA C 477 -61.01 -50.06 -12.06
CA ALA C 477 -61.82 -49.79 -10.88
C ALA C 477 -61.66 -48.34 -10.44
N ALA C 478 -60.41 -47.87 -10.28
CA ALA C 478 -60.19 -46.48 -9.91
C ALA C 478 -60.67 -45.54 -11.00
N MET C 479 -60.38 -45.86 -12.26
CA MET C 479 -60.80 -45.00 -13.36
C MET C 479 -62.31 -44.91 -13.44
N LYS C 480 -63.00 -46.04 -13.31
CA LYS C 480 -64.46 -46.03 -13.37
C LYS C 480 -65.04 -45.25 -12.19
N ALA C 481 -64.45 -45.40 -11.00
CA ALA C 481 -64.92 -44.65 -9.84
C ALA C 481 -64.85 -43.15 -10.10
N GLN C 482 -63.85 -42.70 -10.87
CA GLN C 482 -63.77 -41.28 -11.20
C GLN C 482 -65.00 -40.84 -12.00
N GLU C 483 -65.44 -41.66 -12.95
CA GLU C 483 -66.63 -41.32 -13.71
C GLU C 483 -67.85 -41.22 -12.80
N LEU C 484 -68.00 -42.17 -11.87
CA LEU C 484 -69.05 -42.05 -10.86
C LEU C 484 -68.82 -40.82 -9.99
N THR C 485 -67.56 -40.51 -9.67
CA THR C 485 -67.25 -39.33 -8.89
C THR C 485 -67.57 -38.04 -9.63
N LEU C 486 -67.82 -38.11 -10.95
CA LEU C 486 -68.17 -36.94 -11.74
C LEU C 486 -69.61 -36.96 -12.23
N LEU C 487 -70.27 -38.12 -12.20
CA LEU C 487 -71.65 -38.21 -12.69
C LEU C 487 -72.58 -37.31 -11.88
N ASN C 488 -72.46 -37.37 -10.55
CA ASN C 488 -73.36 -36.58 -9.71
C ASN C 488 -73.11 -35.09 -9.81
N GLN C 489 -71.89 -34.66 -10.14
CA GLN C 489 -71.64 -33.23 -10.30
C GLN C 489 -72.50 -32.66 -11.40
N GLU C 490 -72.63 -33.37 -12.52
CA GLU C 490 -73.54 -32.94 -13.58
C GLU C 490 -74.97 -32.89 -13.08
N MET C 491 -75.36 -33.89 -12.27
CA MET C 491 -76.72 -33.91 -11.73
C MET C 491 -76.99 -32.69 -10.86
N GLN C 492 -76.04 -32.32 -10.00
CA GLN C 492 -76.24 -31.16 -9.13
C GLN C 492 -76.39 -29.89 -9.94
N ASN C 493 -75.54 -29.70 -10.95
CA ASN C 493 -75.68 -28.52 -11.81
C ASN C 493 -77.01 -28.51 -12.54
N LEU C 494 -77.53 -29.69 -12.88
CA LEU C 494 -78.82 -29.76 -13.57
C LEU C 494 -79.92 -29.17 -12.69
N GLY C 495 -79.92 -29.50 -11.40
CA GLY C 495 -80.92 -28.93 -10.51
C GLY C 495 -80.76 -27.43 -10.37
N ILE C 496 -79.53 -26.97 -10.18
CA ILE C 496 -79.28 -25.53 -10.09
C ILE C 496 -79.66 -24.84 -11.39
N GLU C 497 -79.26 -25.41 -12.53
CA GLU C 497 -79.57 -24.79 -13.81
C GLU C 497 -81.07 -24.83 -14.10
N PHE C 498 -81.76 -25.87 -13.66
CA PHE C 498 -83.19 -25.97 -13.93
C PHE C 498 -83.96 -24.81 -13.31
N LYS C 499 -83.64 -24.47 -12.06
CA LYS C 499 -84.31 -23.36 -11.41
C LYS C 499 -84.02 -22.05 -12.13
N LYS C 500 -82.83 -21.92 -12.71
CA LYS C 500 -82.47 -20.68 -13.40
C LYS C 500 -83.41 -20.41 -14.57
N TYR C 501 -83.64 -21.42 -15.41
CA TYR C 501 -84.53 -21.23 -16.55
C TYR C 501 -85.95 -20.93 -16.10
N MET C 502 -86.44 -21.66 -15.09
CA MET C 502 -87.79 -21.42 -14.60
C MET C 502 -87.93 -20.01 -14.04
N SER C 503 -86.92 -19.55 -13.31
CA SER C 503 -86.97 -18.19 -12.76
C SER C 503 -86.93 -17.14 -13.87
N ALA C 504 -86.20 -17.41 -14.94
CA ALA C 504 -86.13 -16.45 -16.04
C ALA C 504 -87.46 -16.35 -16.76
N GLN C 505 -88.08 -17.49 -17.06
CA GLN C 505 -89.35 -17.48 -17.79
C GLN C 505 -90.44 -16.79 -16.99
N ILE C 506 -90.53 -17.09 -15.69
CA ILE C 506 -91.58 -16.51 -14.87
C ILE C 506 -91.36 -15.00 -14.71
N ASN C 507 -90.11 -14.56 -14.60
CA ASN C 507 -89.83 -13.14 -14.42
C ASN C 507 -90.34 -12.34 -15.62
N ASP C 508 -90.16 -12.87 -16.83
CA ASP C 508 -90.61 -12.16 -18.02
C ASP C 508 -92.11 -11.91 -18.01
N VAL C 509 -92.89 -12.77 -17.34
CA VAL C 509 -94.33 -12.60 -17.31
C VAL C 509 -94.73 -11.44 -16.40
N VAL C 510 -94.07 -11.33 -15.24
CA VAL C 510 -94.44 -10.31 -14.27
C VAL C 510 -94.30 -8.91 -14.84
N ILE C 511 -93.41 -8.71 -15.81
CA ILE C 511 -93.13 -7.38 -16.35
C ILE C 511 -93.64 -7.21 -17.77
N GLY C 512 -94.03 -8.28 -18.44
CA GLY C 512 -94.56 -8.18 -19.79
C GLY C 512 -93.55 -8.42 -20.89
N ASN C 513 -92.36 -8.92 -20.57
CA ASN C 513 -91.38 -9.19 -21.62
C ASN C 513 -91.89 -10.24 -22.59
N ASP C 514 -92.59 -11.27 -22.09
CA ASP C 514 -93.16 -12.30 -22.95
C ASP C 514 -94.31 -11.68 -23.72
N ARG C 515 -94.06 -11.35 -24.99
CA ARG C 515 -95.06 -10.66 -25.79
C ARG C 515 -96.32 -11.50 -25.97
N GLU C 516 -96.17 -12.84 -26.01
CA GLU C 516 -97.34 -13.69 -26.20
C GLU C 516 -98.33 -13.55 -25.06
N PHE C 517 -97.84 -13.49 -23.82
CA PHE C 517 -98.73 -13.37 -22.68
C PHE C 517 -99.53 -12.06 -22.72
N ASP C 518 -98.87 -10.97 -23.11
CA ASP C 518 -99.56 -9.68 -23.14
C ASP C 518 -100.72 -9.68 -24.12
N GLN C 519 -100.52 -10.28 -25.30
CA GLN C 519 -101.57 -10.31 -26.30
C GLN C 519 -102.82 -11.03 -25.77
N ASP C 520 -102.62 -12.15 -25.09
CA ASP C 520 -103.76 -12.85 -24.49
C ASP C 520 -104.37 -12.04 -23.37
N PHE C 521 -103.54 -11.37 -22.56
CA PHE C 521 -104.05 -10.63 -21.42
C PHE C 521 -104.94 -9.47 -21.87
N THR C 522 -104.50 -8.71 -22.88
CA THR C 522 -105.32 -7.60 -23.36
C THR C 522 -106.64 -8.10 -23.94
N LYS C 523 -106.64 -9.30 -24.53
CA LYS C 523 -107.89 -9.89 -25.01
C LYS C 523 -108.85 -10.11 -23.85
N LEU C 524 -108.34 -10.57 -22.71
CA LEU C 524 -109.19 -10.81 -21.55
C LEU C 524 -109.88 -9.53 -21.10
N LYS C 525 -109.12 -8.42 -21.02
CA LYS C 525 -109.70 -7.17 -20.55
C LYS C 525 -110.77 -6.66 -21.51
N ALA C 526 -110.50 -6.76 -22.82
CA ALA C 526 -111.45 -6.22 -23.79
C ALA C 526 -112.79 -6.94 -23.72
N ARG C 527 -112.77 -8.26 -23.57
CA ARG C 527 -114.02 -9.02 -23.55
C ARG C 527 -114.90 -8.61 -22.38
N MET C 528 -114.30 -8.46 -21.19
CA MET C 528 -115.07 -8.11 -20.01
C MET C 528 -115.69 -6.71 -20.15
N VAL C 529 -114.90 -5.74 -20.59
CA VAL C 529 -115.43 -4.39 -20.76
C VAL C 529 -116.52 -4.38 -21.81
N ALA C 530 -116.30 -5.07 -22.93
CA ALA C 530 -117.34 -5.19 -23.94
C ALA C 530 -118.54 -5.95 -23.41
N ARG C 531 -118.28 -7.00 -22.62
CA ARG C 531 -119.38 -7.80 -22.06
C ARG C 531 -120.28 -6.94 -21.17
N LEU C 532 -119.68 -6.11 -20.32
CA LEU C 532 -120.48 -5.28 -19.42
C LEU C 532 -121.34 -4.30 -20.22
N ASP C 533 -120.75 -3.62 -21.20
CA ASP C 533 -121.52 -2.66 -21.99
C ASP C 533 -122.66 -3.34 -22.73
N GLU C 534 -122.38 -4.49 -23.35
CA GLU C 534 -123.43 -5.23 -24.05
C GLU C 534 -124.45 -5.77 -23.07
N LEU C 535 -124.00 -6.25 -21.90
CA LEU C 535 -124.90 -6.90 -20.96
C LEU C 535 -125.92 -5.90 -20.40
N LEU C 536 -125.45 -4.74 -19.94
CA LEU C 536 -126.36 -3.76 -19.35
C LEU C 536 -127.19 -3.06 -20.41
N LYS C 537 -126.67 -2.94 -21.63
CA LYS C 537 -127.41 -2.29 -22.70
C LYS C 537 -128.68 -3.06 -23.03
N THR C 538 -128.60 -4.39 -23.06
CA THR C 538 -129.75 -5.23 -23.36
C THR C 538 -130.59 -5.53 -22.13
N PHE C 539 -130.22 -5.02 -20.97
CA PHE C 539 -131.00 -5.26 -19.76
C PHE C 539 -132.42 -4.73 -19.94
N SER C 540 -133.39 -5.55 -19.53
CA SER C 540 -134.79 -5.21 -19.67
C SER C 540 -135.53 -5.56 -18.39
N VAL C 541 -136.56 -4.77 -18.08
CA VAL C 541 -137.39 -5.04 -16.91
C VAL C 541 -138.11 -6.38 -17.07
N MET C 542 -138.31 -6.84 -18.30
CA MET C 542 -138.96 -8.11 -18.57
C MET C 542 -137.99 -9.28 -18.54
N ASN C 543 -136.81 -9.11 -17.93
CA ASN C 543 -135.88 -10.20 -17.71
C ASN C 543 -135.53 -10.40 -16.25
N ALA C 544 -135.41 -9.30 -15.48
CA ALA C 544 -135.19 -9.43 -14.05
C ALA C 544 -136.45 -9.89 -13.33
N TYR C 545 -137.60 -9.33 -13.70
CA TYR C 545 -138.86 -9.74 -13.09
C TYR C 545 -139.18 -11.20 -13.40
N LYS C 546 -138.61 -11.75 -14.48
CA LYS C 546 -138.77 -13.17 -14.75
C LYS C 546 -138.17 -14.01 -13.64
N ARG C 547 -136.99 -13.62 -13.16
CA ARG C 547 -136.28 -14.37 -12.13
C ARG C 547 -136.91 -14.20 -10.75
N ALA C 548 -137.57 -13.07 -10.50
CA ALA C 548 -138.15 -12.85 -9.17
C ALA C 548 -139.18 -13.91 -8.83
N THR C 549 -140.04 -14.25 -9.78
CA THR C 549 -141.02 -15.30 -9.55
C THR C 549 -140.34 -16.65 -9.32
N GLU C 550 -139.28 -16.93 -10.09
CA GLU C 550 -138.59 -18.21 -9.95
C GLU C 550 -137.96 -18.35 -8.57
N SER C 551 -137.38 -17.27 -8.05
CA SER C 551 -136.66 -17.37 -6.78
C SER C 551 -137.57 -17.81 -5.64
N HIS C 552 -138.86 -17.50 -5.72
CA HIS C 552 -139.82 -17.78 -4.66
C HIS C 552 -140.86 -18.78 -5.15
N PRO C 553 -140.70 -20.07 -4.86
CA PRO C 553 -141.65 -21.07 -5.38
C PRO C 553 -143.09 -20.84 -4.95
N ARG C 554 -143.32 -20.32 -3.74
CA ARG C 554 -144.67 -20.19 -3.21
C ARG C 554 -145.35 -18.92 -3.68
N ASN C 555 -144.76 -17.76 -3.37
CA ASN C 555 -145.38 -16.49 -3.73
C ASN C 555 -145.38 -16.31 -5.24
N SER C 556 -146.46 -15.71 -5.74
CA SER C 556 -146.65 -15.47 -7.17
C SER C 556 -146.87 -14.00 -7.46
N THR C 557 -146.38 -13.11 -6.58
CA THR C 557 -146.58 -11.68 -6.74
C THR C 557 -145.40 -10.99 -6.07
N ALA C 558 -144.50 -10.42 -6.87
CA ALA C 558 -143.33 -9.76 -6.33
C ALA C 558 -143.56 -8.26 -6.19
N PRO C 559 -143.02 -7.62 -5.15
CA PRO C 559 -143.17 -6.17 -5.02
C PRO C 559 -142.39 -5.42 -6.09
N PHE C 560 -142.80 -4.18 -6.32
CA PHE C 560 -142.09 -3.34 -7.28
C PHE C 560 -140.62 -3.17 -6.90
N ILE C 561 -140.33 -3.15 -5.59
CA ILE C 561 -138.95 -2.94 -5.15
C ILE C 561 -138.07 -4.14 -5.47
N ALA C 562 -138.65 -5.32 -5.66
CA ALA C 562 -137.86 -6.52 -5.93
C ALA C 562 -137.15 -6.46 -7.28
N VAL C 563 -137.55 -5.55 -8.17
CA VAL C 563 -136.91 -5.45 -9.48
C VAL C 563 -135.43 -5.11 -9.30
N LEU C 564 -135.14 -4.13 -8.45
CA LEU C 564 -133.75 -3.70 -8.26
C LEU C 564 -132.90 -4.83 -7.70
N VAL C 565 -133.41 -5.54 -6.69
CA VAL C 565 -132.61 -6.56 -6.03
C VAL C 565 -132.20 -7.65 -7.01
N GLU C 566 -133.16 -8.12 -7.81
CA GLU C 566 -132.85 -9.15 -8.80
C GLU C 566 -131.90 -8.62 -9.87
N ALA C 567 -131.95 -7.30 -10.15
CA ALA C 567 -131.05 -6.74 -11.15
C ALA C 567 -129.60 -6.87 -10.73
N LEU C 568 -129.30 -6.62 -9.45
CA LEU C 568 -127.92 -6.72 -8.99
C LEU C 568 -127.38 -8.13 -9.18
N TYR C 569 -128.15 -9.14 -8.73
CA TYR C 569 -127.68 -10.52 -8.83
C TYR C 569 -127.63 -10.98 -10.28
N TYR C 570 -128.64 -10.63 -11.08
CA TYR C 570 -128.62 -10.99 -12.49
C TYR C 570 -127.47 -10.34 -13.22
N LEU C 571 -127.20 -9.07 -12.92
CA LEU C 571 -126.11 -8.34 -13.55
C LEU C 571 -124.75 -8.66 -12.94
N ALA C 572 -124.72 -9.33 -11.77
CA ALA C 572 -123.48 -9.70 -11.11
C ALA C 572 -123.11 -11.16 -11.37
N ASN C 573 -124.06 -12.08 -11.17
CA ASN C 573 -123.78 -13.49 -11.39
C ASN C 573 -123.40 -13.75 -12.84
N GLU C 574 -124.10 -13.12 -13.78
CA GLU C 574 -123.74 -13.26 -15.19
C GLU C 574 -122.33 -12.72 -15.44
N LEU C 575 -122.00 -11.57 -14.84
CA LEU C 575 -120.66 -11.02 -14.99
C LEU C 575 -119.62 -11.95 -14.40
N GLU C 576 -119.94 -12.59 -13.26
CA GLU C 576 -118.99 -13.48 -12.62
C GLU C 576 -118.61 -14.64 -13.54
N ASP C 577 -119.59 -15.23 -14.23
CA ASP C 577 -119.29 -16.35 -15.12
C ASP C 577 -118.32 -15.96 -16.22
N ALA C 578 -118.31 -14.68 -16.61
CA ALA C 578 -117.40 -14.26 -17.68
C ALA C 578 -115.95 -14.45 -17.27
N PHE C 579 -115.59 -14.10 -16.03
CA PHE C 579 -114.23 -14.28 -15.58
C PHE C 579 -113.86 -15.76 -15.56
N ILE C 580 -114.75 -16.61 -15.03
CA ILE C 580 -114.42 -18.02 -14.88
C ILE C 580 -114.18 -18.65 -16.24
N GLU C 581 -115.05 -18.38 -17.21
CA GLU C 581 -114.87 -18.94 -18.55
C GLU C 581 -113.59 -18.45 -19.18
N ALA C 582 -113.30 -17.15 -19.05
CA ALA C 582 -112.12 -16.59 -19.69
C ALA C 582 -110.85 -16.97 -18.93
N ILE C 583 -110.92 -17.05 -17.60
CA ILE C 583 -109.74 -17.38 -16.81
C ILE C 583 -109.23 -18.77 -17.18
N HIS C 584 -110.14 -19.73 -17.34
CA HIS C 584 -109.73 -21.06 -17.77
C HIS C 584 -109.05 -21.01 -19.13
N GLU C 585 -109.58 -20.20 -20.04
CA GLU C 585 -108.97 -20.05 -21.35
C GLU C 585 -107.57 -19.45 -21.28
N LEU C 586 -107.26 -18.69 -20.22
CA LEU C 586 -105.97 -18.04 -20.08
C LEU C 586 -104.93 -18.98 -19.48
N VAL C 587 -105.24 -19.60 -18.36
CA VAL C 587 -104.28 -20.47 -17.68
C VAL C 587 -103.90 -21.64 -18.57
N LYS C 588 -104.88 -22.27 -19.21
CA LYS C 588 -104.60 -23.43 -20.04
C LYS C 588 -103.66 -23.08 -21.19
N ASN C 589 -103.89 -21.94 -21.84
CA ASN C 589 -103.05 -21.54 -22.96
C ASN C 589 -101.62 -21.27 -22.51
N PHE C 590 -101.46 -20.70 -21.31
CA PHE C 590 -100.12 -20.37 -20.83
C PHE C 590 -99.28 -21.62 -20.64
N PHE C 591 -99.85 -22.66 -20.03
CA PHE C 591 -99.08 -23.85 -19.72
C PHE C 591 -98.58 -24.55 -20.99
N GLN C 592 -99.44 -24.64 -22.00
CA GLN C 592 -98.99 -25.25 -23.26
C GLN C 592 -97.89 -24.41 -23.90
N ARG C 593 -97.98 -23.08 -23.77
CA ARG C 593 -96.90 -22.23 -24.26
C ARG C 593 -95.60 -22.50 -23.51
N LEU C 594 -95.69 -22.92 -22.25
CA LEU C 594 -94.51 -23.16 -21.43
C LEU C 594 -93.95 -24.57 -21.66
N GLY C 595 -94.80 -25.59 -21.53
CA GLY C 595 -94.34 -26.95 -21.73
C GLY C 595 -93.81 -27.18 -23.13
N ASP C 596 -94.48 -26.59 -24.13
CA ASP C 596 -94.04 -26.76 -25.51
C ASP C 596 -92.63 -26.19 -25.72
N ARG C 597 -92.37 -25.00 -25.17
CA ARG C 597 -91.05 -24.40 -25.31
C ARG C 597 -90.04 -24.94 -24.31
N LEU C 598 -90.50 -25.60 -23.25
CA LEU C 598 -89.58 -26.10 -22.23
C LEU C 598 -88.80 -27.31 -22.72
N ARG C 599 -89.38 -28.13 -23.59
CA ARG C 599 -88.70 -29.34 -24.05
C ARG C 599 -87.59 -29.01 -25.05
N LYS C 600 -87.78 -27.98 -25.86
CA LYS C 600 -86.77 -27.66 -26.88
C LYS C 600 -85.45 -27.25 -26.25
N VAL C 601 -85.49 -26.45 -25.18
CA VAL C 601 -84.27 -25.95 -24.58
C VAL C 601 -83.46 -27.10 -23.99
N ASP C 602 -82.13 -26.94 -23.99
CA ASP C 602 -81.24 -28.00 -23.55
C ASP C 602 -81.40 -28.36 -22.08
N CYS C 603 -81.94 -27.46 -21.27
CA CYS C 603 -82.11 -27.74 -19.85
C CYS C 603 -82.91 -29.02 -19.64
N TYR C 604 -84.16 -29.03 -20.10
CA TYR C 604 -85.00 -30.20 -19.99
C TYR C 604 -84.59 -31.30 -20.95
N HIS C 605 -83.83 -30.97 -22.00
CA HIS C 605 -83.40 -31.97 -22.97
C HIS C 605 -82.35 -32.91 -22.39
N GLN C 606 -81.36 -32.34 -21.69
CA GLN C 606 -80.26 -33.13 -21.14
C GLN C 606 -80.71 -34.08 -20.04
N VAL C 607 -81.89 -33.89 -19.48
CA VAL C 607 -82.34 -34.74 -18.38
C VAL C 607 -82.48 -36.18 -18.84
N TYR C 608 -83.07 -36.39 -20.02
CA TYR C 608 -83.42 -37.72 -20.48
C TYR C 608 -82.23 -38.50 -21.03
N ARG C 609 -81.10 -37.85 -21.26
CA ARG C 609 -79.90 -38.57 -21.65
C ARG C 609 -79.22 -39.26 -20.48
N LEU C 610 -79.51 -38.83 -19.26
CA LEU C 610 -78.90 -39.38 -18.06
C LEU C 610 -79.91 -39.99 -17.11
N VAL C 611 -80.97 -39.26 -16.78
CA VAL C 611 -81.93 -39.75 -15.80
C VAL C 611 -82.69 -40.94 -16.36
N GLY C 612 -83.20 -40.82 -17.58
CA GLY C 612 -83.93 -41.90 -18.26
C GLY C 612 -85.40 -41.59 -18.48
N ASN C 613 -85.99 -40.71 -17.67
CA ASN C 613 -87.41 -40.40 -17.79
C ASN C 613 -87.65 -39.01 -17.24
N ASP C 614 -88.93 -38.61 -17.19
CA ASP C 614 -89.29 -37.27 -16.74
C ASP C 614 -88.92 -37.07 -15.28
N GLY C 615 -89.15 -38.08 -14.43
CA GLY C 615 -88.98 -37.91 -13.01
C GLY C 615 -90.09 -37.14 -12.34
N GLY C 616 -91.25 -37.04 -12.99
CA GLY C 616 -92.38 -36.32 -12.44
C GLY C 616 -92.51 -34.89 -12.89
N ILE C 617 -91.63 -34.41 -13.78
CA ILE C 617 -91.70 -33.02 -14.22
C ILE C 617 -93.06 -32.74 -14.86
N GLU C 618 -93.46 -33.59 -15.81
CA GLU C 618 -94.76 -33.42 -16.44
C GLU C 618 -95.89 -33.66 -15.44
N GLN C 619 -95.74 -34.65 -14.56
CA GLN C 619 -96.77 -34.93 -13.57
C GLN C 619 -96.97 -33.74 -12.64
N LEU C 620 -95.87 -33.19 -12.13
CA LEU C 620 -95.98 -32.02 -11.26
C LEU C 620 -96.55 -30.82 -12.02
N LEU C 621 -96.11 -30.61 -13.26
CA LEU C 621 -96.61 -29.49 -14.04
C LEU C 621 -98.12 -29.58 -14.22
N ARG C 622 -98.62 -30.74 -14.62
CA ARG C 622 -100.06 -30.93 -14.75
C ARG C 622 -100.74 -30.82 -13.40
N ARG C 623 -100.15 -31.40 -12.35
CA ARG C 623 -100.73 -31.31 -11.02
C ARG C 623 -100.79 -29.85 -10.56
N ALA C 624 -99.71 -29.10 -10.76
CA ALA C 624 -99.69 -27.70 -10.34
C ALA C 624 -100.71 -26.88 -11.10
N GLU C 625 -100.87 -27.15 -12.40
CA GLU C 625 -101.82 -26.39 -13.20
C GLU C 625 -103.22 -26.46 -12.60
N GLU C 626 -103.61 -27.63 -12.09
CA GLU C 626 -104.91 -27.76 -11.47
C GLU C 626 -105.02 -26.85 -10.24
N ASP C 627 -103.97 -26.79 -9.42
CA ASP C 627 -103.99 -25.95 -8.23
C ASP C 627 -104.12 -24.48 -8.59
N ILE C 628 -103.41 -24.04 -9.62
CA ILE C 628 -103.45 -22.63 -10.01
C ILE C 628 -104.86 -22.25 -10.42
N THR C 629 -105.52 -23.10 -11.20
CA THR C 629 -106.87 -22.78 -11.66
C THR C 629 -107.83 -22.62 -10.49
N LYS C 630 -107.73 -23.51 -9.49
CA LYS C 630 -108.62 -23.42 -8.35
C LYS C 630 -108.40 -22.13 -7.57
N ALA C 631 -107.14 -21.74 -7.37
CA ALA C 631 -106.84 -20.55 -6.58
C ALA C 631 -107.41 -19.30 -7.22
N LEU C 632 -107.18 -19.13 -8.53
CA LEU C 632 -107.67 -17.95 -9.22
C LEU C 632 -109.19 -17.90 -9.26
N VAL C 633 -109.83 -19.07 -9.47
CA VAL C 633 -111.28 -19.11 -9.53
C VAL C 633 -111.88 -18.65 -8.21
N ASN C 634 -111.34 -19.15 -7.09
CA ASN C 634 -111.83 -18.72 -5.78
C ASN C 634 -111.61 -17.23 -5.57
N GLU C 635 -110.42 -16.73 -5.92
CA GLU C 635 -110.14 -15.31 -5.75
C GLU C 635 -111.05 -14.46 -6.61
N ALA C 636 -111.27 -14.87 -7.86
CA ALA C 636 -112.14 -14.10 -8.75
C ALA C 636 -113.57 -14.04 -8.22
N ARG C 637 -114.07 -15.18 -7.75
CA ARG C 637 -115.43 -15.21 -7.22
C ARG C 637 -115.57 -14.31 -5.99
N THR C 638 -114.55 -14.29 -5.13
CA THR C 638 -114.61 -13.47 -3.93
C THR C 638 -114.80 -12.00 -4.27
N GLU C 639 -114.03 -11.50 -5.24
CA GLU C 639 -114.20 -10.13 -5.67
C GLU C 639 -115.57 -9.91 -6.31
N CYS C 640 -116.04 -10.89 -7.09
CA CYS C 640 -117.33 -10.76 -7.74
C CYS C 640 -118.47 -10.65 -6.74
N ASP C 641 -118.25 -11.08 -5.49
CA ASP C 641 -119.28 -11.00 -4.46
C ASP C 641 -119.41 -9.61 -3.86
N ARG C 642 -118.47 -8.70 -4.15
CA ARG C 642 -118.50 -7.37 -3.57
C ARG C 642 -119.31 -6.37 -4.41
N TYR C 643 -119.52 -6.66 -5.69
CA TYR C 643 -120.29 -5.73 -6.53
C TYR C 643 -121.74 -5.66 -6.10
N VAL C 644 -122.29 -6.75 -5.54
CA VAL C 644 -123.71 -6.79 -5.23
C VAL C 644 -124.07 -5.71 -4.21
N ARG C 645 -123.24 -5.54 -3.19
CA ARG C 645 -123.52 -4.54 -2.17
C ARG C 645 -123.57 -3.15 -2.81
N GLU C 646 -124.58 -2.38 -2.44
CA GLU C 646 -124.80 -1.08 -3.06
C GLU C 646 -123.86 -0.05 -2.45
N SER C 647 -123.18 0.69 -3.31
CA SER C 647 -122.34 1.81 -2.89
C SER C 647 -123.17 3.07 -2.78
N PRO C 648 -122.64 4.11 -2.13
CA PRO C 648 -123.40 5.36 -2.05
C PRO C 648 -123.77 5.92 -3.42
N ARG C 649 -122.93 5.69 -4.43
CA ARG C 649 -123.25 6.15 -5.78
C ARG C 649 -124.50 5.47 -6.32
N PHE C 650 -124.85 4.28 -5.79
CA PHE C 650 -126.01 3.56 -6.29
C PHE C 650 -127.27 4.39 -6.18
N TYR C 651 -127.38 5.24 -5.15
CA TYR C 651 -128.54 6.10 -4.94
C TYR C 651 -128.18 7.53 -5.31
N ASP C 652 -129.07 8.18 -6.06
CA ASP C 652 -128.88 9.57 -6.45
C ASP C 652 -130.24 10.16 -6.77
N GLU C 653 -130.61 11.22 -6.07
CA GLU C 653 -131.94 11.80 -6.23
C GLU C 653 -132.18 12.21 -7.68
N GLY C 654 -131.24 12.96 -8.26
CA GLY C 654 -131.43 13.44 -9.63
C GLY C 654 -131.44 12.31 -10.64
N THR C 655 -130.52 11.37 -10.52
CA THR C 655 -130.41 10.29 -11.50
C THR C 655 -131.67 9.43 -11.52
N PHE C 656 -132.19 9.09 -10.35
CA PHE C 656 -133.36 8.22 -10.27
C PHE C 656 -133.92 8.29 -8.85
N SER C 657 -135.25 8.25 -8.75
CA SER C 657 -135.94 8.30 -7.47
C SER C 657 -136.71 7.01 -7.28
N ILE C 658 -136.53 6.38 -6.11
CA ILE C 658 -137.27 5.17 -5.78
C ILE C 658 -138.75 5.43 -5.57
N TYR C 659 -139.14 6.68 -5.34
CA TYR C 659 -140.50 7.03 -5.00
C TYR C 659 -141.37 7.32 -6.22
N GLN C 660 -140.80 7.26 -7.43
CA GLN C 660 -141.61 7.41 -8.63
C GLN C 660 -142.57 6.23 -8.82
N PHE C 661 -142.34 5.12 -8.13
CA PHE C 661 -143.26 3.99 -8.20
C PHE C 661 -144.64 4.40 -7.69
N ARG C 662 -144.69 5.28 -6.69
CA ARG C 662 -145.97 5.78 -6.20
C ARG C 662 -146.81 6.34 -7.34
N GLN C 663 -146.17 7.05 -8.28
CA GLN C 663 -146.91 7.55 -9.44
C GLN C 663 -147.50 6.41 -10.24
N THR C 664 -146.85 5.24 -10.24
CA THR C 664 -147.39 4.05 -10.88
C THR C 664 -148.30 3.26 -9.95
N LEU C 665 -148.35 3.61 -8.67
CA LEU C 665 -149.21 2.94 -7.70
C LEU C 665 -150.43 3.77 -7.31
N GLN C 666 -150.35 5.10 -7.42
CA GLN C 666 -151.45 5.99 -7.05
C GLN C 666 -152.51 5.93 -8.15
N GLN C 667 -153.29 4.86 -8.13
CA GLN C 667 -154.39 4.67 -9.07
C GLN C 667 -153.89 4.72 -10.51
N THR C 668 -152.71 4.16 -10.74
CA THR C 668 -152.13 4.08 -12.07
C THR C 668 -151.99 2.64 -12.54
N SER C 669 -151.34 1.78 -11.75
CA SER C 669 -151.22 0.35 -12.06
C SER C 669 -152.45 -0.34 -11.48
N GLN C 670 -153.48 -0.51 -12.32
CA GLN C 670 -154.74 -1.06 -11.85
C GLN C 670 -154.60 -2.53 -11.47
N GLY C 671 -154.19 -3.36 -12.42
CA GLY C 671 -154.04 -4.78 -12.14
C GLY C 671 -152.74 -5.10 -11.43
N TYR C 672 -152.68 -6.32 -10.89
CA TYR C 672 -151.47 -6.83 -10.24
C TYR C 672 -150.53 -7.38 -11.30
N ASP C 673 -150.02 -6.48 -12.12
CA ASP C 673 -149.09 -6.81 -13.20
C ASP C 673 -147.88 -5.91 -13.09
N ALA C 674 -146.95 -6.08 -14.03
CA ALA C 674 -145.71 -5.31 -14.08
C ALA C 674 -145.46 -4.81 -15.49
N GLN C 675 -146.50 -4.27 -16.12
CA GLN C 675 -146.42 -3.74 -17.47
C GLN C 675 -146.17 -2.23 -17.49
N ALA C 676 -146.84 -1.48 -16.63
CA ALA C 676 -146.66 -0.03 -16.61
C ALA C 676 -145.24 0.34 -16.16
N ILE C 677 -144.60 -0.51 -15.35
CA ILE C 677 -143.25 -0.23 -14.88
C ILE C 677 -142.25 -0.19 -16.03
N VAL C 678 -142.59 -0.81 -17.16
CA VAL C 678 -141.66 -0.85 -18.28
C VAL C 678 -141.32 0.56 -18.75
N GLU C 679 -142.21 1.53 -18.51
CA GLU C 679 -141.96 2.90 -18.93
C GLU C 679 -140.71 3.46 -18.27
N ALA C 680 -140.35 2.96 -17.08
CA ALA C 680 -139.20 3.45 -16.34
C ALA C 680 -137.91 2.72 -16.69
N GLU C 681 -137.95 1.80 -17.65
CA GLU C 681 -136.74 1.06 -18.01
C GLU C 681 -135.59 1.97 -18.43
N PRO C 682 -135.79 3.00 -19.25
CA PRO C 682 -134.65 3.84 -19.65
C PRO C 682 -133.92 4.46 -18.47
N ALA C 683 -134.64 4.86 -17.43
CA ALA C 683 -134.00 5.55 -16.31
C ALA C 683 -133.13 4.60 -15.48
N ILE C 684 -133.63 3.40 -15.20
CA ILE C 684 -132.88 2.48 -14.35
C ILE C 684 -131.57 2.07 -15.01
N LYS C 685 -131.57 1.94 -16.34
CA LYS C 685 -130.35 1.52 -17.03
C LYS C 685 -129.21 2.49 -16.76
N GLU C 686 -129.48 3.79 -16.80
CA GLU C 686 -128.44 4.78 -16.50
C GLU C 686 -127.95 4.65 -15.07
N LEU C 687 -128.87 4.41 -14.13
CA LEU C 687 -128.49 4.32 -12.72
C LEU C 687 -127.52 3.17 -12.49
N LEU C 688 -127.80 2.00 -13.08
CA LEU C 688 -126.92 0.86 -12.92
C LEU C 688 -125.55 1.14 -13.52
N LYS C 689 -125.51 1.82 -14.67
CA LYS C 689 -124.24 2.18 -15.28
C LYS C 689 -123.40 3.00 -14.32
N LEU C 690 -124.01 3.98 -13.65
CA LEU C 690 -123.26 4.82 -12.72
C LEU C 690 -122.70 4.01 -11.56
N ASP C 691 -123.49 3.07 -11.03
CA ASP C 691 -123.06 2.32 -9.86
C ASP C 691 -121.93 1.35 -10.22
N PHE C 692 -122.11 0.58 -11.30
CA PHE C 692 -121.16 -0.50 -11.60
C PHE C 692 -119.94 -0.02 -12.36
N GLU C 693 -120.09 0.98 -13.22
CA GLU C 693 -118.97 1.41 -14.06
C GLU C 693 -117.71 1.72 -13.26
N PRO C 694 -117.76 2.45 -12.14
CA PRO C 694 -116.53 2.68 -11.39
C PRO C 694 -115.99 1.41 -10.73
N LYS C 695 -116.87 0.56 -10.19
CA LYS C 695 -116.42 -0.62 -9.48
C LYS C 695 -115.73 -1.61 -10.42
N VAL C 696 -116.38 -1.91 -11.55
CA VAL C 696 -115.83 -2.90 -12.47
C VAL C 696 -114.50 -2.41 -13.05
N PHE C 697 -114.46 -1.13 -13.45
CA PHE C 697 -113.22 -0.59 -13.99
C PHE C 697 -112.11 -0.61 -12.94
N ASN C 698 -112.46 -0.37 -11.68
CA ASN C 698 -111.45 -0.37 -10.62
C ASN C 698 -110.81 -1.75 -10.47
N THR C 699 -111.61 -2.80 -10.56
CA THR C 699 -111.10 -4.15 -10.30
C THR C 699 -110.20 -4.62 -11.43
N VAL C 700 -110.73 -4.66 -12.66
CA VAL C 700 -109.99 -5.22 -13.77
C VAL C 700 -108.73 -4.42 -14.04
N ARG C 701 -108.84 -3.08 -14.00
CA ARG C 701 -107.70 -2.24 -14.37
C ARG C 701 -106.59 -2.30 -13.34
N LYS C 702 -106.95 -2.25 -12.05
CA LYS C 702 -105.96 -2.19 -10.97
C LYS C 702 -105.75 -3.54 -10.29
N ASN C 703 -106.82 -4.13 -9.74
CA ASN C 703 -106.66 -5.23 -8.80
C ASN C 703 -106.36 -6.56 -9.51
N PHE C 704 -107.00 -6.81 -10.64
CA PHE C 704 -106.89 -8.14 -11.25
C PHE C 704 -105.45 -8.45 -11.66
N ARG C 705 -104.74 -7.46 -12.19
CA ARG C 705 -103.39 -7.71 -12.69
C ARG C 705 -102.46 -8.21 -11.59
N GLN C 706 -102.54 -7.60 -10.40
CA GLN C 706 -101.63 -7.97 -9.32
C GLN C 706 -101.83 -9.42 -8.88
N THR C 707 -103.09 -9.84 -8.77
CA THR C 707 -103.36 -11.19 -8.26
C THR C 707 -102.77 -12.25 -9.15
N VAL C 708 -102.92 -12.11 -10.47
CA VAL C 708 -102.43 -13.13 -11.40
C VAL C 708 -100.92 -13.26 -11.30
N ASN C 709 -100.21 -12.13 -11.29
CA ASN C 709 -98.75 -12.16 -11.28
C ASN C 709 -98.23 -12.83 -10.02
N ASN C 710 -98.71 -12.37 -8.85
CA ASN C 710 -98.25 -12.94 -7.59
C ASN C 710 -98.64 -14.41 -7.47
N THR C 711 -99.87 -14.76 -7.87
CA THR C 711 -100.34 -16.12 -7.71
C THR C 711 -99.48 -17.10 -8.50
N LEU C 712 -99.13 -16.76 -9.73
CA LEU C 712 -98.31 -17.65 -10.55
C LEU C 712 -96.94 -17.87 -9.93
N LYS C 713 -96.31 -16.78 -9.45
CA LYS C 713 -94.96 -16.90 -8.93
C LYS C 713 -94.95 -17.58 -7.56
N THR C 714 -95.93 -17.28 -6.71
CA THR C 714 -95.94 -17.83 -5.36
C THR C 714 -96.12 -19.34 -5.35
N HIS C 715 -96.70 -19.92 -6.40
CA HIS C 715 -96.92 -21.36 -6.47
C HIS C 715 -95.94 -22.07 -7.39
N LEU C 716 -95.54 -21.45 -8.49
CA LEU C 716 -94.68 -22.11 -9.45
C LEU C 716 -93.29 -22.35 -8.88
N LEU C 717 -92.70 -21.32 -8.28
CA LEU C 717 -91.32 -21.45 -7.77
C LEU C 717 -91.20 -22.54 -6.71
N PRO C 718 -92.02 -22.58 -5.66
CA PRO C 718 -91.86 -23.67 -4.68
C PRO C 718 -92.00 -25.05 -5.31
N MET C 719 -92.88 -25.18 -6.29
CA MET C 719 -92.98 -26.45 -7.02
C MET C 719 -91.66 -26.74 -7.74
N ALA C 720 -91.09 -25.73 -8.41
CA ALA C 720 -89.83 -25.94 -9.12
C ALA C 720 -88.72 -26.31 -8.15
N GLU C 721 -88.66 -25.64 -7.00
CA GLU C 721 -87.63 -25.98 -6.01
C GLU C 721 -87.81 -27.41 -5.54
N GLU C 722 -89.06 -27.83 -5.29
CA GLU C 722 -89.31 -29.22 -4.93
C GLU C 722 -88.86 -30.16 -6.03
N GLN C 723 -88.96 -29.72 -7.29
CA GLN C 723 -88.51 -30.57 -8.40
C GLN C 723 -87.02 -30.85 -8.31
N ALA C 724 -86.24 -29.89 -7.79
CA ALA C 724 -84.81 -30.12 -7.62
C ALA C 724 -84.51 -31.13 -6.53
N GLN C 725 -85.41 -31.32 -5.57
CA GLN C 725 -85.22 -32.28 -4.50
C GLN C 725 -85.65 -33.68 -4.88
N ILE C 726 -86.25 -33.88 -6.05
CA ILE C 726 -86.72 -35.19 -6.48
C ILE C 726 -85.94 -35.63 -7.71
N ILE C 727 -85.45 -34.66 -8.48
CA ILE C 727 -84.63 -34.99 -9.65
C ILE C 727 -83.34 -35.67 -9.21
N LEU C 728 -82.69 -35.10 -8.19
CA LEU C 728 -81.49 -35.71 -7.62
C LEU C 728 -81.81 -36.83 -6.65
N GLU C 729 -83.07 -36.95 -6.23
CA GLU C 729 -83.45 -38.01 -5.31
C GLU C 729 -83.24 -39.40 -5.91
N GLN C 730 -83.35 -39.51 -7.23
CA GLN C 730 -83.23 -40.79 -7.92
C GLN C 730 -81.87 -40.95 -8.60
N TYR C 731 -80.81 -40.47 -7.94
CA TYR C 731 -79.47 -40.69 -8.44
C TYR C 731 -79.11 -42.17 -8.48
N ASP C 732 -79.72 -42.97 -7.61
CA ASP C 732 -79.37 -44.39 -7.52
C ASP C 732 -79.79 -45.14 -8.78
N VAL C 733 -81.04 -44.96 -9.21
CA VAL C 733 -81.55 -45.72 -10.34
C VAL C 733 -80.76 -45.39 -11.61
N ALA C 734 -80.46 -44.10 -11.81
CA ALA C 734 -79.73 -43.71 -13.01
C ALA C 734 -78.37 -44.40 -13.08
N ARG C 735 -77.76 -44.68 -11.93
CA ARG C 735 -76.47 -45.35 -11.92
C ARG C 735 -76.57 -46.74 -12.53
N LYS C 736 -77.61 -47.48 -12.16
CA LYS C 736 -77.79 -48.82 -12.73
C LYS C 736 -78.00 -48.76 -14.23
N TYR C 737 -78.82 -47.81 -14.69
CA TYR C 737 -79.00 -47.63 -16.13
C TYR C 737 -77.69 -47.28 -16.81
N ARG C 738 -76.91 -46.38 -16.22
CA ARG C 738 -75.63 -46.00 -16.80
C ARG C 738 -74.59 -47.10 -16.68
N GLU C 739 -74.76 -48.01 -15.72
CA GLU C 739 -73.75 -49.05 -15.50
C GLU C 739 -73.54 -49.90 -16.74
N GLN C 740 -74.53 -49.97 -17.63
CA GLN C 740 -74.40 -50.79 -18.83
C GLN C 740 -73.27 -50.29 -19.73
N THR C 741 -73.14 -48.98 -19.88
CA THR C 741 -72.22 -48.39 -20.84
C THR C 741 -70.91 -47.91 -20.23
N LEU C 742 -70.82 -47.81 -18.91
CA LEU C 742 -69.61 -47.26 -18.29
C LEU C 742 -68.39 -48.14 -18.49
N GLU C 743 -68.58 -49.45 -18.70
CA GLU C 743 -67.42 -50.33 -18.88
C GLU C 743 -66.64 -49.97 -20.13
N GLN C 744 -67.35 -49.71 -21.24
CA GLN C 744 -66.66 -49.43 -22.50
C GLN C 744 -65.86 -48.14 -22.41
N ASP C 745 -66.43 -47.10 -21.79
CA ASP C 745 -65.74 -45.82 -21.70
C ASP C 745 -64.45 -45.95 -20.91
N ALA C 746 -64.49 -46.66 -19.79
CA ALA C 746 -63.30 -46.77 -18.94
C ALA C 746 -62.16 -47.45 -19.68
N GLU C 747 -62.42 -48.62 -20.26
CA GLU C 747 -61.37 -49.34 -20.99
C GLU C 747 -60.94 -48.57 -22.22
N GLU C 748 -61.89 -47.97 -22.94
CA GLU C 748 -61.55 -47.22 -24.14
C GLU C 748 -60.69 -46.00 -23.81
N LYS C 749 -61.04 -45.28 -22.74
CA LYS C 749 -60.31 -44.06 -22.42
C LYS C 749 -58.87 -44.36 -22.05
N ILE C 750 -58.64 -45.38 -21.22
CA ILE C 750 -57.28 -45.72 -20.82
C ILE C 750 -56.47 -46.20 -22.01
N ALA C 751 -57.12 -46.93 -22.94
CA ALA C 751 -56.42 -47.37 -24.14
C ALA C 751 -55.91 -46.18 -24.94
N ARG C 752 -56.74 -45.14 -25.08
CA ARG C 752 -56.27 -43.91 -25.71
C ARG C 752 -55.15 -43.28 -24.90
N ASN C 753 -55.30 -43.24 -23.58
CA ASN C 753 -54.26 -42.68 -22.73
C ASN C 753 -52.96 -43.46 -22.87
N SER C 754 -53.06 -44.79 -22.86
CA SER C 754 -51.87 -45.61 -23.01
C SER C 754 -51.24 -45.44 -24.38
N ARG C 755 -52.06 -45.36 -25.43
CA ARG C 755 -51.53 -45.25 -26.79
C ARG C 755 -50.70 -43.98 -26.93
N LEU C 756 -51.22 -42.85 -26.44
CA LEU C 756 -50.47 -41.60 -26.52
C LEU C 756 -49.30 -41.60 -25.54
N GLN C 757 -49.50 -42.16 -24.34
CA GLN C 757 -48.42 -42.23 -23.38
C GLN C 757 -47.27 -43.09 -23.90
N SER C 758 -47.61 -44.22 -24.56
CA SER C 758 -46.58 -45.05 -25.17
C SER C 758 -46.01 -44.40 -26.42
N GLU C 759 -46.85 -43.69 -27.18
CA GLU C 759 -46.36 -43.05 -28.41
C GLU C 759 -45.28 -42.02 -28.09
N ILE C 760 -45.52 -41.18 -27.09
CA ILE C 760 -44.52 -40.18 -26.72
C ILE C 760 -43.28 -40.86 -26.16
N LYS C 761 -43.45 -41.96 -25.43
CA LYS C 761 -42.30 -42.69 -24.92
C LYS C 761 -41.36 -43.12 -26.03
N GLN C 762 -41.91 -43.41 -27.22
CA GLN C 762 -41.07 -43.81 -28.35
C GLN C 762 -40.21 -42.64 -28.83
N LYS C 763 -40.79 -41.43 -28.86
CA LYS C 763 -40.07 -40.29 -29.41
C LYS C 763 -38.84 -39.95 -28.59
N ILE C 764 -38.96 -39.97 -27.26
CA ILE C 764 -37.83 -39.58 -26.41
C ILE C 764 -36.68 -40.57 -26.57
N ASP C 765 -36.98 -41.85 -26.77
CA ASP C 765 -35.91 -42.82 -27.00
C ASP C 765 -35.09 -42.46 -28.23
N LEU C 766 -35.76 -42.06 -29.32
CA LEU C 766 -35.04 -41.60 -30.50
C LEU C 766 -34.23 -40.36 -30.19
N TYR C 767 -34.82 -39.42 -29.44
CA TYR C 767 -34.09 -38.21 -29.06
C TYR C 767 -32.88 -38.53 -28.20
N GLN C 768 -33.04 -39.46 -27.24
CA GLN C 768 -31.95 -39.77 -26.33
C GLN C 768 -30.75 -40.34 -27.07
N THR C 769 -31.00 -41.24 -28.03
CA THR C 769 -29.89 -41.87 -28.75
C THR C 769 -29.08 -40.85 -29.53
N SER C 770 -29.76 -39.94 -30.23
CA SER C 770 -29.05 -38.99 -31.08
C SER C 770 -28.17 -38.06 -30.26
N ILE C 771 -28.69 -37.55 -29.14
CA ILE C 771 -27.95 -36.57 -28.35
C ILE C 771 -26.71 -37.22 -27.74
N VAL C 772 -26.83 -38.47 -27.30
CA VAL C 772 -25.67 -39.16 -26.70
C VAL C 772 -24.53 -39.23 -27.71
N SER C 773 -24.84 -39.57 -28.96
CA SER C 773 -23.80 -39.62 -30.00
C SER C 773 -23.22 -38.24 -30.25
N ILE C 774 -24.06 -37.20 -30.23
CA ILE C 774 -23.57 -35.85 -30.48
C ILE C 774 -22.53 -35.46 -29.44
N ASN C 775 -22.85 -35.67 -28.16
CA ASN C 775 -21.90 -35.35 -27.10
C ASN C 775 -20.65 -36.22 -27.18
N GLU C 776 -20.82 -37.50 -27.56
CA GLU C 776 -19.67 -38.39 -27.65
C GLU C 776 -18.66 -37.89 -28.67
N CYS C 777 -19.14 -37.46 -29.84
CA CYS C 777 -18.24 -36.96 -30.87
C CYS C 777 -17.62 -35.64 -30.46
N LEU C 778 -18.44 -34.70 -29.98
CA LEU C 778 -17.92 -33.41 -29.55
C LEU C 778 -17.04 -33.51 -28.32
N LYS C 779 -17.18 -34.58 -27.54
CA LYS C 779 -16.33 -34.77 -26.37
C LYS C 779 -14.86 -34.83 -26.73
N ALA C 780 -14.54 -35.17 -27.97
CA ALA C 780 -13.13 -35.33 -28.38
C ALA C 780 -12.37 -34.01 -28.37
N MET C 781 -13.07 -32.88 -28.45
CA MET C 781 -12.40 -31.57 -28.50
C MET C 781 -12.94 -30.54 -27.52
N GLN C 782 -14.17 -30.67 -27.03
CA GLN C 782 -14.74 -29.64 -26.17
C GLN C 782 -15.63 -30.30 -25.13
N ILE C 783 -15.85 -29.58 -24.03
CA ILE C 783 -16.60 -30.09 -22.89
C ILE C 783 -18.00 -29.46 -22.82
N PHE C 784 -18.45 -28.84 -23.91
CA PHE C 784 -19.77 -28.22 -23.96
C PHE C 784 -20.77 -29.30 -24.37
N GLU C 785 -21.42 -29.89 -23.38
CA GLU C 785 -22.32 -31.02 -23.59
C GLU C 785 -23.75 -30.63 -23.31
N GLN C 786 -24.68 -31.33 -23.96
CA GLN C 786 -26.11 -31.08 -23.80
C GLN C 786 -26.65 -31.94 -22.67
N LEU C 787 -28.01 -31.98 -22.52
CA LEU C 787 -28.63 -32.66 -21.39
C LEU C 787 -29.08 -34.07 -21.79
N PRO C 788 -28.96 -35.05 -20.88
CA PRO C 788 -29.59 -36.35 -21.10
C PRO C 788 -31.00 -36.39 -20.54
N VAL C 789 -31.72 -37.49 -20.78
CA VAL C 789 -33.06 -37.70 -20.25
C VAL C 789 -33.07 -39.09 -19.62
N ILE C 790 -33.24 -39.15 -18.30
CA ILE C 790 -33.18 -40.40 -17.56
C ILE C 790 -33.91 -40.22 -16.24
N THR C 791 -34.37 -41.33 -15.67
CA THR C 791 -35.10 -41.36 -14.40
C THR C 791 -36.13 -40.24 -14.33
N GLU C 792 -36.92 -40.11 -15.40
CA GLU C 792 -37.98 -39.12 -15.41
C GLU C 792 -38.98 -39.38 -14.28
N SER C 793 -39.23 -40.64 -13.95
CA SER C 793 -40.16 -40.99 -12.88
C SER C 793 -41.53 -40.40 -13.14
N SER D 2 149.88 38.32 -28.85
CA SER D 2 151.04 38.09 -27.95
C SER D 2 150.62 37.32 -26.70
N LYS D 3 149.40 37.56 -26.25
CA LYS D 3 148.83 36.90 -25.07
C LYS D 3 148.01 35.67 -25.42
N ILE D 4 148.01 35.25 -26.69
CA ILE D 4 147.27 34.05 -27.08
C ILE D 4 147.71 32.89 -26.21
N ALA D 5 146.75 32.15 -25.68
CA ALA D 5 147.00 31.06 -24.75
C ALA D 5 146.28 29.80 -25.21
N PRO D 6 146.78 28.62 -24.83
CA PRO D 6 146.10 27.38 -25.23
C PRO D 6 144.67 27.31 -24.75
N GLN D 7 144.35 27.91 -23.61
CA GLN D 7 142.98 27.87 -23.10
C GLN D 7 142.04 28.70 -23.98
N CYS D 8 142.56 29.73 -24.64
CA CYS D 8 141.73 30.58 -25.49
C CYS D 8 141.27 29.90 -26.76
N GLN D 9 141.91 28.79 -27.16
CA GLN D 9 141.52 28.12 -28.40
C GLN D 9 140.10 27.60 -28.32
N ASN D 10 139.72 27.03 -27.17
CA ASN D 10 138.38 26.48 -26.97
C ASN D 10 137.47 27.43 -26.19
N LEU D 11 137.97 28.58 -25.76
CA LEU D 11 137.16 29.49 -24.96
C LEU D 11 135.93 29.96 -25.71
N ARG D 12 136.11 30.37 -26.97
CA ARG D 12 134.99 30.92 -27.73
C ARG D 12 133.93 29.85 -27.99
N GLU D 13 134.34 28.62 -28.28
CA GLU D 13 133.38 27.55 -28.48
C GLU D 13 132.53 27.31 -27.24
N GLN D 14 133.05 27.62 -26.05
CA GLN D 14 132.27 27.40 -24.84
C GLN D 14 131.10 28.37 -24.74
N VAL D 15 131.34 29.66 -24.98
CA VAL D 15 130.26 30.64 -24.89
C VAL D 15 129.19 30.36 -25.93
N ASN D 16 129.58 29.77 -27.07
CA ASN D 16 128.58 29.35 -28.04
C ASN D 16 127.57 28.41 -27.40
N GLN D 17 128.04 27.53 -26.51
CA GLN D 17 127.12 26.69 -25.74
C GLN D 17 126.22 27.53 -24.86
N LEU D 18 126.79 28.55 -24.21
CA LEU D 18 125.98 29.42 -23.34
C LEU D 18 124.86 30.09 -24.12
N ILE D 19 125.16 30.57 -25.33
CA ILE D 19 124.11 31.14 -26.18
C ILE D 19 123.07 30.07 -26.50
N GLU D 20 123.50 28.84 -26.72
CA GLU D 20 122.57 27.76 -27.01
C GLU D 20 121.62 27.52 -25.84
N LEU D 21 122.15 27.49 -24.62
CA LEU D 21 121.29 27.28 -23.45
C LEU D 21 120.28 28.41 -23.31
N LEU D 22 120.73 29.65 -23.51
CA LEU D 22 119.82 30.79 -23.38
C LEU D 22 118.68 30.70 -24.38
N ARG D 23 118.99 30.30 -25.62
CA ARG D 23 117.96 30.25 -26.65
C ARG D 23 116.95 29.13 -26.39
N GLN D 24 117.39 28.02 -25.78
CA GLN D 24 116.49 26.90 -25.57
C GLN D 24 115.33 27.29 -24.65
N GLU D 25 115.61 28.03 -23.58
CA GLU D 25 114.56 28.40 -22.63
C GLU D 25 113.62 29.39 -23.28
N PRO D 26 112.31 29.13 -23.34
CA PRO D 26 111.40 30.05 -24.04
C PRO D 26 111.34 31.44 -23.43
N THR D 27 111.02 31.51 -22.13
CA THR D 27 110.82 32.80 -21.49
C THR D 27 112.11 33.62 -21.39
N LEU D 28 113.28 32.98 -21.49
CA LEU D 28 114.52 33.72 -21.41
C LEU D 28 114.79 34.54 -22.67
N ARG D 29 114.31 34.06 -23.83
CA ARG D 29 114.54 34.76 -25.08
C ARG D 29 113.88 36.13 -25.10
N SER D 30 112.92 36.39 -24.20
CA SER D 30 112.15 37.62 -24.26
C SER D 30 112.99 38.82 -23.83
N GLN D 31 113.73 38.69 -22.74
CA GLN D 31 114.42 39.82 -22.10
C GLN D 31 115.91 39.57 -21.99
N GLN D 32 116.52 39.05 -23.05
CA GLN D 32 117.96 38.82 -23.08
C GLN D 32 118.45 39.10 -24.50
N ASP D 33 119.14 40.21 -24.70
CA ASP D 33 119.67 40.60 -26.00
C ASP D 33 121.16 40.29 -26.06
N THR D 34 121.57 39.56 -27.08
CA THR D 34 122.97 39.21 -27.28
C THR D 34 123.73 40.26 -28.07
N SER D 35 123.14 41.43 -28.31
CA SER D 35 123.81 42.46 -29.09
C SER D 35 125.11 42.90 -28.46
N ILE D 36 125.26 42.77 -27.14
CA ILE D 36 126.50 43.17 -26.48
C ILE D 36 127.61 42.18 -26.80
N VAL D 37 127.38 40.89 -26.54
CA VAL D 37 128.34 39.87 -26.93
C VAL D 37 128.46 39.76 -28.44
N GLU D 38 127.47 40.25 -29.17
CA GLU D 38 127.50 40.18 -30.63
C GLU D 38 128.69 40.91 -31.23
N THR D 39 129.29 41.84 -30.48
CA THR D 39 130.41 42.63 -30.96
C THR D 39 131.53 42.69 -29.93
N ALA D 40 131.66 41.64 -29.11
CA ALA D 40 132.64 41.63 -28.03
C ALA D 40 133.69 40.55 -28.20
N LEU D 41 133.29 39.29 -28.36
CA LEU D 41 134.25 38.19 -28.37
C LEU D 41 135.26 38.34 -29.49
N GLY D 42 134.78 38.32 -30.74
CA GLY D 42 135.69 38.42 -31.86
C GLY D 42 136.48 39.72 -31.87
N LYS D 43 135.91 40.78 -31.29
CA LYS D 43 136.69 42.00 -31.11
C LYS D 43 137.85 41.77 -30.15
N ALA D 44 137.73 40.77 -29.28
CA ALA D 44 138.81 40.41 -28.35
C ALA D 44 139.73 39.35 -28.96
N LEU D 45 139.18 38.18 -29.27
CA LEU D 45 139.94 37.14 -29.93
C LEU D 45 140.15 37.52 -31.39
N SER D 46 141.39 37.40 -31.86
CA SER D 46 141.75 38.01 -33.13
C SER D 46 141.47 39.50 -33.01
N PRO D 47 142.09 40.18 -32.05
CA PRO D 47 141.66 41.54 -31.71
C PRO D 47 141.86 42.51 -32.85
N ARG D 48 140.99 43.52 -32.89
CA ARG D 48 141.05 44.60 -33.86
C ARG D 48 141.30 45.90 -33.11
N PHE D 49 142.49 46.46 -33.29
CA PHE D 49 142.87 47.73 -32.68
C PHE D 49 143.05 48.79 -33.77
N GLU D 50 142.64 50.01 -33.44
CA GLU D 50 142.66 51.12 -34.38
C GLU D 50 143.47 52.26 -33.79
N ILE D 51 144.39 52.81 -34.59
CA ILE D 51 145.21 53.95 -34.21
C ILE D 51 144.91 55.08 -35.17
N VAL D 52 144.57 56.25 -34.63
CA VAL D 52 144.15 57.40 -35.42
C VAL D 52 145.26 58.44 -35.38
N PHE D 53 145.71 58.87 -36.56
CA PHE D 53 146.70 59.93 -36.69
C PHE D 53 145.99 61.16 -37.24
N ALA D 54 145.79 62.15 -36.38
CA ALA D 54 145.10 63.39 -36.74
C ALA D 54 146.13 64.51 -36.88
N GLY D 55 146.11 65.17 -38.03
CA GLY D 55 147.04 66.26 -38.28
C GLY D 55 146.45 67.25 -39.26
N ALA D 56 146.92 68.49 -39.16
CA ALA D 56 146.47 69.54 -40.05
C ALA D 56 146.92 69.28 -41.47
N PHE D 57 146.17 69.81 -42.43
CA PHE D 57 146.46 69.60 -43.84
C PHE D 57 147.83 70.19 -44.18
N SER D 58 148.62 69.43 -44.92
CA SER D 58 149.96 69.84 -45.34
C SER D 58 150.89 70.07 -44.16
N ALA D 59 150.58 69.50 -43.00
CA ALA D 59 151.40 69.62 -41.81
C ALA D 59 152.39 68.48 -41.65
N GLY D 60 152.53 67.62 -42.66
CA GLY D 60 153.39 66.46 -42.57
C GLY D 60 152.69 65.17 -42.20
N LYS D 61 151.36 65.16 -42.18
CA LYS D 61 150.63 63.94 -41.82
C LYS D 61 150.98 62.81 -42.78
N SER D 62 151.01 63.10 -44.08
CA SER D 62 151.42 62.09 -45.05
C SER D 62 152.89 61.73 -44.85
N MET D 63 153.73 62.73 -44.61
CA MET D 63 155.17 62.48 -44.43
C MET D 63 155.43 61.67 -43.16
N LEU D 64 154.73 62.00 -42.07
CA LEU D 64 154.95 61.30 -40.81
C LEU D 64 154.55 59.84 -40.93
N ILE D 65 153.43 59.56 -41.61
CA ILE D 65 152.98 58.18 -41.76
C ILE D 65 154.04 57.35 -42.48
N ASN D 66 154.59 57.89 -43.56
CA ASN D 66 155.69 57.22 -44.24
C ASN D 66 156.91 57.12 -43.31
N ALA D 67 157.19 58.18 -42.56
CA ALA D 67 158.30 58.14 -41.62
C ALA D 67 158.07 57.08 -40.55
N LEU D 68 156.85 56.99 -40.02
CA LEU D 68 156.56 56.03 -38.96
C LEU D 68 156.76 54.60 -39.44
N LEU D 69 156.27 54.28 -40.63
CA LEU D 69 156.38 52.93 -41.18
C LEU D 69 157.73 52.65 -41.82
N GLU D 70 158.55 53.68 -42.05
CA GLU D 70 159.83 53.54 -42.72
C GLU D 70 159.67 53.09 -44.17
N ARG D 71 158.47 53.22 -44.72
CA ARG D 71 158.18 52.87 -46.10
C ARG D 71 157.39 54.00 -46.74
N GLU D 72 157.61 54.20 -48.04
CA GLU D 72 156.97 55.28 -48.79
C GLU D 72 155.70 54.73 -49.47
N LEU D 73 154.74 54.34 -48.63
CA LEU D 73 153.45 53.90 -49.15
C LEU D 73 152.58 55.09 -49.54
N LEU D 74 152.30 55.96 -48.58
CA LEU D 74 151.60 57.20 -48.89
C LEU D 74 152.49 58.11 -49.72
N TYR D 75 151.93 58.69 -50.77
CA TYR D 75 152.66 59.64 -51.60
C TYR D 75 152.78 60.96 -50.83
N SER D 76 154.01 61.36 -50.55
CA SER D 76 154.29 62.50 -49.68
C SER D 76 154.27 63.83 -50.43
N ALA D 77 153.65 63.87 -51.60
CA ALA D 77 153.52 65.12 -52.34
C ALA D 77 152.56 66.03 -51.59
N GLU D 78 153.12 67.04 -50.92
CA GLU D 78 152.32 67.89 -50.05
C GLU D 78 151.18 68.54 -50.84
N GLY D 79 149.98 68.49 -50.28
CA GLY D 79 148.81 69.07 -50.90
C GLY D 79 148.04 68.13 -51.80
N HIS D 80 148.55 66.92 -52.05
CA HIS D 80 147.90 65.95 -52.92
C HIS D 80 147.21 64.83 -52.17
N ALA D 81 147.38 64.76 -50.85
CA ALA D 81 146.83 63.69 -50.04
C ALA D 81 145.42 63.99 -49.52
N THR D 82 144.68 64.85 -50.21
CA THR D 82 143.33 65.20 -49.77
C THR D 82 142.45 63.95 -49.74
N GLY D 83 141.77 63.75 -48.61
CA GLY D 83 140.83 62.65 -48.49
C GLY D 83 141.45 61.29 -48.73
N THR D 84 142.63 61.05 -48.18
CA THR D 84 143.34 59.77 -48.33
C THR D 84 143.43 59.10 -46.98
N GLU D 85 142.93 57.87 -46.89
CA GLU D 85 143.01 57.06 -45.69
C GLU D 85 143.55 55.69 -46.07
N CYS D 86 144.55 55.23 -45.34
CA CYS D 86 145.16 53.93 -45.57
C CYS D 86 145.16 53.13 -44.28
N HIS D 87 144.69 51.89 -44.36
CA HIS D 87 144.68 50.96 -43.25
C HIS D 87 145.71 49.87 -43.51
N ILE D 88 146.67 49.74 -42.60
CA ILE D 88 147.75 48.77 -42.74
C ILE D 88 147.63 47.78 -41.59
N GLU D 89 147.60 46.49 -41.93
CA GLU D 89 147.44 45.44 -40.93
C GLU D 89 148.36 44.28 -41.29
N TYR D 90 148.60 43.42 -40.30
CA TYR D 90 149.51 42.30 -40.49
C TYR D 90 148.97 41.33 -41.53
N ALA D 91 149.88 40.78 -42.33
CA ALA D 91 149.53 39.80 -43.34
C ALA D 91 150.82 39.17 -43.83
N ASN D 92 150.68 38.04 -44.53
CA ASN D 92 151.83 37.37 -45.10
C ASN D 92 152.48 38.23 -46.17
N ALA D 93 153.78 38.03 -46.37
CA ALA D 93 154.50 38.83 -47.37
C ALA D 93 153.93 38.67 -48.76
N ASN D 94 153.25 37.56 -49.05
CA ASN D 94 152.65 37.33 -50.35
C ASN D 94 151.19 37.77 -50.43
N GLU D 95 150.65 38.36 -49.36
CA GLU D 95 149.25 38.74 -49.30
C GLU D 95 149.06 40.25 -49.32
N GLU D 96 150.06 41.00 -49.78
CA GLU D 96 149.92 42.45 -49.87
C GLU D 96 148.84 42.81 -50.89
N ARG D 97 147.93 43.70 -50.49
CA ARG D 97 146.78 44.03 -51.31
C ARG D 97 146.37 45.46 -51.02
N VAL D 98 145.62 46.04 -51.96
CA VAL D 98 145.15 47.42 -51.83
C VAL D 98 143.87 47.57 -52.65
N VAL D 99 143.03 48.51 -52.23
CA VAL D 99 141.80 48.84 -52.92
C VAL D 99 141.82 50.32 -53.27
N LEU D 100 141.19 50.67 -54.39
CA LEU D 100 141.21 52.03 -54.91
C LEU D 100 139.79 52.57 -55.02
N THR D 101 139.65 53.85 -54.67
CA THR D 101 138.39 54.57 -54.81
C THR D 101 138.68 55.94 -55.41
N PHE D 102 137.67 56.50 -56.08
CA PHE D 102 137.84 57.73 -56.84
C PHE D 102 136.73 58.72 -56.53
N LEU D 103 137.03 60.00 -56.72
CA LEU D 103 136.06 61.05 -56.53
C LEU D 103 135.05 61.07 -57.67
N SER D 104 133.86 61.58 -57.38
CA SER D 104 132.81 61.68 -58.38
C SER D 104 133.00 62.94 -59.21
N GLU D 105 132.33 62.98 -60.36
CA GLU D 105 132.44 64.13 -61.25
C GLU D 105 131.95 65.40 -60.56
N ALA D 106 130.84 65.32 -59.83
CA ALA D 106 130.34 66.48 -59.10
C ALA D 106 131.35 66.97 -58.08
N GLU D 107 132.26 66.10 -57.64
CA GLU D 107 133.28 66.51 -56.69
C GLU D 107 134.50 67.10 -57.40
N ILE D 108 134.86 66.54 -58.55
CA ILE D 108 136.00 67.09 -59.31
C ILE D 108 135.72 68.53 -59.71
N ARG D 109 134.51 68.78 -60.24
CA ARG D 109 134.14 70.15 -60.56
C ARG D 109 134.08 71.01 -59.29
N GLN D 110 133.56 70.46 -58.20
CA GLN D 110 133.53 71.20 -56.95
C GLN D 110 134.93 71.53 -56.48
N GLN D 111 135.83 70.55 -56.52
CA GLN D 111 137.23 70.80 -56.19
C GLN D 111 137.88 71.71 -57.23
N ALA D 112 137.64 71.44 -58.51
CA ALA D 112 138.25 72.26 -59.56
C ALA D 112 137.81 73.71 -59.45
N LEU D 113 136.51 73.93 -59.20
CA LEU D 113 136.04 75.30 -58.99
C LEU D 113 136.70 75.93 -57.78
N ILE D 114 136.84 75.17 -56.69
CA ILE D 114 137.53 75.68 -55.50
C ILE D 114 138.98 76.01 -55.84
N LEU D 115 139.65 75.09 -56.55
CA LEU D 115 141.02 75.35 -56.97
C LEU D 115 141.09 76.55 -57.91
N ALA D 116 140.16 76.65 -58.85
CA ALA D 116 140.15 77.77 -59.78
C ALA D 116 139.67 79.05 -59.10
N LYS D 117 138.80 78.92 -58.10
CA LYS D 117 138.27 80.10 -57.42
C LYS D 117 139.39 80.91 -56.79
N TYR D 118 140.32 80.24 -56.09
CA TYR D 118 141.45 80.94 -55.49
C TYR D 118 142.50 81.35 -56.51
N LEU D 119 142.41 80.83 -57.74
CA LEU D 119 143.38 81.14 -58.79
C LEU D 119 142.99 82.35 -59.63
N ASN D 120 141.80 82.91 -59.43
CA ASN D 120 141.28 83.96 -60.29
C ASN D 120 141.11 83.47 -61.73
N VAL D 121 141.07 82.15 -61.91
CA VAL D 121 140.90 81.54 -63.21
C VAL D 121 139.52 80.90 -63.28
N ASN D 122 138.62 81.34 -62.40
CA ASN D 122 137.25 80.86 -62.38
C ASN D 122 136.40 81.45 -63.50
N VAL D 123 137.01 82.26 -64.37
CA VAL D 123 136.32 82.83 -65.52
C VAL D 123 136.75 82.07 -66.77
N GLY D 124 135.90 82.11 -67.78
CA GLY D 124 136.15 81.34 -68.99
C GLY D 124 136.18 79.84 -68.75
N ASP D 125 135.35 79.35 -67.84
CA ASP D 125 135.33 77.92 -67.51
C ASP D 125 133.89 77.55 -67.16
N LEU D 126 133.17 77.00 -68.14
CA LEU D 126 131.77 76.66 -67.95
C LEU D 126 131.55 75.26 -67.41
N ASN D 127 132.47 74.34 -67.71
CA ASN D 127 132.34 72.96 -67.23
C ASN D 127 133.63 72.23 -67.52
N ILE D 128 134.04 71.36 -66.59
CA ILE D 128 135.23 70.55 -66.79
C ILE D 128 134.98 69.37 -67.72
N ASN D 129 133.74 69.14 -68.14
CA ASN D 129 133.47 68.08 -69.10
C ASN D 129 133.88 68.48 -70.51
N GLN D 130 133.73 69.75 -70.87
CA GLN D 130 134.08 70.21 -72.20
C GLN D 130 135.59 70.36 -72.33
N PRO D 131 136.24 69.68 -73.28
CA PRO D 131 137.69 69.88 -73.42
C PRO D 131 138.08 71.32 -73.65
N GLU D 132 137.27 72.08 -74.40
CA GLU D 132 137.58 73.48 -74.62
C GLU D 132 137.51 74.28 -73.32
N ALA D 133 136.42 74.11 -72.56
CA ALA D 133 136.35 74.75 -71.25
C ALA D 133 137.44 74.23 -70.33
N VAL D 134 137.91 73.00 -70.55
CA VAL D 134 139.08 72.50 -69.85
C VAL D 134 140.37 73.03 -70.48
N LYS D 135 140.41 73.19 -71.79
CA LYS D 135 141.58 73.70 -72.46
C LYS D 135 141.72 75.21 -72.32
N VAL D 136 140.61 75.94 -72.29
CA VAL D 136 140.67 77.37 -72.01
C VAL D 136 141.22 77.62 -70.61
N VAL D 137 141.11 76.62 -69.72
CA VAL D 137 141.73 76.72 -68.41
C VAL D 137 142.99 75.89 -68.30
N SER D 138 143.11 74.79 -69.05
CA SER D 138 144.31 73.97 -68.99
C SER D 138 145.49 74.70 -69.63
N GLN D 139 145.36 75.06 -70.91
CA GLN D 139 146.38 75.90 -71.53
C GLN D 139 146.57 77.19 -70.74
N TYR D 140 145.49 77.72 -70.16
CA TYR D 140 145.64 78.83 -69.24
C TYR D 140 146.30 78.37 -67.94
N CYS D 141 145.97 77.16 -67.48
CA CYS D 141 146.67 76.61 -66.33
C CYS D 141 148.14 76.39 -66.64
N GLN D 142 148.44 75.82 -67.80
CA GLN D 142 149.82 75.79 -68.27
C GLN D 142 150.38 77.20 -68.40
N LYS D 143 149.53 78.17 -68.75
CA LYS D 143 149.93 79.57 -68.68
C LYS D 143 150.07 80.02 -67.22
N ILE D 144 149.19 79.55 -66.34
CA ILE D 144 149.34 79.86 -64.92
C ILE D 144 150.68 79.34 -64.41
N ILE D 145 151.09 78.17 -64.87
CA ILE D 145 152.44 77.70 -64.57
C ILE D 145 153.46 78.72 -65.07
N ALA D 146 153.23 79.28 -66.25
CA ALA D 146 154.11 80.33 -66.75
C ALA D 146 153.93 81.63 -65.98
N GLU D 147 152.68 82.00 -65.68
CA GLU D 147 152.42 83.22 -64.93
C GLU D 147 153.04 83.14 -63.54
N GLU D 148 152.77 82.05 -62.82
CA GLU D 148 153.31 81.86 -61.48
C GLU D 148 154.79 81.50 -61.48
N GLY D 149 155.34 81.08 -62.61
CA GLY D 149 156.73 80.65 -62.65
C GLY D 149 157.02 79.41 -61.83
N GLY D 150 155.99 78.64 -61.49
CA GLY D 150 156.17 77.46 -60.67
C GLY D 150 154.85 76.95 -60.12
N GLU D 151 154.79 75.65 -59.82
CA GLU D 151 153.53 75.06 -59.37
C GLU D 151 153.32 75.23 -57.87
N ASN D 152 154.38 75.10 -57.07
CA ASN D 152 154.29 75.12 -55.62
C ASN D 152 155.00 76.33 -55.04
N LYS D 153 154.87 77.49 -55.68
CA LYS D 153 155.51 78.71 -55.22
C LYS D 153 154.62 79.58 -54.35
N SER D 154 153.37 79.17 -54.11
CA SER D 154 152.46 79.95 -53.29
C SER D 154 151.15 79.16 -53.16
N GLU D 155 150.29 79.64 -52.26
CA GLU D 155 148.98 79.02 -52.11
C GLU D 155 148.17 79.12 -53.39
N ARG D 156 148.21 80.28 -54.05
CA ARG D 156 147.55 80.41 -55.34
C ARG D 156 148.16 79.45 -56.36
N ALA D 157 149.49 79.39 -56.42
CA ALA D 157 150.14 78.43 -57.30
C ALA D 157 149.82 77.00 -56.89
N LYS D 158 149.75 76.72 -55.59
CA LYS D 158 149.39 75.40 -55.12
C LYS D 158 148.06 74.95 -55.72
N GLN D 159 147.05 75.82 -55.66
CA GLN D 159 145.76 75.47 -56.26
C GLN D 159 145.92 75.15 -57.74
N ALA D 160 146.80 75.87 -58.45
CA ALA D 160 147.10 75.51 -59.83
C ALA D 160 147.83 74.17 -59.90
N ASN D 161 148.74 73.92 -58.95
CA ASN D 161 149.46 72.65 -58.94
C ASN D 161 148.50 71.48 -58.80
N ALA D 162 147.62 71.53 -57.81
CA ALA D 162 146.62 70.48 -57.65
C ALA D 162 145.69 70.44 -58.85
N LEU D 163 145.22 71.61 -59.30
CA LEU D 163 144.35 71.65 -60.47
C LEU D 163 145.09 71.16 -61.70
N HIS D 164 146.36 71.57 -61.87
CA HIS D 164 147.14 71.12 -63.01
C HIS D 164 147.30 69.60 -62.99
N LEU D 165 147.62 69.03 -61.82
CA LEU D 165 147.78 67.59 -61.70
C LEU D 165 146.44 66.87 -61.58
N LEU D 166 145.44 67.50 -60.97
CA LEU D 166 144.13 66.88 -60.90
C LEU D 166 143.48 66.82 -62.28
N LEU D 167 143.54 67.91 -63.04
CA LEU D 167 143.07 67.88 -64.41
C LEU D 167 143.88 66.91 -65.26
N ILE D 168 145.21 66.93 -65.08
CA ILE D 168 146.05 65.93 -65.75
C ILE D 168 145.70 64.53 -65.24
N GLY D 169 145.53 64.40 -63.93
CA GLY D 169 145.10 63.12 -63.38
C GLY D 169 143.72 62.72 -63.86
N PHE D 170 142.80 63.69 -63.91
CA PHE D 170 141.44 63.40 -64.34
C PHE D 170 141.41 62.88 -65.78
N GLU D 171 142.17 63.51 -66.67
CA GLU D 171 142.17 63.10 -68.07
C GLU D 171 143.01 61.84 -68.30
N GLN D 172 144.11 61.68 -67.57
CA GLN D 172 144.97 60.51 -67.79
C GLN D 172 144.25 59.22 -67.44
N ASN D 173 143.51 59.20 -66.32
CA ASN D 173 142.88 57.99 -65.81
C ASN D 173 141.36 58.12 -65.81
N ARG D 174 140.80 58.74 -66.85
CA ARG D 174 139.35 58.88 -66.93
C ARG D 174 138.68 57.54 -67.20
N GLU D 175 139.38 56.60 -67.85
CA GLU D 175 138.78 55.32 -68.17
C GLU D 175 138.65 54.41 -66.95
N ARG D 176 139.37 54.71 -65.87
CA ARG D 176 139.28 53.93 -64.63
C ARG D 176 138.31 54.54 -63.63
N ILE D 177 137.60 55.61 -64.00
CA ILE D 177 136.74 56.35 -63.10
C ILE D 177 135.32 56.32 -63.64
N ASN D 178 134.36 55.96 -62.78
CA ASN D 178 132.95 56.00 -63.13
C ASN D 178 132.37 57.38 -62.81
N THR D 179 131.09 57.55 -63.13
CA THR D 179 130.45 58.86 -62.99
C THR D 179 130.09 59.12 -61.53
N VAL D 180 129.23 58.30 -60.96
CA VAL D 180 128.71 58.51 -59.60
C VAL D 180 129.20 57.44 -58.64
N GLN D 181 128.87 56.17 -58.91
CA GLN D 181 129.24 55.10 -58.00
C GLN D 181 130.75 55.06 -57.80
N ASN D 182 131.17 54.88 -56.55
CA ASN D 182 132.59 54.84 -56.21
C ASN D 182 133.16 53.52 -56.71
N SER D 183 133.86 53.57 -57.83
CA SER D 183 134.39 52.35 -58.44
C SER D 183 135.38 51.67 -57.50
N THR D 184 135.26 50.35 -57.41
CA THR D 184 136.17 49.52 -56.62
C THR D 184 136.94 48.61 -57.57
N TYR D 185 138.27 48.64 -57.46
CA TYR D 185 139.12 47.80 -58.30
C TYR D 185 140.15 47.07 -57.46
N SER D 186 141.10 46.40 -58.11
CA SER D 186 142.08 45.58 -57.41
C SER D 186 143.27 45.34 -58.32
N MET D 187 144.31 44.74 -57.74
CA MET D 187 145.51 44.42 -58.52
C MET D 187 145.16 43.49 -59.68
N ASP D 188 144.39 42.44 -59.42
CA ASP D 188 143.94 41.56 -60.49
C ASP D 188 143.04 42.31 -61.47
N GLN D 189 142.15 43.15 -60.95
CA GLN D 189 141.25 43.92 -61.80
C GLN D 189 141.95 45.10 -62.48
N LEU D 190 143.13 45.49 -62.00
CA LEU D 190 143.91 46.55 -62.60
C LEU D 190 145.25 46.08 -63.15
N ASN D 191 145.57 44.79 -63.02
CA ASN D 191 146.80 44.23 -63.59
C ASN D 191 148.04 44.81 -62.91
N PHE D 192 148.06 44.73 -61.59
CA PHE D 192 149.24 45.09 -60.80
C PHE D 192 149.91 43.81 -60.32
N SER D 193 151.22 43.68 -60.60
CA SER D 193 151.96 42.49 -60.24
C SER D 193 152.53 42.54 -58.83
N SER D 194 152.76 43.74 -58.28
CA SER D 194 153.35 43.87 -56.96
C SER D 194 152.97 45.24 -56.39
N LEU D 195 153.17 45.38 -55.08
CA LEU D 195 152.89 46.66 -54.43
C LEU D 195 153.76 47.77 -54.99
N ALA D 196 155.03 47.46 -55.29
CA ALA D 196 155.92 48.46 -55.86
C ALA D 196 155.38 48.96 -57.19
N GLU D 197 154.93 48.05 -58.06
CA GLU D 197 154.32 48.47 -59.32
C GLU D 197 153.04 49.26 -59.06
N ALA D 198 152.19 48.78 -58.14
CA ALA D 198 150.99 49.51 -57.79
C ALA D 198 151.34 50.85 -57.14
N ALA D 199 152.34 50.85 -56.26
CA ALA D 199 152.76 52.10 -55.64
C ALA D 199 153.29 53.07 -56.67
N GLY D 200 154.18 52.61 -57.56
CA GLY D 200 154.70 53.48 -58.59
C GLY D 200 153.61 54.09 -59.44
N TYR D 201 152.62 53.27 -59.82
CA TYR D 201 151.44 53.81 -60.49
C TYR D 201 150.66 54.73 -59.55
N ALA D 202 150.58 54.37 -58.28
CA ALA D 202 149.90 55.19 -57.28
C ALA D 202 150.73 56.37 -56.81
N ARG D 203 152.05 56.35 -57.02
CA ARG D 203 152.89 57.48 -56.66
C ARG D 203 152.72 58.64 -57.63
N ARG D 204 152.21 58.40 -58.83
CA ARG D 204 152.07 59.45 -59.83
C ARG D 204 151.08 60.50 -59.35
N GLY D 205 151.41 61.77 -59.60
CA GLY D 205 150.49 62.83 -59.25
C GLY D 205 149.14 62.70 -59.93
N ALA D 206 149.13 62.10 -61.13
CA ALA D 206 147.89 61.88 -61.86
C ALA D 206 146.95 60.97 -61.09
N ASN D 207 147.38 59.73 -60.85
CA ASN D 207 146.52 58.77 -60.16
C ASN D 207 146.39 59.09 -58.68
N SER D 208 147.48 59.53 -58.04
CA SER D 208 147.45 59.76 -56.61
C SER D 208 146.39 60.80 -56.24
N ALA D 209 146.19 61.80 -57.08
CA ALA D 209 145.24 62.86 -56.76
C ALA D 209 143.82 62.31 -56.64
N VAL D 210 143.42 61.41 -57.54
CA VAL D 210 142.04 60.94 -57.57
C VAL D 210 141.77 59.84 -56.54
N LEU D 211 142.80 59.15 -56.07
CA LEU D 211 142.57 58.08 -55.10
C LEU D 211 142.00 58.63 -53.80
N LYS D 212 141.05 57.89 -53.22
CA LYS D 212 140.37 58.32 -52.01
C LYS D 212 140.63 57.38 -50.84
N ARG D 213 140.39 56.08 -50.99
CA ARG D 213 140.52 55.13 -49.89
C ARG D 213 141.40 53.97 -50.32
N LEU D 214 142.33 53.59 -49.44
CA LEU D 214 143.22 52.46 -49.66
C LEU D 214 143.23 51.57 -48.42
N ASP D 215 143.45 50.28 -48.65
CA ASP D 215 143.53 49.29 -47.57
C ASP D 215 144.76 48.43 -47.82
N TYR D 216 145.86 48.75 -47.17
CA TYR D 216 147.13 48.08 -47.40
C TYR D 216 147.28 46.89 -46.46
N PHE D 217 147.88 45.82 -46.97
CA PHE D 217 148.29 44.67 -46.18
C PHE D 217 149.79 44.48 -46.31
N CYS D 218 150.48 44.27 -45.19
CA CYS D 218 151.92 44.12 -45.20
C CYS D 218 152.36 43.30 -44.00
N ASN D 219 153.58 42.79 -44.07
CA ASN D 219 154.19 42.00 -43.00
C ASN D 219 155.19 42.89 -42.28
N HIS D 220 154.83 43.33 -41.07
CA HIS D 220 155.69 44.19 -40.28
C HIS D 220 155.56 43.80 -38.81
N SER D 221 156.69 43.86 -38.10
CA SER D 221 156.70 43.45 -36.69
C SER D 221 155.80 44.36 -35.86
N LEU D 222 155.85 45.67 -36.12
CA LEU D 222 155.06 46.61 -35.32
C LEU D 222 153.57 46.34 -35.47
N LEU D 223 153.12 46.05 -36.69
CA LEU D 223 151.71 45.79 -36.96
C LEU D 223 151.32 44.34 -36.73
N LYS D 224 152.27 43.48 -36.33
CA LYS D 224 151.95 42.07 -36.13
C LYS D 224 150.95 41.86 -35.01
N ASP D 225 150.77 42.83 -34.13
CA ASP D 225 149.84 42.73 -33.01
C ASP D 225 148.44 43.24 -33.36
N GLY D 226 148.09 43.30 -34.64
CA GLY D 226 146.80 43.78 -35.05
C GLY D 226 146.65 45.29 -35.10
N ASN D 227 147.74 46.03 -34.88
CA ASN D 227 147.66 47.48 -34.91
C ASN D 227 147.25 47.97 -36.29
N VAL D 228 146.35 48.95 -36.33
CA VAL D 228 145.85 49.52 -37.57
C VAL D 228 146.11 51.02 -37.54
N LEU D 229 146.68 51.54 -38.62
CA LEU D 229 147.01 52.95 -38.75
C LEU D 229 145.99 53.62 -39.66
N VAL D 230 145.50 54.79 -39.23
CA VAL D 230 144.47 55.52 -39.95
C VAL D 230 144.99 56.91 -40.28
N ASP D 231 144.77 57.33 -41.53
CA ASP D 231 145.18 58.64 -42.03
C ASP D 231 143.92 59.44 -42.33
N LEU D 232 143.42 60.15 -41.33
CA LEU D 232 142.21 60.93 -41.52
C LEU D 232 142.50 62.17 -42.38
N PRO D 233 141.52 62.66 -43.12
CA PRO D 233 141.74 63.88 -43.91
C PRO D 233 141.93 65.10 -43.01
N GLY D 234 142.58 66.11 -43.58
CA GLY D 234 142.82 67.35 -42.86
C GLY D 234 141.54 67.98 -42.35
N ILE D 235 141.55 68.41 -41.08
CA ILE D 235 140.35 68.97 -40.48
C ILE D 235 139.96 70.29 -41.17
N ASP D 236 140.94 71.06 -41.60
CA ASP D 236 140.69 72.37 -42.22
C ASP D 236 140.42 72.28 -43.72
N ALA D 237 140.05 71.10 -44.21
CA ALA D 237 139.77 70.95 -45.63
C ALA D 237 138.51 71.73 -46.00
N PRO D 238 138.41 72.20 -47.25
CA PRO D 238 137.20 72.93 -47.65
C PRO D 238 135.92 72.13 -47.48
N VAL D 239 135.97 70.82 -47.70
CA VAL D 239 134.79 69.95 -47.59
C VAL D 239 134.51 69.77 -46.10
N LYS D 240 133.56 70.53 -45.57
CA LYS D 240 133.28 70.47 -44.14
C LYS D 240 132.65 69.15 -43.74
N GLU D 241 131.78 68.61 -44.60
CA GLU D 241 131.12 67.35 -44.25
C GLU D 241 132.12 66.22 -44.06
N ASP D 242 133.14 66.17 -44.93
CA ASP D 242 134.21 65.19 -44.73
C ASP D 242 134.96 65.46 -43.44
N ALA D 243 135.26 66.73 -43.16
CA ALA D 243 135.92 67.08 -41.91
C ALA D 243 135.04 66.74 -40.72
N GLU D 244 133.75 67.10 -40.78
CA GLU D 244 132.84 66.76 -39.71
C GLU D 244 132.76 65.26 -39.49
N ARG D 245 132.89 64.48 -40.57
CA ARG D 245 132.96 63.02 -40.43
C ARG D 245 134.18 62.62 -39.59
N ALA D 246 135.31 63.30 -39.80
CA ALA D 246 136.49 63.02 -39.00
C ALA D 246 136.23 63.30 -37.53
N TYR D 247 135.53 64.40 -37.22
CA TYR D 247 135.14 64.67 -35.85
C TYR D 247 134.25 63.56 -35.31
N ARG D 248 133.27 63.13 -36.11
CA ARG D 248 132.44 61.99 -35.72
C ARG D 248 133.27 60.72 -35.63
N LYS D 249 134.19 60.53 -36.57
CA LYS D 249 135.03 59.33 -36.55
C LYS D 249 135.88 59.28 -35.30
N ILE D 250 136.57 60.37 -34.97
CA ILE D 250 137.43 60.39 -33.80
C ILE D 250 136.60 60.36 -32.52
N GLU D 251 135.51 61.14 -32.48
CA GLU D 251 134.67 61.16 -31.30
C GLU D 251 133.93 59.84 -31.09
N SER D 252 133.87 58.99 -32.09
CA SER D 252 133.17 57.73 -31.96
C SER D 252 133.87 56.84 -30.92
N PRO D 253 133.11 56.08 -30.13
CA PRO D 253 133.77 55.20 -29.14
C PRO D 253 134.65 54.14 -29.77
N ASP D 254 134.47 53.83 -31.04
CA ASP D 254 135.24 52.78 -31.72
C ASP D 254 136.71 53.13 -31.89
N THR D 255 137.18 54.28 -31.44
CA THR D 255 138.59 54.66 -31.55
C THR D 255 139.30 54.35 -30.23
N SER D 256 140.44 53.67 -30.32
CA SER D 256 141.18 53.25 -29.13
C SER D 256 142.14 54.34 -28.65
N ALA D 257 142.92 54.91 -29.55
CA ALA D 257 143.92 55.92 -29.18
C ALA D 257 143.81 57.10 -30.14
N VAL D 258 144.25 58.26 -29.66
CA VAL D 258 144.22 59.50 -30.42
C VAL D 258 145.62 60.07 -30.47
N ILE D 259 146.08 60.41 -31.67
CA ILE D 259 147.36 61.06 -31.89
C ILE D 259 147.06 62.48 -32.35
N CYS D 260 147.50 63.47 -31.57
CA CYS D 260 147.22 64.87 -31.84
C CYS D 260 148.49 65.53 -32.37
N VAL D 261 148.55 65.74 -33.69
CA VAL D 261 149.66 66.42 -34.32
C VAL D 261 149.37 67.92 -34.31
N LEU D 262 150.31 68.70 -33.78
CA LEU D 262 150.13 70.13 -33.60
C LEU D 262 151.24 70.90 -34.31
N LYS D 263 150.87 72.02 -34.92
CA LYS D 263 151.78 72.87 -35.68
C LYS D 263 152.68 73.77 -34.84
N PRO D 264 152.23 74.28 -33.67
CA PRO D 264 152.88 75.47 -33.10
C PRO D 264 154.38 75.33 -32.89
N ALA D 265 154.92 74.11 -33.04
CA ALA D 265 156.37 73.96 -33.08
C ALA D 265 156.97 74.82 -34.18
N ALA D 266 156.23 75.04 -35.27
CA ALA D 266 156.62 75.95 -36.34
C ALA D 266 155.64 77.08 -36.54
N ALA D 267 154.35 76.86 -36.30
CA ALA D 267 153.35 77.91 -36.46
C ALA D 267 153.27 78.86 -35.27
N GLY D 268 153.86 78.49 -34.13
CA GLY D 268 153.88 79.33 -32.94
C GLY D 268 152.73 79.08 -31.97
N ASP D 269 151.50 79.03 -32.48
CA ASP D 269 150.34 78.84 -31.62
C ASP D 269 149.30 78.03 -32.37
N MET D 270 148.39 77.42 -31.59
CA MET D 270 147.34 76.61 -32.17
C MET D 270 146.34 77.47 -32.94
N SER D 271 145.70 76.87 -33.93
CA SER D 271 144.69 77.54 -34.74
C SER D 271 143.31 77.34 -34.13
N ALA D 272 142.31 77.99 -34.74
CA ALA D 272 140.94 77.84 -34.25
C ALA D 272 140.47 76.41 -34.35
N GLU D 273 140.76 75.74 -35.48
CA GLU D 273 140.37 74.35 -35.62
C GLU D 273 141.07 73.47 -34.60
N GLU D 274 142.36 73.71 -34.37
CA GLU D 274 143.07 72.97 -33.35
C GLU D 274 142.55 73.31 -31.96
N THR D 275 142.22 74.58 -31.72
CA THR D 275 141.76 74.99 -30.41
C THR D 275 140.48 74.27 -30.01
N GLN D 276 139.53 74.15 -30.94
CA GLN D 276 138.29 73.43 -30.63
C GLN D 276 138.55 71.96 -30.39
N LEU D 277 139.52 71.37 -31.09
CA LEU D 277 139.84 69.96 -30.87
C LEU D 277 140.26 69.72 -29.43
N LEU D 278 141.16 70.55 -28.90
CA LEU D 278 141.54 70.43 -27.50
C LEU D 278 140.36 70.70 -26.58
N GLU D 279 139.55 71.71 -26.90
CA GLU D 279 138.36 71.97 -26.12
C GLU D 279 137.40 70.78 -26.16
N ARG D 280 137.19 70.21 -27.35
CA ARG D 280 136.36 69.02 -27.45
C ARG D 280 136.97 67.86 -26.67
N ILE D 281 138.28 67.65 -26.81
CA ILE D 281 138.94 66.56 -26.11
C ILE D 281 138.98 66.83 -24.60
N SER D 282 139.34 68.05 -24.20
CA SER D 282 139.45 68.35 -22.78
C SER D 282 138.10 68.23 -22.09
N LYS D 283 137.05 68.72 -22.72
CA LYS D 283 135.72 68.68 -22.10
C LYS D 283 135.16 67.28 -22.02
N ASN D 284 135.66 66.35 -22.85
CA ASN D 284 135.19 64.97 -22.85
C ASN D 284 136.20 64.13 -22.08
N HIS D 285 135.86 63.79 -20.83
CA HIS D 285 136.77 63.03 -19.99
C HIS D 285 137.00 61.63 -20.54
N GLY D 286 135.95 61.01 -21.09
CA GLY D 286 136.09 59.64 -21.56
C GLY D 286 137.16 59.50 -22.62
N ILE D 287 137.17 60.41 -23.60
CA ILE D 287 138.19 60.34 -24.63
C ILE D 287 139.50 60.96 -24.15
N ARG D 288 139.43 61.91 -23.21
CA ARG D 288 140.63 62.63 -22.79
C ARG D 288 141.67 61.67 -22.22
N ASP D 289 141.23 60.66 -21.47
CA ASP D 289 142.16 59.73 -20.83
C ASP D 289 142.85 58.80 -21.81
N ARG D 290 142.57 58.91 -23.11
CA ARG D 290 143.17 58.04 -24.13
C ARG D 290 143.65 58.87 -25.32
N VAL D 291 144.39 59.94 -25.03
CA VAL D 291 144.86 60.86 -26.05
C VAL D 291 146.38 61.01 -25.93
N PHE D 292 147.05 61.04 -27.07
CA PHE D 292 148.47 61.32 -27.16
C PHE D 292 148.69 62.63 -27.90
N TYR D 293 149.64 63.42 -27.42
CA TYR D 293 149.99 64.70 -28.02
C TYR D 293 151.39 64.60 -28.61
N VAL D 294 151.52 65.01 -29.87
CA VAL D 294 152.81 64.97 -30.57
C VAL D 294 153.01 66.28 -31.32
N PHE D 295 154.27 66.59 -31.59
CA PHE D 295 154.66 67.78 -32.33
C PHE D 295 155.62 67.39 -33.43
N ASN D 296 155.58 68.15 -34.53
CA ASN D 296 156.30 67.82 -35.74
C ASN D 296 157.17 68.99 -36.18
N ARG D 297 158.21 68.66 -36.94
CA ARG D 297 159.12 69.67 -37.50
C ARG D 297 159.83 70.44 -36.41
N ILE D 298 160.32 69.73 -35.39
CA ILE D 298 161.12 70.35 -34.34
C ILE D 298 162.48 70.80 -34.83
N ASP D 299 162.87 70.40 -36.05
CA ASP D 299 164.16 70.84 -36.59
C ASP D 299 164.22 72.35 -36.71
N ASP D 300 163.06 73.01 -36.84
CA ASP D 300 163.06 74.46 -36.91
C ASP D 300 163.63 75.08 -35.64
N THR D 301 163.27 74.54 -34.48
CA THR D 301 163.80 75.05 -33.22
C THR D 301 165.29 74.76 -33.07
N TRP D 302 165.82 73.78 -33.79
CA TRP D 302 167.24 73.47 -33.69
C TRP D 302 168.12 74.58 -34.24
N TYR D 303 167.53 75.50 -35.02
CA TYR D 303 168.29 76.60 -35.61
C TYR D 303 167.87 77.96 -35.08
N ASN D 304 166.66 78.12 -34.56
CA ASN D 304 166.18 79.38 -34.03
C ASN D 304 165.96 79.24 -32.53
N THR D 305 166.58 80.14 -31.75
CA THR D 305 166.43 80.09 -30.30
C THR D 305 165.06 80.59 -29.87
N GLN D 306 164.58 81.68 -30.49
CA GLN D 306 163.29 82.24 -30.09
C GLN D 306 162.16 81.24 -30.30
N LEU D 307 162.17 80.51 -31.42
CA LEU D 307 161.18 79.47 -31.64
C LEU D 307 161.31 78.36 -30.60
N ARG D 308 162.54 77.99 -30.25
CA ARG D 308 162.74 77.04 -29.17
C ARG D 308 162.24 77.61 -27.85
N GLN D 309 162.55 78.88 -27.58
CA GLN D 309 162.02 79.53 -26.38
C GLN D 309 160.50 79.61 -26.41
N ARG D 310 159.92 79.92 -27.57
CA ARG D 310 158.47 79.91 -27.70
C ARG D 310 157.91 78.50 -27.55
N LEU D 311 158.59 77.51 -28.12
CA LEU D 311 158.15 76.13 -27.96
C LEU D 311 158.26 75.68 -26.51
N GLU D 312 159.36 76.02 -25.84
CA GLU D 312 159.54 75.59 -24.46
C GLU D 312 158.48 76.21 -23.55
N GLY D 313 158.18 77.49 -23.75
CA GLY D 313 157.17 78.15 -22.94
C GLY D 313 155.77 77.60 -23.20
N LEU D 314 155.45 77.37 -24.47
CA LEU D 314 154.13 76.87 -24.82
C LEU D 314 153.91 75.47 -24.25
N ILE D 315 154.91 74.59 -24.36
CA ILE D 315 154.76 73.22 -23.89
C ILE D 315 154.53 73.21 -22.38
N GLN D 316 155.35 73.95 -21.65
CA GLN D 316 155.22 73.99 -20.20
C GLN D 316 153.99 74.77 -19.74
N SER D 317 153.47 75.66 -20.59
CA SER D 317 152.36 76.52 -20.17
C SER D 317 151.08 75.72 -19.99
N GLN D 318 150.79 74.81 -20.91
CA GLN D 318 149.49 74.14 -20.98
C GLN D 318 149.57 72.67 -20.58
N PHE D 319 150.43 71.89 -21.23
CA PHE D 319 150.41 70.44 -21.05
C PHE D 319 150.88 70.08 -19.66
N ARG D 320 150.07 69.29 -18.94
CA ARG D 320 150.42 68.80 -17.61
C ARG D 320 150.82 67.33 -17.65
N ASP D 321 149.97 66.47 -18.23
CA ASP D 321 150.28 65.05 -18.37
C ASP D 321 151.25 64.91 -19.55
N ASN D 322 152.51 65.26 -19.28
CA ASN D 322 153.53 65.28 -20.32
C ASN D 322 154.08 63.91 -20.66
N SER D 323 153.70 62.87 -19.92
CA SER D 323 154.14 61.52 -20.26
C SER D 323 153.67 61.09 -21.64
N ARG D 324 152.60 61.69 -22.15
CA ARG D 324 152.07 61.39 -23.47
C ARG D 324 152.37 62.49 -24.47
N VAL D 325 153.30 63.39 -24.16
CA VAL D 325 153.70 64.47 -25.05
C VAL D 325 154.98 64.06 -25.74
N TYR D 326 154.97 64.10 -27.08
CA TYR D 326 156.09 63.63 -27.88
C TYR D 326 156.49 64.71 -28.88
N LYS D 327 157.71 64.59 -29.38
CA LYS D 327 158.24 65.49 -30.41
C LYS D 327 159.05 64.68 -31.40
N THR D 328 159.09 65.15 -32.64
CA THR D 328 159.82 64.47 -33.71
C THR D 328 159.86 65.39 -34.93
N SER D 329 160.49 64.90 -36.00
CA SER D 329 160.57 65.62 -37.26
C SER D 329 160.38 64.61 -38.38
N GLY D 330 159.18 64.57 -38.95
CA GLY D 330 158.88 63.59 -39.97
C GLY D 330 159.73 63.75 -41.22
N LEU D 331 159.94 65.00 -41.65
CA LEU D 331 160.72 65.23 -42.86
C LEU D 331 162.11 64.62 -42.75
N LEU D 332 162.80 64.86 -41.63
CA LEU D 332 164.12 64.28 -41.44
C LEU D 332 164.03 62.80 -41.08
N GLY D 333 163.02 62.43 -40.29
CA GLY D 333 162.91 61.04 -39.87
C GLY D 333 162.69 60.08 -41.04
N PHE D 334 161.85 60.48 -41.99
CA PHE D 334 161.52 59.58 -43.10
C PHE D 334 162.76 59.24 -43.91
N TYR D 335 163.37 60.26 -44.53
CA TYR D 335 164.51 60.00 -45.42
C TYR D 335 165.67 59.38 -44.67
N GLY D 336 165.79 59.64 -43.36
CA GLY D 336 166.89 59.07 -42.60
C GLY D 336 166.89 57.55 -42.65
N SER D 337 165.72 56.94 -42.47
CA SER D 337 165.63 55.48 -42.55
C SER D 337 165.87 54.99 -43.97
N GLN D 338 165.38 55.73 -44.98
CA GLN D 338 165.52 55.29 -46.35
C GLN D 338 166.98 55.24 -46.79
N VAL D 339 167.80 56.17 -46.30
CA VAL D 339 169.20 56.21 -46.72
C VAL D 339 169.92 54.92 -46.33
N LYS D 340 169.44 54.24 -45.29
CA LYS D 340 170.07 52.99 -44.88
C LYS D 340 170.06 51.95 -45.99
N GLN D 341 169.11 52.04 -46.93
CA GLN D 341 169.03 51.11 -48.05
C GLN D 341 169.82 51.60 -49.26
N THR D 342 170.81 52.47 -49.05
CA THR D 342 171.64 52.97 -50.13
C THR D 342 173.09 52.94 -49.68
N ASN D 343 174.00 52.85 -50.65
CA ASN D 343 175.43 52.78 -50.39
C ASN D 343 176.16 53.71 -51.34
N SER D 344 177.48 53.67 -51.29
CA SER D 344 178.29 54.54 -52.13
C SER D 344 178.10 54.29 -53.62
N SER D 345 177.67 53.08 -53.99
CA SER D 345 177.44 52.79 -55.40
C SER D 345 176.39 53.72 -55.99
N THR D 346 175.30 53.94 -55.25
CA THR D 346 174.26 54.87 -55.66
C THR D 346 174.46 56.27 -55.07
N ARG D 347 175.68 56.59 -54.64
CA ARG D 347 175.97 57.88 -54.01
C ARG D 347 175.08 58.11 -52.80
N PHE D 348 174.83 57.05 -52.03
CA PHE D 348 174.00 57.14 -50.84
C PHE D 348 172.63 57.75 -51.16
N GLY D 349 172.06 57.32 -52.29
CA GLY D 349 170.73 57.73 -52.68
C GLY D 349 170.68 58.81 -53.74
N LEU D 350 171.77 59.54 -53.97
CA LEU D 350 171.74 60.58 -55.00
C LEU D 350 171.46 59.99 -56.38
N ASP D 351 171.83 58.72 -56.58
CA ASP D 351 171.55 58.02 -57.83
C ASP D 351 170.26 57.21 -57.78
N SER D 352 169.59 57.15 -56.64
CA SER D 352 168.36 56.39 -56.49
C SER D 352 167.55 56.95 -55.33
N ILE D 353 166.27 57.18 -55.58
CA ILE D 353 165.36 57.81 -54.61
C ILE D 353 165.54 59.32 -54.65
N PHE D 354 166.77 59.78 -54.42
CA PHE D 354 167.10 61.20 -54.49
C PHE D 354 167.53 61.65 -55.87
N ALA D 355 167.61 60.73 -56.84
CA ALA D 355 167.97 61.12 -58.20
C ALA D 355 166.96 62.08 -58.81
N THR D 356 165.67 61.90 -58.49
CA THR D 356 164.65 62.80 -58.98
C THR D 356 164.77 64.19 -58.36
N THR D 357 165.22 64.27 -57.10
CA THR D 357 165.33 65.54 -56.41
C THR D 357 166.64 66.27 -56.67
N ILE D 358 167.72 65.54 -56.98
CA ILE D 358 169.02 66.18 -57.20
C ILE D 358 169.11 66.92 -58.52
N LYS D 359 168.21 66.64 -59.46
CA LYS D 359 168.22 67.30 -60.77
C LYS D 359 167.59 68.67 -60.63
N GLY D 360 168.40 69.72 -60.83
CA GLY D 360 167.92 71.08 -60.69
C GLY D 360 167.31 71.63 -61.97
N PHE D 361 166.64 72.78 -61.81
CA PHE D 361 166.02 73.44 -62.96
C PHE D 361 167.06 74.16 -63.80
N ASP D 362 168.07 74.75 -63.18
CA ASP D 362 169.09 75.52 -63.88
C ASP D 362 170.21 74.64 -64.41
N GLY D 363 170.18 73.33 -64.18
CA GLY D 363 171.22 72.44 -64.64
C GLY D 363 172.12 72.00 -63.50
N GLU D 364 172.45 72.92 -62.60
CA GLU D 364 173.26 72.58 -61.45
C GLU D 364 172.48 71.65 -60.51
N GLU D 365 173.19 70.70 -59.93
CA GLU D 365 172.55 69.74 -59.04
C GLU D 365 171.97 70.46 -57.82
N GLU D 366 170.64 70.47 -57.72
CA GLU D 366 169.99 71.08 -56.58
C GLU D 366 170.21 70.23 -55.33
N THR D 367 170.10 70.88 -54.17
CA THR D 367 170.30 70.21 -52.89
C THR D 367 168.96 69.68 -52.40
N PRO D 368 168.80 68.36 -52.25
CA PRO D 368 167.55 67.84 -51.68
C PRO D 368 167.31 68.37 -50.28
N GLN D 369 166.04 68.53 -49.93
CA GLN D 369 165.69 69.03 -48.61
C GLN D 369 166.37 68.23 -47.50
N PHE D 370 166.38 66.90 -47.63
CA PHE D 370 167.09 66.08 -46.66
C PHE D 370 168.57 66.40 -46.65
N VAL D 371 169.17 66.54 -47.83
CA VAL D 371 170.59 66.89 -47.90
C VAL D 371 170.82 68.30 -47.38
N SER D 372 169.95 69.24 -47.77
CA SER D 372 170.11 70.62 -47.34
C SER D 372 170.03 70.72 -45.82
N GLU D 373 169.04 70.05 -45.22
CA GLU D 373 168.94 70.04 -43.76
C GLU D 373 170.03 69.17 -43.14
N PHE D 374 170.51 68.16 -43.86
CA PHE D 374 171.59 67.33 -43.35
C PHE D 374 172.84 68.17 -43.10
N ASN D 375 173.20 69.02 -44.06
CA ASN D 375 174.34 69.91 -43.86
C ASN D 375 174.06 70.89 -42.72
N ASN D 376 172.86 71.45 -42.67
CA ASN D 376 172.49 72.33 -41.57
C ASN D 376 172.47 71.58 -40.26
N TYR D 377 171.93 70.36 -40.26
CA TYR D 377 171.87 69.56 -39.04
C TYR D 377 173.26 69.29 -38.49
N CYS D 378 174.20 68.95 -39.36
CA CYS D 378 175.55 68.62 -38.89
C CYS D 378 176.23 69.84 -38.26
N ALA D 379 176.06 71.02 -38.87
CA ALA D 379 176.77 72.21 -38.42
C ALA D 379 175.93 73.04 -37.44
N ASN D 380 174.75 73.48 -37.86
CA ASN D 380 173.97 74.40 -37.05
C ASN D 380 173.49 73.76 -35.76
N SER D 381 172.89 72.57 -35.87
CA SER D 381 172.34 71.90 -34.67
C SER D 381 173.46 71.45 -33.74
N GLY D 382 174.34 70.59 -34.22
CA GLY D 382 175.44 70.10 -33.41
C GLY D 382 175.14 68.91 -32.55
N LYS D 383 174.10 68.13 -32.86
CA LYS D 383 173.83 66.92 -32.09
C LYS D 383 175.01 65.97 -32.13
N LEU D 384 175.81 66.01 -33.20
CA LEU D 384 177.02 65.21 -33.29
C LEU D 384 178.09 65.68 -32.31
N LEU D 385 177.94 66.87 -31.74
CA LEU D 385 178.99 67.43 -30.90
C LEU D 385 179.29 66.52 -29.70
N SER D 386 178.25 66.00 -29.07
CA SER D 386 178.41 65.11 -27.93
C SER D 386 178.65 63.66 -28.33
N THR D 387 178.63 63.35 -29.63
CA THR D 387 178.81 62.00 -30.11
C THR D 387 180.28 61.77 -30.46
N ALA D 388 180.58 60.61 -31.04
CA ALA D 388 181.94 60.24 -31.41
C ALA D 388 182.27 60.60 -32.85
N PHE D 389 181.72 61.70 -33.37
CA PHE D 389 181.94 62.13 -34.73
C PHE D 389 182.46 63.56 -34.75
N ARG D 390 183.28 63.86 -35.76
CA ARG D 390 183.89 65.17 -35.93
C ARG D 390 183.53 65.74 -37.30
N VAL D 391 182.27 65.60 -37.70
CA VAL D 391 181.82 66.05 -39.01
C VAL D 391 182.13 67.53 -39.18
N SER D 392 182.88 67.86 -40.22
CA SER D 392 183.25 69.23 -40.54
C SER D 392 182.56 69.64 -41.85
N VAL D 393 181.81 70.72 -41.80
CA VAL D 393 181.12 71.25 -42.98
C VAL D 393 181.93 72.41 -43.52
N ASN D 394 182.25 72.37 -44.81
CA ASN D 394 183.09 73.36 -45.45
C ASN D 394 182.48 73.76 -46.79
N GLY D 395 182.84 74.96 -47.24
CA GLY D 395 182.43 75.46 -48.54
C GLY D 395 183.25 74.95 -49.70
N TYR D 396 184.26 74.12 -49.42
CA TYR D 396 185.08 73.54 -50.49
C TYR D 396 184.25 72.73 -51.48
N GLU D 397 183.09 72.23 -51.05
CA GLU D 397 182.26 71.38 -51.90
C GLU D 397 180.80 71.79 -51.73
N THR D 398 180.00 71.46 -52.73
CA THR D 398 178.57 71.75 -52.68
C THR D 398 177.90 70.90 -51.60
N SER D 399 176.62 71.19 -51.36
CA SER D 399 175.88 70.43 -50.36
C SER D 399 175.80 68.96 -50.74
N ASN D 400 175.51 68.67 -52.01
CA ASN D 400 175.49 67.27 -52.45
C ASN D 400 176.88 66.67 -52.39
N GLU D 401 177.90 67.40 -52.83
CA GLU D 401 179.27 66.90 -52.76
C GLU D 401 179.71 66.69 -51.32
N ASN D 402 179.38 67.64 -50.44
CA ASN D 402 179.64 67.42 -49.01
C ASN D 402 178.83 66.24 -48.49
N TYR D 403 177.58 66.12 -48.94
CA TYR D 403 176.77 64.96 -48.57
C TYR D 403 177.47 63.66 -48.99
N VAL D 404 178.05 63.64 -50.18
CA VAL D 404 178.83 62.47 -50.61
C VAL D 404 180.09 62.33 -49.77
N ARG D 405 180.82 63.44 -49.58
CA ARG D 405 182.08 63.39 -48.85
C ARG D 405 181.86 63.06 -47.38
N ILE D 406 180.90 63.74 -46.74
CA ILE D 406 180.68 63.54 -45.31
C ILE D 406 180.28 62.09 -45.03
N LEU D 407 179.33 61.57 -45.82
CA LEU D 407 178.92 60.18 -45.62
C LEU D 407 180.07 59.22 -45.91
N SER D 408 180.82 59.48 -46.97
CA SER D 408 181.95 58.61 -47.30
C SER D 408 183.00 58.62 -46.19
N GLU D 409 183.15 59.75 -45.49
CA GLU D 409 184.16 59.84 -44.45
C GLU D 409 183.80 58.97 -43.26
N TRP D 410 182.54 59.00 -42.82
CA TRP D 410 182.10 58.28 -41.62
C TRP D 410 181.28 57.05 -41.96
N GLY D 411 180.21 57.21 -42.73
CA GLY D 411 179.43 56.09 -43.19
C GLY D 411 178.11 55.93 -42.45
N ILE D 412 177.58 54.71 -42.49
CA ILE D 412 176.26 54.45 -41.91
C ILE D 412 176.23 54.74 -40.42
N PRO D 413 177.23 54.34 -39.61
CA PRO D 413 177.11 54.53 -38.16
C PRO D 413 176.71 55.94 -37.75
N LEU D 414 177.06 56.95 -38.54
CA LEU D 414 176.57 58.29 -38.27
C LEU D 414 175.06 58.37 -38.42
N VAL D 415 174.51 57.68 -39.42
CA VAL D 415 173.07 57.71 -39.64
C VAL D 415 172.32 57.08 -38.47
N ASP D 416 172.90 56.04 -37.85
CA ASP D 416 172.25 55.41 -36.71
C ASP D 416 171.95 56.43 -35.62
N GLN D 417 172.92 57.31 -35.33
CA GLN D 417 172.68 58.37 -34.36
C GLN D 417 171.61 59.33 -34.86
N LEU D 418 171.61 59.63 -36.15
CA LEU D 418 170.63 60.55 -36.71
C LEU D 418 169.21 60.03 -36.49
N ILE D 419 168.97 58.76 -36.80
CA ILE D 419 167.64 58.19 -36.62
C ILE D 419 167.30 58.10 -35.13
N HIS D 420 168.27 57.75 -34.29
CA HIS D 420 168.02 57.67 -32.87
C HIS D 420 167.62 59.04 -32.31
N ASP D 421 168.29 60.10 -32.76
CA ASP D 421 167.95 61.44 -32.29
C ASP D 421 166.58 61.88 -32.82
N SER D 422 166.13 61.30 -33.93
CA SER D 422 164.83 61.67 -34.47
C SER D 422 163.70 61.37 -33.50
N GLY D 423 163.84 60.31 -32.70
CA GLY D 423 162.83 59.94 -31.74
C GLY D 423 161.66 59.15 -32.30
N ILE D 424 161.68 58.82 -33.60
CA ILE D 424 160.57 58.07 -34.18
C ILE D 424 160.50 56.67 -33.58
N GLU D 425 161.65 56.03 -33.38
CA GLU D 425 161.66 54.69 -32.81
C GLU D 425 161.06 54.68 -31.41
N SER D 426 161.36 55.69 -30.60
CA SER D 426 160.77 55.78 -29.27
C SER D 426 159.26 55.94 -29.37
N PHE D 427 158.78 56.68 -30.37
CA PHE D 427 157.34 56.87 -30.53
C PHE D 427 156.64 55.53 -30.77
N ARG D 428 157.23 54.68 -31.61
CA ARG D 428 156.63 53.37 -31.87
C ARG D 428 156.54 52.54 -30.59
N SER D 429 157.61 52.52 -29.80
CA SER D 429 157.58 51.79 -28.54
C SER D 429 156.57 52.41 -27.58
N GLY D 430 156.51 53.73 -27.52
CA GLY D 430 155.59 54.41 -26.63
C GLY D 430 154.15 54.04 -26.86
N ILE D 431 153.67 54.25 -28.08
CA ILE D 431 152.28 53.91 -28.39
C ILE D 431 152.07 52.41 -28.31
N GLY D 432 153.02 51.63 -28.83
CA GLY D 432 152.90 50.18 -28.75
C GLY D 432 152.82 49.69 -27.32
N LEU D 433 153.63 50.25 -26.43
CA LEU D 433 153.58 49.87 -25.03
C LEU D 433 152.20 50.18 -24.43
N TYR D 434 151.64 51.34 -24.76
CA TYR D 434 150.34 51.72 -24.21
C TYR D 434 149.26 50.76 -24.69
N LEU D 435 149.20 50.49 -25.99
CA LEU D 435 148.16 49.62 -26.54
C LEU D 435 148.39 48.17 -26.14
N ALA D 436 149.64 47.70 -26.26
CA ALA D 436 149.92 46.30 -25.96
C ALA D 436 149.73 45.99 -24.47
N GLU D 437 150.09 46.93 -23.60
CA GLU D 437 150.07 46.70 -22.16
C GLU D 437 148.78 47.12 -21.50
N GLU D 438 148.26 48.31 -21.82
CA GLU D 438 147.09 48.83 -21.12
C GLU D 438 145.79 48.49 -21.86
N LYS D 439 145.67 48.94 -23.11
CA LYS D 439 144.42 48.78 -23.85
C LYS D 439 144.12 47.31 -24.12
N TYR D 440 145.14 46.52 -24.45
CA TYR D 440 144.90 45.13 -24.84
C TYR D 440 144.22 44.33 -23.74
N PRO D 441 144.74 44.26 -22.52
CA PRO D 441 144.03 43.51 -21.48
C PRO D 441 142.65 44.06 -21.17
N GLU D 442 142.47 45.38 -21.28
CA GLU D 442 141.15 45.96 -21.03
C GLU D 442 140.10 45.39 -21.97
N LEU D 443 140.50 45.05 -23.20
CA LEU D 443 139.55 44.50 -24.15
C LEU D 443 138.97 43.19 -23.65
N PHE D 444 139.83 42.30 -23.11
CA PHE D 444 139.33 41.10 -22.48
C PHE D 444 138.50 41.42 -21.25
N ALA D 445 138.92 42.43 -20.48
CA ALA D 445 138.16 42.82 -19.29
C ALA D 445 136.76 43.28 -19.65
N THR D 446 136.63 44.03 -20.74
CA THR D 446 135.30 44.47 -21.17
C THR D 446 134.40 43.29 -21.49
N LEU D 447 134.96 42.23 -22.07
CA LEU D 447 134.16 41.07 -22.43
C LEU D 447 133.50 40.45 -21.21
N ALA D 448 134.25 40.29 -20.13
CA ALA D 448 133.70 39.68 -18.92
C ALA D 448 132.53 40.50 -18.38
N ASN D 449 132.72 41.81 -18.24
CA ASN D 449 131.62 42.66 -17.81
C ASN D 449 130.53 42.76 -18.87
N ASP D 450 130.87 42.58 -20.13
CA ASP D 450 129.88 42.60 -21.20
C ASP D 450 129.16 41.27 -21.36
N LEU D 451 129.68 40.20 -20.76
CA LEU D 451 129.06 38.88 -20.85
C LEU D 451 128.22 38.55 -19.63
N GLN D 452 128.47 39.18 -18.50
CA GLN D 452 127.69 38.89 -17.29
C GLN D 452 126.19 39.08 -17.50
N PRO D 453 125.71 40.12 -18.20
CA PRO D 453 124.26 40.37 -18.26
C PRO D 453 123.43 39.18 -18.75
N LEU D 454 124.06 38.15 -19.29
CA LEU D 454 123.34 36.95 -19.71
C LEU D 454 123.36 35.86 -18.64
N CYS D 455 124.48 35.66 -17.96
CA CYS D 455 124.54 34.71 -16.86
C CYS D 455 123.77 35.20 -15.63
N ILE D 456 123.37 36.47 -15.63
CA ILE D 456 122.66 37.01 -14.47
C ILE D 456 121.33 36.30 -14.26
N ALA D 457 120.65 35.92 -15.35
CA ALA D 457 119.30 35.39 -15.28
C ALA D 457 119.23 33.87 -15.38
N LEU D 458 120.17 33.23 -16.08
CA LEU D 458 120.09 31.79 -16.27
C LEU D 458 120.10 31.05 -14.94
N ARG D 459 121.01 31.43 -14.03
CA ARG D 459 121.05 30.79 -12.73
C ARG D 459 119.78 31.08 -11.94
N GLN D 460 119.27 32.30 -12.04
CA GLN D 460 118.05 32.66 -11.32
C GLN D 460 116.88 31.79 -11.76
N PHE D 461 116.65 31.69 -13.07
CA PHE D 461 115.52 30.93 -13.57
C PHE D 461 115.66 29.45 -13.21
N TYR D 462 116.85 28.88 -13.39
CA TYR D 462 117.06 27.48 -13.05
C TYR D 462 116.91 27.26 -11.54
N LEU D 463 117.45 28.17 -10.74
CA LEU D 463 117.37 28.03 -9.29
C LEU D 463 115.95 28.16 -8.77
N GLU D 464 115.06 28.81 -9.52
CA GLU D 464 113.68 28.95 -9.08
C GLU D 464 112.86 27.71 -9.39
N ASN D 465 112.88 27.28 -10.66
CA ASN D 465 112.13 26.08 -11.04
C ASN D 465 112.64 24.85 -10.31
N TYR D 466 113.97 24.70 -10.21
CA TYR D 466 114.53 23.55 -9.52
C TYR D 466 114.11 23.55 -8.05
N ARG D 467 114.18 24.70 -7.39
CA ARG D 467 113.76 24.77 -6.00
C ARG D 467 112.25 24.70 -5.88
N GLN D 468 111.53 25.31 -6.83
CA GLN D 468 110.07 25.27 -6.78
C GLN D 468 109.55 23.84 -6.91
N LEU D 469 110.12 23.05 -7.81
CA LEU D 469 109.67 21.68 -7.99
C LEU D 469 109.94 20.83 -6.76
N ASP D 470 111.01 21.12 -6.02
CA ASP D 470 111.35 20.34 -4.84
C ASP D 470 110.33 20.50 -3.72
N SER D 471 109.50 21.54 -3.76
CA SER D 471 108.51 21.75 -2.72
C SER D 471 107.47 20.64 -2.70
N GLN D 472 107.08 20.13 -3.87
CA GLN D 472 106.05 19.11 -3.92
C GLN D 472 106.54 17.81 -3.27
N PRO D 473 105.64 17.01 -2.71
CA PRO D 473 106.06 15.74 -2.12
C PRO D 473 106.55 14.78 -3.20
N ARG D 474 107.13 13.67 -2.74
CA ARG D 474 107.67 12.65 -3.64
C ARG D 474 107.11 11.28 -3.31
N GLU D 475 106.89 11.01 -2.02
CA GLU D 475 106.39 9.71 -1.61
C GLU D 475 104.96 9.51 -2.11
N ILE D 476 104.65 8.26 -2.50
CA ILE D 476 103.31 7.94 -2.97
C ILE D 476 102.29 8.16 -1.87
N ALA D 477 102.60 7.68 -0.66
CA ALA D 477 101.65 7.82 0.44
C ALA D 477 101.34 9.28 0.72
N ALA D 478 102.38 10.10 0.88
CA ALA D 478 102.17 11.53 1.10
C ALA D 478 101.52 12.18 -0.12
N MET D 479 101.99 11.83 -1.33
CA MET D 479 101.42 12.42 -2.54
C MET D 479 99.96 12.04 -2.70
N LYS D 480 99.63 10.77 -2.47
CA LYS D 480 98.23 10.35 -2.59
C LYS D 480 97.36 11.03 -1.55
N ALA D 481 97.88 11.18 -0.32
CA ALA D 481 97.13 11.88 0.72
C ALA D 481 96.77 13.30 0.29
N GLN D 482 97.65 13.94 -0.48
CA GLN D 482 97.34 15.29 -0.98
C GLN D 482 96.11 15.25 -1.87
N GLU D 483 96.00 14.25 -2.74
CA GLU D 483 94.82 14.13 -3.59
C GLU D 483 93.56 13.96 -2.75
N LEU D 484 93.63 13.11 -1.72
CA LEU D 484 92.52 13.02 -0.78
C LEU D 484 92.30 14.33 -0.04
N THR D 485 93.38 15.04 0.28
CA THR D 485 93.29 16.34 0.93
C THR D 485 92.66 17.39 0.02
N LEU D 486 92.55 17.12 -1.28
CA LEU D 486 91.93 18.04 -2.23
C LEU D 486 90.60 17.54 -2.77
N LEU D 487 90.30 16.25 -2.63
CA LEU D 487 89.05 15.71 -3.17
C LEU D 487 87.84 16.35 -2.52
N ASN D 488 87.87 16.48 -1.19
CA ASN D 488 86.72 17.04 -0.48
C ASN D 488 86.53 18.53 -0.75
N GLN D 489 87.60 19.26 -1.07
CA GLN D 489 87.44 20.67 -1.40
C GLN D 489 86.53 20.86 -2.60
N GLU D 490 86.70 20.02 -3.62
CA GLU D 490 85.79 20.06 -4.77
C GLU D 490 84.37 19.73 -4.34
N MET D 491 84.22 18.75 -3.43
CA MET D 491 82.90 18.38 -2.96
C MET D 491 82.22 19.55 -2.26
N GLN D 492 82.95 20.27 -1.40
CA GLN D 492 82.36 21.39 -0.69
C GLN D 492 81.90 22.48 -1.64
N ASN D 493 82.73 22.81 -2.64
CA ASN D 493 82.33 23.80 -3.63
C ASN D 493 81.12 23.34 -4.42
N LEU D 494 80.99 22.03 -4.64
CA LEU D 494 79.84 21.51 -5.37
C LEU D 494 78.55 21.82 -4.63
N GLY D 495 78.54 21.64 -3.30
CA GLY D 495 77.35 21.99 -2.53
C GLY D 495 77.05 23.47 -2.57
N ILE D 496 78.08 24.29 -2.39
CA ILE D 496 77.89 25.74 -2.44
C ILE D 496 77.43 26.15 -3.84
N GLU D 497 78.06 25.61 -4.87
CA GLU D 497 77.69 25.98 -6.24
C GLU D 497 76.30 25.47 -6.60
N PHE D 498 75.90 24.32 -6.05
CA PHE D 498 74.59 23.77 -6.38
C PHE D 498 73.47 24.71 -5.93
N LYS D 499 73.58 25.24 -4.72
CA LYS D 499 72.56 26.18 -4.24
C LYS D 499 72.52 27.44 -5.09
N LYS D 500 73.67 27.85 -5.63
CA LYS D 500 73.71 29.06 -6.45
C LYS D 500 72.81 28.93 -7.68
N TYR D 501 72.95 27.81 -8.40
CA TYR D 501 72.14 27.61 -9.60
C TYR D 501 70.66 27.51 -9.26
N MET D 502 70.33 26.78 -8.18
CA MET D 502 68.94 26.66 -7.79
C MET D 502 68.35 28.00 -7.40
N SER D 503 69.12 28.82 -6.69
CA SER D 503 68.64 30.15 -6.31
C SER D 503 68.46 31.04 -7.52
N ALA D 504 69.32 30.91 -8.54
CA ALA D 504 69.19 31.72 -9.74
C ALA D 504 67.94 31.35 -10.52
N GLN D 505 67.71 30.05 -10.71
CA GLN D 505 66.56 29.61 -11.50
C GLN D 505 65.25 30.02 -10.83
N ILE D 506 65.16 29.85 -9.51
CA ILE D 506 63.91 30.17 -8.81
C ILE D 506 63.67 31.67 -8.83
N ASN D 507 64.73 32.47 -8.71
CA ASN D 507 64.57 33.92 -8.70
C ASN D 507 63.94 34.42 -10.00
N ASP D 508 64.37 33.85 -11.13
CA ASP D 508 63.83 34.26 -12.41
C ASP D 508 62.32 34.06 -12.49
N VAL D 509 61.78 33.08 -11.76
CA VAL D 509 60.34 32.82 -11.82
C VAL D 509 59.57 33.88 -11.08
N VAL D 510 60.07 34.31 -9.91
CA VAL D 510 59.34 35.26 -9.08
C VAL D 510 59.11 36.58 -9.81
N ILE D 511 59.98 36.93 -10.75
CA ILE D 511 59.90 38.22 -11.43
C ILE D 511 59.48 38.10 -12.88
N GLY D 512 59.46 36.89 -13.45
CA GLY D 512 59.04 36.69 -14.81
C GLY D 512 60.15 36.65 -15.84
N ASN D 513 61.41 36.57 -15.41
CA ASN D 513 62.51 36.49 -16.36
C ASN D 513 62.41 35.24 -17.23
N ASP D 514 62.00 34.12 -16.64
CA ASP D 514 61.81 32.88 -17.39
C ASP D 514 60.59 33.05 -18.29
N ARG D 515 60.85 33.31 -19.58
CA ARG D 515 59.75 33.58 -20.50
C ARG D 515 58.81 32.40 -20.64
N GLU D 516 59.33 31.17 -20.50
CA GLU D 516 58.49 29.99 -20.65
C GLU D 516 57.41 29.94 -19.57
N PHE D 517 57.76 30.27 -18.34
CA PHE D 517 56.79 30.23 -17.25
C PHE D 517 55.66 31.22 -17.49
N ASP D 518 55.98 32.43 -17.97
CA ASP D 518 54.96 33.45 -18.18
C ASP D 518 53.94 33.01 -19.21
N GLN D 519 54.39 32.37 -20.30
CA GLN D 519 53.47 31.93 -21.33
C GLN D 519 52.45 30.94 -20.78
N ASP D 520 52.91 29.99 -19.96
CA ASP D 520 51.99 29.05 -19.34
C ASP D 520 51.08 29.75 -18.34
N PHE D 521 51.62 30.72 -17.58
CA PHE D 521 50.82 31.38 -16.57
C PHE D 521 49.67 32.17 -17.19
N THR D 522 49.95 32.92 -18.26
CA THR D 522 48.88 33.68 -18.91
C THR D 522 47.82 32.76 -19.49
N LYS D 523 48.21 31.56 -19.93
CA LYS D 523 47.23 30.58 -20.39
C LYS D 523 46.29 30.20 -19.25
N LEU D 524 46.81 30.04 -18.05
CA LEU D 524 45.99 29.67 -16.90
C LEU D 524 44.92 30.73 -16.64
N LYS D 525 45.32 32.01 -16.66
CA LYS D 525 44.37 33.08 -16.36
C LYS D 525 43.28 33.14 -17.43
N ALA D 526 43.65 33.00 -18.71
CA ALA D 526 42.67 33.13 -19.78
C ALA D 526 41.60 32.05 -19.68
N ARG D 527 41.99 30.81 -19.37
CA ARG D 527 41.02 29.73 -19.31
C ARG D 527 39.97 29.99 -18.24
N MET D 528 40.41 30.42 -17.05
CA MET D 528 39.46 30.64 -15.97
C MET D 528 38.49 31.77 -16.29
N VAL D 529 39.00 32.88 -16.81
CA VAL D 529 38.12 33.99 -17.16
C VAL D 529 37.14 33.57 -18.26
N ALA D 530 37.65 32.87 -19.28
CA ALA D 530 36.76 32.34 -20.31
C ALA D 530 35.80 31.32 -19.74
N ARG D 531 36.29 30.47 -18.83
CA ARG D 531 35.43 29.45 -18.23
C ARG D 531 34.26 30.09 -17.50
N LEU D 532 34.52 31.14 -16.71
CA LEU D 532 33.45 31.78 -15.96
C LEU D 532 32.40 32.37 -16.89
N ASP D 533 32.84 33.09 -17.93
CA ASP D 533 31.90 33.71 -18.86
C ASP D 533 31.06 32.65 -19.57
N GLU D 534 31.72 31.58 -20.04
CA GLU D 534 30.98 30.49 -20.68
C GLU D 534 30.08 29.77 -19.69
N LEU D 535 30.56 29.56 -18.46
CA LEU D 535 29.81 28.78 -17.48
C LEU D 535 28.52 29.48 -17.10
N LEU D 536 28.59 30.77 -16.76
CA LEU D 536 27.38 31.48 -16.33
C LEU D 536 26.47 31.80 -17.51
N LYS D 537 27.04 31.94 -18.71
CA LYS D 537 26.22 32.23 -19.88
C LYS D 537 25.26 31.09 -20.17
N THR D 538 25.72 29.85 -20.03
CA THR D 538 24.90 28.67 -20.28
C THR D 538 24.08 28.27 -19.07
N PHE D 539 24.20 28.98 -17.95
CA PHE D 539 23.43 28.65 -16.77
C PHE D 539 21.94 28.70 -17.07
N SER D 540 21.22 27.68 -16.61
CA SER D 540 19.79 27.58 -16.85
C SER D 540 19.09 27.15 -15.57
N VAL D 541 17.86 27.62 -15.40
CA VAL D 541 17.05 27.23 -14.26
C VAL D 541 16.77 25.74 -14.29
N MET D 542 16.81 25.12 -15.46
CA MET D 542 16.57 23.69 -15.60
C MET D 542 17.85 22.87 -15.39
N ASN D 543 18.86 23.44 -14.75
CA ASN D 543 20.05 22.71 -14.36
C ASN D 543 20.33 22.77 -12.87
N ALA D 544 20.07 23.92 -12.24
CA ALA D 544 20.21 24.01 -10.79
C ALA D 544 19.08 23.26 -10.09
N TYR D 545 17.84 23.43 -10.56
CA TYR D 545 16.71 22.72 -9.97
C TYR D 545 16.86 21.21 -10.12
N LYS D 546 17.64 20.75 -11.09
CA LYS D 546 17.93 19.33 -11.20
C LYS D 546 18.66 18.82 -9.98
N ARG D 547 19.64 19.59 -9.49
CA ARG D 547 20.44 19.19 -8.35
C ARG D 547 19.69 19.30 -7.03
N ALA D 548 18.71 20.21 -6.94
CA ALA D 548 17.99 20.39 -5.68
C ALA D 548 17.29 19.10 -5.26
N THR D 549 16.64 18.42 -6.20
CA THR D 549 16.00 17.15 -5.89
C THR D 549 17.02 16.10 -5.47
N GLU D 550 18.17 16.07 -6.15
CA GLU D 550 19.19 15.07 -5.83
C GLU D 550 19.73 15.27 -4.42
N SER D 551 19.93 16.52 -4.00
CA SER D 551 20.54 16.77 -2.70
C SER D 551 19.70 16.21 -1.56
N HIS D 552 18.39 16.11 -1.74
CA HIS D 552 17.48 15.65 -0.69
C HIS D 552 16.81 14.34 -1.11
N PRO D 553 17.32 13.19 -0.66
CA PRO D 553 16.73 11.91 -1.11
C PRO D 553 15.27 11.75 -0.76
N ARG D 554 14.81 12.30 0.37
CA ARG D 554 13.44 12.06 0.81
C ARG D 554 12.45 13.04 0.16
N ASN D 555 12.67 14.33 0.36
CA ASN D 555 11.74 15.33 -0.17
C ASN D 555 11.80 15.34 -1.69
N SER D 556 10.63 15.53 -2.31
CA SER D 556 10.49 15.57 -3.77
C SER D 556 9.87 16.88 -4.24
N THR D 557 10.01 17.93 -3.45
CA THR D 557 9.42 19.23 -3.78
C THR D 557 10.29 20.31 -3.15
N ALA D 558 11.05 21.03 -3.98
CA ALA D 558 11.93 22.06 -3.46
C ALA D 558 11.26 23.43 -3.51
N PRO D 559 11.51 24.30 -2.52
CA PRO D 559 10.95 25.65 -2.58
C PRO D 559 11.56 26.48 -3.70
N PHE D 560 10.82 27.52 -4.10
CA PHE D 560 11.32 28.43 -5.12
C PHE D 560 12.64 29.07 -4.69
N ILE D 561 12.82 29.31 -3.39
CA ILE D 561 14.04 29.95 -2.92
C ILE D 561 15.26 29.04 -3.05
N ALA D 562 15.06 27.73 -3.12
CA ALA D 562 16.18 26.80 -3.20
C ALA D 562 16.94 26.93 -4.52
N VAL D 563 16.36 27.59 -5.53
CA VAL D 563 17.06 27.74 -6.81
C VAL D 563 18.35 28.53 -6.62
N LEU D 564 18.28 29.63 -5.87
CA LEU D 564 19.46 30.46 -5.67
C LEU D 564 20.56 29.70 -4.94
N VAL D 565 20.20 28.97 -3.88
CA VAL D 565 21.21 28.31 -3.06
C VAL D 565 21.98 27.29 -3.89
N GLU D 566 21.27 26.48 -4.67
CA GLU D 566 21.94 25.51 -5.52
C GLU D 566 22.78 26.19 -6.60
N ALA D 567 22.37 27.39 -7.03
CA ALA D 567 23.14 28.09 -8.05
C ALA D 567 24.54 28.44 -7.56
N LEU D 568 24.65 28.89 -6.31
CA LEU D 568 25.96 29.26 -5.77
C LEU D 568 26.89 28.05 -5.77
N TYR D 569 26.42 26.92 -5.24
CA TYR D 569 27.28 25.74 -5.15
C TYR D 569 27.57 25.17 -6.54
N TYR D 570 26.56 25.12 -7.41
CA TYR D 570 26.80 24.63 -8.77
C TYR D 570 27.77 25.53 -9.51
N LEU D 571 27.63 26.85 -9.36
CA LEU D 571 28.50 27.79 -10.02
C LEU D 571 29.86 27.95 -9.31
N ALA D 572 29.97 27.45 -8.08
CA ALA D 572 31.22 27.53 -7.32
C ALA D 572 32.01 26.22 -7.38
N ASN D 573 31.36 25.09 -7.12
CA ASN D 573 32.06 23.82 -7.16
C ASN D 573 32.61 23.54 -8.56
N GLU D 574 31.83 23.83 -9.59
CA GLU D 574 32.32 23.67 -10.95
C GLU D 574 33.52 24.56 -11.21
N LEU D 575 33.46 25.81 -10.73
CA LEU D 575 34.59 26.72 -10.89
C LEU D 575 35.81 26.21 -10.14
N GLU D 576 35.60 25.62 -8.96
CA GLU D 576 36.72 25.12 -8.16
C GLU D 576 37.49 24.04 -8.93
N ASP D 577 36.78 23.12 -9.59
CA ASP D 577 37.45 22.06 -10.31
C ASP D 577 38.36 22.61 -11.41
N ALA D 578 38.04 23.78 -11.95
CA ALA D 578 38.85 24.35 -13.02
C ALA D 578 40.27 24.64 -12.53
N PHE D 579 40.40 25.20 -11.33
CA PHE D 579 41.73 25.47 -10.79
C PHE D 579 42.50 24.18 -10.58
N ILE D 580 41.86 23.17 -9.99
CA ILE D 580 42.57 21.94 -9.66
C ILE D 580 43.09 21.27 -10.92
N GLU D 581 42.24 21.19 -11.96
CA GLU D 581 42.68 20.56 -13.21
C GLU D 581 43.83 21.36 -13.85
N ALA D 582 43.71 22.68 -13.85
CA ALA D 582 44.74 23.50 -14.50
C ALA D 582 45.99 23.59 -13.65
N ILE D 583 45.84 23.63 -12.32
CA ILE D 583 47.00 23.75 -11.44
C ILE D 583 47.92 22.54 -11.62
N HIS D 584 47.34 21.34 -11.71
CA HIS D 584 48.16 20.16 -11.95
C HIS D 584 48.89 20.28 -13.28
N GLU D 585 48.22 20.80 -14.31
CA GLU D 585 48.87 20.99 -15.60
C GLU D 585 50.02 21.98 -15.53
N LEU D 586 50.01 22.89 -14.56
CA LEU D 586 51.04 23.91 -14.45
C LEU D 586 52.26 23.40 -13.69
N VAL D 587 52.05 22.81 -12.51
CA VAL D 587 53.17 22.36 -11.70
C VAL D 587 53.95 21.26 -12.42
N LYS D 588 53.23 20.31 -13.02
CA LYS D 588 53.91 19.20 -13.70
C LYS D 588 54.80 19.70 -14.83
N ASN D 589 54.30 20.65 -15.62
CA ASN D 589 55.08 21.16 -16.74
C ASN D 589 56.32 21.90 -16.26
N PHE D 590 56.21 22.61 -15.15
CA PHE D 590 57.35 23.37 -14.64
C PHE D 590 58.51 22.45 -14.27
N PHE D 591 58.21 21.35 -13.57
CA PHE D 591 59.28 20.48 -13.08
C PHE D 591 60.05 19.85 -14.23
N GLN D 592 59.33 19.39 -15.27
CA GLN D 592 60.03 18.82 -16.42
C GLN D 592 60.90 19.88 -17.10
N ARG D 593 60.41 21.13 -17.15
CA ARG D 593 61.24 22.21 -17.68
C ARG D 593 62.49 22.42 -16.85
N LEU D 594 62.43 22.11 -15.55
CA LEU D 594 63.56 22.31 -14.66
C LEU D 594 64.52 21.12 -14.68
N GLY D 595 64.00 19.91 -14.47
CA GLY D 595 64.85 18.74 -14.49
C GLY D 595 65.53 18.54 -15.84
N ASP D 596 64.80 18.80 -16.93
CA ASP D 596 65.38 18.63 -18.26
C ASP D 596 66.56 19.56 -18.46
N ARG D 597 66.43 20.83 -18.05
CA ARG D 597 67.52 21.79 -18.20
C ARG D 597 68.56 21.67 -17.10
N LEU D 598 68.23 21.01 -15.99
CA LEU D 598 69.18 20.91 -14.88
C LEU D 598 70.32 19.95 -15.19
N ARG D 599 70.05 18.90 -15.98
CA ARG D 599 71.09 17.92 -16.26
C ARG D 599 72.14 18.45 -17.22
N LYS D 600 71.73 19.30 -18.18
CA LYS D 600 72.67 19.79 -19.18
C LYS D 600 73.77 20.64 -18.54
N VAL D 601 73.42 21.49 -17.58
CA VAL D 601 74.38 22.40 -16.99
C VAL D 601 75.45 21.60 -16.23
N ASP D 602 76.66 22.16 -16.18
CA ASP D 602 77.80 21.45 -15.59
C ASP D 602 77.63 21.21 -14.10
N CYS D 603 76.79 22.00 -13.43
CA CYS D 603 76.59 21.82 -11.99
C CYS D 603 76.19 20.38 -11.66
N TYR D 604 75.04 19.96 -12.17
CA TYR D 604 74.56 18.60 -11.96
C TYR D 604 75.35 17.58 -12.77
N HIS D 605 76.07 18.02 -13.81
CA HIS D 605 76.84 17.09 -14.63
C HIS D 605 78.06 16.58 -13.90
N GLN D 606 78.79 17.48 -13.23
CA GLN D 606 80.02 17.11 -12.55
C GLN D 606 79.79 16.19 -11.36
N VAL D 607 78.56 16.07 -10.88
CA VAL D 607 78.29 15.25 -9.70
C VAL D 607 78.60 13.79 -9.99
N TYR D 608 78.20 13.31 -11.17
CA TYR D 608 78.30 11.89 -11.48
C TYR D 608 79.69 11.44 -11.88
N ARG D 609 80.60 12.37 -12.14
CA ARG D 609 81.99 12.01 -12.38
C ARG D 609 82.74 11.67 -11.11
N LEU D 610 82.24 12.13 -9.96
CA LEU D 610 82.91 11.90 -8.68
C LEU D 610 82.04 11.12 -7.71
N VAL D 611 80.78 11.53 -7.51
CA VAL D 611 79.93 10.87 -6.53
C VAL D 611 79.60 9.46 -6.98
N GLY D 612 79.17 9.29 -8.22
CA GLY D 612 78.84 8.00 -8.80
C GLY D 612 77.37 7.83 -9.13
N ASN D 613 76.49 8.57 -8.46
CA ASN D 613 75.05 8.43 -8.67
C ASN D 613 74.37 9.74 -8.30
N ASP D 614 73.04 9.73 -8.36
CA ASP D 614 72.28 10.94 -8.08
C ASP D 614 72.45 11.39 -6.64
N GLY D 615 72.46 10.45 -5.70
CA GLY D 615 72.47 10.82 -4.30
C GLY D 615 71.12 11.28 -3.78
N GLY D 616 70.04 10.96 -4.48
CA GLY D 616 68.71 11.36 -4.07
C GLY D 616 68.21 12.65 -4.70
N ILE D 617 68.98 13.26 -5.60
CA ILE D 617 68.54 14.51 -6.20
C ILE D 617 67.22 14.31 -6.94
N GLU D 618 67.15 13.30 -7.79
CA GLU D 618 65.91 13.00 -8.49
C GLU D 618 64.83 12.55 -7.53
N GLN D 619 65.19 11.74 -6.54
CA GLN D 619 64.21 11.27 -5.57
C GLN D 619 63.60 12.42 -4.79
N LEU D 620 64.45 13.34 -4.31
CA LEU D 620 63.94 14.50 -3.59
C LEU D 620 63.10 15.38 -4.49
N LEU D 621 63.56 15.59 -5.74
CA LEU D 621 62.82 16.43 -6.67
C LEU D 621 61.42 15.89 -6.90
N ARG D 622 61.32 14.58 -7.18
CA ARG D 622 60.01 13.96 -7.35
C ARG D 622 59.21 14.00 -6.06
N ARG D 623 59.87 13.74 -4.92
CA ARG D 623 59.18 13.79 -3.64
C ARG D 623 58.67 15.20 -3.35
N ALA D 624 59.49 16.21 -3.60
CA ALA D 624 59.08 17.58 -3.35
C ALA D 624 57.92 17.98 -4.25
N GLU D 625 57.95 17.56 -5.50
CA GLU D 625 56.88 17.91 -6.44
C GLU D 625 55.53 17.49 -5.90
N GLU D 626 55.45 16.32 -5.28
CA GLU D 626 54.19 15.87 -4.68
C GLU D 626 53.73 16.81 -3.59
N ASP D 627 54.66 17.26 -2.74
CA ASP D 627 54.30 18.18 -1.66
C ASP D 627 53.78 19.50 -2.19
N ILE D 628 54.41 20.03 -3.24
CA ILE D 628 53.99 21.31 -3.79
C ILE D 628 52.57 21.23 -4.31
N THR D 629 52.24 20.14 -5.02
CA THR D 629 50.91 19.99 -5.56
C THR D 629 49.85 19.98 -4.46
N LYS D 630 50.12 19.26 -3.37
CA LYS D 630 49.16 19.20 -2.28
C LYS D 630 48.93 20.57 -1.66
N ALA D 631 50.01 21.34 -1.44
CA ALA D 631 49.88 22.62 -0.78
C ALA D 631 49.03 23.58 -1.61
N LEU D 632 49.31 23.68 -2.91
CA LEU D 632 48.54 24.60 -3.76
C LEU D 632 47.09 24.17 -3.86
N VAL D 633 46.83 22.87 -3.97
CA VAL D 633 45.46 22.38 -4.09
C VAL D 633 44.65 22.77 -2.86
N ASN D 634 45.23 22.58 -1.67
CA ASN D 634 44.53 22.96 -0.44
C ASN D 634 44.29 24.46 -0.40
N GLU D 635 45.31 25.25 -0.75
CA GLU D 635 45.16 26.71 -0.74
C GLU D 635 44.11 27.16 -1.74
N ALA D 636 44.11 26.58 -2.94
CA ALA D 636 43.14 26.96 -3.95
C ALA D 636 41.72 26.64 -3.49
N ARG D 637 41.52 25.46 -2.91
CA ARG D 637 40.19 25.08 -2.44
C ARG D 637 39.70 26.02 -1.34
N THR D 638 40.60 26.43 -0.44
CA THR D 638 40.21 27.30 0.66
C THR D 638 39.64 28.62 0.13
N GLU D 639 40.30 29.21 -0.87
CA GLU D 639 39.76 30.44 -1.47
C GLU D 639 38.45 30.17 -2.18
N CYS D 640 38.35 29.03 -2.86
CA CYS D 640 37.13 28.69 -3.58
C CYS D 640 35.93 28.56 -2.65
N ASP D 641 36.17 28.34 -1.35
CA ASP D 641 35.08 28.21 -0.39
C ASP D 641 34.51 29.56 0.05
N ARG D 642 35.16 30.67 -0.31
CA ARG D 642 34.70 31.98 0.09
C ARG D 642 33.71 32.60 -0.88
N TYR D 643 33.69 32.15 -2.14
CA TYR D 643 32.76 32.70 -3.11
C TYR D 643 31.31 32.39 -2.75
N VAL D 644 31.07 31.25 -2.10
CA VAL D 644 29.71 30.82 -1.84
C VAL D 644 28.97 31.84 -0.98
N ARG D 645 29.63 32.34 0.06
CA ARG D 645 28.99 33.32 0.93
C ARG D 645 28.59 34.55 0.13
N GLU D 646 27.37 35.02 0.35
CA GLU D 646 26.83 36.14 -0.42
C GLU D 646 27.38 37.46 0.10
N SER D 647 27.89 38.28 -0.81
CA SER D 647 28.33 39.63 -0.50
C SER D 647 27.16 40.59 -0.57
N PRO D 648 27.31 41.80 -0.03
CA PRO D 648 26.22 42.77 -0.13
C PRO D 648 25.82 43.06 -1.57
N ARG D 649 26.76 42.98 -2.51
CA ARG D 649 26.42 43.19 -3.91
C ARG D 649 25.47 42.11 -4.42
N PHE D 650 25.45 40.95 -3.78
CA PHE D 650 24.59 39.86 -4.23
C PHE D 650 23.13 40.28 -4.27
N TYR D 651 22.71 41.15 -3.36
CA TYR D 651 21.33 41.65 -3.32
C TYR D 651 21.29 43.08 -3.84
N ASP D 652 20.31 43.36 -4.69
CA ASP D 652 20.12 44.69 -5.25
C ASP D 652 18.67 44.81 -5.69
N GLU D 653 17.96 45.79 -5.14
CA GLU D 653 16.53 45.93 -5.42
C GLU D 653 16.30 46.10 -6.93
N GLY D 654 17.02 47.03 -7.54
CA GLY D 654 16.81 47.28 -8.96
C GLY D 654 17.20 46.11 -9.84
N THR D 655 18.35 45.50 -9.56
CA THR D 655 18.84 44.41 -10.41
C THR D 655 17.89 43.22 -10.38
N PHE D 656 17.39 42.86 -9.20
CA PHE D 656 16.53 41.69 -9.07
C PHE D 656 15.87 41.74 -7.70
N SER D 657 14.61 41.32 -7.65
CA SER D 657 13.83 41.29 -6.42
C SER D 657 13.45 39.86 -6.11
N ILE D 658 13.72 39.43 -4.86
CA ILE D 658 13.34 38.09 -4.43
C ILE D 658 11.84 37.92 -4.32
N TYR D 659 11.09 39.02 -4.25
CA TYR D 659 9.66 38.96 -4.02
C TYR D 659 8.84 38.87 -5.30
N GLN D 660 9.49 38.86 -6.47
CA GLN D 660 8.77 38.64 -7.71
C GLN D 660 8.22 37.22 -7.80
N PHE D 661 8.70 36.30 -6.98
CA PHE D 661 8.14 34.95 -6.95
C PHE D 661 6.68 34.98 -6.56
N ARG D 662 6.30 35.90 -5.68
CA ARG D 662 4.89 36.04 -5.31
C ARG D 662 4.02 36.20 -6.55
N GLN D 663 4.49 36.98 -7.52
CA GLN D 663 3.74 37.12 -8.77
C GLN D 663 3.56 35.78 -9.45
N THR D 664 4.53 34.86 -9.29
CA THR D 664 4.40 33.50 -9.80
C THR D 664 3.70 32.58 -8.83
N LEU D 665 3.45 33.02 -7.60
CA LEU D 665 2.74 32.22 -6.60
C LEU D 665 1.31 32.70 -6.37
N GLN D 666 1.01 33.97 -6.63
CA GLN D 666 -0.32 34.53 -6.41
C GLN D 666 -1.24 34.05 -7.54
N GLN D 667 -1.67 32.80 -7.42
CA GLN D 667 -2.59 32.20 -8.40
C GLN D 667 -2.02 32.25 -9.81
N THR D 668 -0.71 32.05 -9.91
CA THR D 668 -0.02 32.00 -11.20
C THR D 668 0.57 30.63 -11.49
N SER D 669 1.37 30.08 -10.57
CA SER D 669 1.91 28.73 -10.70
C SER D 669 0.89 27.78 -10.10
N GLN D 670 0.04 27.23 -10.96
CA GLN D 670 -1.05 26.37 -10.49
C GLN D 670 -0.51 25.07 -9.93
N GLY D 671 0.20 24.29 -10.75
CA GLY D 671 0.73 23.02 -10.30
C GLY D 671 2.00 23.17 -9.50
N TYR D 672 2.37 22.09 -8.81
CA TYR D 672 3.62 22.03 -8.05
C TYR D 672 4.76 21.67 -9.00
N ASP D 673 5.05 22.60 -9.90
CA ASP D 673 6.11 22.46 -10.89
C ASP D 673 7.01 23.68 -10.83
N ALA D 674 8.01 23.71 -11.69
CA ALA D 674 8.98 24.80 -11.79
C ALA D 674 9.17 25.20 -13.24
N GLN D 675 8.07 25.34 -13.97
CA GLN D 675 8.12 25.74 -15.37
C GLN D 675 7.91 27.23 -15.56
N ALA D 676 6.98 27.84 -14.82
CA ALA D 676 6.74 29.27 -14.97
C ALA D 676 7.95 30.09 -14.51
N ILE D 677 8.74 29.56 -13.57
CA ILE D 677 9.91 30.27 -13.07
C ILE D 677 10.93 30.48 -14.17
N VAL D 678 10.88 29.69 -15.24
CA VAL D 678 11.87 29.81 -16.31
C VAL D 678 11.82 31.20 -16.92
N GLU D 679 10.67 31.87 -16.84
CA GLU D 679 10.55 33.21 -17.41
C GLU D 679 11.53 34.19 -16.76
N ALA D 680 11.92 33.95 -15.51
CA ALA D 680 12.82 34.83 -14.78
C ALA D 680 14.29 34.48 -14.99
N GLU D 681 14.60 33.49 -15.83
CA GLU D 681 15.99 33.11 -16.04
C GLU D 681 16.85 34.27 -16.52
N PRO D 682 16.42 35.12 -17.46
CA PRO D 682 17.31 36.20 -17.90
C PRO D 682 17.74 37.14 -16.78
N ALA D 683 16.84 37.40 -15.82
CA ALA D 683 17.16 38.36 -14.77
C ALA D 683 18.20 37.81 -13.80
N ILE D 684 18.06 36.55 -13.39
CA ILE D 684 18.97 35.98 -12.41
C ILE D 684 20.39 35.90 -12.95
N LYS D 685 20.54 35.65 -14.25
CA LYS D 685 21.87 35.54 -14.83
C LYS D 685 22.67 36.83 -14.63
N GLU D 686 22.02 37.98 -14.84
CA GLU D 686 22.71 39.26 -14.62
C GLU D 686 23.09 39.43 -13.16
N LEU D 687 22.22 39.02 -12.24
CA LEU D 687 22.50 39.19 -10.83
C LEU D 687 23.74 38.41 -10.41
N LEU D 688 23.85 37.16 -10.87
CA LEU D 688 25.02 36.35 -10.53
C LEU D 688 26.29 36.97 -11.10
N LYS D 689 26.21 37.51 -12.31
CA LYS D 689 27.37 38.16 -12.90
C LYS D 689 27.87 39.30 -12.02
N LEU D 690 26.95 40.11 -11.50
CA LEU D 690 27.34 41.23 -10.64
C LEU D 690 28.02 40.74 -9.38
N ASP D 691 27.49 39.67 -8.77
CA ASP D 691 28.04 39.19 -7.50
C ASP D 691 29.42 38.58 -7.69
N PHE D 692 29.57 37.68 -8.67
CA PHE D 692 30.80 36.91 -8.80
C PHE D 692 31.89 37.65 -9.56
N GLU D 693 31.52 38.47 -10.53
CA GLU D 693 32.53 39.12 -11.37
C GLU D 693 33.58 39.87 -10.56
N PRO D 694 33.23 40.66 -9.54
CA PRO D 694 34.28 41.32 -8.76
C PRO D 694 35.11 40.35 -7.94
N LYS D 695 34.48 39.34 -7.34
CA LYS D 695 35.20 38.42 -6.47
C LYS D 695 36.20 37.59 -7.26
N VAL D 696 35.76 36.99 -8.37
CA VAL D 696 36.66 36.12 -9.14
C VAL D 696 37.81 36.93 -9.72
N PHE D 697 37.52 38.11 -10.27
CA PHE D 697 38.59 38.95 -10.81
C PHE D 697 39.58 39.36 -9.72
N ASN D 698 39.07 39.61 -8.50
CA ASN D 698 39.95 40.01 -7.41
C ASN D 698 40.95 38.91 -7.07
N THR D 699 40.49 37.67 -7.07
CA THR D 699 41.36 36.56 -6.63
C THR D 699 42.44 36.27 -7.66
N VAL D 700 42.03 35.95 -8.89
CA VAL D 700 42.99 35.53 -9.90
C VAL D 700 43.98 36.63 -10.20
N ARG D 701 43.49 37.87 -10.32
CA ARG D 701 44.36 38.97 -10.75
C ARG D 701 45.35 39.35 -9.66
N LYS D 702 44.90 39.42 -8.40
CA LYS D 702 45.74 39.88 -7.29
C LYS D 702 46.28 38.72 -6.45
N ASN D 703 45.38 37.91 -5.88
CA ASN D 703 45.78 37.00 -4.81
C ASN D 703 46.51 35.77 -5.33
N PHE D 704 46.07 35.22 -6.47
CA PHE D 704 46.60 33.93 -6.91
C PHE D 704 48.09 34.02 -7.21
N ARG D 705 48.53 35.13 -7.82
CA ARG D 705 49.93 35.23 -8.22
C ARG D 705 50.87 35.15 -7.03
N GLN D 706 50.52 35.82 -5.93
CA GLN D 706 51.41 35.85 -4.78
C GLN D 706 51.61 34.46 -4.18
N THR D 707 50.53 33.69 -4.07
CA THR D 707 50.62 32.39 -3.41
C THR D 707 51.56 31.45 -4.15
N VAL D 708 51.48 31.42 -5.48
CA VAL D 708 52.31 30.49 -6.25
C VAL D 708 53.79 30.84 -6.08
N ASN D 709 54.14 32.12 -6.17
CA ASN D 709 55.54 32.52 -6.09
C ASN D 709 56.13 32.18 -4.73
N ASN D 710 55.44 32.57 -3.65
CA ASN D 710 55.95 32.30 -2.32
C ASN D 710 55.99 30.80 -2.03
N THR D 711 54.96 30.08 -2.45
CA THR D 711 54.89 28.65 -2.15
C THR D 711 56.06 27.89 -2.77
N LEU D 712 56.39 28.21 -4.02
CA LEU D 712 57.49 27.52 -4.69
C LEU D 712 58.81 27.78 -3.99
N LYS D 713 59.07 29.05 -3.61
CA LYS D 713 60.34 29.40 -3.01
C LYS D 713 60.45 28.89 -1.58
N THR D 714 59.36 28.97 -0.82
CA THR D 714 59.40 28.58 0.58
C THR D 714 59.67 27.09 0.76
N HIS D 715 59.37 26.26 -0.22
CA HIS D 715 59.57 24.82 -0.14
C HIS D 715 60.78 24.34 -0.92
N LEU D 716 61.07 24.94 -2.07
CA LEU D 716 62.16 24.47 -2.91
C LEU D 716 63.52 24.72 -2.25
N LEU D 717 63.74 25.93 -1.75
CA LEU D 717 65.03 26.27 -1.16
C LEU D 717 65.40 25.38 0.02
N PRO D 718 64.54 25.21 1.03
CA PRO D 718 64.93 24.31 2.14
C PRO D 718 65.25 22.90 1.67
N MET D 719 64.52 22.40 0.67
CA MET D 719 64.87 21.11 0.10
C MET D 719 66.25 21.14 -0.53
N ALA D 720 66.56 22.20 -1.28
CA ALA D 720 67.87 22.31 -1.90
C ALA D 720 68.97 22.39 -0.85
N GLU D 721 68.74 23.17 0.21
CA GLU D 721 69.73 23.24 1.28
C GLU D 721 69.95 21.88 1.92
N GLU D 722 68.86 21.13 2.16
CA GLU D 722 69.00 19.78 2.67
C GLU D 722 69.78 18.90 1.70
N GLN D 723 69.66 19.16 0.39
CA GLN D 723 70.42 18.39 -0.58
C GLN D 723 71.92 18.57 -0.38
N ALA D 724 72.33 19.75 0.05
CA ALA D 724 73.75 19.99 0.30
C ALA D 724 74.25 19.22 1.52
N GLN D 725 73.37 18.87 2.45
CA GLN D 725 73.75 18.12 3.63
C GLN D 725 73.78 16.63 3.42
N ILE D 726 73.35 16.14 2.25
CA ILE D 726 73.31 14.72 1.95
C ILE D 726 74.29 14.42 0.83
N ILE D 727 74.53 15.40 -0.04
CA ILE D 727 75.50 15.20 -1.12
C ILE D 727 76.89 14.99 -0.54
N LEU D 728 77.28 15.83 0.43
CA LEU D 728 78.55 15.66 1.11
C LEU D 728 78.49 14.60 2.20
N GLU D 729 77.29 14.16 2.58
CA GLU D 729 77.17 13.13 3.60
C GLU D 729 77.82 11.82 3.18
N GLN D 730 77.85 11.55 1.88
CA GLN D 730 78.39 10.29 1.34
C GLN D 730 79.78 10.48 0.76
N TYR D 731 80.60 11.31 1.40
CA TYR D 731 81.98 11.46 0.99
C TYR D 731 82.75 10.15 1.15
N ASP D 732 82.35 9.30 2.08
CA ASP D 732 83.08 8.07 2.35
C ASP D 732 82.99 7.10 1.17
N VAL D 733 81.79 6.85 0.67
CA VAL D 733 81.61 5.86 -0.39
C VAL D 733 82.36 6.29 -1.65
N ALA D 734 82.29 7.57 -1.99
CA ALA D 734 82.97 8.05 -3.20
C ALA D 734 84.47 7.80 -3.12
N ARG D 735 85.04 7.83 -1.91
CA ARG D 735 86.47 7.58 -1.77
C ARG D 735 86.82 6.16 -2.21
N LYS D 736 86.02 5.17 -1.81
CA LYS D 736 86.28 3.79 -2.22
C LYS D 736 86.17 3.65 -3.73
N TYR D 737 85.16 4.26 -4.33
CA TYR D 737 85.03 4.22 -5.79
C TYR D 737 86.24 4.87 -6.46
N ARG D 738 86.68 6.02 -5.93
CA ARG D 738 87.84 6.71 -6.50
C ARG D 738 89.14 5.99 -6.20
N GLU D 739 89.18 5.17 -5.14
CA GLU D 739 90.41 4.50 -4.75
C GLU D 739 90.96 3.64 -5.88
N GLN D 740 90.10 3.19 -6.80
CA GLN D 740 90.56 2.32 -7.88
C GLN D 740 91.56 3.04 -8.78
N THR D 741 91.31 4.31 -9.08
CA THR D 741 92.09 5.05 -10.07
C THR D 741 93.17 5.95 -9.46
N LEU D 742 93.11 6.21 -8.15
CA LEU D 742 94.06 7.15 -7.55
C LEU D 742 95.49 6.66 -7.60
N GLU D 743 95.72 5.34 -7.65
CA GLU D 743 97.08 4.83 -7.67
C GLU D 743 97.82 5.27 -8.93
N GLN D 744 97.17 5.20 -10.08
CA GLN D 744 97.83 5.54 -11.33
C GLN D 744 98.22 7.02 -11.37
N ASP D 745 97.32 7.89 -10.90
CA ASP D 745 97.60 9.32 -10.94
C ASP D 745 98.80 9.67 -10.07
N ALA D 746 98.89 9.10 -8.88
CA ALA D 746 99.99 9.42 -7.98
C ALA D 746 101.33 9.04 -8.57
N GLU D 747 101.46 7.79 -9.02
CA GLU D 747 102.73 7.35 -9.60
C GLU D 747 103.01 8.09 -10.91
N GLU D 748 101.99 8.30 -11.73
CA GLU D 748 102.20 9.00 -13.01
C GLU D 748 102.63 10.44 -12.78
N LYS D 749 102.01 11.13 -11.83
CA LYS D 749 102.33 12.53 -11.61
C LYS D 749 103.77 12.72 -11.15
N ILE D 750 104.21 11.90 -10.19
CA ILE D 750 105.57 12.03 -9.70
C ILE D 750 106.57 11.68 -10.79
N ALA D 751 106.24 10.71 -11.64
CA ALA D 751 107.13 10.38 -12.75
C ALA D 751 107.33 11.58 -13.66
N ARG D 752 106.25 12.30 -13.97
CA ARG D 752 106.39 13.55 -14.71
C ARG D 752 107.20 14.57 -13.94
N ASN D 753 106.96 14.69 -12.63
CA ASN D 753 107.72 15.63 -11.82
C ASN D 753 109.19 15.24 -11.80
N SER D 754 109.49 13.95 -11.64
CA SER D 754 110.88 13.51 -11.64
C SER D 754 111.53 13.73 -12.99
N ARG D 755 110.80 13.44 -14.08
CA ARG D 755 111.38 13.58 -15.41
C ARG D 755 111.82 15.02 -15.67
N LEU D 756 110.96 15.98 -15.34
CA LEU D 756 111.32 17.38 -15.53
C LEU D 756 112.35 17.83 -14.51
N GLN D 757 112.23 17.36 -13.27
CA GLN D 757 113.21 17.71 -12.25
C GLN D 757 114.59 17.18 -12.62
N SER D 758 114.65 15.95 -13.14
CA SER D 758 115.91 15.40 -13.61
C SER D 758 116.37 16.06 -14.90
N GLU D 759 115.44 16.41 -15.78
CA GLU D 759 115.80 17.04 -17.04
C GLU D 759 116.50 18.37 -16.82
N ILE D 760 115.95 19.20 -15.92
CA ILE D 760 116.58 20.47 -15.63
C ILE D 760 117.93 20.27 -14.95
N LYS D 761 118.03 19.24 -14.10
CA LYS D 761 119.30 18.94 -13.45
C LYS D 761 120.41 18.69 -14.47
N GLN D 762 120.06 18.13 -15.63
CA GLN D 762 121.06 17.90 -16.66
C GLN D 762 121.57 19.21 -17.25
N LYS D 763 120.68 20.19 -17.45
CA LYS D 763 121.08 21.43 -18.10
C LYS D 763 122.10 22.19 -17.26
N ILE D 764 121.88 22.28 -15.95
CA ILE D 764 122.78 23.07 -15.10
C ILE D 764 124.17 22.47 -15.09
N ASP D 765 124.27 21.13 -15.16
CA ASP D 765 125.59 20.50 -15.21
C ASP D 765 126.36 20.97 -16.44
N LEU D 766 125.69 21.03 -17.60
CA LEU D 766 126.33 21.56 -18.79
C LEU D 766 126.72 23.02 -18.60
N TYR D 767 125.83 23.81 -17.99
CA TYR D 767 126.15 25.21 -17.73
C TYR D 767 127.33 25.35 -16.78
N GLN D 768 127.37 24.53 -15.73
CA GLN D 768 128.44 24.65 -14.74
C GLN D 768 129.80 24.39 -15.35
N THR D 769 129.90 23.36 -16.21
CA THR D 769 131.19 23.02 -16.79
C THR D 769 131.73 24.15 -17.66
N SER D 770 130.88 24.75 -18.49
CA SER D 770 131.34 25.78 -19.42
C SER D 770 131.85 27.01 -18.67
N ILE D 771 131.12 27.44 -17.65
CA ILE D 771 131.49 28.67 -16.94
C ILE D 771 132.80 28.49 -16.20
N VAL D 772 133.03 27.31 -15.63
CA VAL D 772 134.27 27.06 -14.90
C VAL D 772 135.46 27.23 -15.84
N SER D 773 135.36 26.68 -17.06
CA SER D 773 136.44 26.83 -18.02
C SER D 773 136.62 28.29 -18.41
N ILE D 774 135.52 29.04 -18.55
CA ILE D 774 135.61 30.44 -18.95
C ILE D 774 136.40 31.23 -17.91
N ASN D 775 136.06 31.05 -16.64
CA ASN D 775 136.80 31.75 -15.58
C ASN D 775 138.24 31.28 -15.50
N GLU D 776 138.49 29.99 -15.73
CA GLU D 776 139.85 29.47 -15.67
C GLU D 776 140.74 30.14 -16.70
N CYS D 777 140.25 30.29 -17.92
CA CYS D 777 141.05 30.93 -18.97
C CYS D 777 141.23 32.41 -18.69
N LEU D 778 140.13 33.10 -18.36
CA LEU D 778 140.21 34.53 -18.06
C LEU D 778 140.99 34.82 -16.79
N LYS D 779 141.11 33.84 -15.90
CA LYS D 779 141.89 34.02 -14.67
C LYS D 779 143.34 34.37 -14.96
N ALA D 780 143.84 34.01 -16.14
CA ALA D 780 145.25 34.25 -16.46
C ALA D 780 145.59 35.72 -16.58
N MET D 781 144.60 36.59 -16.80
CA MET D 781 144.86 38.02 -17.00
C MET D 781 143.98 38.94 -16.16
N GLN D 782 142.81 38.50 -15.73
CA GLN D 782 141.89 39.39 -15.02
C GLN D 782 141.16 38.60 -13.94
N ILE D 783 140.65 39.33 -12.95
CA ILE D 783 140.00 38.75 -11.79
C ILE D 783 138.48 38.93 -11.87
N PHE D 784 137.96 39.28 -13.03
CA PHE D 784 136.51 39.47 -13.22
C PHE D 784 135.90 38.11 -13.54
N GLU D 785 135.38 37.45 -12.52
CA GLU D 785 134.87 36.09 -12.64
C GLU D 785 133.35 36.06 -12.46
N GLN D 786 132.73 35.06 -13.06
CA GLN D 786 131.29 34.89 -13.01
C GLN D 786 130.93 34.02 -11.80
N LEU D 787 129.63 33.59 -11.70
CA LEU D 787 129.16 32.88 -10.54
C LEU D 787 129.16 31.36 -10.78
N PRO D 788 129.49 30.57 -9.75
CA PRO D 788 129.28 29.12 -9.86
C PRO D 788 127.90 28.72 -9.37
N VAL D 789 127.56 27.44 -9.50
CA VAL D 789 126.30 26.89 -9.01
C VAL D 789 126.64 25.64 -8.21
N ILE D 790 126.40 25.66 -6.90
CA ILE D 790 126.76 24.56 -6.02
C ILE D 790 125.91 24.65 -4.76
N THR D 791 125.75 23.52 -4.09
CA THR D 791 124.97 23.40 -2.86
C THR D 791 123.65 24.16 -2.96
N GLU D 792 122.95 23.95 -4.07
CA GLU D 792 121.63 24.57 -4.25
C GLU D 792 120.67 24.15 -3.15
N SER D 793 120.77 22.91 -2.68
CA SER D 793 119.91 22.40 -1.61
C SER D 793 118.44 22.53 -2.01
N SER E 2 24.75 -20.48 40.13
CA SER E 2 24.28 -21.67 39.34
C SER E 2 25.19 -21.91 38.15
N LYS E 3 25.74 -20.83 37.59
CA LYS E 3 26.64 -20.90 36.45
C LYS E 3 28.11 -20.93 36.86
N ILE E 4 28.39 -21.03 38.16
CA ILE E 4 29.79 -21.09 38.60
C ILE E 4 30.49 -22.23 37.88
N ALA E 5 31.68 -21.94 37.37
CA ALA E 5 32.43 -22.90 36.56
C ALA E 5 33.85 -23.00 37.10
N PRO E 6 34.53 -24.14 36.85
CA PRO E 6 35.90 -24.27 37.33
C PRO E 6 36.84 -23.22 36.76
N GLN E 7 36.58 -22.75 35.54
CA GLN E 7 37.45 -21.72 34.95
C GLN E 7 37.31 -20.40 35.69
N CYS E 8 36.14 -20.13 36.28
CA CYS E 8 35.92 -18.86 36.98
C CYS E 8 36.70 -18.76 38.29
N GLN E 9 37.19 -19.88 38.82
CA GLN E 9 37.92 -19.82 40.09
C GLN E 9 39.18 -18.99 39.96
N ASN E 10 39.91 -19.15 38.85
CA ASN E 10 41.15 -18.42 38.61
C ASN E 10 40.96 -17.22 37.69
N LEU E 11 39.75 -16.99 37.18
CA LEU E 11 39.53 -15.90 36.24
C LEU E 11 39.85 -14.55 36.87
N ARG E 12 39.37 -14.31 38.09
CA ARG E 12 39.57 -13.01 38.72
C ARG E 12 41.05 -12.75 39.01
N GLU E 13 41.78 -13.78 39.43
CA GLU E 13 43.20 -13.62 39.67
C GLU E 13 43.95 -13.20 38.41
N GLN E 14 43.43 -13.57 37.23
CA GLN E 14 44.11 -13.21 35.99
C GLN E 14 44.03 -11.72 35.73
N VAL E 15 42.84 -11.12 35.86
CA VAL E 15 42.69 -9.70 35.60
C VAL E 15 43.52 -8.88 36.59
N ASN E 16 43.72 -9.42 37.80
CA ASN E 16 44.62 -8.75 38.74
C ASN E 16 46.00 -8.57 38.12
N GLN E 17 46.45 -9.55 37.35
CA GLN E 17 47.71 -9.39 36.62
C GLN E 17 47.60 -8.28 35.58
N LEU E 18 46.46 -8.21 34.88
CA LEU E 18 46.28 -7.15 33.89
C LEU E 18 46.38 -5.77 34.52
N ILE E 19 45.76 -5.59 35.69
CA ILE E 19 45.90 -4.33 36.41
C ILE E 19 47.36 -4.08 36.76
N GLU E 20 48.09 -5.13 37.12
CA GLU E 20 49.50 -4.98 37.45
C GLU E 20 50.30 -4.49 36.25
N LEU E 21 50.06 -5.07 35.07
CA LEU E 21 50.77 -4.63 33.88
C LEU E 21 50.46 -3.18 33.56
N LEU E 22 49.20 -2.78 33.67
CA LEU E 22 48.82 -1.40 33.37
C LEU E 22 49.53 -0.43 34.30
N ARG E 23 49.63 -0.76 35.59
CA ARG E 23 50.25 0.14 36.55
C ARG E 23 51.75 0.26 36.33
N GLN E 24 52.40 -0.80 35.86
CA GLN E 24 53.85 -0.76 35.67
C GLN E 24 54.26 0.29 34.65
N GLU E 25 53.54 0.37 33.55
CA GLU E 25 53.89 1.33 32.50
C GLU E 25 53.63 2.75 32.99
N PRO E 26 54.62 3.65 32.97
CA PRO E 26 54.39 5.00 33.52
C PRO E 26 53.33 5.78 32.77
N THR E 27 53.51 5.94 31.47
CA THR E 27 52.61 6.79 30.68
C THR E 27 51.20 6.22 30.60
N LEU E 28 51.01 4.92 30.84
CA LEU E 28 49.68 4.34 30.77
C LEU E 28 48.83 4.76 31.97
N ARG E 29 49.46 4.98 33.12
CA ARG E 29 48.69 5.35 34.31
C ARG E 29 47.99 6.69 34.16
N SER E 30 48.39 7.50 33.18
CA SER E 30 47.85 8.85 33.07
C SER E 30 46.40 8.84 32.58
N GLN E 31 46.10 8.05 31.56
CA GLN E 31 44.82 8.09 30.87
C GLN E 31 44.13 6.73 30.88
N GLN E 32 44.14 6.05 32.03
CA GLN E 32 43.48 4.77 32.19
C GLN E 32 42.92 4.69 33.61
N ASP E 33 41.60 4.81 33.73
CA ASP E 33 40.93 4.77 35.03
C ASP E 33 40.29 3.40 35.21
N THR E 34 40.60 2.76 36.33
CA THR E 34 40.05 1.45 36.66
C THR E 34 38.72 1.54 37.40
N SER E 35 38.12 2.73 37.48
CA SER E 35 36.86 2.88 38.20
C SER E 35 35.76 2.02 37.62
N ILE E 36 35.83 1.68 36.34
CA ILE E 36 34.80 0.84 35.72
C ILE E 36 34.92 -0.59 36.22
N VAL E 37 36.11 -1.19 36.06
CA VAL E 37 36.35 -2.52 36.61
C VAL E 37 36.31 -2.51 38.13
N GLU E 38 36.47 -1.33 38.74
CA GLU E 38 36.46 -1.24 40.20
C GLU E 38 35.14 -1.70 40.80
N THR E 39 34.07 -1.72 40.01
CA THR E 39 32.74 -2.11 40.50
C THR E 39 32.07 -3.09 39.54
N ALA E 40 32.86 -3.90 38.83
CA ALA E 40 32.33 -4.81 37.83
C ALA E 40 32.57 -6.27 38.18
N LEU E 41 33.82 -6.66 38.43
CA LEU E 41 34.14 -8.08 38.59
C LEU E 41 33.37 -8.68 39.78
N GLY E 42 33.63 -8.17 40.99
CA GLY E 42 32.97 -8.71 42.15
C GLY E 42 31.46 -8.58 42.09
N LYS E 43 30.96 -7.57 41.37
CA LYS E 43 29.53 -7.50 41.13
C LYS E 43 29.05 -8.67 40.28
N ALA E 44 29.95 -9.26 39.50
CA ALA E 44 29.64 -10.44 38.69
C ALA E 44 29.94 -11.73 39.45
N LEU E 45 31.19 -11.94 39.83
CA LEU E 45 31.55 -13.09 40.65
C LEU E 45 31.06 -12.87 42.07
N SER E 46 30.40 -13.88 42.64
CA SER E 46 29.65 -13.67 43.87
C SER E 46 28.63 -12.58 43.58
N PRO E 47 27.75 -12.79 42.60
CA PRO E 47 26.92 -11.69 42.11
C PRO E 47 25.98 -11.14 43.17
N ARG E 48 25.68 -9.85 43.05
CA ARG E 48 24.74 -9.16 43.91
C ARG E 48 23.57 -8.69 43.06
N PHE E 49 22.40 -9.29 43.26
CA PHE E 49 21.19 -8.92 42.57
C PHE E 49 20.19 -8.32 43.55
N GLU E 50 19.46 -7.31 43.08
CA GLU E 50 18.52 -6.58 43.92
C GLU E 50 17.14 -6.61 43.28
N ILE E 51 16.14 -6.95 44.08
CA ILE E 51 14.75 -6.98 43.65
C ILE E 51 13.98 -5.96 44.48
N VAL E 52 13.26 -5.07 43.80
CA VAL E 52 12.56 -3.97 44.45
C VAL E 52 11.06 -4.25 44.38
N PHE E 53 10.41 -4.23 45.55
CA PHE E 53 8.96 -4.39 45.65
C PHE E 53 8.37 -3.04 46.03
N ALA E 54 7.73 -2.39 45.06
CA ALA E 54 7.12 -1.07 45.27
C ALA E 54 5.61 -1.23 45.37
N GLY E 55 5.04 -0.69 46.44
CA GLY E 55 3.60 -0.77 46.65
C GLY E 55 3.12 0.39 47.49
N ALA E 56 1.85 0.73 47.30
CA ALA E 56 1.24 1.81 48.05
C ALA E 56 1.13 1.44 49.53
N PHE E 57 1.12 2.47 50.36
CA PHE E 57 1.06 2.27 51.80
C PHE E 57 -0.23 1.57 52.18
N SER E 58 -0.12 0.55 53.05
CA SER E 58 -1.26 -0.23 53.52
C SER E 58 -1.96 -0.97 52.38
N ALA E 59 -1.26 -1.19 51.27
CA ALA E 59 -1.82 -1.90 50.12
C ALA E 59 -1.47 -3.39 50.14
N GLY E 60 -0.90 -3.88 51.24
CA GLY E 60 -0.48 -5.27 51.32
C GLY E 60 0.99 -5.50 51.03
N LYS E 61 1.79 -4.44 50.91
CA LYS E 61 3.21 -4.62 50.62
C LYS E 61 3.88 -5.46 51.71
N SER E 62 3.59 -5.16 52.98
CA SER E 62 4.12 -5.98 54.06
C SER E 62 3.55 -7.39 54.00
N MET E 63 2.25 -7.51 53.73
CA MET E 63 1.61 -8.82 53.67
C MET E 63 2.15 -9.64 52.50
N LEU E 64 2.33 -9.01 51.35
CA LEU E 64 2.81 -9.73 50.18
C LEU E 64 4.23 -10.27 50.40
N ILE E 65 5.09 -9.46 51.02
CA ILE E 65 6.46 -9.89 51.27
C ILE E 65 6.48 -11.14 52.14
N ASN E 66 5.67 -11.15 53.21
CA ASN E 66 5.53 -12.35 54.01
C ASN E 66 4.93 -13.49 53.19
N ALA E 67 3.93 -13.17 52.36
CA ALA E 67 3.34 -14.19 51.50
C ALA E 67 4.37 -14.75 50.52
N LEU E 68 5.18 -13.88 49.93
CA LEU E 68 6.16 -14.34 48.94
C LEU E 68 7.18 -15.27 49.56
N LEU E 69 7.68 -14.93 50.75
CA LEU E 69 8.68 -15.75 51.42
C LEU E 69 8.08 -16.94 52.18
N GLU E 70 6.76 -16.96 52.37
CA GLU E 70 6.09 -17.99 53.14
C GLU E 70 6.50 -17.97 54.62
N ARG E 71 7.09 -16.87 55.06
CA ARG E 71 7.48 -16.69 56.44
C ARG E 71 7.01 -15.32 56.92
N GLU E 72 6.68 -15.24 58.21
CA GLU E 72 6.18 -14.00 58.80
C GLU E 72 7.34 -13.23 59.45
N LEU E 73 8.25 -12.78 58.59
CA LEU E 73 9.36 -11.95 59.05
C LEU E 73 8.89 -10.51 59.27
N LEU E 74 8.40 -9.88 58.22
CA LEU E 74 7.80 -8.56 58.36
C LEU E 74 6.51 -8.65 59.15
N TYR E 75 6.34 -7.73 60.11
CA TYR E 75 5.12 -7.67 60.88
C TYR E 75 4.02 -7.08 60.02
N SER E 76 2.97 -7.87 59.77
CA SER E 76 1.93 -7.52 58.82
C SER E 76 0.83 -6.65 59.44
N ALA E 77 1.12 -5.99 60.55
CA ALA E 77 0.17 -5.07 61.17
C ALA E 77 0.03 -3.85 60.26
N GLU E 78 -1.08 -3.78 59.54
CA GLU E 78 -1.26 -2.74 58.54
C GLU E 78 -1.14 -1.36 59.19
N GLY E 79 -0.36 -0.48 58.55
CA GLY E 79 -0.16 0.86 59.03
C GLY E 79 1.03 1.04 59.96
N HIS E 80 1.68 -0.06 60.35
CA HIS E 80 2.81 -0.01 61.27
C HIS E 80 4.15 -0.20 60.59
N ALA E 81 4.15 -0.51 59.29
CA ALA E 81 5.38 -0.80 58.54
C ALA E 81 5.99 0.44 57.91
N THR E 82 5.71 1.63 58.47
CA THR E 82 6.24 2.86 57.90
C THR E 82 7.77 2.84 57.93
N GLY E 83 8.38 3.14 56.79
CA GLY E 83 9.83 3.23 56.70
C GLY E 83 10.55 1.96 57.11
N THR E 84 10.05 0.81 56.68
CA THR E 84 10.65 -0.49 56.99
C THR E 84 11.19 -1.10 55.72
N GLU E 85 12.49 -1.43 55.72
CA GLU E 85 13.13 -2.11 54.60
C GLU E 85 13.91 -3.30 55.14
N CYS E 86 13.70 -4.46 54.53
CA CYS E 86 14.37 -5.69 54.93
C CYS E 86 15.06 -6.29 53.72
N HIS E 87 16.34 -6.64 53.90
CA HIS E 87 17.13 -7.30 52.87
C HIS E 87 17.38 -8.73 53.31
N ILE E 88 16.96 -9.68 52.49
CA ILE E 88 17.09 -11.10 52.80
C ILE E 88 18.00 -11.72 51.74
N GLU E 89 19.05 -12.40 52.19
CA GLU E 89 20.02 -13.01 51.29
C GLU E 89 20.39 -14.39 51.82
N TYR E 90 20.98 -15.19 50.94
CA TYR E 90 21.33 -16.56 51.28
C TYR E 90 22.40 -16.57 52.38
N ALA E 91 22.27 -17.54 53.28
CA ALA E 91 23.22 -17.72 54.37
C ALA E 91 22.96 -19.07 55.00
N ASN E 92 23.92 -19.54 55.79
CA ASN E 92 23.75 -20.81 56.49
C ASN E 92 22.64 -20.69 57.53
N ALA E 93 22.02 -21.83 57.84
CA ALA E 93 20.92 -21.84 58.80
C ALA E 93 21.33 -21.30 60.16
N ASN E 94 22.61 -21.38 60.50
CA ASN E 94 23.11 -20.90 61.78
C ASN E 94 23.62 -19.46 61.71
N GLU E 95 23.50 -18.80 60.55
CA GLU E 95 24.03 -17.46 60.37
C GLU E 95 22.92 -16.41 60.23
N GLU E 96 21.72 -16.73 60.67
CA GLU E 96 20.63 -15.76 60.62
C GLU E 96 20.94 -14.57 61.52
N ARG E 97 20.78 -13.36 60.98
CA ARG E 97 21.16 -12.15 61.69
C ARG E 97 20.26 -11.01 61.23
N VAL E 98 20.21 -9.96 62.06
CA VAL E 98 19.39 -8.80 61.77
C VAL E 98 19.99 -7.59 62.48
N VAL E 99 19.76 -6.41 61.92
CA VAL E 99 20.20 -5.14 62.49
C VAL E 99 18.98 -4.26 62.70
N LEU E 100 19.04 -3.43 63.73
CA LEU E 100 17.91 -2.59 64.12
C LEU E 100 18.31 -1.12 64.07
N THR E 101 17.38 -0.29 63.60
CA THR E 101 17.54 1.15 63.58
C THR E 101 16.25 1.79 64.07
N PHE E 102 16.36 3.00 64.62
CA PHE E 102 15.25 3.68 65.26
C PHE E 102 15.13 5.11 64.78
N LEU E 103 13.91 5.64 64.86
CA LEU E 103 13.65 7.02 64.51
C LEU E 103 14.18 7.97 65.58
N SER E 104 14.50 9.18 65.15
CA SER E 104 15.00 10.20 66.07
C SER E 104 13.84 10.88 66.80
N GLU E 105 14.18 11.57 67.88
CA GLU E 105 13.15 12.26 68.67
C GLU E 105 12.44 13.31 67.83
N ALA E 106 13.20 14.07 67.02
CA ALA E 106 12.57 15.08 66.17
C ALA E 106 11.62 14.44 65.17
N GLU E 107 11.80 13.15 64.87
CA GLU E 107 10.89 12.46 63.96
C GLU E 107 9.68 11.91 64.69
N ILE E 108 9.86 11.43 65.92
CA ILE E 108 8.73 10.92 66.69
C ILE E 108 7.73 12.03 66.94
N ARG E 109 8.21 13.20 67.36
CA ARG E 109 7.32 14.35 67.51
C ARG E 109 6.71 14.75 66.18
N GLN E 110 7.51 14.73 65.10
CA GLN E 110 6.97 15.05 63.79
C GLN E 110 5.89 14.06 63.39
N GLN E 111 6.15 12.77 63.59
CA GLN E 111 5.12 11.76 63.33
C GLN E 111 3.97 11.89 64.31
N ALA E 112 4.28 12.07 65.60
CA ALA E 112 3.23 12.18 66.60
C ALA E 112 2.33 13.37 66.33
N LEU E 113 2.92 14.51 65.97
CA LEU E 113 2.12 15.67 65.60
C LEU E 113 1.25 15.37 64.39
N ILE E 114 1.82 14.69 63.38
CA ILE E 114 1.04 14.32 62.21
C ILE E 114 -0.08 13.37 62.61
N LEU E 115 0.23 12.37 63.45
CA LEU E 115 -0.81 11.48 63.93
C LEU E 115 -1.85 12.24 64.75
N ALA E 116 -1.41 13.14 65.62
CA ALA E 116 -2.35 13.91 66.43
C ALA E 116 -3.06 14.96 65.61
N LYS E 117 -2.41 15.47 64.56
CA LYS E 117 -3.02 16.51 63.74
C LYS E 117 -4.32 16.02 63.11
N TYR E 118 -4.30 14.81 62.55
CA TYR E 118 -5.50 14.24 61.95
C TYR E 118 -6.50 13.75 63.00
N LEU E 119 -6.08 13.65 64.26
CA LEU E 119 -6.93 13.19 65.34
C LEU E 119 -7.71 14.29 66.04
N ASN E 120 -7.44 15.56 65.69
CA ASN E 120 -8.01 16.69 66.42
C ASN E 120 -7.58 16.70 67.88
N VAL E 121 -6.49 15.97 68.19
CA VAL E 121 -5.95 15.90 69.53
C VAL E 121 -4.61 16.64 69.56
N ASN E 122 -4.40 17.52 68.58
CA ASN E 122 -3.20 18.33 68.52
C ASN E 122 -3.22 19.49 69.51
N VAL E 123 -4.25 19.57 70.35
CA VAL E 123 -4.35 20.58 71.39
C VAL E 123 -4.04 19.93 72.72
N GLY E 124 -3.60 20.75 73.67
CA GLY E 124 -3.18 20.23 74.96
C GLY E 124 -1.99 19.30 74.87
N ASP E 125 -1.06 19.57 73.95
CA ASP E 125 0.11 18.72 73.76
C ASP E 125 1.27 19.62 73.35
N LEU E 126 2.11 19.98 74.32
CA LEU E 126 3.22 20.90 74.07
C LEU E 126 4.49 20.17 73.66
N ASN E 127 4.69 18.94 74.11
CA ASN E 127 5.88 18.18 73.75
C ASN E 127 5.70 16.74 74.20
N ILE E 128 6.19 15.80 73.38
CA ILE E 128 6.13 14.39 73.74
C ILE E 128 7.19 14.00 74.75
N ASN E 129 8.09 14.91 75.11
CA ASN E 129 9.08 14.62 76.15
C ASN E 129 8.46 14.68 77.54
N GLN E 130 7.50 15.59 77.76
CA GLN E 130 6.88 15.73 79.07
C GLN E 130 5.86 14.62 79.28
N PRO E 131 5.99 13.81 80.33
CA PRO E 131 4.97 12.76 80.56
C PRO E 131 3.56 13.33 80.67
N GLU E 132 3.40 14.50 81.30
CA GLU E 132 2.08 15.11 81.40
C GLU E 132 1.53 15.49 80.03
N ALA E 133 2.35 16.17 79.22
CA ALA E 133 1.93 16.46 77.85
C ALA E 133 1.72 15.17 77.07
N VAL E 134 2.43 14.11 77.42
CA VAL E 134 2.16 12.80 76.85
C VAL E 134 0.95 12.15 77.52
N LYS E 135 0.76 12.35 78.82
CA LYS E 135 -0.39 11.78 79.51
C LYS E 135 -1.68 12.54 79.23
N VAL E 136 -1.60 13.86 79.06
CA VAL E 136 -2.78 14.62 78.65
C VAL E 136 -3.25 14.17 77.27
N VAL E 137 -2.36 13.57 76.48
CA VAL E 137 -2.75 12.99 75.20
C VAL E 137 -2.83 11.47 75.26
N SER E 138 -2.03 10.82 76.12
CA SER E 138 -2.10 9.36 76.22
C SER E 138 -3.40 8.92 76.87
N GLN E 139 -3.66 9.38 78.10
CA GLN E 139 -4.96 9.12 78.70
C GLN E 139 -6.08 9.63 77.81
N TYR E 140 -5.85 10.75 77.12
CA TYR E 140 -6.80 11.18 76.09
C TYR E 140 -6.77 10.23 74.90
N CYS E 141 -5.59 9.74 74.53
CA CYS E 141 -5.51 8.73 73.48
C CYS E 141 -6.22 7.45 73.91
N GLN E 142 -5.99 7.01 75.15
CA GLN E 142 -6.80 5.94 75.71
C GLN E 142 -8.26 6.33 75.74
N LYS E 143 -8.56 7.62 75.94
CA LYS E 143 -9.92 8.11 75.76
C LYS E 143 -10.32 8.10 74.28
N ILE E 144 -9.38 8.44 73.39
CA ILE E 144 -9.66 8.34 71.96
C ILE E 144 -10.02 6.90 71.60
N ILE E 145 -9.34 5.93 72.20
CA ILE E 145 -9.75 4.54 72.04
C ILE E 145 -11.19 4.37 72.49
N ALA E 146 -11.55 5.02 73.61
CA ALA E 146 -12.94 4.98 74.06
C ALA E 146 -13.84 5.81 73.15
N GLU E 147 -13.39 6.99 72.74
CA GLU E 147 -14.20 7.84 71.86
C GLU E 147 -14.45 7.14 70.53
N GLU E 148 -13.39 6.62 69.90
CA GLU E 148 -13.51 5.94 68.62
C GLU E 148 -14.09 4.54 68.75
N GLY E 149 -14.12 3.98 69.97
CA GLY E 149 -14.60 2.62 70.14
C GLY E 149 -13.74 1.57 69.46
N GLY E 150 -12.50 1.90 69.13
CA GLY E 150 -11.62 0.98 68.44
C GLY E 150 -10.41 1.67 67.85
N GLU E 151 -9.32 0.93 67.67
CA GLU E 151 -8.08 1.54 67.19
C GLU E 151 -8.03 1.63 65.67
N ASN E 152 -8.54 0.62 64.97
CA ASN E 152 -8.44 0.54 63.51
C ASN E 152 -9.83 0.62 62.87
N LYS E 153 -10.70 1.48 63.39
CA LYS E 153 -12.05 1.62 62.87
C LYS E 153 -12.19 2.75 61.85
N SER E 154 -11.11 3.50 61.57
CA SER E 154 -11.15 4.59 60.61
C SER E 154 -9.75 5.15 60.47
N GLU E 155 -9.58 6.03 59.47
CA GLU E 155 -8.30 6.70 59.29
C GLU E 155 -7.95 7.54 60.51
N ARG E 156 -8.93 8.27 61.05
CA ARG E 156 -8.70 9.02 62.28
C ARG E 156 -8.32 8.08 63.42
N ALA E 157 -9.06 6.98 63.57
CA ALA E 157 -8.72 6.00 64.58
C ALA E 157 -7.36 5.37 64.30
N LYS E 158 -7.05 5.13 63.02
CA LYS E 158 -5.75 4.58 62.66
C LYS E 158 -4.63 5.45 63.20
N GLN E 159 -4.72 6.77 63.00
CA GLN E 159 -3.70 7.66 63.54
C GLN E 159 -3.59 7.52 65.05
N ALA E 160 -4.71 7.31 65.73
CA ALA E 160 -4.65 7.01 67.16
C ALA E 160 -4.01 5.65 67.41
N ASN E 161 -4.31 4.66 66.56
CA ASN E 161 -3.72 3.34 66.72
C ASN E 161 -2.20 3.40 66.63
N ALA E 162 -1.68 4.03 65.57
CA ALA E 162 -0.24 4.21 65.45
C ALA E 162 0.30 5.06 66.58
N LEU E 163 -0.38 6.17 66.88
CA LEU E 163 0.06 7.02 67.99
C LEU E 163 -0.03 6.28 69.31
N HIS E 164 -1.12 5.52 69.52
CA HIS E 164 -1.26 4.76 70.76
C HIS E 164 -0.14 3.73 70.89
N LEU E 165 0.18 3.02 69.80
CA LEU E 165 1.24 2.03 69.83
C LEU E 165 2.63 2.66 69.68
N LEU E 166 2.73 3.77 68.95
CA LEU E 166 4.02 4.46 68.85
C LEU E 166 4.40 5.09 70.18
N LEU E 167 3.45 5.76 70.84
CA LEU E 167 3.71 6.29 72.17
C LEU E 167 3.98 5.16 73.16
N ILE E 168 3.19 4.08 73.08
CA ILE E 168 3.46 2.90 73.88
C ILE E 168 4.80 2.30 73.49
N GLY E 169 5.07 2.21 72.19
CA GLY E 169 6.38 1.73 71.75
C GLY E 169 7.49 2.67 72.16
N PHE E 170 7.26 3.97 72.06
CA PHE E 170 8.28 4.95 72.42
C PHE E 170 8.66 4.82 73.89
N GLU E 171 7.67 4.69 74.77
CA GLU E 171 7.95 4.60 76.20
C GLU E 171 8.46 3.22 76.61
N GLN E 172 7.97 2.16 75.97
CA GLN E 172 8.39 0.81 76.35
C GLN E 172 9.87 0.59 76.08
N ASN E 173 10.36 1.05 74.93
CA ASN E 173 11.72 0.78 74.49
C ASN E 173 12.52 2.08 74.37
N ARG E 174 12.32 3.01 75.31
CA ARG E 174 13.07 4.26 75.27
C ARG E 174 14.53 4.05 75.63
N GLU E 175 14.84 3.00 76.41
CA GLU E 175 16.22 2.77 76.81
C GLU E 175 17.07 2.20 75.68
N ARG E 176 16.45 1.68 74.62
CA ARG E 176 17.17 1.16 73.46
C ARG E 176 17.28 2.19 72.34
N ILE E 177 16.84 3.42 72.56
CA ILE E 177 16.79 4.45 71.53
C ILE E 177 17.63 5.64 71.98
N ASN E 178 18.51 6.09 71.09
CA ASN E 178 19.30 7.28 71.33
C ASN E 178 18.55 8.52 70.85
N THR E 179 19.17 9.68 71.07
CA THR E 179 18.50 10.95 70.75
C THR E 179 18.55 11.23 69.26
N VAL E 180 19.76 11.38 68.70
CA VAL E 180 19.93 11.77 67.30
C VAL E 180 20.55 10.63 66.49
N GLN E 181 21.75 10.19 66.86
CA GLN E 181 22.43 9.16 66.07
C GLN E 181 21.57 7.90 65.98
N ASN E 182 21.51 7.32 64.79
CA ASN E 182 20.72 6.12 64.56
C ASN E 182 21.42 4.94 65.20
N SER E 183 20.92 4.53 66.37
CA SER E 183 21.56 3.47 67.13
C SER E 183 21.57 2.17 66.33
N THR E 184 22.70 1.47 66.36
CA THR E 184 22.86 0.17 65.71
C THR E 184 23.10 -0.87 66.78
N TYR E 185 22.30 -1.94 66.77
CA TYR E 185 22.42 -3.01 67.74
C TYR E 185 22.42 -4.36 67.05
N SER E 186 22.39 -5.44 67.83
CA SER E 186 22.49 -6.78 67.27
C SER E 186 21.93 -7.78 68.28
N MET E 187 21.83 -9.03 67.84
CA MET E 187 21.35 -10.09 68.72
C MET E 187 22.25 -10.23 69.94
N ASP E 188 23.57 -10.25 69.73
CA ASP E 188 24.50 -10.30 70.85
C ASP E 188 24.41 -9.03 71.69
N GLN E 189 24.27 -7.87 71.03
CA GLN E 189 24.15 -6.61 71.74
C GLN E 189 22.77 -6.40 72.35
N LEU E 190 21.77 -7.18 71.92
CA LEU E 190 20.43 -7.11 72.46
C LEU E 190 20.00 -8.39 73.14
N ASN E 191 20.85 -9.42 73.16
CA ASN E 191 20.55 -10.67 73.86
C ASN E 191 19.37 -11.40 73.22
N PHE E 192 19.47 -11.63 71.91
CA PHE E 192 18.51 -12.44 71.18
C PHE E 192 19.15 -13.79 70.87
N SER E 193 18.48 -14.87 71.25
CA SER E 193 19.02 -16.21 71.05
C SER E 193 18.68 -16.79 69.68
N SER E 194 17.60 -16.34 69.04
CA SER E 194 17.19 -16.88 67.76
C SER E 194 16.34 -15.85 67.04
N LEU E 195 16.15 -16.06 65.74
CA LEU E 195 15.33 -15.16 64.95
C LEU E 195 13.88 -15.15 65.47
N ALA E 196 13.37 -16.31 65.88
CA ALA E 196 12.01 -16.37 66.41
C ALA E 196 11.88 -15.49 67.65
N GLU E 197 12.85 -15.58 68.56
CA GLU E 197 12.83 -14.70 69.73
C GLU E 197 12.97 -13.24 69.31
N ALA E 198 13.89 -12.95 68.39
CA ALA E 198 14.02 -11.59 67.88
C ALA E 198 12.77 -11.15 67.13
N ALA E 199 12.21 -12.06 66.33
CA ALA E 199 10.97 -11.73 65.62
C ALA E 199 9.84 -11.46 66.60
N GLY E 200 9.65 -12.36 67.58
CA GLY E 200 8.59 -12.15 68.55
C GLY E 200 8.73 -10.81 69.27
N TYR E 201 9.96 -10.46 69.66
CA TYR E 201 10.21 -9.12 70.19
C TYR E 201 9.96 -8.07 69.12
N ALA E 202 10.35 -8.35 67.87
CA ALA E 202 10.12 -7.43 66.77
C ALA E 202 8.69 -7.47 66.24
N ARG E 203 7.92 -8.52 66.55
CA ARG E 203 6.53 -8.56 66.13
C ARG E 203 5.65 -7.64 66.98
N ARG E 204 6.12 -7.23 68.15
CA ARG E 204 5.32 -6.40 69.04
C ARG E 204 5.08 -5.04 68.40
N GLY E 205 3.85 -4.53 68.54
CA GLY E 205 3.56 -3.21 68.03
C GLY E 205 4.44 -2.13 68.63
N ALA E 206 4.89 -2.34 69.87
CA ALA E 206 5.77 -1.39 70.53
C ALA E 206 7.09 -1.26 69.79
N ASN E 207 7.84 -2.36 69.70
CA ASN E 207 9.15 -2.31 69.05
C ASN E 207 9.02 -2.18 67.54
N SER E 208 8.05 -2.87 66.95
CA SER E 208 7.92 -2.87 65.49
C SER E 208 7.74 -1.46 64.95
N ALA E 209 7.02 -0.61 65.68
CA ALA E 209 6.74 0.74 65.20
C ALA E 209 8.03 1.54 65.04
N VAL E 210 8.95 1.43 65.99
CA VAL E 210 10.15 2.26 65.97
C VAL E 210 11.23 1.73 65.04
N LEU E 211 11.20 0.45 64.69
CA LEU E 211 12.23 -0.11 63.83
C LEU E 211 12.17 0.53 62.45
N LYS E 212 13.35 0.79 61.87
CA LYS E 212 13.46 1.45 60.58
C LYS E 212 14.09 0.57 59.51
N ARG E 213 15.27 0.01 59.78
CA ARG E 213 16.00 -0.77 58.80
C ARG E 213 16.40 -2.11 59.39
N LEU E 214 16.19 -3.18 58.62
CA LEU E 214 16.56 -4.53 59.01
C LEU E 214 17.31 -5.20 57.86
N ASP E 215 18.21 -6.11 58.22
CA ASP E 215 19.00 -6.87 57.25
C ASP E 215 18.96 -8.34 57.67
N TYR E 216 18.06 -9.10 57.06
CA TYR E 216 17.84 -10.49 57.43
C TYR E 216 18.75 -11.42 56.63
N PHE E 217 19.22 -12.47 57.28
CA PHE E 217 19.95 -13.56 56.63
C PHE E 217 19.20 -14.86 56.89
N CYS E 218 19.00 -15.65 55.83
CA CYS E 218 18.28 -16.90 55.97
C CYS E 218 18.72 -17.87 54.88
N ASN E 219 18.40 -19.14 55.08
CA ASN E 219 18.71 -20.21 54.14
C ASN E 219 17.42 -20.57 53.40
N HIS E 220 17.33 -20.16 52.14
CA HIS E 220 16.16 -20.43 51.32
C HIS E 220 16.60 -20.72 49.90
N SER E 221 15.91 -21.67 49.27
CA SER E 221 16.28 -22.07 47.91
C SER E 221 16.11 -20.92 46.93
N LEU E 222 15.02 -20.15 47.06
CA LEU E 222 14.77 -19.06 46.12
C LEU E 222 15.87 -18.01 46.20
N LEU E 223 16.31 -17.68 47.41
CA LEU E 223 17.35 -16.67 47.61
C LEU E 223 18.75 -17.24 47.49
N LYS E 224 18.89 -18.54 47.24
CA LYS E 224 20.23 -19.14 47.16
C LYS E 224 21.04 -18.59 45.98
N ASP E 225 20.39 -17.97 45.01
CA ASP E 225 21.08 -17.40 43.85
C ASP E 225 21.46 -15.95 44.05
N GLY E 226 21.58 -15.49 45.29
CA GLY E 226 21.95 -14.12 45.56
C GLY E 226 20.83 -13.12 45.46
N ASN E 227 19.59 -13.57 45.25
CA ASN E 227 18.47 -12.66 45.13
C ASN E 227 18.27 -11.89 46.43
N VAL E 228 18.01 -10.59 46.31
CA VAL E 228 17.80 -9.71 47.45
C VAL E 228 16.45 -9.04 47.30
N LEU E 229 15.65 -9.07 48.37
CA LEU E 229 14.31 -8.50 48.38
C LEU E 229 14.35 -7.19 49.15
N VAL E 230 13.72 -6.15 48.58
CA VAL E 230 13.71 -4.82 49.14
C VAL E 230 12.27 -4.39 49.38
N ASP E 231 12.01 -3.83 50.57
CA ASP E 231 10.69 -3.34 50.96
C ASP E 231 10.80 -1.82 51.10
N LEU E 232 10.56 -1.11 50.01
CA LEU E 232 10.64 0.34 50.04
C LEU E 232 9.44 0.93 50.79
N PRO E 233 9.61 2.09 51.42
CA PRO E 233 8.47 2.72 52.10
C PRO E 233 7.40 3.17 51.11
N GLY E 234 6.19 3.31 51.61
CA GLY E 234 5.08 3.77 50.80
C GLY E 234 5.34 5.11 50.14
N ILE E 235 5.04 5.21 48.85
CA ILE E 235 5.31 6.44 48.11
C ILE E 235 4.48 7.60 48.64
N ASP E 236 3.24 7.31 49.07
CA ASP E 236 2.32 8.35 49.54
C ASP E 236 2.50 8.67 51.02
N ALA E 237 3.65 8.33 51.60
CA ALA E 237 3.89 8.62 53.00
C ALA E 237 4.00 10.14 53.21
N PRO E 238 3.62 10.64 54.40
CA PRO E 238 3.74 12.08 54.64
C PRO E 238 5.15 12.62 54.46
N VAL E 239 6.17 11.83 54.82
CA VAL E 239 7.56 12.26 54.70
C VAL E 239 7.93 12.20 53.22
N LYS E 240 7.90 13.37 52.56
CA LYS E 240 8.16 13.40 51.12
C LYS E 240 9.62 13.08 50.81
N GLU E 241 10.55 13.55 51.64
CA GLU E 241 11.96 13.31 51.38
C GLU E 241 12.27 11.82 51.38
N ASP E 242 11.70 11.07 52.31
CA ASP E 242 11.85 9.62 52.28
C ASP E 242 11.23 9.02 51.03
N ALA E 243 10.04 9.50 50.64
CA ALA E 243 9.41 9.03 49.41
C ALA E 243 10.26 9.41 48.20
N GLU E 244 10.73 10.66 48.15
CA GLU E 244 11.58 11.08 47.04
C GLU E 244 12.85 10.23 46.97
N ARG E 245 13.34 9.79 48.12
CA ARG E 245 14.48 8.87 48.12
C ARG E 245 14.12 7.57 47.41
N ALA E 246 12.90 7.08 47.64
CA ALA E 246 12.45 5.87 46.94
C ALA E 246 12.43 6.08 45.44
N TYR E 247 11.97 7.26 44.99
CA TYR E 247 12.03 7.57 43.56
C TYR E 247 13.47 7.58 43.08
N ARG E 248 14.38 8.20 43.85
CA ARG E 248 15.80 8.15 43.51
C ARG E 248 16.33 6.73 43.59
N LYS E 249 15.91 5.98 44.62
CA LYS E 249 16.37 4.61 44.78
C LYS E 249 15.95 3.75 43.58
N ILE E 250 14.68 3.81 43.21
CA ILE E 250 14.19 2.99 42.10
C ILE E 250 14.76 3.49 40.77
N GLU E 251 14.78 4.81 40.58
CA GLU E 251 15.30 5.39 39.35
C GLU E 251 16.81 5.18 39.22
N SER E 252 17.50 4.84 40.30
CA SER E 252 18.93 4.65 40.23
C SER E 252 19.26 3.45 39.34
N PRO E 253 20.36 3.52 38.57
CA PRO E 253 20.71 2.37 37.72
C PRO E 253 21.01 1.10 38.50
N ASP E 254 21.33 1.21 39.79
CA ASP E 254 21.69 0.06 40.61
C ASP E 254 20.53 -0.90 40.85
N THR E 255 19.34 -0.66 40.31
CA THR E 255 18.20 -1.55 40.48
C THR E 255 18.08 -2.45 39.26
N SER E 256 17.94 -3.75 39.48
CA SER E 256 17.88 -4.72 38.40
C SER E 256 16.46 -4.91 37.88
N ALA E 257 15.49 -5.10 38.78
CA ALA E 257 14.11 -5.35 38.39
C ALA E 257 13.19 -4.46 39.22
N VAL E 258 12.02 -4.19 38.65
CA VAL E 258 11.00 -3.34 39.29
C VAL E 258 9.71 -4.13 39.38
N ILE E 259 9.13 -4.17 40.58
CA ILE E 259 7.83 -4.79 40.82
C ILE E 259 6.85 -3.66 41.13
N CYS E 260 5.83 -3.53 40.28
CA CYS E 260 4.85 -2.44 40.40
C CYS E 260 3.55 -3.03 40.94
N VAL E 261 3.31 -2.80 42.23
CA VAL E 261 2.07 -3.22 42.88
C VAL E 261 1.04 -2.11 42.70
N LEU E 262 -0.13 -2.46 42.17
CA LEU E 262 -1.16 -1.49 41.84
C LEU E 262 -2.47 -1.86 42.54
N LYS E 263 -3.17 -0.84 43.03
CA LYS E 263 -4.42 -0.99 43.76
C LYS E 263 -5.64 -1.28 42.90
N PRO E 264 -5.75 -0.74 41.66
CA PRO E 264 -7.07 -0.63 41.02
C PRO E 264 -7.84 -1.94 40.94
N ALA E 265 -7.18 -3.07 41.23
CA ALA E 265 -7.92 -4.31 41.39
C ALA E 265 -9.02 -4.17 42.44
N ALA E 266 -8.78 -3.33 43.44
CA ALA E 266 -9.79 -3.00 44.44
C ALA E 266 -10.13 -1.51 44.47
N ALA E 267 -9.18 -0.63 44.16
CA ALA E 267 -9.44 0.81 44.16
C ALA E 267 -10.11 1.29 42.87
N GLY E 268 -10.12 0.47 41.82
CA GLY E 268 -10.76 0.82 40.56
C GLY E 268 -9.85 1.48 39.55
N ASP E 269 -9.09 2.49 39.97
CA ASP E 269 -8.22 3.22 39.06
C ASP E 269 -6.97 3.66 39.80
N MET E 270 -5.92 3.94 39.03
CA MET E 270 -4.66 4.39 39.61
C MET E 270 -4.80 5.77 40.23
N SER E 271 -3.96 6.04 41.22
CA SER E 271 -3.95 7.33 41.89
C SER E 271 -2.94 8.25 41.21
N ALA E 272 -2.89 9.50 41.68
CA ALA E 272 -1.95 10.47 41.11
C ALA E 272 -0.51 10.01 41.32
N GLU E 273 -0.19 9.52 42.52
CA GLU E 273 1.16 9.03 42.78
C GLU E 273 1.49 7.84 41.89
N GLU E 274 0.54 6.91 41.74
CA GLU E 274 0.75 5.79 40.83
C GLU E 274 0.84 6.27 39.39
N THR E 275 0.01 7.25 39.01
CA THR E 275 0.01 7.71 37.63
C THR E 275 1.37 8.26 37.22
N GLN E 276 1.99 9.07 38.09
CA GLN E 276 3.30 9.61 37.76
C GLN E 276 4.36 8.50 37.68
N LEU E 277 4.22 7.46 38.50
CA LEU E 277 5.17 6.35 38.44
C LEU E 277 5.17 5.72 37.05
N LEU E 278 3.98 5.41 36.52
CA LEU E 278 3.91 4.88 35.17
C LEU E 278 4.43 5.88 34.15
N GLU E 279 4.09 7.16 34.31
CA GLU E 279 4.62 8.19 33.42
C GLU E 279 6.14 8.26 33.52
N ARG E 280 6.67 8.23 34.74
CA ARG E 280 8.12 8.21 34.90
C ARG E 280 8.72 6.96 34.28
N ILE E 281 8.11 5.80 34.52
CA ILE E 281 8.61 4.55 33.97
C ILE E 281 8.44 4.51 32.46
N SER E 282 7.26 4.89 31.97
CA SER E 282 6.99 4.81 30.54
C SER E 282 7.91 5.75 29.77
N LYS E 283 8.12 6.96 30.27
CA LYS E 283 8.96 7.93 29.57
C LYS E 283 10.43 7.54 29.60
N ASN E 284 10.86 6.70 30.53
CA ASN E 284 12.24 6.26 30.63
C ASN E 284 12.35 4.87 30.02
N HIS E 285 12.87 4.81 28.79
CA HIS E 285 12.97 3.53 28.09
C HIS E 285 13.94 2.59 28.79
N GLY E 286 15.04 3.13 29.31
CA GLY E 286 16.04 2.27 29.93
C GLY E 286 15.49 1.44 31.06
N ILE E 287 14.71 2.07 31.94
CA ILE E 287 14.12 1.34 33.05
C ILE E 287 12.86 0.59 32.60
N ARG E 288 12.17 1.11 31.58
CA ARG E 288 10.90 0.51 31.16
C ARG E 288 11.07 -0.94 30.77
N ASP E 289 12.17 -1.27 30.09
CA ASP E 289 12.40 -2.62 29.60
C ASP E 289 12.69 -3.62 30.72
N ARG E 290 12.72 -3.19 31.98
CA ARG E 290 13.04 -4.06 33.11
C ARG E 290 12.03 -3.83 34.24
N VAL E 291 10.75 -3.82 33.91
CA VAL E 291 9.69 -3.55 34.86
C VAL E 291 8.68 -4.69 34.84
N PHE E 292 8.21 -5.09 36.02
CA PHE E 292 7.14 -6.06 36.17
C PHE E 292 5.93 -5.37 36.80
N TYR E 293 4.75 -5.73 36.31
CA TYR E 293 3.49 -5.19 36.81
C TYR E 293 2.71 -6.31 37.49
N VAL E 294 2.26 -6.03 38.73
CA VAL E 294 1.51 -7.01 39.51
C VAL E 294 0.31 -6.32 40.14
N PHE E 295 -0.70 -7.13 40.46
CA PHE E 295 -1.92 -6.65 41.10
C PHE E 295 -2.22 -7.53 42.31
N ASN E 296 -2.84 -6.92 43.32
CA ASN E 296 -3.05 -7.57 44.61
C ASN E 296 -4.52 -7.53 44.98
N ARG E 297 -4.90 -8.46 45.85
CA ARG E 297 -6.27 -8.54 46.38
C ARG E 297 -7.28 -8.79 45.26
N ILE E 298 -6.95 -9.71 44.35
CA ILE E 298 -7.88 -10.10 43.31
C ILE E 298 -9.07 -10.87 43.85
N ASP E 299 -9.03 -11.30 45.11
CA ASP E 299 -10.16 -12.01 45.70
C ASP E 299 -11.42 -11.15 45.67
N ASP E 300 -11.27 -9.83 45.67
CA ASP E 300 -12.44 -8.96 45.60
C ASP E 300 -13.23 -9.21 44.31
N THR E 301 -12.53 -9.36 43.18
CA THR E 301 -13.21 -9.63 41.93
C THR E 301 -13.86 -11.00 41.90
N TRP E 302 -13.42 -11.93 42.75
CA TRP E 302 -14.01 -13.26 42.77
C TRP E 302 -15.44 -13.25 43.28
N TYR E 303 -15.86 -12.15 43.93
CA TYR E 303 -17.21 -12.04 44.46
C TYR E 303 -18.05 -10.97 43.78
N ASN E 304 -17.43 -9.97 43.16
CA ASN E 304 -18.14 -8.90 42.47
C ASN E 304 -17.85 -8.97 40.99
N THR E 305 -18.91 -9.03 40.18
CA THR E 305 -18.72 -9.10 38.73
C THR E 305 -18.30 -7.75 38.16
N GLN E 306 -18.90 -6.66 38.64
CA GLN E 306 -18.58 -5.34 38.10
C GLN E 306 -17.10 -5.01 38.33
N LEU E 307 -16.58 -5.32 39.51
CA LEU E 307 -15.16 -5.10 39.75
C LEU E 307 -14.31 -5.98 38.84
N ARG E 308 -14.73 -7.22 38.62
CA ARG E 308 -14.04 -8.06 37.64
C ARG E 308 -14.16 -7.46 36.24
N GLN E 309 -15.35 -6.99 35.87
CA GLN E 309 -15.51 -6.34 34.58
C GLN E 309 -14.68 -5.06 34.50
N ARG E 310 -14.63 -4.28 35.59
CA ARG E 310 -13.77 -3.11 35.62
C ARG E 310 -12.29 -3.50 35.56
N LEU E 311 -11.92 -4.57 36.27
CA LEU E 311 -10.53 -5.04 36.22
C LEU E 311 -10.19 -5.55 34.83
N GLU E 312 -11.09 -6.31 34.21
CA GLU E 312 -10.80 -6.87 32.88
C GLU E 312 -10.64 -5.76 31.86
N GLY E 313 -11.50 -4.74 31.90
CA GLY E 313 -11.39 -3.63 30.97
C GLY E 313 -10.14 -2.81 31.18
N LEU E 314 -9.82 -2.54 32.45
CA LEU E 314 -8.63 -1.73 32.75
C LEU E 314 -7.36 -2.45 32.30
N ILE E 315 -7.25 -3.75 32.57
CA ILE E 315 -6.04 -4.49 32.22
C ILE E 315 -5.84 -4.48 30.71
N GLN E 316 -6.90 -4.78 29.95
CA GLN E 316 -6.80 -4.81 28.51
C GLN E 316 -6.69 -3.42 27.90
N SER E 317 -7.13 -2.38 28.62
CA SER E 317 -7.14 -1.04 28.05
C SER E 317 -5.73 -0.50 27.86
N GLN E 318 -4.85 -0.70 28.84
CA GLN E 318 -3.55 -0.05 28.87
C GLN E 318 -2.40 -1.01 28.64
N PHE E 319 -2.31 -2.08 29.41
CA PHE E 319 -1.13 -2.94 29.37
C PHE E 319 -1.06 -3.69 28.05
N ARG E 320 0.08 -3.58 27.36
CA ARG E 320 0.32 -4.29 26.11
C ARG E 320 1.26 -5.48 26.32
N ASP E 321 2.43 -5.23 26.91
CA ASP E 321 3.38 -6.30 27.22
C ASP E 321 2.88 -7.03 28.45
N ASN E 322 1.86 -7.87 28.24
CA ASN E 322 1.20 -8.55 29.34
C ASN E 322 1.97 -9.76 29.85
N SER E 323 3.07 -10.15 29.19
CA SER E 323 3.87 -11.26 29.68
C SER E 323 4.44 -10.98 31.06
N ARG E 324 4.57 -9.71 31.44
CA ARG E 324 5.08 -9.32 32.75
C ARG E 324 3.98 -8.80 33.66
N VAL E 325 2.72 -9.05 33.32
CA VAL E 325 1.58 -8.63 34.13
C VAL E 325 1.12 -9.83 34.94
N TYR E 326 1.05 -9.65 36.26
CA TYR E 326 0.73 -10.73 37.18
C TYR E 326 -0.41 -10.30 38.11
N LYS E 327 -1.05 -11.31 38.71
CA LYS E 327 -2.12 -11.08 39.66
C LYS E 327 -1.99 -12.10 40.78
N THR E 328 -2.45 -11.72 41.98
CA THR E 328 -2.36 -12.58 43.15
C THR E 328 -3.16 -11.93 44.27
N SER E 329 -3.18 -12.61 45.42
CA SER E 329 -3.87 -12.12 46.62
C SER E 329 -2.98 -12.43 47.82
N GLY E 330 -2.26 -11.42 48.30
CA GLY E 330 -1.32 -11.65 49.39
C GLY E 330 -2.00 -12.09 50.67
N LEU E 331 -3.14 -11.49 50.99
CA LEU E 331 -3.84 -11.83 52.23
C LEU E 331 -4.18 -13.32 52.28
N LEU E 332 -4.73 -13.86 51.18
CA LEU E 332 -5.04 -15.28 51.13
C LEU E 332 -3.79 -16.11 50.92
N GLY E 333 -2.86 -15.61 50.10
CA GLY E 333 -1.65 -16.38 49.81
C GLY E 333 -0.81 -16.63 51.03
N PHE E 334 -0.65 -15.62 51.89
CA PHE E 334 0.22 -15.76 53.06
C PHE E 334 -0.28 -16.87 53.98
N TYR E 335 -1.48 -16.70 54.55
CA TYR E 335 -1.97 -17.65 55.52
C TYR E 335 -2.14 -19.04 54.91
N GLY E 336 -2.38 -19.13 53.61
CA GLY E 336 -2.53 -20.42 52.98
C GLY E 336 -1.32 -21.32 53.18
N SER E 337 -0.12 -20.76 52.97
CA SER E 337 1.09 -21.53 53.18
C SER E 337 1.29 -21.86 54.65
N GLN E 338 0.96 -20.91 55.55
CA GLN E 338 1.18 -21.13 56.97
C GLN E 338 0.35 -22.28 57.51
N VAL E 339 -0.88 -22.45 57.00
CA VAL E 339 -1.76 -23.50 57.49
C VAL E 339 -1.13 -24.88 57.29
N LYS E 340 -0.27 -25.02 56.29
CA LYS E 340 0.38 -26.30 56.04
C LYS E 340 1.19 -26.77 57.24
N GLN E 341 1.64 -25.85 58.09
CA GLN E 341 2.40 -26.20 59.29
C GLN E 341 1.49 -26.42 60.50
N THR E 342 0.21 -26.72 60.28
CA THR E 342 -0.73 -26.98 61.36
C THR E 342 -1.55 -28.21 61.02
N ASN E 343 -2.05 -28.89 62.05
CA ASN E 343 -2.82 -30.10 61.89
C ASN E 343 -4.05 -30.03 62.80
N SER E 344 -4.79 -31.13 62.85
CA SER E 344 -6.02 -31.17 63.64
C SER E 344 -5.75 -31.00 65.14
N SER E 345 -4.53 -31.31 65.60
CA SER E 345 -4.22 -31.15 67.01
C SER E 345 -4.35 -29.70 67.43
N THR E 346 -3.87 -28.77 66.61
CA THR E 346 -4.01 -27.34 66.84
C THR E 346 -5.23 -26.76 66.14
N ARG E 347 -6.19 -27.59 65.77
CA ARG E 347 -7.38 -27.15 65.05
C ARG E 347 -7.01 -26.43 63.76
N PHE E 348 -5.97 -26.93 63.08
CA PHE E 348 -5.50 -26.35 61.83
C PHE E 348 -5.20 -24.86 62.00
N GLY E 349 -4.56 -24.52 63.12
CA GLY E 349 -4.11 -23.17 63.38
C GLY E 349 -4.99 -22.37 64.33
N LEU E 350 -6.23 -22.79 64.56
CA LEU E 350 -7.07 -22.05 65.48
C LEU E 350 -6.49 -22.02 66.89
N ASP E 351 -5.70 -23.04 67.23
CA ASP E 351 -5.02 -23.08 68.53
C ASP E 351 -3.61 -22.52 68.47
N SER E 352 -3.11 -22.15 67.27
CA SER E 352 -1.76 -21.63 67.13
C SER E 352 -1.69 -20.79 65.87
N ILE E 353 -1.12 -19.58 66.00
CA ILE E 353 -1.05 -18.60 64.92
C ILE E 353 -2.38 -17.86 64.83
N PHE E 354 -3.47 -18.60 64.65
CA PHE E 354 -4.81 -18.01 64.59
C PHE E 354 -5.47 -17.96 65.96
N ALA E 355 -4.82 -18.44 67.01
CA ALA E 355 -5.40 -18.36 68.34
C ALA E 355 -5.58 -16.91 68.79
N THR E 356 -4.67 -16.03 68.40
CA THR E 356 -4.82 -14.61 68.74
C THR E 356 -5.97 -13.96 67.99
N THR E 357 -6.26 -14.43 66.77
CA THR E 357 -7.31 -13.85 65.96
C THR E 357 -8.69 -14.44 66.25
N ILE E 358 -8.77 -15.70 66.70
CA ILE E 358 -10.06 -16.33 66.93
C ILE E 358 -10.75 -15.82 68.19
N LYS E 359 -10.03 -15.16 69.09
CA LYS E 359 -10.61 -14.65 70.32
C LYS E 359 -11.34 -13.35 70.02
N GLY E 360 -12.66 -13.37 70.17
CA GLY E 360 -13.47 -12.20 69.87
C GLY E 360 -13.60 -11.24 71.04
N PHE E 361 -14.11 -10.05 70.73
CA PHE E 361 -14.32 -9.03 71.76
C PHE E 361 -15.55 -9.34 72.61
N ASP E 362 -16.60 -9.88 71.99
CA ASP E 362 -17.84 -10.18 72.69
C ASP E 362 -17.83 -11.53 73.38
N GLY E 363 -16.75 -12.29 73.27
CA GLY E 363 -16.67 -13.61 73.88
C GLY E 363 -16.81 -14.71 72.86
N GLU E 364 -17.71 -14.54 71.90
CA GLU E 364 -17.87 -15.51 70.84
C GLU E 364 -16.63 -15.54 69.95
N GLU E 365 -16.25 -16.73 69.51
CA GLU E 365 -15.07 -16.88 68.67
C GLU E 365 -15.26 -16.13 67.36
N GLU E 366 -14.49 -15.06 67.16
CA GLU E 366 -14.54 -14.32 65.93
C GLU E 366 -13.95 -15.13 64.78
N THR E 367 -14.37 -14.78 63.55
CA THR E 367 -13.89 -15.48 62.37
C THR E 367 -12.65 -14.79 61.84
N PRO E 368 -11.49 -15.44 61.80
CA PRO E 368 -10.31 -14.80 61.21
C PRO E 368 -10.55 -14.47 59.74
N GLN E 369 -9.91 -13.38 59.30
CA GLN E 369 -10.06 -12.95 57.91
C GLN E 369 -9.78 -14.09 56.94
N PHE E 370 -8.72 -14.87 57.20
CA PHE E 370 -8.44 -16.02 56.35
C PHE E 370 -9.58 -17.03 56.41
N VAL E 371 -10.09 -17.30 57.61
CA VAL E 371 -11.22 -18.22 57.74
C VAL E 371 -12.47 -17.63 57.12
N SER E 372 -12.72 -16.34 57.35
CA SER E 372 -13.91 -15.71 56.80
C SER E 372 -13.89 -15.76 55.27
N GLU E 373 -12.74 -15.42 54.67
CA GLU E 373 -12.63 -15.51 53.22
C GLU E 373 -12.54 -16.96 52.75
N PHE E 374 -12.04 -17.86 53.61
CA PHE E 374 -12.00 -19.28 53.25
C PHE E 374 -13.40 -19.81 53.01
N ASN E 375 -14.34 -19.49 53.90
CA ASN E 375 -15.72 -19.91 53.70
C ASN E 375 -16.30 -19.24 52.46
N ASN E 376 -16.04 -17.94 52.28
CA ASN E 376 -16.50 -17.26 51.08
C ASN E 376 -15.82 -17.82 49.83
N TYR E 377 -14.53 -18.11 49.93
CA TYR E 377 -13.80 -18.66 48.78
C TYR E 377 -14.38 -20.01 48.35
N CYS E 378 -14.70 -20.87 49.31
CA CYS E 378 -15.22 -22.19 48.97
C CYS E 378 -16.58 -22.08 48.28
N ALA E 379 -17.45 -21.19 48.75
CA ALA E 379 -18.82 -21.11 48.25
C ALA E 379 -18.95 -20.06 47.14
N ASN E 380 -18.62 -18.81 47.43
CA ASN E 380 -18.87 -17.73 46.48
C ASN E 380 -18.01 -17.87 45.23
N SER E 381 -16.71 -18.08 45.41
CA SER E 381 -15.81 -18.15 44.26
C SER E 381 -16.07 -19.41 43.44
N GLY E 382 -15.91 -20.58 44.06
CA GLY E 382 -16.15 -21.84 43.39
C GLY E 382 -14.98 -22.39 42.62
N LYS E 383 -13.74 -21.98 42.94
CA LYS E 383 -12.59 -22.56 42.27
C LYS E 383 -12.52 -24.06 42.49
N LEU E 384 -13.07 -24.56 43.60
CA LEU E 384 -13.15 -25.99 43.83
C LEU E 384 -14.12 -26.68 42.90
N LEU E 385 -14.96 -25.93 42.20
CA LEU E 385 -16.00 -26.54 41.38
C LEU E 385 -15.42 -27.43 40.30
N SER E 386 -14.34 -26.98 39.65
CA SER E 386 -13.69 -27.77 38.61
C SER E 386 -12.68 -28.76 39.17
N THR E 387 -12.48 -28.78 40.49
CA THR E 387 -11.51 -29.66 41.12
C THR E 387 -12.21 -30.94 41.58
N ALA E 388 -11.47 -31.80 42.29
CA ALA E 388 -12.00 -33.07 42.77
C ALA E 388 -12.54 -32.96 44.19
N PHE E 389 -13.11 -31.81 44.56
CA PHE E 389 -13.64 -31.58 45.90
C PHE E 389 -15.10 -31.16 45.81
N ARG E 390 -15.86 -31.53 46.84
CA ARG E 390 -17.29 -31.24 46.93
C ARG E 390 -17.58 -30.47 48.22
N VAL E 391 -16.73 -29.49 48.53
CA VAL E 391 -16.88 -28.71 49.77
C VAL E 391 -18.25 -28.07 49.82
N SER E 392 -19.00 -28.36 50.87
CA SER E 392 -20.33 -27.82 51.08
C SER E 392 -20.31 -26.89 52.29
N VAL E 393 -20.73 -25.65 52.10
CA VAL E 393 -20.79 -24.66 53.16
C VAL E 393 -22.23 -24.56 53.65
N ASN E 394 -22.42 -24.71 54.96
CA ASN E 394 -23.74 -24.72 55.56
C ASN E 394 -23.76 -23.86 56.81
N GLY E 395 -24.96 -23.38 57.16
CA GLY E 395 -25.15 -22.62 58.37
C GLY E 395 -25.28 -23.45 59.63
N TYR E 396 -25.19 -24.78 59.50
CA TYR E 396 -25.25 -25.65 60.67
C TYR E 396 -24.14 -25.35 61.68
N GLU E 397 -23.04 -24.77 61.22
CA GLU E 397 -21.89 -24.50 62.08
C GLU E 397 -21.36 -23.11 61.78
N THR E 398 -20.65 -22.55 62.75
CA THR E 398 -20.04 -21.24 62.58
C THR E 398 -18.91 -21.31 61.54
N SER E 399 -18.38 -20.15 61.18
CA SER E 399 -17.29 -20.10 60.22
C SER E 399 -16.08 -20.88 60.73
N ASN E 400 -15.71 -20.67 61.99
CA ASN E 400 -14.59 -21.41 62.57
C ASN E 400 -14.93 -22.91 62.66
N GLU E 401 -16.15 -23.23 63.09
CA GLU E 401 -16.55 -24.63 63.16
C GLU E 401 -16.59 -25.27 61.78
N ASN E 402 -17.12 -24.55 60.80
CA ASN E 402 -17.05 -25.04 59.42
C ASN E 402 -15.60 -25.15 58.96
N TYR E 403 -14.77 -24.17 59.32
CA TYR E 403 -13.35 -24.24 59.02
C TYR E 403 -12.74 -25.51 59.60
N VAL E 404 -13.11 -25.86 60.82
CA VAL E 404 -12.64 -27.11 61.42
C VAL E 404 -13.26 -28.30 60.69
N ARG E 405 -14.57 -28.25 60.44
CA ARG E 405 -15.24 -29.38 59.81
C ARG E 405 -14.80 -29.57 58.37
N ILE E 406 -14.75 -28.47 57.60
CA ILE E 406 -14.40 -28.57 56.18
C ILE E 406 -13.00 -29.12 56.02
N LEU E 407 -12.05 -28.59 56.78
CA LEU E 407 -10.68 -29.09 56.69
C LEU E 407 -10.59 -30.54 57.15
N SER E 408 -11.29 -30.88 58.23
CA SER E 408 -11.27 -32.26 58.72
C SER E 408 -11.86 -33.22 57.69
N GLU E 409 -12.83 -32.75 56.90
CA GLU E 409 -13.47 -33.63 55.92
C GLU E 409 -12.51 -33.98 54.79
N TRP E 410 -11.77 -33.00 54.27
CA TRP E 410 -10.90 -33.21 53.12
C TRP E 410 -9.43 -33.23 53.52
N GLY E 411 -8.94 -32.19 54.19
CA GLY E 411 -7.59 -32.16 54.71
C GLY E 411 -6.67 -31.29 53.89
N ILE E 412 -5.37 -31.57 54.02
CA ILE E 412 -4.35 -30.74 53.37
C ILE E 412 -4.51 -30.71 51.85
N PRO E 413 -4.76 -31.83 51.17
CA PRO E 413 -4.79 -31.79 49.69
C PRO E 413 -5.66 -30.68 49.13
N LEU E 414 -6.72 -30.28 49.84
CA LEU E 414 -7.50 -29.13 49.40
C LEU E 414 -6.67 -27.86 49.45
N VAL E 415 -5.83 -27.71 50.48
CA VAL E 415 -5.00 -26.52 50.59
C VAL E 415 -4.02 -26.42 49.44
N ASP E 416 -3.50 -27.55 48.96
CA ASP E 416 -2.57 -27.53 47.85
C ASP E 416 -3.17 -26.82 46.64
N GLN E 417 -4.43 -27.11 46.33
CA GLN E 417 -5.10 -26.40 45.25
C GLN E 417 -5.26 -24.92 45.58
N LEU E 418 -5.56 -24.61 46.85
CA LEU E 418 -5.73 -23.22 47.25
C LEU E 418 -4.46 -22.41 46.97
N ILE E 419 -3.30 -22.93 47.39
CA ILE E 419 -2.06 -22.21 47.17
C ILE E 419 -1.73 -22.15 45.68
N HIS E 420 -2.00 -23.24 44.95
CA HIS E 420 -1.74 -23.24 43.52
C HIS E 420 -2.57 -22.18 42.81
N ASP E 421 -3.85 -22.05 43.19
CA ASP E 421 -4.69 -21.03 42.58
C ASP E 421 -4.26 -19.63 42.96
N SER E 422 -3.56 -19.47 44.10
CA SER E 422 -3.11 -18.16 44.51
C SER E 422 -2.16 -17.54 43.51
N GLY E 423 -1.37 -18.36 42.82
CA GLY E 423 -0.43 -17.86 41.83
C GLY E 423 0.87 -17.34 42.38
N ILE E 424 1.08 -17.40 43.70
CA ILE E 424 2.32 -16.89 44.28
C ILE E 424 3.50 -17.72 43.81
N GLU E 425 3.34 -19.04 43.75
CA GLU E 425 4.44 -19.90 43.31
C GLU E 425 4.86 -19.58 41.89
N SER E 426 3.89 -19.31 41.01
CA SER E 426 4.22 -18.93 39.63
C SER E 426 4.99 -17.62 39.61
N PHE E 427 4.64 -16.69 40.49
CA PHE E 427 5.34 -15.41 40.55
C PHE E 427 6.81 -15.61 40.86
N ARG E 428 7.13 -16.48 41.82
CA ARG E 428 8.53 -16.74 42.16
C ARG E 428 9.29 -17.30 40.97
N SER E 429 8.69 -18.26 40.26
CA SER E 429 9.35 -18.80 39.07
C SER E 429 9.49 -17.75 37.99
N GLY E 430 8.45 -16.92 37.80
CA GLY E 430 8.49 -15.89 36.78
C GLY E 430 9.64 -14.92 36.95
N ILE E 431 9.71 -14.26 38.11
CA ILE E 431 10.80 -13.32 38.36
C ILE E 431 12.14 -14.04 38.41
N GLY E 432 12.17 -15.21 39.06
CA GLY E 432 13.41 -15.97 39.11
C GLY E 432 13.91 -16.35 37.75
N LEU E 433 13.00 -16.76 36.86
CA LEU E 433 13.40 -17.10 35.49
C LEU E 433 13.99 -15.88 34.78
N TYR E 434 13.37 -14.72 34.95
CA TYR E 434 13.86 -13.51 34.29
C TYR E 434 15.26 -13.15 34.78
N LEU E 435 15.45 -13.13 36.10
CA LEU E 435 16.76 -12.73 36.64
C LEU E 435 17.80 -13.82 36.41
N ALA E 436 17.44 -15.08 36.65
CA ALA E 436 18.40 -16.16 36.51
C ALA E 436 18.82 -16.35 35.05
N GLU E 437 17.88 -16.19 34.12
CA GLU E 437 18.13 -16.49 32.71
C GLU E 437 18.58 -15.26 31.92
N GLU E 438 17.93 -14.12 32.09
CA GLU E 438 18.23 -12.95 31.27
C GLU E 438 19.24 -12.02 31.95
N LYS E 439 18.90 -11.52 33.14
CA LYS E 439 19.76 -10.54 33.80
C LYS E 439 21.10 -11.12 34.18
N TYR E 440 21.12 -12.37 34.67
CA TYR E 440 22.35 -12.95 35.17
C TYR E 440 23.46 -13.00 34.11
N PRO E 441 23.24 -13.59 32.93
CA PRO E 441 24.30 -13.58 31.92
C PRO E 441 24.69 -12.17 31.48
N GLU E 442 23.74 -11.25 31.44
CA GLU E 442 24.06 -9.88 31.04
C GLU E 442 25.11 -9.27 31.97
N LEU E 443 25.10 -9.64 33.24
CA LEU E 443 26.07 -9.09 34.18
C LEU E 443 27.49 -9.47 33.77
N PHE E 444 27.71 -10.72 33.38
CA PHE E 444 29.00 -11.11 32.83
C PHE E 444 29.27 -10.38 31.52
N ALA E 445 28.24 -10.22 30.68
CA ALA E 445 28.42 -9.52 29.41
C ALA E 445 28.87 -8.08 29.63
N THR E 446 28.31 -7.41 30.64
CA THR E 446 28.72 -6.04 30.92
C THR E 446 30.20 -5.98 31.29
N LEU E 447 30.69 -6.98 32.01
CA LEU E 447 32.09 -6.98 32.44
C LEU E 447 33.02 -6.95 31.23
N ALA E 448 32.73 -7.77 30.21
CA ALA E 448 33.60 -7.81 29.04
C ALA E 448 33.67 -6.47 28.35
N ASN E 449 32.49 -5.86 28.10
CA ASN E 449 32.48 -4.53 27.51
C ASN E 449 33.01 -3.47 28.47
N ASP E 450 32.91 -3.71 29.78
CA ASP E 450 33.44 -2.79 30.77
C ASP E 450 34.93 -2.97 31.02
N LEU E 451 35.51 -4.08 30.55
CA LEU E 451 36.93 -4.34 30.71
C LEU E 451 37.75 -4.01 29.48
N GLN E 452 37.13 -3.97 28.30
CA GLN E 452 37.86 -3.64 27.08
C GLN E 452 38.59 -2.31 27.17
N PRO E 453 38.02 -1.23 27.74
CA PRO E 453 38.67 0.08 27.67
C PRO E 453 40.10 0.11 28.22
N LEU E 454 40.54 -0.95 28.89
CA LEU E 454 41.92 -1.03 29.38
C LEU E 454 42.83 -1.79 28.42
N CYS E 455 42.34 -2.90 27.85
CA CYS E 455 43.11 -3.62 26.85
C CYS E 455 43.22 -2.85 25.53
N ILE E 456 42.44 -1.78 25.37
CA ILE E 456 42.46 -1.01 24.13
C ILE E 456 43.83 -0.40 23.90
N ALA E 457 44.49 0.04 24.96
CA ALA E 457 45.73 0.81 24.85
C ALA E 457 46.98 -0.01 25.10
N LEU E 458 46.91 -1.07 25.92
CA LEU E 458 48.12 -1.83 26.24
C LEU E 458 48.75 -2.42 24.98
N ARG E 459 47.94 -3.02 24.11
CA ARG E 459 48.48 -3.58 22.88
C ARG E 459 49.03 -2.47 21.99
N GLN E 460 48.35 -1.33 21.92
CA GLN E 460 48.81 -0.22 21.10
C GLN E 460 50.18 0.26 21.53
N PHE E 461 50.35 0.53 22.83
CA PHE E 461 51.63 1.04 23.32
C PHE E 461 52.74 0.01 23.11
N TYR E 462 52.49 -1.25 23.44
CA TYR E 462 53.50 -2.28 23.23
C TYR E 462 53.82 -2.46 21.75
N LEU E 463 52.80 -2.44 20.91
CA LEU E 463 53.01 -2.62 19.47
C LEU E 463 53.77 -1.47 18.85
N GLU E 464 53.75 -0.30 19.47
CA GLU E 464 54.47 0.86 18.93
C GLU E 464 55.94 0.81 19.31
N ASN E 465 56.23 0.69 20.60
CA ASN E 465 57.62 0.62 21.04
C ASN E 465 58.33 -0.58 20.46
N TYR E 466 57.67 -1.74 20.47
CA TYR E 466 58.29 -2.95 19.93
C TYR E 466 58.60 -2.78 18.44
N ARG E 467 57.65 -2.24 17.69
CA ARG E 467 57.89 -2.01 16.27
C ARG E 467 58.84 -0.85 16.05
N GLN E 468 58.76 0.19 16.89
CA GLN E 468 59.66 1.33 16.75
C GLN E 468 61.11 0.93 16.97
N LEU E 469 61.37 0.10 17.98
CA LEU E 469 62.73 -0.32 18.26
C LEU E 469 63.30 -1.18 17.14
N ASP E 470 62.46 -1.94 16.46
CA ASP E 470 62.94 -2.80 15.38
C ASP E 470 63.45 -2.01 14.18
N SER E 471 63.09 -0.73 14.07
CA SER E 471 63.56 0.07 12.94
C SER E 471 65.07 0.25 12.95
N GLN E 472 65.67 0.39 14.14
CA GLN E 472 67.10 0.62 14.22
C GLN E 472 67.87 -0.60 13.74
N PRO E 473 69.07 -0.42 13.19
CA PRO E 473 69.87 -1.56 12.76
C PRO E 473 70.30 -2.41 13.95
N ARG E 474 70.88 -3.56 13.64
CA ARG E 474 71.34 -4.49 14.66
C ARG E 474 72.79 -4.89 14.43
N GLU E 475 73.18 -5.02 13.16
CA GLU E 475 74.54 -5.42 12.84
C GLU E 475 75.54 -4.34 13.27
N ILE E 476 76.70 -4.77 13.75
CA ILE E 476 77.74 -3.83 14.16
C ILE E 476 78.21 -3.01 12.97
N ALA E 477 78.46 -3.68 11.83
CA ALA E 477 78.95 -2.96 10.65
C ALA E 477 77.96 -1.88 10.22
N ALA E 478 76.68 -2.25 10.06
CA ALA E 478 75.67 -1.27 9.70
C ALA E 478 75.49 -0.23 10.81
N MET E 479 75.45 -0.68 12.06
CA MET E 479 75.27 0.25 13.17
C MET E 479 76.44 1.23 13.27
N LYS E 480 77.67 0.73 13.13
CA LYS E 480 78.83 1.60 13.20
C LYS E 480 78.83 2.59 12.03
N ALA E 481 78.45 2.12 10.84
CA ALA E 481 78.38 3.02 9.69
C ALA E 481 77.43 4.18 9.96
N GLN E 482 76.36 3.95 10.71
CA GLN E 482 75.44 5.03 11.07
C GLN E 482 76.17 6.11 11.87
N GLU E 483 77.01 5.69 12.82
CA GLU E 483 77.77 6.67 13.59
C GLU E 483 78.69 7.49 12.69
N LEU E 484 79.37 6.83 11.76
CA LEU E 484 80.14 7.56 10.76
C LEU E 484 79.23 8.41 9.89
N THR E 485 78.04 7.92 9.57
CA THR E 485 77.07 8.70 8.80
C THR E 485 76.57 9.92 9.56
N LEU E 486 76.81 9.99 10.87
CA LEU E 486 76.40 11.12 11.68
C LEU E 486 77.57 11.97 12.17
N LEU E 487 78.79 11.43 12.14
CA LEU E 487 79.94 12.17 12.64
C LEU E 487 80.16 13.46 11.84
N ASN E 488 80.09 13.37 10.52
CA ASN E 488 80.36 14.53 9.68
C ASN E 488 79.26 15.59 9.79
N GLN E 489 78.03 15.19 10.12
CA GLN E 489 76.97 16.19 10.29
C GLN E 489 77.32 17.16 11.40
N GLU E 490 77.85 16.64 12.52
CA GLU E 490 78.31 17.53 13.59
C GLU E 490 79.45 18.42 13.10
N MET E 491 80.34 17.86 12.28
CA MET E 491 81.45 18.66 11.75
C MET E 491 80.94 19.82 10.89
N GLN E 492 79.96 19.55 10.03
CA GLN E 492 79.44 20.61 9.17
C GLN E 492 78.79 21.71 9.99
N ASN E 493 78.00 21.36 11.00
CA ASN E 493 77.40 22.37 11.86
C ASN E 493 78.47 23.16 12.61
N LEU E 494 79.60 22.52 12.95
CA LEU E 494 80.66 23.22 13.63
C LEU E 494 81.20 24.36 12.78
N GLY E 495 81.40 24.11 11.48
CA GLY E 495 81.86 25.18 10.61
C GLY E 495 80.85 26.29 10.48
N ILE E 496 79.58 25.92 10.29
CA ILE E 496 78.52 26.93 10.20
C ILE E 496 78.41 27.70 11.50
N GLU E 497 78.43 27.00 12.63
CA GLU E 497 78.32 27.66 13.93
C GLU E 497 79.53 28.51 14.23
N PHE E 498 80.72 28.10 13.78
CA PHE E 498 81.92 28.86 14.07
C PHE E 498 81.85 30.26 13.46
N LYS E 499 81.40 30.36 12.21
CA LYS E 499 81.26 31.66 11.58
C LYS E 499 80.25 32.53 12.30
N LYS E 500 79.21 31.92 12.88
CA LYS E 500 78.19 32.69 13.58
C LYS E 500 78.77 33.46 14.75
N TYR E 501 79.56 32.77 15.59
CA TYR E 501 80.17 33.44 16.74
C TYR E 501 81.13 34.54 16.30
N MET E 502 81.95 34.25 15.29
CA MET E 502 82.91 35.25 14.81
C MET E 502 82.18 36.47 14.26
N SER E 503 81.09 36.26 13.52
CA SER E 503 80.33 37.38 12.98
C SER E 503 79.67 38.19 14.10
N ALA E 504 79.23 37.52 15.17
CA ALA E 504 78.60 38.24 16.28
C ALA E 504 79.62 39.11 17.01
N GLN E 505 80.80 38.55 17.31
CA GLN E 505 81.80 39.31 18.05
C GLN E 505 82.26 40.52 17.26
N ILE E 506 82.52 40.35 15.96
CA ILE E 506 83.01 41.46 15.15
C ILE E 506 81.95 42.54 15.00
N ASN E 507 80.68 42.14 14.88
CA ASN E 507 79.62 43.13 14.72
C ASN E 507 79.54 44.05 15.91
N ASP E 508 79.70 43.51 17.12
CA ASP E 508 79.65 44.34 18.32
C ASP E 508 80.71 45.42 18.32
N VAL E 509 81.84 45.21 17.66
CA VAL E 509 82.90 46.20 17.64
C VAL E 509 82.53 47.38 16.74
N VAL E 510 81.93 47.10 15.58
CA VAL E 510 81.62 48.14 14.61
C VAL E 510 80.68 49.18 15.19
N ILE E 511 79.84 48.80 16.16
CA ILE E 511 78.81 49.69 16.70
C ILE E 511 79.12 50.11 18.14
N GLY E 512 80.08 49.49 18.80
CA GLY E 512 80.44 49.86 20.15
C GLY E 512 79.78 49.06 21.25
N ASN E 513 79.11 47.95 20.91
CA ASN E 513 78.49 47.13 21.95
C ASN E 513 79.53 46.59 22.92
N ASP E 514 80.69 46.18 22.42
CA ASP E 514 81.77 45.69 23.27
C ASP E 514 82.33 46.87 24.06
N ARG E 515 81.92 46.96 25.33
CA ARG E 515 82.32 48.10 26.14
C ARG E 515 83.83 48.17 26.33
N GLU E 516 84.51 47.03 26.34
CA GLU E 516 85.95 47.02 26.55
C GLU E 516 86.67 47.74 25.41
N PHE E 517 86.23 47.52 24.17
CA PHE E 517 86.89 48.15 23.04
C PHE E 517 86.75 49.67 23.10
N ASP E 518 85.57 50.16 23.49
CA ASP E 518 85.34 51.60 23.53
C ASP E 518 86.27 52.28 24.52
N GLN E 519 86.48 51.66 25.69
CA GLN E 519 87.34 52.27 26.70
C GLN E 519 88.76 52.43 26.18
N ASP E 520 89.28 51.42 25.48
CA ASP E 520 90.60 51.54 24.89
C ASP E 520 90.61 52.57 23.77
N PHE E 521 89.55 52.62 22.97
CA PHE E 521 89.52 53.53 21.83
C PHE E 521 89.54 54.98 22.30
N THR E 522 88.75 55.32 23.32
CA THR E 522 88.74 56.69 23.81
C THR E 522 90.10 57.07 24.41
N LYS E 523 90.81 56.11 24.98
CA LYS E 523 92.16 56.37 25.46
C LYS E 523 93.07 56.78 24.32
N LEU E 524 92.93 56.12 23.16
CA LEU E 524 93.76 56.46 22.01
C LEU E 524 93.54 57.89 21.57
N LYS E 525 92.29 58.33 21.48
CA LYS E 525 92.00 59.68 21.04
C LYS E 525 92.55 60.72 22.02
N ALA E 526 92.39 60.47 23.31
CA ALA E 526 92.84 61.45 24.31
C ALA E 526 94.34 61.68 24.23
N ARG E 527 95.11 60.60 24.07
CA ARG E 527 96.56 60.73 24.05
C ARG E 527 97.03 61.61 22.89
N MET E 528 96.46 61.39 21.70
CA MET E 528 96.88 62.14 20.54
C MET E 528 96.54 63.62 20.68
N VAL E 529 95.32 63.93 21.13
CA VAL E 529 94.94 65.33 21.31
C VAL E 529 95.82 65.98 22.37
N ALA E 530 96.04 65.28 23.49
CA ALA E 530 96.95 65.79 24.51
C ALA E 530 98.38 65.90 23.97
N ARG E 531 98.79 64.92 23.18
CA ARG E 531 100.14 64.94 22.63
C ARG E 531 100.36 66.17 21.75
N LEU E 532 99.38 66.48 20.90
CA LEU E 532 99.53 67.65 20.02
C LEU E 532 99.64 68.93 20.82
N ASP E 533 98.76 69.11 21.80
CA ASP E 533 98.80 70.33 22.60
C ASP E 533 100.12 70.46 23.34
N GLU E 534 100.58 69.37 23.96
CA GLU E 534 101.86 69.39 24.66
C GLU E 534 103.02 69.57 23.67
N LEU E 535 102.93 68.93 22.51
CA LEU E 535 104.04 68.96 21.56
C LEU E 535 104.27 70.37 21.02
N LEU E 536 103.20 71.03 20.57
CA LEU E 536 103.36 72.36 19.99
C LEU E 536 103.59 73.41 21.06
N LYS E 537 103.10 73.18 22.29
CA LYS E 537 103.31 74.14 23.36
C LYS E 537 104.79 74.27 23.70
N THR E 538 105.52 73.15 23.71
CA THR E 538 106.94 73.15 24.01
C THR E 538 107.80 73.44 22.79
N PHE E 539 107.19 73.63 21.63
CA PHE E 539 107.97 73.92 20.43
C PHE E 539 108.80 75.19 20.62
N SER E 540 110.06 75.11 20.22
CA SER E 540 110.99 76.22 20.37
C SER E 540 111.79 76.40 19.09
N VAL E 541 112.14 77.64 18.79
CA VAL E 541 112.98 77.94 17.63
C VAL E 541 114.34 77.29 17.78
N MET E 542 114.78 77.02 19.01
CA MET E 542 116.06 76.39 19.27
C MET E 542 115.97 74.87 19.23
N ASN E 543 114.94 74.31 18.61
CA ASN E 543 114.83 72.87 18.37
C ASN E 543 114.67 72.53 16.91
N ALA E 544 113.92 73.35 16.15
CA ALA E 544 113.83 73.13 14.71
C ALA E 544 115.12 73.52 14.01
N TYR E 545 115.71 74.66 14.39
CA TYR E 545 116.96 75.07 13.78
C TYR E 545 118.09 74.09 14.08
N LYS E 546 117.96 73.30 15.15
CA LYS E 546 118.93 72.26 15.42
C LYS E 546 118.94 71.23 14.28
N ARG E 547 117.76 70.84 13.80
CA ARG E 547 117.65 69.83 12.76
C ARG E 547 118.05 70.36 11.39
N ALA E 548 117.92 71.67 11.14
CA ALA E 548 118.24 72.21 9.83
C ALA E 548 119.71 71.97 9.49
N THR E 549 120.60 72.20 10.45
CA THR E 549 122.02 71.94 10.21
C THR E 549 122.26 70.45 9.96
N GLU E 550 121.59 69.59 10.72
CA GLU E 550 121.80 68.15 10.57
C GLU E 550 121.37 67.67 9.18
N SER E 551 120.26 68.19 8.67
CA SER E 551 119.75 67.71 7.39
C SER E 551 120.73 67.92 6.25
N HIS E 552 121.60 68.93 6.35
CA HIS E 552 122.53 69.28 5.29
C HIS E 552 123.96 69.09 5.79
N PRO E 553 124.60 67.97 5.48
CA PRO E 553 125.96 67.73 6.00
C PRO E 553 126.98 68.78 5.58
N ARG E 554 126.85 69.34 4.37
CA ARG E 554 127.86 70.26 3.86
C ARG E 554 127.65 71.68 4.35
N ASN E 555 126.48 72.25 4.04
CA ASN E 555 126.22 73.64 4.42
C ASN E 555 126.12 73.78 5.93
N SER E 556 126.63 74.89 6.45
CA SER E 556 126.63 75.18 7.88
C SER E 556 125.94 76.50 8.18
N THR E 557 125.02 76.92 7.31
CA THR E 557 124.32 78.19 7.47
C THR E 557 122.97 78.06 6.79
N ALA E 558 121.90 77.97 7.61
CA ALA E 558 120.57 77.80 7.05
C ALA E 558 119.86 79.15 6.93
N PRO E 559 119.06 79.35 5.88
CA PRO E 559 118.30 80.60 5.76
C PRO E 559 117.24 80.72 6.84
N PHE E 560 116.82 81.96 7.09
CA PHE E 560 115.75 82.21 8.04
C PHE E 560 114.47 81.48 7.65
N ILE E 561 114.22 81.33 6.34
CA ILE E 561 113.00 80.68 5.90
C ILE E 561 112.99 79.18 6.20
N ALA E 562 114.17 78.58 6.38
CA ALA E 562 114.24 77.14 6.64
C ALA E 562 113.64 76.76 7.98
N VAL E 563 113.42 77.72 8.88
CA VAL E 563 112.84 77.39 10.19
C VAL E 563 111.45 76.80 10.01
N LEU E 564 110.63 77.42 9.16
CA LEU E 564 109.27 76.94 8.96
C LEU E 564 109.25 75.53 8.38
N VAL E 565 110.08 75.27 7.37
CA VAL E 565 110.05 73.98 6.70
C VAL E 565 110.38 72.85 7.67
N GLU E 566 111.43 73.05 8.47
CA GLU E 566 111.78 72.03 9.46
C GLU E 566 110.70 71.87 10.52
N ALA E 567 109.96 72.94 10.80
CA ALA E 567 108.90 72.86 11.81
C ALA E 567 107.81 71.90 11.37
N LEU E 568 107.43 71.93 10.09
CA LEU E 568 106.38 71.03 9.62
C LEU E 568 106.79 69.57 9.80
N TYR E 569 108.00 69.22 9.34
CA TYR E 569 108.45 67.85 9.43
C TYR E 569 108.68 67.42 10.88
N TYR E 570 109.29 68.30 11.68
CA TYR E 570 109.49 67.98 13.09
C TYR E 570 108.16 67.81 13.81
N LEU E 571 107.20 68.68 13.53
CA LEU E 571 105.89 68.60 14.16
C LEU E 571 105.00 67.53 13.53
N ALA E 572 105.35 67.01 12.36
CA ALA E 572 104.59 65.97 11.69
C ALA E 572 105.17 64.58 11.92
N ASN E 573 106.47 64.40 11.72
CA ASN E 573 107.08 63.10 11.94
C ASN E 573 106.93 62.64 13.38
N GLU E 574 107.12 63.56 14.34
CA GLU E 574 106.91 63.22 15.74
C GLU E 574 105.46 62.82 15.98
N LEU E 575 104.51 63.54 15.38
CA LEU E 575 103.11 63.18 15.54
C LEU E 575 102.82 61.82 14.92
N GLU E 576 103.46 61.52 13.80
CA GLU E 576 103.24 60.24 13.14
C GLU E 576 103.61 59.07 14.04
N ASP E 577 104.75 59.17 14.74
CA ASP E 577 105.18 58.09 15.61
C ASP E 577 104.17 57.81 16.70
N ALA E 578 103.39 58.82 17.10
CA ALA E 578 102.41 58.62 18.17
C ALA E 578 101.36 57.60 17.75
N PHE E 579 100.86 57.69 16.51
CA PHE E 579 99.88 56.72 16.04
C PHE E 579 100.47 55.31 16.01
N ILE E 580 101.68 55.18 15.48
CA ILE E 580 102.27 53.85 15.32
C ILE E 580 102.45 53.18 16.67
N GLU E 581 102.98 53.92 17.65
CA GLU E 581 103.18 53.35 18.98
C GLU E 581 101.85 52.96 19.61
N ALA E 582 100.84 53.83 19.49
CA ALA E 582 99.55 53.57 20.12
C ALA E 582 98.76 52.51 19.35
N ILE E 583 98.87 52.51 18.02
CA ILE E 583 98.12 51.55 17.22
C ILE E 583 98.53 50.13 17.57
N HIS E 584 99.85 49.90 17.73
CA HIS E 584 100.31 48.58 18.14
C HIS E 584 99.73 48.20 19.50
N GLU E 585 99.66 49.16 20.42
CA GLU E 585 99.08 48.90 21.74
C GLU E 585 97.60 48.55 21.65
N LEU E 586 96.91 48.99 20.60
CA LEU E 586 95.48 48.74 20.45
C LEU E 586 95.20 47.37 19.84
N VAL E 587 95.83 47.07 18.71
CA VAL E 587 95.57 45.80 18.02
C VAL E 587 95.96 44.63 18.90
N LYS E 588 97.13 44.70 19.54
CA LYS E 588 97.60 43.60 20.36
C LYS E 588 96.63 43.30 21.50
N ASN E 589 96.13 44.35 22.16
CA ASN E 589 95.21 44.15 23.28
C ASN E 589 93.91 43.53 22.81
N PHE E 590 93.43 43.90 21.62
CA PHE E 590 92.17 43.38 21.14
C PHE E 590 92.23 41.87 20.94
N PHE E 591 93.32 41.39 20.32
CA PHE E 591 93.41 39.97 20.00
C PHE E 591 93.41 39.10 21.25
N GLN E 592 94.17 39.52 22.28
CA GLN E 592 94.17 38.77 23.52
C GLN E 592 92.79 38.77 24.16
N ARG E 593 92.06 39.88 24.05
CA ARG E 593 90.68 39.92 24.53
C ARG E 593 89.81 38.95 23.77
N LEU E 594 90.13 38.67 22.50
CA LEU E 594 89.33 37.78 21.68
C LEU E 594 89.72 36.32 21.88
N GLY E 595 91.01 36.00 21.75
CA GLY E 595 91.44 34.64 21.95
C GLY E 595 91.16 34.12 23.34
N ASP E 596 91.34 34.98 24.35
CA ASP E 596 91.08 34.56 25.72
C ASP E 596 89.62 34.18 25.92
N ARG E 597 88.70 34.98 25.38
CA ARG E 597 87.29 34.69 25.52
C ARG E 597 86.79 33.67 24.51
N LEU E 598 87.55 33.41 23.44
CA LEU E 598 87.12 32.48 22.41
C LEU E 598 87.20 31.03 22.89
N ARG E 599 88.17 30.72 23.76
CA ARG E 599 88.34 29.34 24.20
C ARG E 599 87.25 28.93 25.18
N LYS E 600 86.78 29.86 26.02
CA LYS E 600 85.79 29.50 27.02
C LYS E 600 84.48 29.04 26.38
N VAL E 601 84.04 29.73 25.32
CA VAL E 601 82.76 29.41 24.72
C VAL E 601 82.80 28.00 24.12
N ASP E 602 81.63 27.35 24.10
CA ASP E 602 81.55 25.97 23.66
C ASP E 602 81.89 25.79 22.19
N CYS E 603 81.79 26.85 21.38
CA CYS E 603 82.10 26.74 19.96
C CYS E 603 83.50 26.19 19.75
N TYR E 604 84.51 26.93 20.21
CA TYR E 604 85.89 26.48 20.10
C TYR E 604 86.22 25.34 21.06
N HIS E 605 85.40 25.14 22.10
CA HIS E 605 85.65 24.07 23.06
C HIS E 605 85.36 22.71 22.46
N GLN E 606 84.23 22.57 21.76
CA GLN E 606 83.83 21.30 21.20
C GLN E 606 84.75 20.80 20.09
N VAL E 607 85.59 21.68 19.53
CA VAL E 607 86.46 21.27 18.43
C VAL E 607 87.43 20.19 18.88
N TYR E 608 88.02 20.37 20.07
CA TYR E 608 89.09 19.49 20.52
C TYR E 608 88.61 18.15 21.06
N ARG E 609 87.31 18.00 21.28
CA ARG E 609 86.77 16.70 21.66
C ARG E 609 86.64 15.76 20.48
N LEU E 610 86.62 16.29 19.26
CA LEU E 610 86.46 15.49 18.05
C LEU E 610 87.63 15.62 17.11
N VAL E 611 88.05 16.85 16.78
CA VAL E 611 89.12 17.03 15.82
C VAL E 611 90.45 16.52 16.36
N GLY E 612 90.78 16.91 17.59
CA GLY E 612 92.00 16.47 18.27
C GLY E 612 92.99 17.59 18.51
N ASN E 613 92.95 18.66 17.71
CA ASN E 613 93.90 19.74 17.84
C ASN E 613 93.26 21.02 17.30
N ASP E 614 94.06 22.10 17.27
CA ASP E 614 93.54 23.39 16.82
C ASP E 614 93.13 23.36 15.37
N GLY E 615 93.92 22.69 14.52
CA GLY E 615 93.68 22.74 13.09
C GLY E 615 94.11 24.03 12.44
N GLY E 616 95.00 24.79 13.09
CA GLY E 616 95.47 26.05 12.56
C GLY E 616 94.71 27.28 13.02
N ILE E 617 93.73 27.12 13.91
CA ILE E 617 92.96 28.27 14.36
C ILE E 617 93.87 29.30 15.02
N GLU E 618 94.71 28.84 15.96
CA GLU E 618 95.65 29.75 16.60
C GLU E 618 96.69 30.25 15.61
N GLN E 619 97.17 29.36 14.72
CA GLN E 619 98.17 29.76 13.74
C GLN E 619 97.62 30.85 12.82
N LEU E 620 96.41 30.65 12.31
CA LEU E 620 95.80 31.67 11.45
C LEU E 620 95.54 32.95 12.22
N LEU E 621 95.07 32.84 13.46
CA LEU E 621 94.80 34.04 14.25
C LEU E 621 96.06 34.86 14.44
N ARG E 622 97.15 34.21 14.84
CA ARG E 622 98.42 34.92 14.98
C ARG E 622 98.91 35.44 13.63
N ARG E 623 98.77 34.63 12.58
CA ARG E 623 99.19 35.07 11.25
C ARG E 623 98.38 36.27 10.79
N ALA E 624 97.05 36.23 11.00
CA ALA E 624 96.21 37.34 10.58
C ALA E 624 96.54 38.60 11.36
N GLU E 625 96.82 38.47 12.66
CA GLU E 625 97.14 39.64 13.47
C GLU E 625 98.29 40.42 12.89
N GLU E 626 99.31 39.73 12.37
CA GLU E 626 100.43 40.40 11.75
C GLU E 626 99.98 41.21 10.53
N ASP E 627 99.10 40.63 9.71
CA ASP E 627 98.63 41.33 8.53
C ASP E 627 97.85 42.59 8.90
N ILE E 628 97.01 42.51 9.93
CA ILE E 628 96.21 43.66 10.33
C ILE E 628 97.10 44.82 10.76
N THR E 629 98.15 44.51 11.53
CA THR E 629 99.04 45.57 12.01
C THR E 629 99.71 46.27 10.84
N LYS E 630 100.17 45.51 9.83
CA LYS E 630 100.83 46.13 8.69
C LYS E 630 99.88 47.04 7.93
N ALA E 631 98.65 46.60 7.72
CA ALA E 631 97.70 47.39 6.93
C ALA E 631 97.40 48.73 7.60
N LEU E 632 97.12 48.71 8.91
CA LEU E 632 96.80 49.95 9.61
C LEU E 632 98.00 50.88 9.66
N VAL E 633 99.20 50.33 9.86
CA VAL E 633 100.40 51.16 9.94
C VAL E 633 100.61 51.90 8.62
N ASN E 634 100.48 51.19 7.50
CA ASN E 634 100.61 51.84 6.20
C ASN E 634 99.55 52.91 5.99
N GLU E 635 98.30 52.59 6.34
CA GLU E 635 97.22 53.56 6.17
C GLU E 635 97.45 54.79 7.06
N ALA E 636 97.86 54.58 8.30
CA ALA E 636 98.10 55.71 9.20
C ALA E 636 99.21 56.60 8.68
N ARG E 637 100.30 56.00 8.20
CA ARG E 637 101.41 56.80 7.68
C ARG E 637 100.99 57.61 6.46
N THR E 638 100.16 57.02 5.60
CA THR E 638 99.73 57.74 4.40
C THR E 638 98.99 59.03 4.76
N GLU E 639 98.08 58.96 5.73
CA GLU E 639 97.39 60.16 6.18
C GLU E 639 98.37 61.14 6.82
N CYS E 640 99.32 60.63 7.61
CA CYS E 640 100.28 61.50 8.26
C CYS E 640 101.14 62.26 7.26
N ASP E 641 101.22 61.80 6.01
CA ASP E 641 102.00 62.50 5.00
C ASP E 641 101.27 63.69 4.40
N ARG E 642 99.98 63.86 4.70
CA ARG E 642 99.21 64.96 4.13
C ARG E 642 99.26 66.23 4.97
N TYR E 643 99.59 66.11 6.26
CA TYR E 643 99.67 67.30 7.12
C TYR E 643 100.79 68.23 6.69
N VAL E 644 101.87 67.69 6.14
CA VAL E 644 103.04 68.50 5.82
C VAL E 644 102.70 69.59 4.82
N ARG E 645 101.93 69.25 3.78
CA ARG E 645 101.55 70.24 2.78
C ARG E 645 100.77 71.37 3.43
N GLU E 646 101.12 72.60 3.09
CA GLU E 646 100.52 73.76 3.72
C GLU E 646 99.15 74.05 3.10
N SER E 647 98.16 74.22 3.97
CA SER E 647 96.83 74.62 3.56
C SER E 647 96.75 76.13 3.46
N PRO E 648 95.70 76.66 2.81
CA PRO E 648 95.56 78.12 2.75
C PRO E 648 95.52 78.77 4.12
N ARG E 649 94.98 78.08 5.12
CA ARG E 649 94.96 78.62 6.48
C ARG E 649 96.38 78.82 7.02
N PHE E 650 97.35 78.07 6.49
CA PHE E 650 98.72 78.18 6.99
C PHE E 650 99.25 79.61 6.89
N TYR E 651 98.83 80.35 5.87
CA TYR E 651 99.25 81.73 5.69
C TYR E 651 98.10 82.67 6.05
N ASP E 652 98.42 83.71 6.82
CA ASP E 652 97.44 84.71 7.23
C ASP E 652 98.18 85.99 7.56
N GLU E 653 97.85 87.08 6.87
CA GLU E 653 98.58 88.33 7.05
C GLU E 653 98.52 88.79 8.49
N GLY E 654 97.32 88.82 9.08
CA GLY E 654 97.18 89.30 10.44
C GLY E 654 97.87 88.39 11.46
N THR E 655 97.69 87.08 11.32
CA THR E 655 98.24 86.15 12.30
C THR E 655 99.76 86.21 12.31
N PHE E 656 100.39 86.26 11.14
CA PHE E 656 101.84 86.25 11.06
C PHE E 656 102.25 86.66 9.65
N SER E 657 103.33 87.42 9.56
CA SER E 657 103.87 87.89 8.28
C SER E 657 105.26 87.32 8.09
N ILE E 658 105.49 86.72 6.92
CA ILE E 658 106.80 86.18 6.59
C ILE E 658 107.84 87.27 6.39
N TYR E 659 107.41 88.51 6.17
CA TYR E 659 108.30 89.61 5.85
C TYR E 659 108.82 90.34 7.07
N GLN E 660 108.40 89.95 8.27
CA GLN E 660 108.96 90.54 9.47
C GLN E 660 110.42 90.16 9.67
N PHE E 661 110.90 89.14 8.96
CA PHE E 661 112.32 88.79 9.04
C PHE E 661 113.18 89.94 8.54
N ARG E 662 112.70 90.69 7.56
CA ARG E 662 113.44 91.85 7.08
C ARG E 662 113.78 92.79 8.23
N GLN E 663 112.83 92.98 9.16
CA GLN E 663 113.12 93.80 10.33
C GLN E 663 114.29 93.23 11.12
N THR E 664 114.45 91.90 11.12
CA THR E 664 115.59 91.26 11.74
C THR E 664 116.80 91.18 10.82
N LEU E 665 116.63 91.51 9.54
CA LEU E 665 117.73 91.49 8.57
C LEU E 665 118.21 92.89 8.20
N GLN E 666 117.35 93.90 8.32
CA GLN E 666 117.70 95.27 7.96
C GLN E 666 118.59 95.85 9.07
N GLN E 667 119.86 95.46 9.04
CA GLN E 667 120.85 95.95 9.99
C GLN E 667 120.42 95.68 11.43
N THR E 668 119.80 94.51 11.65
CA THR E 668 119.38 94.08 12.97
C THR E 668 120.13 92.84 13.43
N SER E 669 120.12 91.78 12.63
CA SER E 669 120.88 90.57 12.93
C SER E 669 122.27 90.75 12.36
N GLN E 670 123.20 91.21 13.20
CA GLN E 670 124.54 91.53 12.74
C GLN E 670 125.29 90.27 12.34
N GLY E 671 125.47 89.34 13.28
CA GLY E 671 126.19 88.12 12.99
C GLY E 671 125.35 87.09 12.27
N TYR E 672 126.02 86.08 11.71
CA TYR E 672 125.35 84.96 11.05
C TYR E 672 124.93 83.94 12.10
N ASP E 673 123.99 84.36 12.93
CA ASP E 673 123.43 83.53 13.99
C ASP E 673 121.91 83.52 13.88
N ALA E 674 121.27 82.83 14.81
CA ALA E 674 119.81 82.70 14.86
C ALA E 674 119.31 82.95 16.27
N GLN E 675 119.83 84.00 16.91
CA GLN E 675 119.44 84.35 18.27
C GLN E 675 118.35 85.41 18.30
N ALA E 676 118.44 86.44 17.45
CA ALA E 676 117.42 87.48 17.44
C ALA E 676 116.07 86.94 16.99
N ILE E 677 116.07 85.89 16.16
CA ILE E 677 114.82 85.32 15.67
C ILE E 677 113.99 84.74 16.81
N VAL E 678 114.63 84.43 17.95
CA VAL E 678 113.90 83.83 19.07
C VAL E 678 112.79 84.76 19.55
N GLU E 679 112.94 86.06 19.31
CA GLU E 679 111.91 87.01 19.75
C GLU E 679 110.57 86.72 19.08
N ALA E 680 110.58 86.13 17.89
CA ALA E 680 109.37 85.84 17.15
C ALA E 680 108.77 84.48 17.48
N GLU E 681 109.35 83.75 18.43
CA GLU E 681 108.82 82.43 18.78
C GLU E 681 107.35 82.47 19.19
N PRO E 682 106.89 83.42 20.02
CA PRO E 682 105.48 83.39 20.41
C PRO E 682 104.52 83.47 19.24
N ALA E 683 104.86 84.23 18.20
CA ALA E 683 103.95 84.43 17.09
C ALA E 683 103.81 83.16 16.24
N ILE E 684 104.93 82.49 15.96
CA ILE E 684 104.88 81.31 15.09
C ILE E 684 104.07 80.19 15.74
N LYS E 685 104.14 80.07 17.07
CA LYS E 685 103.41 79.01 17.75
C LYS E 685 101.92 79.10 17.47
N GLU E 686 101.36 80.32 17.53
CA GLU E 686 99.94 80.49 17.24
C GLU E 686 99.63 80.12 15.79
N LEU E 687 100.51 80.47 14.86
CA LEU E 687 100.26 80.20 13.45
C LEU E 687 100.17 78.69 13.20
N LEU E 688 101.09 77.92 13.78
CA LEU E 688 101.05 76.48 13.60
C LEU E 688 99.78 75.88 14.19
N LYS E 689 99.35 76.39 15.35
CA LYS E 689 98.11 75.92 15.96
C LYS E 689 96.94 76.09 14.99
N LEU E 690 96.86 77.24 14.34
CA LEU E 690 95.75 77.49 13.41
C LEU E 690 95.79 76.51 12.24
N ASP E 691 96.98 76.24 11.70
CA ASP E 691 97.08 75.38 10.54
C ASP E 691 96.76 73.93 10.87
N PHE E 692 97.35 73.40 11.94
CA PHE E 692 97.25 71.98 12.22
C PHE E 692 95.97 71.62 12.98
N GLU E 693 95.49 72.50 13.86
CA GLU E 693 94.34 72.17 14.69
C GLU E 693 93.15 71.67 13.88
N PRO E 694 92.75 72.31 12.77
CA PRO E 694 91.63 71.77 12.01
C PRO E 694 91.95 70.44 11.35
N LYS E 695 93.16 70.29 10.80
CA LYS E 695 93.50 69.06 10.07
C LYS E 695 93.54 67.86 11.00
N VAL E 696 94.24 67.99 12.13
CA VAL E 696 94.38 66.85 13.04
C VAL E 696 93.03 66.46 13.61
N PHE E 697 92.23 67.44 14.02
CA PHE E 697 90.91 67.14 14.55
C PHE E 697 90.04 66.47 13.50
N ASN E 698 90.17 66.89 12.24
CA ASN E 698 89.37 66.30 11.18
C ASN E 698 89.67 64.82 11.02
N THR E 699 90.94 64.44 11.09
CA THR E 699 91.33 63.06 10.82
C THR E 699 90.90 62.14 11.95
N VAL E 700 91.35 62.40 13.17
CA VAL E 700 91.08 61.50 14.28
C VAL E 700 89.59 61.39 14.54
N ARG E 701 88.88 62.53 14.52
CA ARG E 701 87.47 62.52 14.89
C ARG E 701 86.61 61.82 13.84
N LYS E 702 86.87 62.09 12.56
CA LYS E 702 86.05 61.56 11.47
C LYS E 702 86.68 60.35 10.77
N ASN E 703 87.88 60.54 10.23
CA ASN E 703 88.42 59.57 9.28
C ASN E 703 88.96 58.32 9.97
N PHE E 704 89.63 58.47 11.12
CA PHE E 704 90.33 57.34 11.72
C PHE E 704 89.36 56.22 12.11
N ARG E 705 88.20 56.59 12.63
CA ARG E 705 87.26 55.58 13.13
C ARG E 705 86.82 54.64 12.01
N GLN E 706 86.51 55.19 10.84
CA GLN E 706 86.00 54.36 9.75
C GLN E 706 87.03 53.32 9.30
N THR E 707 88.30 53.73 9.19
CA THR E 707 89.32 52.83 8.66
C THR E 707 89.48 51.60 9.55
N VAL E 708 89.51 51.79 10.87
CA VAL E 708 89.73 50.66 11.78
C VAL E 708 88.59 49.66 11.67
N ASN E 709 87.34 50.16 11.67
CA ASN E 709 86.20 49.25 11.65
C ASN E 709 86.17 48.42 10.36
N ASN E 710 86.29 49.08 9.21
CA ASN E 710 86.26 48.37 7.95
C ASN E 710 87.44 47.43 7.81
N THR E 711 88.64 47.88 8.22
CA THR E 711 89.83 47.06 8.06
C THR E 711 89.73 45.75 8.83
N LEU E 712 89.23 45.81 10.07
CA LEU E 712 89.12 44.60 10.86
C LEU E 712 88.14 43.61 10.23
N LYS E 713 86.99 44.11 9.76
CA LYS E 713 85.97 43.22 9.22
C LYS E 713 86.37 42.68 7.85
N THR E 714 86.98 43.51 7.02
CA THR E 714 87.32 43.09 5.66
C THR E 714 88.36 41.98 5.64
N HIS E 715 89.17 41.86 6.68
CA HIS E 715 90.21 40.84 6.75
C HIS E 715 89.85 39.67 7.65
N LEU E 716 89.15 39.93 8.76
CA LEU E 716 88.86 38.86 9.71
C LEU E 716 87.87 37.85 9.12
N LEU E 717 86.79 38.33 8.52
CA LEU E 717 85.77 37.42 8.00
C LEU E 717 86.31 36.47 6.93
N PRO E 718 87.00 36.94 5.89
CA PRO E 718 87.53 35.99 4.90
C PRO E 718 88.45 34.95 5.52
N MET E 719 89.25 35.36 6.51
CA MET E 719 90.07 34.39 7.23
C MET E 719 89.20 33.37 7.94
N ALA E 720 88.13 33.82 8.60
CA ALA E 720 87.24 32.91 9.30
C ALA E 720 86.56 31.95 8.33
N GLU E 721 86.12 32.47 7.18
CA GLU E 721 85.51 31.60 6.18
C GLU E 721 86.50 30.56 5.69
N GLU E 722 87.74 30.97 5.45
CA GLU E 722 88.78 30.00 5.09
C GLU E 722 88.99 28.97 6.18
N GLN E 723 88.80 29.36 7.45
CA GLN E 723 88.94 28.41 8.54
C GLN E 723 87.91 27.29 8.44
N ALA E 724 86.72 27.60 7.92
CA ALA E 724 85.70 26.58 7.73
C ALA E 724 86.06 25.59 6.63
N GLN E 725 86.90 25.99 5.68
CA GLN E 725 87.32 25.12 4.60
C GLN E 725 88.51 24.24 4.98
N ILE E 726 89.10 24.44 6.14
CA ILE E 726 90.26 23.65 6.56
C ILE E 726 89.88 22.81 7.78
N ILE E 727 88.92 23.30 8.57
CA ILE E 727 88.46 22.53 9.72
C ILE E 727 87.82 21.22 9.26
N LEU E 728 86.96 21.29 8.24
CA LEU E 728 86.37 20.10 7.67
C LEU E 728 87.29 19.40 6.69
N GLU E 729 88.38 20.06 6.28
CA GLU E 729 89.31 19.45 5.35
C GLU E 729 89.96 18.20 5.93
N GLN E 730 90.11 18.16 7.25
CA GLN E 730 90.80 17.06 7.94
C GLN E 730 89.80 16.11 8.60
N TYR E 731 88.66 15.88 7.94
CA TYR E 731 87.71 14.89 8.43
C TYR E 731 88.30 13.50 8.45
N ASP E 732 89.27 13.22 7.58
CA ASP E 732 89.83 11.87 7.48
C ASP E 732 90.62 11.50 8.74
N VAL E 733 91.52 12.39 9.17
CA VAL E 733 92.37 12.07 10.31
C VAL E 733 91.54 11.85 11.57
N ALA E 734 90.53 12.71 11.78
CA ALA E 734 89.71 12.56 12.98
C ALA E 734 89.02 11.21 13.03
N ARG E 735 88.71 10.64 11.87
CA ARG E 735 88.06 9.33 11.85
C ARG E 735 88.97 8.26 12.44
N LYS E 736 90.26 8.29 12.09
CA LYS E 736 91.20 7.31 12.63
C LYS E 736 91.33 7.48 14.14
N TYR E 737 91.42 8.72 14.62
CA TYR E 737 91.46 8.96 16.06
C TYR E 737 90.20 8.45 16.74
N ARG E 738 89.03 8.71 16.14
CA ARG E 738 87.78 8.26 16.72
C ARG E 738 87.59 6.75 16.58
N GLU E 739 88.28 6.12 15.61
CA GLU E 739 88.09 4.69 15.37
C GLU E 739 88.42 3.86 16.61
N GLN E 740 89.25 4.40 17.50
CA GLN E 740 89.64 3.65 18.69
C GLN E 740 88.44 3.36 19.59
N THR E 741 87.55 4.34 19.74
CA THR E 741 86.46 4.25 20.71
C THR E 741 85.13 3.86 20.10
N LEU E 742 84.99 3.90 18.76
CA LEU E 742 83.70 3.64 18.15
C LEU E 742 83.23 2.19 18.34
N GLU E 743 84.16 1.26 18.54
CA GLU E 743 83.76 -0.14 18.69
C GLU E 743 82.92 -0.34 19.95
N GLN E 744 83.33 0.27 21.06
CA GLN E 744 82.61 0.08 22.32
C GLN E 744 81.20 0.64 22.23
N ASP E 745 81.04 1.82 21.63
CA ASP E 745 79.72 2.44 21.55
C ASP E 745 78.76 1.59 20.74
N ALA E 746 79.22 1.04 19.61
CA ALA E 746 78.34 0.25 18.75
C ALA E 746 77.83 -0.98 19.48
N GLU E 747 78.73 -1.77 20.05
CA GLU E 747 78.31 -2.97 20.76
C GLU E 747 77.50 -2.63 22.00
N GLU E 748 77.91 -1.58 22.73
CA GLU E 748 77.18 -1.21 23.94
C GLU E 748 75.78 -0.74 23.61
N LYS E 749 75.63 0.06 22.56
CA LYS E 749 74.31 0.61 22.24
C LYS E 749 73.33 -0.48 21.84
N ILE E 750 73.76 -1.43 21.01
CA ILE E 750 72.86 -2.51 20.59
C ILE E 750 72.51 -3.39 21.78
N ALA E 751 73.46 -3.60 22.70
CA ALA E 751 73.16 -4.38 23.89
C ALA E 751 72.04 -3.74 24.70
N ARG E 752 72.08 -2.42 24.85
CA ARG E 752 70.98 -1.70 25.50
C ARG E 752 69.70 -1.86 24.68
N ASN E 753 69.80 -1.72 23.36
CA ASN E 753 68.62 -1.88 22.51
C ASN E 753 68.05 -3.28 22.63
N SER E 754 68.92 -4.30 22.61
CA SER E 754 68.46 -5.68 22.75
C SER E 754 67.85 -5.92 24.12
N ARG E 755 68.46 -5.38 25.17
CA ARG E 755 67.96 -5.62 26.52
C ARG E 755 66.54 -5.09 26.68
N LEU E 756 66.29 -3.87 26.20
CA LEU E 756 64.94 -3.32 26.27
C LEU E 756 64.00 -4.00 25.29
N GLN E 757 64.49 -4.31 24.09
CA GLN E 757 63.67 -5.01 23.12
C GLN E 757 63.27 -6.39 23.63
N SER E 758 64.20 -7.10 24.27
CA SER E 758 63.87 -8.38 24.86
C SER E 758 63.02 -8.22 26.13
N GLU E 759 63.27 -7.16 26.90
CA GLU E 759 62.50 -6.95 28.12
C GLU E 759 61.02 -6.76 27.81
N ILE E 760 60.71 -5.94 26.81
CA ILE E 760 59.32 -5.72 26.43
C ILE E 760 58.71 -7.00 25.87
N LYS E 761 59.51 -7.77 25.14
CA LYS E 761 59.02 -9.04 24.61
C LYS E 761 58.53 -9.96 25.71
N GLN E 762 59.15 -9.88 26.90
CA GLN E 762 58.70 -10.71 28.01
C GLN E 762 57.32 -10.28 28.50
N LYS E 763 57.06 -8.98 28.55
CA LYS E 763 55.80 -8.50 29.10
C LYS E 763 54.61 -8.95 28.27
N ILE E 764 54.71 -8.88 26.94
CA ILE E 764 53.58 -9.22 26.09
C ILE E 764 53.24 -10.71 26.23
N ASP E 765 54.25 -11.56 26.43
CA ASP E 765 53.98 -12.98 26.64
C ASP E 765 53.09 -13.18 27.87
N LEU E 766 53.40 -12.49 28.96
CA LEU E 766 52.55 -12.56 30.14
C LEU E 766 51.15 -12.03 29.83
N TYR E 767 51.07 -10.92 29.09
CA TYR E 767 49.77 -10.38 28.73
C TYR E 767 48.99 -11.35 27.85
N GLN E 768 49.67 -11.98 26.89
CA GLN E 768 48.96 -12.87 25.96
C GLN E 768 48.36 -14.06 26.69
N THR E 769 49.08 -14.64 27.64
CA THR E 769 48.57 -15.82 28.34
C THR E 769 47.31 -15.49 29.14
N SER E 770 47.31 -14.36 29.85
CA SER E 770 46.17 -14.03 30.70
C SER E 770 44.91 -13.80 29.87
N ILE E 771 45.03 -13.06 28.76
CA ILE E 771 43.85 -12.72 27.98
C ILE E 771 43.24 -13.97 27.35
N VAL E 772 44.07 -14.90 26.91
CA VAL E 772 43.57 -16.13 26.30
C VAL E 772 42.68 -16.88 27.29
N SER E 773 43.14 -16.99 28.54
CA SER E 773 42.34 -17.65 29.56
C SER E 773 41.05 -16.90 29.83
N ILE E 774 41.10 -15.56 29.82
CA ILE E 774 39.90 -14.77 30.08
C ILE E 774 38.84 -15.06 29.04
N ASN E 775 39.22 -15.04 27.75
CA ASN E 775 38.26 -15.32 26.70
C ASN E 775 37.79 -16.77 26.75
N GLU E 776 38.67 -17.69 27.12
CA GLU E 776 38.29 -19.10 27.20
C GLU E 776 37.19 -19.31 28.22
N CYS E 777 37.31 -18.69 29.40
CA CYS E 777 36.29 -18.84 30.43
C CYS E 777 34.99 -18.14 30.02
N LEU E 778 35.11 -16.90 29.55
CA LEU E 778 33.91 -16.16 29.13
C LEU E 778 33.28 -16.75 27.89
N LYS E 779 34.02 -17.53 27.10
CA LYS E 779 33.45 -18.18 25.92
C LYS E 779 32.30 -19.11 26.27
N ALA E 780 32.25 -19.58 27.52
CA ALA E 780 31.22 -20.55 27.90
C ALA E 780 29.82 -19.93 27.90
N MET E 781 29.70 -18.61 27.98
CA MET E 781 28.39 -17.96 28.05
C MET E 781 28.20 -16.82 27.07
N GLN E 782 29.27 -16.17 26.61
CA GLN E 782 29.12 -15.00 25.75
C GLN E 782 30.23 -14.99 24.71
N ILE E 783 29.97 -14.27 23.62
CA ILE E 783 30.88 -14.22 22.48
C ILE E 783 31.63 -12.88 22.44
N PHE E 784 31.62 -12.12 23.53
CA PHE E 784 32.30 -10.83 23.60
C PHE E 784 33.75 -11.11 24.00
N GLU E 785 34.64 -11.18 23.01
CA GLU E 785 36.03 -11.57 23.22
C GLU E 785 36.95 -10.39 22.95
N GLN E 786 38.11 -10.41 23.60
CA GLN E 786 39.11 -9.35 23.46
C GLN E 786 40.07 -9.70 22.32
N LEU E 787 41.17 -8.93 22.18
CA LEU E 787 42.08 -9.10 21.06
C LEU E 787 43.27 -9.96 21.44
N PRO E 788 43.76 -10.81 20.53
CA PRO E 788 45.05 -11.48 20.74
C PRO E 788 46.22 -10.66 20.20
N VAL E 789 47.44 -11.12 20.43
CA VAL E 789 48.64 -10.49 19.91
C VAL E 789 49.48 -11.59 19.27
N ILE E 790 49.65 -11.52 17.95
CA ILE E 790 50.35 -12.55 17.20
C ILE E 790 50.82 -11.96 15.88
N THR E 791 51.87 -12.57 15.31
CA THR E 791 52.46 -12.15 14.05
C THR E 791 52.63 -10.63 13.99
N GLU E 792 53.18 -10.07 15.07
CA GLU E 792 53.45 -8.65 15.09
C GLU E 792 54.40 -8.24 13.97
N SER E 793 55.35 -9.10 13.63
CA SER E 793 56.31 -8.82 12.56
C SER E 793 57.06 -7.53 12.84
N SER F 2 -29.13 -39.57 36.67
CA SER F 2 -29.71 -40.66 35.85
C SER F 2 -28.85 -40.95 34.62
N LYS F 3 -28.21 -39.90 34.10
CA LYS F 3 -27.34 -40.01 32.95
C LYS F 3 -25.87 -40.19 33.33
N ILE F 4 -25.58 -40.37 34.61
CA ILE F 4 -24.19 -40.58 35.03
C ILE F 4 -23.61 -41.75 34.25
N ALA F 5 -22.41 -41.55 33.72
CA ALA F 5 -21.75 -42.54 32.87
C ALA F 5 -20.35 -42.80 33.37
N PRO F 6 -19.79 -43.98 33.08
CA PRO F 6 -18.41 -44.26 33.52
C PRO F 6 -17.39 -43.28 32.98
N GLN F 7 -17.63 -42.73 31.78
CA GLN F 7 -16.69 -41.77 31.23
C GLN F 7 -16.68 -40.47 32.00
N CYS F 8 -17.81 -40.11 32.63
CA CYS F 8 -17.90 -38.87 33.37
C CYS F 8 -17.09 -38.88 34.67
N GLN F 9 -16.70 -40.07 35.16
CA GLN F 9 -15.95 -40.13 36.41
C GLN F 9 -14.62 -39.41 36.29
N ASN F 10 -13.93 -39.59 35.16
CA ASN F 10 -12.63 -38.97 34.92
C ASN F 10 -12.72 -37.74 34.05
N LEU F 11 -13.91 -37.36 33.58
CA LEU F 11 -14.04 -36.23 32.67
C LEU F 11 -13.59 -34.94 33.35
N ARG F 12 -14.02 -34.70 34.59
CA ARG F 12 -13.69 -33.45 35.26
C ARG F 12 -12.20 -33.35 35.54
N GLU F 13 -11.55 -34.46 35.91
CA GLU F 13 -10.11 -34.43 36.13
C GLU F 13 -9.36 -34.04 34.87
N GLN F 14 -9.92 -34.31 33.69
CA GLN F 14 -9.23 -33.97 32.44
C GLN F 14 -9.17 -32.46 32.23
N VAL F 15 -10.31 -31.77 32.40
CA VAL F 15 -10.32 -30.33 32.20
C VAL F 15 -9.41 -29.63 33.21
N ASN F 16 -9.23 -30.23 34.40
CA ASN F 16 -8.26 -29.69 35.34
C ASN F 16 -6.89 -29.60 34.71
N GLN F 17 -6.54 -30.60 33.89
CA GLN F 17 -5.29 -30.53 33.15
C GLN F 17 -5.31 -29.36 32.16
N LEU F 18 -6.44 -29.16 31.48
CA LEU F 18 -6.54 -28.06 30.53
C LEU F 18 -6.30 -26.72 31.22
N ILE F 19 -6.87 -26.53 32.41
CA ILE F 19 -6.61 -25.31 33.16
C ILE F 19 -5.13 -25.21 33.49
N GLU F 20 -4.50 -26.35 33.81
CA GLU F 20 -3.07 -26.34 34.11
C GLU F 20 -2.25 -25.87 32.91
N LEU F 21 -2.58 -26.38 31.72
CA LEU F 21 -1.83 -25.97 30.53
C LEU F 21 -2.00 -24.48 30.27
N LEU F 22 -3.23 -23.97 30.42
CA LEU F 22 -3.48 -22.55 30.18
C LEU F 22 -2.66 -21.69 31.14
N ARG F 23 -2.58 -22.08 32.41
CA ARG F 23 -1.86 -21.27 33.39
C ARG F 23 -0.36 -21.28 33.14
N GLN F 24 0.18 -22.39 32.62
CA GLN F 24 1.62 -22.48 32.42
C GLN F 24 2.11 -21.42 31.43
N GLU F 25 1.39 -21.22 30.34
CA GLU F 25 1.82 -20.27 29.32
C GLU F 25 1.69 -18.86 29.87
N PRO F 26 2.77 -18.05 29.87
CA PRO F 26 2.67 -16.71 30.47
C PRO F 26 1.67 -15.80 29.77
N THR F 27 1.85 -15.61 28.46
CA THR F 27 1.02 -14.65 27.73
C THR F 27 -0.43 -15.08 27.65
N LEU F 28 -0.74 -16.36 27.84
CA LEU F 28 -2.13 -16.82 27.78
C LEU F 28 -2.92 -16.37 29.01
N ARG F 29 -2.25 -16.25 30.16
CA ARG F 29 -2.95 -15.85 31.38
C ARG F 29 -3.54 -14.46 31.29
N SER F 30 -3.08 -13.65 30.33
CA SER F 30 -3.49 -12.25 30.27
C SER F 30 -4.94 -12.11 29.82
N GLN F 31 -5.33 -12.84 28.78
CA GLN F 31 -6.61 -12.64 28.11
C GLN F 31 -7.42 -13.93 28.08
N GLN F 32 -7.45 -14.65 29.20
CA GLN F 32 -8.24 -15.88 29.33
C GLN F 32 -8.78 -15.95 30.76
N ASP F 33 -10.08 -15.71 30.90
CA ASP F 33 -10.73 -15.75 32.21
C ASP F 33 -11.49 -17.05 32.35
N THR F 34 -11.22 -17.77 33.45
CA THR F 34 -11.89 -19.04 33.74
C THR F 34 -13.20 -18.84 34.51
N SER F 35 -13.68 -17.61 34.64
CA SER F 35 -14.91 -17.36 35.40
C SER F 35 -16.10 -18.10 34.80
N ILE F 36 -16.08 -18.39 33.50
CA ILE F 36 -17.19 -19.10 32.88
C ILE F 36 -17.20 -20.57 33.32
N VAL F 37 -16.08 -21.26 33.12
CA VAL F 37 -15.96 -22.63 33.60
C VAL F 37 -15.97 -22.67 35.13
N GLU F 38 -15.68 -21.54 35.78
CA GLU F 38 -15.66 -21.51 37.24
C GLU F 38 -17.01 -21.87 37.84
N THR F 39 -18.10 -21.76 37.09
CA THR F 39 -19.44 -22.03 37.58
C THR F 39 -20.22 -22.90 36.59
N ALA F 40 -19.52 -23.76 35.85
CA ALA F 40 -20.15 -24.58 34.81
C ALA F 40 -20.03 -26.07 35.10
N LEU F 41 -18.82 -26.59 35.32
CA LEU F 41 -18.65 -28.04 35.43
C LEU F 41 -19.44 -28.60 36.60
N GLY F 42 -19.12 -28.16 37.82
CA GLY F 42 -19.81 -28.70 38.98
C GLY F 42 -21.31 -28.42 38.95
N LYS F 43 -21.72 -27.34 38.28
CA LYS F 43 -23.14 -27.12 38.07
C LYS F 43 -23.73 -28.21 37.19
N ALA F 44 -22.90 -28.85 36.36
CA ALA F 44 -23.34 -29.96 35.52
C ALA F 44 -23.16 -31.30 36.23
N LEU F 45 -21.92 -31.65 36.57
CA LEU F 45 -21.66 -32.86 37.33
C LEU F 45 -22.10 -32.66 38.78
N SER F 46 -22.84 -33.62 39.31
CA SER F 46 -23.55 -33.39 40.56
C SER F 46 -24.47 -32.20 40.34
N PRO F 47 -25.38 -32.28 39.37
CA PRO F 47 -26.10 -31.09 38.94
C PRO F 47 -26.98 -30.50 40.03
N ARG F 48 -27.16 -29.18 39.96
CA ARG F 48 -28.02 -28.44 40.87
C ARG F 48 -29.15 -27.83 40.06
N PHE F 49 -30.36 -28.34 40.26
CA PHE F 49 -31.55 -27.82 39.60
C PHE F 49 -32.47 -27.17 40.63
N GLU F 50 -33.11 -26.08 40.21
CA GLU F 50 -33.97 -25.29 41.08
C GLU F 50 -35.34 -25.17 40.47
N ILE F 51 -36.37 -25.45 41.28
CA ILE F 51 -37.76 -25.33 40.87
C ILE F 51 -38.42 -24.28 41.76
N VAL F 52 -39.06 -23.29 41.13
CA VAL F 52 -39.65 -22.16 41.83
C VAL F 52 -41.17 -22.31 41.78
N PHE F 53 -41.80 -22.27 42.95
CA PHE F 53 -43.26 -22.29 43.08
C PHE F 53 -43.71 -20.91 43.52
N ALA F 54 -44.31 -20.16 42.59
CA ALA F 54 -44.77 -18.81 42.85
C ALA F 54 -46.30 -18.83 42.98
N GLY F 55 -46.80 -18.28 44.07
CA GLY F 55 -48.23 -18.22 44.30
C GLY F 55 -48.59 -17.07 45.20
N ALA F 56 -49.83 -16.60 45.05
CA ALA F 56 -50.32 -15.50 45.85
C ALA F 56 -50.44 -15.91 47.31
N PHE F 57 -50.34 -14.92 48.19
CA PHE F 57 -50.40 -15.18 49.63
C PHE F 57 -51.75 -15.77 50.00
N SER F 58 -51.72 -16.81 50.82
CA SER F 58 -52.92 -17.51 51.28
C SER F 58 -53.71 -18.14 50.13
N ALA F 59 -53.04 -18.37 49.00
CA ALA F 59 -53.68 -19.00 47.84
C ALA F 59 -53.48 -20.50 47.80
N GLY F 60 -52.94 -21.09 48.86
CA GLY F 60 -52.64 -22.51 48.88
C GLY F 60 -51.21 -22.87 48.55
N LYS F 61 -50.31 -21.88 48.47
CA LYS F 61 -48.92 -22.17 48.15
C LYS F 61 -48.32 -23.12 49.18
N SER F 62 -48.56 -22.85 50.47
CA SER F 62 -48.09 -23.75 51.52
C SER F 62 -48.80 -25.10 51.41
N MET F 63 -50.11 -25.09 51.15
CA MET F 63 -50.87 -26.33 51.06
C MET F 63 -50.43 -27.16 49.86
N LEU F 64 -50.21 -26.50 48.72
CA LEU F 64 -49.81 -27.22 47.51
C LEU F 64 -48.44 -27.88 47.69
N ILE F 65 -47.50 -27.18 48.33
CA ILE F 65 -46.17 -27.75 48.54
C ILE F 65 -46.26 -29.03 49.36
N ASN F 66 -47.05 -29.00 50.44
CA ASN F 66 -47.29 -30.23 51.20
C ASN F 66 -48.01 -31.26 50.35
N ALA F 67 -48.98 -30.83 49.54
CA ALA F 67 -49.68 -31.75 48.66
C ALA F 67 -48.72 -32.37 47.64
N LEU F 68 -47.84 -31.55 47.07
CA LEU F 68 -46.92 -32.06 46.05
C LEU F 68 -45.99 -33.12 46.62
N LEU F 69 -45.44 -32.87 47.81
CA LEU F 69 -44.51 -33.80 48.43
C LEU F 69 -45.20 -34.95 49.16
N GLU F 70 -46.51 -34.86 49.36
CA GLU F 70 -47.28 -35.87 50.11
C GLU F 70 -46.84 -35.93 51.57
N ARG F 71 -46.15 -34.89 52.05
CA ARG F 71 -45.71 -34.81 53.44
C ARG F 71 -46.04 -33.42 53.97
N GLU F 72 -46.35 -33.36 55.26
CA GLU F 72 -46.73 -32.10 55.91
C GLU F 72 -45.49 -31.48 56.56
N LEU F 73 -44.55 -31.08 55.70
CA LEU F 73 -43.37 -30.38 56.18
C LEU F 73 -43.69 -28.91 56.46
N LEU F 74 -44.15 -28.19 55.44
CA LEU F 74 -44.60 -26.83 55.64
C LEU F 74 -45.89 -26.83 56.45
N TYR F 75 -45.95 -25.94 57.44
CA TYR F 75 -47.16 -25.79 58.25
C TYR F 75 -48.22 -25.07 57.42
N SER F 76 -49.33 -25.75 57.16
CA SER F 76 -50.36 -25.26 56.25
C SER F 76 -51.35 -24.32 56.92
N ALA F 77 -50.98 -23.73 58.06
CA ALA F 77 -51.84 -22.75 58.73
C ALA F 77 -51.87 -21.50 57.87
N GLU F 78 -52.98 -21.29 57.15
CA GLU F 78 -53.08 -20.20 56.21
C GLU F 78 -52.82 -18.86 56.90
N GLY F 79 -51.97 -18.04 56.28
CA GLY F 79 -51.64 -16.74 56.81
C GLY F 79 -50.43 -16.71 57.73
N HIS F 80 -49.88 -17.88 58.07
CA HIS F 80 -48.73 -17.97 58.97
C HIS F 80 -47.42 -18.25 58.24
N ALA F 81 -47.47 -18.51 56.94
CA ALA F 81 -46.29 -18.88 56.16
C ALA F 81 -45.58 -17.68 55.57
N THR F 82 -45.73 -16.50 56.17
CA THR F 82 -45.09 -15.31 55.64
C THR F 82 -43.58 -15.47 55.63
N GLY F 83 -42.96 -15.18 54.49
CA GLY F 83 -41.51 -15.23 54.39
C GLY F 83 -40.91 -16.57 54.74
N THR F 84 -41.51 -17.65 54.27
CA THR F 84 -41.03 -19.00 54.52
C THR F 84 -40.57 -19.63 53.22
N GLU F 85 -39.32 -20.07 53.18
CA GLU F 85 -38.76 -20.76 52.03
C GLU F 85 -38.09 -22.04 52.52
N CYS F 86 -38.41 -23.15 51.86
CA CYS F 86 -37.85 -24.45 52.20
C CYS F 86 -37.23 -25.07 50.96
N HIS F 87 -36.00 -25.54 51.10
CA HIS F 87 -35.28 -26.23 50.03
C HIS F 87 -35.15 -27.69 50.42
N ILE F 88 -35.68 -28.57 49.57
CA ILE F 88 -35.68 -30.01 49.81
C ILE F 88 -34.85 -30.66 48.72
N GLU F 89 -33.87 -31.46 49.12
CA GLU F 89 -32.96 -32.11 48.19
C GLU F 89 -32.72 -33.55 48.65
N TYR F 90 -32.22 -34.37 47.73
CA TYR F 90 -31.99 -35.77 48.03
C TYR F 90 -30.91 -35.93 49.09
N ALA F 91 -31.12 -36.91 49.97
CA ALA F 91 -30.17 -37.23 51.03
C ALA F 91 -30.56 -38.58 51.61
N ASN F 92 -29.63 -39.15 52.37
CA ASN F 92 -29.90 -40.42 53.02
C ASN F 92 -30.99 -40.25 54.08
N ALA F 93 -31.70 -41.33 54.36
CA ALA F 93 -32.79 -41.27 55.34
C ALA F 93 -32.30 -40.83 56.71
N ASN F 94 -31.03 -41.04 57.03
CA ASN F 94 -30.47 -40.66 58.31
C ASN F 94 -29.84 -39.27 58.29
N GLU F 95 -29.91 -38.56 57.16
CA GLU F 95 -29.25 -37.27 57.01
C GLU F 95 -30.27 -36.12 56.93
N GLU F 96 -31.49 -36.34 57.40
CA GLU F 96 -32.48 -35.28 57.39
C GLU F 96 -32.04 -34.16 58.34
N ARG F 97 -32.09 -32.92 57.84
CA ARG F 97 -31.59 -31.77 58.58
C ARG F 97 -32.38 -30.53 58.19
N VAL F 98 -32.33 -29.52 59.06
CA VAL F 98 -33.03 -28.27 58.82
C VAL F 98 -32.32 -27.16 59.58
N VAL F 99 -32.45 -25.94 59.06
CA VAL F 99 -31.89 -24.75 59.67
C VAL F 99 -33.01 -23.76 59.94
N LEU F 100 -32.87 -22.97 60.99
CA LEU F 100 -33.89 -22.05 61.44
C LEU F 100 -33.37 -20.62 61.43
N THR F 101 -34.22 -19.69 61.01
CA THR F 101 -33.92 -18.26 61.04
C THR F 101 -35.14 -17.54 61.57
N PHE F 102 -34.90 -16.36 62.17
CA PHE F 102 -35.94 -15.62 62.86
C PHE F 102 -35.94 -14.16 62.43
N LEU F 103 -37.10 -13.52 62.56
CA LEU F 103 -37.24 -12.11 62.25
C LEU F 103 -36.59 -11.26 63.35
N SER F 104 -36.17 -10.06 62.97
CA SER F 104 -35.57 -9.14 63.91
C SER F 104 -36.65 -8.38 64.67
N GLU F 105 -36.23 -7.76 65.79
CA GLU F 105 -37.18 -7.01 66.62
C GLU F 105 -37.80 -5.87 65.82
N ALA F 106 -36.99 -5.15 65.05
CA ALA F 106 -37.53 -4.06 64.24
C ALA F 106 -38.55 -4.57 63.23
N GLU F 107 -38.49 -5.85 62.88
CA GLU F 107 -39.47 -6.42 61.97
C GLU F 107 -40.72 -6.88 62.70
N ILE F 108 -40.58 -7.43 63.90
CA ILE F 108 -41.74 -7.86 64.68
C ILE F 108 -42.62 -6.67 64.98
N ARG F 109 -42.03 -5.57 65.44
CA ARG F 109 -42.80 -4.35 65.65
C ARG F 109 -43.40 -3.84 64.34
N GLN F 110 -42.62 -3.90 63.25
CA GLN F 110 -43.14 -3.47 61.96
C GLN F 110 -44.32 -4.35 61.55
N GLN F 111 -44.18 -5.66 61.69
CA GLN F 111 -45.30 -6.56 61.41
C GLN F 111 -46.42 -6.36 62.43
N ALA F 112 -46.07 -6.26 63.72
CA ALA F 112 -47.10 -6.10 64.74
C ALA F 112 -47.89 -4.82 64.53
N LEU F 113 -47.19 -3.72 64.19
CA LEU F 113 -47.89 -2.48 63.89
C LEU F 113 -48.80 -2.65 62.68
N ILE F 114 -48.31 -3.33 61.64
CA ILE F 114 -49.14 -3.59 60.47
C ILE F 114 -50.33 -4.44 60.85
N LEU F 115 -50.11 -5.49 61.64
CA LEU F 115 -51.23 -6.31 62.12
C LEU F 115 -52.17 -5.49 62.98
N ALA F 116 -51.63 -4.66 63.87
CA ALA F 116 -52.49 -3.85 64.73
C ALA F 116 -53.10 -2.69 63.96
N LYS F 117 -52.42 -2.21 62.92
CA LYS F 117 -52.95 -1.09 62.15
C LYS F 117 -54.30 -1.43 61.52
N TYR F 118 -54.40 -2.62 60.93
CA TYR F 118 -55.66 -3.05 60.33
C TYR F 118 -56.68 -3.48 61.38
N LEU F 119 -56.25 -3.67 62.63
CA LEU F 119 -57.14 -4.10 63.70
C LEU F 119 -57.79 -2.95 64.45
N ASN F 120 -57.41 -1.70 64.16
CA ASN F 120 -57.87 -0.55 64.93
C ASN F 120 -57.40 -0.63 66.39
N VAL F 121 -56.39 -1.47 66.64
CA VAL F 121 -55.84 -1.65 67.98
C VAL F 121 -54.44 -1.04 68.00
N ASN F 122 -54.16 -0.15 67.05
CA ASN F 122 -52.89 0.56 67.00
C ASN F 122 -52.78 1.66 68.04
N VAL F 123 -53.79 1.81 68.90
CA VAL F 123 -53.78 2.79 69.97
C VAL F 123 -53.51 2.06 71.28
N GLY F 124 -52.99 2.81 72.25
CA GLY F 124 -52.60 2.19 73.51
C GLY F 124 -51.50 1.16 73.35
N ASP F 125 -50.56 1.38 72.44
CA ASP F 125 -49.48 0.43 72.19
C ASP F 125 -48.24 1.23 71.79
N LEU F 126 -47.35 1.47 72.76
CA LEU F 126 -46.18 2.29 72.53
C LEU F 126 -44.98 1.47 72.06
N ASN F 127 -44.90 0.20 72.46
CA ASN F 127 -43.78 -0.64 72.05
C ASN F 127 -44.10 -2.08 72.46
N ILE F 128 -43.71 -3.02 71.59
CA ILE F 128 -43.89 -4.44 71.90
C ILE F 128 -42.87 -4.96 72.88
N ASN F 129 -41.86 -4.15 73.25
CA ASN F 129 -40.90 -4.58 74.26
C ASN F 129 -41.49 -4.52 75.66
N GLN F 130 -42.35 -3.54 75.94
CA GLN F 130 -42.93 -3.38 77.26
C GLN F 130 -44.05 -4.41 77.44
N PRO F 131 -43.99 -5.26 78.46
CA PRO F 131 -45.09 -6.21 78.67
C PRO F 131 -46.44 -5.52 78.83
N GLU F 132 -46.48 -4.37 79.50
CA GLU F 132 -47.74 -3.65 79.65
C GLU F 132 -48.27 -3.16 78.31
N ALA F 133 -47.41 -2.52 77.51
CA ALA F 133 -47.82 -2.15 76.16
C ALA F 133 -48.17 -3.37 75.33
N VAL F 134 -47.55 -4.51 75.64
CA VAL F 134 -47.94 -5.77 75.03
C VAL F 134 -49.21 -6.34 75.68
N LYS F 135 -49.35 -6.16 76.99
CA LYS F 135 -50.54 -6.66 77.68
C LYS F 135 -51.76 -5.77 77.46
N VAL F 136 -51.56 -4.45 77.33
CA VAL F 136 -52.67 -3.57 76.97
C VAL F 136 -53.20 -3.92 75.60
N VAL F 137 -52.38 -4.57 74.77
CA VAL F 137 -52.84 -5.07 73.48
C VAL F 137 -53.06 -6.57 73.47
N SER F 138 -52.32 -7.32 74.29
CA SER F 138 -52.51 -8.77 74.34
C SER F 138 -53.84 -9.12 74.99
N GLN F 139 -54.04 -8.69 76.24
CA GLN F 139 -55.35 -8.85 76.86
C GLN F 139 -56.44 -8.20 76.01
N TYR F 140 -56.11 -7.08 75.35
CA TYR F 140 -57.02 -6.52 74.37
C TYR F 140 -57.11 -7.42 73.15
N CYS F 141 -55.98 -8.01 72.73
CA CYS F 141 -56.01 -8.98 71.65
C CYS F 141 -56.84 -10.20 72.04
N GLN F 142 -56.62 -10.71 73.26
CA GLN F 142 -57.52 -11.73 73.79
C GLN F 142 -58.95 -11.20 73.86
N LYS F 143 -59.11 -9.89 74.11
CA LYS F 143 -60.42 -9.27 73.98
C LYS F 143 -60.84 -9.19 72.51
N ILE F 144 -59.90 -8.91 71.61
CA ILE F 144 -60.20 -8.92 70.18
C ILE F 144 -60.71 -10.30 69.77
N ILE F 145 -60.11 -11.36 70.33
CA ILE F 145 -60.65 -12.70 70.12
C ILE F 145 -62.10 -12.75 70.60
N ALA F 146 -62.37 -12.11 71.74
CA ALA F 146 -63.75 -12.04 72.23
C ALA F 146 -64.59 -11.09 71.36
N GLU F 147 -64.03 -9.94 70.99
CA GLU F 147 -64.77 -9.00 70.16
C GLU F 147 -65.10 -9.62 68.80
N GLU F 148 -64.10 -10.21 68.14
CA GLU F 148 -64.31 -10.83 66.84
C GLU F 148 -65.02 -12.17 66.92
N GLY F 149 -65.08 -12.77 68.11
CA GLY F 149 -65.69 -14.08 68.24
C GLY F 149 -64.94 -15.18 67.51
N GLY F 150 -63.68 -14.95 67.17
CA GLY F 150 -62.90 -15.92 66.43
C GLY F 150 -61.64 -15.33 65.84
N GLU F 151 -60.62 -16.16 65.62
CA GLU F 151 -59.34 -15.65 65.14
C GLU F 151 -59.31 -15.50 63.63
N ASN F 152 -59.90 -16.44 62.90
CA ASN F 152 -59.86 -16.46 61.43
C ASN F 152 -61.23 -16.23 60.81
N LYS F 153 -62.01 -15.32 61.38
CA LYS F 153 -63.35 -15.02 60.89
C LYS F 153 -63.39 -13.85 59.93
N SER F 154 -62.26 -13.20 59.65
CA SER F 154 -62.21 -12.07 58.74
C SER F 154 -60.76 -11.63 58.58
N GLU F 155 -60.53 -10.74 57.62
CA GLU F 155 -59.19 -10.18 57.44
C GLU F 155 -58.75 -9.42 58.68
N ARG F 156 -59.65 -8.63 59.27
CA ARG F 156 -59.33 -7.96 60.51
C ARG F 156 -59.02 -8.97 61.60
N ALA F 157 -59.86 -10.00 61.73
CA ALA F 157 -59.59 -11.06 62.71
C ALA F 157 -58.30 -11.79 62.38
N LYS F 158 -58.04 -12.01 61.09
CA LYS F 158 -56.80 -12.66 60.68
C LYS F 158 -55.59 -11.92 61.23
N GLN F 159 -55.56 -10.60 61.08
CA GLN F 159 -54.45 -9.82 61.63
C GLN F 159 -54.34 -10.04 63.13
N ALA F 160 -55.47 -10.17 63.84
CA ALA F 160 -55.41 -10.53 65.25
C ALA F 160 -54.89 -11.94 65.44
N ASN F 161 -55.30 -12.86 64.55
CA ASN F 161 -54.84 -14.24 64.66
C ASN F 161 -53.32 -14.31 64.54
N ALA F 162 -52.76 -13.70 63.49
CA ALA F 162 -51.31 -13.66 63.34
C ALA F 162 -50.68 -12.91 64.51
N LEU F 163 -51.24 -11.75 64.86
CA LEU F 163 -50.71 -10.99 65.98
C LEU F 163 -50.85 -11.77 67.28
N HIS F 164 -52.00 -12.42 67.48
CA HIS F 164 -52.19 -13.22 68.69
C HIS F 164 -51.17 -14.34 68.77
N LEU F 165 -50.94 -15.04 67.65
CA LEU F 165 -49.97 -16.13 67.61
C LEU F 165 -48.54 -15.63 67.47
N LEU F 166 -48.33 -14.50 66.77
CA LEU F 166 -47.00 -13.94 66.68
C LEU F 166 -46.54 -13.40 68.03
N LEU F 167 -47.40 -12.66 68.72
CA LEU F 167 -47.08 -12.22 70.08
C LEU F 167 -46.91 -13.41 71.01
N ILE F 168 -47.80 -14.40 70.91
CA ILE F 168 -47.62 -15.63 71.66
C ILE F 168 -46.34 -16.34 71.22
N GLY F 169 -46.11 -16.40 69.91
CA GLY F 169 -44.87 -16.97 69.43
C GLY F 169 -43.65 -16.17 69.85
N PHE F 170 -43.77 -14.84 69.80
CA PHE F 170 -42.65 -13.99 70.18
C PHE F 170 -42.26 -14.20 71.65
N GLU F 171 -43.25 -14.27 72.53
CA GLU F 171 -42.96 -14.45 73.95
C GLU F 171 -42.57 -15.88 74.29
N GLN F 172 -43.17 -16.87 73.63
CA GLN F 172 -42.88 -18.26 73.96
C GLN F 172 -41.43 -18.61 73.65
N ASN F 173 -40.91 -18.16 72.51
CA ASN F 173 -39.57 -18.53 72.04
C ASN F 173 -38.67 -17.31 71.95
N ARG F 174 -38.78 -16.40 72.93
CA ARG F 174 -37.91 -15.22 72.93
C ARG F 174 -36.46 -15.58 73.25
N GLU F 175 -36.24 -16.68 73.97
CA GLU F 175 -34.89 -17.06 74.34
C GLU F 175 -34.12 -17.65 73.17
N ARG F 176 -34.80 -18.08 72.12
CA ARG F 176 -34.15 -18.62 70.92
C ARG F 176 -33.95 -17.56 69.84
N ILE F 177 -34.28 -16.30 70.12
CA ILE F 177 -34.25 -15.23 69.12
C ILE F 177 -33.28 -14.15 69.59
N ASN F 178 -32.38 -13.75 68.71
CA ASN F 178 -31.47 -12.65 68.98
C ASN F 178 -32.11 -11.32 68.56
N THR F 179 -31.40 -10.23 68.82
CA THR F 179 -31.94 -8.90 68.56
C THR F 179 -31.89 -8.56 67.08
N VAL F 180 -30.69 -8.50 66.50
CA VAL F 180 -30.49 -8.08 65.12
C VAL F 180 -30.00 -9.24 64.24
N GLN F 181 -28.84 -9.80 64.57
CA GLN F 181 -28.27 -10.86 63.74
C GLN F 181 -29.24 -12.03 63.62
N ASN F 182 -29.37 -12.55 62.41
CA ASN F 182 -30.29 -13.66 62.14
C ASN F 182 -29.69 -14.94 62.73
N SER F 183 -30.20 -15.34 63.90
CA SER F 183 -29.65 -16.49 64.59
C SER F 183 -29.78 -17.75 63.75
N THR F 184 -28.72 -18.54 63.73
CA THR F 184 -28.69 -19.82 63.03
C THR F 184 -28.53 -20.94 64.06
N TYR F 185 -29.43 -21.91 64.03
CA TYR F 185 -29.39 -23.04 64.96
C TYR F 185 -29.53 -24.35 64.20
N SER F 186 -29.65 -25.45 64.95
CA SER F 186 -29.69 -26.78 64.34
C SER F 186 -30.31 -27.76 65.32
N MET F 187 -30.55 -28.98 64.83
CA MET F 187 -31.10 -30.02 65.69
C MET F 187 -30.20 -30.29 66.88
N ASP F 188 -28.90 -30.43 66.64
CA ASP F 188 -27.96 -30.60 67.75
C ASP F 188 -27.92 -29.36 68.63
N GLN F 189 -27.96 -28.17 68.03
CA GLN F 189 -27.95 -26.93 68.79
C GLN F 189 -29.30 -26.62 69.42
N LEU F 190 -30.37 -27.28 68.98
CA LEU F 190 -31.69 -27.11 69.55
C LEU F 190 -32.23 -28.37 70.20
N ASN F 191 -31.48 -29.48 70.16
CA ASN F 191 -31.87 -30.72 70.82
C ASN F 191 -33.13 -31.31 70.18
N PHE F 192 -33.08 -31.49 68.86
CA PHE F 192 -34.12 -32.19 68.12
C PHE F 192 -33.60 -33.57 67.73
N SER F 193 -34.37 -34.60 68.09
CA SER F 193 -33.98 -35.98 67.82
C SER F 193 -34.38 -36.47 66.45
N SER F 194 -35.42 -35.90 65.85
CA SER F 194 -35.90 -36.35 64.55
C SER F 194 -36.66 -35.21 63.89
N LEU F 195 -36.89 -35.36 62.58
CA LEU F 195 -37.65 -34.35 61.84
C LEU F 195 -39.06 -34.23 62.38
N ALA F 196 -39.67 -35.35 62.76
CA ALA F 196 -41.02 -35.31 63.32
C ALA F 196 -41.05 -34.47 64.59
N GLU F 197 -40.09 -34.68 65.48
CA GLU F 197 -40.00 -33.84 66.68
C GLU F 197 -39.74 -32.39 66.32
N ALA F 198 -38.81 -32.16 65.38
CA ALA F 198 -38.56 -30.79 64.94
C ALA F 198 -39.78 -30.22 64.23
N ALA F 199 -40.43 -31.03 63.40
CA ALA F 199 -41.64 -30.57 62.73
C ALA F 199 -42.73 -30.23 63.73
N GLY F 200 -42.99 -31.13 64.68
CA GLY F 200 -44.00 -30.87 65.69
C GLY F 200 -43.73 -29.58 66.44
N TYR F 201 -42.47 -29.36 66.82
CA TYR F 201 -42.09 -28.08 67.39
C TYR F 201 -42.26 -26.95 66.37
N ALA F 202 -41.92 -27.23 65.11
CA ALA F 202 -42.06 -26.26 64.04
C ALA F 202 -43.50 -26.13 63.54
N ARG F 203 -44.36 -27.11 63.83
CA ARG F 203 -45.76 -27.01 63.43
C ARG F 203 -46.53 -26.05 64.33
N ARG F 204 -46.01 -25.74 65.51
CA ARG F 204 -46.72 -24.86 66.43
C ARG F 204 -46.84 -23.46 65.86
N GLY F 205 -48.01 -22.85 66.04
CA GLY F 205 -48.19 -21.49 65.58
C GLY F 205 -47.20 -20.53 66.22
N ALA F 206 -46.76 -20.82 67.43
CA ALA F 206 -45.77 -19.98 68.12
C ALA F 206 -44.46 -19.95 67.35
N ASN F 207 -43.82 -21.11 67.20
CA ASN F 207 -42.52 -21.15 66.53
C ASN F 207 -42.66 -20.95 65.03
N SER F 208 -43.70 -21.52 64.43
CA SER F 208 -43.85 -21.46 62.98
C SER F 208 -43.91 -20.01 62.49
N ALA F 209 -44.54 -19.13 63.27
CA ALA F 209 -44.69 -17.74 62.84
C ALA F 209 -43.34 -17.06 62.68
N VAL F 210 -42.41 -17.30 63.62
CA VAL F 210 -41.14 -16.57 63.60
C VAL F 210 -40.13 -17.17 62.64
N LEU F 211 -40.29 -18.43 62.24
CA LEU F 211 -39.32 -19.05 61.34
C LEU F 211 -39.34 -18.35 59.99
N LYS F 212 -38.15 -18.19 59.40
CA LYS F 212 -38.00 -17.49 58.13
C LYS F 212 -37.47 -18.38 57.03
N ARG F 213 -36.35 -19.05 57.25
CA ARG F 213 -35.71 -19.86 56.21
C ARG F 213 -35.43 -21.26 56.76
N LEU F 214 -35.75 -22.27 55.94
CA LEU F 214 -35.50 -23.66 56.28
C LEU F 214 -34.84 -24.35 55.10
N ASP F 215 -34.02 -25.35 55.40
CA ASP F 215 -33.32 -26.15 54.39
C ASP F 215 -33.48 -27.62 54.74
N TYR F 216 -34.46 -28.27 54.14
CA TYR F 216 -34.80 -29.65 54.46
C TYR F 216 -34.01 -30.62 53.60
N PHE F 217 -33.61 -31.74 54.21
CA PHE F 217 -33.01 -32.86 53.50
C PHE F 217 -33.87 -34.10 53.72
N CYS F 218 -34.16 -34.83 52.65
CA CYS F 218 -35.00 -36.01 52.74
C CYS F 218 -34.67 -36.97 51.62
N ASN F 219 -35.10 -38.22 51.79
CA ASN F 219 -34.90 -39.27 50.79
C ASN F 219 -36.23 -39.47 50.06
N HIS F 220 -36.29 -39.01 48.82
CA HIS F 220 -37.51 -39.14 48.02
C HIS F 220 -37.12 -39.42 46.57
N SER F 221 -37.90 -40.27 45.91
CA SER F 221 -37.59 -40.65 44.53
C SER F 221 -37.66 -39.45 43.60
N LEU F 222 -38.68 -38.60 43.78
CA LEU F 222 -38.84 -37.44 42.90
C LEU F 222 -37.65 -36.51 42.99
N LEU F 223 -37.15 -36.27 44.21
CA LEU F 223 -36.02 -35.37 44.42
C LEU F 223 -34.68 -36.05 44.25
N LYS F 224 -34.66 -37.36 43.95
CA LYS F 224 -33.40 -38.08 43.83
C LYS F 224 -32.56 -37.56 42.67
N ASP F 225 -33.16 -36.83 41.72
CA ASP F 225 -32.44 -36.30 40.57
C ASP F 225 -31.91 -34.89 40.82
N GLY F 226 -31.74 -34.50 42.08
CA GLY F 226 -31.24 -33.18 42.39
C GLY F 226 -32.27 -32.08 42.34
N ASN F 227 -33.54 -32.41 42.13
CA ASN F 227 -34.57 -31.38 42.07
C ASN F 227 -34.68 -30.65 43.41
N VAL F 228 -34.81 -29.34 43.34
CA VAL F 228 -34.92 -28.49 44.52
C VAL F 228 -36.21 -27.69 44.41
N LEU F 229 -36.99 -27.68 45.50
CA LEU F 229 -38.27 -26.99 45.55
C LEU F 229 -38.11 -25.71 46.37
N VAL F 230 -38.64 -24.61 45.85
CA VAL F 230 -38.51 -23.30 46.47
C VAL F 230 -39.89 -22.74 46.74
N ASP F 231 -40.08 -22.21 47.95
CA ASP F 231 -41.34 -21.62 48.39
C ASP F 231 -41.10 -20.13 48.59
N LEU F 232 -41.29 -19.35 47.53
CA LEU F 232 -41.07 -17.92 47.61
C LEU F 232 -42.20 -17.25 48.41
N PRO F 233 -41.92 -16.14 49.07
CA PRO F 233 -42.99 -15.43 49.80
C PRO F 233 -44.01 -14.84 48.84
N GLY F 234 -45.21 -14.60 49.37
CA GLY F 234 -46.28 -14.02 48.60
C GLY F 234 -45.91 -12.69 47.99
N ILE F 235 -46.22 -12.50 46.71
CA ILE F 235 -45.84 -11.28 46.01
C ILE F 235 -46.55 -10.08 46.60
N ASP F 236 -47.79 -10.25 47.04
CA ASP F 236 -48.61 -9.15 47.56
C ASP F 236 -48.38 -8.91 49.04
N ALA F 237 -47.27 -9.38 49.60
CA ALA F 237 -46.97 -9.16 51.01
C ALA F 237 -46.72 -7.67 51.27
N PRO F 238 -47.02 -7.19 52.48
CA PRO F 238 -46.78 -5.77 52.77
C PRO F 238 -45.33 -5.36 52.60
N VAL F 239 -44.38 -6.25 52.89
CA VAL F 239 -42.95 -5.95 52.78
C VAL F 239 -42.61 -5.98 51.28
N LYS F 240 -42.55 -4.80 50.67
CA LYS F 240 -42.30 -4.74 49.22
C LYS F 240 -40.88 -5.17 48.88
N GLU F 241 -39.90 -4.83 49.71
CA GLU F 241 -38.52 -5.18 49.41
C GLU F 241 -38.35 -6.69 49.34
N ASP F 242 -38.99 -7.43 50.26
CA ASP F 242 -38.97 -8.89 50.17
C ASP F 242 -39.65 -9.37 48.90
N ALA F 243 -40.80 -8.76 48.57
CA ALA F 243 -41.49 -9.12 47.33
C ALA F 243 -40.63 -8.79 46.12
N GLU F 244 -40.05 -7.58 46.10
CA GLU F 244 -39.17 -7.20 45.00
C GLU F 244 -38.00 -8.16 44.87
N ARG F 245 -37.52 -8.69 46.00
CA ARG F 245 -36.48 -9.72 45.94
C ARG F 245 -36.97 -10.95 45.19
N ALA F 246 -38.23 -11.33 45.42
CA ALA F 246 -38.80 -12.46 44.69
C ALA F 246 -38.82 -12.19 43.19
N TYR F 247 -39.18 -10.97 42.79
CA TYR F 247 -39.10 -10.60 41.38
C TYR F 247 -37.67 -10.71 40.87
N ARG F 248 -36.71 -10.20 41.65
CA ARG F 248 -35.31 -10.36 41.28
C ARG F 248 -34.90 -11.83 41.31
N LYS F 249 -35.38 -12.58 42.30
CA LYS F 249 -35.04 -13.99 42.40
C LYS F 249 -35.56 -14.76 41.18
N ILE F 250 -36.83 -14.57 40.84
CA ILE F 250 -37.40 -15.30 39.71
C ILE F 250 -36.82 -14.79 38.40
N GLU F 251 -36.67 -13.48 38.25
CA GLU F 251 -36.12 -12.91 37.03
C GLU F 251 -34.64 -13.25 36.86
N SER F 252 -33.98 -13.70 37.92
CA SER F 252 -32.56 -14.01 37.82
C SER F 252 -32.35 -15.20 36.88
N PRO F 253 -31.27 -15.21 36.09
CA PRO F 253 -31.04 -16.35 35.19
C PRO F 253 -30.85 -17.67 35.92
N ASP F 254 -30.50 -17.64 37.20
CA ASP F 254 -30.24 -18.86 37.97
C ASP F 254 -31.48 -19.71 38.20
N THR F 255 -32.65 -19.34 37.69
CA THR F 255 -33.87 -20.13 37.85
C THR F 255 -34.09 -20.95 36.59
N SER F 256 -34.35 -22.25 36.78
CA SER F 256 -34.52 -23.17 35.66
C SER F 256 -35.95 -23.21 35.15
N ALA F 257 -36.92 -23.34 36.06
CA ALA F 257 -38.32 -23.43 35.69
C ALA F 257 -39.15 -22.51 36.57
N VAL F 258 -40.30 -22.11 36.04
CA VAL F 258 -41.22 -21.20 36.73
C VAL F 258 -42.58 -21.86 36.82
N ILE F 259 -43.14 -21.89 38.02
CA ILE F 259 -44.48 -22.39 38.26
C ILE F 259 -45.36 -21.20 38.62
N CYS F 260 -46.37 -20.93 37.81
CA CYS F 260 -47.24 -19.77 37.98
C CYS F 260 -48.58 -20.24 38.53
N VAL F 261 -48.78 -20.05 39.83
CA VAL F 261 -50.05 -20.38 40.48
C VAL F 261 -50.97 -19.17 40.36
N LEU F 262 -52.17 -19.40 39.84
CA LEU F 262 -53.12 -18.32 39.57
C LEU F 262 -54.44 -18.60 40.28
N LYS F 263 -55.04 -17.53 40.82
CA LYS F 263 -56.29 -17.60 41.57
C LYS F 263 -57.54 -17.73 40.71
N PRO F 264 -57.62 -17.14 39.50
CA PRO F 264 -58.94 -16.88 38.89
C PRO F 264 -59.82 -18.11 38.77
N ALA F 265 -59.27 -19.30 39.01
CA ALA F 265 -60.12 -20.48 39.13
C ALA F 265 -61.18 -20.28 40.21
N ALA F 266 -60.86 -19.50 41.24
CA ALA F 266 -61.81 -19.11 42.27
C ALA F 266 -62.01 -17.61 42.36
N ALA F 267 -60.99 -16.81 42.07
CA ALA F 267 -61.10 -15.36 42.12
C ALA F 267 -61.75 -14.76 40.87
N GLY F 268 -61.86 -15.54 39.79
CA GLY F 268 -62.47 -15.09 38.56
C GLY F 268 -61.53 -14.47 37.55
N ASP F 269 -60.67 -13.55 37.99
CA ASP F 269 -59.75 -12.87 37.09
C ASP F 269 -58.45 -12.57 37.83
N MET F 270 -57.39 -12.36 37.05
CA MET F 270 -56.08 -12.06 37.62
C MET F 270 -56.09 -10.69 38.29
N SER F 271 -55.21 -10.54 39.29
CA SER F 271 -55.07 -9.28 40.00
C SER F 271 -53.98 -8.43 39.34
N ALA F 272 -53.81 -7.21 39.85
CA ALA F 272 -52.78 -6.33 39.30
C ALA F 272 -51.39 -6.92 39.47
N GLU F 273 -51.10 -7.48 40.65
CA GLU F 273 -49.80 -8.10 40.86
C GLU F 273 -49.60 -9.30 39.93
N GLU F 274 -50.64 -10.11 39.74
CA GLU F 274 -50.55 -11.21 38.80
C GLU F 274 -50.44 -10.70 37.37
N THR F 275 -51.17 -9.62 37.04
CA THR F 275 -51.15 -9.11 35.68
C THR F 275 -49.75 -8.67 35.27
N GLN F 276 -49.04 -7.96 36.15
CA GLN F 276 -47.69 -7.54 35.82
C GLN F 276 -46.75 -8.73 35.69
N LEU F 277 -46.97 -9.79 36.47
CA LEU F 277 -46.13 -10.98 36.35
C LEU F 277 -46.21 -11.56 34.94
N LEU F 278 -47.43 -11.72 34.41
CA LEU F 278 -47.57 -12.19 33.04
C LEU F 278 -46.98 -11.21 32.06
N GLU F 279 -47.19 -9.91 32.28
CA GLU F 279 -46.58 -8.90 31.42
C GLU F 279 -45.07 -8.97 31.49
N ARG F 280 -44.52 -9.09 32.70
CA ARG F 280 -43.07 -9.27 32.83
C ARG F 280 -42.60 -10.55 32.14
N ILE F 281 -43.32 -11.65 32.35
CA ILE F 281 -42.93 -12.91 31.75
C ILE F 281 -43.14 -12.88 30.24
N SER F 282 -44.28 -12.38 29.79
CA SER F 282 -44.58 -12.36 28.36
C SER F 282 -43.58 -11.50 27.60
N LYS F 283 -43.26 -10.32 28.16
CA LYS F 283 -42.34 -9.41 27.48
C LYS F 283 -40.91 -9.94 27.45
N ASN F 284 -40.56 -10.85 28.35
CA ASN F 284 -39.22 -11.42 28.42
C ASN F 284 -39.25 -12.79 27.74
N HIS F 285 -38.75 -12.85 26.50
CA HIS F 285 -38.78 -14.09 25.75
C HIS F 285 -37.89 -15.15 26.39
N GLY F 286 -36.74 -14.74 26.92
CA GLY F 286 -35.81 -15.71 27.48
C GLY F 286 -36.43 -16.53 28.60
N ILE F 287 -37.13 -15.86 29.52
CA ILE F 287 -37.78 -16.59 30.61
C ILE F 287 -39.10 -17.19 30.15
N ARG F 288 -39.76 -16.58 29.17
CA ARG F 288 -41.08 -17.04 28.76
C ARG F 288 -41.05 -18.48 28.29
N ASP F 289 -39.99 -18.88 27.59
CA ASP F 289 -39.91 -20.24 27.04
C ASP F 289 -39.69 -21.30 28.11
N ARG F 290 -39.60 -20.92 29.39
CA ARG F 290 -39.36 -21.86 30.48
C ARG F 290 -40.31 -21.58 31.65
N VAL F 291 -41.60 -21.44 31.33
CA VAL F 291 -42.62 -21.11 32.31
C VAL F 291 -43.73 -22.15 32.27
N PHE F 292 -44.20 -22.55 33.44
CA PHE F 292 -45.36 -23.42 33.58
C PHE F 292 -46.49 -22.64 34.25
N TYR F 293 -47.72 -22.87 33.77
CA TYR F 293 -48.91 -22.24 34.32
C TYR F 293 -49.77 -23.31 34.97
N VAL F 294 -50.18 -23.04 36.22
CA VAL F 294 -51.00 -23.97 36.97
C VAL F 294 -52.13 -23.19 37.65
N PHE F 295 -53.20 -23.92 37.96
CA PHE F 295 -54.36 -23.35 38.66
C PHE F 295 -54.72 -24.25 39.83
N ASN F 296 -55.27 -23.63 40.87
CA ASN F 296 -55.51 -24.29 42.14
C ASN F 296 -56.98 -24.14 42.54
N ARG F 297 -57.43 -25.06 43.39
CA ARG F 297 -58.79 -25.05 43.93
C ARG F 297 -59.83 -25.13 42.82
N ILE F 298 -59.61 -26.05 41.87
CA ILE F 298 -60.60 -26.32 40.83
C ILE F 298 -61.84 -27.01 41.37
N ASP F 299 -61.81 -27.47 42.62
CA ASP F 299 -63.00 -28.09 43.20
C ASP F 299 -64.18 -27.13 43.22
N ASP F 300 -63.91 -25.82 43.26
CA ASP F 300 -64.99 -24.84 43.25
C ASP F 300 -65.81 -24.97 41.98
N THR F 301 -65.16 -25.14 40.83
CA THR F 301 -65.88 -25.29 39.58
C THR F 301 -66.65 -26.60 39.51
N TRP F 302 -66.27 -27.60 40.31
CA TRP F 302 -66.98 -28.87 40.29
C TRP F 302 -68.40 -28.74 40.84
N TYR F 303 -68.72 -27.64 41.53
CA TYR F 303 -70.05 -27.43 42.08
C TYR F 303 -70.78 -26.25 41.46
N ASN F 304 -70.09 -25.30 40.87
CA ASN F 304 -70.70 -24.13 40.23
C ASN F 304 -70.43 -24.17 38.74
N THR F 305 -71.51 -24.10 37.95
CA THR F 305 -71.35 -24.14 36.50
C THR F 305 -70.81 -22.81 35.97
N GLN F 306 -71.31 -21.69 36.51
CA GLN F 306 -70.87 -20.39 36.01
C GLN F 306 -69.37 -20.19 36.22
N LEU F 307 -68.86 -20.60 37.38
CA LEU F 307 -67.42 -20.53 37.61
C LEU F 307 -66.66 -21.44 36.64
N ARG F 308 -67.20 -22.63 36.39
CA ARG F 308 -66.62 -23.50 35.36
C ARG F 308 -66.70 -22.83 33.99
N GLN F 309 -67.85 -22.25 33.66
CA GLN F 309 -67.96 -21.52 32.40
C GLN F 309 -67.02 -20.33 32.35
N ARG F 310 -66.88 -19.60 33.46
CA ARG F 310 -65.91 -18.52 33.53
C ARG F 310 -64.48 -19.04 33.43
N LEU F 311 -64.19 -20.16 34.09
CA LEU F 311 -62.86 -20.76 33.99
C LEU F 311 -62.59 -21.25 32.58
N GLU F 312 -63.56 -21.91 31.94
CA GLU F 312 -63.36 -22.42 30.60
C GLU F 312 -63.10 -21.29 29.60
N GLY F 313 -63.85 -20.21 29.70
CA GLY F 313 -63.67 -19.07 28.81
C GLY F 313 -62.34 -18.38 29.04
N LEU F 314 -61.97 -18.19 30.31
CA LEU F 314 -60.71 -17.52 30.62
C LEU F 314 -59.51 -18.32 30.11
N ILE F 315 -59.53 -19.63 30.34
CA ILE F 315 -58.40 -20.47 29.94
C ILE F 315 -58.22 -20.43 28.42
N GLN F 316 -59.32 -20.59 27.68
CA GLN F 316 -59.24 -20.58 26.22
C GLN F 316 -59.01 -19.18 25.67
N SER F 317 -59.34 -18.14 26.43
CA SER F 317 -59.23 -16.78 25.92
C SER F 317 -57.78 -16.36 25.72
N GLN F 318 -56.91 -16.68 26.68
CA GLN F 318 -55.55 -16.16 26.71
C GLN F 318 -54.50 -17.21 26.41
N PHE F 319 -54.50 -18.32 27.15
CA PHE F 319 -53.41 -19.28 27.05
C PHE F 319 -53.43 -19.99 25.70
N ARG F 320 -52.30 -19.95 25.00
CA ARG F 320 -52.14 -20.63 23.72
C ARG F 320 -51.31 -21.90 23.86
N ASP F 321 -50.11 -21.80 24.44
CA ASP F 321 -49.27 -22.96 24.69
C ASP F 321 -49.81 -23.68 25.91
N ASN F 322 -50.91 -24.42 25.68
CA ASN F 322 -51.62 -25.08 26.77
C ASN F 322 -50.95 -26.37 27.22
N SER F 323 -49.92 -26.83 26.52
CA SER F 323 -49.21 -28.03 26.96
C SER F 323 -48.59 -27.86 28.34
N ARG F 324 -48.33 -26.63 28.76
CA ARG F 324 -47.77 -26.33 30.07
C ARG F 324 -48.80 -25.75 31.03
N VAL F 325 -50.09 -25.87 30.70
CA VAL F 325 -51.17 -25.38 31.55
C VAL F 325 -51.72 -26.56 32.32
N TYR F 326 -51.76 -26.42 33.64
CA TYR F 326 -52.17 -27.51 34.54
C TYR F 326 -53.24 -27.02 35.49
N LYS F 327 -53.98 -27.96 36.06
CA LYS F 327 -55.00 -27.69 37.05
C LYS F 327 -54.95 -28.75 38.13
N THR F 328 -55.36 -28.38 39.35
CA THR F 328 -55.33 -29.30 40.48
C THR F 328 -56.04 -28.62 41.65
N SER F 329 -56.12 -29.34 42.77
CA SER F 329 -56.73 -28.82 44.00
C SER F 329 -55.85 -29.28 45.16
N GLY F 330 -55.04 -28.35 45.67
CA GLY F 330 -54.12 -28.70 46.74
C GLY F 330 -54.82 -29.13 48.01
N LEU F 331 -55.89 -28.44 48.38
CA LEU F 331 -56.60 -28.77 49.61
C LEU F 331 -57.07 -30.22 49.60
N LEU F 332 -57.69 -30.65 48.51
CA LEU F 332 -58.14 -32.04 48.42
C LEU F 332 -56.97 -32.98 48.13
N GLY F 333 -56.00 -32.53 47.33
CA GLY F 333 -54.89 -33.39 46.98
C GLY F 333 -54.04 -33.77 48.18
N PHE F 334 -53.78 -32.82 49.07
CA PHE F 334 -52.91 -33.08 50.22
C PHE F 334 -53.49 -34.17 51.11
N TYR F 335 -54.67 -33.91 51.70
CA TYR F 335 -55.23 -34.86 52.65
C TYR F 335 -55.53 -36.20 52.00
N GLY F 336 -55.80 -36.21 50.68
CA GLY F 336 -56.08 -37.47 50.02
C GLY F 336 -54.96 -38.47 50.17
N SER F 337 -53.72 -38.02 49.95
CA SER F 337 -52.58 -38.91 50.11
C SER F 337 -52.39 -39.31 51.57
N GLN F 338 -52.62 -38.38 52.50
CA GLN F 338 -52.40 -38.66 53.91
C GLN F 338 -53.34 -39.75 54.41
N VAL F 339 -54.57 -39.78 53.92
CA VAL F 339 -55.53 -40.77 54.40
C VAL F 339 -55.05 -42.18 54.12
N LYS F 340 -54.21 -42.37 53.10
CA LYS F 340 -53.69 -43.69 52.79
C LYS F 340 -52.92 -44.29 53.96
N GLN F 341 -52.37 -43.45 54.85
CA GLN F 341 -51.64 -43.91 56.02
C GLN F 341 -52.53 -44.10 57.24
N THR F 342 -53.83 -44.27 57.03
CA THR F 342 -54.78 -44.48 58.11
C THR F 342 -55.72 -45.62 57.74
N ASN F 343 -56.26 -46.28 58.76
CA ASN F 343 -57.15 -47.41 58.57
C ASN F 343 -58.35 -47.26 59.50
N SER F 344 -59.20 -48.28 59.51
CA SER F 344 -60.40 -48.25 60.34
C SER F 344 -60.09 -48.16 61.83
N SER F 345 -58.91 -48.60 62.25
CA SER F 345 -58.56 -48.52 63.67
C SER F 345 -58.55 -47.08 64.14
N THR F 346 -57.99 -46.18 63.35
CA THR F 346 -58.00 -44.74 63.64
C THR F 346 -59.17 -44.03 62.98
N ARG F 347 -60.22 -44.76 62.59
CA ARG F 347 -61.36 -44.17 61.92
C ARG F 347 -60.94 -43.43 60.64
N PHE F 348 -59.97 -44.01 59.93
CA PHE F 348 -59.47 -43.42 58.69
C PHE F 348 -59.01 -41.98 58.91
N GLY F 349 -58.33 -41.75 60.03
CA GLY F 349 -57.75 -40.46 60.34
C GLY F 349 -58.54 -39.62 61.32
N LEU F 350 -59.82 -39.93 61.56
CA LEU F 350 -60.58 -39.14 62.53
C LEU F 350 -59.97 -39.23 63.92
N ASP F 351 -59.28 -40.33 64.23
CA ASP F 351 -58.58 -40.48 65.49
C ASP F 351 -57.12 -40.05 65.43
N SER F 352 -56.61 -39.69 64.25
CA SER F 352 -55.22 -39.29 64.10
C SER F 352 -55.09 -38.41 62.86
N ILE F 353 -54.41 -37.27 63.03
CA ILE F 353 -54.26 -36.25 61.98
C ILE F 353 -55.52 -35.39 61.95
N PHE F 354 -56.67 -36.02 61.76
CA PHE F 354 -57.95 -35.31 61.75
C PHE F 354 -58.59 -35.24 63.13
N ALA F 355 -57.96 -35.83 64.15
CA ALA F 355 -58.52 -35.73 65.50
C ALA F 355 -58.56 -34.30 66.00
N THR F 356 -57.57 -33.49 65.63
CA THR F 356 -57.58 -32.08 66.03
C THR F 356 -58.68 -31.30 65.32
N THR F 357 -59.03 -31.68 64.10
CA THR F 357 -60.04 -30.98 63.32
C THR F 357 -61.46 -31.45 63.61
N ILE F 358 -61.64 -32.71 64.01
CA ILE F 358 -62.98 -33.24 64.25
C ILE F 358 -63.61 -32.71 65.54
N LYS F 359 -62.80 -32.16 66.45
CA LYS F 359 -63.32 -31.64 67.71
C LYS F 359 -63.93 -30.27 67.47
N GLY F 360 -65.25 -30.17 67.65
CA GLY F 360 -65.95 -28.92 67.40
C GLY F 360 -65.97 -28.00 68.61
N PHE F 361 -66.37 -26.75 68.36
CA PHE F 361 -66.47 -25.77 69.43
C PHE F 361 -67.71 -25.99 70.28
N ASP F 362 -68.82 -26.40 69.66
CA ASP F 362 -70.08 -26.61 70.38
C ASP F 362 -70.17 -27.98 71.02
N GLY F 363 -69.17 -28.84 70.85
CA GLY F 363 -69.20 -30.17 71.41
C GLY F 363 -69.47 -31.23 70.35
N GLU F 364 -70.36 -30.93 69.42
CA GLU F 364 -70.63 -31.84 68.32
C GLU F 364 -69.41 -31.94 67.42
N GLU F 365 -69.15 -33.16 66.92
CA GLU F 365 -68.00 -33.38 66.05
C GLU F 365 -68.14 -32.56 64.78
N GLU F 366 -67.27 -31.57 64.61
CA GLU F 366 -67.28 -30.77 63.40
C GLU F 366 -66.77 -31.59 62.21
N THR F 367 -67.18 -31.16 61.02
CA THR F 367 -66.79 -31.85 59.80
C THR F 367 -65.50 -31.25 59.26
N PRO F 368 -64.40 -32.02 59.19
CA PRO F 368 -63.18 -31.46 58.59
C PRO F 368 -63.41 -31.05 57.14
N GLN F 369 -62.67 -30.02 56.73
CA GLN F 369 -62.81 -29.52 55.36
C GLN F 369 -62.64 -30.65 54.35
N PHE F 370 -61.66 -31.52 54.55
CA PHE F 370 -61.50 -32.66 53.66
C PHE F 370 -62.73 -33.56 53.70
N VAL F 371 -63.25 -33.84 54.90
CA VAL F 371 -64.45 -34.65 55.02
C VAL F 371 -65.65 -33.92 54.43
N SER F 372 -65.78 -32.62 54.72
CA SER F 372 -66.92 -31.86 54.22
C SER F 372 -66.92 -31.85 52.69
N GLU F 373 -65.76 -31.60 52.08
CA GLU F 373 -65.67 -31.65 50.63
C GLU F 373 -65.73 -33.07 50.11
N PHE F 374 -65.30 -34.04 50.92
CA PHE F 374 -65.39 -35.45 50.50
C PHE F 374 -66.84 -35.84 50.27
N ASN F 375 -67.74 -35.48 51.19
CA ASN F 375 -69.15 -35.75 51.00
C ASN F 375 -69.70 -34.98 49.79
N ASN F 376 -69.31 -33.71 49.66
CA ASN F 376 -69.73 -32.94 48.49
C ASN F 376 -69.12 -33.51 47.22
N TYR F 377 -67.86 -33.93 47.27
CA TYR F 377 -67.20 -34.50 46.10
C TYR F 377 -67.91 -35.76 45.63
N CYS F 378 -68.29 -36.63 46.56
CA CYS F 378 -68.95 -37.88 46.18
C CYS F 378 -70.30 -37.63 45.52
N ALA F 379 -71.07 -36.67 46.04
CA ALA F 379 -72.44 -36.44 45.56
C ALA F 379 -72.49 -35.35 44.50
N ASN F 380 -72.03 -34.14 44.84
CA ASN F 380 -72.20 -33.00 43.93
C ASN F 380 -71.37 -33.19 42.66
N SER F 381 -70.09 -33.52 42.80
CA SER F 381 -69.22 -33.63 41.63
C SER F 381 -69.61 -34.83 40.77
N GLY F 382 -69.56 -36.03 41.35
CA GLY F 382 -69.92 -37.23 40.63
C GLY F 382 -68.81 -37.87 39.82
N LYS F 383 -67.55 -37.57 40.13
CA LYS F 383 -66.45 -38.23 39.42
C LYS F 383 -66.53 -39.75 39.58
N LEU F 384 -67.10 -40.23 40.68
CA LEU F 384 -67.31 -41.66 40.87
C LEU F 384 -68.36 -42.22 39.93
N LEU F 385 -69.14 -41.36 39.26
CA LEU F 385 -70.25 -41.84 38.44
C LEU F 385 -69.76 -42.75 37.32
N SER F 386 -68.66 -42.37 36.66
CA SER F 386 -68.10 -43.17 35.59
C SER F 386 -67.17 -44.28 36.10
N THR F 387 -66.96 -44.36 37.41
CA THR F 387 -66.07 -45.36 37.99
C THR F 387 -66.88 -46.59 38.41
N ALA F 388 -66.22 -47.52 39.07
CA ALA F 388 -66.85 -48.77 39.52
C ALA F 388 -67.35 -48.66 40.96
N PHE F 389 -67.82 -47.48 41.38
CA PHE F 389 -68.30 -47.26 42.73
C PHE F 389 -69.71 -46.70 42.69
N ARG F 390 -70.49 -47.03 43.71
CA ARG F 390 -71.88 -46.61 43.84
C ARG F 390 -72.08 -45.87 45.16
N VAL F 391 -71.15 -44.99 45.50
CA VAL F 391 -71.19 -44.25 46.76
C VAL F 391 -72.51 -43.49 46.86
N SER F 392 -73.26 -43.74 47.93
CA SER F 392 -74.53 -43.09 48.17
C SER F 392 -74.39 -42.22 49.42
N VAL F 393 -74.71 -40.93 49.28
CA VAL F 393 -74.66 -39.99 50.38
C VAL F 393 -76.07 -39.78 50.90
N ASN F 394 -76.26 -39.95 52.21
CA ASN F 394 -77.57 -39.87 52.83
C ASN F 394 -77.47 -39.05 54.11
N GLY F 395 -78.62 -38.48 54.50
CA GLY F 395 -78.73 -37.76 55.74
C GLY F 395 -78.92 -38.62 56.97
N TYR F 396 -78.95 -39.94 56.79
CA TYR F 396 -79.08 -40.85 57.93
C TYR F 396 -77.93 -40.70 58.91
N GLU F 397 -76.79 -40.19 58.47
CA GLU F 397 -75.61 -40.07 59.32
C GLU F 397 -74.94 -38.73 59.06
N THR F 398 -74.17 -38.27 60.04
CA THR F 398 -73.45 -37.02 59.90
C THR F 398 -72.35 -37.16 58.84
N SER F 399 -71.71 -36.03 58.52
CA SER F 399 -70.64 -36.06 57.53
C SER F 399 -69.50 -36.95 57.99
N ASN F 400 -69.09 -36.83 59.25
CA ASN F 400 -68.05 -37.70 59.79
C ASN F 400 -68.51 -39.15 59.83
N GLU F 401 -69.75 -39.38 60.27
CA GLU F 401 -70.28 -40.75 60.30
C GLU F 401 -70.40 -41.32 58.89
N ASN F 402 -70.88 -40.52 57.94
CA ASN F 402 -70.87 -40.95 56.55
C ASN F 402 -69.45 -41.18 56.06
N TYR F 403 -68.53 -40.29 56.45
CA TYR F 403 -67.12 -40.48 56.11
C TYR F 403 -66.62 -41.83 56.63
N VAL F 404 -67.01 -42.20 57.85
CA VAL F 404 -66.65 -43.50 58.39
C VAL F 404 -67.38 -44.61 57.63
N ARG F 405 -68.69 -44.42 57.40
CA ARG F 405 -69.48 -45.46 56.74
C ARG F 405 -69.07 -45.62 55.28
N ILE F 406 -68.93 -44.51 54.56
CA ILE F 406 -68.62 -44.58 53.14
C ILE F 406 -67.28 -45.26 52.93
N LEU F 407 -66.27 -44.85 53.68
CA LEU F 407 -64.95 -45.47 53.55
C LEU F 407 -64.99 -46.94 53.96
N SER F 408 -65.71 -47.26 55.04
CA SER F 408 -65.81 -48.65 55.47
C SER F 408 -66.50 -49.50 54.41
N GLU F 409 -67.44 -48.92 53.66
CA GLU F 409 -68.17 -49.70 52.67
C GLU F 409 -67.26 -50.10 51.50
N TRP F 410 -66.44 -49.16 51.00
CA TRP F 410 -65.61 -49.41 49.83
C TRP F 410 -64.15 -49.58 50.21
N GLY F 411 -63.55 -48.63 50.91
CA GLY F 411 -62.20 -48.74 51.39
C GLY F 411 -61.20 -47.92 50.60
N ILE F 412 -59.93 -48.33 50.70
CA ILE F 412 -58.86 -47.57 50.06
C ILE F 412 -59.04 -47.47 48.55
N PRO F 413 -59.40 -48.53 47.82
CA PRO F 413 -59.45 -48.43 46.36
C PRO F 413 -60.22 -47.22 45.85
N LEU F 414 -61.23 -46.76 46.59
CA LEU F 414 -61.90 -45.52 46.21
C LEU F 414 -60.96 -44.33 46.29
N VAL F 415 -60.08 -44.32 47.30
CA VAL F 415 -59.15 -43.20 47.44
C VAL F 415 -58.18 -43.15 46.29
N ASP F 416 -57.78 -44.31 45.75
CA ASP F 416 -56.85 -44.33 44.62
C ASP F 416 -57.41 -43.52 43.45
N GLN F 417 -58.70 -43.68 43.16
CA GLN F 417 -59.32 -42.87 42.12
C GLN F 417 -59.34 -41.40 42.51
N LEU F 418 -59.58 -41.10 43.78
CA LEU F 418 -59.61 -39.72 44.25
C LEU F 418 -58.28 -39.02 43.98
N ILE F 419 -57.18 -39.66 44.35
CA ILE F 419 -55.86 -39.06 44.14
C ILE F 419 -55.56 -38.97 42.64
N HIS F 420 -55.94 -40.01 41.88
CA HIS F 420 -55.70 -39.97 40.45
C HIS F 420 -56.44 -38.81 39.79
N ASP F 421 -57.69 -38.57 40.20
CA ASP F 421 -58.45 -37.47 39.64
C ASP F 421 -57.88 -36.12 40.07
N SER F 422 -57.15 -36.08 41.19
CA SER F 422 -56.58 -34.82 41.66
C SER F 422 -55.59 -34.26 40.65
N GLY F 423 -54.88 -35.12 39.92
CA GLY F 423 -53.92 -34.68 38.93
C GLY F 423 -52.57 -34.29 39.49
N ILE F 424 -52.35 -34.43 40.79
CA ILE F 424 -51.06 -34.06 41.36
C ILE F 424 -49.96 -34.97 40.85
N GLU F 425 -50.24 -36.28 40.73
CA GLU F 425 -49.24 -37.21 40.25
C GLU F 425 -48.81 -36.87 38.82
N SER F 426 -49.77 -36.49 37.98
CA SER F 426 -49.42 -36.09 36.62
C SER F 426 -48.53 -34.85 36.62
N PHE F 427 -48.79 -33.93 37.56
CA PHE F 427 -47.97 -32.72 37.64
C PHE F 427 -46.51 -33.07 37.92
N ARG F 428 -46.27 -34.01 38.83
CA ARG F 428 -44.89 -34.40 39.14
C ARG F 428 -44.21 -34.98 37.91
N SER F 429 -44.90 -35.85 37.18
CA SER F 429 -44.32 -36.41 35.96
C SER F 429 -44.09 -35.33 34.92
N GLY F 430 -45.05 -34.40 34.78
CA GLY F 430 -44.93 -33.34 33.80
C GLY F 430 -43.69 -32.49 33.99
N ILE F 431 -43.55 -31.89 35.16
CA ILE F 431 -42.37 -31.06 35.43
C ILE F 431 -41.11 -31.91 35.42
N GLY F 432 -41.17 -33.10 36.03
CA GLY F 432 -40.01 -33.97 36.04
C GLY F 432 -39.57 -34.35 34.64
N LEU F 433 -40.52 -34.64 33.76
CA LEU F 433 -40.18 -34.96 32.37
C LEU F 433 -39.48 -33.78 31.70
N TYR F 434 -39.99 -32.56 31.92
CA TYR F 434 -39.39 -31.39 31.29
C TYR F 434 -37.97 -31.18 31.77
N LEU F 435 -37.74 -31.22 33.09
CA LEU F 435 -36.41 -30.97 33.61
C LEU F 435 -35.48 -32.14 33.33
N ALA F 436 -35.95 -33.37 33.53
CA ALA F 436 -35.10 -34.53 33.33
C ALA F 436 -34.72 -34.70 31.87
N GLU F 437 -35.65 -34.41 30.96
CA GLU F 437 -35.45 -34.68 29.53
C GLU F 437 -34.90 -33.48 28.78
N GLU F 438 -35.44 -32.27 29.00
CA GLU F 438 -35.04 -31.11 28.22
C GLU F 438 -33.94 -30.31 28.91
N LYS F 439 -34.21 -29.83 30.13
CA LYS F 439 -33.26 -28.96 30.81
C LYS F 439 -31.97 -29.68 31.14
N TYR F 440 -32.07 -30.94 31.58
CA TYR F 440 -30.87 -31.65 32.04
C TYR F 440 -29.81 -31.75 30.96
N PRO F 441 -30.09 -32.28 29.77
CA PRO F 441 -29.04 -32.32 28.74
C PRO F 441 -28.54 -30.96 28.33
N GLU F 442 -29.40 -29.94 28.35
CA GLU F 442 -28.96 -28.59 28.00
C GLU F 442 -27.84 -28.12 28.93
N LEU F 443 -27.88 -28.54 30.19
CA LEU F 443 -26.83 -28.13 31.13
C LEU F 443 -25.46 -28.60 30.68
N PHE F 444 -25.37 -29.87 30.24
CA PHE F 444 -24.12 -30.34 29.64
C PHE F 444 -23.80 -29.60 28.36
N ALA F 445 -24.83 -29.31 27.55
CA ALA F 445 -24.60 -28.57 26.30
C ALA F 445 -24.02 -27.20 26.58
N THR F 446 -24.50 -26.51 27.61
CA THR F 446 -23.96 -25.21 27.94
C THR F 446 -22.48 -25.29 28.28
N LEU F 447 -22.07 -26.37 28.96
CA LEU F 447 -20.67 -26.51 29.35
C LEU F 447 -19.76 -26.52 28.13
N ALA F 448 -20.14 -27.27 27.09
CA ALA F 448 -19.29 -27.35 25.91
C ALA F 448 -19.11 -25.99 25.26
N ASN F 449 -20.22 -25.26 25.05
CA ASN F 449 -20.13 -23.91 24.51
C ASN F 449 -19.49 -22.95 25.51
N ASP F 450 -19.58 -23.23 26.80
CA ASP F 450 -18.96 -22.41 27.82
C ASP F 450 -17.49 -22.73 28.02
N LEU F 451 -17.02 -23.87 27.51
CA LEU F 451 -15.62 -24.27 27.64
C LEU F 451 -14.80 -23.96 26.41
N GLN F 452 -15.43 -23.82 25.24
CA GLN F 452 -14.70 -23.51 24.02
C GLN F 452 -13.84 -22.26 24.15
N PRO F 453 -14.31 -21.16 24.76
CA PRO F 453 -13.52 -19.91 24.74
C PRO F 453 -12.09 -20.03 25.25
N LEU F 454 -11.75 -21.16 25.88
CA LEU F 454 -10.38 -21.38 26.33
C LEU F 454 -9.56 -22.19 25.33
N CYS F 455 -10.15 -23.22 24.73
CA CYS F 455 -9.46 -23.97 23.68
C CYS F 455 -9.31 -23.17 22.40
N ILE F 456 -9.98 -22.03 22.29
CA ILE F 456 -9.91 -21.22 21.08
C ILE F 456 -8.49 -20.72 20.85
N ALA F 457 -7.78 -20.38 21.91
CA ALA F 457 -6.48 -19.74 21.81
C ALA F 457 -5.30 -20.68 22.00
N LEU F 458 -5.45 -21.75 22.78
CA LEU F 458 -4.32 -22.63 23.05
C LEU F 458 -3.77 -23.22 21.76
N ARG F 459 -4.65 -23.72 20.89
CA ARG F 459 -4.17 -24.28 19.62
C ARG F 459 -3.53 -23.20 18.76
N GLN F 460 -4.11 -21.99 18.76
CA GLN F 460 -3.56 -20.90 17.96
C GLN F 460 -2.13 -20.57 18.39
N PHE F 461 -1.93 -20.37 19.69
CA PHE F 461 -0.61 -20.00 20.18
C PHE F 461 0.41 -21.11 19.91
N TYR F 462 0.04 -22.35 20.20
CA TYR F 462 0.95 -23.47 19.94
C TYR F 462 1.23 -23.61 18.44
N LEU F 463 0.20 -23.47 17.61
CA LEU F 463 0.38 -23.62 16.18
C LEU F 463 1.23 -22.51 15.57
N GLU F 464 1.32 -21.36 16.24
CA GLU F 464 2.14 -20.27 15.72
C GLU F 464 3.61 -20.47 16.08
N ASN F 465 3.90 -20.67 17.36
CA ASN F 465 5.29 -20.88 17.77
C ASN F 465 5.88 -22.12 17.14
N TYR F 466 5.11 -23.21 17.12
CA TYR F 466 5.60 -24.45 16.52
C TYR F 466 5.90 -24.25 15.04
N ARG F 467 5.00 -23.59 14.32
CA ARG F 467 5.23 -23.33 12.90
C ARG F 467 6.30 -22.26 12.71
N GLN F 468 6.31 -21.25 13.59
CA GLN F 468 7.32 -20.19 13.47
C GLN F 468 8.72 -20.75 13.65
N LEU F 469 8.92 -21.63 14.63
CA LEU F 469 10.25 -22.19 14.87
C LEU F 469 10.72 -23.05 13.70
N ASP F 470 9.79 -23.70 13.00
CA ASP F 470 10.17 -24.56 11.89
C ASP F 470 10.74 -23.78 10.71
N SER F 471 10.51 -22.46 10.65
CA SER F 471 11.03 -21.67 9.55
C SER F 471 12.54 -21.63 9.55
N GLN F 472 13.17 -21.59 10.72
CA GLN F 472 14.62 -21.50 10.78
C GLN F 472 15.27 -22.77 10.24
N PRO F 473 16.47 -22.67 9.68
CA PRO F 473 17.15 -23.87 9.19
C PRO F 473 17.53 -24.79 10.34
N ARG F 474 17.98 -25.99 9.97
CA ARG F 474 18.37 -27.00 10.96
C ARG F 474 19.77 -27.52 10.68
N GLU F 475 20.14 -27.63 9.41
CA GLU F 475 21.44 -28.14 9.04
C GLU F 475 22.54 -27.18 9.48
N ILE F 476 23.66 -27.74 9.93
CA ILE F 476 24.79 -26.91 10.36
C ILE F 476 25.33 -26.09 9.19
N ALA F 477 25.49 -26.73 8.03
CA ALA F 477 26.03 -26.03 6.87
C ALA F 477 25.14 -24.84 6.50
N ALA F 478 23.84 -25.08 6.35
CA ALA F 478 22.92 -24.00 6.04
C ALA F 478 22.85 -22.99 7.19
N MET F 479 22.78 -23.49 8.42
CA MET F 479 22.71 -22.58 9.57
C MET F 479 23.96 -21.72 9.68
N LYS F 480 25.13 -22.33 9.51
CA LYS F 480 26.37 -21.57 9.58
C LYS F 480 26.46 -20.55 8.45
N ALA F 481 26.01 -20.92 7.25
CA ALA F 481 26.01 -19.98 6.14
C ALA F 481 25.18 -18.75 6.47
N GLN F 482 24.10 -18.91 7.24
CA GLN F 482 23.30 -17.76 7.64
C GLN F 482 24.13 -16.79 8.48
N GLU F 483 24.94 -17.31 9.39
CA GLU F 483 25.80 -16.44 10.18
C GLU F 483 26.78 -15.68 9.30
N LEU F 484 27.38 -16.37 8.33
CA LEU F 484 28.20 -15.67 7.34
C LEU F 484 27.37 -14.70 6.52
N THR F 485 26.12 -15.06 6.21
CA THR F 485 25.23 -14.17 5.49
C THR F 485 24.85 -12.95 6.30
N LEU F 486 25.12 -12.95 7.60
CA LEU F 486 24.83 -11.81 8.47
C LEU F 486 26.07 -11.10 8.97
N LEU F 487 27.24 -11.75 8.89
CA LEU F 487 28.46 -11.13 9.40
C LEU F 487 28.79 -9.85 8.65
N ASN F 488 28.69 -9.88 7.32
CA ASN F 488 29.05 -8.72 6.53
C ASN F 488 28.06 -7.57 6.69
N GLN F 489 26.81 -7.86 7.03
CA GLN F 489 25.85 -6.77 7.25
C GLN F 489 26.30 -5.88 8.40
N GLU F 490 26.80 -6.48 9.48
CA GLU F 490 27.36 -5.69 10.57
C GLU F 490 28.56 -4.90 10.10
N MET F 491 29.40 -5.50 9.24
CA MET F 491 30.57 -4.79 8.72
C MET F 491 30.15 -3.56 7.92
N GLN F 492 29.13 -3.69 7.07
CA GLN F 492 28.70 -2.56 6.26
C GLN F 492 28.18 -1.43 7.12
N ASN F 493 27.37 -1.76 8.14
CA ASN F 493 26.88 -0.73 9.05
C ASN F 493 28.03 -0.07 9.80
N LEU F 494 29.09 -0.82 10.09
CA LEU F 494 30.23 -0.25 10.79
C LEU F 494 30.87 0.86 9.97
N GLY F 495 31.02 0.66 8.66
CA GLY F 495 31.56 1.70 7.81
C GLY F 495 30.65 2.91 7.75
N ILE F 496 29.36 2.67 7.57
CA ILE F 496 28.39 3.78 7.53
C ILE F 496 28.38 4.50 8.87
N GLU F 497 28.35 3.75 9.97
CA GLU F 497 28.31 4.37 11.29
C GLU F 497 29.61 5.10 11.61
N PHE F 498 30.74 4.60 11.12
CA PHE F 498 32.02 5.23 11.41
C PHE F 498 32.07 6.65 10.86
N LYS F 499 31.61 6.84 9.62
CA LYS F 499 31.59 8.17 9.03
C LYS F 499 30.67 9.10 9.81
N LYS F 500 29.60 8.57 10.39
CA LYS F 500 28.65 9.40 11.13
C LYS F 500 29.34 10.07 12.32
N TYR F 501 30.06 9.29 13.12
CA TYR F 501 30.74 9.85 14.28
C TYR F 501 31.80 10.86 13.86
N MET F 502 32.57 10.54 12.83
CA MET F 502 33.61 11.47 12.37
C MET F 502 32.99 12.77 11.88
N SER F 503 31.88 12.68 11.15
CA SER F 503 31.22 13.89 10.68
C SER F 503 30.65 14.71 11.83
N ALA F 504 30.17 14.05 12.88
CA ALA F 504 29.63 14.78 14.03
C ALA F 504 30.73 15.52 14.77
N GLN F 505 31.85 14.85 15.03
CA GLN F 505 32.94 15.49 15.78
C GLN F 505 33.51 16.67 15.02
N ILE F 506 33.72 16.54 13.71
CA ILE F 506 34.30 17.61 12.93
C ILE F 506 33.35 18.79 12.85
N ASN F 507 32.05 18.52 12.74
CA ASN F 507 31.07 19.61 12.63
C ASN F 507 31.10 20.50 13.87
N ASP F 508 31.22 19.89 15.05
CA ASP F 508 31.27 20.66 16.29
C ASP F 508 32.42 21.66 16.30
N VAL F 509 33.52 21.35 15.60
CA VAL F 509 34.67 22.26 15.61
C VAL F 509 34.40 23.49 14.76
N VAL F 510 33.76 23.31 13.60
CA VAL F 510 33.54 24.42 12.69
C VAL F 510 32.70 25.51 13.32
N ILE F 511 31.84 25.18 14.28
CA ILE F 511 30.93 26.13 14.88
C ILE F 511 31.29 26.48 16.32
N GLY F 512 32.19 25.73 16.95
CA GLY F 512 32.60 26.02 18.30
C GLY F 512 31.89 25.24 19.38
N ASN F 513 31.11 24.21 19.02
CA ASN F 513 30.44 23.42 20.03
C ASN F 513 31.43 22.74 20.96
N ASP F 514 32.54 22.26 20.42
CA ASP F 514 33.59 21.63 21.23
C ASP F 514 34.26 22.71 22.06
N ARG F 515 33.89 22.80 23.34
CA ARG F 515 34.39 23.86 24.19
C ARG F 515 35.91 23.79 24.34
N GLU F 516 36.48 22.57 24.31
CA GLU F 516 37.92 22.44 24.48
C GLU F 516 38.68 23.13 23.37
N PHE F 517 38.21 22.99 22.12
CA PHE F 517 38.91 23.61 21.00
C PHE F 517 38.91 25.13 21.12
N ASP F 518 37.78 25.71 21.54
CA ASP F 518 37.70 27.17 21.64
C ASP F 518 38.70 27.71 22.65
N GLN F 519 38.86 27.04 23.79
CA GLN F 519 39.79 27.52 24.81
C GLN F 519 41.22 27.57 24.27
N ASP F 520 41.62 26.54 23.52
CA ASP F 520 42.96 26.56 22.91
C ASP F 520 43.04 27.63 21.83
N PHE F 521 41.98 27.80 21.05
CA PHE F 521 42.01 28.77 19.95
C PHE F 521 42.18 30.20 20.46
N THR F 522 41.43 30.56 21.51
CA THR F 522 41.56 31.90 22.06
C THR F 522 42.95 32.13 22.64
N LYS F 523 43.59 31.08 23.17
CA LYS F 523 44.96 31.20 23.63
C LYS F 523 45.89 31.57 22.48
N LEU F 524 45.67 30.98 21.30
CA LEU F 524 46.50 31.27 20.15
C LEU F 524 46.43 32.74 19.78
N LYS F 525 45.21 33.29 19.73
CA LYS F 525 45.05 34.68 19.33
C LYS F 525 45.70 35.62 20.34
N ALA F 526 45.54 35.34 21.63
CA ALA F 526 46.09 36.24 22.65
C ALA F 526 47.61 36.32 22.56
N ARG F 527 48.27 35.19 22.34
CA ARG F 527 49.74 35.18 22.31
C ARG F 527 50.26 36.06 21.17
N MET F 528 49.65 35.94 19.98
CA MET F 528 50.12 36.69 18.84
C MET F 528 49.93 38.20 19.05
N VAL F 529 48.74 38.60 19.53
CA VAL F 529 48.50 40.01 19.77
C VAL F 529 49.46 40.54 20.84
N ALA F 530 49.62 39.78 21.92
CA ALA F 530 50.59 40.17 22.94
C ALA F 530 52.01 40.16 22.38
N ARG F 531 52.33 39.17 21.54
CA ARG F 531 53.66 39.09 20.97
C ARG F 531 53.99 40.33 20.14
N LEU F 532 53.03 40.78 19.31
CA LEU F 532 53.27 41.94 18.47
C LEU F 532 53.51 43.18 19.32
N ASP F 533 52.67 43.41 20.32
CA ASP F 533 52.83 44.58 21.17
C ASP F 533 54.17 44.56 21.89
N GLU F 534 54.54 43.41 22.46
CA GLU F 534 55.82 43.28 23.13
C GLU F 534 56.98 43.40 22.13
N LEU F 535 56.82 42.81 20.95
CA LEU F 535 57.91 42.78 19.98
C LEU F 535 58.26 44.18 19.49
N LEU F 536 57.25 44.95 19.09
CA LEU F 536 57.53 46.28 18.56
C LEU F 536 57.88 47.26 19.67
N LYS F 537 57.38 47.03 20.88
CA LYS F 537 57.70 47.92 21.99
C LYS F 537 59.18 47.91 22.30
N THR F 538 59.80 46.73 22.27
CA THR F 538 61.22 46.57 22.54
C THR F 538 62.09 46.83 21.31
N PHE F 539 61.49 47.13 20.17
CA PHE F 539 62.26 47.39 18.96
C PHE F 539 63.21 48.56 19.19
N SER F 540 64.46 48.39 18.75
CA SER F 540 65.49 49.40 18.93
C SER F 540 66.28 49.55 17.64
N VAL F 541 66.74 50.77 17.39
CA VAL F 541 67.58 51.02 16.23
C VAL F 541 68.89 50.25 16.32
N MET F 542 69.31 49.89 17.53
CA MET F 542 70.53 49.13 17.75
C MET F 542 70.30 47.63 17.66
N ASN F 543 69.21 47.20 17.03
CA ASN F 543 68.97 45.79 16.75
C ASN F 543 68.75 45.52 15.27
N ALA F 544 68.08 46.43 14.56
CA ALA F 544 67.94 46.27 13.12
C ALA F 544 69.25 46.57 12.40
N TYR F 545 69.94 47.63 12.81
CA TYR F 545 71.22 47.96 12.20
C TYR F 545 72.25 46.86 12.44
N LYS F 546 72.07 46.05 13.49
CA LYS F 546 72.95 44.90 13.69
C LYS F 546 72.85 43.93 12.53
N ARG F 547 71.63 43.67 12.05
CA ARG F 547 71.41 42.72 10.97
C ARG F 547 71.83 43.26 9.61
N ALA F 548 71.82 44.58 9.42
CA ALA F 548 72.17 45.14 8.12
C ALA F 548 73.60 44.78 7.74
N THR F 549 74.53 44.89 8.69
CA THR F 549 75.91 44.50 8.42
C THR F 549 76.01 43.01 8.12
N GLU F 550 75.27 42.18 8.85
CA GLU F 550 75.34 40.74 8.64
C GLU F 550 74.86 40.36 7.25
N SER F 551 73.79 41.00 6.77
CA SER F 551 73.21 40.62 5.49
C SER F 551 74.21 40.78 4.35
N HIS F 552 75.15 41.71 4.46
CA HIS F 552 76.11 42.01 3.39
C HIS F 552 77.52 41.67 3.85
N PRO F 553 78.04 40.49 3.50
CA PRO F 553 79.38 40.12 3.99
C PRO F 553 80.49 41.08 3.58
N ARG F 554 80.39 41.69 2.41
CA ARG F 554 81.49 42.53 1.91
C ARG F 554 81.41 43.96 2.45
N ASN F 555 80.30 44.64 2.19
CA ASN F 555 80.17 46.03 2.62
C ASN F 555 80.10 46.12 4.14
N SER F 556 80.73 47.16 4.68
CA SER F 556 80.78 47.39 6.12
C SER F 556 80.21 48.76 6.48
N THR F 557 79.33 49.29 5.65
CA THR F 557 78.75 50.62 5.88
C THR F 557 77.38 50.63 5.22
N ALA F 558 76.32 50.61 6.04
CA ALA F 558 74.97 50.60 5.51
C ALA F 558 74.39 52.00 5.45
N PRO F 559 73.59 52.32 4.43
CA PRO F 559 72.96 53.64 4.38
C PRO F 559 71.92 53.82 5.48
N PHE F 560 71.63 55.08 5.78
CA PHE F 560 70.59 55.40 6.76
C PHE F 560 69.25 54.80 6.36
N ILE F 561 68.97 54.73 5.06
CA ILE F 561 67.68 54.21 4.60
C ILE F 561 67.55 52.71 4.85
N ALA F 562 68.66 51.99 4.99
CA ALA F 562 68.61 50.55 5.19
C ALA F 562 67.99 50.17 6.53
N VAL F 563 67.87 51.10 7.47
CA VAL F 563 67.29 50.79 8.77
C VAL F 563 65.85 50.34 8.60
N LEU F 564 65.07 51.05 7.78
CA LEU F 564 63.67 50.72 7.60
C LEU F 564 63.51 49.34 6.97
N VAL F 565 64.30 49.04 5.94
CA VAL F 565 64.14 47.79 5.20
C VAL F 565 64.38 46.60 6.13
N GLU F 566 65.45 46.65 6.91
CA GLU F 566 65.72 45.57 7.85
C GLU F 566 64.65 45.49 8.94
N ALA F 567 64.02 46.61 9.27
CA ALA F 567 62.97 46.59 10.29
C ALA F 567 61.79 45.73 9.84
N LEU F 568 61.38 45.86 8.58
CA LEU F 568 60.26 45.08 8.09
C LEU F 568 60.53 43.59 8.20
N TYR F 569 61.69 43.14 7.71
CA TYR F 569 62.01 41.72 7.74
C TYR F 569 62.22 41.22 9.17
N TYR F 570 62.91 42.01 9.99
CA TYR F 570 63.12 41.62 11.39
C TYR F 570 61.79 41.54 12.12
N LEU F 571 60.90 42.51 11.89
CA LEU F 571 59.60 42.53 12.54
C LEU F 571 58.60 41.58 11.89
N ALA F 572 58.90 41.07 10.69
CA ALA F 572 58.03 40.13 10.00
C ALA F 572 58.47 38.68 10.17
N ASN F 573 59.75 38.40 9.94
CA ASN F 573 60.25 37.03 10.09
C ASN F 573 60.07 36.54 11.52
N GLU F 574 60.36 37.39 12.50
CA GLU F 574 60.13 37.03 13.89
C GLU F 574 58.66 36.74 14.15
N LEU F 575 57.77 37.58 13.60
CA LEU F 575 56.35 37.35 13.76
C LEU F 575 55.93 36.04 13.11
N GLU F 576 56.53 35.72 11.96
CA GLU F 576 56.17 34.49 11.25
C GLU F 576 56.44 33.27 12.11
N ASP F 577 57.59 33.24 12.79
CA ASP F 577 57.93 32.08 13.61
C ASP F 577 56.91 31.85 14.71
N ALA F 578 56.25 32.92 15.16
CA ALA F 578 55.27 32.77 16.24
C ALA F 578 54.11 31.87 15.81
N PHE F 579 53.61 32.05 14.58
CA PHE F 579 52.54 31.20 14.09
C PHE F 579 52.99 29.75 13.99
N ILE F 580 54.18 29.52 13.44
CA ILE F 580 54.63 28.15 13.22
C ILE F 580 54.77 27.41 14.54
N GLU F 581 55.38 28.06 15.53
CA GLU F 581 55.54 27.41 16.84
C GLU F 581 54.20 27.14 17.48
N ALA F 582 53.27 28.10 17.41
CA ALA F 582 51.97 27.93 18.05
C ALA F 582 51.08 27.00 17.26
N ILE F 583 51.17 27.02 15.93
CA ILE F 583 50.32 26.17 15.11
C ILE F 583 50.61 24.71 15.39
N HIS F 584 51.88 24.35 15.52
CA HIS F 584 52.23 22.97 15.87
C HIS F 584 51.64 22.60 17.23
N GLU F 585 51.68 23.53 18.19
CA GLU F 585 51.10 23.27 19.50
C GLU F 585 49.59 23.06 19.43
N LEU F 586 48.92 23.61 18.41
CA LEU F 586 47.48 23.50 18.28
C LEU F 586 47.05 22.19 17.62
N VAL F 587 47.65 21.86 16.47
CA VAL F 587 47.25 20.66 15.74
C VAL F 587 47.55 19.42 16.57
N LYS F 588 48.73 19.37 17.19
CA LYS F 588 49.10 18.17 17.95
C LYS F 588 48.13 17.94 19.10
N ASN F 589 47.74 19.00 19.81
CA ASN F 589 46.83 18.84 20.94
C ASN F 589 45.45 18.36 20.47
N PHE F 590 45.00 18.83 19.31
CA PHE F 590 43.69 18.45 18.83
C PHE F 590 43.61 16.95 18.57
N PHE F 591 44.63 16.39 17.91
CA PHE F 591 44.58 14.98 17.54
C PHE F 591 44.54 14.07 18.76
N GLN F 592 45.34 14.37 19.78
CA GLN F 592 45.28 13.58 21.00
C GLN F 592 43.91 13.68 21.66
N ARG F 593 43.30 14.87 21.60
CA ARG F 593 41.94 15.01 22.11
C ARG F 593 40.96 14.15 21.33
N LEU F 594 41.24 13.90 20.05
CA LEU F 594 40.34 13.12 19.21
C LEU F 594 40.59 11.62 19.35
N GLY F 595 41.85 11.19 19.18
CA GLY F 595 42.16 9.78 19.32
C GLY F 595 41.85 9.25 20.70
N ASP F 596 42.12 10.04 21.74
CA ASP F 596 41.85 9.59 23.10
C ASP F 596 40.36 9.35 23.31
N ARG F 597 39.51 10.25 22.81
CA ARG F 597 38.07 10.09 22.97
C ARG F 597 37.47 9.15 21.93
N LEU F 598 38.20 8.87 20.85
CA LEU F 598 37.66 8.02 19.79
C LEU F 598 37.62 6.56 20.20
N ARG F 599 38.56 6.12 21.04
CA ARG F 599 38.60 4.72 21.43
C ARG F 599 37.50 4.37 22.42
N LYS F 600 37.13 5.30 23.29
CA LYS F 600 36.12 5.00 24.31
C LYS F 600 34.77 4.69 23.67
N VAL F 601 34.39 5.45 22.65
CA VAL F 601 33.06 5.28 22.06
C VAL F 601 32.96 3.91 21.41
N ASP F 602 31.74 3.37 21.38
CA ASP F 602 31.52 2.01 20.89
C ASP F 602 31.82 1.86 19.40
N CYS F 603 31.81 2.95 18.64
CA CYS F 603 32.09 2.87 17.22
C CYS F 603 33.42 2.21 16.96
N TYR F 604 34.51 2.82 17.43
CA TYR F 604 35.84 2.25 17.28
C TYR F 604 36.07 1.05 18.19
N HIS F 605 35.25 0.89 19.23
CA HIS F 605 35.43 -0.23 20.15
C HIS F 605 35.00 -1.54 19.50
N GLN F 606 33.85 -1.53 18.82
CA GLN F 606 33.31 -2.76 18.22
C GLN F 606 34.17 -3.29 17.08
N VAL F 607 35.08 -2.48 16.54
CA VAL F 607 35.89 -2.91 15.40
C VAL F 607 36.76 -4.10 15.80
N TYR F 608 37.38 -4.03 16.97
CA TYR F 608 38.38 -5.01 17.38
C TYR F 608 37.78 -6.31 17.87
N ARG F 609 36.48 -6.37 18.11
CA ARG F 609 35.82 -7.62 18.46
C ARG F 609 35.59 -8.50 17.24
N LEU F 610 35.60 -7.92 16.04
CA LEU F 610 35.34 -8.65 14.81
C LEU F 610 36.51 -8.59 13.85
N VAL F 611 37.04 -7.40 13.57
CA VAL F 611 38.11 -7.27 12.58
C VAL F 611 39.39 -7.93 13.09
N GLY F 612 39.78 -7.62 14.33
CA GLY F 612 40.95 -8.20 14.95
C GLY F 612 42.06 -7.19 15.23
N ASN F 613 42.09 -6.10 14.47
CA ASN F 613 43.14 -5.10 14.62
C ASN F 613 42.63 -3.75 14.14
N ASP F 614 43.51 -2.76 14.13
CA ASP F 614 43.13 -1.40 13.75
C ASP F 614 42.68 -1.34 12.29
N GLY F 615 43.39 -2.05 11.41
CA GLY F 615 43.13 -1.92 9.99
C GLY F 615 43.68 -0.65 9.38
N GLY F 616 44.64 0.00 10.04
CA GLY F 616 45.22 1.23 9.54
C GLY F 616 44.59 2.50 10.07
N ILE F 617 43.61 2.41 10.97
CA ILE F 617 42.96 3.60 11.48
C ILE F 617 43.97 4.51 12.15
N GLU F 618 44.78 3.95 13.07
CA GLU F 618 45.81 4.73 13.72
C GLU F 618 46.88 5.17 12.73
N GLN F 619 47.26 4.28 11.80
CA GLN F 619 48.28 4.63 10.82
C GLN F 619 47.81 5.79 9.95
N LEU F 620 46.58 5.72 9.46
CA LEU F 620 46.05 6.82 8.65
C LEU F 620 45.94 8.10 9.47
N LEU F 621 45.47 8.00 10.71
CA LEU F 621 45.32 9.17 11.55
C LEU F 621 46.66 9.87 11.74
N ARG F 622 47.70 9.11 12.10
CA ARG F 622 49.02 9.68 12.24
C ARG F 622 49.54 10.21 10.90
N ARG F 623 49.31 9.45 9.82
CA ARG F 623 49.74 9.90 8.51
C ARG F 623 49.04 11.20 8.11
N ALA F 624 47.73 11.27 8.33
CA ALA F 624 46.98 12.47 7.98
C ALA F 624 47.45 13.67 8.80
N GLU F 625 47.73 13.45 10.09
CA GLU F 625 48.16 14.56 10.94
C GLU F 625 49.39 15.26 10.36
N GLU F 626 50.32 14.48 9.80
CA GLU F 626 51.50 15.08 9.18
C GLU F 626 51.10 15.97 8.00
N ASP F 627 50.16 15.51 7.18
CA ASP F 627 49.74 16.30 6.03
C ASP F 627 49.09 17.61 6.47
N ILE F 628 48.26 17.56 7.51
CA ILE F 628 47.57 18.77 7.96
C ILE F 628 48.58 19.81 8.42
N THR F 629 49.60 19.39 9.16
CA THR F 629 50.59 20.33 9.65
C THR F 629 51.31 21.02 8.50
N LYS F 630 51.68 20.27 7.47
CA LYS F 630 52.38 20.86 6.34
C LYS F 630 51.51 21.89 5.62
N ALA F 631 50.23 21.57 5.42
CA ALA F 631 49.36 22.48 4.68
C ALA F 631 49.20 23.81 5.41
N LEU F 632 48.93 23.77 6.71
CA LEU F 632 48.74 25.00 7.47
C LEU F 632 50.03 25.82 7.52
N VAL F 633 51.17 25.14 7.68
CA VAL F 633 52.44 25.86 7.78
C VAL F 633 52.70 26.63 6.48
N ASN F 634 52.48 25.98 5.34
CA ASN F 634 52.67 26.66 4.06
C ASN F 634 51.70 27.83 3.92
N GLU F 635 50.43 27.62 4.28
CA GLU F 635 49.45 28.69 4.16
C GLU F 635 49.80 29.85 5.08
N ALA F 636 50.21 29.56 6.31
CA ALA F 636 50.56 30.62 7.25
C ALA F 636 51.75 31.42 6.74
N ARG F 637 52.77 30.75 6.22
CA ARG F 637 53.94 31.46 5.72
C ARG F 637 53.58 32.35 4.54
N THR F 638 52.68 31.88 3.66
CA THR F 638 52.30 32.68 2.50
C THR F 638 51.70 34.01 2.91
N GLU F 639 50.80 33.99 3.90
CA GLU F 639 50.24 35.23 4.40
C GLU F 639 51.30 36.10 5.07
N CYS F 640 52.22 35.46 5.81
CA CYS F 640 53.27 36.21 6.49
C CYS F 640 54.17 36.94 5.51
N ASP F 641 54.19 36.52 4.23
CA ASP F 641 55.02 37.17 3.23
C ASP F 641 54.40 38.46 2.70
N ARG F 642 53.13 38.74 3.02
CA ARG F 642 52.46 39.93 2.50
C ARG F 642 52.65 41.14 3.40
N TYR F 643 52.99 40.95 4.68
CA TYR F 643 53.17 42.09 5.57
C TYR F 643 54.38 42.93 5.15
N VAL F 644 55.40 42.31 4.57
CA VAL F 644 56.64 43.03 4.26
C VAL F 644 56.37 44.18 3.30
N ARG F 645 55.57 43.95 2.27
CA ARG F 645 55.27 45.01 1.32
C ARG F 645 54.60 46.18 2.02
N GLU F 646 55.07 47.39 1.71
CA GLU F 646 54.59 48.58 2.40
C GLU F 646 53.25 49.00 1.83
N SER F 647 52.28 49.24 2.71
CA SER F 647 50.98 49.77 2.34
C SER F 647 51.04 51.30 2.30
N PRO F 648 50.05 51.94 1.69
CA PRO F 648 50.04 53.41 1.69
C PRO F 648 50.08 54.00 3.08
N ARG F 649 49.50 53.33 4.07
CA ARG F 649 49.55 53.82 5.44
C ARG F 649 50.99 53.85 5.96
N PHE F 650 51.88 53.05 5.39
CA PHE F 650 53.26 53.00 5.87
C PHE F 650 53.91 54.38 5.81
N TYR F 651 53.55 55.20 4.83
CA TYR F 651 54.09 56.54 4.69
C TYR F 651 53.05 57.57 5.11
N ASP F 652 53.48 58.54 5.90
CA ASP F 652 52.60 59.61 6.37
C ASP F 652 53.47 60.81 6.73
N GLU F 653 53.23 61.95 6.09
CA GLU F 653 54.06 63.11 6.30
C GLU F 653 54.08 63.52 7.77
N GLY F 654 52.90 63.65 8.38
CA GLY F 654 52.82 64.08 9.76
C GLY F 654 53.43 63.07 10.73
N THR F 655 53.12 61.79 10.54
CA THR F 655 53.60 60.77 11.47
C THR F 655 55.13 60.69 11.47
N PHE F 656 55.74 60.73 10.28
CA PHE F 656 57.18 60.60 10.17
C PHE F 656 57.61 61.01 8.77
N SER F 657 58.75 61.67 8.69
CA SER F 657 59.31 62.14 7.43
C SER F 657 60.64 61.44 7.18
N ILE F 658 60.79 60.88 5.98
CA ILE F 658 62.05 60.23 5.62
C ILE F 658 63.18 61.22 5.43
N TYR F 659 62.86 62.51 5.27
CA TYR F 659 63.85 63.53 4.97
C TYR F 659 64.45 64.16 6.21
N GLN F 660 64.01 63.77 7.40
CA GLN F 660 64.64 64.26 8.63
C GLN F 660 66.07 63.74 8.77
N PHE F 661 66.44 62.70 8.02
CA PHE F 661 67.82 62.22 8.07
C PHE F 661 68.78 63.30 7.58
N ARG F 662 68.34 64.13 6.64
CA ARG F 662 69.19 65.24 6.20
C ARG F 662 69.63 66.10 7.37
N GLN F 663 68.72 66.34 8.32
CA GLN F 663 69.11 67.07 9.52
C GLN F 663 70.22 66.37 10.27
N THR F 664 70.26 65.04 10.22
CA THR F 664 71.36 64.27 10.79
C THR F 664 72.53 64.11 9.85
N LEU F 665 72.38 64.50 8.58
CA LEU F 665 73.44 64.42 7.60
C LEU F 665 74.04 65.78 7.26
N GLN F 666 73.29 66.86 7.43
CA GLN F 666 73.77 68.21 7.13
C GLN F 666 74.72 68.66 8.23
N GLN F 667 75.95 68.15 8.17
CA GLN F 667 77.00 68.51 9.13
C GLN F 667 76.56 68.22 10.56
N THR F 668 75.84 67.12 10.74
CA THR F 668 75.40 66.68 12.06
C THR F 668 76.04 65.35 12.46
N SER F 669 75.92 64.32 11.61
CA SER F 669 76.56 63.04 11.85
C SER F 669 77.97 63.11 11.26
N GLN F 670 78.93 63.45 12.11
CA GLN F 670 80.30 63.67 11.63
C GLN F 670 80.92 62.35 11.17
N GLY F 671 81.03 61.38 12.08
CA GLY F 671 81.63 60.10 11.73
C GLY F 671 80.67 59.19 10.98
N TYR F 672 81.24 58.15 10.38
CA TYR F 672 80.47 57.12 9.68
C TYR F 672 79.96 56.10 10.70
N ASP F 673 79.06 56.58 11.56
CA ASP F 673 78.47 55.76 12.60
C ASP F 673 76.95 55.90 12.52
N ALA F 674 76.26 55.23 13.43
CA ALA F 674 74.80 55.24 13.51
C ALA F 674 74.35 55.48 14.94
N GLN F 675 74.97 56.44 15.61
CA GLN F 675 74.63 56.79 16.98
C GLN F 675 73.64 57.93 17.08
N ALA F 676 73.82 58.98 16.27
CA ALA F 676 72.90 60.11 16.30
C ALA F 676 71.50 59.72 15.86
N ILE F 677 71.39 58.71 14.99
CA ILE F 677 70.08 58.27 14.51
C ILE F 677 69.23 57.73 15.65
N VAL F 678 69.85 57.32 16.76
CA VAL F 678 69.09 56.75 17.87
C VAL F 678 68.07 57.75 18.40
N GLU F 679 68.33 59.05 18.21
CA GLU F 679 67.40 60.06 18.70
C GLU F 679 66.03 59.93 18.05
N ALA F 680 65.97 59.39 16.84
CA ALA F 680 64.72 59.25 16.10
C ALA F 680 64.01 57.94 16.40
N GLU F 681 64.53 57.11 17.31
CA GLU F 681 63.88 55.85 17.61
C GLU F 681 62.44 56.00 18.06
N PRO F 682 62.08 56.95 18.93
CA PRO F 682 60.67 57.04 19.35
C PRO F 682 59.70 57.25 18.20
N ALA F 683 60.11 58.03 17.18
CA ALA F 683 59.19 58.34 16.09
C ALA F 683 58.93 57.13 15.21
N ILE F 684 59.97 56.37 14.87
CA ILE F 684 59.80 55.24 13.96
C ILE F 684 58.91 54.18 14.59
N LYS F 685 58.98 53.99 15.91
CA LYS F 685 58.16 52.98 16.56
C LYS F 685 56.68 53.22 16.32
N GLU F 686 56.24 54.48 16.43
CA GLU F 686 54.84 54.79 16.16
C GLU F 686 54.47 54.51 14.72
N LEU F 687 55.38 54.82 13.78
CA LEU F 687 55.07 54.61 12.37
C LEU F 687 54.84 53.15 12.06
N LEU F 688 55.68 52.27 12.60
CA LEU F 688 55.52 50.83 12.37
C LEU F 688 54.21 50.34 12.97
N LYS F 689 53.84 50.85 14.14
CA LYS F 689 52.58 50.47 14.75
C LYS F 689 51.41 50.77 13.81
N LEU F 690 51.43 51.96 13.21
CA LEU F 690 50.33 52.35 12.31
C LEU F 690 50.27 51.42 11.11
N ASP F 691 51.42 51.06 10.54
CA ASP F 691 51.42 50.23 9.33
C ASP F 691 50.96 48.81 9.62
N PHE F 692 51.52 48.19 10.66
CA PHE F 692 51.29 46.77 10.90
C PHE F 692 49.99 46.50 11.66
N GLU F 693 49.61 47.40 12.58
CA GLU F 693 48.45 47.13 13.42
C GLU F 693 47.20 46.79 12.62
N PRO F 694 46.86 47.50 11.53
CA PRO F 694 45.67 47.09 10.77
C PRO F 694 45.85 45.77 10.06
N LYS F 695 47.04 45.52 9.49
CA LYS F 695 47.25 44.31 8.70
C LYS F 695 47.19 43.07 9.59
N VAL F 696 47.93 43.08 10.71
CA VAL F 696 47.97 41.91 11.57
C VAL F 696 46.60 41.61 12.16
N PHE F 697 45.90 42.66 12.61
CA PHE F 697 44.56 42.46 13.17
C PHE F 697 43.62 41.91 12.10
N ASN F 698 43.76 42.37 10.86
CA ASN F 698 42.89 41.89 9.79
C ASN F 698 43.06 40.40 9.56
N THR F 699 44.29 39.90 9.60
CA THR F 699 44.55 38.50 9.27
C THR F 699 44.04 37.58 10.37
N VAL F 700 44.54 37.77 11.59
CA VAL F 700 44.20 36.84 12.68
C VAL F 700 42.70 36.86 12.96
N ARG F 701 42.11 38.05 12.99
CA ARG F 701 40.71 38.17 13.39
C ARG F 701 39.78 37.59 12.32
N LYS F 702 40.03 37.88 11.05
CA LYS F 702 39.15 37.47 9.96
C LYS F 702 39.66 36.25 9.21
N ASN F 703 40.86 36.33 8.65
CA ASN F 703 41.30 35.35 7.65
C ASN F 703 41.73 34.03 8.29
N PHE F 704 42.43 34.08 9.42
CA PHE F 704 43.02 32.87 9.97
C PHE F 704 41.96 31.84 10.33
N ARG F 705 40.84 32.28 10.90
CA ARG F 705 39.83 31.35 11.37
C ARG F 705 39.28 30.50 10.23
N GLN F 706 39.01 31.12 9.08
CA GLN F 706 38.41 30.38 7.97
C GLN F 706 39.33 29.28 7.46
N THR F 707 40.63 29.57 7.34
CA THR F 707 41.55 28.60 6.77
C THR F 707 41.60 27.32 7.60
N VAL F 708 41.67 27.46 8.93
CA VAL F 708 41.80 26.29 9.80
C VAL F 708 40.56 25.40 9.67
N ASN F 709 39.38 26.00 9.71
CA ASN F 709 38.15 25.21 9.68
C ASN F 709 38.03 24.44 8.37
N ASN F 710 38.19 25.13 7.24
CA ASN F 710 38.07 24.47 5.94
C ASN F 710 39.17 23.43 5.75
N THR F 711 40.40 23.75 6.15
CA THR F 711 41.51 22.83 5.94
C THR F 711 41.29 21.51 6.66
N LEU F 712 40.83 21.57 7.91
CA LEU F 712 40.60 20.33 8.66
C LEU F 712 39.53 19.47 8.01
N LYS F 713 38.43 20.09 7.59
CA LYS F 713 37.32 19.32 7.03
C LYS F 713 37.65 18.80 5.64
N THR F 714 38.32 19.61 4.82
CA THR F 714 38.60 19.21 3.44
C THR F 714 39.54 18.02 3.35
N HIS F 715 40.35 17.77 4.38
CA HIS F 715 41.29 16.66 4.39
C HIS F 715 40.83 15.49 5.25
N LEU F 716 40.17 15.77 6.38
CA LEU F 716 39.79 14.70 7.30
C LEU F 716 38.72 13.80 6.69
N LEU F 717 37.66 14.41 6.13
CA LEU F 717 36.56 13.62 5.60
C LEU F 717 36.99 12.68 4.48
N PRO F 718 37.71 13.11 3.45
CA PRO F 718 38.13 12.15 2.41
C PRO F 718 38.97 11.02 2.97
N MET F 719 39.81 11.30 3.97
CA MET F 719 40.55 10.23 4.63
C MET F 719 39.59 9.27 5.32
N ALA F 720 38.59 9.81 6.02
CA ALA F 720 37.62 8.94 6.70
C ALA F 720 36.85 8.09 5.71
N GLU F 721 36.43 8.70 4.59
CA GLU F 721 35.73 7.92 3.56
C GLU F 721 36.61 6.81 3.02
N GLU F 722 37.89 7.12 2.77
CA GLU F 722 38.82 6.08 2.35
C GLU F 722 38.94 4.99 3.40
N GLN F 723 38.81 5.35 4.68
CA GLN F 723 38.88 4.34 5.74
C GLN F 723 37.75 3.33 5.61
N ALA F 724 36.59 3.77 5.13
CA ALA F 724 35.47 2.85 4.93
C ALA F 724 35.72 1.88 3.79
N GLN F 725 36.58 2.23 2.84
CA GLN F 725 36.91 1.37 1.71
C GLN F 725 38.01 0.36 2.02
N ILE F 726 38.63 0.46 3.19
CA ILE F 726 39.72 -0.44 3.56
C ILE F 726 39.28 -1.28 4.76
N ILE F 727 38.38 -0.75 5.58
CA ILE F 727 37.87 -1.51 6.71
C ILE F 727 37.11 -2.74 6.22
N LEU F 728 36.24 -2.54 5.21
CA LEU F 728 35.52 -3.66 4.60
C LEU F 728 36.38 -4.40 3.58
N GLU F 729 37.51 -3.82 3.17
CA GLU F 729 38.37 -4.49 2.21
C GLU F 729 38.90 -5.81 2.74
N GLN F 730 39.08 -5.91 4.05
CA GLN F 730 39.65 -7.10 4.69
C GLN F 730 38.58 -7.98 5.33
N TYR F 731 37.42 -8.08 4.68
CA TYR F 731 36.38 -9.00 5.15
C TYR F 731 36.85 -10.44 5.11
N ASP F 732 37.77 -10.77 4.21
CA ASP F 732 38.20 -12.16 4.05
C ASP F 732 38.97 -12.64 5.27
N VAL F 733 39.95 -11.87 5.73
CA VAL F 733 40.80 -12.31 6.84
C VAL F 733 39.97 -12.50 8.10
N ALA F 734 39.05 -11.56 8.36
CA ALA F 734 38.23 -11.67 9.57
C ALA F 734 37.42 -12.96 9.59
N ARG F 735 37.03 -13.45 8.41
CA ARG F 735 36.27 -14.69 8.35
C ARG F 735 37.10 -15.86 8.89
N LYS F 736 38.36 -15.95 8.50
CA LYS F 736 39.22 -17.02 9.00
C LYS F 736 39.38 -16.93 10.52
N TYR F 737 39.59 -15.72 11.04
CA TYR F 737 39.69 -15.54 12.48
C TYR F 737 38.39 -15.96 13.17
N ARG F 738 37.25 -15.57 12.60
CA ARG F 738 35.96 -15.93 13.18
C ARG F 738 35.64 -17.40 12.99
N GLU F 739 36.24 -18.05 11.99
CA GLU F 739 35.91 -19.44 11.70
C GLU F 739 36.18 -20.34 12.90
N GLN F 740 37.08 -19.93 13.80
CA GLN F 740 37.41 -20.76 14.95
C GLN F 740 36.20 -20.96 15.85
N THR F 741 35.41 -19.92 16.06
CA THR F 741 34.34 -19.94 17.05
C THR F 741 32.96 -20.18 16.44
N LEU F 742 32.80 -20.07 15.12
CA LEU F 742 31.49 -20.19 14.51
C LEU F 742 30.90 -21.59 14.65
N GLU F 743 31.73 -22.63 14.80
CA GLU F 743 31.21 -23.98 14.91
C GLU F 743 30.37 -24.15 16.17
N GLN F 744 30.86 -23.62 17.30
CA GLN F 744 30.14 -23.79 18.56
C GLN F 744 28.78 -23.10 18.53
N ASP F 745 28.72 -21.89 17.97
CA ASP F 745 27.47 -21.15 17.94
C ASP F 745 26.42 -21.87 17.12
N ALA F 746 26.81 -22.41 15.95
CA ALA F 746 25.85 -23.08 15.09
C ALA F 746 25.22 -24.29 15.78
N GLU F 747 26.07 -25.19 16.31
CA GLU F 747 25.54 -26.37 16.98
C GLU F 747 24.80 -26.00 18.25
N GLU F 748 25.30 -25.03 19.01
CA GLU F 748 24.64 -24.63 20.24
C GLU F 748 23.27 -24.02 19.96
N LYS F 749 23.18 -23.16 18.93
CA LYS F 749 21.92 -22.49 18.65
C LYS F 749 20.83 -23.47 18.25
N ILE F 750 21.16 -24.42 17.36
CA ILE F 750 20.16 -25.39 16.92
C ILE F 750 19.74 -26.28 18.09
N ALA F 751 20.69 -26.62 18.98
CA ALA F 751 20.33 -27.42 20.15
C ALA F 751 19.29 -26.69 21.00
N ARG F 752 19.46 -25.39 21.20
CA ARG F 752 18.43 -24.61 21.89
C ARG F 752 17.13 -24.62 21.10
N ASN F 753 17.22 -24.43 19.78
CA ASN F 753 16.03 -24.45 18.95
C ASN F 753 15.33 -25.80 19.02
N SER F 754 16.10 -26.88 18.95
CA SER F 754 15.51 -28.22 19.04
C SER F 754 14.91 -28.45 20.42
N ARG F 755 15.58 -28.02 21.47
CA ARG F 755 15.08 -28.26 22.83
C ARG F 755 13.71 -27.61 23.02
N LEU F 756 13.58 -26.36 22.59
CA LEU F 756 12.28 -25.68 22.72
C LEU F 756 11.27 -26.23 21.73
N GLN F 757 11.71 -26.55 20.51
CA GLN F 757 10.81 -27.13 19.53
C GLN F 757 10.29 -28.48 19.99
N SER F 758 11.17 -29.29 20.59
CA SER F 758 10.72 -30.57 21.14
C SER F 758 9.92 -30.38 22.42
N GLU F 759 10.27 -29.37 23.23
CA GLU F 759 9.55 -29.15 24.47
C GLU F 759 8.08 -28.80 24.20
N ILE F 760 7.84 -27.91 23.24
CA ILE F 760 6.46 -27.56 22.90
C ILE F 760 5.74 -28.75 22.30
N LYS F 761 6.44 -29.57 21.52
CA LYS F 761 5.83 -30.77 20.95
C LYS F 761 5.27 -31.68 22.03
N GLN F 762 5.91 -31.69 23.21
CA GLN F 762 5.41 -32.52 24.30
C GLN F 762 4.08 -31.99 24.83
N LYS F 763 3.94 -30.67 24.92
CA LYS F 763 2.74 -30.09 25.52
C LYS F 763 1.50 -30.40 24.69
N ILE F 764 1.60 -30.29 23.36
CA ILE F 764 0.42 -30.49 22.52
C ILE F 764 -0.06 -31.94 22.62
N ASP F 765 0.88 -32.89 22.77
CA ASP F 765 0.47 -34.28 22.92
C ASP F 765 -0.41 -34.46 24.16
N LEU F 766 -0.03 -33.84 25.28
CA LEU F 766 -0.86 -33.87 26.46
C LEU F 766 -2.20 -33.21 26.21
N TYR F 767 -2.21 -32.07 25.51
CA TYR F 767 -3.45 -31.39 25.19
C TYR F 767 -4.33 -32.25 24.29
N GLN F 768 -3.73 -32.91 23.30
CA GLN F 768 -4.52 -33.69 22.35
C GLN F 768 -5.23 -34.84 23.05
N THR F 769 -4.55 -35.53 23.96
CA THR F 769 -5.15 -36.67 24.63
C THR F 769 -6.37 -36.27 25.45
N SER F 770 -6.25 -35.17 26.21
CA SER F 770 -7.34 -34.76 27.08
C SER F 770 -8.58 -34.38 26.29
N ILE F 771 -8.41 -33.63 25.22
CA ILE F 771 -9.57 -33.14 24.46
C ILE F 771 -10.30 -34.30 23.79
N VAL F 772 -9.56 -35.30 23.31
CA VAL F 772 -10.20 -36.44 22.66
C VAL F 772 -11.12 -37.14 23.65
N SER F 773 -10.67 -37.35 24.88
CA SER F 773 -11.51 -37.97 25.89
C SER F 773 -12.72 -37.11 26.20
N ILE F 774 -12.54 -35.78 26.25
CA ILE F 774 -13.66 -34.90 26.56
C ILE F 774 -14.76 -35.05 25.52
N ASN F 775 -14.39 -35.00 24.24
CA ASN F 775 -15.39 -35.17 23.19
C ASN F 775 -16.00 -36.56 23.21
N GLU F 776 -15.19 -37.58 23.52
CA GLU F 776 -15.72 -38.94 23.55
C GLU F 776 -16.82 -39.09 24.58
N CYS F 777 -16.62 -38.53 25.78
CA CYS F 777 -17.64 -38.62 26.82
C CYS F 777 -18.86 -37.79 26.47
N LEU F 778 -18.65 -36.54 26.03
CA LEU F 778 -19.76 -35.68 25.67
C LEU F 778 -20.48 -36.17 24.43
N LYS F 779 -19.82 -36.98 23.59
CA LYS F 779 -20.45 -37.51 22.40
C LYS F 779 -21.68 -38.35 22.73
N ALA F 780 -21.77 -38.87 23.96
CA ALA F 780 -22.87 -39.74 24.32
C ALA F 780 -24.21 -39.02 24.38
N MET F 781 -24.21 -37.69 24.52
CA MET F 781 -25.44 -36.93 24.63
C MET F 781 -25.54 -35.72 23.70
N GLN F 782 -24.42 -35.16 23.23
CA GLN F 782 -24.48 -33.95 22.43
C GLN F 782 -23.39 -34.00 21.37
N ILE F 783 -23.59 -33.22 20.31
CA ILE F 783 -22.70 -33.20 19.16
C ILE F 783 -21.83 -31.94 19.15
N PHE F 784 -21.75 -31.24 20.26
CA PHE F 784 -20.94 -30.02 20.38
C PHE F 784 -19.53 -30.45 20.74
N GLU F 785 -18.67 -30.56 19.73
CA GLU F 785 -17.32 -31.09 19.90
C GLU F 785 -16.29 -29.99 19.65
N GLN F 786 -15.13 -30.14 20.28
CA GLN F 786 -14.04 -29.18 20.16
C GLN F 786 -13.14 -29.58 19.00
N LEU F 787 -11.96 -28.89 18.86
CA LEU F 787 -11.09 -29.10 17.72
C LEU F 787 -9.98 -30.09 18.05
N PRO F 788 -9.59 -30.94 17.09
CA PRO F 788 -8.36 -31.74 17.26
C PRO F 788 -7.14 -31.01 16.72
N VAL F 789 -5.96 -31.60 16.92
CA VAL F 789 -4.71 -31.05 16.39
C VAL F 789 -3.98 -32.21 15.70
N ILE F 790 -3.83 -32.10 14.38
CA ILE F 790 -3.24 -33.16 13.58
C ILE F 790 -2.73 -32.56 12.27
N THR F 791 -1.76 -33.25 11.67
CA THR F 791 -1.15 -32.83 10.40
C THR F 791 -0.85 -31.34 10.40
N GLU F 792 -0.23 -30.88 11.49
CA GLU F 792 0.18 -29.48 11.56
C GLU F 792 1.14 -29.12 10.44
N SER F 793 2.01 -30.06 10.05
CA SER F 793 2.97 -29.82 8.98
C SER F 793 3.85 -28.62 9.28
N SER G 2 -85.51 -52.42 33.10
CA SER G 2 -86.20 -53.43 32.24
C SER G 2 -85.36 -53.76 31.01
N LYS G 3 -84.63 -52.77 30.52
CA LYS G 3 -83.77 -52.93 29.35
C LYS G 3 -82.33 -53.26 29.72
N ILE G 4 -82.05 -53.51 31.00
CA ILE G 4 -80.70 -53.87 31.41
C ILE G 4 -80.22 -55.06 30.59
N ALA G 5 -79.01 -54.97 30.07
CA ALA G 5 -78.46 -55.99 29.19
C ALA G 5 -77.08 -56.40 29.68
N PRO G 6 -76.65 -57.62 29.35
CA PRO G 6 -75.31 -58.06 29.77
C PRO G 6 -74.20 -57.17 29.25
N GLN G 7 -74.37 -56.55 28.07
CA GLN G 7 -73.34 -55.67 27.53
C GLN G 7 -73.22 -54.41 28.36
N CYS G 8 -74.30 -53.95 29.00
CA CYS G 8 -74.27 -52.73 29.78
C CYS G 8 -73.47 -52.87 31.07
N GLN G 9 -73.19 -54.09 31.53
CA GLN G 9 -72.45 -54.27 32.78
C GLN G 9 -71.05 -53.69 32.67
N ASN G 10 -70.39 -53.89 31.54
CA ASN G 10 -69.03 -53.40 31.31
C ASN G 10 -69.00 -52.14 30.47
N LEU G 11 -70.16 -51.64 30.02
CA LEU G 11 -70.17 -50.47 29.16
C LEU G 11 -69.59 -49.25 29.87
N ARG G 12 -70.00 -49.01 31.12
CA ARG G 12 -69.54 -47.82 31.82
C ARG G 12 -68.05 -47.87 32.10
N GLU G 13 -67.52 -49.04 32.43
CA GLU G 13 -66.08 -49.16 32.64
C GLU G 13 -65.29 -48.82 31.40
N GLN G 14 -65.87 -48.99 30.21
CA GLN G 14 -65.16 -48.68 28.98
C GLN G 14 -64.95 -47.18 28.82
N VAL G 15 -66.00 -46.39 29.02
CA VAL G 15 -65.88 -44.94 28.85
C VAL G 15 -64.91 -44.38 29.89
N ASN G 16 -64.79 -45.02 31.04
CA ASN G 16 -63.78 -44.62 32.00
C ASN G 16 -62.40 -44.65 31.37
N GLN G 17 -62.14 -45.64 30.53
CA GLN G 17 -60.90 -45.67 29.77
C GLN G 17 -60.80 -44.48 28.82
N LEU G 18 -61.91 -44.15 28.15
CA LEU G 18 -61.90 -43.01 27.23
C LEU G 18 -61.53 -41.72 27.96
N ILE G 19 -62.08 -41.51 29.16
CA ILE G 19 -61.71 -40.35 29.95
C ILE G 19 -60.22 -40.41 30.28
N GLU G 20 -59.70 -41.60 30.55
CA GLU G 20 -58.28 -41.74 30.86
C GLU G 20 -57.43 -41.33 29.68
N LEU G 21 -57.78 -41.77 28.47
CA LEU G 21 -57.01 -41.40 27.28
C LEU G 21 -57.04 -39.89 27.07
N LEU G 22 -58.20 -39.26 27.24
CA LEU G 22 -58.31 -37.82 27.04
C LEU G 22 -57.41 -37.07 28.02
N ARG G 23 -57.37 -37.52 29.28
CA ARG G 23 -56.58 -36.81 30.28
C ARG G 23 -55.09 -36.96 30.03
N GLN G 24 -54.65 -38.10 29.48
CA GLN G 24 -53.23 -38.31 29.27
C GLN G 24 -52.64 -37.29 28.31
N GLU G 25 -53.34 -36.99 27.23
CA GLU G 25 -52.82 -36.05 26.24
C GLU G 25 -52.80 -34.65 26.83
N PRO G 26 -51.66 -33.95 26.85
CA PRO G 26 -51.62 -32.63 27.49
C PRO G 26 -52.52 -31.61 26.83
N THR G 27 -52.34 -31.39 25.52
CA THR G 27 -53.05 -30.34 24.83
C THR G 27 -54.55 -30.61 24.74
N LEU G 28 -54.98 -31.87 24.89
CA LEU G 28 -56.41 -32.17 24.82
C LEU G 28 -57.14 -31.70 26.07
N ARG G 29 -56.47 -31.67 27.22
CA ARG G 29 -57.12 -31.25 28.45
C ARG G 29 -57.57 -29.80 28.40
N SER G 30 -57.04 -29.00 27.47
CA SER G 30 -57.31 -27.58 27.47
C SER G 30 -58.74 -27.28 27.02
N GLN G 31 -59.19 -27.93 25.96
CA GLN G 31 -60.46 -27.59 25.30
C GLN G 31 -61.39 -28.80 25.23
N GLN G 32 -61.48 -29.54 26.33
CA GLN G 32 -62.39 -30.69 26.42
C GLN G 32 -62.94 -30.75 27.84
N ASP G 33 -64.20 -30.40 28.01
CA ASP G 33 -64.86 -30.40 29.31
C ASP G 33 -65.74 -31.63 29.42
N THR G 34 -65.55 -32.41 30.49
CA THR G 34 -66.34 -33.61 30.74
C THR G 34 -67.61 -33.31 31.52
N SER G 35 -67.97 -32.04 31.69
CA SER G 35 -69.17 -31.70 32.46
C SER G 35 -70.43 -32.30 31.85
N ILE G 36 -70.44 -32.56 30.54
CA ILE G 36 -71.62 -33.13 29.90
C ILE G 36 -71.77 -34.59 30.30
N VAL G 37 -70.72 -35.39 30.07
CA VAL G 37 -70.73 -36.77 30.52
C VAL G 37 -70.75 -36.87 32.03
N GLU G 38 -70.36 -35.80 32.73
CA GLU G 38 -70.33 -35.81 34.18
C GLU G 38 -71.71 -36.05 34.78
N THR G 39 -72.78 -35.81 34.02
CA THR G 39 -74.14 -35.97 34.51
C THR G 39 -75.00 -36.73 33.51
N ALA G 40 -74.38 -37.63 32.73
CA ALA G 40 -75.10 -38.34 31.68
C ALA G 40 -75.13 -39.85 31.92
N LEU G 41 -73.98 -40.49 32.11
CA LEU G 41 -73.94 -41.95 32.18
C LEU G 41 -74.79 -42.47 33.33
N GLY G 42 -74.43 -42.11 34.56
CA GLY G 42 -75.17 -42.60 35.71
C GLY G 42 -76.62 -42.18 35.69
N LYS G 43 -76.92 -41.05 35.06
CA LYS G 43 -78.32 -40.68 34.86
C LYS G 43 -79.02 -41.68 33.95
N ALA G 44 -78.25 -42.37 33.10
CA ALA G 44 -78.80 -43.41 32.22
C ALA G 44 -78.75 -44.78 32.89
N LEU G 45 -77.56 -45.26 33.22
CA LEU G 45 -77.41 -46.51 33.95
C LEU G 45 -77.83 -46.31 35.39
N SER G 46 -78.66 -47.21 35.90
CA SER G 46 -79.35 -46.96 37.16
C SER G 46 -80.15 -45.67 36.98
N PRO G 47 -81.07 -45.63 36.02
CA PRO G 47 -81.67 -44.36 35.61
C PRO G 47 -82.48 -43.73 36.73
N ARG G 48 -82.53 -42.40 36.70
CA ARG G 48 -83.30 -41.60 37.64
C ARG G 48 -84.37 -40.85 36.85
N PHE G 49 -85.63 -41.24 37.04
CA PHE G 49 -86.76 -40.60 36.40
C PHE G 49 -87.61 -39.89 37.45
N GLU G 50 -88.14 -38.73 37.07
CA GLU G 50 -88.92 -37.88 37.98
C GLU G 50 -90.28 -37.62 37.37
N ILE G 51 -91.33 -37.81 38.17
CA ILE G 51 -92.70 -37.55 37.76
C ILE G 51 -93.25 -36.46 38.69
N VAL G 52 -93.79 -35.40 38.10
CA VAL G 52 -94.26 -34.24 38.83
C VAL G 52 -95.79 -34.23 38.78
N PHE G 53 -96.42 -34.17 39.96
CA PHE G 53 -97.86 -34.06 40.09
C PHE G 53 -98.18 -32.65 40.57
N ALA G 54 -98.70 -31.82 39.67
CA ALA G 54 -99.03 -30.43 39.97
C ALA G 54 -100.55 -30.30 40.11
N GLY G 55 -100.99 -29.74 41.23
CA GLY G 55 -102.41 -29.56 41.46
C GLY G 55 -102.66 -28.39 42.38
N ALA G 56 -103.85 -27.81 42.25
CA ALA G 56 -104.22 -26.69 43.09
C ALA G 56 -104.39 -27.13 44.54
N PHE G 57 -104.19 -26.17 45.45
CA PHE G 57 -104.28 -26.47 46.87
C PHE G 57 -105.68 -26.95 47.23
N SER G 58 -105.74 -28.02 48.03
CA SER G 58 -107.01 -28.61 48.47
C SER G 58 -107.85 -29.11 47.30
N ALA G 59 -107.22 -29.38 46.16
CA ALA G 59 -107.90 -29.89 44.99
C ALA G 59 -107.86 -31.42 44.90
N GLY G 60 -107.38 -32.09 45.94
CA GLY G 60 -107.22 -33.53 45.92
C GLY G 60 -105.83 -34.01 45.58
N LYS G 61 -104.85 -33.13 45.51
CA LYS G 61 -103.49 -33.54 45.18
C LYS G 61 -102.98 -34.57 46.19
N SER G 62 -103.20 -34.31 47.48
CA SER G 62 -102.82 -35.30 48.49
C SER G 62 -103.65 -36.56 48.36
N MET G 63 -104.96 -36.41 48.10
CA MET G 63 -105.82 -37.57 47.97
C MET G 63 -105.47 -38.40 46.74
N LEU G 64 -105.19 -37.73 45.62
CA LEU G 64 -104.87 -38.46 44.39
C LEU G 64 -103.57 -39.25 44.55
N ILE G 65 -102.57 -38.67 45.20
CA ILE G 65 -101.30 -39.37 45.38
C ILE G 65 -101.52 -40.66 46.17
N ASN G 66 -102.29 -40.59 47.26
CA ASN G 66 -102.65 -41.80 47.97
C ASN G 66 -103.47 -42.74 47.10
N ALA G 67 -104.39 -42.18 46.31
CA ALA G 67 -105.19 -43.00 45.40
C ALA G 67 -104.29 -43.68 44.36
N LEU G 68 -103.32 -42.94 43.81
CA LEU G 68 -102.47 -43.50 42.77
C LEU G 68 -101.65 -44.66 43.31
N LEU G 69 -101.07 -44.51 44.49
CA LEU G 69 -100.24 -45.55 45.09
C LEU G 69 -101.04 -46.63 45.77
N GLU G 70 -102.34 -46.43 46.00
CA GLU G 70 -103.19 -47.37 46.71
C GLU G 70 -102.77 -47.53 48.16
N ARG G 71 -101.97 -46.59 48.68
CA ARG G 71 -101.53 -46.58 50.06
C ARG G 71 -101.73 -45.19 50.64
N GLU G 72 -102.02 -45.14 51.94
CA GLU G 72 -102.27 -43.87 52.62
C GLU G 72 -100.99 -43.39 53.29
N LEU G 73 -100.02 -43.06 52.44
CA LEU G 73 -98.76 -42.49 52.94
C LEU G 73 -98.94 -41.01 53.25
N LEU G 74 -99.32 -40.22 52.26
CA LEU G 74 -99.65 -38.83 52.51
C LEU G 74 -100.93 -38.73 53.33
N TYR G 75 -100.90 -37.87 54.35
CA TYR G 75 -102.09 -37.63 55.16
C TYR G 75 -103.06 -36.77 54.35
N SER G 76 -104.25 -37.34 54.08
CA SER G 76 -105.22 -36.72 53.19
C SER G 76 -106.11 -35.71 53.88
N ALA G 77 -105.69 -35.20 55.04
CA ALA G 77 -106.44 -34.16 55.74
C ALA G 77 -106.35 -32.88 54.92
N GLU G 78 -107.44 -32.55 54.23
CA GLU G 78 -107.42 -31.41 53.31
C GLU G 78 -107.04 -30.13 54.04
N GLY G 79 -106.12 -29.37 53.45
CA GLY G 79 -105.65 -28.13 54.02
C GLY G 79 -104.45 -28.25 54.93
N HIS G 80 -104.00 -29.48 55.23
CA HIS G 80 -102.88 -29.71 56.12
C HIS G 80 -101.61 -30.10 55.39
N ALA G 81 -101.67 -30.32 54.07
CA ALA G 81 -100.54 -30.78 53.28
C ALA G 81 -99.71 -29.63 52.72
N THR G 82 -99.75 -28.46 53.36
CA THR G 82 -99.00 -27.31 52.87
C THR G 82 -97.51 -27.63 52.85
N GLY G 83 -96.87 -27.36 51.72
CA GLY G 83 -95.42 -27.55 51.61
C GLY G 83 -94.96 -28.95 51.91
N THR G 84 -95.67 -29.96 51.41
CA THR G 84 -95.32 -31.36 51.63
C THR G 84 -94.93 -31.98 50.30
N GLU G 85 -93.72 -32.54 50.25
CA GLU G 85 -93.23 -33.25 49.07
C GLU G 85 -92.70 -34.60 49.51
N CYS G 86 -93.12 -35.65 48.83
CA CYS G 86 -92.69 -37.01 49.13
C CYS G 86 -92.14 -37.66 47.86
N HIS G 87 -90.95 -38.24 47.98
CA HIS G 87 -90.32 -38.96 46.89
C HIS G 87 -90.32 -40.45 47.23
N ILE G 88 -90.95 -41.25 46.35
CA ILE G 88 -91.09 -42.69 46.56
C ILE G 88 -90.32 -43.39 45.44
N GLU G 89 -89.42 -44.28 45.82
CA GLU G 89 -88.58 -45.00 44.86
C GLU G 89 -88.48 -46.46 45.28
N TYR G 90 -88.07 -47.30 44.33
CA TYR G 90 -87.98 -48.72 44.58
C TYR G 90 -86.92 -49.02 45.63
N ALA G 91 -87.22 -50.00 46.48
CA ALA G 91 -86.31 -50.44 47.53
C ALA G 91 -86.82 -51.76 48.07
N ASN G 92 -85.96 -52.45 48.81
CA ASN G 92 -86.35 -53.71 49.42
C ASN G 92 -87.41 -53.46 50.49
N ALA G 93 -88.24 -54.48 50.74
CA ALA G 93 -89.31 -54.35 51.72
C ALA G 93 -88.79 -54.00 53.10
N ASN G 94 -87.54 -54.34 53.41
CA ASN G 94 -86.94 -54.06 54.70
C ASN G 94 -86.17 -52.74 54.72
N GLU G 95 -86.18 -51.99 53.61
CA GLU G 95 -85.40 -50.77 53.51
C GLU G 95 -86.28 -49.52 53.46
N GLU G 96 -87.53 -49.63 53.92
CA GLU G 96 -88.41 -48.47 53.96
C GLU G 96 -87.86 -47.43 54.93
N ARG G 97 -87.79 -46.19 54.48
CA ARG G 97 -87.18 -45.12 55.26
C ARG G 97 -87.85 -43.80 54.90
N VAL G 98 -87.70 -42.82 55.80
CA VAL G 98 -88.27 -41.49 55.60
C VAL G 98 -87.45 -40.48 56.39
N VAL G 99 -87.46 -39.24 55.91
CA VAL G 99 -86.78 -38.13 56.55
C VAL G 99 -87.81 -37.05 56.85
N LEU G 100 -87.58 -36.32 57.94
CA LEU G 100 -88.52 -35.31 58.42
C LEU G 100 -87.85 -33.94 58.45
N THR G 101 -88.61 -32.92 58.06
CA THR G 101 -88.17 -31.53 58.13
C THR G 101 -89.32 -30.69 58.70
N PHE G 102 -88.96 -29.57 59.31
CA PHE G 102 -89.92 -28.75 60.04
C PHE G 102 -89.77 -27.29 59.66
N LEU G 103 -90.86 -26.55 59.81
CA LEU G 103 -90.86 -25.12 59.55
C LEU G 103 -90.14 -24.37 60.66
N SER G 104 -89.60 -23.21 60.32
CA SER G 104 -88.91 -22.37 61.29
C SER G 104 -89.91 -21.54 62.08
N GLU G 105 -89.44 -21.01 63.22
CA GLU G 105 -90.30 -20.19 64.07
C GLU G 105 -90.80 -18.96 63.32
N ALA G 106 -89.93 -18.31 62.56
CA ALA G 106 -90.36 -17.14 61.78
C ALA G 106 -91.43 -17.51 60.76
N GLU G 107 -91.50 -18.79 60.38
CA GLU G 107 -92.53 -19.23 59.45
C GLU G 107 -93.82 -19.59 60.17
N ILE G 108 -93.72 -20.19 61.36
CA ILE G 108 -94.92 -20.52 62.12
C ILE G 108 -95.69 -19.26 62.47
N ARG G 109 -94.99 -18.23 62.94
CA ARG G 109 -95.63 -16.95 63.20
C ARG G 109 -96.17 -16.35 61.91
N GLN G 110 -95.41 -16.44 60.83
CA GLN G 110 -95.89 -15.93 59.54
C GLN G 110 -97.15 -16.68 59.11
N GLN G 111 -97.14 -18.00 59.22
CA GLN G 111 -98.34 -18.77 58.92
C GLN G 111 -99.44 -18.50 59.93
N ALA G 112 -99.08 -18.48 61.22
CA ALA G 112 -100.08 -18.24 62.26
C ALA G 112 -100.73 -16.88 62.09
N LEU G 113 -99.94 -15.86 61.79
CA LEU G 113 -100.52 -14.54 61.51
C LEU G 113 -101.43 -14.58 60.30
N ILE G 114 -101.01 -15.28 59.24
CA ILE G 114 -101.86 -15.42 58.06
C ILE G 114 -103.15 -16.16 58.42
N LEU G 115 -103.02 -17.25 59.19
CA LEU G 115 -104.21 -17.96 59.64
C LEU G 115 -105.07 -17.09 60.53
N ALA G 116 -104.45 -16.34 61.45
CA ALA G 116 -105.22 -15.48 62.34
C ALA G 116 -105.73 -14.24 61.60
N LYS G 117 -105.00 -13.79 60.58
CA LYS G 117 -105.42 -12.60 59.85
C LYS G 117 -106.79 -12.79 59.21
N TYR G 118 -107.02 -13.95 58.58
CA TYR G 118 -108.31 -14.23 57.97
C TYR G 118 -109.36 -14.59 59.01
N LEU G 119 -108.95 -14.86 60.25
CA LEU G 119 -109.88 -15.23 61.32
C LEU G 119 -110.41 -14.05 62.09
N ASN G 120 -109.92 -12.84 61.85
CA ASN G 120 -110.26 -11.67 62.66
C ASN G 120 -109.80 -11.85 64.10
N VAL G 121 -108.87 -12.78 64.32
CA VAL G 121 -108.34 -13.06 65.65
C VAL G 121 -106.89 -12.58 65.70
N ASN G 122 -106.52 -11.70 64.77
CA ASN G 122 -105.19 -11.12 64.74
C ASN G 122 -104.97 -10.06 65.80
N VAL G 123 -105.97 -9.84 66.67
CA VAL G 123 -105.86 -8.91 67.77
C VAL G 123 -105.66 -9.70 69.06
N GLY G 124 -105.06 -9.05 70.06
CA GLY G 124 -104.73 -9.72 71.29
C GLY G 124 -103.74 -10.85 71.11
N ASP G 125 -102.79 -10.70 70.19
CA ASP G 125 -101.80 -11.75 69.91
C ASP G 125 -100.49 -11.05 69.54
N LEU G 126 -99.60 -10.93 70.50
CA LEU G 126 -98.33 -10.23 70.29
C LEU G 126 -97.23 -11.15 69.80
N ASN G 127 -97.26 -12.43 70.16
CA ASN G 127 -96.25 -13.37 69.72
C ASN G 127 -96.69 -14.78 70.08
N ILE G 128 -96.41 -15.74 69.19
CA ILE G 128 -96.73 -17.13 69.45
C ILE G 128 -95.75 -17.78 70.41
N ASN G 129 -94.68 -17.09 70.80
CA ASN G 129 -93.76 -17.63 71.79
C ASN G 129 -94.34 -17.56 73.20
N GLN G 130 -95.10 -16.50 73.50
CA GLN G 130 -95.67 -16.34 74.83
C GLN G 130 -96.88 -17.26 74.99
N PRO G 131 -96.90 -18.14 75.99
CA PRO G 131 -98.09 -18.98 76.17
C PRO G 131 -99.37 -18.17 76.35
N GLU G 132 -99.29 -17.04 77.06
CA GLU G 132 -100.48 -16.21 77.24
C GLU G 132 -100.95 -15.63 75.91
N ALA G 133 -100.04 -15.06 75.12
CA ALA G 133 -100.41 -14.60 73.80
C ALA G 133 -100.87 -15.76 72.92
N VAL G 134 -100.36 -16.96 73.19
CA VAL G 134 -100.89 -18.16 72.54
C VAL G 134 -102.20 -18.61 73.19
N LYS G 135 -102.34 -18.47 74.50
CA LYS G 135 -103.56 -18.86 75.19
C LYS G 135 -104.68 -17.85 74.99
N VAL G 136 -104.35 -16.56 74.91
CA VAL G 136 -105.37 -15.56 74.58
C VAL G 136 -105.94 -15.82 73.19
N VAL G 137 -105.18 -16.52 72.34
CA VAL G 137 -105.70 -16.93 71.03
C VAL G 137 -106.06 -18.40 70.99
N SER G 138 -105.39 -19.25 71.78
CA SER G 138 -105.73 -20.66 71.79
C SER G 138 -107.09 -20.90 72.43
N GLN G 139 -107.24 -20.49 73.69
CA GLN G 139 -108.56 -20.54 74.31
C GLN G 139 -109.58 -19.77 73.49
N TYR G 140 -109.14 -18.67 72.87
CA TYR G 140 -110.00 -17.98 71.90
C TYR G 140 -110.17 -18.83 70.65
N CYS G 141 -109.10 -19.52 70.21
CA CYS G 141 -109.23 -20.44 69.10
C CYS G 141 -110.17 -21.59 69.46
N GLN G 142 -110.01 -22.15 70.66
CA GLN G 142 -111.01 -23.09 71.17
C GLN G 142 -112.37 -22.44 71.25
N LYS G 143 -112.41 -21.13 71.55
CA LYS G 143 -113.65 -20.39 71.43
C LYS G 143 -114.06 -20.21 69.97
N ILE G 144 -113.09 -19.99 69.08
CA ILE G 144 -113.40 -19.93 67.66
C ILE G 144 -114.04 -21.24 67.20
N ILE G 145 -113.54 -22.37 67.72
CA ILE G 145 -114.21 -23.64 67.48
C ILE G 145 -115.66 -23.57 67.96
N ALA G 146 -115.88 -22.94 69.12
CA ALA G 146 -117.24 -22.75 69.61
C ALA G 146 -117.98 -21.70 68.79
N GLU G 147 -117.31 -20.60 68.44
CA GLU G 147 -117.95 -19.56 67.63
C GLU G 147 -118.34 -20.10 66.26
N GLU G 148 -117.41 -20.75 65.58
CA GLU G 148 -117.67 -21.32 64.26
C GLU G 148 -118.51 -22.59 64.31
N GLY G 149 -118.63 -23.21 65.48
CA GLY G 149 -119.36 -24.47 65.57
C GLY G 149 -118.73 -25.61 64.80
N GLY G 150 -117.45 -25.49 64.47
CA GLY G 150 -116.78 -26.52 63.69
C GLY G 150 -115.47 -26.03 63.12
N GLU G 151 -114.54 -26.95 62.87
CA GLU G 151 -113.21 -26.55 62.41
C GLU G 151 -113.16 -26.36 60.89
N ASN G 152 -113.85 -27.21 60.14
CA ASN G 152 -113.80 -27.19 58.67
C ASN G 152 -115.14 -26.81 58.07
N LYS G 153 -115.83 -25.84 58.67
CA LYS G 153 -117.13 -25.40 58.19
C LYS G 153 -117.06 -24.20 57.26
N SER G 154 -115.87 -23.66 57.00
CA SER G 154 -115.71 -22.51 56.12
C SER G 154 -114.23 -22.22 55.98
N GLU G 155 -113.91 -21.31 55.04
CA GLU G 155 -112.53 -20.90 54.88
C GLU G 155 -112.01 -20.21 56.13
N ARG G 156 -112.83 -19.36 56.75
CA ARG G 156 -112.44 -18.76 58.02
C ARG G 156 -112.23 -19.83 59.08
N ALA G 157 -113.17 -20.78 59.18
CA ALA G 157 -113.00 -21.88 60.11
C ALA G 157 -111.79 -22.72 59.75
N LYS G 158 -111.55 -22.93 58.46
CA LYS G 158 -110.38 -23.69 58.02
C LYS G 158 -109.11 -23.09 58.60
N GLN G 159 -108.96 -21.77 58.49
CA GLN G 159 -107.77 -21.13 59.06
C GLN G 159 -107.68 -21.40 60.56
N ALA G 160 -108.81 -21.44 61.25
CA ALA G 160 -108.79 -21.84 62.65
C ALA G 160 -108.41 -23.31 62.79
N ASN G 161 -108.91 -24.16 61.89
CA ASN G 161 -108.58 -25.58 61.95
C ASN G 161 -107.08 -25.80 61.82
N ALA G 162 -106.47 -25.21 60.79
CA ALA G 162 -105.02 -25.31 60.65
C ALA G 162 -104.31 -24.65 61.83
N LEU G 163 -104.76 -23.46 62.21
CA LEU G 163 -104.16 -22.78 63.36
C LEU G 163 -104.38 -23.59 64.63
N HIS G 164 -105.58 -24.14 64.82
CA HIS G 164 -105.85 -24.95 66.00
C HIS G 164 -104.94 -26.17 66.04
N LEU G 165 -104.79 -26.85 64.90
CA LEU G 165 -103.93 -28.02 64.82
C LEU G 165 -102.46 -27.66 64.69
N LEU G 166 -102.14 -26.55 64.03
CA LEU G 166 -100.75 -26.11 63.94
C LEU G 166 -100.24 -25.66 65.31
N LEU G 167 -101.03 -24.87 66.04
CA LEU G 167 -100.67 -24.50 67.40
C LEU G 167 -100.61 -25.73 68.30
N ILE G 168 -101.60 -26.63 68.16
CA ILE G 168 -101.54 -27.89 68.88
C ILE G 168 -100.34 -28.71 68.41
N GLY G 169 -100.11 -28.75 67.10
CA GLY G 169 -98.93 -29.42 66.59
C GLY G 169 -97.64 -28.75 67.04
N PHE G 170 -97.63 -27.42 67.04
CA PHE G 170 -96.43 -26.70 67.44
C PHE G 170 -96.06 -26.99 68.89
N GLU G 171 -97.05 -26.99 69.77
CA GLU G 171 -96.78 -27.23 71.20
C GLU G 171 -96.54 -28.71 71.49
N GLN G 172 -97.23 -29.62 70.79
CA GLN G 172 -97.08 -31.04 71.07
C GLN G 172 -95.67 -31.52 70.76
N ASN G 173 -95.11 -31.09 69.62
CA ASN G 173 -93.82 -31.57 69.13
C ASN G 173 -92.79 -30.45 69.09
N ARG G 174 -92.81 -29.57 70.09
CA ARG G 174 -91.84 -28.47 70.12
C ARG G 174 -90.43 -28.99 70.43
N GLU G 175 -90.32 -30.12 71.12
CA GLU G 175 -89.01 -30.65 71.47
C GLU G 175 -88.30 -31.28 70.28
N ARG G 176 -89.01 -31.59 69.21
CA ARG G 176 -88.42 -32.15 68.00
C ARG G 176 -88.12 -31.10 66.95
N ILE G 177 -88.32 -29.81 67.26
CA ILE G 177 -88.19 -28.73 66.31
C ILE G 177 -87.12 -27.76 66.81
N ASN G 178 -86.19 -27.42 65.93
CA ASN G 178 -85.18 -26.42 66.23
C ASN G 178 -85.68 -25.03 65.85
N THR G 179 -84.86 -24.02 66.14
CA THR G 179 -85.27 -22.64 65.92
C THR G 179 -85.19 -22.26 64.45
N VAL G 180 -83.99 -22.31 63.87
CA VAL G 180 -83.75 -21.86 62.51
C VAL G 180 -83.37 -23.04 61.60
N GLN G 181 -82.28 -23.72 61.90
CA GLN G 181 -81.82 -24.80 61.04
C GLN G 181 -82.90 -25.86 60.89
N ASN G 182 -83.08 -26.34 59.66
CA ASN G 182 -84.09 -27.35 59.36
C ASN G 182 -83.63 -28.68 59.92
N SER G 183 -84.17 -29.07 61.07
CA SER G 183 -83.74 -30.29 61.73
C SER G 183 -83.99 -31.50 60.84
N THR G 184 -83.02 -32.40 60.80
CA THR G 184 -83.12 -33.65 60.06
C THR G 184 -83.07 -34.80 61.06
N TYR G 185 -84.06 -35.69 60.99
CA TYR G 185 -84.13 -36.83 61.89
C TYR G 185 -84.39 -38.11 61.09
N SER G 186 -84.63 -39.22 61.80
CA SER G 186 -84.79 -40.51 61.15
C SER G 186 -85.51 -41.45 62.11
N MET G 187 -85.87 -42.63 61.59
CA MET G 187 -86.52 -43.64 62.41
C MET G 187 -85.65 -44.04 63.59
N ASP G 188 -84.37 -44.28 63.34
CA ASP G 188 -83.45 -44.59 64.43
C ASP G 188 -83.28 -43.38 65.35
N GLN G 189 -83.21 -42.18 64.79
CA GLN G 189 -83.07 -40.97 65.59
C GLN G 189 -84.38 -40.55 66.23
N LEU G 190 -85.51 -41.10 65.77
CA LEU G 190 -86.82 -40.80 66.36
C LEU G 190 -87.48 -42.03 66.96
N ASN G 191 -86.84 -43.20 66.90
CA ASN G 191 -87.36 -44.42 67.51
C ASN G 191 -88.66 -44.87 66.85
N PHE G 192 -88.62 -45.00 65.53
CA PHE G 192 -89.73 -45.57 64.77
C PHE G 192 -89.36 -46.99 64.35
N SER G 193 -90.22 -47.95 64.67
CA SER G 193 -89.96 -49.35 64.37
C SER G 193 -90.41 -49.76 62.97
N SER G 194 -91.39 -49.06 62.40
CA SER G 194 -91.91 -49.43 61.09
C SER G 194 -92.56 -48.20 60.46
N LEU G 195 -92.80 -48.29 59.15
CA LEU G 195 -93.45 -47.19 58.45
C LEU G 195 -94.85 -46.94 59.00
N ALA G 196 -95.57 -48.01 59.35
CA ALA G 196 -96.91 -47.85 59.91
C ALA G 196 -96.86 -47.06 61.20
N GLU G 197 -95.91 -47.38 62.08
CA GLU G 197 -95.75 -46.61 63.30
C GLU G 197 -95.35 -45.17 62.99
N ALA G 198 -94.40 -44.99 62.07
CA ALA G 198 -94.01 -43.65 61.65
C ALA G 198 -95.17 -42.93 60.97
N ALA G 199 -95.91 -43.65 60.11
CA ALA G 199 -97.05 -43.06 59.46
C ALA G 199 -98.10 -42.64 60.49
N GLY G 200 -98.45 -43.55 61.41
CA GLY G 200 -99.44 -43.22 62.42
C GLY G 200 -99.04 -41.99 63.22
N TYR G 201 -97.76 -41.90 63.60
CA TYR G 201 -97.26 -40.68 64.21
C TYR G 201 -97.32 -39.52 63.22
N ALA G 202 -97.00 -39.79 61.95
CA ALA G 202 -97.06 -38.77 60.92
C ALA G 202 -98.48 -38.49 60.42
N ARG G 203 -99.42 -39.39 60.68
CA ARG G 203 -100.81 -39.14 60.29
C ARG G 203 -101.48 -38.13 61.23
N ARG G 204 -100.93 -37.91 62.41
CA ARG G 204 -101.55 -37.00 63.37
C ARG G 204 -101.53 -35.58 62.83
N GLY G 205 -102.64 -34.86 63.04
CA GLY G 205 -102.68 -33.46 62.62
C GLY G 205 -101.60 -32.63 63.28
N ALA G 206 -101.19 -33.00 64.49
CA ALA G 206 -100.13 -32.29 65.20
C ALA G 206 -98.82 -32.36 64.43
N ASN G 207 -98.29 -33.57 64.24
CA ASN G 207 -97.01 -33.72 63.57
C ASN G 207 -97.13 -33.46 62.07
N SER G 208 -98.22 -33.91 61.45
CA SER G 208 -98.36 -33.78 60.01
C SER G 208 -98.28 -32.33 59.56
N ALA G 209 -98.81 -31.42 60.37
CA ALA G 209 -98.83 -30.01 59.99
C ALA G 209 -97.42 -29.45 59.85
N VAL G 210 -96.52 -29.81 60.77
CA VAL G 210 -95.19 -29.21 60.78
C VAL G 210 -94.24 -29.88 59.78
N LEU G 211 -94.52 -31.10 59.35
CA LEU G 211 -93.63 -31.79 58.42
C LEU G 211 -93.57 -31.05 57.10
N LYS G 212 -92.37 -30.98 56.51
CA LYS G 212 -92.16 -30.26 55.26
C LYS G 212 -91.72 -31.17 54.13
N ARG G 213 -90.66 -31.95 54.32
CA ARG G 213 -90.10 -32.79 53.27
C ARG G 213 -89.97 -34.22 53.76
N LEU G 214 -90.38 -35.16 52.92
CA LEU G 214 -90.28 -36.58 53.21
C LEU G 214 -89.68 -37.30 52.01
N ASP G 215 -88.97 -38.39 52.28
CA ASP G 215 -88.35 -39.22 51.24
C ASP G 215 -88.66 -40.67 51.56
N TYR G 216 -89.69 -41.21 50.92
CA TYR G 216 -90.17 -42.56 51.21
C TYR G 216 -89.47 -43.57 50.32
N PHE G 217 -89.19 -44.75 50.88
CA PHE G 217 -88.70 -45.90 50.14
C PHE G 217 -89.68 -47.04 50.33
N CYS G 218 -90.04 -47.72 49.24
CA CYS G 218 -90.99 -48.81 49.30
C CYS G 218 -90.75 -49.77 48.13
N ASN G 219 -91.31 -50.96 48.26
CA ASN G 219 -91.22 -52.00 47.24
C ASN G 219 -92.56 -52.06 46.51
N HIS G 220 -92.58 -51.55 45.28
CA HIS G 220 -93.80 -51.54 44.48
C HIS G 220 -93.43 -51.80 43.03
N SER G 221 -94.30 -52.55 42.35
CA SER G 221 -94.03 -52.92 40.96
C SER G 221 -93.99 -51.69 40.06
N LEU G 222 -94.91 -50.74 40.27
CA LEU G 222 -94.96 -49.56 39.43
C LEU G 222 -93.69 -48.74 39.54
N LEU G 223 -93.17 -48.60 40.76
CA LEU G 223 -91.96 -47.82 41.00
C LEU G 223 -90.68 -48.63 40.81
N LYS G 224 -90.79 -49.91 40.46
CA LYS G 224 -89.61 -50.75 40.31
C LYS G 224 -88.72 -50.28 39.16
N ASP G 225 -89.25 -49.48 38.24
CA ASP G 225 -88.48 -48.97 37.11
C ASP G 225 -87.81 -47.63 37.40
N GLY G 226 -87.60 -47.30 38.67
CA GLY G 226 -86.97 -46.04 39.02
C GLY G 226 -87.89 -44.84 39.01
N ASN G 227 -89.19 -45.04 38.79
CA ASN G 227 -90.12 -43.92 38.77
C ASN G 227 -90.16 -43.23 40.13
N VAL G 228 -90.15 -41.90 40.11
CA VAL G 228 -90.18 -41.07 41.30
C VAL G 228 -91.38 -40.16 41.23
N LEU G 229 -92.16 -40.10 42.31
CA LEU G 229 -93.37 -39.29 42.39
C LEU G 229 -93.08 -38.07 43.25
N VAL G 230 -93.49 -36.90 42.77
CA VAL G 230 -93.24 -35.63 43.43
C VAL G 230 -94.57 -34.95 43.72
N ASP G 231 -94.69 -34.44 44.95
CA ASP G 231 -95.89 -33.74 45.41
C ASP G 231 -95.51 -32.28 45.66
N LEU G 232 -95.61 -31.46 44.62
CA LEU G 232 -95.25 -30.05 44.75
C LEU G 232 -96.31 -29.31 45.57
N PRO G 233 -95.93 -28.25 46.26
CA PRO G 233 -96.92 -27.46 47.01
C PRO G 233 -97.88 -26.74 46.08
N GLY G 234 -99.04 -26.41 46.63
CA GLY G 234 -100.06 -25.70 45.87
C GLY G 234 -99.55 -24.39 45.31
N ILE G 235 -99.84 -24.15 44.03
CA ILE G 235 -99.34 -22.94 43.37
C ILE G 235 -99.94 -21.68 43.99
N ASP G 236 -101.20 -21.75 44.43
CA ASP G 236 -101.90 -20.60 44.99
C ASP G 236 -101.64 -20.43 46.49
N ALA G 237 -100.58 -21.02 47.01
CA ALA G 237 -100.27 -20.87 48.43
C ALA G 237 -99.87 -19.42 48.74
N PRO G 238 -100.12 -18.95 49.96
CA PRO G 238 -99.72 -17.58 50.30
C PRO G 238 -98.25 -17.31 50.13
N VAL G 239 -97.40 -18.30 50.40
CA VAL G 239 -95.95 -18.13 50.28
C VAL G 239 -95.61 -18.15 48.80
N LYS G 240 -95.43 -16.96 48.21
CA LYS G 240 -95.18 -16.88 46.76
C LYS G 240 -93.82 -17.44 46.41
N GLU G 241 -92.80 -17.22 47.25
CA GLU G 241 -91.46 -17.70 46.92
C GLU G 241 -91.45 -19.22 46.81
N ASP G 242 -92.15 -19.91 47.71
CA ASP G 242 -92.27 -21.36 47.57
C ASP G 242 -93.00 -21.74 46.30
N ALA G 243 -94.09 -21.01 45.98
CA ALA G 243 -94.80 -21.26 44.74
C ALA G 243 -93.92 -20.97 43.53
N GLU G 244 -93.22 -19.84 43.55
CA GLU G 244 -92.31 -19.51 42.46
C GLU G 244 -91.24 -20.57 42.30
N ARG G 245 -90.82 -21.19 43.41
CA ARG G 245 -89.89 -22.30 43.31
C ARG G 245 -90.50 -23.46 42.53
N ALA G 246 -91.79 -23.71 42.75
CA ALA G 246 -92.46 -24.76 41.98
C ALA G 246 -92.45 -24.45 40.50
N TYR G 247 -92.70 -23.18 40.14
CA TYR G 247 -92.58 -22.79 38.74
C TYR G 247 -91.17 -23.02 38.23
N ARG G 248 -90.16 -22.63 39.00
CA ARG G 248 -88.78 -22.92 38.63
C ARG G 248 -88.52 -24.42 38.61
N LYS G 249 -89.07 -25.14 39.59
CA LYS G 249 -88.88 -26.59 39.64
C LYS G 249 -89.47 -27.27 38.40
N ILE G 250 -90.72 -26.94 38.06
CA ILE G 250 -91.35 -27.57 36.91
C ILE G 250 -90.72 -27.09 35.61
N GLU G 251 -90.45 -25.79 35.51
CA GLU G 251 -89.84 -25.24 34.31
C GLU G 251 -88.40 -25.71 34.12
N SER G 252 -87.79 -26.25 35.16
CA SER G 252 -86.40 -26.71 35.05
C SER G 252 -86.32 -27.88 34.06
N PRO G 253 -85.24 -27.98 33.28
CA PRO G 253 -85.13 -29.11 32.34
C PRO G 253 -85.06 -30.46 33.03
N ASP G 254 -84.72 -30.50 34.31
CA ASP G 254 -84.57 -31.75 35.04
C ASP G 254 -85.89 -32.49 35.25
N THR G 255 -87.02 -31.99 34.76
CA THR G 255 -88.31 -32.67 34.90
C THR G 255 -88.62 -33.43 33.61
N SER G 256 -89.00 -34.70 33.76
CA SER G 256 -89.26 -35.56 32.62
C SER G 256 -90.69 -35.43 32.11
N ALA G 257 -91.66 -35.50 33.02
CA ALA G 257 -93.07 -35.45 32.65
C ALA G 257 -93.79 -34.47 33.56
N VAL G 258 -94.90 -33.94 33.05
CA VAL G 258 -95.73 -32.97 33.76
C VAL G 258 -97.15 -33.50 33.84
N ILE G 259 -97.72 -33.51 35.04
CA ILE G 259 -99.10 -33.89 35.28
C ILE G 259 -99.84 -32.62 35.68
N CYS G 260 -100.83 -32.24 34.88
CA CYS G 260 -101.58 -31.00 35.09
C CYS G 260 -102.96 -31.36 35.63
N VAL G 261 -103.14 -31.19 36.93
CA VAL G 261 -104.44 -31.40 37.57
C VAL G 261 -105.24 -30.11 37.50
N LEU G 262 -106.46 -30.20 36.98
CA LEU G 262 -107.29 -29.03 36.73
C LEU G 262 -108.63 -29.19 37.44
N LYS G 263 -109.11 -28.09 38.02
CA LYS G 263 -110.37 -28.06 38.77
C LYS G 263 -111.64 -28.04 37.91
N PRO G 264 -111.65 -27.40 36.72
CA PRO G 264 -112.94 -27.00 36.13
C PRO G 264 -113.94 -28.13 35.97
N ALA G 265 -113.51 -29.38 36.16
CA ALA G 265 -114.47 -30.48 36.26
C ALA G 265 -115.50 -30.20 37.35
N ALA G 266 -115.10 -29.49 38.40
CA ALA G 266 -116.01 -29.04 39.44
C ALA G 266 -116.07 -27.53 39.59
N ALA G 267 -114.97 -26.83 39.31
CA ALA G 267 -114.94 -25.38 39.41
C ALA G 267 -115.53 -24.69 38.17
N GLY G 268 -115.70 -25.41 37.08
CA GLY G 268 -116.28 -24.85 35.86
C GLY G 268 -115.27 -24.31 34.87
N ASP G 269 -114.33 -23.48 35.33
CA ASP G 269 -113.35 -22.87 34.46
C ASP G 269 -112.03 -22.74 35.20
N MET G 270 -110.95 -22.60 34.42
CA MET G 270 -109.63 -22.45 35.00
C MET G 270 -109.50 -21.11 35.71
N SER G 271 -108.61 -21.07 36.70
CA SER G 271 -108.33 -19.86 37.45
C SER G 271 -107.18 -19.10 36.81
N ALA G 272 -106.88 -17.92 37.37
CA ALA G 272 -105.77 -17.12 36.84
C ALA G 272 -104.45 -17.85 36.98
N GLU G 273 -104.22 -18.47 38.14
CA GLU G 273 -102.98 -19.23 38.34
C GLU G 273 -102.90 -20.40 37.36
N GLU G 274 -104.01 -21.11 37.16
CA GLU G 274 -104.03 -22.19 36.18
C GLU G 274 -103.87 -21.63 34.76
N THR G 275 -104.50 -20.49 34.48
CA THR G 275 -104.43 -19.93 33.13
C THR G 275 -102.99 -19.62 32.73
N GLN G 276 -102.22 -19.02 33.64
CA GLN G 276 -100.83 -18.72 33.31
C GLN G 276 -100.01 -19.99 33.13
N LEU G 277 -100.33 -21.05 33.89
CA LEU G 277 -99.62 -22.31 33.71
C LEU G 277 -99.75 -22.83 32.29
N LEU G 278 -100.98 -22.86 31.77
CA LEU G 278 -101.17 -23.28 30.38
C LEU G 278 -100.48 -22.32 29.42
N GLU G 279 -100.57 -21.01 29.69
CA GLU G 279 -99.86 -20.05 28.86
C GLU G 279 -98.36 -20.27 28.92
N ARG G 280 -97.82 -20.48 30.12
CA ARG G 280 -96.40 -20.80 30.25
C ARG G 280 -96.06 -22.09 29.51
N ILE G 281 -96.89 -23.13 29.69
CA ILE G 281 -96.63 -24.41 29.05
C ILE G 281 -96.83 -24.31 27.55
N SER G 282 -97.92 -23.68 27.11
CA SER G 282 -98.21 -23.60 25.68
C SER G 282 -97.14 -22.80 24.96
N LYS G 283 -96.69 -21.68 25.54
CA LYS G 283 -95.70 -20.85 24.89
C LYS G 283 -94.32 -21.51 24.84
N ASN G 284 -94.06 -22.48 25.71
CA ASN G 284 -92.78 -23.18 25.75
C ASN G 284 -92.95 -24.52 25.04
N HIS G 285 -92.46 -24.58 23.80
CA HIS G 285 -92.61 -25.80 23.01
C HIS G 285 -91.84 -26.96 23.62
N GLY G 286 -90.64 -26.69 24.15
CA GLY G 286 -89.82 -27.76 24.68
C GLY G 286 -90.51 -28.55 25.77
N ILE G 287 -91.14 -27.85 26.71
CA ILE G 287 -91.86 -28.53 27.78
C ILE G 287 -93.23 -28.99 27.31
N ARG G 288 -93.83 -28.28 26.34
CA ARG G 288 -95.19 -28.59 25.92
C ARG G 288 -95.31 -30.02 25.42
N ASP G 289 -94.29 -30.50 24.70
CA ASP G 289 -94.34 -31.84 24.11
C ASP G 289 -94.22 -32.95 25.15
N ARG G 290 -94.10 -32.62 26.44
CA ARG G 290 -93.95 -33.61 27.51
C ARG G 290 -94.87 -33.28 28.67
N VAL G 291 -96.14 -33.01 28.37
CA VAL G 291 -97.12 -32.60 29.37
C VAL G 291 -98.32 -33.53 29.29
N PHE G 292 -98.84 -33.92 30.45
CA PHE G 292 -100.08 -34.67 30.57
C PHE G 292 -101.12 -33.82 31.26
N TYR G 293 -102.36 -33.91 30.79
CA TYR G 293 -103.49 -33.17 31.36
C TYR G 293 -104.45 -34.16 31.98
N VAL G 294 -104.83 -33.91 33.24
CA VAL G 294 -105.75 -34.78 33.96
C VAL G 294 -106.78 -33.92 34.67
N PHE G 295 -107.93 -34.53 34.96
CA PHE G 295 -109.01 -33.88 35.67
C PHE G 295 -109.46 -34.77 36.82
N ASN G 296 -109.95 -34.14 37.89
CA ASN G 296 -110.26 -34.82 39.13
C ASN G 296 -111.70 -34.52 39.55
N ARG G 297 -112.25 -35.43 40.36
CA ARG G 297 -113.59 -35.29 40.91
C ARG G 297 -114.65 -35.26 39.80
N ILE G 298 -114.51 -36.15 38.83
CA ILE G 298 -115.51 -36.29 37.79
C ILE G 298 -116.82 -36.86 38.30
N ASP G 299 -116.84 -37.36 39.53
CA ASP G 299 -118.08 -37.89 40.10
C ASP G 299 -119.15 -36.81 40.16
N ASP G 300 -118.76 -35.54 40.24
CA ASP G 300 -119.74 -34.47 40.26
C ASP G 300 -120.58 -34.47 38.98
N THR G 301 -119.94 -34.67 37.84
CA THR G 301 -120.67 -34.71 36.57
C THR G 301 -121.57 -35.93 36.48
N TRP G 302 -121.30 -36.98 37.25
CA TRP G 302 -122.13 -38.18 37.19
C TRP G 302 -123.53 -37.93 37.74
N TYR G 303 -123.73 -36.83 38.46
CA TYR G 303 -125.02 -36.50 39.03
C TYR G 303 -125.65 -35.24 38.45
N ASN G 304 -124.86 -34.33 37.89
CA ASN G 304 -125.36 -33.10 37.29
C ASN G 304 -125.10 -33.12 35.79
N THR G 305 -126.16 -32.92 35.00
CA THR G 305 -126.01 -32.92 33.56
C THR G 305 -125.35 -31.64 33.07
N GLN G 306 -125.73 -30.49 33.63
CA GLN G 306 -125.16 -29.23 33.18
C GLN G 306 -123.65 -29.19 33.39
N LEU G 307 -123.18 -29.67 34.54
CA LEU G 307 -121.74 -29.75 34.76
C LEU G 307 -121.08 -30.71 33.77
N ARG G 308 -121.73 -31.83 33.48
CA ARG G 308 -121.23 -32.71 32.42
C ARG G 308 -121.25 -32.01 31.07
N GLN G 309 -122.34 -31.29 30.76
CA GLN G 309 -122.39 -30.52 29.53
C GLN G 309 -121.33 -29.43 29.52
N ARG G 310 -121.11 -28.76 30.65
CA ARG G 310 -120.04 -27.78 30.73
C ARG G 310 -118.67 -28.43 30.62
N LEU G 311 -118.49 -29.60 31.24
CA LEU G 311 -117.23 -30.32 31.12
C LEU G 311 -117.01 -30.79 29.69
N GLU G 312 -118.04 -31.33 29.04
CA GLU G 312 -117.89 -31.82 27.68
C GLU G 312 -117.52 -30.70 26.73
N GLY G 313 -118.16 -29.54 26.85
CA GLY G 313 -117.87 -28.40 26.00
C GLY G 313 -116.47 -27.85 26.24
N LEU G 314 -116.09 -27.74 27.52
CA LEU G 314 -114.78 -27.20 27.84
C LEU G 314 -113.66 -28.10 27.31
N ILE G 315 -113.81 -29.42 27.49
CA ILE G 315 -112.76 -30.35 27.06
C ILE G 315 -112.58 -30.27 25.55
N GLN G 316 -113.68 -30.30 24.80
CA GLN G 316 -113.60 -30.26 23.35
C GLN G 316 -113.24 -28.88 22.84
N SER G 317 -113.47 -27.82 23.64
CA SER G 317 -113.23 -26.47 23.16
C SER G 317 -111.74 -26.19 22.97
N GLN G 318 -110.91 -26.63 23.92
CA GLN G 318 -109.51 -26.23 23.96
C GLN G 318 -108.56 -27.38 23.63
N PHE G 319 -108.66 -28.50 24.33
CA PHE G 319 -107.68 -29.57 24.20
C PHE G 319 -107.77 -30.21 22.83
N ARG G 320 -106.64 -30.27 22.12
CA ARG G 320 -106.55 -30.93 20.82
C ARG G 320 -105.85 -32.28 20.92
N ASP G 321 -104.65 -32.31 21.50
CA ASP G 321 -103.92 -33.55 21.71
C ASP G 321 -104.53 -34.26 22.90
N ASN G 322 -105.69 -34.88 22.67
CA ASN G 322 -106.46 -35.50 23.73
C ASN G 322 -105.93 -36.86 24.15
N SER G 323 -104.94 -37.41 23.42
CA SER G 323 -104.36 -38.68 23.82
C SER G 323 -103.73 -38.61 25.20
N ARG G 324 -103.35 -37.42 25.67
CA ARG G 324 -102.76 -37.23 26.98
C ARG G 324 -103.73 -36.57 27.95
N VAL G 325 -105.02 -36.55 27.63
CA VAL G 325 -106.04 -35.99 28.49
C VAL G 325 -106.71 -37.13 29.24
N TYR G 326 -106.74 -37.03 30.57
CA TYR G 326 -107.25 -38.10 31.42
C TYR G 326 -108.27 -37.54 32.40
N LYS G 327 -109.10 -38.43 32.94
CA LYS G 327 -110.09 -38.08 33.94
C LYS G 327 -110.15 -39.18 34.98
N THR G 328 -110.51 -38.80 36.21
CA THR G 328 -110.57 -39.75 37.32
C THR G 328 -111.22 -39.04 38.51
N SER G 329 -111.36 -39.78 39.60
CA SER G 329 -111.92 -39.26 40.85
C SER G 329 -111.09 -39.82 42.00
N GLY G 330 -110.18 -39.00 42.54
CA GLY G 330 -109.30 -39.48 43.58
C GLY G 330 -110.04 -39.88 44.85
N LEU G 331 -111.04 -39.09 45.24
CA LEU G 331 -111.78 -39.38 46.47
C LEU G 331 -112.38 -40.79 46.41
N LEU G 332 -113.05 -41.12 45.31
CA LEU G 332 -113.62 -42.45 45.17
C LEU G 332 -112.55 -43.49 44.86
N GLY G 333 -111.55 -43.12 44.06
CA GLY G 333 -110.52 -44.08 43.69
C GLY G 333 -109.73 -44.58 44.87
N PHE G 334 -109.37 -43.67 45.79
CA PHE G 334 -108.53 -44.06 46.92
C PHE G 334 -109.22 -45.11 47.78
N TYR G 335 -110.35 -44.75 48.39
CA TYR G 335 -111.02 -45.68 49.31
C TYR G 335 -111.44 -46.96 48.61
N GLY G 336 -111.71 -46.90 47.31
CA GLY G 336 -112.12 -48.10 46.60
C GLY G 336 -111.10 -49.22 46.71
N SER G 337 -109.82 -48.88 46.51
CA SER G 337 -108.77 -49.89 46.64
C SER G 337 -108.62 -50.35 48.09
N GLN G 338 -108.75 -49.42 49.04
CA GLN G 338 -108.57 -49.78 50.44
C GLN G 338 -109.60 -50.79 50.92
N VAL G 339 -110.84 -50.68 50.43
CA VAL G 339 -111.90 -51.58 50.88
C VAL G 339 -111.55 -53.02 50.56
N LYS G 340 -110.74 -53.26 49.53
CA LYS G 340 -110.35 -54.62 49.18
C LYS G 340 -109.64 -55.33 50.33
N GLN G 341 -109.01 -54.57 51.23
CA GLN G 341 -108.32 -55.14 52.38
C GLN G 341 -109.24 -55.27 53.59
N THR G 342 -110.54 -55.31 53.39
CA THR G 342 -111.51 -55.45 54.47
C THR G 342 -112.55 -56.49 54.06
N ASN G 343 -113.15 -57.11 55.06
CA ASN G 343 -114.15 -58.15 54.84
C ASN G 343 -115.32 -57.92 55.78
N SER G 344 -116.28 -58.85 55.77
CA SER G 344 -117.48 -58.72 56.60
C SER G 344 -117.16 -58.72 58.08
N SER G 345 -116.02 -59.29 58.49
CA SER G 345 -115.66 -59.28 59.91
C SER G 345 -115.51 -57.86 60.43
N THR G 346 -114.87 -56.99 59.66
CA THR G 346 -114.74 -55.58 60.00
C THR G 346 -115.82 -54.73 59.36
N ARG G 347 -116.95 -55.34 58.96
CA ARG G 347 -118.03 -54.62 58.30
C ARG G 347 -117.54 -53.89 57.05
N PHE G 348 -116.63 -54.53 56.32
CA PHE G 348 -116.07 -53.96 55.10
C PHE G 348 -115.48 -52.59 55.36
N GLY G 349 -114.77 -52.45 56.49
CA GLY G 349 -114.08 -51.23 56.83
C GLY G 349 -114.76 -50.35 57.84
N LEU G 350 -116.07 -50.55 58.08
CA LEU G 350 -116.75 -49.72 59.07
C LEU G 350 -116.15 -49.91 60.46
N ASP G 351 -115.57 -51.07 60.72
CA ASP G 351 -114.89 -51.34 61.98
C ASP G 351 -113.39 -51.06 61.93
N SER G 352 -112.86 -50.71 60.76
CA SER G 352 -111.43 -50.44 60.61
C SER G 352 -111.22 -49.54 59.41
N ILE G 353 -110.43 -48.47 59.61
CA ILE G 353 -110.18 -47.45 58.60
C ILE G 353 -111.34 -46.46 58.58
N PHE G 354 -112.55 -46.97 58.38
CA PHE G 354 -113.76 -46.14 58.41
C PHE G 354 -114.39 -46.05 59.78
N ALA G 355 -113.82 -46.72 60.78
CA ALA G 355 -114.36 -46.63 62.14
C ALA G 355 -114.26 -45.21 62.68
N THR G 356 -113.20 -44.48 62.34
CA THR G 356 -113.07 -43.10 62.77
C THR G 356 -114.09 -42.19 62.10
N THR G 357 -114.48 -42.50 60.86
CA THR G 357 -115.41 -41.68 60.12
C THR G 357 -116.87 -42.01 60.39
N ILE G 358 -117.18 -43.26 60.76
CA ILE G 358 -118.56 -43.67 60.98
C ILE G 358 -119.12 -43.12 62.28
N LYS G 359 -118.28 -42.67 63.20
CA LYS G 359 -118.74 -42.15 64.49
C LYS G 359 -119.21 -40.71 64.30
N GLY G 360 -120.52 -40.49 64.48
CA GLY G 360 -121.09 -39.17 64.28
C GLY G 360 -121.02 -38.29 65.51
N PHE G 361 -121.29 -37.00 65.30
CA PHE G 361 -121.30 -36.04 66.40
C PHE G 361 -122.55 -36.18 67.25
N ASP G 362 -123.70 -36.46 66.62
CA ASP G 362 -124.96 -36.56 67.33
C ASP G 362 -125.20 -37.94 67.94
N GLY G 363 -124.28 -38.88 67.75
CA GLY G 363 -124.45 -40.22 68.26
C GLY G 363 -124.81 -41.21 67.17
N GLU G 364 -125.67 -40.80 66.25
CA GLU G 364 -126.02 -41.65 65.12
C GLU G 364 -124.83 -41.85 64.20
N GLU G 365 -124.69 -43.06 63.67
CA GLU G 365 -123.57 -43.36 62.80
C GLU G 365 -123.62 -42.50 61.54
N GLU G 366 -122.66 -41.59 61.40
CA GLU G 366 -122.59 -40.76 60.23
C GLU G 366 -122.18 -41.58 59.01
N THR G 367 -122.54 -41.09 57.83
CA THR G 367 -122.22 -41.77 56.58
C THR G 367 -120.87 -41.29 56.06
N PRO G 368 -119.86 -42.14 55.96
CA PRO G 368 -118.59 -41.70 55.38
C PRO G 368 -118.77 -41.23 53.95
N GLN G 369 -117.95 -40.25 53.56
CA GLN G 369 -118.02 -39.70 52.21
C GLN G 369 -117.98 -40.80 51.16
N PHE G 370 -117.08 -41.78 51.34
CA PHE G 370 -117.03 -42.91 50.42
C PHE G 370 -118.34 -43.68 50.43
N VAL G 371 -118.89 -43.94 51.62
CA VAL G 371 -120.16 -44.64 51.72
C VAL G 371 -121.29 -43.77 51.16
N SER G 372 -121.28 -42.48 51.49
CA SER G 372 -122.34 -41.59 51.01
C SER G 372 -122.35 -41.53 49.49
N GLU G 373 -121.17 -41.38 48.89
CA GLU G 373 -121.09 -41.39 47.42
C GLU G 373 -121.28 -42.79 46.86
N PHE G 374 -120.95 -43.83 47.63
CA PHE G 374 -121.19 -45.19 47.17
C PHE G 374 -122.68 -45.44 46.95
N ASN G 375 -123.52 -45.01 47.88
CA ASN G 375 -124.96 -45.13 47.68
C ASN G 375 -125.42 -44.29 46.50
N ASN G 376 -124.92 -43.06 46.40
CA ASN G 376 -125.24 -42.21 45.26
C ASN G 376 -124.71 -42.80 43.97
N TYR G 377 -123.49 -43.34 44.00
CA TYR G 377 -122.90 -43.94 42.81
C TYR G 377 -123.73 -45.11 42.30
N CYS G 378 -124.19 -45.97 43.21
CA CYS G 378 -124.96 -47.13 42.79
C CYS G 378 -126.28 -46.73 42.15
N ALA G 379 -126.96 -45.72 42.70
CA ALA G 379 -128.29 -45.34 42.24
C ALA G 379 -128.23 -44.22 41.20
N ASN G 380 -127.67 -43.07 41.58
CA ASN G 380 -127.72 -41.90 40.71
C ASN G 380 -126.92 -42.11 39.43
N SER G 381 -125.67 -42.57 39.56
CA SER G 381 -124.82 -42.73 38.39
C SER G 381 -125.33 -43.86 37.49
N GLY G 382 -125.38 -45.08 38.03
CA GLY G 382 -125.87 -46.21 37.27
C GLY G 382 -124.83 -46.93 36.44
N LYS G 383 -123.54 -46.78 36.75
CA LYS G 383 -122.52 -47.52 36.02
C LYS G 383 -122.74 -49.01 36.13
N LEU G 384 -123.36 -49.48 37.22
CA LEU G 384 -123.71 -50.88 37.37
C LEU G 384 -124.82 -51.31 36.41
N LEU G 385 -125.50 -50.36 35.78
CA LEU G 385 -126.65 -50.71 34.95
C LEU G 385 -126.26 -51.62 33.80
N SER G 386 -125.13 -51.33 33.15
CA SER G 386 -124.64 -52.15 32.05
C SER G 386 -123.84 -53.35 32.52
N THR G 387 -123.63 -53.50 33.82
CA THR G 387 -122.84 -54.60 34.36
C THR G 387 -123.76 -55.74 34.75
N ALA G 388 -123.20 -56.78 35.39
CA ALA G 388 -123.95 -57.95 35.81
C ALA G 388 -124.44 -57.85 37.24
N PHE G 389 -124.79 -56.64 37.70
CA PHE G 389 -125.24 -56.41 39.06
C PHE G 389 -126.59 -55.72 39.04
N ARG G 390 -127.40 -56.01 40.06
CA ARG G 390 -128.74 -55.45 40.21
C ARG G 390 -128.87 -54.74 41.54
N VAL G 391 -127.85 -53.96 41.91
CA VAL G 391 -127.82 -53.26 43.20
C VAL G 391 -129.05 -52.38 43.31
N SER G 392 -129.84 -52.60 44.38
CA SER G 392 -131.03 -51.82 44.65
C SER G 392 -130.81 -51.01 45.91
N VAL G 393 -130.99 -49.70 45.82
CA VAL G 393 -130.84 -48.78 46.95
C VAL G 393 -132.23 -48.46 47.48
N ASN G 394 -132.44 -48.65 48.78
CA ASN G 394 -133.74 -48.47 49.41
C ASN G 394 -133.56 -47.70 50.72
N GLY G 395 -134.64 -47.04 51.13
CA GLY G 395 -134.68 -46.34 52.39
C GLY G 395 -134.95 -47.22 53.59
N TYR G 396 -135.12 -48.53 53.37
CA TYR G 396 -135.33 -49.45 54.49
C TYR G 396 -134.17 -49.44 55.47
N GLU G 397 -132.98 -49.05 55.04
CA GLU G 397 -131.80 -49.06 55.88
C GLU G 397 -131.00 -47.78 55.66
N THR G 398 -130.20 -47.43 56.66
CA THR G 398 -129.35 -46.26 56.55
C THR G 398 -128.28 -46.47 55.49
N SER G 399 -127.53 -45.40 55.20
CA SER G 399 -126.46 -45.51 54.21
C SER G 399 -125.41 -46.52 54.64
N ASN G 400 -124.99 -46.48 55.90
CA ASN G 400 -124.04 -47.47 56.40
C ASN G 400 -124.65 -48.86 56.40
N GLU G 401 -125.91 -48.98 56.83
CA GLU G 401 -126.56 -50.28 56.83
C GLU G 401 -126.75 -50.80 55.40
N ASN G 402 -127.14 -49.93 54.47
CA ASN G 402 -127.18 -50.32 53.07
C ASN G 402 -125.79 -50.67 52.58
N TYR G 403 -124.78 -49.89 52.99
CA TYR G 403 -123.40 -50.21 52.63
C TYR G 403 -123.03 -51.61 53.12
N VAL G 404 -123.46 -51.98 54.32
CA VAL G 404 -123.23 -53.33 54.82
C VAL G 404 -124.06 -54.33 54.03
N ARG G 405 -125.35 -54.01 53.81
CA ARG G 405 -126.23 -54.94 53.13
C ARG G 405 -125.84 -55.09 51.66
N ILE G 406 -125.60 -53.98 50.97
CA ILE G 406 -125.29 -54.05 49.55
C ILE G 406 -124.02 -54.85 49.30
N LEU G 407 -122.97 -54.56 50.08
CA LEU G 407 -121.72 -55.31 49.92
C LEU G 407 -121.91 -56.77 50.28
N SER G 408 -122.65 -57.05 51.35
CA SER G 408 -122.90 -58.44 51.74
C SER G 408 -123.67 -59.19 50.66
N GLU G 409 -124.54 -58.49 49.93
CA GLU G 409 -125.34 -59.16 48.91
C GLU G 409 -124.48 -59.61 47.73
N TRP G 410 -123.58 -58.75 47.26
CA TRP G 410 -122.77 -59.03 46.08
C TRP G 410 -121.33 -59.37 46.45
N GLY G 411 -120.65 -58.50 47.17
CA GLY G 411 -119.31 -58.76 47.65
C GLY G 411 -118.24 -58.01 46.88
N ILE G 412 -117.02 -58.55 46.96
CA ILE G 412 -115.87 -57.88 46.34
C ILE G 412 -116.05 -57.72 44.83
N PRO G 413 -116.50 -58.72 44.07
CA PRO G 413 -116.55 -58.56 42.62
C PRO G 413 -117.20 -57.27 42.14
N LEU G 414 -118.15 -56.73 42.91
CA LEU G 414 -118.71 -55.43 42.57
C LEU G 414 -117.64 -54.34 42.67
N VAL G 415 -116.77 -54.43 43.68
CA VAL G 415 -115.74 -53.42 43.87
C VAL G 415 -114.76 -53.44 42.70
N ASP G 416 -114.48 -54.61 42.13
CA ASP G 416 -113.57 -54.68 41.00
C ASP G 416 -114.04 -53.79 39.86
N GLN G 417 -115.34 -53.81 39.56
CA GLN G 417 -115.88 -52.92 38.55
C GLN G 417 -115.75 -51.46 38.98
N LEU G 418 -115.96 -51.19 40.27
CA LEU G 418 -115.86 -49.81 40.77
C LEU G 418 -114.46 -49.25 40.53
N ILE G 419 -113.42 -50.01 40.87
CA ILE G 419 -112.06 -49.52 40.68
C ILE G 419 -111.75 -49.43 39.18
N HIS G 420 -112.23 -50.39 38.40
CA HIS G 420 -111.99 -50.34 36.95
C HIS G 420 -112.61 -49.09 36.33
N ASP G 421 -113.83 -48.74 36.77
CA ASP G 421 -114.48 -47.54 36.24
C ASP G 421 -113.79 -46.27 36.72
N SER G 422 -113.05 -46.34 37.83
CA SER G 422 -112.35 -45.17 38.32
C SER G 422 -111.32 -44.66 37.34
N GLY G 423 -110.70 -45.58 36.58
CA GLY G 423 -109.69 -45.19 35.60
C GLY G 423 -108.31 -44.97 36.15
N ILE G 424 -108.11 -45.16 37.46
CA ILE G 424 -106.79 -44.94 38.04
C ILE G 424 -105.79 -45.95 37.49
N GLU G 425 -106.20 -47.20 37.34
CA GLU G 425 -105.29 -48.22 36.82
C GLU G 425 -104.83 -47.88 35.41
N SER G 426 -105.74 -47.37 34.57
CA SER G 426 -105.36 -46.97 33.23
C SER G 426 -104.36 -45.82 33.26
N PHE G 427 -104.52 -44.91 34.23
CA PHE G 427 -103.59 -43.80 34.35
C PHE G 427 -102.17 -44.29 34.61
N ARG G 428 -102.02 -45.28 35.49
CA ARG G 428 -100.69 -45.82 35.78
C ARG G 428 -100.06 -46.42 34.53
N SER G 429 -100.84 -47.20 33.78
CA SER G 429 -100.32 -47.77 32.54
C SER G 429 -99.99 -46.69 31.52
N GLY G 430 -100.84 -45.67 31.42
CA GLY G 430 -100.62 -44.59 30.48
C GLY G 430 -99.31 -43.88 30.68
N ILE G 431 -99.10 -43.32 31.89
CA ILE G 431 -97.86 -42.63 32.17
C ILE G 431 -96.67 -43.60 32.13
N GLY G 432 -96.85 -44.79 32.70
CA GLY G 432 -95.79 -45.77 32.68
C GLY G 432 -95.38 -46.15 31.27
N LEU G 433 -96.37 -46.32 30.38
CA LEU G 433 -96.05 -46.62 28.99
C LEU G 433 -95.24 -45.50 28.34
N TYR G 434 -95.63 -44.25 28.61
CA TYR G 434 -94.92 -43.12 28.01
C TYR G 434 -93.48 -43.06 28.49
N LEU G 435 -93.27 -43.17 29.81
CA LEU G 435 -91.91 -43.07 30.34
C LEU G 435 -91.09 -44.31 30.01
N ALA G 436 -91.69 -45.50 30.17
CA ALA G 436 -90.95 -46.73 29.94
C ALA G 436 -90.59 -46.89 28.46
N GLU G 437 -91.49 -46.49 27.57
CA GLU G 437 -91.32 -46.72 26.13
C GLU G 437 -90.65 -45.56 25.42
N GLU G 438 -91.08 -44.32 25.68
CA GLU G 438 -90.57 -43.17 24.94
C GLU G 438 -89.39 -42.50 25.66
N LYS G 439 -89.62 -42.04 26.89
CA LYS G 439 -88.58 -41.28 27.58
C LYS G 439 -87.36 -42.14 27.89
N TYR G 440 -87.58 -43.40 28.29
CA TYR G 440 -86.47 -44.24 28.73
C TYR G 440 -85.42 -44.41 27.63
N PRO G 441 -85.76 -44.87 26.42
CA PRO G 441 -84.71 -44.99 25.39
C PRO G 441 -84.08 -43.66 25.03
N GLU G 442 -84.83 -42.56 25.08
CA GLU G 442 -84.26 -41.26 24.77
C GLU G 442 -83.11 -40.92 25.71
N LEU G 443 -83.18 -41.39 26.95
CA LEU G 443 -82.10 -41.10 27.91
C LEU G 443 -80.78 -41.70 27.43
N PHE G 444 -80.82 -42.94 26.95
CA PHE G 444 -79.63 -43.53 26.34
C PHE G 444 -79.23 -42.78 25.08
N ALA G 445 -80.23 -42.35 24.29
CA ALA G 445 -79.93 -41.62 23.06
C ALA G 445 -79.21 -40.31 23.37
N THR G 446 -79.62 -39.61 24.43
CA THR G 446 -78.96 -38.38 24.80
C THR G 446 -77.49 -38.62 25.13
N LEU G 447 -77.19 -39.75 25.77
CA LEU G 447 -75.82 -40.04 26.16
C LEU G 447 -74.90 -40.10 24.93
N ALA G 448 -75.36 -40.78 23.87
CA ALA G 448 -74.52 -40.91 22.68
C ALA G 448 -74.22 -39.54 22.07
N ASN G 449 -75.24 -38.71 21.90
CA ASN G 449 -75.02 -37.36 21.40
C ASN G 449 -74.28 -36.50 22.42
N ASP G 450 -74.41 -36.81 23.70
CA ASP G 450 -73.70 -36.08 24.74
C ASP G 450 -72.28 -36.55 24.93
N LEU G 451 -71.92 -37.72 24.39
CA LEU G 451 -70.57 -38.27 24.50
C LEU G 451 -69.72 -38.00 23.27
N GLN G 452 -70.34 -37.75 22.12
CA GLN G 452 -69.56 -37.49 20.90
C GLN G 452 -68.60 -36.33 21.06
N PRO G 453 -68.95 -35.21 21.71
CA PRO G 453 -68.04 -34.04 21.72
C PRO G 453 -66.63 -34.32 22.23
N LEU G 454 -66.41 -35.49 22.82
CA LEU G 454 -65.06 -35.86 23.26
C LEU G 454 -64.33 -36.72 22.23
N CYS G 455 -65.02 -37.66 21.59
CA CYS G 455 -64.41 -38.45 20.53
C CYS G 455 -64.18 -37.62 19.28
N ILE G 456 -64.74 -36.42 19.20
CA ILE G 456 -64.58 -35.58 18.01
C ILE G 456 -63.13 -35.22 17.80
N ALA G 457 -62.38 -34.98 18.87
CA ALA G 457 -61.02 -34.46 18.78
C ALA G 457 -59.94 -35.52 18.93
N LEU G 458 -60.20 -36.60 19.68
CA LEU G 458 -59.17 -37.59 19.92
C LEU G 458 -58.67 -38.21 18.61
N ARG G 459 -59.59 -38.58 17.72
CA ARG G 459 -59.17 -39.14 16.44
C ARG G 459 -58.44 -38.10 15.61
N GLN G 460 -58.89 -36.85 15.65
CA GLN G 460 -58.24 -35.79 14.88
C GLN G 460 -56.79 -35.62 15.32
N PHE G 461 -56.56 -35.47 16.63
CA PHE G 461 -55.21 -35.26 17.12
C PHE G 461 -54.31 -36.44 16.81
N TYR G 462 -54.80 -37.66 17.06
CA TYR G 462 -54.00 -38.85 16.76
C TYR G 462 -53.74 -38.98 15.27
N LEU G 463 -54.75 -38.71 14.45
CA LEU G 463 -54.59 -38.83 13.00
C LEU G 463 -53.64 -37.79 12.43
N GLU G 464 -53.42 -36.68 13.13
CA GLU G 464 -52.51 -35.66 12.65
C GLU G 464 -51.06 -36.01 13.00
N ASN G 465 -50.79 -36.27 14.27
CA ASN G 465 -49.43 -36.62 14.66
C ASN G 465 -48.97 -37.91 13.99
N TYR G 466 -49.84 -38.92 13.94
CA TYR G 466 -49.47 -40.18 13.30
C TYR G 466 -49.15 -39.96 11.82
N ARG G 467 -49.98 -39.20 11.13
CA ARG G 467 -49.73 -38.92 9.72
C ARG G 467 -48.56 -37.95 9.56
N GLN G 468 -48.44 -36.98 10.47
CA GLN G 468 -47.35 -36.02 10.39
C GLN G 468 -46.00 -36.71 10.54
N LEU G 469 -45.89 -37.64 11.49
CA LEU G 469 -44.62 -38.33 11.71
C LEU G 469 -44.24 -39.19 10.51
N ASP G 470 -45.23 -39.74 9.80
CA ASP G 470 -44.93 -40.60 8.65
C ASP G 470 -44.30 -39.83 7.50
N SER G 471 -44.39 -38.50 7.49
CA SER G 471 -43.80 -37.73 6.40
C SER G 471 -42.29 -37.84 6.40
N GLN G 472 -41.65 -37.90 7.57
CA GLN G 472 -40.21 -37.95 7.63
C GLN G 472 -39.69 -39.26 7.04
N PRO G 473 -38.48 -39.26 6.47
CA PRO G 473 -37.92 -40.51 5.95
C PRO G 473 -37.63 -41.50 7.08
N ARG G 474 -37.31 -42.73 6.67
CA ARG G 474 -37.02 -43.79 7.62
C ARG G 474 -35.67 -44.44 7.31
N GLU G 475 -35.32 -44.55 6.04
CA GLU G 475 -34.06 -45.18 5.66
C GLU G 475 -32.88 -44.34 6.13
N ILE G 476 -31.82 -45.03 6.56
CA ILE G 476 -30.62 -44.32 7.00
C ILE G 476 -30.01 -43.54 5.86
N ALA G 477 -29.91 -44.14 4.68
CA ALA G 477 -29.30 -43.46 3.54
C ALA G 477 -30.07 -42.18 3.20
N ALA G 478 -31.39 -42.29 3.05
CA ALA G 478 -32.20 -41.10 2.78
C ALA G 478 -32.16 -40.14 3.95
N MET G 479 -32.28 -40.66 5.18
CA MET G 479 -32.27 -39.79 6.36
C MET G 479 -30.94 -39.06 6.48
N LYS G 480 -29.83 -39.78 6.29
CA LYS G 480 -28.52 -39.14 6.38
C LYS G 480 -28.34 -38.09 5.28
N ALA G 481 -28.81 -38.39 4.07
CA ALA G 481 -28.72 -37.42 2.99
C ALA G 481 -29.43 -36.11 3.36
N GLN G 482 -30.52 -36.20 4.14
CA GLN G 482 -31.20 -34.99 4.57
C GLN G 482 -30.28 -34.13 5.43
N GLU G 483 -29.52 -34.75 6.33
CA GLU G 483 -28.58 -34.01 7.15
C GLU G 483 -27.54 -33.32 6.28
N LEU G 484 -27.00 -34.03 5.29
CA LEU G 484 -26.12 -33.39 4.32
C LEU G 484 -26.85 -32.31 3.54
N THR G 485 -28.13 -32.54 3.21
CA THR G 485 -28.93 -31.54 2.51
C THR G 485 -29.19 -30.31 3.37
N LEU G 486 -28.93 -30.38 4.68
CA LEU G 486 -29.10 -29.24 5.57
C LEU G 486 -27.79 -28.68 6.09
N LEU G 487 -26.69 -29.43 5.99
CA LEU G 487 -25.42 -28.96 6.52
C LEU G 487 -24.95 -27.69 5.80
N ASN G 488 -25.06 -27.67 4.47
CA ASN G 488 -24.59 -26.52 3.71
C ASN G 488 -25.46 -25.29 3.92
N GLN G 489 -26.74 -25.46 4.25
CA GLN G 489 -27.58 -24.30 4.51
C GLN G 489 -27.05 -23.49 5.69
N GLU G 490 -26.61 -24.18 6.74
CA GLU G 490 -25.98 -23.48 7.86
C GLU G 490 -24.69 -22.78 7.40
N MET G 491 -23.93 -23.44 6.52
CA MET G 491 -22.70 -22.84 6.03
C MET G 491 -22.98 -21.55 5.26
N GLN G 492 -24.01 -21.56 4.42
CA GLN G 492 -24.34 -20.37 3.64
C GLN G 492 -24.75 -19.21 4.55
N ASN G 493 -25.58 -19.49 5.54
CA ASN G 493 -25.96 -18.44 6.49
C ASN G 493 -24.76 -17.93 7.26
N LEU G 494 -23.78 -18.79 7.52
CA LEU G 494 -22.58 -18.35 8.24
C LEU G 494 -21.84 -17.28 7.45
N GLY G 495 -21.71 -17.46 6.13
CA GLY G 495 -21.06 -16.45 5.31
C GLY G 495 -21.86 -15.16 5.29
N ILE G 496 -23.17 -15.26 5.11
CA ILE G 496 -24.01 -14.06 5.11
C ILE G 496 -23.96 -13.38 6.47
N GLU G 497 -24.06 -14.16 7.54
CA GLU G 497 -24.04 -13.58 8.89
C GLU G 497 -22.67 -12.99 9.22
N PHE G 498 -21.60 -13.60 8.71
CA PHE G 498 -20.25 -13.10 9.02
C PHE G 498 -20.08 -11.67 8.51
N LYS G 499 -20.51 -11.41 7.28
CA LYS G 499 -20.40 -10.05 6.74
C LYS G 499 -21.23 -9.06 7.55
N LYS G 500 -22.35 -9.51 8.11
CA LYS G 500 -23.20 -8.60 8.88
C LYS G 500 -22.46 -8.05 10.09
N TYR G 501 -21.81 -8.93 10.86
CA TYR G 501 -21.08 -8.46 12.03
C TYR G 501 -19.92 -7.55 11.65
N MET G 502 -19.18 -7.91 10.59
CA MET G 502 -18.07 -7.08 10.16
C MET G 502 -18.55 -5.70 9.72
N SER G 503 -19.67 -5.66 8.99
CA SER G 503 -20.22 -4.38 8.55
C SER G 503 -20.70 -3.55 9.73
N ALA G 504 -21.24 -4.19 10.77
CA ALA G 504 -21.70 -3.44 11.94
C ALA G 504 -20.53 -2.84 12.70
N GLN G 505 -19.48 -3.62 12.93
CA GLN G 505 -18.34 -3.12 13.70
C GLN G 505 -17.65 -1.97 12.98
N ILE G 506 -17.46 -2.09 11.66
CA ILE G 506 -16.77 -1.05 10.92
C ILE G 506 -17.61 0.22 10.87
N ASN G 507 -18.93 0.09 10.75
CA ASN G 507 -19.79 1.25 10.69
C ASN G 507 -19.67 2.10 11.95
N ASP G 508 -19.61 1.45 13.11
CA ASP G 508 -19.48 2.18 14.37
C ASP G 508 -18.24 3.06 14.41
N VAL G 509 -17.18 2.67 13.71
CA VAL G 509 -15.94 3.45 13.73
C VAL G 509 -16.10 4.73 12.92
N VAL G 510 -16.75 4.65 11.76
CA VAL G 510 -16.86 5.80 10.88
C VAL G 510 -17.59 6.96 11.55
N ILE G 511 -18.48 6.67 12.50
CA ILE G 511 -19.29 7.70 13.14
C ILE G 511 -18.89 7.96 14.58
N GLY G 512 -18.07 7.11 15.18
CA GLY G 512 -17.62 7.31 16.54
C GLY G 512 -18.42 6.58 17.60
N ASN G 513 -19.29 5.64 17.21
CA ASN G 513 -20.04 4.88 18.20
C ASN G 513 -19.13 4.08 19.11
N ASP G 514 -18.06 3.50 18.55
CA ASP G 514 -17.09 2.76 19.33
C ASP G 514 -16.31 3.74 20.20
N ARG G 515 -16.67 3.82 21.47
CA ARG G 515 -16.05 4.81 22.36
C ARG G 515 -14.56 4.57 22.51
N GLU G 516 -14.11 3.32 22.42
CA GLU G 516 -12.69 3.03 22.59
C GLU G 516 -11.86 3.69 21.49
N PHE G 517 -12.35 3.63 20.25
CA PHE G 517 -11.60 4.21 19.14
C PHE G 517 -11.44 5.72 19.31
N ASP G 518 -12.51 6.40 19.76
CA ASP G 518 -12.44 7.85 19.91
C ASP G 518 -11.40 8.26 20.93
N GLN G 519 -11.30 7.54 22.04
CA GLN G 519 -10.32 7.90 23.06
C GLN G 519 -8.91 7.82 22.52
N ASP G 520 -8.60 6.78 21.75
CA ASP G 520 -7.28 6.69 21.13
C ASP G 520 -7.08 7.78 20.09
N PHE G 521 -8.13 8.08 19.31
CA PHE G 521 -7.99 9.07 18.24
C PHE G 521 -7.69 10.45 18.80
N THR G 522 -8.40 10.86 19.86
CA THR G 522 -8.14 12.17 20.45
C THR G 522 -6.73 12.24 21.04
N LYS G 523 -6.21 11.11 21.52
CA LYS G 523 -4.83 11.09 21.99
C LYS G 523 -3.87 11.39 20.85
N LEU G 524 -4.14 10.86 19.66
CA LEU G 524 -3.28 11.11 18.51
C LEU G 524 -3.22 12.59 18.18
N LYS G 525 -4.37 13.26 18.16
CA LYS G 525 -4.40 14.67 17.81
C LYS G 525 -3.65 15.52 18.83
N ALA G 526 -3.83 15.21 20.12
CA ALA G 526 -3.21 16.01 21.16
C ALA G 526 -1.68 15.95 21.07
N ARG G 527 -1.13 14.76 20.82
CA ARG G 527 0.32 14.63 20.77
C ARG G 527 0.93 15.48 19.66
N MET G 528 0.31 15.45 18.47
CA MET G 528 0.85 16.19 17.34
C MET G 528 0.81 17.70 17.60
N VAL G 529 -0.32 18.20 18.10
CA VAL G 529 -0.44 19.62 18.39
C VAL G 529 0.57 20.01 19.47
N ALA G 530 0.67 19.22 20.53
CA ALA G 530 1.67 19.47 21.56
C ALA G 530 3.08 19.34 20.99
N ARG G 531 3.29 18.36 20.12
CA ARG G 531 4.61 18.16 19.54
C ARG G 531 5.05 19.38 18.74
N LEU G 532 4.15 19.94 17.94
CA LEU G 532 4.50 21.11 17.14
C LEU G 532 4.86 22.30 18.02
N ASP G 533 4.05 22.57 19.04
CA ASP G 533 4.33 23.70 19.92
C ASP G 533 5.66 23.52 20.64
N GLU G 534 5.90 22.32 21.16
CA GLU G 534 7.19 22.05 21.82
C GLU G 534 8.33 22.08 20.83
N LEU G 535 8.11 21.55 19.62
CA LEU G 535 9.20 21.43 18.66
C LEU G 535 9.69 22.81 18.20
N LEU G 536 8.76 23.70 17.82
CA LEU G 536 9.16 25.01 17.34
C LEU G 536 9.60 25.92 18.48
N LYS G 537 9.10 25.69 19.68
CA LYS G 537 9.49 26.51 20.82
C LYS G 537 10.98 26.34 21.13
N THR G 538 11.47 25.11 21.05
CA THR G 538 12.87 24.81 21.31
C THR G 538 13.77 25.02 20.09
N PHE G 539 13.19 25.40 18.96
CA PHE G 539 13.99 25.63 17.76
C PHE G 539 15.04 26.69 18.02
N SER G 540 16.27 26.42 17.58
CA SER G 540 17.39 27.32 17.78
C SER G 540 18.19 27.42 16.49
N VAL G 541 18.77 28.60 16.27
CA VAL G 541 19.64 28.80 15.12
C VAL G 541 20.86 27.90 15.18
N MET G 542 21.25 27.48 16.39
CA MET G 542 22.39 26.59 16.58
C MET G 542 22.01 25.12 16.44
N ASN G 543 20.88 24.82 15.80
CA ASN G 543 20.50 23.45 15.47
C ASN G 543 20.26 23.25 13.98
N ALA G 544 19.67 24.24 13.31
CA ALA G 544 19.52 24.15 11.86
C ALA G 544 20.86 24.33 11.16
N TYR G 545 21.65 25.31 11.59
CA TYR G 545 22.96 25.52 10.99
C TYR G 545 23.87 24.33 11.19
N LYS G 546 23.61 23.51 12.21
CA LYS G 546 24.37 22.27 12.37
C LYS G 546 24.18 21.34 11.18
N ARG G 547 22.94 21.22 10.71
CA ARG G 547 22.62 20.34 9.60
C ARG G 547 23.10 20.87 8.25
N ALA G 548 23.21 22.19 8.11
CA ALA G 548 23.62 22.75 6.82
C ALA G 548 25.01 22.27 6.42
N THR G 549 25.94 22.25 7.38
CA THR G 549 27.29 21.74 7.08
C THR G 549 27.23 20.26 6.74
N GLU G 550 26.42 19.48 7.45
CA GLU G 550 26.34 18.05 7.19
C GLU G 550 25.82 17.76 5.79
N SER G 551 24.83 18.53 5.34
CA SER G 551 24.20 18.24 4.04
C SER G 551 25.21 18.33 2.91
N HIS G 552 26.24 19.16 3.05
CA HIS G 552 27.22 19.39 1.98
C HIS G 552 28.59 18.91 2.44
N PRO G 553 29.01 17.70 2.04
CA PRO G 553 30.30 17.18 2.51
C PRO G 553 31.50 18.04 2.13
N ARG G 554 31.46 18.70 0.97
CA ARG G 554 32.63 19.43 0.49
C ARG G 554 32.69 20.85 1.08
N ASN G 555 31.66 21.65 0.84
CA ASN G 555 31.66 23.03 1.32
C ASN G 555 31.61 23.08 2.84
N SER G 556 32.33 24.03 3.41
CA SER G 556 32.41 24.21 4.86
C SER G 556 31.98 25.62 5.27
N THR G 557 31.15 26.26 4.45
CA THR G 557 30.71 27.63 4.72
C THR G 557 29.34 27.80 4.07
N ALA G 558 28.29 27.86 4.90
CA ALA G 558 26.95 27.99 4.37
C ALA G 558 26.51 29.45 4.35
N PRO G 559 25.74 29.88 3.35
CA PRO G 559 25.24 31.25 3.34
C PRO G 559 24.23 31.49 4.45
N PHE G 560 24.06 32.78 4.78
CA PHE G 560 23.06 33.15 5.78
C PHE G 560 21.67 32.70 5.37
N ILE G 561 21.38 32.70 4.07
CA ILE G 561 20.04 32.33 3.61
C ILE G 561 19.77 30.84 3.81
N ALA G 562 20.80 30.01 3.91
CA ALA G 562 20.60 28.57 4.07
C ALA G 562 19.96 28.22 5.40
N VAL G 563 19.92 29.13 6.37
CA VAL G 563 19.31 28.84 7.67
C VAL G 563 17.84 28.53 7.48
N LEU G 564 17.14 29.35 6.68
CA LEU G 564 15.71 29.15 6.50
C LEU G 564 15.42 27.82 5.83
N VAL G 565 16.18 27.48 4.78
CA VAL G 565 15.88 26.27 4.02
C VAL G 565 16.00 25.04 4.90
N GLU G 566 17.08 24.97 5.68
CA GLU G 566 17.24 23.83 6.59
C GLU G 566 16.16 23.81 7.67
N ALA G 567 15.65 24.98 8.04
CA ALA G 567 14.61 25.03 9.07
C ALA G 567 13.34 24.31 8.60
N LEU G 568 12.95 24.52 7.34
CA LEU G 568 11.75 23.86 6.82
C LEU G 568 11.88 22.35 6.89
N TYR G 569 12.99 21.81 6.39
CA TYR G 569 13.17 20.36 6.37
C TYR G 569 13.33 19.81 7.78
N TYR G 570 14.11 20.49 8.63
CA TYR G 570 14.26 20.04 10.01
C TYR G 570 12.94 20.08 10.75
N LEU G 571 12.14 21.13 10.54
CA LEU G 571 10.85 21.26 11.19
C LEU G 571 9.77 20.44 10.52
N ALA G 572 10.01 19.92 9.31
CA ALA G 572 9.05 19.11 8.59
C ALA G 572 9.35 17.62 8.72
N ASN G 573 10.60 17.22 8.48
CA ASN G 573 10.95 15.80 8.58
C ASN G 573 10.73 15.28 10.00
N GLU G 574 11.11 16.08 11.01
CA GLU G 574 10.84 15.69 12.39
C GLU G 574 9.35 15.54 12.64
N LEU G 575 8.56 16.48 12.12
CA LEU G 575 7.11 16.39 12.27
C LEU G 575 6.56 15.15 11.58
N GLU G 576 7.12 14.81 10.42
CA GLU G 576 6.64 13.64 9.67
C GLU G 576 6.80 12.37 10.50
N ASP G 577 7.94 12.21 11.17
CA ASP G 577 8.17 11.00 11.95
C ASP G 577 7.14 10.84 13.05
N ALA G 578 6.57 11.95 13.54
CA ALA G 578 5.58 11.85 14.61
C ALA G 578 4.35 11.09 14.15
N PHE G 579 3.87 11.35 12.94
CA PHE G 579 2.71 10.63 12.42
C PHE G 579 3.02 9.15 12.28
N ILE G 580 4.18 8.82 11.72
CA ILE G 580 4.50 7.42 11.45
C ILE G 580 4.57 6.63 12.75
N GLU G 581 5.23 7.18 13.76
CA GLU G 581 5.34 6.48 15.04
C GLU G 581 3.96 6.33 15.68
N ALA G 582 3.14 7.38 15.64
CA ALA G 582 1.84 7.32 16.29
C ALA G 582 0.85 6.49 15.47
N ILE G 583 0.94 6.56 14.14
CA ILE G 583 0.01 5.82 13.29
C ILE G 583 0.15 4.33 13.54
N HIS G 584 1.39 3.83 13.64
CA HIS G 584 1.60 2.43 13.96
C HIS G 584 0.97 2.07 15.31
N GLU G 585 1.10 2.95 16.29
CA GLU G 585 0.50 2.72 17.59
C GLU G 585 -1.02 2.67 17.53
N LEU G 586 -1.62 3.31 16.52
CA LEU G 586 -3.07 3.34 16.39
C LEU G 586 -3.62 2.10 15.70
N VAL G 587 -3.07 1.75 14.53
CA VAL G 587 -3.58 0.63 13.77
C VAL G 587 -3.42 -0.67 14.56
N LYS G 588 -2.24 -0.86 15.17
CA LYS G 588 -1.99 -2.10 15.90
C LYS G 588 -2.98 -2.27 17.04
N ASN G 589 -3.26 -1.20 17.78
CA ASN G 589 -4.18 -1.31 18.91
C ASN G 589 -5.59 -1.63 18.44
N PHE G 590 -6.00 -1.08 17.29
CA PHE G 590 -7.35 -1.33 16.79
C PHE G 590 -7.57 -2.81 16.49
N PHE G 591 -6.61 -3.44 15.82
CA PHE G 591 -6.80 -4.82 15.39
C PHE G 591 -6.93 -5.76 16.59
N GLN G 592 -6.10 -5.57 17.62
CA GLN G 592 -6.24 -6.39 18.81
C GLN G 592 -7.59 -6.18 19.48
N ARG G 593 -8.09 -4.94 19.46
CA ARG G 593 -9.42 -4.68 19.98
C ARG G 593 -10.48 -5.41 19.18
N LEU G 594 -10.23 -5.65 17.90
CA LEU G 594 -11.20 -6.32 17.02
C LEU G 594 -11.09 -7.83 17.12
N GLY G 595 -9.89 -8.38 16.94
CA GLY G 595 -9.71 -9.82 17.03
C GLY G 595 -10.08 -10.36 18.39
N ASP G 596 -9.73 -9.63 19.45
CA ASP G 596 -10.04 -10.08 20.80
C ASP G 596 -11.55 -10.19 21.01
N ARG G 597 -12.31 -9.19 20.55
CA ARG G 597 -13.76 -9.22 20.69
C ARG G 597 -14.44 -10.06 19.63
N LEU G 598 -13.75 -10.38 18.54
CA LEU G 598 -14.37 -11.14 17.45
C LEU G 598 -14.56 -12.60 17.83
N ARG G 599 -13.66 -13.16 18.65
CA ARG G 599 -13.75 -14.57 18.99
C ARG G 599 -14.89 -14.84 19.98
N LYS G 600 -15.16 -13.90 20.88
CA LYS G 600 -16.19 -14.13 21.89
C LYS G 600 -17.57 -14.28 21.25
N VAL G 601 -17.88 -13.46 20.26
CA VAL G 601 -19.21 -13.48 19.66
C VAL G 601 -19.45 -14.82 18.97
N ASP G 602 -20.72 -15.23 18.93
CA ASP G 602 -21.07 -16.55 18.40
C ASP G 602 -20.79 -16.68 16.90
N CYS G 603 -20.69 -15.57 16.17
CA CYS G 603 -20.43 -15.63 14.75
C CYS G 603 -19.16 -16.42 14.45
N TYR G 604 -18.02 -15.93 14.95
CA TYR G 604 -16.76 -16.62 14.78
C TYR G 604 -16.64 -17.86 15.64
N HIS G 605 -17.47 -17.98 16.69
CA HIS G 605 -17.40 -19.13 17.57
C HIS G 605 -17.97 -20.37 16.89
N GLN G 606 -19.11 -20.24 16.20
CA GLN G 606 -19.75 -21.38 15.58
C GLN G 606 -18.95 -21.95 14.41
N VAL G 607 -17.97 -21.23 13.89
CA VAL G 607 -17.21 -21.71 12.75
C VAL G 607 -16.45 -22.98 13.10
N TYR G 608 -15.83 -23.00 14.27
CA TYR G 608 -14.93 -24.09 14.64
C TYR G 608 -15.66 -25.34 15.09
N ARG G 609 -16.97 -25.27 15.35
CA ARG G 609 -17.74 -26.47 15.65
C ARG G 609 -18.06 -27.28 14.41
N LEU G 610 -17.99 -26.67 13.23
CA LEU G 610 -18.32 -27.33 11.97
C LEU G 610 -17.14 -27.37 11.01
N VAL G 611 -16.51 -26.22 10.77
CA VAL G 611 -15.43 -26.17 9.77
C VAL G 611 -14.23 -26.97 10.26
N GLY G 612 -13.81 -26.73 11.51
CA GLY G 612 -12.69 -27.45 12.12
C GLY G 612 -11.50 -26.55 12.41
N ASN G 613 -11.35 -25.44 11.69
CA ASN G 613 -10.20 -24.57 11.87
C ASN G 613 -10.59 -23.16 11.44
N ASP G 614 -9.61 -22.25 11.45
CA ASP G 614 -9.86 -20.86 11.11
C ASP G 614 -10.30 -20.72 9.65
N GLY G 615 -9.66 -21.46 8.75
CA GLY G 615 -9.90 -21.26 7.33
C GLY G 615 -9.23 -20.03 6.76
N GLY G 616 -8.22 -19.50 7.44
CA GLY G 616 -7.52 -18.32 6.99
C GLY G 616 -8.02 -17.01 7.54
N ILE G 617 -9.00 -17.03 8.45
CA ILE G 617 -9.53 -15.79 9.00
C ILE G 617 -8.43 -15.01 9.70
N GLU G 618 -7.70 -15.68 10.59
CA GLU G 618 -6.59 -15.01 11.27
C GLU G 618 -5.48 -14.66 10.28
N GLN G 619 -5.20 -15.55 9.33
CA GLN G 619 -4.14 -15.27 8.35
C GLN G 619 -4.49 -14.04 7.52
N LEU G 620 -5.72 -13.97 7.02
CA LEU G 620 -6.14 -12.81 6.25
C LEU G 620 -6.13 -11.55 7.11
N LEU G 621 -6.61 -11.65 8.35
CA LEU G 621 -6.63 -10.48 9.23
C LEU G 621 -5.23 -9.92 9.44
N ARG G 622 -4.28 -10.80 9.77
CA ARG G 622 -2.90 -10.36 9.92
C ARG G 622 -2.33 -9.85 8.60
N ARG G 623 -2.64 -10.55 7.50
CA ARG G 623 -2.16 -10.10 6.20
C ARG G 623 -2.74 -8.74 5.84
N ALA G 624 -4.04 -8.54 6.08
CA ALA G 624 -4.66 -7.26 5.75
C ALA G 624 -4.08 -6.14 6.61
N GLU G 625 -3.82 -6.42 7.90
CA GLU G 625 -3.28 -5.39 8.77
C GLU G 625 -1.99 -4.80 8.21
N GLU G 626 -1.14 -5.64 7.63
CA GLU G 626 0.09 -5.14 7.02
C GLU G 626 -0.22 -4.18 5.88
N ASP G 627 -1.19 -4.52 5.04
CA ASP G 627 -1.54 -3.66 3.92
C ASP G 627 -2.06 -2.31 4.40
N ILE G 628 -2.89 -2.31 5.45
CA ILE G 628 -3.45 -1.05 5.93
C ILE G 628 -2.35 -0.13 6.41
N THR G 629 -1.37 -0.67 7.14
CA THR G 629 -0.30 0.15 7.66
C THR G 629 0.49 0.81 6.53
N LYS G 630 0.78 0.04 5.47
CA LYS G 630 1.53 0.61 4.36
C LYS G 630 0.78 1.74 3.68
N ALA G 631 -0.53 1.55 3.47
CA ALA G 631 -1.32 2.56 2.77
C ALA G 631 -1.34 3.89 3.53
N LEU G 632 -1.61 3.82 4.84
CA LEU G 632 -1.68 5.05 5.62
C LEU G 632 -0.32 5.73 5.71
N VAL G 633 0.75 4.95 5.85
CA VAL G 633 2.09 5.53 5.94
C VAL G 633 2.43 6.31 4.68
N ASN G 634 2.14 5.72 3.51
CA ASN G 634 2.39 6.42 2.26
C ASN G 634 1.54 7.68 2.16
N GLU G 635 0.26 7.59 2.51
CA GLU G 635 -0.61 8.75 2.43
C GLU G 635 -0.15 9.84 3.39
N ALA G 636 0.24 9.47 4.61
CA ALA G 636 0.69 10.47 5.57
C ALA G 636 1.94 11.17 5.09
N ARG G 637 2.90 10.41 4.54
CA ARG G 637 4.13 11.01 4.06
C ARG G 637 3.85 11.97 2.91
N THR G 638 2.92 11.63 2.02
CA THR G 638 2.62 12.48 0.88
C THR G 638 2.15 13.86 1.35
N GLU G 639 1.25 13.90 2.34
CA GLU G 639 0.81 15.18 2.88
C GLU G 639 1.96 15.91 3.57
N CYS G 640 2.81 15.16 4.28
CA CYS G 640 3.94 15.79 4.97
C CYS G 640 4.91 16.46 4.01
N ASP G 641 4.88 16.07 2.74
CA ASP G 641 5.77 16.67 1.75
C ASP G 641 5.27 18.02 1.25
N ARG G 642 4.05 18.42 1.58
CA ARG G 642 3.49 19.68 1.12
C ARG G 642 3.80 20.84 2.05
N TYR G 643 4.12 20.58 3.32
CA TYR G 643 4.42 21.67 4.24
C TYR G 643 5.70 22.40 3.85
N VAL G 644 6.65 21.70 3.24
CA VAL G 644 7.95 22.30 2.96
C VAL G 644 7.80 23.50 2.04
N ARG G 645 6.97 23.38 1.00
CA ARG G 645 6.79 24.49 0.07
C ARG G 645 6.23 25.70 0.82
N GLU G 646 6.82 26.87 0.55
CA GLU G 646 6.45 28.09 1.26
C GLU G 646 5.16 28.65 0.71
N SER G 647 4.23 28.95 1.61
CA SER G 647 2.99 29.63 1.27
C SER G 647 3.20 31.14 1.26
N PRO G 648 2.27 31.89 0.69
CA PRO G 648 2.41 33.36 0.72
C PRO G 648 2.51 33.90 2.13
N ARG G 649 1.86 33.26 3.10
CA ARG G 649 1.97 33.69 4.50
C ARG G 649 3.39 33.57 5.01
N PHE G 650 4.20 32.70 4.41
CA PHE G 650 5.57 32.51 4.88
C PHE G 650 6.36 33.82 4.86
N TYR G 651 6.07 34.70 3.91
CA TYR G 651 6.74 35.99 3.80
C TYR G 651 5.81 37.09 4.26
N ASP G 652 6.33 37.99 5.09
CA ASP G 652 5.57 39.13 5.59
C ASP G 652 6.54 40.22 5.99
N GLU G 653 6.42 41.40 5.37
CA GLU G 653 7.37 42.48 5.62
C GLU G 653 7.42 42.84 7.11
N GLY G 654 6.26 43.05 7.72
CA GLY G 654 6.23 43.44 9.12
C GLY G 654 6.74 42.36 10.04
N THR G 655 6.31 41.12 9.82
CA THR G 655 6.68 40.03 10.71
C THR G 655 8.19 39.79 10.71
N PHE G 656 8.80 39.81 9.52
CA PHE G 656 10.22 39.54 9.41
C PHE G 656 10.69 39.95 8.02
N SER G 657 11.90 40.50 7.95
CA SER G 657 12.49 40.95 6.70
C SER G 657 13.74 40.14 6.42
N ILE G 658 13.85 39.59 5.21
CA ILE G 658 15.03 38.83 4.82
C ILE G 658 16.25 39.72 4.66
N TYR G 659 16.06 41.04 4.54
CA TYR G 659 17.15 41.97 4.27
C TYR G 659 17.81 42.50 5.53
N GLN G 660 17.32 42.11 6.71
CA GLN G 660 18.01 42.50 7.94
C GLN G 660 19.37 41.83 8.07
N PHE G 661 19.65 40.78 7.28
CA PHE G 661 20.97 40.18 7.30
C PHE G 661 22.04 41.16 6.86
N ARG G 662 21.69 42.07 5.94
CA ARG G 662 22.63 43.10 5.53
C ARG G 662 23.16 43.87 6.72
N GLN G 663 22.28 44.17 7.69
CA GLN G 663 22.73 44.83 8.91
C GLN G 663 23.77 43.99 9.64
N THR G 664 23.68 42.67 9.53
CA THR G 664 24.69 41.78 10.09
C THR G 664 25.84 41.53 9.13
N LEU G 665 25.73 41.97 7.88
CA LEU G 665 26.79 41.82 6.89
C LEU G 665 27.52 43.13 6.59
N GLN G 666 26.88 44.28 6.80
CA GLN G 666 27.49 45.57 6.53
C GLN G 666 28.47 45.90 7.65
N GLN G 667 29.64 45.27 7.57
CA GLN G 667 30.72 45.49 8.52
C GLN G 667 30.26 45.21 9.95
N THR G 668 29.43 44.17 10.11
CA THR G 668 28.96 43.74 11.41
C THR G 668 29.45 42.34 11.76
N SER G 669 29.23 41.36 10.89
CA SER G 669 29.75 40.00 11.09
C SER G 669 31.15 39.96 10.50
N GLN G 670 32.15 40.18 11.35
CA GLN G 670 33.54 40.27 10.87
C GLN G 670 34.02 38.91 10.37
N GLY G 671 34.03 37.91 11.24
CA GLY G 671 34.51 36.60 10.85
C GLY G 671 33.47 35.81 10.08
N TYR G 672 33.94 34.73 9.45
CA TYR G 672 33.06 33.82 8.72
C TYR G 672 32.46 32.82 9.71
N ASP G 673 31.61 33.34 10.59
CA ASP G 673 30.93 32.56 11.60
C ASP G 673 29.43 32.85 11.54
N ALA G 674 28.68 32.23 12.43
CA ALA G 674 27.23 32.38 12.50
C ALA G 674 26.81 32.61 13.95
N GLN G 675 27.52 33.49 14.64
CA GLN G 675 27.21 33.82 16.03
C GLN G 675 26.34 35.05 16.16
N ALA G 676 26.62 36.10 15.38
CA ALA G 676 25.83 37.33 15.46
C ALA G 676 24.39 37.08 15.01
N ILE G 677 24.18 36.12 14.11
CA ILE G 677 22.83 35.83 13.63
C ILE G 677 21.93 35.34 14.74
N VAL G 678 22.50 34.82 15.83
CA VAL G 678 21.69 34.30 16.93
C VAL G 678 20.79 35.39 17.49
N GLU G 679 21.17 36.66 17.35
CA GLU G 679 20.35 37.74 17.87
C GLU G 679 18.98 37.77 17.22
N ALA G 680 18.85 37.27 15.99
CA ALA G 680 17.60 37.27 15.26
C ALA G 680 16.76 36.02 15.51
N GLU G 681 17.20 35.13 16.40
CA GLU G 681 16.44 33.92 16.67
C GLU G 681 15.00 34.20 17.12
N PRO G 682 14.74 35.16 18.02
CA PRO G 682 13.36 35.38 18.46
C PRO G 682 12.41 35.73 17.31
N ALA G 683 12.89 36.48 16.32
CA ALA G 683 12.01 36.91 15.24
C ALA G 683 11.62 35.76 14.32
N ILE G 684 12.59 34.92 13.95
CA ILE G 684 12.30 33.83 13.02
C ILE G 684 11.31 32.85 13.61
N LYS G 685 11.37 32.62 14.92
CA LYS G 685 10.46 31.67 15.54
C LYS G 685 9.01 32.06 15.32
N GLU G 686 8.69 33.35 15.46
CA GLU G 686 7.33 33.81 15.23
C GLU G 686 6.93 33.60 13.77
N LEU G 687 7.86 33.86 12.84
CA LEU G 687 7.54 33.73 11.42
C LEU G 687 7.16 32.30 11.07
N LEU G 688 7.93 31.32 11.58
CA LEU G 688 7.62 29.92 11.30
C LEU G 688 6.27 29.54 11.88
N LYS G 689 5.95 30.05 13.08
CA LYS G 689 4.64 29.78 13.69
C LYS G 689 3.52 30.22 12.77
N LEU G 690 3.65 31.42 12.19
CA LEU G 690 2.60 31.94 11.31
C LEU G 690 2.44 31.06 10.08
N ASP G 691 3.55 30.60 9.50
CA ASP G 691 3.47 29.82 8.26
C ASP G 691 2.88 28.45 8.51
N PHE G 692 3.37 27.74 9.53
CA PHE G 692 3.00 26.34 9.72
C PHE G 692 1.69 26.18 10.49
N GLU G 693 1.39 27.08 11.42
CA GLU G 693 0.21 26.91 12.26
C GLU G 693 -1.07 26.71 11.45
N PRO G 694 -1.35 27.49 10.40
CA PRO G 694 -2.56 27.22 9.62
C PRO G 694 -2.51 25.90 8.87
N LYS G 695 -1.35 25.57 8.29
CA LYS G 695 -1.26 24.36 7.47
C LYS G 695 -1.44 23.11 8.31
N VAL G 696 -0.71 23.01 9.43
CA VAL G 696 -0.78 21.82 10.25
C VAL G 696 -2.18 21.64 10.84
N PHE G 697 -2.77 22.73 11.34
CA PHE G 697 -4.12 22.65 11.88
C PHE G 697 -5.11 22.22 10.80
N ASN G 698 -4.92 22.70 9.57
CA ASN G 698 -5.84 22.35 8.49
C ASN G 698 -5.83 20.86 8.22
N THR G 699 -4.64 20.24 8.24
CA THR G 699 -4.52 18.84 7.86
C THR G 699 -5.12 17.93 8.93
N VAL G 700 -4.61 18.03 10.16
CA VAL G 700 -5.03 17.11 11.21
C VAL G 700 -6.52 17.27 11.51
N ARG G 701 -6.99 18.51 11.58
CA ARG G 701 -8.38 18.75 11.98
C ARG G 701 -9.36 18.31 10.90
N LYS G 702 -9.07 18.61 9.63
CA LYS G 702 -10.00 18.32 8.54
C LYS G 702 -9.61 17.08 7.75
N ASN G 703 -8.40 17.06 7.18
CA ASN G 703 -8.07 16.08 6.16
C ASN G 703 -7.77 14.70 6.75
N PHE G 704 -7.07 14.64 7.89
CA PHE G 704 -6.59 13.36 8.39
C PHE G 704 -7.75 12.43 8.74
N ARG G 705 -8.82 12.96 9.32
CA ARG G 705 -9.92 12.12 9.76
C ARG G 705 -10.55 11.36 8.59
N GLN G 706 -10.76 12.04 7.47
CA GLN G 706 -11.42 11.40 6.33
C GLN G 706 -10.62 10.22 5.80
N THR G 707 -9.30 10.39 5.68
CA THR G 707 -8.49 9.35 5.07
C THR G 707 -8.55 8.05 5.86
N VAL G 708 -8.47 8.14 7.19
CA VAL G 708 -8.45 6.94 8.01
C VAL G 708 -9.77 6.18 7.87
N ASN G 709 -10.90 6.89 7.93
CA ASN G 709 -12.19 6.23 7.87
C ASN G 709 -12.40 5.52 6.55
N ASN G 710 -12.16 6.22 5.44
CA ASN G 710 -12.34 5.61 4.12
C ASN G 710 -11.36 4.48 3.89
N THR G 711 -10.10 4.66 4.31
CA THR G 711 -9.09 3.65 4.06
C THR G 711 -9.44 2.33 4.74
N LEU G 712 -9.90 2.39 5.99
CA LEU G 712 -10.24 1.17 6.71
C LEU G 712 -11.38 0.44 6.04
N LYS G 713 -12.42 1.18 5.62
CA LYS G 713 -13.60 0.54 5.05
C LYS G 713 -13.33 0.03 3.64
N THR G 714 -12.58 0.79 2.84
CA THR G 714 -12.34 0.41 1.46
C THR G 714 -11.53 -0.87 1.33
N HIS G 715 -10.75 -1.23 2.35
CA HIS G 715 -9.93 -2.42 2.32
C HIS G 715 -10.49 -3.57 3.15
N LEU G 716 -11.11 -3.26 4.29
CA LEU G 716 -11.60 -4.31 5.17
C LEU G 716 -12.75 -5.08 4.55
N LEU G 717 -13.74 -4.36 4.01
CA LEU G 717 -14.92 -5.02 3.45
C LEU G 717 -14.58 -5.97 2.32
N PRO G 718 -13.83 -5.56 1.28
CA PRO G 718 -13.50 -6.53 0.22
C PRO G 718 -12.78 -7.76 0.73
N MET G 719 -11.91 -7.59 1.74
CA MET G 719 -11.29 -8.75 2.37
C MET G 719 -12.34 -9.63 3.03
N ALA G 720 -13.28 -9.03 3.75
CA ALA G 720 -14.32 -9.80 4.41
C ALA G 720 -15.18 -10.55 3.39
N GLU G 721 -15.53 -9.88 2.29
CA GLU G 721 -16.31 -10.54 1.25
C GLU G 721 -15.54 -11.71 0.66
N GLU G 722 -14.25 -11.53 0.42
CA GLU G 722 -13.42 -12.64 -0.03
C GLU G 722 -13.40 -13.77 0.98
N GLN G 723 -13.49 -13.44 2.27
CA GLN G 723 -13.52 -14.47 3.30
C GLN G 723 -14.75 -15.37 3.14
N ALA G 724 -15.87 -14.80 2.68
CA ALA G 724 -17.07 -15.60 2.45
C ALA G 724 -16.91 -16.56 1.28
N GLN G 725 -16.02 -16.26 0.35
CA GLN G 725 -15.78 -17.11 -0.82
C GLN G 725 -14.78 -18.23 -0.54
N ILE G 726 -14.15 -18.24 0.64
CA ILE G 726 -13.16 -19.25 0.97
C ILE G 726 -13.67 -20.08 2.14
N ILE G 727 -14.52 -19.48 2.98
CA ILE G 727 -15.10 -20.23 4.09
C ILE G 727 -15.98 -21.36 3.55
N LEU G 728 -16.83 -21.05 2.58
CA LEU G 728 -17.66 -22.06 1.93
C LEU G 728 -16.88 -22.85 0.88
N GLU G 729 -15.70 -22.39 0.48
CA GLU G 729 -14.91 -23.10 -0.50
C GLU G 729 -14.50 -24.48 -0.02
N GLN G 730 -14.34 -24.65 1.30
CA GLN G 730 -13.88 -25.90 1.89
C GLN G 730 -15.03 -26.69 2.50
N TYR G 731 -16.20 -26.66 1.85
CA TYR G 731 -17.33 -27.47 2.31
C TYR G 731 -17.00 -28.96 2.22
N ASP G 732 -16.12 -29.35 1.30
CA ASP G 732 -15.82 -30.76 1.10
C ASP G 732 -15.10 -31.36 2.31
N VAL G 733 -14.05 -30.71 2.78
CA VAL G 733 -13.26 -31.26 3.87
C VAL G 733 -14.10 -31.40 5.13
N ALA G 734 -14.92 -30.40 5.43
CA ALA G 734 -15.75 -30.46 6.63
C ALA G 734 -16.67 -31.66 6.61
N ARG G 735 -17.12 -32.08 5.42
CA ARG G 735 -17.99 -33.24 5.32
C ARG G 735 -17.29 -34.50 5.82
N LYS G 736 -16.02 -34.69 5.44
CA LYS G 736 -15.29 -35.86 5.89
C LYS G 736 -15.11 -35.84 7.41
N TYR G 737 -14.79 -34.67 7.97
CA TYR G 737 -14.68 -34.54 9.41
C TYR G 737 -16.00 -34.85 10.09
N ARG G 738 -17.10 -34.33 9.55
CA ARG G 738 -18.42 -34.58 10.12
C ARG G 738 -18.89 -36.01 9.88
N GLU G 739 -18.35 -36.69 8.86
CA GLU G 739 -18.82 -38.03 8.53
C GLU G 739 -18.64 -38.99 9.70
N GLN G 740 -17.70 -38.69 10.61
CA GLN G 740 -17.45 -39.58 11.73
C GLN G 740 -18.68 -39.70 12.63
N THR G 741 -19.36 -38.58 12.88
CA THR G 741 -20.43 -38.53 13.87
C THR G 741 -21.83 -38.62 13.26
N LEU G 742 -21.96 -38.45 11.94
CA LEU G 742 -23.29 -38.42 11.33
C LEU G 742 -24.01 -39.76 11.44
N GLU G 743 -23.29 -40.88 11.55
CA GLU G 743 -23.94 -42.18 11.62
C GLU G 743 -24.79 -42.30 12.88
N GLN G 744 -24.26 -41.86 14.02
CA GLN G 744 -24.99 -42.00 15.28
C GLN G 744 -26.27 -41.17 15.27
N ASP G 745 -26.20 -39.95 14.75
CA ASP G 745 -27.38 -39.09 14.75
C ASP G 745 -28.50 -39.68 13.90
N ALA G 746 -28.17 -40.23 12.73
CA ALA G 746 -29.20 -40.76 11.84
C ALA G 746 -29.92 -41.93 12.49
N GLU G 747 -29.18 -42.91 12.99
CA GLU G 747 -29.81 -44.07 13.63
C GLU G 747 -30.53 -43.66 14.91
N GLU G 748 -29.91 -42.77 15.70
CA GLU G 748 -30.54 -42.34 16.95
C GLU G 748 -31.85 -41.59 16.69
N LYS G 749 -31.85 -40.70 15.68
CA LYS G 749 -33.03 -39.89 15.44
C LYS G 749 -34.22 -40.76 15.00
N ILE G 750 -33.98 -41.71 14.10
CA ILE G 750 -35.07 -42.56 13.63
C ILE G 750 -35.58 -43.44 14.77
N ALA G 751 -34.67 -43.89 15.64
CA ALA G 751 -35.10 -44.69 16.79
C ALA G 751 -36.08 -43.90 17.66
N ARG G 752 -35.77 -42.62 17.91
CA ARG G 752 -36.72 -41.77 18.62
C ARG G 752 -38.01 -41.61 17.83
N ASN G 753 -37.90 -41.41 16.52
CA ASN G 753 -39.09 -41.28 15.69
C ASN G 753 -39.92 -42.56 15.73
N SER G 754 -39.26 -43.71 15.62
CA SER G 754 -39.98 -44.98 15.67
C SER G 754 -40.61 -45.20 17.04
N ARG G 755 -39.88 -44.87 18.11
CA ARG G 755 -40.41 -45.10 19.45
C ARG G 755 -41.70 -44.33 19.67
N LEU G 756 -41.72 -43.05 19.29
CA LEU G 756 -42.94 -42.25 19.44
C LEU G 756 -44.00 -42.67 18.43
N GLN G 757 -43.59 -42.99 17.20
CA GLN G 757 -44.55 -43.45 16.20
C GLN G 757 -45.20 -44.76 16.63
N SER G 758 -44.41 -45.68 17.20
CA SER G 758 -44.97 -46.91 17.71
C SER G 758 -45.76 -46.69 19.00
N GLU G 759 -45.31 -45.74 19.83
CA GLU G 759 -46.00 -45.48 21.09
C GLU G 759 -47.42 -44.99 20.83
N ILE G 760 -47.57 -44.05 19.90
CA ILE G 760 -48.91 -43.55 19.58
C ILE G 760 -49.76 -44.65 18.95
N LYS G 761 -49.13 -45.51 18.14
CA LYS G 761 -49.86 -46.62 17.53
C LYS G 761 -50.51 -47.50 18.59
N GLN G 762 -49.87 -47.63 19.76
CA GLN G 762 -50.45 -48.43 20.83
C GLN G 762 -51.72 -47.79 21.38
N LYS G 763 -51.72 -46.47 21.52
CA LYS G 763 -52.87 -45.79 22.14
C LYS G 763 -54.14 -45.95 21.30
N ILE G 764 -54.03 -45.80 19.98
CA ILE G 764 -55.22 -45.87 19.14
C ILE G 764 -55.84 -47.26 19.19
N ASP G 765 -55.01 -48.30 19.30
CA ASP G 765 -55.54 -49.66 19.42
C ASP G 765 -56.43 -49.78 20.65
N LEU G 766 -55.98 -49.23 21.78
CA LEU G 766 -56.83 -49.22 22.98
C LEU G 766 -58.10 -48.42 22.74
N TYR G 767 -57.98 -47.26 22.08
CA TYR G 767 -59.16 -46.47 21.78
C TYR G 767 -60.12 -47.21 20.86
N GLN G 768 -59.58 -47.89 19.84
CA GLN G 768 -60.45 -48.56 18.88
C GLN G 768 -61.26 -49.66 19.54
N THR G 769 -60.65 -50.43 20.44
CA THR G 769 -61.37 -51.53 21.07
C THR G 769 -62.53 -51.03 21.91
N SER G 770 -62.31 -49.97 22.70
CA SER G 770 -63.35 -49.50 23.59
C SER G 770 -64.56 -48.97 22.82
N ILE G 771 -64.31 -48.20 21.76
CA ILE G 771 -65.41 -47.59 21.03
C ILE G 771 -66.26 -48.64 20.33
N VAL G 772 -65.62 -49.68 19.80
CA VAL G 772 -66.37 -50.74 19.12
C VAL G 772 -67.36 -51.38 20.09
N SER G 773 -66.92 -51.66 21.31
CA SER G 773 -67.82 -52.23 22.32
C SER G 773 -68.95 -51.27 22.65
N ILE G 774 -68.63 -49.98 22.74
CA ILE G 774 -69.66 -48.99 23.09
C ILE G 774 -70.77 -48.99 22.04
N ASN G 775 -70.40 -48.95 20.76
CA ASN G 775 -71.41 -48.98 19.71
C ASN G 775 -72.15 -50.31 19.69
N GLU G 776 -71.45 -51.41 19.97
CA GLU G 776 -72.10 -52.72 19.96
C GLU G 776 -73.21 -52.79 20.99
N CYS G 777 -72.96 -52.29 22.20
CA CYS G 777 -73.98 -52.32 23.24
C CYS G 777 -75.12 -51.35 22.92
N LEU G 778 -74.78 -50.12 22.53
CA LEU G 778 -75.81 -49.14 22.19
C LEU G 778 -76.57 -49.52 20.92
N LYS G 779 -75.99 -50.36 20.07
CA LYS G 779 -76.68 -50.80 18.87
C LYS G 779 -77.99 -51.52 19.18
N ALA G 780 -78.12 -52.07 20.39
CA ALA G 780 -79.31 -52.84 20.73
C ALA G 780 -80.57 -51.98 20.82
N MET G 781 -80.43 -50.66 20.99
CA MET G 781 -81.59 -49.79 21.13
C MET G 781 -81.57 -48.55 20.24
N GLN G 782 -80.40 -48.09 19.79
CA GLN G 782 -80.33 -46.85 19.03
C GLN G 782 -79.26 -46.98 17.95
N ILE G 783 -79.38 -46.15 16.92
CA ILE G 783 -78.49 -46.19 15.77
C ILE G 783 -77.50 -45.02 15.79
N PHE G 784 -77.36 -44.35 16.93
CA PHE G 784 -76.43 -43.23 17.07
C PHE G 784 -75.07 -43.80 17.42
N GLU G 785 -74.22 -43.98 16.41
CA GLU G 785 -72.93 -44.62 16.56
C GLU G 785 -71.80 -43.63 16.34
N GLN G 786 -70.66 -43.91 16.97
CA GLN G 786 -69.49 -43.06 16.87
C GLN G 786 -68.63 -43.50 15.69
N LEU G 787 -67.38 -42.94 15.57
CA LEU G 787 -66.54 -43.21 14.41
C LEU G 787 -65.53 -44.30 14.70
N PRO G 788 -65.22 -45.16 13.73
CA PRO G 788 -64.08 -46.07 13.87
C PRO G 788 -62.79 -45.45 13.35
N VAL G 789 -61.68 -46.16 13.52
CA VAL G 789 -60.38 -45.73 13.02
C VAL G 789 -59.77 -46.92 12.28
N ILE G 790 -59.61 -46.80 10.96
CA ILE G 790 -59.12 -47.88 10.12
C ILE G 790 -58.56 -47.30 8.84
N THR G 791 -57.67 -48.06 8.21
CA THR G 791 -57.01 -47.66 6.96
C THR G 791 -56.56 -46.21 6.99
N GLU G 792 -55.90 -45.84 8.09
CA GLU G 792 -55.36 -44.49 8.21
C GLU G 792 -54.36 -44.19 7.09
N SER G 793 -53.60 -45.20 6.68
CA SER G 793 -52.62 -45.03 5.60
C SER G 793 -51.63 -43.92 5.95
N SER H 2 -142.57 -59.24 29.37
CA SER H 2 -143.36 -60.13 28.48
C SER H 2 -142.57 -60.50 27.23
N LYS H 3 -141.74 -59.56 26.77
CA LYS H 3 -140.91 -59.75 25.60
C LYS H 3 -139.50 -60.24 25.94
N ILE H 4 -139.23 -60.57 27.21
CA ILE H 4 -137.93 -61.07 27.58
C ILE H 4 -137.58 -62.27 26.72
N ALA H 5 -136.36 -62.28 26.19
CA ALA H 5 -135.92 -63.30 25.25
C ALA H 5 -134.59 -63.88 25.71
N PRO H 6 -134.28 -65.12 25.33
CA PRO H 6 -132.99 -65.70 25.73
C PRO H 6 -131.79 -64.89 25.23
N GLN H 7 -131.92 -64.22 24.08
CA GLN H 7 -130.81 -63.42 23.58
C GLN H 7 -130.54 -62.21 24.46
N CYS H 8 -131.58 -61.69 25.12
CA CYS H 8 -131.42 -60.51 25.96
C CYS H 8 -130.63 -60.78 27.24
N GLN H 9 -130.48 -62.05 27.63
CA GLN H 9 -129.76 -62.34 28.86
C GLN H 9 -128.30 -61.89 28.78
N ASN H 10 -127.67 -62.12 27.63
CA ASN H 10 -126.27 -61.75 27.42
C ASN H 10 -126.12 -60.46 26.63
N LEU H 11 -127.22 -59.83 26.21
CA LEU H 11 -127.12 -58.63 25.40
C LEU H 11 -126.42 -57.50 26.15
N ARG H 12 -126.81 -57.29 27.41
CA ARG H 12 -126.24 -56.17 28.17
C ARG H 12 -124.75 -56.38 28.42
N GLU H 13 -124.34 -57.62 28.70
CA GLU H 13 -122.92 -57.89 28.91
C GLU H 13 -122.10 -57.57 27.67
N GLN H 14 -122.70 -57.63 26.48
CA GLN H 14 -121.96 -57.34 25.26
C GLN H 14 -121.61 -55.86 25.16
N VAL H 15 -122.59 -54.98 25.40
CA VAL H 15 -122.31 -53.55 25.30
C VAL H 15 -121.28 -53.12 26.34
N ASN H 16 -121.23 -53.83 27.48
CA ASN H 16 -120.18 -53.56 28.44
C ASN H 16 -118.81 -53.71 27.79
N GLN H 17 -118.65 -54.68 26.90
CA GLN H 17 -117.42 -54.80 26.14
C GLN H 17 -117.22 -53.59 25.24
N LEU H 18 -118.28 -53.11 24.60
CA LEU H 18 -118.17 -51.95 23.73
C LEU H 18 -117.67 -50.74 24.51
N ILE H 19 -118.20 -50.53 25.72
CA ILE H 19 -117.70 -49.45 26.55
C ILE H 19 -116.23 -49.66 26.88
N GLU H 20 -115.83 -50.91 27.09
CA GLU H 20 -114.43 -51.20 27.38
C GLU H 20 -113.54 -50.83 26.21
N LEU H 21 -113.94 -51.18 24.98
CA LEU H 21 -113.14 -50.82 23.81
C LEU H 21 -113.02 -49.31 23.66
N LEU H 22 -114.11 -48.59 23.87
CA LEU H 22 -114.08 -47.14 23.74
C LEU H 22 -113.11 -46.52 24.73
N ARG H 23 -113.10 -47.02 25.98
CA ARG H 23 -112.25 -46.44 26.99
C ARG H 23 -110.78 -46.73 26.73
N GLN H 24 -110.46 -47.87 26.12
CA GLN H 24 -109.07 -48.23 25.90
C GLN H 24 -108.38 -47.21 24.98
N GLU H 25 -109.05 -46.81 23.91
CA GLU H 25 -108.45 -45.88 22.96
C GLU H 25 -108.29 -44.51 23.60
N PRO H 26 -107.08 -43.93 23.65
CA PRO H 26 -106.91 -42.65 24.34
C PRO H 26 -107.71 -41.52 23.73
N THR H 27 -107.51 -41.26 22.44
CA THR H 27 -108.12 -40.11 21.80
C THR H 27 -109.64 -40.24 21.71
N LEU H 28 -110.19 -41.45 21.80
CA LEU H 28 -111.63 -41.61 21.74
C LEU H 28 -112.32 -41.12 23.01
N ARG H 29 -111.65 -41.21 24.15
CA ARG H 29 -112.25 -40.78 25.41
C ARG H 29 -112.56 -39.28 25.43
N SER H 30 -111.95 -38.52 24.52
CA SER H 30 -112.08 -37.06 24.58
C SER H 30 -113.47 -36.61 24.16
N GLN H 31 -114.00 -37.17 23.07
CA GLN H 31 -115.22 -36.68 22.45
C GLN H 31 -116.26 -37.78 22.33
N GLN H 32 -116.43 -38.56 23.39
CA GLN H 32 -117.45 -39.61 23.44
C GLN H 32 -117.99 -39.69 24.86
N ASP H 33 -119.21 -39.22 25.06
CA ASP H 33 -119.86 -39.21 26.36
C ASP H 33 -120.86 -40.36 26.42
N THR H 34 -120.75 -41.18 27.46
CA THR H 34 -121.64 -42.31 27.67
C THR H 34 -122.88 -41.93 28.47
N SER H 35 -123.12 -40.64 28.70
CA SER H 35 -124.27 -40.22 29.48
C SER H 35 -125.58 -40.65 28.85
N ILE H 36 -125.62 -40.85 27.54
CA ILE H 36 -126.86 -41.28 26.89
C ILE H 36 -127.15 -42.74 27.22
N VAL H 37 -126.18 -43.63 26.96
CA VAL H 37 -126.33 -45.03 27.34
C VAL H 37 -126.35 -45.18 28.86
N GLU H 38 -125.85 -44.19 29.59
CA GLU H 38 -125.82 -44.26 31.04
C GLU H 38 -127.22 -44.39 31.64
N THR H 39 -128.26 -44.01 30.90
CA THR H 39 -129.63 -44.06 31.39
C THR H 39 -130.56 -44.68 30.37
N ALA H 40 -130.04 -45.61 29.55
CA ALA H 40 -130.82 -46.21 28.47
C ALA H 40 -131.01 -47.70 28.65
N LEU H 41 -129.92 -48.47 28.81
CA LEU H 41 -130.03 -49.93 28.81
C LEU H 41 -130.92 -50.41 29.94
N GLY H 42 -130.52 -50.13 31.18
CA GLY H 42 -131.30 -50.60 32.32
C GLY H 42 -132.71 -50.04 32.33
N LYS H 43 -132.90 -48.86 31.75
CA LYS H 43 -134.25 -48.35 31.57
C LYS H 43 -135.04 -49.24 30.63
N ALA H 44 -134.36 -49.96 29.74
CA ALA H 44 -135.01 -50.89 28.82
C ALA H 44 -135.10 -52.30 29.43
N LEU H 45 -133.95 -52.90 29.74
CA LEU H 45 -133.93 -54.20 30.40
C LEU H 45 -134.32 -54.02 31.86
N SER H 46 -135.24 -54.85 32.34
CA SER H 46 -135.88 -54.58 33.61
C SER H 46 -136.55 -53.21 33.49
N PRO H 47 -137.47 -53.06 32.54
CA PRO H 47 -137.94 -51.71 32.20
C PRO H 47 -138.68 -51.05 33.34
N ARG H 48 -138.60 -49.72 33.38
CA ARG H 48 -139.29 -48.88 34.36
C ARG H 48 -140.28 -48.00 33.60
N PHE H 49 -141.57 -48.28 33.79
CA PHE H 49 -142.64 -47.50 33.18
C PHE H 49 -143.41 -46.76 34.27
N GLU H 50 -143.82 -45.53 33.94
CA GLU H 50 -144.50 -44.66 34.89
C GLU H 50 -145.84 -44.24 34.30
N ILE H 51 -146.90 -44.36 35.11
CA ILE H 51 -148.24 -43.94 34.73
C ILE H 51 -148.68 -42.86 35.70
N VAL H 52 -149.11 -41.72 35.15
CA VAL H 52 -149.47 -40.55 35.95
C VAL H 52 -150.98 -40.39 35.91
N PHE H 53 -151.59 -40.31 37.09
CA PHE H 53 -153.02 -40.06 37.24
C PHE H 53 -153.20 -38.65 37.78
N ALA H 54 -153.63 -37.74 36.93
CA ALA H 54 -153.83 -36.35 37.28
C ALA H 54 -155.33 -36.07 37.43
N GLY H 55 -155.71 -35.52 38.58
CA GLY H 55 -157.10 -35.21 38.84
C GLY H 55 -157.23 -34.06 39.82
N ALA H 56 -158.35 -33.36 39.72
CA ALA H 56 -158.62 -32.25 40.60
C ALA H 56 -158.82 -32.73 42.04
N PHE H 57 -158.52 -31.85 42.98
CA PHE H 57 -158.63 -32.20 44.39
C PHE H 57 -160.08 -32.54 44.74
N SER H 58 -160.24 -33.63 45.49
CA SER H 58 -161.56 -34.11 45.92
C SER H 58 -162.45 -34.48 44.74
N ALA H 59 -161.85 -34.76 43.58
CA ALA H 59 -162.60 -35.16 42.39
C ALA H 59 -162.69 -36.67 42.23
N GLY H 60 -162.28 -37.43 43.24
CA GLY H 60 -162.27 -38.87 43.16
C GLY H 60 -160.93 -39.48 42.79
N LYS H 61 -159.86 -38.69 42.75
CA LYS H 61 -158.55 -39.22 42.39
C LYS H 61 -158.14 -40.34 43.34
N SER H 62 -158.32 -40.12 44.64
CA SER H 62 -158.06 -41.18 45.62
C SER H 62 -159.01 -42.35 45.44
N MET H 63 -160.28 -42.06 45.19
CA MET H 63 -161.27 -43.12 45.03
C MET H 63 -161.00 -43.92 43.75
N LEU H 64 -160.66 -43.24 42.66
CA LEU H 64 -160.41 -43.93 41.41
C LEU H 64 -159.21 -44.86 41.51
N ILE H 65 -158.14 -44.41 42.18
CA ILE H 65 -156.95 -45.24 42.33
C ILE H 65 -157.29 -46.54 43.06
N ASN H 66 -158.05 -46.43 44.15
CA ASN H 66 -158.53 -47.64 44.82
C ASN H 66 -159.44 -48.45 43.90
N ALA H 67 -160.31 -47.77 43.15
CA ALA H 67 -161.17 -48.47 42.21
C ALA H 67 -160.36 -49.18 41.14
N LEU H 68 -159.33 -48.52 40.61
CA LEU H 68 -158.53 -49.12 39.54
C LEU H 68 -157.82 -50.38 40.02
N LEU H 69 -157.23 -50.33 41.22
CA LEU H 69 -156.50 -51.47 41.76
C LEU H 69 -157.41 -52.51 42.40
N GLU H 70 -158.68 -52.18 42.64
CA GLU H 70 -159.61 -53.07 43.33
C GLU H 70 -159.21 -53.32 44.77
N ARG H 71 -158.32 -52.50 45.31
CA ARG H 71 -157.88 -52.59 46.69
C ARG H 71 -157.94 -51.22 47.33
N GLU H 72 -158.21 -51.19 48.64
CA GLU H 72 -158.34 -49.94 49.37
C GLU H 72 -157.01 -49.61 50.05
N LEU H 73 -156.01 -49.35 49.21
CA LEU H 73 -154.71 -48.92 49.72
C LEU H 73 -154.74 -47.45 50.11
N LEU H 74 -155.05 -46.58 49.15
CA LEU H 74 -155.22 -45.17 49.45
C LEU H 74 -156.49 -44.98 50.29
N TYR H 75 -156.38 -44.18 51.35
CA TYR H 75 -157.53 -43.85 52.18
C TYR H 75 -158.42 -42.87 51.41
N SER H 76 -159.66 -43.30 51.13
CA SER H 76 -160.56 -42.55 50.26
C SER H 76 -161.34 -41.49 51.02
N ALA H 77 -160.87 -41.07 52.19
CA ALA H 77 -161.51 -40.00 52.94
C ALA H 77 -161.30 -38.70 52.17
N GLU H 78 -162.36 -38.24 51.51
CA GLU H 78 -162.24 -37.07 50.63
C GLU H 78 -161.72 -35.86 51.42
N GLY H 79 -160.74 -35.18 50.85
CA GLY H 79 -160.14 -34.01 51.47
C GLY H 79 -158.95 -34.30 52.36
N HIS H 80 -158.63 -35.56 52.60
CA HIS H 80 -157.53 -35.94 53.48
C HIS H 80 -156.30 -36.42 52.73
N ALA H 81 -156.40 -36.58 51.40
CA ALA H 81 -155.32 -37.12 50.58
C ALA H 81 -154.38 -36.03 50.06
N THR H 82 -154.31 -34.88 50.74
CA THR H 82 -153.45 -33.80 50.30
C THR H 82 -152.00 -34.26 50.26
N GLY H 83 -151.33 -34.01 49.13
CA GLY H 83 -149.92 -34.33 49.00
C GLY H 83 -149.59 -35.79 49.24
N THR H 84 -150.40 -36.70 48.70
CA THR H 84 -150.19 -38.14 48.85
C THR H 84 -149.86 -38.74 47.50
N GLU H 85 -148.71 -39.40 47.41
CA GLU H 85 -148.31 -40.11 46.21
C GLU H 85 -147.90 -41.53 46.59
N CYS H 86 -148.43 -42.50 45.86
CA CYS H 86 -148.14 -43.90 46.10
C CYS H 86 -147.66 -44.55 44.81
N HIS H 87 -146.54 -45.25 44.89
CA HIS H 87 -145.97 -45.98 43.76
C HIS H 87 -146.13 -47.47 44.04
N ILE H 88 -146.82 -48.16 43.13
CA ILE H 88 -147.10 -49.59 43.28
C ILE H 88 -146.42 -50.31 42.13
N GLU H 89 -145.61 -51.32 42.45
CA GLU H 89 -144.86 -52.07 41.46
C GLU H 89 -144.89 -53.54 41.81
N TYR H 90 -144.57 -54.37 40.83
CA TYR H 90 -144.62 -55.82 41.02
C TYR H 90 -143.59 -56.26 42.05
N ALA H 91 -143.99 -57.24 42.86
CA ALA H 91 -143.11 -57.81 43.88
C ALA H 91 -143.76 -59.10 44.37
N ASN H 92 -142.96 -59.91 45.06
CA ASN H 92 -143.48 -61.14 45.63
C ASN H 92 -144.50 -60.84 46.72
N ALA H 93 -145.42 -61.78 46.93
CA ALA H 93 -146.47 -61.58 47.92
C ALA H 93 -145.91 -61.35 49.32
N ASN H 94 -144.70 -61.83 49.59
CA ASN H 94 -144.07 -61.65 50.90
C ASN H 94 -143.18 -60.43 50.96
N GLU H 95 -143.11 -59.63 49.89
CA GLU H 95 -142.22 -58.48 49.83
C GLU H 95 -142.98 -57.16 49.85
N GLU H 96 -144.23 -57.16 50.31
CA GLU H 96 -144.99 -55.93 50.41
C GLU H 96 -144.34 -54.98 51.42
N ARG H 97 -144.15 -53.73 51.01
CA ARG H 97 -143.43 -52.76 51.83
C ARG H 97 -143.96 -51.37 51.54
N VAL H 98 -143.71 -50.45 52.47
CA VAL H 98 -144.16 -49.08 52.35
C VAL H 98 -143.24 -48.19 53.16
N VAL H 99 -143.12 -46.93 52.74
CA VAL H 99 -142.33 -45.92 53.42
C VAL H 99 -143.25 -44.76 53.78
N LEU H 100 -142.95 -44.09 54.89
CA LEU H 100 -143.78 -43.02 55.41
C LEU H 100 -142.98 -41.72 55.51
N THR H 101 -143.64 -40.62 55.16
CA THR H 101 -143.07 -39.29 55.30
C THR H 101 -144.13 -38.37 55.91
N PHE H 102 -143.65 -37.31 56.57
CA PHE H 102 -144.53 -36.43 57.34
C PHE H 102 -144.23 -34.98 57.01
N LEU H 103 -145.25 -34.13 57.20
CA LEU H 103 -145.10 -32.71 57.01
C LEU H 103 -144.32 -32.08 58.15
N SER H 104 -143.66 -30.96 57.84
CA SER H 104 -142.89 -30.25 58.84
C SER H 104 -143.79 -29.36 59.69
N GLU H 105 -143.27 -28.91 60.83
CA GLU H 105 -144.05 -28.05 61.72
C GLU H 105 -144.43 -26.76 61.03
N ALA H 106 -143.49 -26.16 60.29
CA ALA H 106 -143.81 -24.93 59.57
C ALA H 106 -144.91 -25.15 58.54
N GLU H 107 -145.12 -26.39 58.11
CA GLU H 107 -146.18 -26.68 57.16
C GLU H 107 -147.51 -26.95 57.88
N ILE H 108 -147.45 -27.60 59.05
CA ILE H 108 -148.68 -27.86 59.79
C ILE H 108 -149.32 -26.54 60.21
N ARG H 109 -148.52 -25.61 60.72
CA ARG H 109 -149.04 -24.28 61.04
C ARG H 109 -149.52 -23.58 59.79
N GLN H 110 -148.77 -23.70 58.68
CA GLN H 110 -149.20 -23.08 57.43
C GLN H 110 -150.53 -23.68 56.97
N GLN H 111 -150.66 -25.00 57.02
CA GLN H 111 -151.92 -25.63 56.69
C GLN H 111 -152.98 -25.30 57.73
N ALA H 112 -152.62 -25.37 59.02
CA ALA H 112 -153.60 -25.08 60.07
C ALA H 112 -154.12 -23.66 59.96
N LEU H 113 -153.22 -22.71 59.70
CA LEU H 113 -153.66 -21.33 59.50
C LEU H 113 -154.58 -21.22 58.29
N ILE H 114 -154.24 -21.91 57.20
CA ILE H 114 -155.10 -21.92 56.02
C ILE H 114 -156.45 -22.54 56.36
N LEU H 115 -156.43 -23.67 57.07
CA LEU H 115 -157.68 -24.29 57.50
C LEU H 115 -158.46 -23.36 58.44
N ALA H 116 -157.76 -22.73 59.39
CA ALA H 116 -158.44 -21.83 60.32
C ALA H 116 -158.82 -20.52 59.63
N LYS H 117 -158.06 -20.10 58.62
CA LYS H 117 -158.35 -18.85 57.94
C LYS H 117 -159.74 -18.88 57.31
N TYR H 118 -160.08 -19.97 56.63
CA TYR H 118 -161.40 -20.10 56.03
C TYR H 118 -162.48 -20.40 57.06
N LEU H 119 -162.09 -20.77 58.29
CA LEU H 119 -163.04 -21.09 59.34
C LEU H 119 -163.46 -19.89 60.17
N ASN H 120 -162.84 -18.72 59.98
CA ASN H 120 -163.07 -17.57 60.83
C ASN H 120 -162.63 -17.86 62.27
N VAL H 121 -161.80 -18.88 62.44
CA VAL H 121 -161.29 -19.26 63.76
C VAL H 121 -159.80 -18.93 63.82
N ASN H 122 -159.35 -18.05 62.92
CA ASN H 122 -157.96 -17.61 62.90
C ASN H 122 -157.64 -16.63 64.02
N VAL H 123 -158.61 -16.34 64.89
CA VAL H 123 -158.41 -15.47 66.04
C VAL H 123 -158.28 -16.33 67.28
N GLY H 124 -157.62 -15.78 68.30
CA GLY H 124 -157.35 -16.55 69.51
C GLY H 124 -156.48 -17.76 69.27
N ASP H 125 -155.52 -17.66 68.34
CA ASP H 125 -154.64 -18.79 68.01
C ASP H 125 -153.28 -18.21 67.65
N LEU H 126 -152.36 -18.22 68.62
CA LEU H 126 -151.04 -17.64 68.44
C LEU H 126 -150.02 -18.64 67.89
N ASN H 127 -150.19 -19.93 68.19
CA ASN H 127 -149.27 -20.94 67.71
C ASN H 127 -149.85 -22.31 68.01
N ILE H 128 -149.66 -23.25 67.08
CA ILE H 128 -150.12 -24.61 67.28
C ILE H 128 -149.21 -25.41 68.21
N ASN H 129 -148.08 -24.83 68.61
CA ASN H 129 -147.21 -25.51 69.58
C ASN H 129 -147.78 -25.44 70.99
N GLN H 130 -148.42 -24.34 71.34
CA GLN H 130 -148.97 -24.17 72.69
C GLN H 130 -150.26 -24.97 72.82
N PRO H 131 -150.37 -25.90 73.77
CA PRO H 131 -151.64 -26.62 73.93
C PRO H 131 -152.82 -25.69 74.15
N GLU H 132 -152.63 -24.60 74.90
CA GLU H 132 -153.73 -23.67 75.13
C GLU H 132 -154.16 -22.99 73.83
N ALA H 133 -153.19 -22.48 73.07
CA ALA H 133 -153.52 -21.93 71.75
C ALA H 133 -154.09 -22.99 70.84
N VAL H 134 -153.71 -24.26 71.06
CA VAL H 134 -154.35 -25.37 70.36
C VAL H 134 -155.69 -25.72 71.00
N LYS H 135 -155.81 -25.61 72.32
CA LYS H 135 -157.07 -25.91 73.00
C LYS H 135 -158.08 -24.80 72.86
N VAL H 136 -157.63 -23.54 72.82
CA VAL H 136 -158.55 -22.43 72.54
C VAL H 136 -159.14 -22.57 71.15
N VAL H 137 -158.46 -23.31 70.26
CA VAL H 137 -159.01 -23.60 68.95
C VAL H 137 -159.52 -25.03 68.84
N SER H 138 -158.95 -25.97 69.59
CA SER H 138 -159.41 -27.35 69.53
C SER H 138 -160.79 -27.48 70.18
N GLN H 139 -160.91 -27.11 71.46
CA GLN H 139 -162.21 -27.05 72.09
C GLN H 139 -163.15 -26.15 71.31
N TYR H 140 -162.61 -25.07 70.73
CA TYR H 140 -163.40 -24.27 69.80
C TYR H 140 -163.66 -25.05 68.52
N CYS H 141 -162.67 -25.82 68.05
CA CYS H 141 -162.89 -26.67 66.89
C CYS H 141 -163.94 -27.74 67.22
N GLN H 142 -163.83 -28.36 68.39
CA GLN H 142 -164.90 -29.22 68.85
C GLN H 142 -166.21 -28.43 68.99
N LYS H 143 -166.11 -27.14 69.33
CA LYS H 143 -167.27 -26.27 69.26
C LYS H 143 -167.67 -26.00 67.81
N ILE H 144 -166.68 -25.84 66.92
CA ILE H 144 -166.99 -25.69 65.50
C ILE H 144 -167.75 -26.91 65.00
N ILE H 145 -167.37 -28.10 65.47
CA ILE H 145 -168.17 -29.29 65.18
C ILE H 145 -169.60 -29.09 65.67
N ALA H 146 -169.74 -28.50 66.85
CA ALA H 146 -171.08 -28.20 67.37
C ALA H 146 -171.72 -27.04 66.59
N GLU H 147 -170.95 -26.00 66.29
CA GLU H 147 -171.49 -24.87 65.54
C GLU H 147 -171.94 -25.31 64.14
N GLU H 148 -171.07 -26.02 63.43
CA GLU H 148 -171.39 -26.49 62.09
C GLU H 148 -172.36 -27.68 62.09
N GLY H 149 -172.53 -28.34 63.23
CA GLY H 149 -173.38 -29.52 63.27
C GLY H 149 -172.87 -30.68 62.46
N GLY H 150 -171.59 -30.68 62.11
CA GLY H 150 -171.02 -31.74 61.30
C GLY H 150 -169.67 -31.35 60.73
N GLU H 151 -168.84 -32.34 60.42
CA GLU H 151 -167.48 -32.06 59.97
C GLU H 151 -167.42 -31.80 58.47
N ASN H 152 -168.19 -32.56 57.69
CA ASN H 152 -168.14 -32.48 56.22
C ASN H 152 -169.44 -31.95 55.64
N LYS H 153 -170.03 -30.94 56.29
CA LYS H 153 -171.29 -30.35 55.84
C LYS H 153 -171.10 -29.12 54.96
N SER H 154 -169.86 -28.69 54.72
CA SER H 154 -169.59 -27.53 53.89
C SER H 154 -168.09 -27.37 53.75
N GLU H 155 -167.68 -26.47 52.85
CA GLU H 155 -166.26 -26.17 52.69
C GLU H 155 -165.67 -25.61 53.97
N ARG H 156 -166.41 -24.70 54.63
CA ARG H 156 -165.96 -24.19 55.91
C ARG H 156 -165.85 -25.32 56.93
N ALA H 157 -166.88 -26.18 57.00
CA ALA H 157 -166.82 -27.34 57.88
C ALA H 157 -165.69 -28.28 57.48
N LYS H 158 -165.49 -28.46 56.17
CA LYS H 158 -164.40 -29.30 55.70
C LYS H 158 -163.07 -28.86 56.29
N GLN H 159 -162.78 -27.56 56.23
CA GLN H 159 -161.55 -27.06 56.82
C GLN H 159 -161.46 -27.40 58.30
N ALA H 160 -162.60 -27.37 59.01
CA ALA H 160 -162.61 -27.83 60.39
C ALA H 160 -162.38 -29.34 60.46
N ASN H 161 -162.96 -30.09 59.53
CA ASN H 161 -162.78 -31.53 59.52
C ASN H 161 -161.30 -31.89 59.37
N ALA H 162 -160.64 -31.31 58.37
CA ALA H 162 -159.22 -31.55 58.20
C ALA H 162 -158.43 -31.02 59.40
N LEU H 163 -158.77 -29.80 59.84
CA LEU H 163 -158.10 -29.25 61.02
C LEU H 163 -158.39 -30.08 62.26
N HIS H 164 -159.64 -30.52 62.43
CA HIS H 164 -159.98 -31.34 63.58
C HIS H 164 -159.20 -32.65 63.55
N LEU H 165 -159.12 -33.29 62.39
CA LEU H 165 -158.37 -34.54 62.26
C LEU H 165 -156.88 -34.32 62.13
N LEU H 166 -156.46 -33.21 61.51
CA LEU H 166 -155.03 -32.91 61.44
C LEU H 166 -154.47 -32.57 62.81
N LEU H 167 -155.18 -31.74 63.57
CA LEU H 167 -154.77 -31.46 64.95
C LEU H 167 -154.84 -32.74 65.79
N ILE H 168 -155.90 -33.52 65.64
CA ILE H 168 -155.97 -34.82 66.29
C ILE H 168 -154.85 -35.73 65.78
N GLY H 169 -154.64 -35.73 64.47
CA GLY H 169 -153.53 -36.50 63.92
C GLY H 169 -152.19 -35.98 64.39
N PHE H 170 -152.03 -34.66 64.44
CA PHE H 170 -150.77 -34.07 64.87
C PHE H 170 -150.43 -34.47 66.29
N GLU H 171 -151.42 -34.41 67.20
CA GLU H 171 -151.16 -34.73 68.60
C GLU H 171 -151.07 -36.24 68.83
N GLN H 172 -151.85 -37.04 68.10
CA GLN H 172 -151.83 -38.49 68.32
C GLN H 172 -150.48 -39.09 67.96
N ASN H 173 -149.88 -38.67 66.85
CA ASN H 173 -148.65 -39.25 66.33
C ASN H 173 -147.52 -38.23 66.33
N ARG H 174 -147.44 -37.39 67.37
CA ARG H 174 -146.37 -36.41 67.43
C ARG H 174 -145.03 -37.06 67.70
N GLU H 175 -145.02 -38.24 68.35
CA GLU H 175 -143.76 -38.91 68.67
C GLU H 175 -143.11 -39.55 67.44
N ARG H 176 -143.87 -39.75 66.36
CA ARG H 176 -143.35 -40.32 65.12
C ARG H 176 -142.94 -39.24 64.12
N ILE H 177 -143.02 -37.97 64.50
CA ILE H 177 -142.78 -36.86 63.57
C ILE H 177 -141.63 -36.02 64.11
N ASN H 178 -140.66 -35.73 63.24
CA ASN H 178 -139.56 -34.85 63.58
C ASN H 178 -139.92 -33.40 63.27
N THR H 179 -139.00 -32.50 63.60
CA THR H 179 -139.28 -31.07 63.44
C THR H 179 -139.16 -30.64 61.99
N VAL H 180 -137.97 -30.78 61.40
CA VAL H 180 -137.69 -30.30 60.04
C VAL H 180 -137.44 -31.46 59.08
N GLN H 181 -136.42 -32.26 59.34
CA GLN H 181 -136.07 -33.35 58.43
C GLN H 181 -137.26 -34.29 58.25
N ASN H 182 -137.48 -34.69 57.00
CA ASN H 182 -138.59 -35.58 56.67
C ASN H 182 -138.26 -36.98 57.17
N SER H 183 -138.84 -37.36 58.30
CA SER H 183 -138.53 -38.64 58.90
C SER H 183 -138.90 -39.79 57.97
N THR H 184 -138.02 -40.77 57.88
CA THR H 184 -138.24 -41.98 57.09
C THR H 184 -138.30 -43.17 58.03
N TYR H 185 -139.38 -43.95 57.93
CA TYR H 185 -139.55 -45.12 58.79
C TYR H 185 -139.94 -46.33 57.94
N SER H 186 -140.29 -47.43 58.60
CA SER H 186 -140.57 -48.68 57.90
C SER H 186 -141.38 -49.59 58.82
N MET H 187 -141.85 -50.70 58.25
CA MET H 187 -142.60 -51.68 59.04
C MET H 187 -141.77 -52.20 60.19
N ASP H 188 -140.52 -52.57 59.92
CA ASP H 188 -139.63 -53.00 60.99
C ASP H 188 -139.35 -51.87 61.97
N GLN H 189 -139.15 -50.65 61.45
CA GLN H 189 -138.89 -49.50 62.30
C GLN H 189 -140.16 -48.98 62.98
N LEU H 190 -141.33 -49.38 62.50
CA LEU H 190 -142.60 -49.00 63.11
C LEU H 190 -143.38 -50.18 63.66
N ASN H 191 -142.86 -51.40 63.54
CA ASN H 191 -143.49 -52.59 64.11
C ASN H 191 -144.84 -52.87 63.44
N PHE H 192 -144.82 -52.96 62.12
CA PHE H 192 -145.98 -53.39 61.34
C PHE H 192 -145.75 -54.81 60.85
N SER H 193 -146.71 -55.70 61.15
CA SER H 193 -146.58 -57.10 60.78
C SER H 193 -147.07 -57.40 59.37
N SER H 194 -147.98 -56.59 58.83
CA SER H 194 -148.55 -56.84 57.51
C SER H 194 -149.07 -55.53 56.95
N LEU H 195 -149.32 -55.54 55.64
CA LEU H 195 -149.87 -54.34 54.99
C LEU H 195 -151.23 -53.99 55.55
N ALA H 196 -152.05 -55.00 55.86
CA ALA H 196 -153.37 -54.73 56.44
C ALA H 196 -153.23 -54.00 57.77
N GLU H 197 -152.31 -54.46 58.63
CA GLU H 197 -152.07 -53.75 59.88
C GLU H 197 -151.53 -52.35 59.62
N ALA H 198 -150.57 -52.23 58.70
CA ALA H 198 -150.05 -50.92 58.34
C ALA H 198 -151.14 -50.07 57.70
N ALA H 199 -151.95 -50.67 56.82
CA ALA H 199 -153.05 -49.93 56.20
C ALA H 199 -154.05 -49.46 57.25
N GLY H 200 -154.47 -50.37 58.14
CA GLY H 200 -155.41 -49.98 59.17
C GLY H 200 -154.89 -48.84 60.01
N TYR H 201 -153.62 -48.89 60.39
CA TYR H 201 -152.99 -47.75 61.05
C TYR H 201 -152.94 -46.55 60.11
N ALA H 202 -152.66 -46.79 58.83
CA ALA H 202 -152.61 -45.72 57.83
C ALA H 202 -153.99 -45.29 57.37
N ARG H 203 -155.03 -46.10 57.59
CA ARG H 203 -156.38 -45.70 57.24
C ARG H 203 -156.95 -44.67 58.20
N ARG H 204 -156.38 -44.56 59.39
CA ARG H 204 -156.90 -43.64 60.39
C ARG H 204 -156.74 -42.20 59.93
N GLY H 205 -157.77 -41.39 60.16
CA GLY H 205 -157.68 -39.98 59.82
C GLY H 205 -156.52 -39.28 60.50
N ALA H 206 -156.14 -39.75 61.69
CA ALA H 206 -155.01 -39.17 62.41
C ALA H 206 -153.72 -39.33 61.63
N ASN H 207 -153.32 -40.58 61.39
CA ASN H 207 -152.05 -40.83 60.70
C ASN H 207 -152.15 -40.50 59.22
N SER H 208 -153.28 -40.81 58.59
CA SER H 208 -153.42 -40.61 57.15
C SER H 208 -153.19 -39.15 56.77
N ALA H 209 -153.64 -38.22 57.63
CA ALA H 209 -153.51 -36.80 57.30
C ALA H 209 -152.06 -36.39 57.17
N VAL H 210 -151.20 -36.86 58.07
CA VAL H 210 -149.81 -36.41 58.10
C VAL H 210 -148.93 -37.12 57.06
N LEU H 211 -149.34 -38.29 56.58
CA LEU H 211 -148.51 -39.01 55.62
C LEU H 211 -148.40 -38.23 54.32
N LYS H 212 -147.20 -38.25 53.73
CA LYS H 212 -146.91 -37.50 52.52
C LYS H 212 -146.57 -38.41 51.34
N ARG H 213 -145.59 -39.30 51.49
CA ARG H 213 -145.13 -40.14 50.39
C ARG H 213 -145.14 -41.60 50.83
N LEU H 214 -145.65 -42.46 49.95
CA LEU H 214 -145.68 -43.90 50.18
C LEU H 214 -145.16 -44.61 48.94
N ASP H 215 -144.55 -45.78 49.16
CA ASP H 215 -144.03 -46.62 48.08
C ASP H 215 -144.48 -48.05 48.34
N TYR H 216 -145.57 -48.45 47.69
CA TYR H 216 -146.17 -49.75 47.93
C TYR H 216 -145.58 -50.79 46.98
N PHE H 217 -145.41 -52.01 47.49
CA PHE H 217 -145.04 -53.18 46.70
C PHE H 217 -146.13 -54.23 46.85
N CYS H 218 -146.55 -54.81 45.73
CA CYS H 218 -147.61 -55.81 45.76
C CYS H 218 -147.47 -56.73 44.55
N ASN H 219 -148.14 -57.88 44.63
CA ASN H 219 -148.16 -58.87 43.57
C ASN H 219 -149.50 -58.76 42.85
N HIS H 220 -149.48 -58.20 41.63
CA HIS H 220 -150.69 -58.04 40.85
C HIS H 220 -150.36 -58.27 39.39
N SER H 221 -151.30 -58.91 38.68
CA SER H 221 -151.07 -59.23 37.27
C SER H 221 -150.91 -57.97 36.43
N LEU H 222 -151.73 -56.96 36.68
CA LEU H 222 -151.67 -55.73 35.89
C LEU H 222 -150.31 -55.05 36.03
N LEU H 223 -149.78 -55.01 37.26
CA LEU H 223 -148.50 -54.36 37.51
C LEU H 223 -147.32 -55.29 37.27
N LYS H 224 -147.55 -56.54 36.88
CA LYS H 224 -146.45 -57.48 36.68
C LYS H 224 -145.53 -57.05 35.55
N ASP H 225 -145.98 -56.16 34.67
CA ASP H 225 -145.17 -55.69 33.55
C ASP H 225 -144.38 -54.44 33.89
N GLY H 226 -144.13 -54.17 35.17
CA GLY H 226 -143.38 -53.01 35.57
C GLY H 226 -144.17 -51.72 35.62
N ASN H 227 -145.48 -51.79 35.41
CA ASN H 227 -146.29 -50.58 35.44
C ASN H 227 -146.26 -49.94 36.82
N VAL H 228 -146.12 -48.61 36.86
CA VAL H 228 -146.07 -47.85 38.10
C VAL H 228 -147.18 -46.81 38.07
N LEU H 229 -147.94 -46.74 39.15
CA LEU H 229 -149.06 -45.82 39.28
C LEU H 229 -148.65 -44.66 40.19
N VAL H 230 -148.96 -43.44 39.76
CA VAL H 230 -148.57 -42.23 40.47
C VAL H 230 -149.82 -41.43 40.82
N ASP H 231 -149.90 -40.97 42.06
CA ASP H 231 -151.01 -40.17 42.56
C ASP H 231 -150.49 -38.77 42.86
N LEU H 232 -150.51 -37.90 41.85
CA LEU H 232 -150.02 -36.54 42.05
C LEU H 232 -150.99 -35.73 42.90
N PRO H 233 -150.50 -34.75 43.64
CA PRO H 233 -151.41 -33.90 44.43
C PRO H 233 -152.30 -33.06 43.53
N GLY H 234 -153.42 -32.63 44.10
CA GLY H 234 -154.37 -31.80 43.39
C GLY H 234 -153.74 -30.51 42.87
N ILE H 235 -154.00 -30.18 41.60
CA ILE H 235 -153.40 -29.01 41.00
C ILE H 235 -153.86 -27.74 41.68
N ASP H 236 -155.12 -27.70 42.13
CA ASP H 236 -155.70 -26.51 42.74
C ASP H 236 -155.41 -26.42 44.24
N ALA H 237 -154.41 -27.14 44.74
CA ALA H 237 -154.09 -27.08 46.15
C ALA H 237 -153.55 -25.70 46.52
N PRO H 238 -153.75 -25.26 47.77
CA PRO H 238 -153.22 -23.94 48.16
C PRO H 238 -151.72 -23.81 47.98
N VAL H 239 -150.97 -24.89 48.20
CA VAL H 239 -149.51 -24.86 48.08
C VAL H 239 -149.18 -24.85 46.59
N LYS H 240 -148.89 -23.66 46.05
CA LYS H 240 -148.64 -23.54 44.62
C LYS H 240 -147.34 -24.23 44.22
N GLU H 241 -146.31 -24.14 45.06
CA GLU H 241 -145.02 -24.73 44.71
C GLU H 241 -145.15 -26.24 44.53
N ASP H 242 -145.92 -26.90 45.41
CA ASP H 242 -146.19 -28.32 45.21
C ASP H 242 -146.96 -28.56 43.93
N ALA H 243 -147.96 -27.72 43.66
CA ALA H 243 -148.71 -27.85 42.41
C ALA H 243 -147.80 -27.59 41.21
N GLU H 244 -146.99 -26.53 41.26
CA GLU H 244 -146.06 -26.25 40.18
C GLU H 244 -145.10 -27.40 39.97
N ARG H 245 -144.73 -28.11 41.05
CA ARG H 245 -143.91 -29.30 40.89
C ARG H 245 -144.64 -30.36 40.07
N ALA H 246 -145.95 -30.50 40.29
CA ALA H 246 -146.73 -31.44 39.49
C ALA H 246 -146.69 -31.06 38.01
N TYR H 247 -146.80 -29.77 37.71
CA TYR H 247 -146.66 -29.31 36.32
C TYR H 247 -145.29 -29.66 35.79
N ARG H 248 -144.23 -29.41 36.59
CA ARG H 248 -142.89 -29.82 36.19
C ARG H 248 -142.79 -31.34 36.10
N LYS H 249 -143.41 -32.05 37.05
CA LYS H 249 -143.35 -33.50 37.03
C LYS H 249 -144.00 -34.07 35.78
N ILE H 250 -145.22 -33.61 35.46
CA ILE H 250 -145.92 -34.12 34.29
C ILE H 250 -145.25 -33.65 33.01
N GLU H 251 -144.85 -32.37 32.97
CA GLU H 251 -144.19 -31.85 31.77
C GLU H 251 -142.81 -32.45 31.56
N SER H 252 -142.24 -33.08 32.57
CA SER H 252 -140.92 -33.67 32.42
C SER H 252 -140.95 -34.80 31.39
N PRO H 253 -139.90 -34.97 30.60
CA PRO H 253 -139.89 -36.06 29.61
C PRO H 253 -139.96 -37.45 30.24
N ASP H 254 -139.62 -37.57 31.52
CA ASP H 254 -139.59 -38.87 32.19
C ASP H 254 -140.97 -39.48 32.38
N THR H 255 -142.06 -38.85 31.92
CA THR H 255 -143.40 -39.39 32.03
C THR H 255 -143.79 -40.07 30.72
N SER H 256 -144.29 -41.30 30.82
CA SER H 256 -144.63 -42.08 29.64
C SER H 256 -146.05 -41.80 29.16
N ALA H 257 -147.03 -41.80 30.07
CA ALA H 257 -148.42 -41.60 29.71
C ALA H 257 -149.05 -40.59 30.66
N VAL H 258 -150.10 -39.93 30.19
CA VAL H 258 -150.82 -38.93 30.94
C VAL H 258 -152.28 -39.32 31.01
N ILE H 259 -152.84 -39.32 32.21
CA ILE H 259 -154.26 -39.57 32.45
C ILE H 259 -154.88 -38.25 32.90
N CYS H 260 -155.82 -37.74 32.12
CA CYS H 260 -156.44 -36.45 32.40
C CYS H 260 -157.85 -36.69 32.93
N VAL H 261 -158.01 -36.55 34.25
CA VAL H 261 -159.32 -36.67 34.89
C VAL H 261 -159.98 -35.31 34.88
N LEU H 262 -161.21 -35.25 34.36
CA LEU H 262 -161.93 -33.99 34.18
C LEU H 262 -163.27 -34.06 34.88
N LYS H 263 -163.65 -32.94 35.51
CA LYS H 263 -164.88 -32.81 36.28
C LYS H 263 -166.14 -32.64 35.44
N PRO H 264 -166.10 -31.95 34.27
CA PRO H 264 -167.34 -31.40 33.70
C PRO H 264 -168.45 -32.42 33.50
N ALA H 265 -168.15 -33.71 33.64
CA ALA H 265 -169.21 -34.71 33.69
C ALA H 265 -170.21 -34.38 34.80
N ALA H 266 -169.74 -33.76 35.89
CA ALA H 266 -170.60 -33.27 36.95
C ALA H 266 -170.50 -31.77 37.16
N ALA H 267 -169.34 -31.17 36.91
CA ALA H 267 -169.17 -29.72 37.06
C ALA H 267 -169.68 -28.93 35.86
N GLY H 268 -169.94 -29.58 34.74
CA GLY H 268 -170.46 -28.93 33.55
C GLY H 268 -169.41 -28.43 32.58
N ASP H 269 -168.39 -27.73 33.07
CA ASP H 269 -167.35 -27.18 32.21
C ASP H 269 -166.03 -27.20 32.94
N MET H 270 -164.94 -27.14 32.17
CA MET H 270 -163.61 -27.15 32.74
C MET H 270 -163.34 -25.86 33.51
N SER H 271 -162.45 -25.96 34.50
CA SER H 271 -162.05 -24.81 35.30
C SER H 271 -160.83 -24.14 34.68
N ALA H 272 -160.42 -23.02 35.28
CA ALA H 272 -159.25 -22.30 34.78
C ALA H 272 -158.00 -23.17 34.88
N GLU H 273 -157.82 -23.87 36.00
CA GLU H 273 -156.67 -24.75 36.15
C GLU H 273 -156.70 -25.87 35.13
N GLU H 274 -157.88 -26.47 34.92
CA GLU H 274 -158.00 -27.49 33.88
C GLU H 274 -157.80 -26.90 32.49
N THR H 275 -158.31 -25.69 32.26
CA THR H 275 -158.20 -25.07 30.94
C THR H 275 -156.74 -24.90 30.54
N GLN H 276 -155.90 -24.41 31.46
CA GLN H 276 -154.49 -24.23 31.14
C GLN H 276 -153.80 -25.57 30.91
N LEU H 277 -154.22 -26.62 31.61
CA LEU H 277 -153.63 -27.94 31.39
C LEU H 277 -153.82 -28.38 29.95
N LEU H 278 -155.05 -28.26 29.42
CA LEU H 278 -155.29 -28.60 28.03
C LEU H 278 -154.51 -27.68 27.11
N GLU H 279 -154.47 -26.38 27.43
CA GLU H 279 -153.67 -25.45 26.63
C GLU H 279 -152.21 -25.83 26.67
N ARG H 280 -151.68 -26.15 27.86
CA ARG H 280 -150.30 -26.61 27.96
C ARG H 280 -150.10 -27.89 27.17
N ILE H 281 -151.02 -28.85 27.31
CA ILE H 281 -150.88 -30.12 26.62
C ILE H 281 -151.08 -29.94 25.12
N SER H 282 -152.11 -29.19 24.72
CA SER H 282 -152.39 -29.01 23.30
C SER H 282 -151.25 -28.30 22.59
N LYS H 283 -150.69 -27.26 23.22
CA LYS H 283 -149.62 -26.49 22.60
C LYS H 283 -148.32 -27.28 22.51
N ASN H 284 -148.16 -28.31 23.34
CA ASN H 284 -146.95 -29.13 23.34
C ASN H 284 -147.25 -30.41 22.57
N HIS H 285 -146.78 -30.47 21.32
CA HIS H 285 -147.05 -31.64 20.48
C HIS H 285 -146.39 -32.89 21.03
N GLY H 286 -145.17 -32.76 21.57
CA GLY H 286 -144.46 -33.92 22.05
C GLY H 286 -145.22 -34.69 23.11
N ILE H 287 -145.78 -33.98 24.09
CA ILE H 287 -146.55 -34.63 25.14
C ILE H 287 -147.96 -34.93 24.65
N ARG H 288 -148.48 -34.13 23.72
CA ARG H 288 -149.88 -34.29 23.30
C ARG H 288 -150.14 -35.68 22.73
N ASP H 289 -149.18 -36.22 21.99
CA ASP H 289 -149.36 -37.51 21.34
C ASP H 289 -149.35 -38.68 22.34
N ARG H 290 -149.19 -38.42 23.63
CA ARG H 290 -149.13 -39.46 24.65
C ARG H 290 -150.01 -39.10 25.83
N VAL H 291 -151.25 -38.69 25.56
CA VAL H 291 -152.18 -38.23 26.57
C VAL H 291 -153.47 -39.03 26.48
N PHE H 292 -154.02 -39.42 27.62
CA PHE H 292 -155.32 -40.05 27.72
C PHE H 292 -156.28 -39.12 28.46
N TYR H 293 -157.52 -39.07 27.98
CA TYR H 293 -158.57 -38.26 28.60
C TYR H 293 -159.63 -39.18 29.19
N VAL H 294 -159.98 -38.93 30.45
CA VAL H 294 -160.96 -39.74 31.15
C VAL H 294 -161.91 -38.81 31.90
N PHE H 295 -163.11 -39.33 32.17
CA PHE H 295 -164.13 -38.60 32.92
C PHE H 295 -164.66 -39.49 34.04
N ASN H 296 -165.07 -38.86 35.12
CA ASN H 296 -165.45 -39.56 36.35
C ASN H 296 -166.85 -39.15 36.79
N ARG H 297 -167.47 -40.03 37.56
CA ARG H 297 -168.80 -39.78 38.13
C ARG H 297 -169.84 -39.59 37.03
N ILE H 298 -169.80 -40.46 36.03
CA ILE H 298 -170.82 -40.45 34.98
C ILE H 298 -172.18 -40.91 35.48
N ASP H 299 -172.24 -41.46 36.69
CA ASP H 299 -173.53 -41.89 37.24
C ASP H 299 -174.49 -40.72 37.36
N ASP H 300 -173.97 -39.50 37.48
CA ASP H 300 -174.83 -38.33 37.56
C ASP H 300 -175.68 -38.19 36.30
N THR H 301 -175.06 -38.40 35.13
CA THR H 301 -175.80 -38.32 33.88
C THR H 301 -176.81 -39.44 33.73
N TRP H 302 -176.64 -40.55 34.46
CA TRP H 302 -177.59 -41.66 34.36
C TRP H 302 -178.95 -41.29 34.93
N TYR H 303 -179.04 -40.20 35.70
CA TYR H 303 -180.31 -39.78 36.29
C TYR H 303 -180.80 -38.44 35.76
N ASN H 304 -179.92 -37.59 35.24
CA ASN H 304 -180.31 -36.30 34.70
C ASN H 304 -180.05 -36.27 33.20
N THR H 305 -181.09 -35.93 32.43
CA THR H 305 -180.95 -35.89 30.98
C THR H 305 -180.16 -34.66 30.54
N GLN H 306 -180.42 -33.50 31.16
CA GLN H 306 -179.74 -32.27 30.76
C GLN H 306 -178.23 -32.41 30.96
N LEU H 307 -177.81 -32.99 32.08
CA LEU H 307 -176.38 -33.21 32.29
C LEU H 307 -175.82 -34.18 31.25
N ARG H 308 -176.59 -35.22 30.91
CA ARG H 308 -176.18 -36.10 29.82
C ARG H 308 -176.13 -35.34 28.50
N GLN H 309 -177.15 -34.51 28.23
CA GLN H 309 -177.12 -33.69 27.04
C GLN H 309 -175.95 -32.70 27.05
N ARG H 310 -175.67 -32.10 28.21
CA ARG H 310 -174.51 -31.24 28.33
C ARG H 310 -173.22 -32.03 28.18
N LEU H 311 -173.15 -33.22 28.76
CA LEU H 311 -171.96 -34.06 28.59
C LEU H 311 -171.79 -34.49 27.13
N GLU H 312 -172.88 -34.89 26.48
CA GLU H 312 -172.78 -35.33 25.09
C GLU H 312 -172.30 -34.21 24.18
N GLY H 313 -172.83 -33.01 24.38
CA GLY H 313 -172.43 -31.87 23.56
C GLY H 313 -170.99 -31.47 23.82
N LEU H 314 -170.59 -31.45 25.09
CA LEU H 314 -169.23 -31.06 25.43
C LEU H 314 -168.21 -32.04 24.86
N ILE H 315 -168.48 -33.34 24.97
CA ILE H 315 -167.53 -34.34 24.50
C ILE H 315 -167.35 -34.22 22.99
N GLN H 316 -168.46 -34.12 22.26
CA GLN H 316 -168.38 -34.02 20.81
C GLN H 316 -167.88 -32.66 20.34
N SER H 317 -168.00 -31.62 21.19
CA SER H 317 -167.63 -30.28 20.77
C SER H 317 -166.13 -30.14 20.58
N GLN H 318 -165.33 -30.69 21.50
CA GLN H 318 -163.90 -30.44 21.55
C GLN H 318 -163.07 -31.66 21.16
N PHE H 319 -163.28 -32.80 21.82
CA PHE H 319 -162.40 -33.95 21.63
C PHE H 319 -162.58 -34.53 20.23
N ARG H 320 -161.45 -34.67 19.52
CA ARG H 320 -161.43 -35.27 18.19
C ARG H 320 -160.88 -36.69 18.23
N ASP H 321 -159.68 -36.85 18.80
CA ASP H 321 -159.07 -38.18 18.95
C ASP H 321 -159.75 -38.88 20.12
N ASN H 322 -160.96 -39.36 19.86
CA ASN H 322 -161.79 -39.95 20.91
C ASN H 322 -161.39 -41.38 21.25
N SER H 323 -160.46 -41.98 20.50
CA SER H 323 -160.00 -43.32 20.84
C SER H 323 -159.36 -43.38 22.22
N ARG H 324 -158.87 -42.24 22.73
CA ARG H 324 -158.26 -42.17 24.05
C ARG H 324 -159.15 -41.47 25.05
N VAL H 325 -160.44 -41.30 24.73
CA VAL H 325 -161.40 -40.68 25.63
C VAL H 325 -162.18 -41.78 26.34
N TYR H 326 -162.18 -41.75 27.67
CA TYR H 326 -162.80 -42.78 28.48
C TYR H 326 -163.75 -42.17 29.49
N LYS H 327 -164.66 -42.99 29.99
CA LYS H 327 -165.61 -42.60 31.02
C LYS H 327 -165.77 -43.74 32.02
N THR H 328 -166.08 -43.37 33.26
CA THR H 328 -166.24 -44.36 34.33
C THR H 328 -166.81 -43.65 35.55
N SER H 329 -167.03 -44.41 36.62
CA SER H 329 -167.53 -43.89 37.89
C SER H 329 -166.75 -44.58 39.00
N GLY H 330 -165.76 -43.88 39.56
CA GLY H 330 -164.92 -44.48 40.59
C GLY H 330 -165.70 -44.86 41.84
N LEU H 331 -166.62 -44.00 42.27
CA LEU H 331 -167.38 -44.28 43.49
C LEU H 331 -168.12 -45.60 43.38
N LEU H 332 -168.82 -45.82 42.27
CA LEU H 332 -169.52 -47.08 42.08
C LEU H 332 -168.56 -48.20 41.72
N GLY H 333 -167.53 -47.90 40.92
CA GLY H 333 -166.60 -48.94 40.51
C GLY H 333 -165.85 -49.57 41.66
N PHE H 334 -165.40 -48.74 42.61
CA PHE H 334 -164.61 -49.26 43.73
C PHE H 334 -165.39 -50.27 44.54
N TYR H 335 -166.48 -49.83 45.17
CA TYR H 335 -167.23 -50.72 46.05
C TYR H 335 -167.78 -51.93 45.31
N GLY H 336 -168.05 -51.79 44.02
CA GLY H 336 -168.57 -52.91 43.26
C GLY H 336 -167.67 -54.12 43.31
N SER H 337 -166.37 -53.91 43.11
CA SER H 337 -165.41 -55.02 43.19
C SER H 337 -165.31 -55.54 44.61
N GLN H 338 -165.35 -54.66 45.61
CA GLN H 338 -165.19 -55.09 46.99
C GLN H 338 -166.32 -56.01 47.44
N VAL H 339 -167.54 -55.76 46.95
CA VAL H 339 -168.68 -56.57 47.38
C VAL H 339 -168.48 -58.03 47.00
N LYS H 340 -167.69 -58.30 45.95
CA LYS H 340 -167.44 -59.67 45.54
C LYS H 340 -166.80 -60.50 46.65
N GLN H 341 -166.10 -59.85 47.58
CA GLN H 341 -165.46 -60.53 48.70
C GLN H 341 -166.38 -60.63 49.92
N THR H 342 -167.69 -60.52 49.72
CA THR H 342 -168.66 -60.62 50.80
C THR H 342 -169.80 -61.53 50.35
N ASN H 343 -170.46 -62.13 51.34
CA ASN H 343 -171.56 -63.06 51.08
C ASN H 343 -172.70 -62.75 52.03
N SER H 344 -173.74 -63.59 52.00
CA SER H 344 -174.91 -63.37 52.84
C SER H 344 -174.58 -63.46 54.31
N SER H 345 -173.51 -64.16 54.69
CA SER H 345 -173.15 -64.26 56.10
C SER H 345 -172.86 -62.88 56.69
N THR H 346 -172.13 -62.04 55.95
CA THR H 346 -171.87 -60.67 56.34
C THR H 346 -172.86 -59.68 55.76
N ARG H 347 -174.04 -60.16 55.34
CA ARG H 347 -175.05 -59.32 54.72
C ARG H 347 -174.49 -58.59 53.50
N PHE H 348 -173.66 -59.28 52.73
CA PHE H 348 -173.04 -58.71 51.53
C PHE H 348 -172.32 -57.41 51.84
N GLY H 349 -171.60 -57.40 52.97
CA GLY H 349 -170.79 -56.27 53.36
C GLY H 349 -171.39 -55.37 54.42
N LEU H 350 -172.70 -55.45 54.65
CA LEU H 350 -173.29 -54.60 55.68
C LEU H 350 -172.71 -54.91 57.05
N ASP H 351 -172.25 -56.13 57.27
CA ASP H 351 -171.59 -56.52 58.51
C ASP H 351 -170.08 -56.39 58.45
N SER H 352 -169.51 -56.04 57.30
CA SER H 352 -168.06 -55.91 57.15
C SER H 352 -167.76 -54.98 55.98
N ILE H 353 -166.88 -54.01 56.22
CA ILE H 353 -166.53 -52.97 55.25
C ILE H 353 -167.60 -51.88 55.30
N PHE H 354 -168.86 -52.26 55.08
CA PHE H 354 -169.96 -51.31 55.14
C PHE H 354 -170.58 -51.21 56.54
N ALA H 355 -170.08 -51.99 57.51
CA ALA H 355 -170.60 -51.90 58.86
C ALA H 355 -170.37 -50.52 59.46
N THR H 356 -169.23 -49.89 59.14
CA THR H 356 -168.97 -48.55 59.63
C THR H 356 -169.90 -47.51 59.00
N THR H 357 -170.31 -47.72 57.76
CA THR H 357 -171.17 -46.78 57.05
C THR H 357 -172.65 -46.98 57.34
N ILE H 358 -173.07 -48.21 57.65
CA ILE H 358 -174.49 -48.48 57.87
C ILE H 358 -175.00 -47.95 59.19
N LYS H 359 -174.11 -47.63 60.13
CA LYS H 359 -174.51 -47.12 61.43
C LYS H 359 -174.84 -45.63 61.31
N GLY H 360 -176.11 -45.29 61.50
CA GLY H 360 -176.56 -43.92 61.36
C GLY H 360 -176.39 -43.10 62.64
N PHE H 361 -176.54 -41.78 62.48
CA PHE H 361 -176.45 -40.88 63.63
C PHE H 361 -177.71 -40.93 64.48
N ASP H 362 -178.87 -41.05 63.85
CA ASP H 362 -180.14 -41.07 64.56
C ASP H 362 -180.51 -42.44 65.11
N GLY H 363 -179.69 -43.46 64.87
CA GLY H 363 -179.99 -44.80 65.33
C GLY H 363 -180.45 -45.71 64.20
N GLU H 364 -181.27 -45.17 63.30
CA GLU H 364 -181.71 -45.93 62.15
C GLU H 364 -180.54 -46.20 61.21
N GLU H 365 -180.52 -47.39 60.63
CA GLU H 365 -179.44 -47.78 59.73
C GLU H 365 -179.42 -46.86 58.52
N GLU H 366 -178.37 -46.04 58.41
CA GLU H 366 -178.22 -45.17 57.26
C GLU H 366 -177.90 -45.98 56.01
N THR H 367 -178.20 -45.40 54.86
CA THR H 367 -177.96 -46.05 53.58
C THR H 367 -176.58 -45.68 53.07
N PRO H 368 -175.65 -46.64 52.93
CA PRO H 368 -174.34 -46.30 52.35
C PRO H 368 -174.49 -45.74 50.94
N GLN H 369 -173.56 -44.83 50.59
CA GLN H 369 -173.60 -44.22 49.26
C GLN H 369 -173.67 -45.27 48.17
N PHE H 370 -172.87 -46.34 48.30
CA PHE H 370 -172.94 -47.43 47.33
C PHE H 370 -174.32 -48.07 47.32
N VAL H 371 -174.88 -48.32 48.50
CA VAL H 371 -176.22 -48.89 48.58
C VAL H 371 -177.26 -47.90 48.06
N SER H 372 -177.13 -46.63 48.46
CA SER H 372 -178.09 -45.62 48.02
C SER H 372 -178.10 -45.50 46.50
N GLU H 373 -176.90 -45.44 45.90
CA GLU H 373 -176.83 -45.39 44.44
C GLU H 373 -177.18 -46.74 43.82
N PHE H 374 -176.94 -47.84 44.55
CA PHE H 374 -177.31 -49.15 44.03
C PHE H 374 -178.82 -49.24 43.79
N ASN H 375 -179.61 -48.77 44.76
CA ASN H 375 -181.05 -48.75 44.57
C ASN H 375 -181.43 -47.81 43.42
N ASN H 376 -180.81 -46.63 43.37
CA ASN H 376 -181.06 -45.70 42.27
C ASN H 376 -180.58 -46.29 40.95
N TYR H 377 -179.42 -46.94 40.96
CA TYR H 377 -178.90 -47.54 39.74
C TYR H 377 -179.85 -48.61 39.18
N CYS H 378 -180.39 -49.46 40.06
CA CYS H 378 -181.28 -50.52 39.60
C CYS H 378 -182.55 -49.95 38.98
N ALA H 379 -183.12 -48.91 39.58
CA ALA H 379 -184.41 -48.38 39.15
C ALA H 379 -184.25 -47.22 38.16
N ASN H 380 -183.56 -46.16 38.58
CA ASN H 380 -183.51 -44.95 37.76
C ASN H 380 -182.73 -45.19 36.47
N SER H 381 -181.54 -45.77 36.56
CA SER H 381 -180.72 -45.98 35.38
C SER H 381 -181.33 -47.00 34.44
N GLY H 382 -181.51 -48.23 34.93
CA GLY H 382 -182.11 -49.28 34.13
C GLY H 382 -181.15 -50.06 33.26
N LYS H 383 -179.85 -50.05 33.57
CA LYS H 383 -178.90 -50.85 32.80
C LYS H 383 -179.27 -52.32 32.84
N LEU H 384 -179.93 -52.77 33.92
CA LEU H 384 -180.41 -54.14 34.00
C LEU H 384 -181.56 -54.42 33.04
N LEU H 385 -182.15 -53.37 32.45
CA LEU H 385 -183.33 -53.57 31.62
C LEU H 385 -183.03 -54.46 30.43
N SER H 386 -181.89 -54.26 29.79
CA SER H 386 -181.49 -55.07 28.64
C SER H 386 -180.80 -56.37 29.06
N THR H 387 -180.60 -56.60 30.35
CA THR H 387 -179.92 -57.78 30.84
C THR H 387 -180.96 -58.85 31.19
N ALA H 388 -180.49 -59.96 31.77
CA ALA H 388 -181.35 -61.07 32.15
C ALA H 388 -181.84 -60.99 33.59
N PHE H 389 -182.05 -59.77 34.10
CA PHE H 389 -182.48 -59.56 35.48
C PHE H 389 -183.75 -58.73 35.49
N ARG H 390 -184.59 -58.98 36.50
CA ARG H 390 -185.86 -58.31 36.68
C ARG H 390 -185.91 -57.64 38.05
N VAL H 391 -184.82 -56.99 38.44
CA VAL H 391 -184.72 -56.35 39.76
C VAL H 391 -185.86 -55.36 39.93
N SER H 392 -186.65 -55.55 40.98
CA SER H 392 -187.77 -54.66 41.31
C SER H 392 -187.47 -53.94 42.60
N VAL H 393 -187.51 -52.60 42.56
CA VAL H 393 -187.28 -51.76 43.73
C VAL H 393 -188.62 -51.32 44.28
N ASN H 394 -188.84 -51.56 45.57
CA ASN H 394 -190.11 -51.27 46.22
C ASN H 394 -189.86 -50.59 47.55
N GLY H 395 -190.86 -49.83 48.01
CA GLY H 395 -190.83 -49.19 49.30
C GLY H 395 -191.19 -50.09 50.46
N TYR H 396 -191.48 -51.37 50.19
CA TYR H 396 -191.78 -52.32 51.26
C TYR H 396 -190.62 -52.46 52.24
N GLU H 397 -189.40 -52.16 51.81
CA GLU H 397 -188.22 -52.33 52.64
C GLU H 397 -187.31 -51.12 52.47
N THR H 398 -186.45 -50.90 53.48
CA THR H 398 -185.50 -49.82 53.41
C THR H 398 -184.45 -50.08 52.34
N SER H 399 -183.61 -49.09 52.08
CA SER H 399 -182.56 -49.25 51.09
C SER H 399 -181.62 -50.38 51.46
N ASN H 400 -181.19 -50.43 52.72
CA ASN H 400 -180.34 -51.53 53.16
C ASN H 400 -181.07 -52.86 53.11
N GLU H 401 -182.34 -52.88 53.55
CA GLU H 401 -183.12 -54.11 53.49
C GLU H 401 -183.36 -54.54 52.06
N ASN H 402 -183.67 -53.59 51.17
CA ASN H 402 -183.75 -53.91 49.74
C ASN H 402 -182.40 -54.37 49.22
N TYR H 403 -181.32 -53.72 49.65
CA TYR H 403 -179.98 -54.16 49.29
C TYR H 403 -179.75 -55.61 49.70
N VAL H 404 -180.21 -55.98 50.89
CA VAL H 404 -180.12 -57.37 51.33
C VAL H 404 -181.05 -58.25 50.50
N ARG H 405 -182.29 -57.80 50.31
CA ARG H 405 -183.27 -58.61 49.59
C ARG H 405 -182.91 -58.74 48.12
N ILE H 406 -182.54 -57.62 47.48
CA ILE H 406 -182.27 -57.65 46.04
C ILE H 406 -181.08 -58.56 45.77
N LEU H 407 -180.00 -58.41 46.54
CA LEU H 407 -178.83 -59.27 46.35
C LEU H 407 -179.17 -60.73 46.64
N SER H 408 -179.92 -60.97 47.70
CA SER H 408 -180.29 -62.35 48.03
C SER H 408 -181.15 -62.97 46.94
N GLU H 409 -181.94 -62.16 46.24
CA GLU H 409 -182.81 -62.70 45.20
C GLU H 409 -182.02 -63.19 43.99
N TRP H 410 -181.03 -62.40 43.55
CA TRP H 410 -180.26 -62.71 42.36
C TRP H 410 -178.85 -63.19 42.69
N GLY H 411 -178.09 -62.42 43.45
CA GLY H 411 -176.78 -62.84 43.90
C GLY H 411 -175.65 -62.17 43.15
N ILE H 412 -174.48 -62.84 43.20
CA ILE H 412 -173.27 -62.25 42.61
C ILE H 412 -173.44 -62.00 41.11
N PRO H 413 -173.99 -62.93 40.31
CA PRO H 413 -174.02 -62.70 38.86
C PRO H 413 -174.54 -61.33 38.46
N LEU H 414 -175.43 -60.74 39.24
CA LEU H 414 -175.86 -59.38 38.97
C LEU H 414 -174.70 -58.40 39.11
N VAL H 415 -173.84 -58.62 40.11
CA VAL H 415 -172.71 -57.73 40.33
C VAL H 415 -171.75 -57.78 39.15
N ASP H 416 -171.58 -58.95 38.53
CA ASP H 416 -170.69 -59.07 37.39
C ASP H 416 -171.07 -58.09 36.30
N GLN H 417 -172.37 -57.97 36.01
CA GLN H 417 -172.82 -56.98 35.03
C GLN H 417 -172.54 -55.56 35.53
N LEU H 418 -172.72 -55.33 36.83
CA LEU H 418 -172.48 -53.99 37.39
C LEU H 418 -171.04 -53.55 37.15
N ILE H 419 -170.08 -54.42 37.46
CA ILE H 419 -168.68 -54.07 37.27
C ILE H 419 -168.36 -53.94 35.79
N HIS H 420 -168.93 -54.82 34.96
CA HIS H 420 -168.71 -54.72 33.52
C HIS H 420 -169.20 -53.39 32.97
N ASP H 421 -170.38 -52.95 33.42
CA ASP H 421 -170.91 -51.67 32.95
C ASP H 421 -170.08 -50.50 33.47
N SER H 422 -169.36 -50.69 34.58
CA SER H 422 -168.55 -49.61 35.12
C SER H 422 -167.47 -49.17 34.14
N GLY H 423 -166.94 -50.10 33.34
CA GLY H 423 -165.92 -49.79 32.37
C GLY H 423 -164.51 -49.71 32.92
N ILE H 424 -164.33 -49.98 34.22
CA ILE H 424 -162.98 -49.91 34.80
C ILE H 424 -162.09 -50.99 34.20
N GLU H 425 -162.63 -52.20 33.99
CA GLU H 425 -161.83 -53.27 33.42
C GLU H 425 -161.34 -52.92 32.02
N SER H 426 -162.20 -52.30 31.22
CA SER H 426 -161.79 -51.87 29.89
C SER H 426 -160.67 -50.84 29.97
N PHE H 427 -160.74 -49.95 30.98
CA PHE H 427 -159.70 -48.94 31.13
C PHE H 427 -158.34 -49.58 31.36
N ARG H 428 -158.29 -50.62 32.20
CA ARG H 428 -157.02 -51.29 32.45
C ARG H 428 -156.45 -51.90 31.18
N SER H 429 -157.30 -52.57 30.39
CA SER H 429 -156.85 -53.14 29.14
C SER H 429 -156.41 -52.04 28.16
N GLY H 430 -157.17 -50.95 28.11
CA GLY H 430 -156.84 -49.85 27.21
C GLY H 430 -155.46 -49.29 27.43
N ILE H 431 -155.20 -48.80 28.66
CA ILE H 431 -153.89 -48.24 28.96
C ILE H 431 -152.81 -49.33 28.87
N GLY H 432 -153.10 -50.52 29.39
CA GLY H 432 -152.14 -51.60 29.32
C GLY H 432 -151.77 -51.95 27.89
N LEU H 433 -152.77 -51.98 27.00
CA LEU H 433 -152.51 -52.25 25.60
C LEU H 433 -151.60 -51.19 25.00
N TYR H 434 -151.85 -49.91 25.31
CA TYR H 434 -151.04 -48.84 24.76
C TYR H 434 -149.59 -48.95 25.23
N LEU H 435 -149.38 -49.13 26.54
CA LEU H 435 -148.03 -49.19 27.07
C LEU H 435 -147.34 -50.49 26.68
N ALA H 436 -148.04 -51.62 26.79
CA ALA H 436 -147.43 -52.90 26.50
C ALA H 436 -147.10 -53.04 25.02
N GLU H 437 -147.96 -52.52 24.15
CA GLU H 437 -147.82 -52.69 22.71
C GLU H 437 -147.04 -51.58 22.03
N GLU H 438 -147.34 -50.31 22.35
CA GLU H 438 -146.72 -49.19 21.66
C GLU H 438 -145.48 -48.68 22.39
N LYS H 439 -145.65 -48.24 23.63
CA LYS H 439 -144.54 -47.62 24.36
C LYS H 439 -143.42 -48.61 24.62
N TYR H 440 -143.76 -49.86 24.97
CA TYR H 440 -142.73 -50.82 25.36
C TYR H 440 -141.71 -51.04 24.26
N PRO H 441 -142.09 -51.42 23.04
CA PRO H 441 -141.08 -51.59 21.98
C PRO H 441 -140.31 -50.32 21.67
N GLU H 442 -140.96 -49.16 21.78
CA GLU H 442 -140.26 -47.90 21.52
C GLU H 442 -139.06 -47.73 22.46
N LEU H 443 -139.18 -48.23 23.69
CA LEU H 443 -138.08 -48.09 24.63
C LEU H 443 -136.84 -48.80 24.13
N PHE H 444 -136.98 -50.01 23.60
CA PHE H 444 -135.86 -50.68 22.96
C PHE H 444 -135.40 -49.92 21.72
N ALA H 445 -136.35 -49.37 20.96
CA ALA H 445 -135.99 -48.61 19.77
C ALA H 445 -135.14 -47.40 20.12
N THR H 446 -135.49 -46.71 21.21
CA THR H 446 -134.70 -45.55 21.63
C THR H 446 -133.26 -45.96 21.93
N LEU H 447 -133.07 -47.14 22.53
CA LEU H 447 -131.72 -47.59 22.89
C LEU H 447 -130.83 -47.68 21.66
N ALA H 448 -131.35 -48.26 20.57
CA ALA H 448 -130.53 -48.43 19.37
C ALA H 448 -130.10 -47.07 18.82
N ASN H 449 -131.04 -46.13 18.69
CA ASN H 449 -130.68 -44.79 18.24
C ASN H 449 -129.86 -44.05 19.29
N ASP H 450 -130.02 -44.41 20.57
CA ASP H 450 -129.24 -43.79 21.63
C ASP H 450 -127.86 -44.41 21.79
N LEU H 451 -127.63 -45.58 21.19
CA LEU H 451 -126.34 -46.25 21.26
C LEU H 451 -125.47 -46.03 20.04
N GLN H 452 -126.07 -45.67 18.91
CA GLN H 452 -125.27 -45.43 17.70
C GLN H 452 -124.19 -44.38 17.90
N PRO H 453 -124.43 -43.25 18.60
CA PRO H 453 -123.42 -42.19 18.65
C PRO H 453 -122.04 -42.63 19.14
N LEU H 454 -121.92 -43.84 19.68
CA LEU H 454 -120.62 -44.36 20.09
C LEU H 454 -119.98 -45.23 19.02
N CYS H 455 -120.76 -46.08 18.35
CA CYS H 455 -120.24 -46.87 17.24
C CYS H 455 -119.93 -46.03 16.03
N ILE H 456 -120.37 -44.77 16.00
CA ILE H 456 -120.14 -43.90 14.85
C ILE H 456 -118.65 -43.68 14.64
N ALA H 457 -117.88 -43.56 15.72
CA ALA H 457 -116.48 -43.17 15.64
C ALA H 457 -115.51 -44.34 15.74
N LEU H 458 -115.87 -45.41 16.44
CA LEU H 458 -114.93 -46.51 16.63
C LEU H 458 -114.51 -47.12 15.30
N ARG H 459 -115.47 -47.36 14.40
CA ARG H 459 -115.11 -47.90 13.09
C ARG H 459 -114.27 -46.91 12.29
N GLN H 460 -114.61 -45.62 12.40
CA GLN H 460 -113.86 -44.60 11.67
C GLN H 460 -112.39 -44.59 12.10
N PHE H 461 -112.15 -44.53 13.41
CA PHE H 461 -110.78 -44.46 13.90
C PHE H 461 -110.00 -45.72 13.54
N TYR H 462 -110.61 -46.89 13.73
CA TYR H 462 -109.93 -48.13 13.38
C TYR H 462 -109.69 -48.22 11.88
N LEU H 463 -110.68 -47.82 11.08
CA LEU H 463 -110.54 -47.90 9.63
C LEU H 463 -109.48 -46.94 9.09
N GLU H 464 -109.16 -45.87 9.85
CA GLU H 464 -108.14 -44.93 9.40
C GLU H 464 -106.74 -45.43 9.72
N ASN H 465 -106.49 -45.79 10.97
CA ASN H 465 -105.17 -46.28 11.35
C ASN H 465 -104.85 -47.58 10.61
N TYR H 466 -105.81 -48.49 10.53
CA TYR H 466 -105.57 -49.75 9.83
C TYR H 466 -105.23 -49.51 8.37
N ARG H 467 -106.00 -48.63 7.71
CA ARG H 467 -105.72 -48.32 6.31
C ARG H 467 -104.46 -47.46 6.18
N GLN H 468 -104.24 -46.56 7.13
CA GLN H 468 -103.05 -45.70 7.08
C GLN H 468 -101.78 -46.53 7.20
N LEU H 469 -101.76 -47.50 8.10
CA LEU H 469 -100.57 -48.33 8.27
C LEU H 469 -100.28 -49.17 7.04
N ASP H 470 -101.32 -49.58 6.32
CA ASP H 470 -101.12 -50.41 5.14
C ASP H 470 -100.41 -49.67 4.01
N SER H 471 -100.38 -48.34 4.06
CA SER H 471 -99.71 -47.57 3.00
C SER H 471 -98.21 -47.84 2.97
N GLN H 472 -97.59 -48.00 4.14
CA GLN H 472 -96.15 -48.20 4.18
C GLN H 472 -95.77 -49.53 3.54
N PRO H 473 -94.57 -49.63 2.96
CA PRO H 473 -94.13 -50.90 2.39
C PRO H 473 -93.95 -51.96 3.46
N ARG H 474 -93.74 -53.19 3.00
CA ARG H 474 -93.56 -54.33 3.90
C ARG H 474 -92.28 -55.09 3.57
N GLU H 475 -91.95 -55.17 2.28
CA GLU H 475 -90.77 -55.91 1.86
C GLU H 475 -89.50 -55.21 2.35
N ILE H 476 -88.50 -56.02 2.75
CA ILE H 476 -87.24 -55.46 3.21
C ILE H 476 -86.55 -54.68 2.10
N ALA H 477 -86.52 -55.24 0.89
CA ALA H 477 -85.86 -54.57 -0.23
C ALA H 477 -86.50 -53.21 -0.50
N ALA H 478 -87.82 -53.19 -0.65
CA ALA H 478 -88.51 -51.92 -0.86
C ALA H 478 -88.39 -51.01 0.36
N MET H 479 -88.54 -51.57 1.56
CA MET H 479 -88.44 -50.75 2.76
C MET H 479 -87.04 -50.17 2.92
N LYS H 480 -86.01 -50.99 2.69
CA LYS H 480 -84.65 -50.48 2.79
C LYS H 480 -84.37 -49.41 1.75
N ALA H 481 -84.87 -49.60 0.53
CA ALA H 481 -84.70 -48.60 -0.51
C ALA H 481 -85.27 -47.26 -0.08
N GLN H 482 -86.36 -47.26 0.69
CA GLN H 482 -86.91 -46.01 1.19
C GLN H 482 -85.91 -45.29 2.08
N GLU H 483 -85.21 -46.02 2.94
CA GLU H 483 -84.20 -45.40 3.78
C GLU H 483 -83.09 -44.78 2.94
N LEU H 484 -82.63 -45.50 1.90
CA LEU H 484 -81.70 -44.90 0.96
C LEU H 484 -82.32 -43.73 0.23
N THR H 485 -83.61 -43.82 -0.09
CA THR H 485 -84.32 -42.72 -0.73
C THR H 485 -84.45 -41.51 0.17
N LEU H 486 -84.19 -41.66 1.47
CA LEU H 486 -84.25 -40.55 2.41
C LEU H 486 -82.89 -40.14 2.95
N LEU H 487 -81.87 -40.99 2.80
CA LEU H 487 -80.55 -40.67 3.35
C LEU H 487 -79.98 -39.43 2.67
N ASN H 488 -80.08 -39.34 1.35
CA ASN H 488 -79.50 -38.20 0.63
C ASN H 488 -80.24 -36.91 0.91
N GLN H 489 -81.54 -36.97 1.23
CA GLN H 489 -82.26 -35.74 1.56
C GLN H 489 -81.64 -35.04 2.76
N GLU H 490 -81.27 -35.81 3.78
CA GLU H 490 -80.56 -35.22 4.92
C GLU H 490 -79.23 -34.64 4.48
N MET H 491 -78.53 -35.33 3.58
CA MET H 491 -77.25 -34.83 3.09
C MET H 491 -77.41 -33.49 2.39
N GLN H 492 -78.43 -33.36 1.54
CA GLN H 492 -78.64 -32.11 0.82
C GLN H 492 -78.93 -30.96 1.78
N ASN H 493 -79.79 -31.20 2.78
CA ASN H 493 -80.06 -30.16 3.77
C ASN H 493 -78.80 -29.79 4.56
N LEU H 494 -77.91 -30.76 4.78
CA LEU H 494 -76.68 -30.47 5.49
C LEU H 494 -75.83 -29.45 4.74
N GLY H 495 -75.73 -29.59 3.42
CA GLY H 495 -75.00 -28.61 2.65
C GLY H 495 -75.65 -27.24 2.68
N ILE H 496 -76.97 -27.21 2.50
CA ILE H 496 -77.69 -25.94 2.57
C ILE H 496 -77.56 -25.33 3.95
N GLU H 497 -77.74 -26.14 5.00
CA GLU H 497 -77.65 -25.62 6.36
C GLU H 497 -76.24 -25.19 6.70
N PHE H 498 -75.23 -25.86 6.16
CA PHE H 498 -73.85 -25.51 6.48
C PHE H 498 -73.53 -24.10 6.03
N LYS H 499 -73.94 -23.73 4.82
CA LYS H 499 -73.70 -22.38 4.33
C LYS H 499 -74.42 -21.34 5.19
N LYS H 500 -75.58 -21.70 5.74
CA LYS H 500 -76.33 -20.75 6.55
C LYS H 500 -75.54 -20.32 7.78
N TYR H 501 -74.97 -21.29 8.51
CA TYR H 501 -74.20 -20.96 9.70
C TYR H 501 -72.96 -20.15 9.34
N MET H 502 -72.26 -20.53 8.27
CA MET H 502 -71.07 -19.79 7.86
C MET H 502 -71.42 -18.37 7.47
N SER H 503 -72.53 -18.18 6.76
CA SER H 503 -72.95 -16.83 6.39
C SER H 503 -73.34 -16.00 7.60
N ALA H 504 -73.93 -16.64 8.61
CA ALA H 504 -74.32 -15.90 9.82
C ALA H 504 -73.09 -15.45 10.60
N GLN H 505 -72.12 -16.34 10.78
CA GLN H 505 -70.94 -15.99 11.56
C GLN H 505 -70.14 -14.88 10.89
N ILE H 506 -69.97 -14.96 9.57
CA ILE H 506 -69.18 -13.96 8.86
C ILE H 506 -69.89 -12.61 8.88
N ASN H 507 -71.22 -12.62 8.77
CA ASN H 507 -71.96 -11.36 8.75
C ASN H 507 -71.76 -10.59 10.05
N ASP H 508 -71.74 -11.29 11.19
CA ASP H 508 -71.55 -10.63 12.46
C ASP H 508 -70.23 -9.89 12.54
N VAL H 509 -69.21 -10.34 11.80
CA VAL H 509 -67.91 -9.70 11.86
C VAL H 509 -67.93 -8.37 11.11
N VAL H 510 -68.60 -8.34 9.95
CA VAL H 510 -68.60 -7.14 9.12
C VAL H 510 -69.20 -5.95 9.85
N ILE H 511 -70.11 -6.19 10.79
CA ILE H 511 -70.82 -5.11 11.47
C ILE H 511 -70.39 -4.96 12.93
N GLY H 512 -69.66 -5.91 13.48
CA GLY H 512 -69.19 -5.81 14.85
C GLY H 512 -70.05 -6.51 15.88
N ASN H 513 -71.01 -7.33 15.46
CA ASN H 513 -71.83 -8.06 16.42
C ASN H 513 -70.98 -8.99 17.28
N ASP H 514 -70.00 -9.64 16.69
CA ASP H 514 -69.09 -10.52 17.43
C ASP H 514 -68.21 -9.64 18.33
N ARG H 515 -68.56 -9.59 19.61
CA ARG H 515 -67.85 -8.70 20.53
C ARG H 515 -66.38 -9.08 20.66
N GLU H 516 -66.07 -10.38 20.53
CA GLU H 516 -64.68 -10.80 20.67
C GLU H 516 -63.79 -10.20 19.59
N PHE H 517 -64.29 -10.15 18.35
CA PHE H 517 -63.48 -9.60 17.27
C PHE H 517 -63.18 -8.12 17.50
N ASP H 518 -64.17 -7.37 17.98
CA ASP H 518 -63.97 -5.93 18.19
C ASP H 518 -62.87 -5.67 19.21
N GLN H 519 -62.86 -6.44 20.30
CA GLN H 519 -61.85 -6.23 21.33
C GLN H 519 -60.44 -6.42 20.77
N ASP H 520 -60.24 -7.45 19.95
CA ASP H 520 -58.94 -7.64 19.32
C ASP H 520 -58.64 -6.53 18.33
N PHE H 521 -59.65 -6.10 17.57
CA PHE H 521 -59.42 -5.08 16.54
C PHE H 521 -58.98 -3.76 17.16
N THR H 522 -59.64 -3.33 18.24
CA THR H 522 -59.25 -2.09 18.89
C THR H 522 -57.85 -2.18 19.45
N LYS H 523 -57.44 -3.37 19.90
CA LYS H 523 -56.06 -3.55 20.34
C LYS H 523 -55.08 -3.28 19.21
N LEU H 524 -55.41 -3.74 18.00
CA LEU H 524 -54.53 -3.53 16.85
C LEU H 524 -54.32 -2.05 16.59
N LYS H 525 -55.41 -1.27 16.60
CA LYS H 525 -55.30 0.16 16.31
C LYS H 525 -54.46 0.88 17.37
N ALA H 526 -54.66 0.53 18.65
CA ALA H 526 -53.96 1.23 19.72
C ALA H 526 -52.46 1.02 19.61
N ARG H 527 -52.02 -0.20 19.30
CA ARG H 527 -50.59 -0.49 19.24
C ARG H 527 -49.91 0.35 18.16
N MET H 528 -50.53 0.43 16.98
CA MET H 528 -49.92 1.17 15.89
C MET H 528 -49.82 2.66 16.20
N VAL H 529 -50.89 3.24 16.73
CA VAL H 529 -50.86 4.66 17.08
C VAL H 529 -49.82 4.91 18.16
N ALA H 530 -49.80 4.05 19.19
CA ALA H 530 -48.77 4.18 20.22
C ALA H 530 -47.39 3.93 19.65
N ARG H 531 -47.27 2.96 18.73
CA ARG H 531 -45.97 2.66 18.13
C ARG H 531 -45.42 3.87 17.38
N LEU H 532 -46.27 4.55 16.60
CA LEU H 532 -45.81 5.71 15.85
C LEU H 532 -45.32 6.82 16.78
N ASP H 533 -46.11 7.13 17.82
CA ASP H 533 -45.71 8.18 18.74
C ASP H 533 -44.40 7.84 19.44
N GLU H 534 -44.27 6.59 19.92
CA GLU H 534 -43.03 6.18 20.55
C GLU H 534 -41.88 6.13 19.56
N LEU H 535 -42.16 5.68 18.33
CA LEU H 535 -41.09 5.50 17.34
C LEU H 535 -40.47 6.84 16.95
N LEU H 536 -41.32 7.83 16.61
CA LEU H 536 -40.79 9.12 16.18
C LEU H 536 -40.25 9.93 17.35
N LYS H 537 -40.77 9.70 18.56
CA LYS H 537 -40.30 10.43 19.72
C LYS H 537 -38.83 10.11 20.01
N THR H 538 -38.46 8.83 19.87
CA THR H 538 -37.10 8.39 20.12
C THR H 538 -36.19 8.55 18.90
N PHE H 539 -36.73 9.05 17.79
CA PHE H 539 -35.92 9.25 16.59
C PHE H 539 -34.76 10.19 16.89
N SER H 540 -33.58 9.81 16.43
CA SER H 540 -32.36 10.59 16.66
C SER H 540 -31.56 10.66 15.37
N VAL H 541 -30.86 11.79 15.20
CA VAL H 541 -29.99 11.96 14.05
C VAL H 541 -28.86 10.94 14.07
N MET H 542 -28.51 10.43 15.24
CA MET H 542 -27.46 9.42 15.39
C MET H 542 -27.99 8.00 15.18
N ASN H 543 -29.14 7.85 14.54
CA ASN H 543 -29.66 6.54 14.16
C ASN H 543 -29.93 6.42 12.67
N ALA H 544 -30.42 7.49 12.04
CA ALA H 544 -30.58 7.48 10.59
C ALA H 544 -29.23 7.56 9.88
N TYR H 545 -28.35 8.43 10.36
CA TYR H 545 -27.02 8.55 9.75
C TYR H 545 -26.23 7.26 9.89
N LYS H 546 -26.57 6.42 10.87
CA LYS H 546 -25.94 5.12 10.99
C LYS H 546 -26.23 4.27 9.76
N ARG H 547 -27.47 4.30 9.28
CA ARG H 547 -27.88 3.48 8.14
C ARG H 547 -27.36 4.03 6.82
N ALA H 548 -27.11 5.34 6.73
CA ALA H 548 -26.66 5.91 5.47
C ALA H 548 -25.33 5.30 5.03
N THR H 549 -24.39 5.16 5.98
CA THR H 549 -23.12 4.53 5.66
C THR H 549 -23.31 3.07 5.25
N GLU H 550 -24.20 2.36 5.93
CA GLU H 550 -24.41 0.95 5.62
C GLU H 550 -24.96 0.77 4.21
N SER H 551 -25.87 1.65 3.79
CA SER H 551 -26.52 1.48 2.50
C SER H 551 -25.52 1.53 1.35
N HIS H 552 -24.41 2.24 1.52
CA HIS H 552 -23.42 2.43 0.46
C HIS H 552 -22.10 1.79 0.88
N PRO H 553 -21.81 0.56 0.42
CA PRO H 553 -20.58 -0.10 0.87
C PRO H 553 -19.31 0.66 0.52
N ARG H 554 -19.27 1.36 -0.61
CA ARG H 554 -18.04 2.00 -1.07
C ARG H 554 -17.84 3.36 -0.42
N ASN H 555 -18.79 4.28 -0.62
CA ASN H 555 -18.64 5.63 -0.08
C ASN H 555 -18.69 5.62 1.44
N SER H 556 -17.87 6.47 2.05
CA SER H 556 -17.77 6.58 3.50
C SER H 556 -18.06 8.00 3.98
N THR H 557 -18.82 8.76 3.19
CA THR H 557 -19.13 10.14 3.52
C THR H 557 -20.48 10.48 2.89
N ALA H 558 -21.51 10.61 3.72
CA ALA H 558 -22.84 10.89 3.21
C ALA H 558 -23.13 12.39 3.26
N PRO H 559 -23.86 12.92 2.28
CA PRO H 559 -24.23 14.35 2.33
C PRO H 559 -25.21 14.64 3.46
N PHE H 560 -25.24 15.91 3.85
CA PHE H 560 -26.19 16.35 4.87
C PHE H 560 -27.63 16.06 4.46
N ILE H 561 -27.93 16.14 3.16
CA ILE H 561 -29.28 15.92 2.69
C ILE H 561 -29.70 14.46 2.83
N ALA H 562 -28.76 13.53 2.89
CA ALA H 562 -29.09 12.12 2.99
C ALA H 562 -29.77 11.76 4.31
N VAL H 563 -29.71 12.64 5.32
CA VAL H 563 -30.34 12.34 6.60
C VAL H 563 -31.84 12.19 6.42
N LEU H 564 -32.45 13.11 5.67
CA LEU H 564 -33.91 13.07 5.48
C LEU H 564 -34.32 11.79 4.75
N VAL H 565 -33.61 11.43 3.69
CA VAL H 565 -34.01 10.28 2.88
C VAL H 565 -34.01 9.01 3.71
N GLU H 566 -32.95 8.80 4.48
CA GLU H 566 -32.90 7.61 5.33
C GLU H 566 -33.96 7.66 6.42
N ALA H 567 -34.36 8.85 6.85
CA ALA H 567 -35.39 8.97 7.88
C ALA H 567 -36.72 8.40 7.39
N LEU H 568 -37.10 8.69 6.14
CA LEU H 568 -38.36 8.18 5.61
C LEU H 568 -38.38 6.66 5.61
N TYR H 569 -37.32 6.04 5.08
CA TYR H 569 -37.29 4.59 5.00
C TYR H 569 -37.18 3.95 6.38
N TYR H 570 -36.35 4.52 7.25
CA TYR H 570 -36.22 3.99 8.60
C TYR H 570 -37.54 4.13 9.36
N LEU H 571 -38.22 5.26 9.20
CA LEU H 571 -39.49 5.49 9.88
C LEU H 571 -40.66 4.80 9.18
N ALA H 572 -40.46 4.33 7.94
CA ALA H 572 -41.51 3.64 7.20
C ALA H 572 -41.36 2.12 7.25
N ASN H 573 -40.15 1.61 6.99
CA ASN H 573 -39.94 0.17 7.03
C ASN H 573 -40.21 -0.38 8.42
N GLU H 574 -39.76 0.33 9.46
CA GLU H 574 -40.04 -0.10 10.82
C GLU H 574 -41.55 -0.10 11.09
N LEU H 575 -42.25 0.93 10.62
CA LEU H 575 -43.70 0.96 10.77
C LEU H 575 -44.36 -0.18 10.03
N GLU H 576 -43.85 -0.53 8.85
CA GLU H 576 -44.44 -1.60 8.07
C GLU H 576 -44.40 -2.92 8.83
N ASP H 577 -43.28 -3.22 9.48
CA ASP H 577 -43.17 -4.48 10.21
C ASP H 577 -44.21 -4.59 11.31
N ALA H 578 -44.66 -3.45 11.85
CA ALA H 578 -45.65 -3.48 12.92
C ALA H 578 -46.95 -4.12 12.44
N PHE H 579 -47.41 -3.75 11.25
CA PHE H 579 -48.63 -4.33 10.71
C PHE H 579 -48.48 -5.83 10.51
N ILE H 580 -47.36 -6.25 9.91
CA ILE H 580 -47.18 -7.66 9.59
C ILE H 580 -47.19 -8.50 10.85
N GLU H 581 -46.47 -8.06 11.88
CA GLU H 581 -46.42 -8.82 13.13
C GLU H 581 -47.81 -8.87 13.77
N ALA H 582 -48.52 -7.75 13.78
CA ALA H 582 -49.82 -7.71 14.44
C ALA H 582 -50.89 -8.39 13.60
N ILE H 583 -50.79 -8.28 12.26
CA ILE H 583 -51.80 -8.89 11.39
C ILE H 583 -51.81 -10.40 11.57
N HIS H 584 -50.61 -11.01 11.66
CA HIS H 584 -50.55 -12.44 11.90
C HIS H 584 -51.21 -12.79 13.24
N GLU H 585 -50.98 -11.97 14.26
CA GLU H 585 -51.60 -12.20 15.56
C GLU H 585 -53.12 -12.11 15.50
N LEU H 586 -53.66 -11.37 14.53
CA LEU H 586 -55.10 -11.18 14.42
C LEU H 586 -55.78 -12.33 13.67
N VAL H 587 -55.26 -12.68 12.49
CA VAL H 587 -55.88 -13.72 11.68
C VAL H 587 -55.84 -15.05 12.41
N LYS H 588 -54.69 -15.38 13.01
CA LYS H 588 -54.56 -16.68 13.68
C LYS H 588 -55.55 -16.80 14.82
N ASN H 589 -55.73 -15.74 15.61
CA ASN H 589 -56.65 -15.80 16.74
C ASN H 589 -58.10 -15.97 16.26
N PHE H 590 -58.45 -15.34 15.14
CA PHE H 590 -59.81 -15.42 14.65
C PHE H 590 -60.18 -16.85 14.29
N PHE H 591 -59.29 -17.55 13.57
CA PHE H 591 -59.62 -18.89 13.10
C PHE H 591 -59.83 -19.86 14.25
N GLN H 592 -59.00 -19.80 15.28
CA GLN H 592 -59.20 -20.65 16.44
C GLN H 592 -60.52 -20.33 17.13
N ARG H 593 -60.89 -19.05 17.17
CA ARG H 593 -62.19 -18.68 17.70
C ARG H 593 -63.32 -19.27 16.88
N LEU H 594 -63.10 -19.48 15.58
CA LEU H 594 -64.14 -20.01 14.70
C LEU H 594 -64.18 -21.53 14.72
N GLY H 595 -63.03 -22.18 14.51
CA GLY H 595 -63.01 -23.64 14.53
C GLY H 595 -63.42 -24.20 15.88
N ASP H 596 -62.99 -23.55 16.97
CA ASP H 596 -63.34 -24.03 18.29
C ASP H 596 -64.85 -24.00 18.51
N ARG H 597 -65.51 -22.92 18.09
CA ARG H 597 -66.95 -22.81 18.26
C ARG H 597 -67.72 -23.53 17.16
N LEU H 598 -67.06 -23.86 16.06
CA LEU H 598 -67.77 -24.51 14.95
C LEU H 598 -68.09 -25.96 15.26
N ARG H 599 -67.25 -26.63 16.05
CA ARG H 599 -67.48 -28.05 16.33
C ARG H 599 -68.63 -28.24 17.31
N LYS H 600 -68.81 -27.33 18.26
CA LYS H 600 -69.86 -27.50 19.26
C LYS H 600 -71.24 -27.48 18.63
N VAL H 601 -71.47 -26.60 17.67
CA VAL H 601 -72.80 -26.46 17.08
C VAL H 601 -73.18 -27.73 16.33
N ASP H 602 -74.47 -28.03 16.29
CA ASP H 602 -74.96 -29.27 15.71
C ASP H 602 -74.70 -29.36 14.21
N CYS H 603 -74.49 -28.23 13.53
CA CYS H 603 -74.25 -28.26 12.10
C CYS H 603 -73.06 -29.16 11.76
N TYR H 604 -71.88 -28.80 12.27
CA TYR H 604 -70.69 -29.61 12.05
C TYR H 604 -70.69 -30.89 12.87
N HIS H 605 -71.52 -30.97 13.91
CA HIS H 605 -71.58 -32.17 14.74
C HIS H 605 -72.25 -33.32 14.01
N GLN H 606 -73.37 -33.04 13.35
CA GLN H 606 -74.14 -34.08 12.67
C GLN H 606 -73.41 -34.68 11.48
N VAL H 607 -72.35 -34.03 10.99
CA VAL H 607 -71.65 -34.54 9.81
C VAL H 607 -71.01 -35.88 10.10
N TYR H 608 -70.41 -36.03 11.27
CA TYR H 608 -69.61 -37.20 11.59
C TYR H 608 -70.46 -38.41 11.99
N ARG H 609 -71.75 -38.22 12.25
CA ARG H 609 -72.63 -39.34 12.51
C ARG H 609 -73.04 -40.07 11.24
N LEU H 610 -72.92 -39.41 10.08
CA LEU H 610 -73.32 -39.99 8.80
C LEU H 610 -72.15 -40.09 7.84
N VAL H 611 -71.40 -39.00 7.63
CA VAL H 611 -70.34 -39.02 6.65
C VAL H 611 -69.21 -39.95 7.08
N GLY H 612 -68.77 -39.82 8.33
CA GLY H 612 -67.72 -40.65 8.90
C GLY H 612 -66.44 -39.90 9.23
N ASN H 613 -66.19 -38.79 8.55
CA ASN H 613 -64.97 -38.03 8.76
C ASN H 613 -65.21 -36.58 8.38
N ASP H 614 -64.14 -35.77 8.43
CA ASP H 614 -64.26 -34.34 8.15
C ASP H 614 -64.68 -34.09 6.71
N GLY H 615 -64.12 -34.85 5.77
CA GLY H 615 -64.36 -34.57 4.37
C GLY H 615 -63.56 -33.40 3.84
N GLY H 616 -62.50 -32.99 4.54
CA GLY H 616 -61.69 -31.87 4.12
C GLY H 616 -62.06 -30.54 4.75
N ILE H 617 -63.03 -30.51 5.65
CA ILE H 617 -63.45 -29.25 6.26
C ILE H 617 -62.27 -28.61 6.99
N GLU H 618 -61.60 -29.38 7.84
CA GLU H 618 -60.42 -28.86 8.53
C GLU H 618 -59.29 -28.58 7.56
N GLN H 619 -59.09 -29.44 6.56
CA GLN H 619 -58.03 -29.23 5.59
C GLN H 619 -58.26 -27.95 4.81
N LEU H 620 -59.48 -27.72 4.34
CA LEU H 620 -59.78 -26.49 3.62
C LEU H 620 -59.65 -25.28 4.53
N LEU H 621 -60.12 -25.39 5.76
CA LEU H 621 -60.03 -24.27 6.69
C LEU H 621 -58.59 -23.86 6.92
N ARG H 622 -57.72 -24.83 7.20
CA ARG H 622 -56.30 -24.54 7.36
C ARG H 622 -55.69 -24.03 6.05
N ARG H 623 -56.07 -24.64 4.93
CA ARG H 623 -55.55 -24.19 3.64
C ARG H 623 -56.00 -22.76 3.35
N ALA H 624 -57.26 -22.45 3.60
CA ALA H 624 -57.76 -21.10 3.35
C ALA H 624 -57.07 -20.09 4.24
N GLU H 625 -56.83 -20.44 5.50
CA GLU H 625 -56.19 -19.51 6.43
C GLU H 625 -54.86 -19.02 5.88
N GLU H 626 -54.09 -19.92 5.26
CA GLU H 626 -52.83 -19.52 4.66
C GLU H 626 -53.04 -18.49 3.57
N ASP H 627 -54.05 -18.69 2.72
CA ASP H 627 -54.31 -17.76 1.64
C ASP H 627 -54.69 -16.37 2.18
N ILE H 628 -55.51 -16.34 3.23
CA ILE H 628 -55.95 -15.06 3.78
C ILE H 628 -54.76 -14.27 4.29
N THR H 629 -53.84 -14.94 4.99
CA THR H 629 -52.67 -14.24 5.53
C THR H 629 -51.84 -13.62 4.42
N LYS H 630 -51.63 -14.37 3.33
CA LYS H 630 -50.83 -13.83 2.23
C LYS H 630 -51.48 -12.60 1.61
N ALA H 631 -52.80 -12.65 1.40
CA ALA H 631 -53.47 -11.54 0.75
C ALA H 631 -53.36 -10.26 1.57
N LEU H 632 -53.64 -10.35 2.87
CA LEU H 632 -53.58 -9.15 3.72
C LEU H 632 -52.16 -8.62 3.81
N VAL H 633 -51.17 -9.50 3.91
CA VAL H 633 -49.78 -9.06 4.03
C VAL H 633 -49.38 -8.27 2.79
N ASN H 634 -49.73 -8.77 1.61
CA ASN H 634 -49.41 -8.04 0.38
C ASN H 634 -50.13 -6.70 0.34
N GLU H 635 -51.41 -6.68 0.70
CA GLU H 635 -52.17 -5.44 0.68
C GLU H 635 -51.60 -4.43 1.68
N ALA H 636 -51.25 -4.91 2.87
CA ALA H 636 -50.69 -4.00 3.88
C ALA H 636 -49.37 -3.41 3.42
N ARG H 637 -48.50 -4.23 2.83
CA ARG H 637 -47.22 -3.73 2.35
C ARG H 637 -47.40 -2.70 1.25
N THR H 638 -48.37 -2.91 0.36
CA THR H 638 -48.59 -1.98 -0.73
C THR H 638 -48.92 -0.58 -0.21
N GLU H 639 -49.80 -0.50 0.78
CA GLU H 639 -50.11 0.79 1.38
C GLU H 639 -48.90 1.37 2.10
N CYS H 640 -48.12 0.53 2.77
CA CYS H 640 -46.94 0.99 3.47
C CYS H 640 -45.92 1.60 2.54
N ASP H 641 -45.97 1.29 1.25
CA ASP H 641 -45.04 1.83 0.28
C ASP H 641 -45.40 3.25 -0.16
N ARG H 642 -46.58 3.75 0.21
CA ARG H 642 -47.01 5.08 -0.20
C ARG H 642 -46.58 6.17 0.77
N TYR H 643 -46.29 5.82 2.03
CA TYR H 643 -45.87 6.83 2.99
C TYR H 643 -44.54 7.45 2.62
N VAL H 644 -43.67 6.68 1.97
CA VAL H 644 -42.31 7.16 1.71
C VAL H 644 -42.34 8.42 0.84
N ARG H 645 -43.18 8.42 -0.19
CA ARG H 645 -43.26 9.58 -1.07
C ARG H 645 -43.69 10.81 -0.27
N GLU H 646 -42.99 11.92 -0.49
CA GLU H 646 -43.23 13.14 0.28
C GLU H 646 -44.47 13.85 -0.24
N SER H 647 -45.36 14.20 0.68
CA SER H 647 -46.53 15.02 0.36
C SER H 647 -46.18 16.49 0.44
N PRO H 648 -47.02 17.36 -0.11
CA PRO H 648 -46.74 18.80 -0.01
C PRO H 648 -46.58 19.27 1.43
N ARG H 649 -47.28 18.65 2.38
CA ARG H 649 -47.14 19.01 3.77
C ARG H 649 -45.73 18.73 4.28
N PHE H 650 -45.01 17.82 3.63
CA PHE H 650 -43.67 17.47 4.08
C PHE H 650 -42.75 18.68 4.11
N TYR H 651 -42.95 19.64 3.20
CA TYR H 651 -42.15 20.85 3.15
C TYR H 651 -42.98 22.02 3.66
N ASP H 652 -42.36 22.84 4.52
CA ASP H 652 -43.01 24.03 5.07
C ASP H 652 -41.93 24.99 5.51
N GLU H 653 -41.95 26.20 4.95
CA GLU H 653 -40.89 27.17 5.25
C GLU H 653 -40.80 27.45 6.73
N GLY H 654 -41.93 27.75 7.37
CA GLY H 654 -41.91 28.09 8.78
C GLY H 654 -41.52 26.92 9.66
N THR H 655 -42.06 25.73 9.39
CA THR H 655 -41.80 24.58 10.24
C THR H 655 -40.32 24.21 10.20
N PHE H 656 -39.71 24.21 9.01
CA PHE H 656 -38.32 23.80 8.87
C PHE H 656 -37.83 24.23 7.50
N SER H 657 -36.57 24.66 7.44
CA SER H 657 -35.94 25.10 6.21
C SER H 657 -34.77 24.18 5.89
N ILE H 658 -34.73 23.67 4.66
CA ILE H 658 -33.63 22.83 4.22
C ILE H 658 -32.33 23.60 4.09
N TYR H 659 -32.39 24.92 4.03
CA TYR H 659 -31.22 25.75 3.78
C TYR H 659 -30.49 26.17 5.06
N GLN H 660 -31.01 25.78 6.23
CA GLN H 660 -30.29 26.04 7.47
C GLN H 660 -29.00 25.25 7.56
N PHE H 661 -28.83 24.20 6.73
CA PHE H 661 -27.57 23.47 6.71
C PHE H 661 -26.42 24.37 6.31
N ARG H 662 -26.68 25.34 5.42
CA ARG H 662 -25.64 26.29 5.04
C ARG H 662 -25.04 26.96 6.28
N GLN H 663 -25.87 27.29 7.26
CA GLN H 663 -25.36 27.86 8.50
C GLN H 663 -24.40 26.89 9.18
N THR H 664 -24.63 25.58 9.02
CA THR H 664 -23.71 24.57 9.54
C THR H 664 -22.59 24.26 8.55
N LEU H 665 -22.66 24.77 7.32
CA LEU H 665 -21.63 24.56 6.32
C LEU H 665 -20.77 25.79 6.07
N GLN H 666 -21.29 26.99 6.34
CA GLN H 666 -20.57 28.23 6.12
C GLN H 666 -19.55 28.41 7.24
N GLN H 667 -18.44 27.67 7.12
CA GLN H 667 -17.34 27.75 8.08
C GLN H 667 -17.83 27.44 9.50
N THR H 668 -18.74 26.49 9.61
CA THR H 668 -19.26 26.04 10.91
C THR H 668 -18.90 24.59 11.20
N SER H 669 -19.22 23.68 10.28
CA SER H 669 -18.84 22.27 10.42
C SER H 669 -17.45 22.12 9.81
N GLN H 670 -16.42 22.20 10.66
CA GLN H 670 -15.05 22.18 10.18
C GLN H 670 -14.69 20.80 9.62
N GLY H 671 -14.78 19.76 10.45
CA GLY H 671 -14.45 18.43 10.00
C GLY H 671 -15.56 17.78 9.20
N TYR H 672 -15.20 16.69 8.52
CA TYR H 672 -16.16 15.89 7.76
C TYR H 672 -16.86 14.92 8.71
N ASP H 673 -17.65 15.49 9.62
CA ASP H 673 -18.40 14.73 10.61
C ASP H 673 -19.86 15.17 10.56
N ALA H 674 -20.67 14.59 11.43
CA ALA H 674 -22.09 14.88 11.52
C ALA H 674 -22.49 15.08 12.98
N GLN H 675 -21.69 15.87 13.70
CA GLN H 675 -21.95 16.15 15.10
C GLN H 675 -22.69 17.47 15.29
N ALA H 676 -22.32 18.52 14.56
CA ALA H 676 -23.00 19.80 14.70
C ALA H 676 -24.45 19.73 14.26
N ILE H 677 -24.76 18.82 13.31
CA ILE H 677 -26.12 18.69 12.82
C ILE H 677 -27.07 18.25 13.93
N VAL H 678 -26.55 17.63 15.00
CA VAL H 678 -27.40 17.14 16.07
C VAL H 678 -28.19 18.28 16.69
N GLU H 679 -27.69 19.51 16.60
CA GLU H 679 -28.39 20.65 17.17
C GLU H 679 -29.76 20.85 16.53
N ALA H 680 -29.93 20.41 15.29
CA ALA H 680 -31.19 20.57 14.56
C ALA H 680 -32.15 19.41 14.78
N GLU H 681 -31.79 18.43 15.61
CA GLU H 681 -32.67 17.29 15.83
C GLU H 681 -34.06 17.69 16.32
N PRO H 682 -34.22 18.63 17.26
CA PRO H 682 -35.59 18.97 17.71
C PRO H 682 -36.49 19.45 16.59
N ALA H 683 -35.95 20.19 15.62
CA ALA H 683 -36.79 20.77 14.57
C ALA H 683 -37.29 19.70 13.61
N ILE H 684 -36.41 18.78 13.20
CA ILE H 684 -36.80 17.77 12.22
C ILE H 684 -37.88 16.86 12.77
N LYS H 685 -37.85 16.58 14.07
CA LYS H 685 -38.84 15.69 14.67
C LYS H 685 -40.25 16.23 14.46
N GLU H 686 -40.43 17.54 14.67
CA GLU H 686 -41.75 18.14 14.46
C GLU H 686 -42.17 18.04 13.00
N LEU H 687 -41.22 18.24 12.08
CA LEU H 687 -41.56 18.20 10.66
C LEU H 687 -42.08 16.83 10.25
N LEU H 688 -41.41 15.77 10.71
CA LEU H 688 -41.86 14.42 10.37
C LEU H 688 -43.24 14.15 10.94
N LYS H 689 -43.50 14.63 12.17
CA LYS H 689 -44.82 14.46 12.76
C LYS H 689 -45.90 15.06 11.88
N LEU H 690 -45.66 16.26 11.36
CA LEU H 690 -46.66 16.91 10.51
C LEU H 690 -46.91 16.11 9.24
N ASP H 691 -45.85 15.57 8.63
CA ASP H 691 -46.01 14.86 7.37
C ASP H 691 -46.73 13.54 7.56
N PHE H 692 -46.30 12.74 8.55
CA PHE H 692 -46.82 11.38 8.68
C PHE H 692 -48.13 11.32 9.44
N GLU H 693 -48.33 12.19 10.42
CA GLU H 693 -49.52 12.11 11.26
C GLU H 693 -50.81 12.07 10.46
N PRO H 694 -51.02 12.91 9.44
CA PRO H 694 -52.27 12.80 8.66
C PRO H 694 -52.33 11.52 7.84
N LYS H 695 -51.23 11.10 7.24
CA LYS H 695 -51.25 9.93 6.37
C LYS H 695 -51.55 8.66 7.16
N VAL H 696 -50.83 8.44 8.28
CA VAL H 696 -51.02 7.22 9.05
C VAL H 696 -52.43 7.17 9.63
N PHE H 697 -52.91 8.28 10.18
CA PHE H 697 -54.25 8.31 10.73
C PHE H 697 -55.29 8.04 9.64
N ASN H 698 -55.05 8.55 8.43
CA ASN H 698 -56.00 8.33 7.35
C ASN H 698 -56.14 6.86 7.00
N THR H 699 -55.02 6.13 6.99
CA THR H 699 -55.05 4.74 6.56
C THR H 699 -55.72 3.84 7.60
N VAL H 700 -55.21 3.84 8.83
CA VAL H 700 -55.71 2.93 9.84
C VAL H 700 -57.17 3.21 10.15
N ARG H 701 -57.52 4.50 10.27
CA ARG H 701 -58.87 4.85 10.69
C ARG H 701 -59.90 4.55 9.61
N LYS H 702 -59.59 4.88 8.36
CA LYS H 702 -60.54 4.73 7.26
C LYS H 702 -60.28 3.49 6.41
N ASN H 703 -59.08 3.38 5.84
CA ASN H 703 -58.85 2.41 4.78
C ASN H 703 -58.70 0.99 5.30
N PHE H 704 -58.00 0.82 6.43
CA PHE H 704 -57.64 -0.52 6.87
C PHE H 704 -58.88 -1.36 7.18
N ARG H 705 -59.89 -0.74 7.80
CA ARG H 705 -61.08 -1.49 8.21
C ARG H 705 -61.78 -2.14 7.01
N GLN H 706 -61.92 -1.39 5.92
CA GLN H 706 -62.66 -1.91 4.76
C GLN H 706 -61.97 -3.14 4.18
N THR H 707 -60.65 -3.10 4.05
CA THR H 707 -59.93 -4.18 3.40
C THR H 707 -60.12 -5.51 4.14
N VAL H 708 -60.03 -5.48 5.47
CA VAL H 708 -60.14 -6.72 6.23
C VAL H 708 -61.51 -7.33 6.07
N ASN H 709 -62.57 -6.51 6.18
CA ASN H 709 -63.92 -7.05 6.10
C ASN H 709 -64.19 -7.67 4.74
N ASN H 710 -63.90 -6.95 3.67
CA ASN H 710 -64.15 -7.48 2.33
C ASN H 710 -63.28 -8.70 2.04
N THR H 711 -62.01 -8.66 2.45
CA THR H 711 -61.09 -9.75 2.15
C THR H 711 -61.58 -11.05 2.78
N LEU H 712 -62.02 -11.00 4.03
CA LEU H 712 -62.47 -12.22 4.70
C LEU H 712 -63.69 -12.80 4.01
N LYS H 713 -64.65 -11.94 3.64
CA LYS H 713 -65.89 -12.44 3.05
C LYS H 713 -65.67 -12.92 1.61
N THR H 714 -64.86 -12.19 0.85
CA THR H 714 -64.66 -12.53 -0.56
C THR H 714 -63.98 -13.88 -0.75
N HIS H 715 -63.24 -14.36 0.25
CA HIS H 715 -62.53 -15.63 0.16
C HIS H 715 -63.21 -16.74 0.95
N LEU H 716 -63.80 -16.42 2.10
CA LEU H 716 -64.38 -17.47 2.94
C LEU H 716 -65.61 -18.09 2.30
N LEU H 717 -66.51 -17.25 1.79
CA LEU H 717 -67.75 -17.76 1.22
C LEU H 717 -67.52 -18.69 0.04
N PRO H 718 -66.73 -18.32 -0.98
CA PRO H 718 -66.51 -19.28 -2.09
C PRO H 718 -65.92 -20.58 -1.62
N MET H 719 -65.03 -20.55 -0.62
CA MET H 719 -64.52 -21.78 -0.05
C MET H 719 -65.64 -22.59 0.58
N ALA H 720 -66.52 -21.92 1.33
CA ALA H 720 -67.63 -22.63 1.97
C ALA H 720 -68.56 -23.23 0.92
N GLU H 721 -68.85 -22.48 -0.15
CA GLU H 721 -69.70 -23.02 -1.21
C GLU H 721 -69.05 -24.24 -1.85
N GLU H 722 -67.74 -24.17 -2.09
CA GLU H 722 -67.03 -25.34 -2.61
C GLU H 722 -67.12 -26.51 -1.64
N GLN H 723 -67.17 -26.23 -0.33
CA GLN H 723 -67.30 -27.30 0.65
C GLN H 723 -68.61 -28.06 0.47
N ALA H 724 -69.66 -27.36 0.03
CA ALA H 724 -70.94 -28.03 -0.21
C ALA H 724 -70.89 -28.95 -1.43
N GLN H 725 -69.97 -28.70 -2.36
CA GLN H 725 -69.83 -29.53 -3.55
C GLN H 725 -68.94 -30.74 -3.33
N ILE H 726 -68.31 -30.86 -2.17
CA ILE H 726 -67.42 -31.98 -1.88
C ILE H 726 -68.00 -32.81 -0.74
N ILE H 727 -68.79 -32.16 0.13
CA ILE H 727 -69.44 -32.90 1.21
C ILE H 727 -70.43 -33.91 0.64
N LEU H 728 -71.24 -33.48 -0.33
CA LEU H 728 -72.16 -34.38 -1.01
C LEU H 728 -71.48 -35.20 -2.09
N GLU H 729 -70.25 -34.83 -2.47
CA GLU H 729 -69.54 -35.57 -3.50
C GLU H 729 -69.27 -37.01 -3.08
N GLN H 730 -69.13 -37.24 -1.77
CA GLN H 730 -68.79 -38.56 -1.25
C GLN H 730 -70.01 -39.26 -0.65
N TYR H 731 -71.17 -39.09 -1.29
CA TYR H 731 -72.37 -39.81 -0.87
C TYR H 731 -72.19 -41.31 -1.01
N ASP H 732 -71.35 -41.74 -1.95
CA ASP H 732 -71.21 -43.17 -2.22
C ASP H 732 -70.54 -43.90 -1.05
N VAL H 733 -69.43 -43.36 -0.56
CA VAL H 733 -68.68 -44.04 0.51
C VAL H 733 -69.53 -44.15 1.76
N ALA H 734 -70.25 -43.08 2.12
CA ALA H 734 -71.08 -43.11 3.31
C ALA H 734 -72.11 -44.22 3.26
N ARG H 735 -72.60 -44.54 2.05
CA ARG H 735 -73.59 -45.60 1.92
C ARG H 735 -73.01 -46.95 2.35
N LYS H 736 -71.78 -47.25 1.94
CA LYS H 736 -71.15 -48.50 2.35
C LYS H 736 -70.97 -48.55 3.86
N TYR H 737 -70.54 -47.45 4.46
CA TYR H 737 -70.41 -47.40 5.91
C TYR H 737 -71.76 -47.60 6.59
N ARG H 738 -72.79 -46.96 6.07
CA ARG H 738 -74.13 -47.11 6.65
C ARG H 738 -74.74 -48.47 6.35
N GLU H 739 -74.27 -49.15 5.30
CA GLU H 739 -74.87 -50.42 4.92
C GLU H 739 -74.78 -51.44 6.04
N GLN H 740 -73.82 -51.28 6.95
CA GLN H 740 -73.66 -52.24 8.04
C GLN H 740 -74.88 -52.28 8.94
N THR H 741 -75.45 -51.11 9.24
CA THR H 741 -76.51 -50.99 10.24
C THR H 741 -77.91 -50.92 9.64
N LEU H 742 -78.03 -50.68 8.33
CA LEU H 742 -79.36 -50.50 7.73
C LEU H 742 -80.20 -51.76 7.78
N GLU H 743 -79.59 -52.95 7.84
CA GLU H 743 -80.37 -54.18 7.87
C GLU H 743 -81.22 -54.27 9.13
N GLN H 744 -80.64 -53.93 10.28
CA GLN H 744 -81.38 -54.06 11.54
C GLN H 744 -82.57 -53.11 11.57
N ASP H 745 -82.39 -51.88 11.10
CA ASP H 745 -83.48 -50.90 11.14
C ASP H 745 -84.65 -51.34 10.29
N ALA H 746 -84.37 -51.87 9.09
CA ALA H 746 -85.45 -52.27 8.18
C ALA H 746 -86.29 -53.38 8.80
N GLU H 747 -85.64 -54.46 9.24
CA GLU H 747 -86.39 -55.57 9.84
C GLU H 747 -87.06 -55.15 11.14
N GLU H 748 -86.36 -54.35 11.96
CA GLU H 748 -86.94 -53.93 13.24
C GLU H 748 -88.15 -53.05 13.02
N LYS H 749 -88.08 -52.12 12.05
CA LYS H 749 -89.18 -51.18 11.85
C LYS H 749 -90.44 -51.90 11.39
N ILE H 750 -90.30 -52.83 10.44
CA ILE H 750 -91.47 -53.55 9.94
C ILE H 750 -92.06 -54.42 11.05
N ALA H 751 -91.20 -55.00 11.89
CA ALA H 751 -91.70 -55.79 13.01
C ALA H 751 -92.58 -54.95 13.92
N ARG H 752 -92.16 -53.73 14.22
CA ARG H 752 -93.01 -52.82 14.98
C ARG H 752 -94.28 -52.50 14.21
N ASN H 753 -94.16 -52.25 12.90
CA ASN H 753 -95.34 -51.97 12.08
C ASN H 753 -96.29 -53.16 12.08
N SER H 754 -95.74 -54.37 11.92
CA SER H 754 -96.59 -55.56 11.92
C SER H 754 -97.23 -55.78 13.29
N ARG H 755 -96.48 -55.56 14.36
CA ARG H 755 -97.02 -55.80 15.70
C ARG H 755 -98.23 -54.91 15.97
N LEU H 756 -98.12 -53.63 15.63
CA LEU H 756 -99.25 -52.72 15.82
C LEU H 756 -100.35 -52.99 14.81
N GLN H 757 -99.98 -53.29 13.56
CA GLN H 757 -100.99 -53.62 12.56
C GLN H 757 -101.75 -54.87 12.94
N SER H 758 -101.05 -55.88 13.45
CA SER H 758 -101.74 -57.09 13.92
C SER H 758 -102.49 -56.83 15.22
N GLU H 759 -101.95 -55.98 16.09
CA GLU H 759 -102.62 -55.70 17.36
C GLU H 759 -103.98 -55.07 17.13
N ILE H 760 -104.05 -54.07 16.24
CA ILE H 760 -105.33 -53.43 15.95
C ILE H 760 -106.27 -54.41 15.28
N LYS H 761 -105.74 -55.29 14.44
CA LYS H 761 -106.57 -56.30 13.79
C LYS H 761 -107.30 -57.16 14.82
N GLN H 762 -106.68 -57.39 15.97
CA GLN H 762 -107.34 -58.19 17.01
C GLN H 762 -108.53 -57.45 17.60
N LYS H 763 -108.41 -56.14 17.79
CA LYS H 763 -109.47 -55.38 18.44
C LYS H 763 -110.75 -55.38 17.62
N ILE H 764 -110.64 -55.18 16.30
CA ILE H 764 -111.83 -55.10 15.47
C ILE H 764 -112.58 -56.42 15.46
N ASP H 765 -111.85 -57.55 15.52
CA ASP H 765 -112.53 -58.84 15.59
C ASP H 765 -113.41 -58.94 16.82
N LEU H 766 -112.91 -58.48 17.97
CA LEU H 766 -113.74 -58.44 19.17
C LEU H 766 -114.93 -57.51 18.98
N TYR H 767 -114.70 -56.35 18.37
CA TYR H 767 -115.79 -55.41 18.11
C TYR H 767 -116.83 -56.01 17.17
N GLN H 768 -116.37 -56.71 16.12
CA GLN H 768 -117.29 -57.25 15.13
C GLN H 768 -118.22 -58.28 15.75
N THR H 769 -117.68 -59.15 16.61
CA THR H 769 -118.50 -60.21 17.20
C THR H 769 -119.61 -59.63 18.06
N SER H 770 -119.28 -58.63 18.90
CA SER H 770 -120.27 -58.09 19.82
C SER H 770 -121.42 -57.42 19.08
N ILE H 771 -121.10 -56.63 18.05
CA ILE H 771 -122.14 -55.88 17.36
C ILE H 771 -123.09 -56.82 16.63
N VAL H 772 -122.56 -57.90 16.04
CA VAL H 772 -123.41 -58.85 15.34
C VAL H 772 -124.45 -59.43 16.27
N SER H 773 -124.04 -59.80 17.48
CA SER H 773 -124.98 -60.33 18.46
C SER H 773 -126.01 -59.26 18.85
N ILE H 774 -125.58 -58.01 19.00
CA ILE H 774 -126.49 -56.95 19.39
C ILE H 774 -127.60 -56.80 18.37
N ASN H 775 -127.24 -56.74 17.09
CA ASN H 775 -128.25 -56.62 16.04
C ASN H 775 -129.11 -57.87 15.96
N GLU H 776 -128.52 -59.04 16.19
CA GLU H 776 -129.30 -60.28 16.12
C GLU H 776 -130.42 -60.29 17.16
N CYS H 777 -130.10 -59.87 18.39
CA CYS H 777 -131.12 -59.84 19.44
C CYS H 777 -132.16 -58.75 19.17
N LEU H 778 -131.70 -57.55 18.82
CA LEU H 778 -132.63 -56.46 18.54
C LEU H 778 -133.43 -56.70 17.27
N LYS H 779 -132.95 -57.56 16.37
CA LYS H 779 -133.67 -57.88 15.15
C LYS H 779 -135.04 -58.48 15.45
N ALA H 780 -135.22 -59.06 16.63
CA ALA H 780 -136.48 -59.73 16.95
C ALA H 780 -137.65 -58.76 17.08
N MET H 781 -137.39 -57.47 17.31
CA MET H 781 -138.45 -56.48 17.49
C MET H 781 -138.31 -55.22 16.66
N GLN H 782 -137.11 -54.86 16.22
CA GLN H 782 -136.92 -53.60 15.51
C GLN H 782 -135.86 -53.79 14.42
N ILE H 783 -135.90 -52.90 13.43
CA ILE H 783 -135.03 -52.97 12.27
C ILE H 783 -133.93 -51.91 12.33
N PHE H 784 -133.72 -51.32 13.50
CA PHE H 784 -132.69 -50.30 13.69
C PHE H 784 -131.37 -51.02 14.00
N GLU H 785 -130.56 -51.22 12.96
CA GLU H 785 -129.34 -52.01 13.08
C GLU H 785 -128.12 -51.12 12.89
N GLN H 786 -127.01 -51.54 13.50
CA GLN H 786 -125.75 -50.81 13.43
C GLN H 786 -124.95 -51.28 12.22
N LEU H 787 -123.66 -50.84 12.12
CA LEU H 787 -122.85 -51.13 10.94
C LEU H 787 -121.96 -52.34 11.19
N PRO H 788 -121.74 -53.17 10.16
CA PRO H 788 -120.70 -54.20 10.27
C PRO H 788 -119.35 -53.69 9.76
N VAL H 789 -118.31 -54.51 9.89
CA VAL H 789 -116.97 -54.19 9.40
C VAL H 789 -116.49 -55.40 8.61
N ILE H 790 -116.32 -55.23 7.29
CA ILE H 790 -115.96 -56.32 6.41
C ILE H 790 -115.33 -55.74 5.14
N THR H 791 -114.52 -56.56 4.47
CA THR H 791 -113.84 -56.18 3.23
C THR H 791 -113.25 -54.77 3.33
N GLU H 792 -112.55 -54.53 4.44
CA GLU H 792 -111.88 -53.24 4.60
C GLU H 792 -110.86 -53.00 3.50
N SER H 793 -110.20 -54.06 3.03
CA SER H 793 -109.21 -53.93 1.97
C SER H 793 -108.11 -52.94 2.34
#